data_7OKB
#
_entry.id   7OKB
#
_cell.length_a   378.610
_cell.length_b   378.610
_cell.length_c   264.640
_cell.angle_alpha   90.000
_cell.angle_beta   90.000
_cell.angle_gamma   90.000
#
_symmetry.space_group_name_H-M   'P 42 21 2'
#
loop_
_entity.id
_entity.type
_entity.pdbx_description
1 polymer 'Acyl-[acyl-carrier-protein]--UDP-N-acetylglucosamine O-acyltransferase'
2 non-polymer 'CHLORIDE ION'
3 non-polymer 'SULFATE ION'
4 non-polymer ~{N}-[(5-azanyl-1,3,4-oxadiazol-2-yl)methyl]-2-(2-chlorophenyl)sulfanyl-~{N}-[(6-oxidanylidene-1~{H}-pyridin-3-yl)methyl]ethanamide
5 water water
#
_entity_poly.entity_id   1
_entity_poly.type   'polypeptide(L)'
_entity_poly.pdbx_seq_one_letter_code
;GSHMSLIDPRAIIDPSARLAADVQVGPWSIVGAEVEIGEGTVIGPHVVLKGPTKIGKHNRIYQFSSVGEDTPDLKYKGEP
TRLVIGDHNVIREGVTIHRGTVQDRAETTIGDHNLIMAYAHIGHDSVIGNHCILVNNTALAGHVHVDDWAILSGYTLVHQ
YCRIGAHSFSGMGSAIGKDVPAYVTVFGNPAEARSMNFEGMRRRGFSSEAIHALRRAYKVVYRQGHTVEEALAELAESAA
QFPEVAVFRDSIQSATRGITR
;
_entity_poly.pdbx_strand_id   A,B,C,D,E,F,G,H,I,M,N,O,J,K,L,P,Q,R,S,T,U,V,W,X,Y,Z,a,b,c,d
#
loop_
_chem_comp.id
_chem_comp.type
_chem_comp.name
_chem_comp.formula
CL non-polymer 'CHLORIDE ION' 'Cl -1'
SO4 non-polymer 'SULFATE ION' 'O4 S -2'
VFZ non-polymer ~{N}-[(5-azanyl-1,3,4-oxadiazol-2-yl)methyl]-2-(2-chlorophenyl)sulfanyl-~{N}-[(6-oxidanylidene-1~{H}-pyridin-3-yl)methyl]ethanamide 'C17 H16 Cl N5 O3 S'
#
# COMPACT_ATOMS: atom_id res chain seq x y z
N MET A 4 -72.77 -22.84 53.27
CA MET A 4 -73.72 -23.96 53.52
C MET A 4 -75.11 -23.69 52.88
N SER A 5 -75.40 -22.56 52.08
CA SER A 5 -76.31 -22.49 50.88
C SER A 5 -75.54 -21.95 49.61
N LEU A 6 -75.54 -22.72 48.50
CA LEU A 6 -74.33 -22.96 47.63
C LEU A 6 -73.83 -21.74 46.91
N ILE A 7 -74.72 -21.02 46.26
CA ILE A 7 -74.49 -19.83 45.44
C ILE A 7 -74.52 -18.62 46.36
N ASP A 8 -73.35 -18.02 46.56
CA ASP A 8 -73.14 -16.80 47.39
C ASP A 8 -74.15 -15.74 46.98
N PRO A 9 -74.73 -14.98 47.94
CA PRO A 9 -75.64 -13.92 47.56
C PRO A 9 -74.89 -12.75 46.91
N ARG A 10 -73.60 -12.53 47.17
CA ARG A 10 -72.89 -11.34 46.59
C ARG A 10 -72.49 -11.60 45.13
N ALA A 11 -72.75 -12.82 44.64
CA ALA A 11 -72.48 -13.21 43.24
C ALA A 11 -73.65 -12.79 42.37
N ILE A 12 -73.42 -12.57 41.09
CA ILE A 12 -74.47 -12.19 40.10
C ILE A 12 -74.72 -13.36 39.18
N ILE A 13 -75.96 -13.80 39.08
CA ILE A 13 -76.38 -14.88 38.17
C ILE A 13 -77.45 -14.36 37.22
N ASP A 14 -77.20 -14.43 35.93
CA ASP A 14 -78.21 -14.09 34.91
C ASP A 14 -79.42 -14.98 35.08
N PRO A 15 -80.66 -14.47 34.90
CA PRO A 15 -81.84 -15.34 34.88
C PRO A 15 -81.70 -16.41 33.78
N SER A 16 -81.07 -16.06 32.65
CA SER A 16 -80.94 -16.96 31.48
C SER A 16 -79.94 -18.08 31.80
N ALA A 17 -78.99 -17.92 32.72
CA ALA A 17 -78.01 -18.96 33.10
C ALA A 17 -78.73 -20.16 33.71
N ARG A 18 -78.11 -21.32 33.77
CA ARG A 18 -78.78 -22.52 34.33
C ARG A 18 -77.74 -23.48 34.93
N LEU A 19 -77.89 -23.78 36.24
CA LEU A 19 -76.88 -24.39 37.17
C LEU A 19 -77.44 -25.63 37.88
N ALA A 20 -76.87 -26.83 37.73
CA ALA A 20 -77.33 -28.05 38.44
C ALA A 20 -77.35 -27.81 39.96
N ALA A 21 -78.10 -28.62 40.72
CA ALA A 21 -78.53 -28.31 42.12
C ALA A 21 -77.34 -27.88 43.00
N ASP A 22 -76.31 -28.73 43.11
CA ASP A 22 -75.23 -28.63 44.13
C ASP A 22 -73.99 -27.88 43.55
N VAL A 23 -74.21 -27.05 42.54
CA VAL A 23 -73.18 -26.08 42.08
C VAL A 23 -73.01 -25.02 43.17
N GLN A 24 -71.77 -24.59 43.33
CA GLN A 24 -71.37 -23.44 44.15
C GLN A 24 -70.82 -22.31 43.34
N VAL A 25 -71.05 -21.09 43.80
CA VAL A 25 -70.45 -19.85 43.24
C VAL A 25 -70.01 -18.97 44.42
N GLY A 26 -68.70 -18.67 44.47
CA GLY A 26 -68.09 -17.77 45.47
C GLY A 26 -68.64 -16.37 45.28
N PRO A 27 -68.34 -15.42 46.19
CA PRO A 27 -68.83 -14.06 46.05
C PRO A 27 -68.22 -13.27 44.89
N TRP A 28 -68.96 -12.30 44.33
CA TRP A 28 -68.44 -11.30 43.35
C TRP A 28 -68.13 -11.98 42.01
N SER A 29 -68.55 -13.22 41.88
CA SER A 29 -68.42 -13.95 40.61
C SER A 29 -69.69 -13.65 39.83
N ILE A 30 -69.55 -13.56 38.50
CA ILE A 30 -70.65 -13.26 37.55
C ILE A 30 -70.84 -14.50 36.68
N VAL A 31 -72.07 -14.98 36.59
CA VAL A 31 -72.45 -16.07 35.67
C VAL A 31 -73.33 -15.44 34.58
N GLY A 32 -72.68 -14.87 33.54
CA GLY A 32 -73.29 -14.15 32.40
C GLY A 32 -74.46 -14.93 31.82
N ALA A 33 -75.24 -14.35 30.92
CA ALA A 33 -76.37 -15.07 30.29
C ALA A 33 -75.83 -16.29 29.56
N GLU A 34 -76.68 -17.28 29.31
CA GLU A 34 -76.40 -18.42 28.39
C GLU A 34 -75.30 -19.32 28.97
N VAL A 35 -74.98 -19.18 30.25
CA VAL A 35 -73.94 -20.03 30.88
C VAL A 35 -74.62 -21.19 31.59
N GLU A 36 -74.17 -22.39 31.29
CA GLU A 36 -74.71 -23.66 31.81
C GLU A 36 -73.61 -24.28 32.67
N ILE A 37 -73.88 -24.65 33.91
CA ILE A 37 -72.85 -25.24 34.81
C ILE A 37 -73.35 -26.58 35.35
N GLY A 38 -72.61 -27.65 35.06
CA GLY A 38 -72.99 -29.04 35.38
C GLY A 38 -72.86 -29.34 36.87
N GLU A 39 -73.46 -30.46 37.29
CA GLU A 39 -73.48 -30.98 38.68
C GLU A 39 -72.12 -30.85 39.38
N GLY A 40 -72.10 -30.41 40.65
CA GLY A 40 -70.95 -30.55 41.58
C GLY A 40 -69.77 -29.65 41.25
N THR A 41 -69.92 -28.76 40.27
CA THR A 41 -68.88 -27.77 39.89
C THR A 41 -68.80 -26.72 40.99
N VAL A 42 -67.65 -26.10 41.12
CA VAL A 42 -67.37 -25.01 42.11
C VAL A 42 -66.78 -23.82 41.36
N ILE A 43 -67.43 -22.67 41.45
CA ILE A 43 -66.88 -21.39 40.94
C ILE A 43 -66.34 -20.61 42.12
N GLY A 44 -65.05 -20.27 42.12
CA GLY A 44 -64.41 -19.50 43.19
C GLY A 44 -64.99 -18.09 43.27
N PRO A 45 -64.46 -17.22 44.16
CA PRO A 45 -64.79 -15.79 44.14
C PRO A 45 -64.21 -15.05 42.93
N HIS A 46 -64.56 -13.77 42.75
CA HIS A 46 -64.21 -12.91 41.58
C HIS A 46 -63.95 -13.72 40.30
N VAL A 47 -64.91 -14.53 39.87
CA VAL A 47 -64.84 -15.17 38.52
C VAL A 47 -65.81 -14.41 37.62
N VAL A 48 -65.56 -14.52 36.32
CA VAL A 48 -66.41 -13.96 35.24
C VAL A 48 -66.62 -15.09 34.23
N LEU A 49 -67.85 -15.59 34.17
CA LEU A 49 -68.31 -16.50 33.08
C LEU A 49 -69.19 -15.68 32.12
N LYS A 50 -69.00 -15.90 30.83
CA LYS A 50 -69.84 -15.31 29.76
C LYS A 50 -70.18 -16.45 28.83
N GLY A 51 -71.30 -16.35 28.12
CA GLY A 51 -71.83 -17.44 27.28
C GLY A 51 -71.87 -17.05 25.80
N PRO A 52 -72.45 -17.86 24.90
CA PRO A 52 -72.98 -19.18 25.24
C PRO A 52 -71.86 -20.15 25.63
N THR A 53 -71.90 -20.67 26.84
CA THR A 53 -70.82 -21.49 27.43
C THR A 53 -71.47 -22.64 28.19
N LYS A 54 -70.90 -23.81 28.07
CA LYS A 54 -71.43 -25.05 28.66
C LYS A 54 -70.29 -25.64 29.50
N ILE A 55 -70.42 -25.65 30.83
CA ILE A 55 -69.39 -26.20 31.75
C ILE A 55 -69.90 -27.50 32.37
N GLY A 56 -69.16 -28.59 32.21
CA GLY A 56 -69.57 -29.93 32.66
C GLY A 56 -69.60 -30.04 34.18
N LYS A 57 -69.33 -31.25 34.70
CA LYS A 57 -69.58 -31.66 36.10
C LYS A 57 -68.27 -31.65 36.89
N HIS A 58 -68.34 -31.45 38.20
CA HIS A 58 -67.18 -31.53 39.13
C HIS A 58 -65.97 -30.74 38.58
N ASN A 59 -66.14 -29.50 38.13
CA ASN A 59 -65.00 -28.61 37.76
C ASN A 59 -64.74 -27.68 38.95
N ARG A 60 -63.51 -27.20 39.09
CA ARG A 60 -63.04 -26.24 40.12
C ARG A 60 -62.50 -25.11 39.20
N ILE A 61 -63.11 -23.92 39.20
CA ILE A 61 -62.57 -22.68 38.55
C ILE A 61 -62.24 -21.60 39.57
N TYR A 62 -61.04 -21.02 39.52
CA TYR A 62 -60.54 -20.07 40.57
C TYR A 62 -60.70 -18.62 40.16
N GLN A 63 -60.37 -17.73 41.10
CA GLN A 63 -60.51 -16.24 41.03
C GLN A 63 -59.80 -15.64 39.81
N PHE A 64 -60.26 -14.49 39.30
CA PHE A 64 -59.57 -13.62 38.29
C PHE A 64 -59.59 -14.27 36.88
N SER A 65 -60.30 -15.40 36.81
CA SER A 65 -60.52 -16.18 35.59
C SER A 65 -61.67 -15.55 34.82
N SER A 66 -61.45 -15.35 33.52
CA SER A 66 -62.42 -14.74 32.59
C SER A 66 -62.70 -15.81 31.53
N VAL A 67 -63.63 -16.70 31.83
CA VAL A 67 -63.97 -17.93 31.06
C VAL A 67 -65.23 -17.72 30.22
N GLY A 68 -65.04 -17.72 28.91
CA GLY A 68 -66.10 -17.56 27.90
C GLY A 68 -66.23 -16.13 27.42
N GLU A 69 -65.15 -15.32 27.46
CA GLU A 69 -65.16 -13.95 26.88
C GLU A 69 -64.96 -14.08 25.35
N ASP A 70 -65.25 -13.04 24.55
CA ASP A 70 -65.11 -13.06 23.06
C ASP A 70 -63.62 -13.02 22.71
N THR A 71 -63.11 -13.58 21.61
CA THR A 71 -61.65 -13.34 21.41
C THR A 71 -61.48 -11.88 20.99
N PRO A 72 -60.40 -11.18 21.37
CA PRO A 72 -60.24 -9.78 21.00
C PRO A 72 -59.92 -9.59 19.52
N ASP A 73 -59.26 -10.61 18.91
CA ASP A 73 -58.87 -10.78 17.46
C ASP A 73 -59.95 -10.16 16.59
N LEU A 74 -59.63 -9.33 15.61
CA LEU A 74 -60.64 -8.44 14.96
C LEU A 74 -61.48 -9.25 13.97
N LYS A 75 -60.87 -10.33 13.46
CA LYS A 75 -61.47 -11.46 12.72
C LYS A 75 -62.92 -11.66 13.23
N TYR A 76 -63.09 -11.95 14.51
CA TYR A 76 -64.41 -12.18 15.15
C TYR A 76 -65.15 -10.87 15.29
N LYS A 77 -66.33 -10.73 14.68
CA LYS A 77 -67.14 -9.50 14.84
C LYS A 77 -68.43 -9.87 15.62
N GLY A 78 -68.34 -10.61 16.72
CA GLY A 78 -69.44 -10.75 17.68
C GLY A 78 -70.45 -11.83 17.31
N GLU A 79 -70.24 -12.59 16.22
CA GLU A 79 -71.13 -13.72 15.83
C GLU A 79 -71.31 -14.59 17.08
N PRO A 80 -72.39 -15.39 17.25
CA PRO A 80 -72.83 -15.76 18.60
C PRO A 80 -72.27 -17.14 18.96
N THR A 81 -70.94 -17.32 18.97
CA THR A 81 -70.21 -18.62 19.04
C THR A 81 -70.15 -19.20 20.47
N ARG A 82 -69.59 -20.40 20.63
CA ARG A 82 -69.72 -21.20 21.88
C ARG A 82 -68.34 -21.56 22.45
N LEU A 83 -68.31 -21.79 23.76
CA LEU A 83 -67.30 -22.52 24.57
C LEU A 83 -67.96 -23.71 25.25
N VAL A 84 -67.24 -24.81 25.30
CA VAL A 84 -67.66 -26.09 25.94
C VAL A 84 -66.49 -26.64 26.77
N ILE A 85 -66.77 -26.93 28.03
CA ILE A 85 -65.80 -27.55 28.98
C ILE A 85 -66.42 -28.84 29.52
N GLY A 86 -65.68 -29.94 29.45
CA GLY A 86 -66.10 -31.25 29.99
C GLY A 86 -66.10 -31.26 31.51
N ASP A 87 -65.75 -32.40 32.09
CA ASP A 87 -65.94 -32.74 33.53
C ASP A 87 -64.57 -32.81 34.21
N HIS A 88 -64.54 -32.78 35.55
CA HIS A 88 -63.34 -32.97 36.42
C HIS A 88 -62.16 -32.11 35.91
N ASN A 89 -62.40 -30.88 35.47
CA ASN A 89 -61.30 -29.98 35.05
C ASN A 89 -60.97 -29.03 36.19
N VAL A 90 -59.72 -28.57 36.23
CA VAL A 90 -59.27 -27.47 37.13
C VAL A 90 -58.71 -26.32 36.33
N ILE A 91 -59.26 -25.14 36.58
CA ILE A 91 -58.85 -23.87 35.96
C ILE A 91 -58.40 -22.97 37.09
N ARG A 92 -57.08 -22.80 37.19
CA ARG A 92 -56.42 -22.04 38.28
C ARG A 92 -56.63 -20.54 38.10
N GLU A 93 -55.98 -19.79 38.98
CA GLU A 93 -56.20 -18.33 39.16
C GLU A 93 -55.81 -17.60 37.85
N GLY A 94 -56.72 -16.83 37.27
CA GLY A 94 -56.41 -15.80 36.25
C GLY A 94 -56.43 -16.33 34.83
N VAL A 95 -56.96 -17.53 34.66
CA VAL A 95 -57.01 -18.14 33.33
C VAL A 95 -58.03 -17.39 32.49
N THR A 96 -57.73 -17.26 31.20
CA THR A 96 -58.64 -16.73 30.16
C THR A 96 -58.94 -17.84 29.17
N ILE A 97 -60.21 -18.04 28.89
CA ILE A 97 -60.67 -18.98 27.82
C ILE A 97 -61.67 -18.21 26.96
N HIS A 98 -61.42 -18.15 25.66
CA HIS A 98 -62.20 -17.34 24.69
C HIS A 98 -63.09 -18.29 23.86
N ARG A 99 -64.30 -17.87 23.55
CA ARG A 99 -65.16 -18.69 22.68
C ARG A 99 -64.71 -18.49 21.22
N GLY A 100 -64.98 -19.54 20.45
CA GLY A 100 -64.75 -19.70 19.00
C GLY A 100 -65.12 -18.47 18.20
N THR A 101 -64.88 -18.61 16.89
CA THR A 101 -65.12 -17.65 15.79
C THR A 101 -65.89 -18.45 14.75
N VAL A 102 -66.79 -17.85 13.96
CA VAL A 102 -67.50 -18.64 12.91
C VAL A 102 -66.50 -19.11 11.85
N GLN A 103 -65.44 -18.35 11.61
CA GLN A 103 -64.37 -18.64 10.62
C GLN A 103 -63.91 -20.11 10.73
N ASP A 104 -63.67 -20.69 11.92
CA ASP A 104 -63.20 -22.11 12.07
C ASP A 104 -64.42 -22.92 12.52
N ARG A 105 -64.46 -23.60 13.68
CA ARG A 105 -65.60 -24.50 13.93
C ARG A 105 -66.61 -23.83 14.87
N ALA A 106 -66.40 -22.56 15.20
CA ALA A 106 -67.41 -21.75 15.94
C ALA A 106 -67.47 -22.22 17.40
N GLU A 107 -66.47 -22.98 17.84
CA GLU A 107 -66.44 -23.50 19.23
C GLU A 107 -65.00 -23.77 19.63
N THR A 108 -64.70 -23.25 20.83
CA THR A 108 -63.56 -23.57 21.72
C THR A 108 -63.99 -24.70 22.63
N THR A 109 -63.17 -25.73 22.81
CA THR A 109 -63.61 -27.02 23.42
C THR A 109 -62.57 -27.62 24.34
N ILE A 110 -62.98 -28.00 25.55
CA ILE A 110 -62.08 -28.65 26.54
C ILE A 110 -62.76 -29.93 27.04
N GLY A 111 -61.97 -31.02 27.08
CA GLY A 111 -62.42 -32.37 27.47
C GLY A 111 -62.49 -32.50 28.98
N ASP A 112 -62.02 -33.63 29.52
CA ASP A 112 -62.16 -34.00 30.96
C ASP A 112 -60.77 -34.04 31.63
N HIS A 113 -60.70 -33.94 32.96
CA HIS A 113 -59.50 -34.25 33.81
C HIS A 113 -58.29 -33.35 33.49
N ASN A 114 -58.50 -32.21 32.84
CA ASN A 114 -57.42 -31.27 32.49
C ASN A 114 -57.11 -30.34 33.64
N LEU A 115 -55.83 -30.01 33.78
CA LEU A 115 -55.28 -29.05 34.76
C LEU A 115 -54.71 -27.87 33.99
N ILE A 116 -55.34 -26.72 34.12
CA ILE A 116 -54.91 -25.48 33.44
C ILE A 116 -54.50 -24.50 34.52
N MET A 117 -53.21 -24.22 34.65
CA MET A 117 -52.68 -23.47 35.81
C MET A 117 -52.72 -21.98 35.51
N ALA A 118 -52.24 -21.22 36.49
CA ALA A 118 -52.50 -19.78 36.60
C ALA A 118 -52.11 -18.98 35.35
N TYR A 119 -52.91 -17.98 34.99
CA TYR A 119 -52.60 -16.91 33.99
C TYR A 119 -52.45 -17.58 32.60
N ALA A 120 -52.80 -18.86 32.45
CA ALA A 120 -52.82 -19.53 31.13
C ALA A 120 -53.87 -18.88 30.24
N HIS A 121 -53.68 -18.97 28.94
CA HIS A 121 -54.65 -18.46 27.92
C HIS A 121 -54.99 -19.59 26.94
N ILE A 122 -56.27 -19.70 26.59
CA ILE A 122 -56.77 -20.70 25.62
C ILE A 122 -57.63 -19.99 24.58
N GLY A 123 -57.01 -19.52 23.50
CA GLY A 123 -57.59 -18.58 22.50
C GLY A 123 -58.71 -19.21 21.69
N HIS A 124 -59.43 -18.36 20.96
CA HIS A 124 -60.58 -18.78 20.10
C HIS A 124 -60.32 -20.12 19.43
N ASP A 125 -61.25 -21.06 19.55
CA ASP A 125 -61.33 -22.27 18.67
C ASP A 125 -60.30 -23.32 19.05
N SER A 126 -59.50 -23.08 20.08
CA SER A 126 -58.56 -24.11 20.57
C SER A 126 -59.38 -25.30 21.05
N VAL A 127 -58.76 -26.46 21.17
CA VAL A 127 -59.46 -27.74 21.47
C VAL A 127 -58.56 -28.63 22.32
N ILE A 128 -58.99 -28.93 23.54
CA ILE A 128 -58.18 -29.72 24.50
C ILE A 128 -58.88 -31.03 24.80
N GLY A 129 -58.08 -32.10 24.82
CA GLY A 129 -58.52 -33.48 25.10
C GLY A 129 -58.69 -33.71 26.58
N ASN A 130 -58.01 -34.71 27.14
CA ASN A 130 -58.16 -35.14 28.56
C ASN A 130 -56.81 -35.27 29.26
N HIS A 131 -56.78 -35.13 30.58
CA HIS A 131 -55.58 -35.36 31.43
C HIS A 131 -54.41 -34.52 30.90
N CYS A 132 -54.70 -33.40 30.26
CA CYS A 132 -53.62 -32.47 29.81
C CYS A 132 -53.23 -31.60 31.00
N ILE A 133 -51.99 -31.13 31.02
CA ILE A 133 -51.55 -30.07 31.95
C ILE A 133 -50.97 -28.91 31.14
N LEU A 134 -51.61 -27.75 31.27
CA LEU A 134 -51.07 -26.46 30.80
C LEU A 134 -50.57 -25.72 32.02
N VAL A 135 -49.26 -25.57 32.13
CA VAL A 135 -48.64 -24.91 33.30
C VAL A 135 -48.77 -23.40 33.14
N ASN A 136 -48.48 -22.66 34.23
CA ASN A 136 -48.61 -21.19 34.35
C ASN A 136 -48.28 -20.50 33.01
N ASN A 137 -49.19 -19.64 32.52
CA ASN A 137 -48.96 -18.64 31.44
C ASN A 137 -48.77 -19.31 30.07
N THR A 138 -48.89 -20.62 30.01
CA THR A 138 -49.10 -21.31 28.71
C THR A 138 -50.18 -20.56 27.95
N ALA A 139 -49.99 -20.46 26.65
CA ALA A 139 -50.81 -19.59 25.76
C ALA A 139 -50.98 -20.27 24.40
N LEU A 140 -52.24 -20.53 24.06
CA LEU A 140 -52.66 -21.13 22.77
C LEU A 140 -53.28 -20.03 21.93
N ALA A 141 -52.55 -19.51 20.96
CA ALA A 141 -52.89 -18.25 20.24
C ALA A 141 -54.30 -18.35 19.66
N GLY A 142 -54.62 -19.52 19.10
CA GLY A 142 -55.93 -19.82 18.50
C GLY A 142 -55.91 -21.08 17.64
N HIS A 143 -57.05 -21.75 17.57
CA HIS A 143 -57.32 -22.99 16.78
C HIS A 143 -56.25 -24.03 17.06
N VAL A 144 -55.70 -24.03 18.27
CA VAL A 144 -54.69 -25.04 18.69
C VAL A 144 -55.42 -26.28 19.16
N HIS A 145 -55.06 -27.46 18.67
CA HIS A 145 -55.52 -28.76 19.19
C HIS A 145 -54.42 -29.39 20.06
N VAL A 146 -54.75 -29.67 21.30
CA VAL A 146 -53.89 -30.38 22.30
C VAL A 146 -54.53 -31.73 22.57
N ASP A 147 -53.93 -32.79 22.04
CA ASP A 147 -54.38 -34.20 22.26
C ASP A 147 -54.01 -34.62 23.68
N ASP A 148 -54.43 -35.81 24.11
CA ASP A 148 -54.53 -36.19 25.55
C ASP A 148 -53.16 -36.34 26.22
N TRP A 149 -53.08 -36.09 27.52
CA TRP A 149 -51.90 -36.38 28.37
C TRP A 149 -50.77 -35.39 28.11
N ALA A 150 -50.94 -34.50 27.15
CA ALA A 150 -49.89 -33.54 26.80
C ALA A 150 -49.62 -32.69 28.03
N ILE A 151 -48.38 -32.27 28.14
CA ILE A 151 -47.91 -31.36 29.20
C ILE A 151 -47.16 -30.22 28.54
N LEU A 152 -47.66 -29.02 28.75
CA LEU A 152 -46.97 -27.78 28.32
C LEU A 152 -46.43 -27.12 29.58
N SER A 153 -45.11 -27.18 29.76
CA SER A 153 -44.37 -26.51 30.85
C SER A 153 -44.73 -25.01 30.82
N GLY A 154 -44.32 -24.27 31.85
CA GLY A 154 -44.70 -22.86 32.05
C GLY A 154 -44.32 -21.99 30.88
N TYR A 155 -45.17 -21.00 30.55
CA TYR A 155 -44.83 -19.93 29.58
C TYR A 155 -44.49 -20.58 28.23
N THR A 156 -45.20 -21.67 27.92
CA THR A 156 -45.16 -22.31 26.58
C THR A 156 -46.12 -21.57 25.67
N LEU A 157 -45.64 -21.17 24.50
CA LEU A 157 -46.40 -20.34 23.52
C LEU A 157 -46.62 -21.17 22.26
N VAL A 158 -47.85 -21.17 21.73
CA VAL A 158 -48.25 -22.10 20.64
C VAL A 158 -48.97 -21.32 19.55
N HIS A 159 -48.38 -21.23 18.34
CA HIS A 159 -48.78 -20.26 17.28
C HIS A 159 -50.11 -20.79 16.68
N GLN A 160 -50.95 -19.87 16.17
CA GLN A 160 -52.26 -20.13 15.52
C GLN A 160 -52.13 -21.56 14.94
N TYR A 161 -53.09 -22.47 15.16
CA TYR A 161 -53.33 -23.69 14.32
C TYR A 161 -52.38 -24.88 14.59
N CYS A 162 -51.44 -24.80 15.52
CA CYS A 162 -50.52 -25.94 15.78
C CYS A 162 -51.26 -27.08 16.47
N ARG A 163 -50.83 -28.30 16.23
CA ARG A 163 -51.31 -29.52 16.91
C ARG A 163 -50.22 -30.01 17.86
N ILE A 164 -50.55 -30.09 19.14
CA ILE A 164 -49.71 -30.74 20.17
C ILE A 164 -50.21 -32.17 20.30
N GLY A 165 -49.53 -33.12 19.67
CA GLY A 165 -49.86 -34.57 19.75
C GLY A 165 -49.82 -35.08 21.21
N ALA A 166 -50.41 -36.23 21.44
CA ALA A 166 -50.62 -36.83 22.77
C ALA A 166 -49.35 -37.25 23.49
N HIS A 167 -49.30 -37.07 24.80
CA HIS A 167 -48.15 -37.36 25.72
C HIS A 167 -46.97 -36.47 25.37
N SER A 168 -47.13 -35.59 24.40
CA SER A 168 -46.04 -34.66 24.03
C SER A 168 -45.76 -33.80 25.24
N PHE A 169 -44.64 -33.11 25.21
CA PHE A 169 -44.11 -32.31 26.33
C PHE A 169 -43.31 -31.13 25.78
N SER A 170 -43.73 -29.92 26.11
CA SER A 170 -42.94 -28.69 25.88
C SER A 170 -42.23 -28.31 27.18
N GLY A 171 -40.97 -27.91 27.09
CA GLY A 171 -40.19 -27.36 28.23
C GLY A 171 -40.59 -25.92 28.50
N MET A 172 -40.08 -25.30 29.56
CA MET A 172 -40.55 -23.93 29.93
C MET A 172 -40.01 -22.95 28.88
N GLY A 173 -40.76 -21.87 28.65
CA GLY A 173 -40.49 -20.84 27.63
C GLY A 173 -40.36 -21.39 26.23
N SER A 174 -40.90 -22.58 25.94
CA SER A 174 -40.96 -23.12 24.57
C SER A 174 -41.85 -22.22 23.70
N ALA A 175 -41.43 -22.03 22.45
CA ALA A 175 -42.12 -21.16 21.45
C ALA A 175 -42.46 -22.00 20.22
N ILE A 176 -43.60 -22.67 20.30
CA ILE A 176 -43.98 -23.76 19.35
C ILE A 176 -44.63 -23.14 18.11
N GLY A 177 -43.93 -23.13 16.98
CA GLY A 177 -44.39 -22.53 15.72
C GLY A 177 -44.99 -23.54 14.77
N LYS A 178 -44.88 -24.84 15.10
CA LYS A 178 -45.27 -25.96 14.20
C LYS A 178 -45.65 -27.17 15.03
N ASP A 179 -46.31 -28.14 14.42
CA ASP A 179 -46.86 -29.30 15.18
C ASP A 179 -45.81 -29.99 16.03
N VAL A 180 -46.23 -30.47 17.19
CA VAL A 180 -45.43 -31.36 18.08
C VAL A 180 -46.04 -32.76 18.00
N PRO A 181 -45.27 -33.72 17.45
CA PRO A 181 -45.76 -35.10 17.34
C PRO A 181 -46.04 -35.70 18.71
N ALA A 182 -46.94 -36.68 18.75
CA ALA A 182 -47.19 -37.49 19.96
C ALA A 182 -45.87 -37.86 20.63
N TYR A 183 -45.79 -37.76 21.96
CA TYR A 183 -44.69 -38.28 22.81
C TYR A 183 -43.45 -37.40 22.74
N VAL A 184 -43.35 -36.44 21.84
CA VAL A 184 -42.06 -35.72 21.59
C VAL A 184 -41.85 -34.66 22.67
N THR A 185 -40.61 -34.51 23.14
CA THR A 185 -40.18 -33.42 24.03
C THR A 185 -39.62 -32.31 23.13
N VAL A 186 -40.10 -31.08 23.29
CA VAL A 186 -39.59 -29.90 22.53
C VAL A 186 -39.19 -28.81 23.51
N PHE A 187 -38.18 -28.02 23.16
CA PHE A 187 -37.58 -27.03 24.07
C PHE A 187 -37.18 -25.79 23.30
N GLY A 188 -37.44 -24.60 23.86
CA GLY A 188 -36.76 -23.35 23.51
C GLY A 188 -37.47 -22.53 22.44
N ASN A 189 -36.82 -21.44 22.03
CA ASN A 189 -37.38 -20.42 21.14
C ASN A 189 -36.45 -20.20 19.96
N PRO A 190 -36.77 -20.81 18.80
CA PRO A 190 -38.05 -21.48 18.61
C PRO A 190 -37.92 -22.95 19.03
N ALA A 191 -39.02 -23.56 19.50
CA ALA A 191 -39.11 -24.97 19.89
C ALA A 191 -38.34 -25.85 18.91
N GLU A 192 -37.45 -26.71 19.39
CA GLU A 192 -36.87 -27.86 18.62
C GLU A 192 -37.24 -29.16 19.33
N ALA A 193 -37.18 -30.28 18.61
CA ALA A 193 -37.39 -31.65 19.15
C ALA A 193 -36.13 -32.01 19.93
N ARG A 194 -36.23 -32.77 21.02
CA ARG A 194 -35.03 -33.30 21.73
C ARG A 194 -35.13 -34.82 21.83
N SER A 195 -36.13 -35.32 22.55
CA SER A 195 -36.36 -36.75 22.82
C SER A 195 -37.83 -37.07 22.67
N MET A 196 -38.20 -38.27 23.09
CA MET A 196 -39.58 -38.63 23.44
C MET A 196 -39.67 -38.61 24.96
N ASN A 197 -40.92 -38.55 25.42
CA ASN A 197 -41.28 -38.28 26.83
C ASN A 197 -41.43 -39.62 27.51
N PHE A 198 -40.29 -40.25 27.79
CA PHE A 198 -40.29 -41.62 28.37
C PHE A 198 -40.98 -41.51 29.71
N GLU A 199 -40.76 -40.38 30.39
CA GLU A 199 -41.43 -40.09 31.67
C GLU A 199 -42.88 -40.57 31.58
N GLY A 200 -43.73 -39.78 30.93
CA GLY A 200 -45.19 -39.97 30.91
C GLY A 200 -45.59 -41.23 30.17
N MET A 201 -44.62 -41.96 29.60
CA MET A 201 -44.80 -43.33 29.05
C MET A 201 -44.73 -44.33 30.19
N ARG A 202 -43.75 -44.20 31.10
CA ARG A 202 -43.66 -45.09 32.29
C ARG A 202 -44.94 -44.81 33.06
N ARG A 203 -45.33 -43.52 33.20
CA ARG A 203 -46.56 -43.12 33.93
C ARG A 203 -47.76 -43.87 33.34
N ARG A 204 -47.90 -44.00 32.03
CA ARG A 204 -49.04 -44.75 31.43
C ARG A 204 -48.83 -46.26 31.52
N GLY A 205 -47.70 -46.73 32.06
CA GLY A 205 -47.36 -48.16 32.19
C GLY A 205 -47.18 -48.84 30.85
N PHE A 206 -46.74 -48.12 29.81
CA PHE A 206 -46.40 -48.68 28.49
C PHE A 206 -45.48 -49.87 28.64
N SER A 207 -45.57 -50.88 27.77
CA SER A 207 -44.67 -52.06 27.79
C SER A 207 -43.28 -51.56 27.42
N SER A 208 -42.22 -52.28 27.80
CA SER A 208 -40.85 -51.86 27.43
C SER A 208 -40.71 -51.95 25.91
N GLU A 209 -41.28 -52.98 25.25
CA GLU A 209 -41.16 -53.12 23.75
C GLU A 209 -41.67 -51.81 23.15
N ALA A 210 -42.80 -51.31 23.67
CA ALA A 210 -43.51 -50.15 23.12
C ALA A 210 -42.61 -48.92 23.30
N ILE A 211 -42.01 -48.77 24.47
CA ILE A 211 -41.07 -47.65 24.70
C ILE A 211 -39.93 -47.75 23.67
N HIS A 212 -39.15 -48.84 23.68
CA HIS A 212 -38.03 -49.06 22.71
C HIS A 212 -38.53 -48.74 21.30
N ALA A 213 -39.72 -49.20 20.91
CA ALA A 213 -40.27 -49.05 19.55
C ALA A 213 -40.50 -47.57 19.20
N LEU A 214 -40.86 -46.80 20.23
CA LEU A 214 -41.11 -45.35 20.16
C LEU A 214 -39.78 -44.61 20.07
N ARG A 215 -38.76 -45.06 20.80
CA ARG A 215 -37.39 -44.52 20.60
C ARG A 215 -37.01 -44.80 19.13
N ARG A 216 -37.11 -46.06 18.65
CA ARG A 216 -36.76 -46.40 17.24
C ARG A 216 -37.45 -45.37 16.34
N ALA A 217 -38.74 -45.15 16.59
CA ALA A 217 -39.61 -44.31 15.75
C ALA A 217 -39.09 -42.88 15.73
N TYR A 218 -38.75 -42.32 16.89
CA TYR A 218 -38.16 -40.96 16.99
C TYR A 218 -36.95 -40.91 16.04
N LYS A 219 -36.02 -41.83 16.30
CA LYS A 219 -34.70 -41.90 15.65
C LYS A 219 -34.96 -41.77 14.13
N VAL A 220 -35.98 -42.46 13.63
CA VAL A 220 -36.32 -42.57 12.18
C VAL A 220 -36.59 -41.18 11.59
N VAL A 221 -37.58 -40.54 12.19
CA VAL A 221 -38.12 -39.22 11.76
C VAL A 221 -36.96 -38.23 11.69
N TYR A 222 -36.36 -38.06 12.88
CA TYR A 222 -35.47 -36.95 13.28
C TYR A 222 -34.02 -37.31 12.96
N ARG A 223 -33.44 -38.16 13.78
CA ARG A 223 -31.98 -38.41 13.82
C ARG A 223 -31.53 -39.35 12.68
N GLN A 224 -32.33 -39.78 11.68
CA GLN A 224 -31.79 -40.56 10.52
C GLN A 224 -31.80 -39.68 9.28
N GLY A 225 -32.17 -38.40 9.45
CA GLY A 225 -32.64 -37.49 8.39
C GLY A 225 -33.21 -38.26 7.22
N HIS A 226 -34.19 -39.14 7.43
CA HIS A 226 -35.12 -39.46 6.34
C HIS A 226 -35.88 -38.14 6.08
N THR A 227 -36.49 -37.93 4.90
CA THR A 227 -37.51 -36.85 4.71
C THR A 227 -38.64 -37.04 5.75
N VAL A 228 -39.65 -36.19 5.73
CA VAL A 228 -40.90 -36.44 6.53
C VAL A 228 -41.58 -37.65 5.89
N GLU A 229 -41.89 -37.59 4.58
CA GLU A 229 -42.57 -38.68 3.84
C GLU A 229 -41.82 -40.01 4.01
N GLU A 230 -40.49 -39.94 3.86
CA GLU A 230 -39.62 -41.14 3.85
C GLU A 230 -39.85 -41.86 5.17
N ALA A 231 -39.90 -41.12 6.27
CA ALA A 231 -39.99 -41.72 7.62
C ALA A 231 -41.39 -42.31 7.81
N LEU A 232 -42.43 -41.58 7.43
CA LEU A 232 -43.82 -42.06 7.58
C LEU A 232 -43.94 -43.47 6.98
N ALA A 233 -43.22 -43.65 5.87
CA ALA A 233 -43.11 -44.92 5.15
C ALA A 233 -42.48 -45.98 6.05
N GLU A 234 -41.31 -45.66 6.62
CA GLU A 234 -40.56 -46.57 7.50
C GLU A 234 -41.45 -47.06 8.64
N LEU A 235 -42.08 -46.10 9.30
CA LEU A 235 -42.85 -46.32 10.55
C LEU A 235 -43.94 -47.38 10.33
N ALA A 236 -44.74 -47.27 9.27
CA ALA A 236 -45.70 -48.28 8.74
C ALA A 236 -45.65 -49.63 9.46
N GLU A 237 -44.55 -50.41 9.29
CA GLU A 237 -44.28 -51.70 10.01
C GLU A 237 -44.44 -51.48 11.52
N SER A 238 -43.51 -50.71 12.12
CA SER A 238 -43.46 -50.26 13.55
C SER A 238 -44.90 -50.00 14.07
N ALA A 239 -45.77 -49.44 13.24
CA ALA A 239 -47.05 -48.82 13.64
C ALA A 239 -48.19 -49.84 13.61
N ALA A 240 -48.07 -50.85 12.75
CA ALA A 240 -49.00 -52.00 12.78
C ALA A 240 -48.77 -52.75 14.10
N GLN A 241 -47.50 -53.01 14.34
CA GLN A 241 -46.98 -53.76 15.49
C GLN A 241 -47.46 -53.13 16.81
N PHE A 242 -47.48 -51.81 16.93
CA PHE A 242 -47.67 -51.10 18.21
C PHE A 242 -48.64 -49.94 18.04
N PRO A 243 -49.90 -50.11 18.46
CA PRO A 243 -50.81 -48.98 18.59
C PRO A 243 -50.15 -47.71 19.14
N GLU A 244 -49.19 -47.83 20.06
CA GLU A 244 -48.50 -46.64 20.64
C GLU A 244 -47.76 -45.86 19.53
N VAL A 245 -47.08 -46.56 18.63
CA VAL A 245 -46.30 -45.96 17.51
C VAL A 245 -47.29 -45.36 16.52
N ALA A 246 -48.36 -46.12 16.28
CA ALA A 246 -49.45 -45.76 15.34
C ALA A 246 -49.80 -44.29 15.54
N VAL A 247 -50.13 -43.96 16.78
CA VAL A 247 -50.40 -42.59 17.30
C VAL A 247 -49.37 -41.57 16.81
N PHE A 248 -48.10 -41.94 16.99
CA PHE A 248 -46.93 -41.10 16.64
C PHE A 248 -46.91 -40.91 15.13
N ARG A 249 -46.99 -41.99 14.35
CA ARG A 249 -47.10 -41.86 12.87
C ARG A 249 -48.29 -40.95 12.55
N ASP A 250 -49.46 -41.28 13.07
CA ASP A 250 -50.71 -40.51 12.83
C ASP A 250 -50.48 -39.03 13.17
N SER A 251 -49.81 -38.68 14.28
CA SER A 251 -49.55 -37.23 14.55
C SER A 251 -48.83 -36.63 13.33
N ILE A 252 -47.71 -37.24 12.95
CA ILE A 252 -46.81 -36.71 11.89
C ILE A 252 -47.56 -36.65 10.56
N GLN A 253 -48.33 -37.69 10.28
CA GLN A 253 -49.21 -37.73 9.09
C GLN A 253 -49.83 -36.34 8.86
N SER A 254 -50.90 -36.06 9.59
CA SER A 254 -51.83 -34.95 9.29
C SER A 254 -51.25 -33.70 9.93
N ALA A 255 -49.96 -33.50 9.67
CA ALA A 255 -49.26 -32.22 9.80
C ALA A 255 -48.72 -31.79 8.45
N THR A 256 -48.32 -32.76 7.60
CA THR A 256 -47.75 -32.49 6.24
C THR A 256 -48.74 -33.07 5.23
N ARG A 257 -49.52 -32.29 4.49
CA ARG A 257 -50.13 -32.82 3.26
C ARG A 257 -49.27 -32.42 2.05
N GLY A 258 -48.51 -31.33 2.16
CA GLY A 258 -47.66 -30.77 1.07
C GLY A 258 -48.51 -30.37 -0.15
N ILE A 259 -47.79 -30.01 -1.23
CA ILE A 259 -48.44 -29.67 -2.54
C ILE A 259 -47.90 -30.65 -3.59
N THR A 260 -48.57 -30.73 -4.74
CA THR A 260 -48.03 -31.42 -5.92
C THR A 260 -46.78 -30.70 -6.36
N ARG A 261 -45.60 -31.32 -6.25
CA ARG A 261 -44.41 -30.90 -7.02
C ARG A 261 -44.50 -31.68 -8.34
N MET B 4 -61.21 6.95 57.99
CA MET B 4 -60.65 6.17 56.80
C MET B 4 -60.53 4.66 57.22
N SER B 5 -61.60 4.02 57.75
CA SER B 5 -61.70 3.13 58.97
C SER B 5 -61.40 1.60 58.69
N LEU B 6 -60.45 0.99 59.40
CA LEU B 6 -59.23 0.25 58.86
C LEU B 6 -59.52 -0.89 57.93
N ILE B 7 -60.26 -1.85 58.47
CA ILE B 7 -60.67 -3.10 57.75
C ILE B 7 -62.02 -2.79 57.11
N ASP B 8 -62.04 -2.66 55.78
CA ASP B 8 -63.25 -2.36 54.98
C ASP B 8 -64.35 -3.33 55.38
N PRO B 9 -65.62 -2.88 55.46
CA PRO B 9 -66.70 -3.80 55.79
C PRO B 9 -66.99 -4.73 54.61
N ARG B 10 -66.68 -4.40 53.36
CA ARG B 10 -67.02 -5.28 52.21
C ARG B 10 -66.01 -6.42 52.08
N ALA B 11 -64.98 -6.42 52.92
CA ALA B 11 -63.95 -7.49 52.95
C ALA B 11 -64.44 -8.63 53.83
N ILE B 12 -63.96 -9.84 53.59
CA ILE B 12 -64.30 -11.05 54.39
C ILE B 12 -63.09 -11.43 55.22
N ILE B 13 -63.27 -11.55 56.52
CA ILE B 13 -62.21 -12.03 57.46
C ILE B 13 -62.73 -13.26 58.18
N ASP B 14 -62.02 -14.37 58.05
CA ASP B 14 -62.32 -15.60 58.81
C ASP B 14 -62.25 -15.30 60.30
N PRO B 15 -63.13 -15.86 61.15
CA PRO B 15 -62.98 -15.74 62.60
C PRO B 15 -61.61 -16.26 63.06
N SER B 16 -61.12 -17.32 62.40
CA SER B 16 -59.86 -17.99 62.79
C SER B 16 -58.65 -17.09 62.44
N ALA B 17 -58.75 -16.17 61.48
CA ALA B 17 -57.63 -15.27 61.07
C ALA B 17 -57.30 -14.34 62.24
N ARG B 18 -56.10 -13.74 62.26
CA ARG B 18 -55.74 -12.84 63.39
C ARG B 18 -54.73 -11.80 62.90
N LEU B 19 -55.08 -10.51 63.08
CA LEU B 19 -54.51 -9.26 62.45
C LEU B 19 -54.10 -8.24 63.52
N ALA B 20 -52.84 -7.79 63.59
CA ALA B 20 -52.37 -6.74 64.53
C ALA B 20 -53.22 -5.47 64.35
N ALA B 21 -53.23 -4.57 65.35
CA ALA B 21 -54.25 -3.50 65.53
C ALA B 21 -54.46 -2.68 64.23
N ASP B 22 -53.38 -2.09 63.70
CA ASP B 22 -53.42 -1.02 62.65
C ASP B 22 -53.21 -1.65 61.25
N VAL B 23 -53.54 -2.93 61.10
CA VAL B 23 -53.66 -3.56 59.76
C VAL B 23 -54.88 -2.98 59.08
N GLN B 24 -54.74 -2.80 57.76
CA GLN B 24 -55.85 -2.45 56.86
C GLN B 24 -56.14 -3.55 55.85
N VAL B 25 -57.40 -3.65 55.46
CA VAL B 25 -57.86 -4.53 54.36
C VAL B 25 -58.83 -3.75 53.48
N GLY B 26 -58.51 -3.60 52.19
CA GLY B 26 -59.35 -2.95 51.16
C GLY B 26 -60.62 -3.78 50.98
N PRO B 27 -61.60 -3.28 50.21
CA PRO B 27 -62.84 -4.03 49.99
C PRO B 27 -62.68 -5.30 49.14
N TRP B 28 -63.53 -6.30 49.35
CA TRP B 28 -63.67 -7.51 48.47
C TRP B 28 -62.43 -8.40 48.60
N SER B 29 -61.58 -8.09 49.58
CA SER B 29 -60.42 -8.94 49.88
C SER B 29 -60.90 -9.98 50.88
N ILE B 30 -60.34 -11.16 50.80
CA ILE B 30 -60.66 -12.32 51.69
C ILE B 30 -59.41 -12.64 52.48
N VAL B 31 -59.54 -12.72 53.79
CA VAL B 31 -58.45 -13.20 54.69
C VAL B 31 -58.88 -14.58 55.22
N GLY B 32 -58.62 -15.64 54.43
CA GLY B 32 -58.96 -17.06 54.70
C GLY B 32 -58.63 -17.45 56.13
N ALA B 33 -59.06 -18.62 56.58
CA ALA B 33 -58.74 -19.09 57.95
C ALA B 33 -57.23 -19.17 58.11
N GLU B 34 -56.73 -19.12 59.34
CA GLU B 34 -55.32 -19.45 59.68
C GLU B 34 -54.36 -18.42 59.09
N VAL B 35 -54.86 -17.27 58.68
CA VAL B 35 -53.99 -16.19 58.14
C VAL B 35 -53.70 -15.20 59.26
N GLU B 36 -52.42 -14.93 59.46
CA GLU B 36 -51.89 -14.04 60.50
C GLU B 36 -51.27 -12.83 59.77
N ILE B 37 -51.63 -11.61 60.13
CA ILE B 37 -51.08 -10.40 59.46
C ILE B 37 -50.47 -9.45 60.51
N GLY B 38 -49.18 -9.17 60.38
CA GLY B 38 -48.39 -8.39 61.35
C GLY B 38 -48.71 -6.90 61.29
N GLU B 39 -48.29 -6.19 62.32
CA GLU B 39 -48.48 -4.71 62.51
C GLU B 39 -48.26 -3.92 61.21
N GLY B 40 -49.13 -2.93 60.92
CA GLY B 40 -48.91 -1.86 59.93
C GLY B 40 -48.95 -2.34 58.47
N THR B 41 -49.30 -3.60 58.24
CA THR B 41 -49.45 -4.18 56.89
C THR B 41 -50.71 -3.61 56.27
N VAL B 42 -50.75 -3.54 54.95
CA VAL B 42 -51.90 -3.05 54.15
C VAL B 42 -52.27 -4.11 53.12
N ILE B 43 -53.51 -4.56 53.14
CA ILE B 43 -54.04 -5.45 52.07
C ILE B 43 -54.92 -4.60 51.16
N GLY B 44 -54.59 -4.53 49.87
CA GLY B 44 -55.38 -3.74 48.90
C GLY B 44 -56.78 -4.32 48.73
N PRO B 45 -57.59 -3.78 47.81
CA PRO B 45 -58.84 -4.42 47.40
C PRO B 45 -58.65 -5.72 46.59
N HIS B 46 -59.73 -6.44 46.30
CA HIS B 46 -59.74 -7.77 45.63
C HIS B 46 -58.45 -8.58 45.87
N VAL B 47 -58.07 -8.81 47.12
CA VAL B 47 -56.97 -9.76 47.43
C VAL B 47 -57.61 -11.04 47.97
N VAL B 48 -56.85 -12.12 47.87
CA VAL B 48 -57.23 -13.47 48.40
C VAL B 48 -56.01 -13.97 49.18
N LEU B 49 -56.13 -14.03 50.50
CA LEU B 49 -55.18 -14.72 51.40
C LEU B 49 -55.81 -16.06 51.82
N LYS B 50 -55.01 -17.11 51.82
CA LYS B 50 -55.39 -18.44 52.35
C LYS B 50 -54.24 -18.86 53.25
N GLY B 51 -54.51 -19.72 54.23
CA GLY B 51 -53.56 -20.13 55.27
C GLY B 51 -53.27 -21.63 55.20
N PRO B 52 -52.51 -22.22 56.15
CA PRO B 52 -51.85 -21.48 57.21
C PRO B 52 -50.75 -20.56 56.67
N THR B 53 -50.87 -19.26 56.89
CA THR B 53 -49.98 -18.25 56.30
C THR B 53 -49.69 -17.21 57.37
N LYS B 54 -48.46 -16.76 57.43
CA LYS B 54 -47.99 -15.80 58.45
C LYS B 54 -47.36 -14.64 57.72
N ILE B 55 -47.97 -13.46 57.76
CA ILE B 55 -47.46 -12.24 57.05
C ILE B 55 -46.94 -11.25 58.09
N GLY B 56 -45.67 -10.84 57.95
CA GLY B 56 -44.99 -9.95 58.92
C GLY B 56 -45.56 -8.54 58.91
N LYS B 57 -44.71 -7.56 59.21
CA LYS B 57 -45.10 -6.16 59.54
C LYS B 57 -44.83 -5.25 58.34
N HIS B 58 -45.58 -4.15 58.24
CA HIS B 58 -45.41 -3.11 57.20
C HIS B 58 -45.25 -3.75 55.79
N ASN B 59 -46.11 -4.66 55.38
CA ASN B 59 -46.14 -5.18 53.98
C ASN B 59 -47.26 -4.44 53.26
N ARG B 60 -47.14 -4.29 51.93
CA ARG B 60 -48.12 -3.66 51.03
C ARG B 60 -48.39 -4.84 50.04
N ILE B 61 -49.61 -5.41 50.03
CA ILE B 61 -50.05 -6.41 49.01
C ILE B 61 -51.19 -5.85 48.15
N TYR B 62 -51.09 -5.96 46.83
CA TYR B 62 -52.03 -5.29 45.88
C TYR B 62 -53.08 -6.27 45.36
N GLN B 63 -54.04 -5.71 44.60
CA GLN B 63 -55.23 -6.37 44.01
C GLN B 63 -54.86 -7.61 43.17
N PHE B 64 -55.76 -8.61 43.06
CA PHE B 64 -55.70 -9.74 42.10
C PHE B 64 -54.62 -10.77 42.49
N SER B 65 -54.02 -10.51 43.66
CA SER B 65 -52.97 -11.35 44.29
C SER B 65 -53.66 -12.47 45.03
N SER B 66 -53.17 -13.69 44.83
CA SER B 66 -53.69 -14.93 45.44
C SER B 66 -52.52 -15.50 46.23
N VAL B 67 -52.38 -15.02 47.47
CA VAL B 67 -51.22 -15.29 48.39
C VAL B 67 -51.60 -16.34 49.43
N GLY B 68 -50.96 -17.50 49.33
CA GLY B 68 -51.14 -18.64 50.26
C GLY B 68 -52.11 -19.66 49.72
N GLU B 69 -52.28 -19.79 48.40
CA GLU B 69 -53.12 -20.85 47.79
C GLU B 69 -52.29 -22.15 47.75
N ASP B 70 -52.91 -23.33 47.55
CA ASP B 70 -52.22 -24.66 47.54
C ASP B 70 -51.43 -24.76 46.23
N THR B 71 -50.29 -25.46 46.11
CA THR B 71 -49.74 -25.52 44.73
C THR B 71 -50.63 -26.45 43.93
N PRO B 72 -50.86 -26.21 42.61
CA PRO B 72 -51.78 -27.07 41.85
C PRO B 72 -51.16 -28.43 41.55
N ASP B 73 -49.79 -28.48 41.48
CA ASP B 73 -48.87 -29.65 41.30
C ASP B 73 -49.48 -30.85 42.02
N LEU B 74 -49.55 -32.01 41.39
CA LEU B 74 -50.45 -33.12 41.87
C LEU B 74 -49.78 -33.84 43.04
N LYS B 75 -48.44 -33.78 43.05
CA LYS B 75 -47.50 -34.06 44.17
C LYS B 75 -48.23 -33.77 45.49
N TYR B 76 -48.64 -32.54 45.72
CA TYR B 76 -49.29 -32.05 46.96
C TYR B 76 -50.71 -32.59 47.00
N LYS B 77 -51.08 -33.36 48.01
CA LYS B 77 -52.49 -33.81 48.16
C LYS B 77 -53.11 -33.19 49.40
N GLY B 78 -52.94 -31.87 49.60
CA GLY B 78 -53.75 -31.11 50.58
C GLY B 78 -53.18 -31.18 52.00
N GLU B 79 -52.04 -31.81 52.23
CA GLU B 79 -51.38 -31.85 53.57
C GLU B 79 -51.31 -30.40 54.06
N PRO B 80 -51.22 -30.08 55.38
CA PRO B 80 -51.71 -28.78 55.86
C PRO B 80 -50.50 -27.84 55.99
N THR B 81 -49.78 -27.54 54.89
CA THR B 81 -48.45 -26.87 54.84
C THR B 81 -48.56 -25.34 54.98
N ARG B 82 -47.43 -24.63 55.05
CA ARG B 82 -47.38 -23.20 55.48
C ARG B 82 -46.71 -22.34 54.41
N LEU B 83 -47.08 -21.05 54.42
CA LEU B 83 -46.39 -19.88 53.82
C LEU B 83 -46.04 -18.89 54.93
N VAL B 84 -44.86 -18.29 54.82
CA VAL B 84 -44.31 -17.29 55.77
C VAL B 84 -43.71 -16.12 54.98
N ILE B 85 -44.13 -14.90 55.30
CA ILE B 85 -43.62 -13.66 54.69
C ILE B 85 -43.11 -12.75 55.80
N GLY B 86 -41.88 -12.26 55.67
CA GLY B 86 -41.27 -11.32 56.63
C GLY B 86 -41.90 -9.94 56.57
N ASP B 87 -41.09 -8.90 56.75
CA ASP B 87 -41.51 -7.50 57.00
C ASP B 87 -41.12 -6.63 55.78
N HIS B 88 -41.70 -5.43 55.67
CA HIS B 88 -41.39 -4.40 54.64
C HIS B 88 -41.32 -5.03 53.24
N ASN B 89 -42.21 -5.95 52.89
CA ASN B 89 -42.24 -6.52 51.53
C ASN B 89 -43.32 -5.82 50.73
N VAL B 90 -43.15 -5.79 49.41
CA VAL B 90 -44.19 -5.33 48.45
C VAL B 90 -44.51 -6.43 47.46
N ILE B 91 -45.80 -6.74 47.39
CA ILE B 91 -46.35 -7.73 46.45
C ILE B 91 -47.33 -6.99 45.55
N ARG B 92 -46.90 -6.76 44.31
CA ARG B 92 -47.67 -5.96 43.32
C ARG B 92 -48.86 -6.75 42.79
N GLU B 93 -49.52 -6.15 41.81
CA GLU B 93 -50.85 -6.60 41.30
C GLU B 93 -50.69 -8.00 40.69
N GLY B 94 -51.47 -8.98 41.16
CA GLY B 94 -51.71 -10.25 40.45
C GLY B 94 -50.72 -11.34 40.81
N VAL B 95 -49.93 -11.09 41.84
CA VAL B 95 -48.90 -12.07 42.24
C VAL B 95 -49.59 -13.29 42.84
N THR B 96 -49.02 -14.45 42.57
CA THR B 96 -49.40 -15.75 43.17
C THR B 96 -48.24 -16.26 44.02
N ILE B 97 -48.53 -16.64 45.25
CA ILE B 97 -47.56 -17.31 46.15
C ILE B 97 -48.24 -18.55 46.70
N HIS B 98 -47.63 -19.72 46.52
CA HIS B 98 -48.21 -21.03 46.89
C HIS B 98 -47.52 -21.55 48.17
N ARG B 99 -48.26 -22.19 49.05
CA ARG B 99 -47.64 -22.78 50.24
C ARG B 99 -46.98 -24.11 49.83
N GLY B 100 -45.95 -24.43 50.61
CA GLY B 100 -45.12 -25.64 50.56
C GLY B 100 -45.92 -26.92 50.35
N THR B 101 -45.15 -28.00 50.27
CA THR B 101 -45.56 -29.43 50.10
C THR B 101 -44.84 -30.16 51.21
N VAL B 102 -45.37 -31.25 51.77
CA VAL B 102 -44.62 -32.00 52.84
C VAL B 102 -43.36 -32.62 52.23
N GLN B 103 -43.38 -32.98 50.94
CA GLN B 103 -42.25 -33.60 50.21
C GLN B 103 -40.93 -32.83 50.47
N ASP B 104 -40.88 -31.50 50.46
CA ASP B 104 -39.61 -30.71 50.71
C ASP B 104 -39.71 -30.16 52.14
N ARG B 105 -39.68 -28.85 52.43
CA ARG B 105 -39.58 -28.40 53.82
C ARG B 105 -40.96 -28.02 54.36
N ALA B 106 -42.03 -28.21 53.58
CA ALA B 106 -43.41 -28.01 54.04
C ALA B 106 -43.68 -26.52 54.23
N GLU B 107 -42.82 -25.66 53.69
CA GLU B 107 -42.97 -24.21 53.83
C GLU B 107 -42.29 -23.49 52.67
N THR B 108 -43.07 -22.58 52.09
CA THR B 108 -42.69 -21.47 51.20
C THR B 108 -42.36 -20.26 52.07
N THR B 109 -41.27 -19.55 51.81
CA THR B 109 -40.70 -18.56 52.78
C THR B 109 -40.17 -17.31 52.08
N ILE B 110 -40.55 -16.14 52.57
CA ILE B 110 -40.06 -14.85 52.04
C ILE B 110 -39.57 -14.01 53.20
N GLY B 111 -38.38 -13.41 53.03
CA GLY B 111 -37.67 -12.59 54.04
C GLY B 111 -38.22 -11.18 54.09
N ASP B 112 -37.36 -10.18 54.18
CA ASP B 112 -37.74 -8.75 54.41
C ASP B 112 -37.36 -7.90 53.17
N HIS B 113 -37.96 -6.72 52.99
CA HIS B 113 -37.55 -5.65 52.03
C HIS B 113 -37.56 -6.12 50.56
N ASN B 114 -38.29 -7.19 50.25
CA ASN B 114 -38.38 -7.72 48.86
C ASN B 114 -39.47 -7.00 48.08
N LEU B 115 -39.21 -6.82 46.79
CA LEU B 115 -40.13 -6.23 45.81
C LEU B 115 -40.48 -7.31 44.80
N ILE B 116 -41.74 -7.75 44.81
CA ILE B 116 -42.23 -8.78 43.88
C ILE B 116 -43.29 -8.12 43.00
N MET B 117 -42.97 -7.92 41.73
CA MET B 117 -43.83 -7.09 40.85
C MET B 117 -44.89 -7.93 40.19
N ALA B 118 -45.68 -7.27 39.36
CA ALA B 118 -46.97 -7.78 38.88
C ALA B 118 -46.88 -9.17 38.23
N TYR B 119 -47.89 -10.01 38.48
CA TYR B 119 -48.17 -11.28 37.75
C TYR B 119 -46.99 -12.27 38.00
N ALA B 120 -46.08 -11.95 38.94
CA ALA B 120 -45.00 -12.88 39.34
C ALA B 120 -45.62 -14.10 40.01
N HIS B 121 -44.91 -15.23 39.96
CA HIS B 121 -45.31 -16.49 40.61
C HIS B 121 -44.18 -16.99 41.49
N ILE B 122 -44.51 -17.46 42.68
CA ILE B 122 -43.54 -18.02 43.66
C ILE B 122 -44.04 -19.39 44.13
N GLY B 123 -43.68 -20.45 43.42
CA GLY B 123 -44.25 -21.81 43.54
C GLY B 123 -43.91 -22.47 44.86
N HIS B 124 -44.59 -23.59 45.15
CA HIS B 124 -44.43 -24.37 46.41
C HIS B 124 -42.98 -24.41 46.85
N ASP B 125 -42.70 -24.07 48.10
CA ASP B 125 -41.43 -24.41 48.79
C ASP B 125 -40.29 -23.49 48.37
N SER B 126 -40.55 -22.52 47.50
CA SER B 126 -39.51 -21.52 47.13
C SER B 126 -39.15 -20.75 48.40
N VAL B 127 -38.01 -20.09 48.39
CA VAL B 127 -37.46 -19.40 49.60
C VAL B 127 -36.70 -18.13 49.18
N ILE B 128 -37.18 -16.98 49.61
CA ILE B 128 -36.59 -15.68 49.21
C ILE B 128 -36.00 -14.99 50.44
N GLY B 129 -34.81 -14.43 50.25
CA GLY B 129 -34.03 -13.70 51.28
C GLY B 129 -34.56 -12.30 51.46
N ASN B 130 -33.69 -11.29 51.30
CA ASN B 130 -34.02 -9.85 51.56
C ASN B 130 -33.59 -8.96 50.39
N HIS B 131 -34.25 -7.82 50.23
CA HIS B 131 -33.89 -6.77 49.23
C HIS B 131 -33.81 -7.41 47.83
N CYS B 132 -34.55 -8.48 47.59
CA CYS B 132 -34.60 -9.09 46.24
C CYS B 132 -35.61 -8.31 45.41
N ILE B 133 -35.43 -8.29 44.10
CA ILE B 133 -36.47 -7.82 43.16
C ILE B 133 -36.79 -8.90 42.15
N LEU B 134 -38.05 -9.34 42.16
CA LEU B 134 -38.62 -10.21 41.11
C LEU B 134 -39.50 -9.31 40.25
N VAL B 135 -39.07 -9.07 39.03
CA VAL B 135 -39.81 -8.17 38.10
C VAL B 135 -41.01 -8.91 37.52
N ASN B 136 -41.89 -8.18 36.86
CA ASN B 136 -43.16 -8.66 36.25
C ASN B 136 -42.99 -10.10 35.70
N ASN B 137 -43.88 -11.02 36.12
CA ASN B 137 -44.11 -12.35 35.49
C ASN B 137 -42.93 -13.30 35.71
N THR B 138 -41.91 -12.86 36.45
CA THR B 138 -40.93 -13.79 37.01
C THR B 138 -41.69 -14.95 37.65
N ALA B 139 -41.13 -16.15 37.49
CA ALA B 139 -41.79 -17.41 37.85
C ALA B 139 -40.77 -18.39 38.43
N LEU B 140 -40.98 -18.79 39.67
CA LEU B 140 -40.15 -19.78 40.39
C LEU B 140 -40.94 -21.08 40.47
N ALA B 141 -40.61 -22.06 39.63
CA ALA B 141 -41.45 -23.25 39.38
C ALA B 141 -41.77 -23.96 40.69
N GLY B 142 -40.75 -24.06 41.55
CA GLY B 142 -40.85 -24.67 42.89
C GLY B 142 -39.48 -24.94 43.51
N HIS B 143 -39.44 -24.93 44.84
CA HIS B 143 -38.26 -25.19 45.71
C HIS B 143 -37.07 -24.35 45.24
N VAL B 144 -37.32 -23.17 44.69
CA VAL B 144 -36.26 -22.24 44.26
C VAL B 144 -35.81 -21.43 45.45
N HIS B 145 -34.50 -21.37 45.70
CA HIS B 145 -33.91 -20.48 46.73
C HIS B 145 -33.28 -19.27 46.02
N VAL B 146 -33.72 -18.07 46.38
CA VAL B 146 -33.20 -16.76 45.90
C VAL B 146 -32.53 -16.09 47.09
N ASP B 147 -31.20 -16.05 47.09
CA ASP B 147 -30.39 -15.38 48.13
C ASP B 147 -30.48 -13.87 47.93
N ASP B 148 -29.94 -13.06 48.84
CA ASP B 148 -30.28 -11.63 49.03
C ASP B 148 -29.83 -10.76 47.85
N TRP B 149 -30.55 -9.67 47.59
CA TRP B 149 -30.14 -8.59 46.64
C TRP B 149 -30.29 -9.06 45.20
N ALA B 150 -30.67 -10.31 44.98
CA ALA B 150 -30.80 -10.85 43.62
C ALA B 150 -31.86 -10.02 42.92
N ILE B 151 -31.69 -9.91 41.62
CA ILE B 151 -32.65 -9.24 40.72
C ILE B 151 -32.95 -10.17 39.57
N LEU B 152 -34.21 -10.52 39.43
CA LEU B 152 -34.69 -11.28 38.26
C LEU B 152 -35.50 -10.31 37.40
N SER B 153 -34.93 -9.92 36.26
CA SER B 153 -35.60 -9.07 35.24
C SER B 153 -36.92 -9.75 34.84
N GLY B 154 -37.76 -9.04 34.08
CA GLY B 154 -39.12 -9.46 33.73
C GLY B 154 -39.14 -10.82 33.04
N TYR B 155 -40.16 -11.64 33.33
CA TYR B 155 -40.44 -12.88 32.58
C TYR B 155 -39.20 -13.80 32.65
N THR B 156 -38.53 -13.77 33.80
CA THR B 156 -37.45 -14.71 34.14
C THR B 156 -38.08 -15.98 34.68
N LEU B 157 -37.68 -17.13 34.13
CA LEU B 157 -38.25 -18.45 34.47
C LEU B 157 -37.17 -19.29 35.13
N VAL B 158 -37.51 -19.96 36.24
CA VAL B 158 -36.49 -20.63 37.09
C VAL B 158 -36.96 -22.05 37.43
N HIS B 159 -36.26 -23.08 36.93
CA HIS B 159 -36.77 -24.48 36.89
C HIS B 159 -36.71 -25.04 38.32
N GLN B 160 -37.60 -25.99 38.65
CA GLN B 160 -37.71 -26.66 39.99
C GLN B 160 -36.28 -26.61 40.58
N TYR B 161 -36.08 -26.21 41.84
CA TYR B 161 -34.89 -26.54 42.67
C TYR B 161 -33.63 -25.67 42.38
N CYS B 162 -33.66 -24.71 41.46
CA CYS B 162 -32.47 -23.89 41.18
C CYS B 162 -32.19 -22.91 42.32
N ARG B 163 -30.92 -22.59 42.55
CA ARG B 163 -30.45 -21.58 43.53
C ARG B 163 -29.97 -20.37 42.76
N ILE B 164 -30.60 -19.23 43.01
CA ILE B 164 -30.14 -17.90 42.50
C ILE B 164 -29.30 -17.30 43.62
N GLY B 165 -27.96 -17.39 43.49
CA GLY B 165 -27.00 -16.79 44.46
C GLY B 165 -27.19 -15.28 44.58
N ALA B 166 -26.63 -14.71 45.65
CA ALA B 166 -26.84 -13.30 46.04
C ALA B 166 -26.24 -12.29 45.07
N HIS B 167 -26.91 -11.15 44.88
CA HIS B 167 -26.55 -10.05 43.96
C HIS B 167 -26.56 -10.52 42.51
N SER B 168 -26.92 -11.77 42.28
CA SER B 168 -27.01 -12.29 40.91
C SER B 168 -28.08 -11.49 40.19
N PHE B 169 -28.10 -11.61 38.88
CA PHE B 169 -28.98 -10.85 37.98
C PHE B 169 -29.32 -11.68 36.75
N SER B 170 -30.60 -11.94 36.53
CA SER B 170 -31.13 -12.49 35.26
C SER B 170 -31.66 -11.35 34.39
N GLY B 171 -31.37 -11.39 33.09
CA GLY B 171 -31.95 -10.46 32.11
C GLY B 171 -33.38 -10.84 31.76
N MET B 172 -34.08 -10.04 30.96
CA MET B 172 -35.51 -10.30 30.67
C MET B 172 -35.60 -11.55 29.80
N GLY B 173 -36.69 -12.31 29.96
CA GLY B 173 -36.93 -13.60 29.27
C GLY B 173 -35.85 -14.63 29.50
N SER B 174 -35.04 -14.52 30.55
CA SER B 174 -34.06 -15.56 30.94
C SER B 174 -34.80 -16.83 31.34
N ALA B 175 -34.25 -17.98 30.95
CA ALA B 175 -34.81 -19.32 31.20
C ALA B 175 -33.81 -20.18 31.97
N ILE B 176 -33.81 -20.02 33.28
CA ILE B 176 -32.73 -20.51 34.17
C ILE B 176 -32.98 -21.98 34.52
N GLY B 177 -32.20 -22.90 33.98
CA GLY B 177 -32.36 -24.36 34.16
C GLY B 177 -31.44 -24.91 35.24
N LYS B 178 -30.52 -24.09 35.74
CA LYS B 178 -29.45 -24.51 36.69
C LYS B 178 -29.00 -23.34 37.53
N ASP B 179 -28.31 -23.60 38.61
CA ASP B 179 -27.94 -22.56 39.60
C ASP B 179 -27.27 -21.35 38.96
N VAL B 180 -27.57 -20.16 39.48
CA VAL B 180 -26.87 -18.91 39.15
C VAL B 180 -26.00 -18.50 40.33
N PRO B 181 -24.66 -18.52 40.14
CA PRO B 181 -23.74 -18.15 41.22
C PRO B 181 -23.95 -16.72 41.69
N ALA B 182 -23.59 -16.44 42.93
CA ALA B 182 -23.58 -15.06 43.48
C ALA B 182 -22.98 -14.12 42.45
N TYR B 183 -23.58 -12.93 42.27
CA TYR B 183 -23.03 -11.79 41.49
C TYR B 183 -23.15 -11.98 39.98
N VAL B 184 -23.49 -13.17 39.49
CA VAL B 184 -23.38 -13.46 38.03
C VAL B 184 -24.57 -12.86 37.29
N THR B 185 -24.32 -12.29 36.11
CA THR B 185 -25.38 -11.86 35.17
C THR B 185 -25.63 -13.02 34.19
N VAL B 186 -26.87 -13.43 34.03
CA VAL B 186 -27.25 -14.51 33.06
C VAL B 186 -28.35 -13.98 32.14
N PHE B 187 -28.37 -14.45 30.91
CA PHE B 187 -29.27 -13.93 29.85
C PHE B 187 -29.73 -15.06 28.95
N GLY B 188 -31.00 -15.05 28.58
CA GLY B 188 -31.52 -15.76 27.40
C GLY B 188 -32.06 -17.16 27.70
N ASN B 189 -32.43 -17.85 26.61
CA ASN B 189 -33.14 -19.16 26.68
C ASN B 189 -32.39 -20.15 25.82
N PRO B 190 -31.57 -21.03 26.46
CA PRO B 190 -31.55 -21.14 27.91
C PRO B 190 -30.51 -20.16 28.48
N ALA B 191 -30.73 -19.68 29.71
CA ALA B 191 -29.82 -18.77 30.45
C ALA B 191 -28.37 -19.20 30.24
N GLU B 192 -27.48 -18.28 29.84
CA GLU B 192 -26.00 -18.44 29.93
C GLU B 192 -25.45 -17.33 30.81
N ALA B 193 -24.24 -17.52 31.35
CA ALA B 193 -23.48 -16.51 32.13
C ALA B 193 -22.96 -15.48 31.13
N ARG B 194 -22.87 -14.19 31.50
CA ARG B 194 -22.21 -13.16 30.67
C ARG B 194 -21.10 -12.49 31.47
N SER B 195 -21.46 -11.80 32.55
CA SER B 195 -20.53 -11.04 33.40
C SER B 195 -20.87 -11.27 34.86
N MET B 196 -20.26 -10.48 35.72
CA MET B 196 -20.74 -10.26 37.10
C MET B 196 -21.43 -8.91 37.09
N ASN B 197 -22.24 -8.70 38.12
CA ASN B 197 -23.19 -7.58 38.25
C ASN B 197 -22.47 -6.46 38.97
N PHE B 198 -21.56 -5.80 38.28
CA PHE B 198 -20.70 -4.75 38.87
C PHE B 198 -21.66 -3.67 39.37
N GLU B 199 -22.72 -3.46 38.61
CA GLU B 199 -23.78 -2.50 38.99
C GLU B 199 -24.03 -2.63 40.51
N GLY B 200 -24.77 -3.65 40.91
CA GLY B 200 -25.27 -3.83 42.29
C GLY B 200 -24.15 -4.10 43.27
N MET B 201 -22.91 -4.18 42.80
CA MET B 201 -21.68 -4.18 43.64
C MET B 201 -21.32 -2.75 44.01
N ARG B 202 -21.34 -1.82 43.03
CA ARG B 202 -21.09 -0.39 43.31
C ARG B 202 -22.21 0.00 44.27
N ARG B 203 -23.47 -0.41 43.99
CA ARG B 203 -24.64 -0.10 44.85
C ARG B 203 -24.36 -0.55 46.29
N ARG B 204 -23.78 -1.72 46.54
CA ARG B 204 -23.46 -2.14 47.93
C ARG B 204 -22.19 -1.45 48.46
N GLY B 205 -21.54 -0.61 47.66
CA GLY B 205 -20.31 0.12 48.05
C GLY B 205 -19.14 -0.82 48.27
N PHE B 206 -19.07 -1.95 47.58
CA PHE B 206 -17.92 -2.89 47.59
C PHE B 206 -16.63 -2.12 47.32
N SER B 207 -15.52 -2.54 47.91
CA SER B 207 -14.18 -1.92 47.66
C SER B 207 -13.81 -2.21 46.23
N SER B 208 -12.94 -1.42 45.61
CA SER B 208 -12.51 -1.68 44.22
C SER B 208 -11.74 -2.99 44.20
N GLU B 209 -10.89 -3.29 45.21
CA GLU B 209 -10.11 -4.57 45.23
C GLU B 209 -11.11 -5.71 45.10
N ALA B 210 -12.21 -5.63 45.84
CA ALA B 210 -13.23 -6.68 45.94
C ALA B 210 -13.88 -6.86 44.57
N ILE B 211 -14.23 -5.75 43.91
CA ILE B 211 -14.80 -5.82 42.54
C ILE B 211 -13.79 -6.54 41.64
N HIS B 212 -12.58 -5.98 41.45
CA HIS B 212 -11.51 -6.59 40.60
C HIS B 212 -11.38 -8.07 40.95
N ALA B 213 -11.38 -8.43 42.24
CA ALA B 213 -11.16 -9.82 42.72
C ALA B 213 -12.26 -10.74 42.25
N LEU B 214 -13.48 -10.18 42.18
CA LEU B 214 -14.71 -10.87 41.72
C LEU B 214 -14.66 -11.02 40.21
N ARG B 215 -14.17 -10.03 39.47
CA ARG B 215 -13.91 -10.21 38.02
C ARG B 215 -12.90 -11.36 37.90
N ARG B 216 -11.75 -11.32 38.58
CA ARG B 216 -10.73 -12.41 38.50
C ARG B 216 -11.47 -13.74 38.67
N ALA B 217 -12.31 -13.80 39.70
CA ALA B 217 -13.01 -15.03 40.12
C ALA B 217 -13.91 -15.54 39.00
N TYR B 218 -14.69 -14.65 38.37
CA TYR B 218 -15.54 -14.98 37.21
C TYR B 218 -14.67 -15.67 36.17
N LYS B 219 -13.63 -14.93 35.77
CA LYS B 219 -12.73 -15.29 34.65
C LYS B 219 -12.31 -16.73 34.88
N VAL B 220 -12.01 -17.10 36.13
CA VAL B 220 -11.46 -18.43 36.54
C VAL B 220 -12.44 -19.54 36.15
N VAL B 221 -13.64 -19.41 36.70
CA VAL B 221 -14.74 -20.39 36.58
C VAL B 221 -14.99 -20.63 35.09
N TYR B 222 -15.35 -19.53 34.44
CA TYR B 222 -16.02 -19.45 33.13
C TYR B 222 -14.98 -19.35 32.02
N ARG B 223 -14.38 -18.18 31.87
CA ARG B 223 -13.55 -17.82 30.70
C ARG B 223 -12.12 -18.45 30.79
N GLN B 224 -11.74 -19.32 31.73
CA GLN B 224 -10.40 -19.99 31.65
C GLN B 224 -10.59 -21.47 31.27
N GLY B 225 -11.85 -21.85 31.00
CA GLY B 225 -12.35 -23.24 31.05
C GLY B 225 -11.49 -24.11 31.96
N HIS B 226 -11.32 -23.73 33.22
CA HIS B 226 -11.03 -24.76 34.24
C HIS B 226 -12.31 -25.61 34.31
N THR B 227 -12.26 -26.86 34.81
CA THR B 227 -13.48 -27.61 35.22
C THR B 227 -14.25 -26.77 36.26
N VAL B 228 -15.37 -27.27 36.76
CA VAL B 228 -16.06 -26.66 37.94
C VAL B 228 -15.12 -26.88 39.14
N GLU B 229 -14.76 -28.14 39.43
CA GLU B 229 -13.88 -28.52 40.57
C GLU B 229 -12.56 -27.75 40.51
N GLU B 230 -11.97 -27.69 39.32
CA GLU B 230 -10.64 -27.10 39.10
C GLU B 230 -10.69 -25.67 39.58
N ALA B 231 -11.76 -24.96 39.25
CA ALA B 231 -11.89 -23.51 39.54
C ALA B 231 -12.10 -23.34 41.05
N LEU B 232 -12.98 -24.14 41.65
CA LEU B 232 -13.26 -24.04 43.10
C LEU B 232 -11.94 -24.06 43.88
N ALA B 233 -11.02 -24.89 43.38
CA ALA B 233 -9.66 -25.04 43.89
C ALA B 233 -8.90 -23.71 43.78
N GLU B 234 -8.88 -23.13 42.58
CA GLU B 234 -8.18 -21.87 42.30
C GLU B 234 -8.66 -20.79 43.27
N LEU B 235 -9.97 -20.64 43.35
CA LEU B 235 -10.65 -19.54 44.08
C LEU B 235 -10.20 -19.51 45.55
N ALA B 236 -10.19 -20.65 46.24
CA ALA B 236 -9.59 -20.89 47.58
C ALA B 236 -8.78 -19.70 48.13
N GLU B 237 -7.61 -19.39 47.53
CA GLU B 237 -6.76 -18.19 47.84
C GLU B 237 -7.63 -16.93 47.83
N SER B 238 -8.09 -16.53 46.62
CA SER B 238 -9.02 -15.40 46.31
C SER B 238 -10.06 -15.24 47.44
N ALA B 239 -10.55 -16.36 48.00
CA ALA B 239 -11.76 -16.43 48.82
C ALA B 239 -11.43 -16.25 50.31
N ALA B 240 -10.22 -16.63 50.71
CA ALA B 240 -9.72 -16.30 52.06
C ALA B 240 -9.57 -14.78 52.15
N GLN B 241 -8.90 -14.26 51.11
CA GLN B 241 -8.55 -12.83 50.95
C GLN B 241 -9.81 -11.96 51.05
N PHE B 242 -10.92 -12.36 50.43
CA PHE B 242 -12.11 -11.49 50.23
C PHE B 242 -13.38 -12.25 50.56
N PRO B 243 -13.96 -12.00 51.73
CA PRO B 243 -15.31 -12.46 52.02
C PRO B 243 -16.28 -12.35 50.83
N GLU B 244 -16.15 -11.32 50.00
CA GLU B 244 -17.05 -11.13 48.82
C GLU B 244 -16.90 -12.33 47.85
N VAL B 245 -15.66 -12.77 47.60
CA VAL B 245 -15.34 -13.88 46.67
C VAL B 245 -15.84 -15.17 47.33
N ALA B 246 -15.59 -15.28 48.62
CA ALA B 246 -15.97 -16.43 49.46
C ALA B 246 -17.37 -16.88 49.09
N VAL B 247 -18.30 -15.93 49.19
CA VAL B 247 -19.73 -16.04 48.79
C VAL B 247 -19.90 -16.70 47.42
N PHE B 248 -19.13 -16.20 46.45
CA PHE B 248 -19.16 -16.65 45.05
C PHE B 248 -18.67 -18.09 45.00
N ARG B 249 -17.51 -18.40 45.59
CA ARG B 249 -17.04 -19.80 45.68
C ARG B 249 -18.14 -20.64 46.34
N ASP B 250 -18.61 -20.23 47.51
CA ASP B 250 -19.66 -20.95 48.29
C ASP B 250 -20.89 -21.17 47.39
N SER B 251 -21.34 -20.20 46.59
CA SER B 251 -22.50 -20.47 45.70
C SER B 251 -22.17 -21.69 44.82
N ILE B 252 -21.04 -21.62 44.11
CA ILE B 252 -20.63 -22.63 43.10
C ILE B 252 -20.45 -23.99 43.80
N GLN B 253 -19.83 -23.98 44.97
CA GLN B 253 -19.68 -25.18 45.82
C GLN B 253 -20.95 -26.02 45.74
N SER B 254 -21.95 -25.64 46.54
CA SER B 254 -23.10 -26.50 46.88
C SER B 254 -24.13 -26.30 45.76
N ALA B 255 -23.63 -26.41 44.54
CA ALA B 255 -24.41 -26.66 43.32
C ALA B 255 -23.95 -27.96 42.67
N THR B 256 -22.66 -28.31 42.80
CA THR B 256 -22.05 -29.54 42.21
C THR B 256 -21.61 -30.41 43.38
N ARG B 257 -22.27 -31.51 43.73
CA ARG B 257 -21.58 -32.51 44.59
C ARG B 257 -21.00 -33.62 43.71
N GLY B 258 -21.59 -33.85 42.53
CA GLY B 258 -21.20 -34.95 41.60
C GLY B 258 -21.28 -36.34 42.23
N ILE B 259 -20.80 -37.34 41.51
CA ILE B 259 -20.81 -38.77 41.95
C ILE B 259 -19.37 -39.26 42.01
N THR B 260 -19.13 -40.39 42.66
CA THR B 260 -17.87 -41.15 42.57
C THR B 260 -17.70 -41.60 41.13
N ARG B 261 -16.72 -41.06 40.40
CA ARG B 261 -16.27 -41.68 39.14
C ARG B 261 -15.16 -42.66 39.53
N MET C 4 -80.28 -0.01 31.62
CA MET C 4 -81.20 1.05 32.20
C MET C 4 -80.43 1.99 33.18
N SER C 5 -79.59 1.44 34.09
CA SER C 5 -78.64 2.04 35.09
C SER C 5 -77.17 2.03 34.58
N LEU C 6 -76.48 3.21 34.70
CA LEU C 6 -75.15 3.36 34.03
C LEU C 6 -74.01 2.88 34.89
N ILE C 7 -73.79 3.65 35.97
CA ILE C 7 -72.69 3.43 36.96
C ILE C 7 -73.27 2.51 38.02
N ASP C 8 -72.81 1.26 38.05
CA ASP C 8 -73.27 0.24 39.02
C ASP C 8 -73.18 0.80 40.43
N PRO C 9 -74.15 0.50 41.31
CA PRO C 9 -74.06 1.00 42.68
C PRO C 9 -72.97 0.26 43.46
N ARG C 10 -72.56 -0.96 43.09
CA ARG C 10 -71.54 -1.70 43.89
C ARG C 10 -70.13 -1.20 43.55
N ALA C 11 -70.00 -0.28 42.60
CA ALA C 11 -68.72 0.32 42.20
C ALA C 11 -68.42 1.49 43.12
N ILE C 12 -67.15 1.84 43.29
CA ILE C 12 -66.70 3.00 44.11
C ILE C 12 -66.20 4.09 43.18
N ILE C 13 -66.74 5.29 43.31
CA ILE C 13 -66.26 6.48 42.57
C ILE C 13 -65.83 7.55 43.58
N ASP C 14 -64.58 7.99 43.49
CA ASP C 14 -64.07 9.11 44.31
C ASP C 14 -64.91 10.36 44.03
N PRO C 15 -65.20 11.19 45.04
CA PRO C 15 -65.83 12.49 44.77
C PRO C 15 -64.99 13.32 43.79
N SER C 16 -63.67 13.22 43.89
CA SER C 16 -62.73 14.04 43.07
C SER C 16 -62.76 13.55 41.61
N ALA C 17 -63.13 12.30 41.31
CA ALA C 17 -63.15 11.75 39.93
C ALA C 17 -64.23 12.48 39.14
N ARG C 18 -64.17 12.45 37.80
CA ARG C 18 -65.16 13.20 36.99
C ARG C 18 -65.34 12.49 35.65
N LEU C 19 -66.59 12.09 35.33
CA LEU C 19 -67.04 11.11 34.28
C LEU C 19 -68.12 11.73 33.37
N ALA C 20 -67.92 11.83 32.05
CA ALA C 20 -68.94 12.35 31.10
C ALA C 20 -70.24 11.55 31.23
N ALA C 21 -71.38 12.11 30.79
CA ALA C 21 -72.75 11.66 31.18
C ALA C 21 -72.93 10.14 31.03
N ASP C 22 -72.70 9.62 29.82
CA ASP C 22 -73.08 8.24 29.39
C ASP C 22 -71.91 7.25 29.57
N VAL C 23 -70.99 7.55 30.47
CA VAL C 23 -69.98 6.56 30.94
C VAL C 23 -70.71 5.52 31.76
N GLN C 24 -70.24 4.28 31.62
CA GLN C 24 -70.64 3.15 32.48
C GLN C 24 -69.48 2.61 33.28
N VAL C 25 -69.80 2.08 34.45
CA VAL C 25 -68.85 1.36 35.35
C VAL C 25 -69.55 0.10 35.87
N GLY C 26 -68.96 -1.07 35.59
CA GLY C 26 -69.41 -2.39 36.09
C GLY C 26 -69.27 -2.42 37.62
N PRO C 27 -69.78 -3.47 38.29
CA PRO C 27 -69.66 -3.56 39.74
C PRO C 27 -68.23 -3.78 40.26
N TRP C 28 -67.91 -3.32 41.48
CA TRP C 28 -66.67 -3.64 42.21
C TRP C 28 -65.45 -2.99 41.54
N SER C 29 -65.73 -2.11 40.60
CA SER C 29 -64.67 -1.31 39.95
C SER C 29 -64.50 -0.07 40.81
N ILE C 30 -63.28 0.42 40.92
CA ILE C 30 -62.91 1.62 41.70
C ILE C 30 -62.41 2.66 40.71
N VAL C 31 -62.95 3.86 40.80
CA VAL C 31 -62.47 5.03 40.02
C VAL C 31 -61.81 5.99 41.03
N GLY C 32 -60.52 5.74 41.34
CA GLY C 32 -59.66 6.48 42.30
C GLY C 32 -59.80 7.98 42.12
N ALA C 33 -59.27 8.79 43.02
CA ALA C 33 -59.34 10.26 42.89
C ALA C 33 -58.65 10.67 41.60
N GLU C 34 -58.98 11.85 41.07
CA GLU C 34 -58.24 12.52 39.96
C GLU C 34 -58.37 11.74 38.67
N VAL C 35 -59.33 10.83 38.58
CA VAL C 35 -59.54 10.04 37.34
C VAL C 35 -60.66 10.71 36.55
N GLU C 36 -60.38 10.98 35.28
CA GLU C 36 -61.28 11.68 34.34
C GLU C 36 -61.63 10.66 33.26
N ILE C 37 -62.91 10.45 32.97
CA ILE C 37 -63.33 9.44 31.96
C ILE C 37 -64.23 10.11 30.92
N GLY C 38 -63.81 10.09 29.65
CA GLY C 38 -64.48 10.78 28.53
C GLY C 38 -65.77 10.09 28.12
N GLU C 39 -66.59 10.81 27.36
CA GLU C 39 -67.90 10.37 26.80
C GLU C 39 -67.88 8.92 26.30
N GLY C 40 -68.93 8.13 26.60
CA GLY C 40 -69.25 6.84 25.96
C GLY C 40 -68.29 5.70 26.30
N THR C 41 -67.36 5.93 27.22
CA THR C 41 -66.40 4.90 27.70
C THR C 41 -67.17 3.90 28.56
N VAL C 42 -66.68 2.67 28.61
CA VAL C 42 -67.24 1.55 29.43
C VAL C 42 -66.14 0.98 30.31
N ILE C 43 -66.35 0.96 31.61
CA ILE C 43 -65.44 0.27 32.57
C ILE C 43 -66.13 -1.03 32.98
N GLY C 44 -65.49 -2.18 32.73
CA GLY C 44 -66.04 -3.49 33.11
C GLY C 44 -66.14 -3.63 34.62
N PRO C 45 -66.53 -4.81 35.13
CA PRO C 45 -66.43 -5.11 36.56
C PRO C 45 -64.99 -5.29 37.05
N HIS C 46 -64.79 -5.42 38.37
CA HIS C 46 -63.47 -5.50 39.06
C HIS C 46 -62.36 -4.77 38.29
N VAL C 47 -62.53 -3.48 38.00
CA VAL C 47 -61.42 -2.65 37.46
C VAL C 47 -60.94 -1.76 38.60
N VAL C 48 -59.70 -1.30 38.47
CA VAL C 48 -59.05 -0.34 39.41
C VAL C 48 -58.43 0.74 38.54
N LEU C 49 -59.00 1.95 38.61
CA LEU C 49 -58.39 3.18 38.05
C LEU C 49 -57.81 4.00 39.22
N LYS C 50 -56.62 4.55 39.00
CA LYS C 50 -55.97 5.49 39.94
C LYS C 50 -55.49 6.64 39.11
N GLY C 51 -55.35 7.83 39.71
CA GLY C 51 -55.03 9.09 39.00
C GLY C 51 -53.70 9.66 39.45
N PRO C 52 -53.29 10.87 39.03
CA PRO C 52 -54.04 11.65 38.04
C PRO C 52 -54.02 10.98 36.66
N THR C 53 -55.19 10.64 36.14
CA THR C 53 -55.34 9.85 34.90
C THR C 53 -56.46 10.45 34.09
N LYS C 54 -56.30 10.54 32.79
CA LYS C 54 -57.25 11.12 31.86
C LYS C 54 -57.57 10.05 30.81
N ILE C 55 -58.80 9.56 30.77
CA ILE C 55 -59.24 8.52 29.80
C ILE C 55 -60.21 9.16 28.81
N GLY C 56 -59.90 9.08 27.52
CA GLY C 56 -60.68 9.71 26.44
C GLY C 56 -62.05 9.04 26.27
N LYS C 57 -62.57 9.07 25.04
CA LYS C 57 -63.99 8.78 24.69
C LYS C 57 -64.09 7.38 24.10
N HIS C 58 -65.24 6.73 24.23
CA HIS C 58 -65.55 5.41 23.63
C HIS C 58 -64.40 4.40 23.85
N ASN C 59 -63.89 4.26 25.08
CA ASN C 59 -62.92 3.19 25.42
C ASN C 59 -63.69 2.04 26.09
N ARG C 60 -63.20 0.81 25.98
CA ARG C 60 -63.78 -0.41 26.57
C ARG C 60 -62.60 -0.95 27.40
N ILE C 61 -62.66 -0.91 28.75
CA ILE C 61 -61.62 -1.49 29.67
C ILE C 61 -62.20 -2.67 30.47
N TYR C 62 -61.52 -3.81 30.50
CA TYR C 62 -62.05 -5.07 31.09
C TYR C 62 -61.53 -5.31 32.50
N GLN C 63 -62.07 -6.37 33.12
CA GLN C 63 -61.84 -6.82 34.52
C GLN C 63 -60.35 -7.03 34.83
N PHE C 64 -59.92 -6.87 36.11
CA PHE C 64 -58.59 -7.28 36.65
C PHE C 64 -57.47 -6.34 36.16
N SER C 65 -57.90 -5.30 35.43
CA SER C 65 -57.05 -4.24 34.87
C SER C 65 -56.79 -3.23 35.98
N SER C 66 -55.52 -2.85 36.14
CA SER C 66 -55.05 -1.90 37.15
C SER C 66 -54.40 -0.76 36.34
N VAL C 67 -55.23 0.19 35.93
CA VAL C 67 -54.89 1.30 35.01
C VAL C 67 -54.68 2.61 35.78
N GLY C 68 -53.44 3.08 35.78
CA GLY C 68 -53.01 4.33 36.43
C GLY C 68 -52.42 4.10 37.80
N GLU C 69 -51.84 2.91 38.08
CA GLU C 69 -51.13 2.65 39.37
C GLU C 69 -49.70 3.26 39.25
N ASP C 70 -48.97 3.47 40.35
CA ASP C 70 -47.59 4.07 40.36
C ASP C 70 -46.61 3.03 39.79
N THR C 71 -45.50 3.39 39.13
CA THR C 71 -44.62 2.24 38.75
C THR C 71 -43.96 1.73 40.01
N PRO C 72 -43.69 0.41 40.17
CA PRO C 72 -43.09 -0.10 41.40
C PRO C 72 -41.62 0.27 41.51
N ASP C 73 -40.93 0.45 40.34
CA ASP C 73 -39.53 0.89 40.10
C ASP C 73 -39.14 1.90 41.19
N LEU C 74 -38.00 1.77 41.83
CA LEU C 74 -37.76 2.51 43.12
C LEU C 74 -37.39 3.97 42.83
N LYS C 75 -36.82 4.16 41.64
CA LYS C 75 -36.62 5.44 40.90
C LYS C 75 -37.75 6.41 41.32
N TYR C 76 -39.00 6.05 41.05
CA TYR C 76 -40.20 6.89 41.35
C TYR C 76 -40.46 6.89 42.85
N LYS C 77 -40.43 8.03 43.51
CA LYS C 77 -40.81 8.10 44.95
C LYS C 77 -42.11 8.90 45.11
N GLY C 78 -43.13 8.61 44.31
CA GLY C 78 -44.51 9.09 44.58
C GLY C 78 -44.79 10.49 44.05
N GLU C 79 -43.85 11.13 43.36
CA GLU C 79 -44.07 12.47 42.73
C GLU C 79 -45.38 12.36 41.94
N PRO C 80 -46.13 13.47 41.64
CA PRO C 80 -47.57 13.34 41.44
C PRO C 80 -47.85 13.27 39.92
N THR C 81 -47.31 12.26 39.22
CA THR C 81 -47.25 12.16 37.73
C THR C 81 -48.56 11.68 37.10
N ARG C 82 -48.65 11.63 35.76
CA ARG C 82 -49.93 11.47 35.01
C ARG C 82 -49.84 10.27 34.07
N LEU C 83 -51.04 9.71 33.78
CA LEU C 83 -51.39 8.82 32.65
C LEU C 83 -52.47 9.49 31.81
N VAL C 84 -52.36 9.32 30.49
CA VAL C 84 -53.31 9.85 29.48
C VAL C 84 -53.61 8.75 28.46
N ILE C 85 -54.89 8.50 28.23
CA ILE C 85 -55.39 7.53 27.22
C ILE C 85 -56.33 8.26 26.29
N GLY C 86 -56.11 8.15 24.98
CA GLY C 86 -56.97 8.74 23.95
C GLY C 86 -58.32 8.05 23.85
N ASP C 87 -58.84 7.94 22.63
CA ASP C 87 -60.24 7.55 22.33
C ASP C 87 -60.25 6.18 21.63
N HIS C 88 -61.41 5.51 21.58
CA HIS C 88 -61.65 4.23 20.85
C HIS C 88 -60.54 3.21 21.16
N ASN C 89 -60.08 3.10 22.41
CA ASN C 89 -59.08 2.08 22.77
C ASN C 89 -59.79 0.92 23.42
N VAL C 90 -59.19 -0.27 23.31
CA VAL C 90 -59.61 -1.48 24.05
C VAL C 90 -58.47 -2.00 24.92
N ILE C 91 -58.79 -2.14 26.20
CA ILE C 91 -57.86 -2.69 27.20
C ILE C 91 -58.50 -3.95 27.76
N ARG C 92 -57.95 -5.09 27.36
CA ARG C 92 -58.49 -6.43 27.70
C ARG C 92 -58.18 -6.78 29.16
N GLU C 93 -58.53 -8.00 29.53
CA GLU C 93 -58.55 -8.49 30.92
C GLU C 93 -57.12 -8.47 31.49
N GLY C 94 -56.90 -7.77 32.60
CA GLY C 94 -55.71 -7.94 33.47
C GLY C 94 -54.56 -7.03 33.08
N VAL C 95 -54.84 -6.07 32.21
CA VAL C 95 -53.77 -5.15 31.75
C VAL C 95 -53.38 -4.25 32.90
N THR C 96 -52.09 -3.93 32.96
CA THR C 96 -51.51 -2.94 33.89
C THR C 96 -50.94 -1.80 33.06
N ILE C 97 -51.30 -0.57 33.44
CA ILE C 97 -50.71 0.66 32.87
C ILE C 97 -50.27 1.54 34.03
N HIS C 98 -49.00 1.93 34.06
CA HIS C 98 -48.39 2.68 35.18
C HIS C 98 -48.20 4.15 34.75
N ARG C 99 -48.41 5.08 35.65
CA ARG C 99 -48.17 6.50 35.32
C ARG C 99 -46.65 6.76 35.39
N GLY C 100 -46.26 7.76 34.60
CA GLY C 100 -44.92 8.31 34.45
C GLY C 100 -44.18 8.50 35.76
N THR C 101 -42.95 8.98 35.60
CA THR C 101 -41.94 9.32 36.63
C THR C 101 -41.49 10.73 36.31
N VAL C 102 -41.11 11.57 37.27
CA VAL C 102 -40.64 12.95 36.92
C VAL C 102 -39.33 12.84 36.14
N GLN C 103 -38.51 11.81 36.39
CA GLN C 103 -37.21 11.56 35.72
C GLN C 103 -37.32 11.70 34.20
N ASP C 104 -38.36 11.20 33.51
CA ASP C 104 -38.51 11.31 32.02
C ASP C 104 -39.58 12.39 31.77
N ARG C 105 -40.71 12.14 31.10
CA ARG C 105 -41.60 13.26 30.72
C ARG C 105 -42.76 13.35 31.72
N ALA C 106 -42.77 12.54 32.78
CA ALA C 106 -43.74 12.67 33.88
C ALA C 106 -45.12 12.21 33.40
N GLU C 107 -45.17 11.51 32.27
CA GLU C 107 -46.46 11.04 31.70
C GLU C 107 -46.21 9.82 30.83
N THR C 108 -47.06 8.81 31.12
CA THR C 108 -47.37 7.62 30.30
C THR C 108 -48.54 7.97 29.40
N THR C 109 -48.49 7.65 28.11
CA THR C 109 -49.42 8.20 27.09
C THR C 109 -49.86 7.16 26.07
N ILE C 110 -51.16 7.07 25.83
CA ILE C 110 -51.73 6.16 24.81
C ILE C 110 -52.66 6.96 23.91
N GLY C 111 -52.52 6.76 22.60
CA GLY C 111 -53.27 7.47 21.54
C GLY C 111 -54.64 6.87 21.35
N ASP C 112 -55.08 6.70 20.10
CA ASP C 112 -56.47 6.29 19.74
C ASP C 112 -56.45 4.89 19.07
N HIS C 113 -57.57 4.18 19.04
CA HIS C 113 -57.83 2.97 18.22
C HIS C 113 -56.86 1.80 18.52
N ASN C 114 -56.22 1.82 19.69
CA ASN C 114 -55.27 0.75 20.09
C ASN C 114 -56.01 -0.42 20.74
N LEU C 115 -55.51 -1.61 20.48
CA LEU C 115 -55.98 -2.88 21.08
C LEU C 115 -54.86 -3.44 21.95
N ILE C 116 -55.07 -3.44 23.25
CA ILE C 116 -54.08 -3.96 24.23
C ILE C 116 -54.70 -5.18 24.89
N MET C 117 -54.19 -6.36 24.59
CA MET C 117 -54.85 -7.62 24.99
C MET C 117 -54.37 -8.04 26.37
N ALA C 118 -54.90 -9.19 26.80
CA ALA C 118 -54.87 -9.61 28.21
C ALA C 118 -53.47 -9.63 28.83
N TYR C 119 -53.35 -9.23 30.10
CA TYR C 119 -52.17 -9.43 30.99
C TYR C 119 -50.98 -8.61 30.40
N ALA C 120 -51.21 -7.75 29.39
CA ALA C 120 -50.16 -6.86 28.86
C ALA C 120 -49.76 -5.86 29.95
N HIS C 121 -48.54 -5.36 29.87
CA HIS C 121 -47.99 -4.33 30.79
C HIS C 121 -47.45 -3.16 29.97
N ILE C 122 -47.75 -1.94 30.42
CA ILE C 122 -47.26 -0.68 29.78
C ILE C 122 -46.62 0.20 30.85
N GLY C 123 -45.32 0.02 31.08
CA GLY C 123 -44.55 0.59 32.23
C GLY C 123 -44.45 2.10 32.17
N HIS C 124 -44.01 2.68 33.29
CA HIS C 124 -43.85 4.15 33.46
C HIS C 124 -43.35 4.80 32.17
N ASP C 125 -44.03 5.84 31.70
CA ASP C 125 -43.47 6.80 30.71
C ASP C 125 -43.50 6.24 29.30
N SER C 126 -44.01 5.03 29.11
CA SER C 126 -44.17 4.46 27.75
C SER C 126 -45.14 5.35 26.99
N VAL C 127 -45.14 5.26 25.67
CA VAL C 127 -45.95 6.16 24.80
C VAL C 127 -46.43 5.39 23.57
N ILE C 128 -47.75 5.25 23.42
CA ILE C 128 -48.33 4.46 22.32
C ILE C 128 -49.12 5.39 21.40
N GLY C 129 -48.95 5.19 20.10
CA GLY C 129 -49.59 5.97 19.03
C GLY C 129 -51.01 5.49 18.80
N ASN C 130 -51.35 5.10 17.56
CA ASN C 130 -52.73 4.73 17.17
C ASN C 130 -52.75 3.39 16.42
N HIS C 131 -53.88 2.69 16.46
CA HIS C 131 -54.13 1.44 15.70
C HIS C 131 -52.99 0.43 15.98
N CYS C 132 -52.39 0.52 17.17
CA CYS C 132 -51.37 -0.48 17.58
C CYS C 132 -52.11 -1.70 18.14
N ILE C 133 -51.48 -2.87 18.03
CA ILE C 133 -51.93 -4.07 18.76
C ILE C 133 -50.80 -4.61 19.62
N LEU C 134 -51.04 -4.63 20.93
CA LEU C 134 -50.16 -5.33 21.90
C LEU C 134 -50.91 -6.60 22.28
N VAL C 135 -50.39 -7.73 21.87
CA VAL C 135 -51.03 -9.04 22.13
C VAL C 135 -50.73 -9.47 23.56
N ASN C 136 -51.43 -10.50 24.04
CA ASN C 136 -51.35 -11.05 25.42
C ASN C 136 -49.92 -10.93 25.98
N ASN C 137 -49.77 -10.33 27.17
CA ASN C 137 -48.56 -10.39 28.04
C ASN C 137 -47.38 -9.64 27.43
N THR C 138 -47.57 -8.99 26.29
CA THR C 138 -46.64 -7.95 25.84
C THR C 138 -46.33 -7.04 27.02
N ALA C 139 -45.08 -6.61 27.10
CA ALA C 139 -44.52 -5.90 28.28
C ALA C 139 -43.52 -4.84 27.82
N LEU C 140 -43.83 -3.59 28.13
CA LEU C 140 -42.97 -2.41 27.84
C LEU C 140 -42.34 -1.96 29.15
N ALA C 141 -41.07 -2.29 29.36
CA ALA C 141 -40.39 -2.16 30.68
C ALA C 141 -40.53 -0.76 31.21
N GLY C 142 -40.36 0.22 30.33
CA GLY C 142 -40.49 1.66 30.63
C GLY C 142 -39.94 2.54 29.54
N HIS C 143 -40.50 3.75 29.41
CA HIS C 143 -40.11 4.82 28.45
C HIS C 143 -40.04 4.25 27.05
N VAL C 144 -40.85 3.25 26.74
CA VAL C 144 -40.91 2.64 25.38
C VAL C 144 -41.86 3.47 24.53
N HIS C 145 -41.42 3.88 23.34
CA HIS C 145 -42.31 4.55 22.34
C HIS C 145 -42.67 3.52 21.25
N VAL C 146 -43.96 3.29 21.07
CA VAL C 146 -44.55 2.44 20.00
C VAL C 146 -45.28 3.35 19.04
N ASP C 147 -44.71 3.54 17.85
CA ASP C 147 -45.31 4.36 16.77
C ASP C 147 -46.46 3.56 16.15
N ASP C 148 -47.22 4.16 15.22
CA ASP C 148 -48.60 3.72 14.85
C ASP C 148 -48.58 2.39 14.10
N TRP C 149 -49.66 1.61 14.21
CA TRP C 149 -49.92 0.40 13.40
C TRP C 149 -49.02 -0.77 13.82
N ALA C 150 -48.12 -0.53 14.77
CA ALA C 150 -47.19 -1.57 15.22
C ALA C 150 -48.02 -2.69 15.79
N ILE C 151 -47.50 -3.89 15.65
CA ILE C 151 -48.09 -5.11 16.22
C ILE C 151 -46.99 -5.83 16.98
N LEU C 152 -47.21 -6.02 18.27
CA LEU C 152 -46.35 -6.86 19.11
C LEU C 152 -47.11 -8.14 19.40
N SER C 153 -46.70 -9.23 18.78
CA SER C 153 -47.21 -10.60 19.04
C SER C 153 -47.11 -10.91 20.53
N GLY C 154 -47.73 -12.00 20.98
CA GLY C 154 -47.86 -12.35 22.39
C GLY C 154 -46.52 -12.45 23.10
N TYR C 155 -46.44 -12.02 24.36
CA TYR C 155 -45.27 -12.26 25.23
C TYR C 155 -44.03 -11.63 24.58
N THR C 156 -44.23 -10.50 23.92
CA THR C 156 -43.14 -9.65 23.39
C THR C 156 -42.65 -8.76 24.52
N LEU C 157 -41.35 -8.73 24.75
CA LEU C 157 -40.70 -8.01 25.86
C LEU C 157 -39.81 -6.91 25.30
N VAL C 158 -39.89 -5.70 25.83
CA VAL C 158 -39.26 -4.50 25.21
C VAL C 158 -38.49 -3.71 26.27
N HIS C 159 -37.15 -3.65 26.17
CA HIS C 159 -36.25 -3.21 27.28
C HIS C 159 -36.41 -1.67 27.39
N GLN C 160 -36.19 -1.13 28.61
CA GLN C 160 -36.27 0.32 28.97
CA GLN C 160 -36.26 0.32 28.97
C GLN C 160 -35.92 1.06 27.65
N TYR C 161 -36.69 2.06 27.23
CA TYR C 161 -36.26 3.14 26.28
C TYR C 161 -36.25 2.74 24.79
N CYS C 162 -36.60 1.51 24.40
CA CYS C 162 -36.58 1.10 22.97
C CYS C 162 -37.72 1.77 22.20
N ARG C 163 -37.51 2.05 20.92
CA ARG C 163 -38.51 2.61 20.00
C ARG C 163 -38.94 1.51 19.03
N ILE C 164 -40.23 1.20 19.04
CA ILE C 164 -40.86 0.30 18.03
C ILE C 164 -41.42 1.18 16.94
N GLY C 165 -40.70 1.33 15.82
CA GLY C 165 -41.13 2.11 14.64
C GLY C 165 -42.47 1.60 14.08
N ALA C 166 -43.11 2.43 13.26
CA ALA C 166 -44.48 2.20 12.75
C ALA C 166 -44.60 1.02 11.80
N HIS C 167 -45.72 0.30 11.86
CA HIS C 167 -46.04 -0.92 11.07
C HIS C 167 -45.07 -2.05 11.38
N SER C 168 -44.15 -1.81 12.30
CA SER C 168 -43.21 -2.87 12.71
C SER C 168 -44.02 -4.00 13.31
N PHE C 169 -43.38 -5.14 13.46
CA PHE C 169 -44.01 -6.39 13.92
C PHE C 169 -42.98 -7.24 14.66
N SER C 170 -43.27 -7.53 15.92
CA SER C 170 -42.53 -8.53 16.72
C SER C 170 -43.31 -9.86 16.70
N GLY C 171 -42.60 -10.98 16.54
CA GLY C 171 -43.19 -12.32 16.66
C GLY C 171 -43.38 -12.70 18.10
N MET C 172 -43.99 -13.85 18.40
CA MET C 172 -44.30 -14.22 19.80
C MET C 172 -42.99 -14.53 20.51
N GLY C 173 -42.95 -14.27 21.82
CA GLY C 173 -41.76 -14.41 22.68
C GLY C 173 -40.56 -13.61 22.20
N SER C 174 -40.73 -12.58 21.39
CA SER C 174 -39.63 -11.68 21.00
C SER C 174 -39.11 -10.94 22.24
N ALA C 175 -37.80 -10.75 22.31
CA ALA C 175 -37.09 -10.09 23.42
C ALA C 175 -36.28 -8.91 22.90
N ILE C 176 -36.96 -7.77 22.77
CA ILE C 176 -36.47 -6.61 21.99
C ILE C 176 -35.58 -5.75 22.89
N GLY C 177 -34.26 -5.78 22.66
CA GLY C 177 -33.26 -5.06 23.48
C GLY C 177 -32.83 -3.75 22.84
N LYS C 178 -33.30 -3.46 21.62
CA LYS C 178 -32.88 -2.29 20.82
C LYS C 178 -33.99 -1.91 19.85
N ASP C 179 -33.90 -0.71 19.28
CA ASP C 179 -34.98 -0.17 18.43
C ASP C 179 -35.37 -1.13 17.31
N VAL C 180 -36.66 -1.17 16.99
CA VAL C 180 -37.20 -1.87 15.80
C VAL C 180 -37.62 -0.82 14.77
N PRO C 181 -36.94 -0.79 13.62
CA PRO C 181 -37.26 0.19 12.58
C PRO C 181 -38.68 0.02 12.06
N ALA C 182 -39.26 1.10 11.55
CA ALA C 182 -40.56 1.06 10.85
C ALA C 182 -40.61 -0.16 9.93
N TYR C 183 -41.73 -0.87 9.91
CA TYR C 183 -42.08 -1.94 8.93
C TYR C 183 -41.34 -3.25 9.20
N VAL C 184 -40.34 -3.28 10.09
CA VAL C 184 -39.46 -4.48 10.20
C VAL C 184 -40.16 -5.58 11.01
N THR C 185 -40.00 -6.83 10.60
CA THR C 185 -40.43 -8.02 11.38
C THR C 185 -39.21 -8.48 12.19
N VAL C 186 -39.36 -8.66 13.50
CA VAL C 186 -38.28 -9.16 14.38
C VAL C 186 -38.80 -10.37 15.16
N PHE C 187 -37.92 -11.31 15.48
CA PHE C 187 -38.30 -12.61 16.08
C PHE C 187 -37.24 -13.04 17.08
N GLY C 188 -37.66 -13.56 18.23
CA GLY C 188 -36.84 -14.44 19.09
C GLY C 188 -36.11 -13.70 20.19
N ASN C 189 -35.26 -14.45 20.92
CA ASN C 189 -34.57 -13.98 22.14
C ASN C 189 -33.09 -14.24 21.99
N PRO C 190 -32.31 -13.21 21.63
CA PRO C 190 -32.81 -11.84 21.57
C PRO C 190 -33.37 -11.57 20.18
N ALA C 191 -34.35 -10.68 20.06
CA ALA C 191 -34.98 -10.23 18.79
C ALA C 191 -33.89 -10.04 17.73
N GLU C 192 -34.07 -10.63 16.55
CA GLU C 192 -33.30 -10.28 15.31
C GLU C 192 -34.30 -9.82 14.24
N ALA C 193 -33.82 -9.09 13.23
CA ALA C 193 -34.61 -8.66 12.06
C ALA C 193 -34.79 -9.89 11.17
N ARG C 194 -35.92 -10.03 10.46
CA ARG C 194 -36.09 -11.09 9.45
C ARG C 194 -36.48 -10.48 8.11
N SER C 195 -37.63 -9.82 8.04
CA SER C 195 -38.17 -9.20 6.81
C SER C 195 -38.75 -7.83 7.15
N MET C 196 -39.46 -7.26 6.20
CA MET C 196 -40.43 -6.18 6.44
C MET C 196 -41.81 -6.83 6.41
N ASN C 197 -42.76 -6.09 6.97
CA ASN C 197 -44.12 -6.55 7.28
C ASN C 197 -45.00 -6.21 6.09
N PHE C 198 -44.83 -6.98 5.02
CA PHE C 198 -45.55 -6.73 3.74
C PHE C 198 -47.02 -6.84 4.06
N GLU C 199 -47.36 -7.77 4.95
CA GLU C 199 -48.74 -7.95 5.42
C GLU C 199 -49.38 -6.57 5.60
N GLY C 200 -49.06 -5.90 6.71
CA GLY C 200 -49.72 -4.66 7.16
C GLY C 200 -49.42 -3.50 6.23
N MET C 201 -48.60 -3.72 5.19
CA MET C 201 -48.40 -2.79 4.06
C MET C 201 -49.52 -2.97 3.05
N ARG C 202 -49.87 -4.22 2.70
CA ARG C 202 -51.03 -4.49 1.81
C ARG C 202 -52.23 -3.94 2.55
N ARG C 203 -52.33 -4.19 3.87
CA ARG C 203 -53.45 -3.70 4.72
C ARG C 203 -53.58 -2.18 4.57
N ARG C 204 -52.49 -1.42 4.58
CA ARG C 204 -52.58 0.05 4.41
C ARG C 204 -52.80 0.44 2.94
N GLY C 205 -52.85 -0.52 2.02
CA GLY C 205 -53.02 -0.27 0.58
C GLY C 205 -51.86 0.47 -0.04
N PHE C 206 -50.64 0.31 0.48
CA PHE C 206 -49.40 0.86 -0.09
C PHE C 206 -49.30 0.52 -1.58
N SER C 207 -48.72 1.40 -2.39
CA SER C 207 -48.50 1.15 -3.83
C SER C 207 -47.51 0.00 -3.95
N SER C 208 -47.50 -0.73 -5.07
CA SER C 208 -46.51 -1.81 -5.24
C SER C 208 -45.12 -1.21 -5.31
N GLU C 209 -44.93 -0.04 -5.96
CA GLU C 209 -43.57 0.59 -6.06
C GLU C 209 -43.06 0.76 -4.62
N ALA C 210 -43.94 1.24 -3.73
CA ALA C 210 -43.59 1.58 -2.35
C ALA C 210 -43.17 0.31 -1.61
N ILE C 211 -43.93 -0.77 -1.79
CA ILE C 211 -43.57 -2.08 -1.18
C ILE C 211 -42.16 -2.47 -1.69
N HIS C 212 -41.99 -2.66 -3.00
CA HIS C 212 -40.69 -3.04 -3.61
C HIS C 212 -39.59 -2.13 -3.06
N ALA C 213 -39.84 -0.82 -2.97
CA ALA C 213 -38.85 0.20 -2.53
C ALA C 213 -38.41 -0.04 -1.08
N LEU C 214 -39.37 -0.51 -0.29
CA LEU C 214 -39.20 -0.85 1.15
C LEU C 214 -38.42 -2.16 1.26
N ARG C 215 -38.68 -3.15 0.40
CA ARG C 215 -37.82 -4.34 0.33
C ARG C 215 -36.41 -3.85 0.01
N ARG C 216 -36.20 -3.06 -1.08
CA ARG C 216 -34.85 -2.56 -1.47
C ARG C 216 -34.21 -2.00 -0.18
N ALA C 217 -34.96 -1.17 0.52
CA ALA C 217 -34.47 -0.41 1.70
C ALA C 217 -34.01 -1.37 2.80
N TYR C 218 -34.80 -2.40 3.09
CA TYR C 218 -34.44 -3.44 4.07
C TYR C 218 -33.06 -3.99 3.67
N LYS C 219 -33.03 -4.50 2.44
CA LYS C 219 -31.88 -5.23 1.87
C LYS C 219 -30.64 -4.39 2.17
N VAL C 220 -30.74 -3.07 2.00
CA VAL C 220 -29.60 -2.11 2.13
C VAL C 220 -28.99 -2.16 3.53
N VAL C 221 -29.86 -1.90 4.49
CA VAL C 221 -29.53 -1.78 5.93
C VAL C 221 -28.82 -3.05 6.35
N TYR C 222 -29.60 -4.14 6.19
CA TYR C 222 -29.40 -5.46 6.81
C TYR C 222 -28.54 -6.34 5.92
N ARG C 223 -29.15 -6.85 4.86
CA ARG C 223 -28.61 -7.95 4.03
C ARG C 223 -27.52 -7.43 3.06
N GLN C 224 -27.03 -6.18 3.04
CA GLN C 224 -25.88 -5.79 2.18
C GLN C 224 -24.64 -5.58 3.06
N GLY C 225 -24.77 -5.85 4.35
CA GLY C 225 -23.90 -5.34 5.43
C GLY C 225 -23.23 -4.04 5.03
N HIS C 226 -23.97 -3.02 4.63
CA HIS C 226 -23.45 -1.64 4.79
C HIS C 226 -23.35 -1.44 6.31
N THR C 227 -22.54 -0.50 6.82
CA THR C 227 -22.65 -0.02 8.24
C THR C 227 -24.09 0.49 8.47
N VAL C 228 -24.39 0.98 9.68
CA VAL C 228 -25.67 1.71 9.92
C VAL C 228 -25.57 3.02 9.14
N GLU C 229 -24.53 3.83 9.39
CA GLU C 229 -24.34 5.14 8.71
C GLU C 229 -24.34 4.98 7.20
N GLU C 230 -23.63 3.95 6.71
CA GLU C 230 -23.41 3.73 5.27
C GLU C 230 -24.79 3.59 4.63
N ALA C 231 -25.68 2.85 5.27
CA ALA C 231 -27.01 2.55 4.70
C ALA C 231 -27.87 3.81 4.72
N LEU C 232 -27.87 4.53 5.83
CA LEU C 232 -28.67 5.79 5.94
C LEU C 232 -28.39 6.69 4.75
N ALA C 233 -27.12 6.68 4.35
CA ALA C 233 -26.60 7.41 3.17
C ALA C 233 -27.29 6.89 1.90
N GLU C 234 -27.24 5.59 1.69
CA GLU C 234 -27.81 4.92 0.50
C GLU C 234 -29.29 5.31 0.36
N LEU C 235 -30.02 5.14 1.45
CA LEU C 235 -31.50 5.28 1.50
C LEU C 235 -31.92 6.67 0.99
N ALA C 236 -31.30 7.74 1.47
CA ALA C 236 -31.40 9.14 0.97
C ALA C 236 -32.21 9.29 -0.33
N GLU C 237 -31.69 8.78 -1.47
CA GLU C 237 -32.40 8.73 -2.79
C GLU C 237 -33.79 8.10 -2.60
N SER C 238 -33.80 6.78 -2.31
CA SER C 238 -35.00 5.93 -1.99
C SER C 238 -36.04 6.74 -1.21
N ALA C 239 -35.60 7.61 -0.30
CA ALA C 239 -36.43 8.22 0.77
C ALA C 239 -37.04 9.54 0.30
N ALA C 240 -36.35 10.22 -0.62
CA ALA C 240 -36.95 11.40 -1.29
C ALA C 240 -38.12 10.91 -2.15
N GLN C 241 -37.81 9.87 -2.91
CA GLN C 241 -38.73 9.22 -3.87
C GLN C 241 -40.03 8.79 -3.16
N PHE C 242 -39.96 8.23 -1.96
CA PHE C 242 -41.09 7.52 -1.30
C PHE C 242 -41.19 7.93 0.16
N PRO C 243 -42.12 8.81 0.50
CA PRO C 243 -42.49 9.05 1.87
C PRO C 243 -42.51 7.79 2.74
N GLU C 244 -42.92 6.64 2.20
CA GLU C 244 -42.98 5.36 2.98
C GLU C 244 -41.56 4.97 3.45
N VAL C 245 -40.55 5.10 2.57
CA VAL C 245 -39.14 4.75 2.86
C VAL C 245 -38.61 5.76 3.86
N ALA C 246 -38.96 7.03 3.62
CA ALA C 246 -38.56 8.19 4.44
C ALA C 246 -38.68 7.81 5.91
N VAL C 247 -39.89 7.39 6.28
CA VAL C 247 -40.28 6.85 7.61
C VAL C 247 -39.26 5.84 8.15
N PHE C 248 -38.90 4.88 7.30
CA PHE C 248 -37.98 3.77 7.61
C PHE C 248 -36.59 4.36 7.85
N ARG C 249 -36.09 5.20 6.93
CA ARG C 249 -34.81 5.91 7.17
C ARG C 249 -34.91 6.65 8.51
N ASP C 250 -35.92 7.50 8.66
CA ASP C 250 -36.15 8.33 9.88
C ASP C 250 -36.15 7.41 11.11
N SER C 251 -36.79 6.24 11.10
CA SER C 251 -36.73 5.36 12.31
C SER C 251 -35.25 5.10 12.63
N ILE C 252 -34.51 4.59 11.65
CA ILE C 252 -33.10 4.14 11.83
C ILE C 252 -32.24 5.32 12.26
N GLN C 253 -32.46 6.47 11.63
CA GLN C 253 -31.79 7.74 12.01
C GLN C 253 -31.66 7.80 13.54
N SER C 254 -32.74 8.24 14.19
CA SER C 254 -32.71 8.71 15.59
C SER C 254 -32.86 7.49 16.46
N ALA C 255 -32.05 6.49 16.15
CA ALA C 255 -31.70 5.37 17.05
C ALA C 255 -30.18 5.38 17.29
N THR C 256 -29.39 5.79 16.28
CA THR C 256 -27.90 5.79 16.35
C THR C 256 -27.45 7.25 16.26
N ARG C 257 -26.99 7.92 17.30
CA ARG C 257 -26.26 9.20 17.06
C ARG C 257 -24.76 8.92 17.11
N GLY C 258 -24.33 7.89 17.86
CA GLY C 258 -22.90 7.56 18.10
C GLY C 258 -22.10 8.71 18.71
N ILE C 259 -20.80 8.51 18.82
CA ILE C 259 -19.83 9.45 19.45
C ILE C 259 -18.77 9.83 18.41
N THR C 260 -17.98 10.85 18.66
CA THR C 260 -16.76 11.16 17.89
C THR C 260 -15.80 10.00 18.03
N ARG C 261 -15.52 9.26 16.97
CA ARG C 261 -14.29 8.41 16.93
C ARG C 261 -13.21 9.30 16.32
N MET D 4 99.11 43.50 -32.04
CA MET D 4 99.67 42.17 -32.42
C MET D 4 100.23 41.42 -31.18
N SER D 5 100.72 42.02 -30.03
CA SER D 5 101.93 41.52 -29.28
C SER D 5 101.60 40.42 -28.20
N LEU D 6 102.12 39.19 -28.35
CA LEU D 6 101.37 37.87 -28.20
C LEU D 6 100.75 37.63 -26.84
N ILE D 7 101.60 37.69 -25.85
CA ILE D 7 101.27 37.50 -24.40
C ILE D 7 100.96 38.88 -23.87
N ASP D 8 99.69 39.16 -23.59
CA ASP D 8 99.20 40.47 -23.07
C ASP D 8 100.04 40.89 -21.88
N PRO D 9 100.37 42.17 -21.73
CA PRO D 9 101.11 42.60 -20.55
C PRO D 9 100.22 42.55 -19.29
N ARG D 10 98.90 42.63 -19.37
CA ARG D 10 98.05 42.65 -18.14
C ARG D 10 97.85 41.23 -17.59
N ALA D 11 98.37 40.23 -18.31
CA ALA D 11 98.31 38.80 -17.90
C ALA D 11 99.46 38.52 -16.96
N ILE D 12 99.31 37.53 -16.09
CA ILE D 12 100.38 37.10 -15.14
C ILE D 12 100.91 35.75 -15.59
N ILE D 13 102.22 35.67 -15.78
CA ILE D 13 102.90 34.39 -16.12
C ILE D 13 103.94 34.10 -15.04
N ASP D 14 103.82 32.95 -14.38
CA ASP D 14 104.84 32.48 -13.43
C ASP D 14 106.18 32.36 -14.14
N PRO D 15 107.30 32.70 -13.48
CA PRO D 15 108.63 32.45 -14.06
C PRO D 15 108.80 30.95 -14.35
N SER D 16 108.22 30.09 -13.53
CA SER D 16 108.38 28.62 -13.64
C SER D 16 107.58 28.10 -14.85
N ALA D 17 106.54 28.79 -15.32
CA ALA D 17 105.71 28.34 -16.48
C ALA D 17 106.56 28.37 -17.74
N ARG D 18 106.18 27.64 -18.78
CA ARG D 18 107.01 27.61 -20.02
C ARG D 18 106.12 27.35 -21.23
N LEU D 19 106.14 28.28 -22.21
CA LEU D 19 105.18 28.52 -23.33
C LEU D 19 105.90 28.56 -24.69
N ALA D 20 105.58 27.68 -25.65
CA ALA D 20 106.18 27.70 -27.02
C ALA D 20 106.01 29.08 -27.66
N ALA D 21 106.82 29.43 -28.66
CA ALA D 21 107.07 30.82 -29.14
C ALA D 21 105.75 31.59 -29.37
N ASP D 22 104.88 31.05 -30.24
CA ASP D 22 103.71 31.75 -30.82
C ASP D 22 102.42 31.45 -30.01
N VAL D 23 102.57 31.09 -28.74
CA VAL D 23 101.43 31.05 -27.78
C VAL D 23 101.00 32.48 -27.52
N GLN D 24 99.68 32.64 -27.37
CA GLN D 24 99.06 33.88 -26.90
C GLN D 24 98.35 33.70 -25.58
N VAL D 25 98.32 34.78 -24.81
CA VAL D 25 97.54 34.88 -23.55
C VAL D 25 96.83 36.23 -23.54
N GLY D 26 95.49 36.21 -23.45
CA GLY D 26 94.64 37.42 -23.33
C GLY D 26 94.93 38.10 -22.00
N PRO D 27 94.38 39.31 -21.76
CA PRO D 27 94.62 40.01 -20.51
C PRO D 27 93.98 39.35 -19.27
N TRP D 28 94.59 39.54 -18.08
CA TRP D 28 93.99 39.17 -16.78
C TRP D 28 93.94 37.65 -16.63
N SER D 29 94.59 36.95 -17.54
CA SER D 29 94.71 35.48 -17.47
C SER D 29 95.98 35.22 -16.65
N ILE D 30 95.96 34.16 -15.88
CA ILE D 30 97.07 33.72 -14.98
C ILE D 30 97.56 32.38 -15.50
N VAL D 31 98.86 32.27 -15.74
CA VAL D 31 99.50 30.99 -16.07
C VAL D 31 100.36 30.57 -14.87
N GLY D 32 99.73 29.92 -13.88
CA GLY D 32 100.31 29.47 -12.59
C GLY D 32 101.64 28.77 -12.81
N ALA D 33 102.38 28.48 -11.74
CA ALA D 33 103.67 27.79 -11.88
C ALA D 33 103.43 26.43 -12.54
N GLU D 34 104.47 25.84 -13.15
CA GLU D 34 104.50 24.44 -13.60
C GLU D 34 103.54 24.23 -14.76
N VAL D 35 103.07 25.31 -15.39
CA VAL D 35 102.14 25.17 -16.54
C VAL D 35 102.95 25.27 -17.83
N GLU D 36 102.76 24.29 -18.69
CA GLU D 36 103.47 24.14 -19.98
C GLU D 36 102.43 24.31 -21.08
N ILE D 37 102.65 25.19 -22.04
CA ILE D 37 101.66 25.43 -23.13
C ILE D 37 102.33 25.25 -24.49
N GLY D 38 101.83 24.30 -25.29
CA GLY D 38 102.42 23.89 -26.58
C GLY D 38 102.19 24.94 -27.66
N GLU D 39 102.95 24.81 -28.75
CA GLU D 39 102.93 25.69 -29.96
C GLU D 39 101.49 26.08 -30.38
N GLY D 40 101.28 27.36 -30.72
CA GLY D 40 100.09 27.86 -31.46
C GLY D 40 98.79 27.85 -30.64
N THR D 41 98.88 27.54 -29.35
CA THR D 41 97.73 27.57 -28.42
C THR D 41 97.36 29.03 -28.16
N VAL D 42 96.10 29.27 -27.85
CA VAL D 42 95.56 30.62 -27.50
C VAL D 42 94.84 30.54 -26.16
N ILE D 43 95.25 31.35 -25.20
CA ILE D 43 94.53 31.49 -23.92
C ILE D 43 93.74 32.81 -23.98
N GLY D 44 92.42 32.75 -23.85
CA GLY D 44 91.57 33.95 -23.86
C GLY D 44 91.86 34.87 -22.68
N PRO D 45 91.12 35.97 -22.52
CA PRO D 45 91.17 36.77 -21.29
C PRO D 45 90.58 36.06 -20.06
N HIS D 46 90.72 36.65 -18.87
CA HIS D 46 90.32 36.09 -17.55
C HIS D 46 90.34 34.54 -17.53
N VAL D 47 91.46 33.93 -17.86
CA VAL D 47 91.64 32.47 -17.65
C VAL D 47 92.54 32.29 -16.43
N VAL D 48 92.44 31.12 -15.82
CA VAL D 48 93.26 30.67 -14.67
C VAL D 48 93.77 29.28 -15.02
N LEU D 49 95.08 29.16 -15.28
CA LEU D 49 95.80 27.87 -15.36
C LEU D 49 96.60 27.67 -14.09
N LYS D 50 96.58 26.45 -13.56
CA LYS D 50 97.41 26.04 -12.39
C LYS D 50 98.02 24.70 -12.84
N GLY D 51 99.18 24.36 -12.25
CA GLY D 51 99.97 23.19 -12.63
C GLY D 51 100.09 22.19 -11.48
N PRO D 52 100.90 21.12 -11.59
CA PRO D 52 101.62 20.79 -12.81
C PRO D 52 100.67 20.38 -13.93
N THR D 53 100.68 21.11 -15.04
CA THR D 53 99.72 20.94 -16.14
C THR D 53 100.49 21.07 -17.44
N LYS D 54 100.15 20.23 -18.41
CA LYS D 54 100.80 20.22 -19.70
C LYS D 54 99.70 20.39 -20.76
N ILE D 55 99.70 21.50 -21.49
CA ILE D 55 98.71 21.78 -22.56
C ILE D 55 99.40 21.69 -23.92
N GLY D 56 98.88 20.83 -24.81
CA GLY D 56 99.47 20.56 -26.14
C GLY D 56 99.37 21.76 -27.07
N LYS D 57 99.27 21.50 -28.38
CA LYS D 57 99.46 22.49 -29.47
C LYS D 57 98.10 22.90 -30.02
N HIS D 58 98.01 24.11 -30.58
CA HIS D 58 96.80 24.63 -31.27
C HIS D 58 95.53 24.38 -30.43
N ASN D 59 95.51 24.70 -29.14
CA ASN D 59 94.27 24.67 -28.32
C ASN D 59 93.74 26.10 -28.22
N ARG D 60 92.43 26.27 -28.05
CA ARG D 60 91.72 27.56 -27.89
C ARG D 60 91.03 27.35 -26.53
N ILE D 61 91.42 28.08 -25.47
CA ILE D 61 90.75 28.07 -24.13
C ILE D 61 90.13 29.44 -23.82
N TYR D 62 88.86 29.49 -23.41
CA TYR D 62 88.10 30.75 -23.25
C TYR D 62 88.04 31.22 -21.81
N GLN D 63 87.47 32.41 -21.62
CA GLN D 63 87.35 33.18 -20.35
C GLN D 63 86.66 32.37 -19.24
N PHE D 64 86.97 32.63 -17.96
CA PHE D 64 86.23 32.14 -16.75
C PHE D 64 86.50 30.64 -16.49
N SER D 65 87.40 30.11 -17.33
CA SER D 65 87.88 28.71 -17.27
C SER D 65 88.96 28.62 -16.21
N SER D 66 88.84 27.61 -15.36
CA SER D 66 89.77 27.33 -14.24
C SER D 66 90.33 25.94 -14.54
N VAL D 67 91.39 25.89 -15.34
CA VAL D 67 92.01 24.65 -15.89
C VAL D 67 93.28 24.29 -15.12
N GLY D 68 93.23 23.17 -14.41
CA GLY D 68 94.34 22.60 -13.64
C GLY D 68 94.26 22.97 -12.17
N GLU D 69 93.05 23.25 -11.62
CA GLU D 69 92.86 23.48 -10.17
C GLU D 69 92.85 22.14 -9.44
N ASP D 70 93.03 22.09 -8.11
CA ASP D 70 93.05 20.82 -7.30
C ASP D 70 91.60 20.29 -7.22
N THR D 71 91.31 19.00 -7.12
CA THR D 71 89.85 18.70 -6.95
C THR D 71 89.47 19.10 -5.53
N PRO D 72 88.24 19.62 -5.27
CA PRO D 72 87.88 20.05 -3.93
C PRO D 72 87.66 18.87 -2.98
N ASP D 73 87.26 17.70 -3.53
CA ASP D 73 87.04 16.36 -2.91
C ASP D 73 88.07 16.16 -1.81
N LEU D 74 87.70 15.74 -0.61
CA LEU D 74 88.61 15.85 0.57
C LEU D 74 89.64 14.73 0.54
N LYS D 75 89.28 13.64 -0.11
CA LYS D 75 90.14 12.54 -0.61
C LYS D 75 91.56 13.10 -0.89
N TYR D 76 91.66 14.04 -1.81
CA TYR D 76 92.93 14.67 -2.26
C TYR D 76 93.43 15.60 -1.17
N LYS D 77 94.61 15.38 -0.61
CA LYS D 77 95.18 16.32 0.39
C LYS D 77 96.42 16.98 -0.22
N GLY D 78 96.36 17.48 -1.46
CA GLY D 78 97.39 18.39 -2.00
C GLY D 78 98.60 17.69 -2.60
N GLU D 79 98.62 16.35 -2.64
CA GLU D 79 99.73 15.57 -3.27
C GLU D 79 99.95 16.19 -4.66
N PRO D 80 101.13 16.07 -5.32
CA PRO D 80 101.50 17.06 -6.33
C PRO D 80 101.16 16.51 -7.72
N THR D 81 99.88 16.23 -8.00
CA THR D 81 99.36 15.46 -9.18
C THR D 81 99.28 16.31 -10.45
N ARG D 82 98.93 15.70 -11.60
CA ARG D 82 99.10 16.33 -12.93
C ARG D 82 97.75 16.36 -13.68
N LEU D 83 97.64 17.32 -14.59
CA LEU D 83 96.70 17.41 -15.74
C LEU D 83 97.49 17.46 -17.04
N VAL D 84 96.97 16.77 -18.06
CA VAL D 84 97.56 16.69 -19.42
C VAL D 84 96.43 16.90 -20.45
N ILE D 85 96.64 17.83 -21.37
CA ILE D 85 95.71 18.12 -22.49
C ILE D 85 96.50 17.99 -23.79
N GLY D 86 95.96 17.21 -24.74
CA GLY D 86 96.55 17.03 -26.07
C GLY D 86 96.42 18.29 -26.92
N ASP D 87 96.21 18.10 -28.23
CA ASP D 87 96.33 19.13 -29.28
C ASP D 87 94.93 19.42 -29.86
N HIS D 88 94.77 20.54 -30.57
CA HIS D 88 93.54 20.93 -31.33
C HIS D 88 92.29 20.76 -30.45
N ASN D 89 92.34 21.10 -29.16
CA ASN D 89 91.14 21.03 -28.31
C ASN D 89 90.54 22.43 -28.19
N VAL D 90 89.24 22.49 -27.95
CA VAL D 90 88.53 23.73 -27.58
C VAL D 90 87.85 23.59 -26.22
N ILE D 91 88.18 24.54 -25.35
CA ILE D 91 87.58 24.63 -24.00
C ILE D 91 86.86 25.96 -23.91
N ARG D 92 85.53 25.90 -23.95
CA ARG D 92 84.64 27.08 -23.99
C ARG D 92 84.59 27.77 -22.63
N GLU D 93 83.73 28.78 -22.55
CA GLU D 93 83.68 29.74 -21.43
C GLU D 93 83.29 28.99 -20.14
N GLY D 94 84.11 29.07 -19.09
CA GLY D 94 83.72 28.72 -17.71
C GLY D 94 83.98 27.27 -17.35
N VAL D 95 84.72 26.59 -18.20
CA VAL D 95 85.00 25.16 -17.97
C VAL D 95 85.96 25.05 -16.79
N THR D 96 85.76 24.00 -16.00
CA THR D 96 86.66 23.59 -14.90
C THR D 96 87.24 22.23 -15.24
N ILE D 97 88.56 22.12 -15.14
CA ILE D 97 89.27 20.81 -15.26
C ILE D 97 90.20 20.69 -14.06
N HIS D 98 90.06 19.61 -13.31
CA HIS D 98 90.79 19.38 -12.03
C HIS D 98 91.89 18.35 -12.26
N ARG D 99 93.03 18.52 -11.62
CA ARG D 99 94.11 17.51 -11.72
C ARG D 99 93.77 16.35 -10.80
N GLY D 100 94.29 15.18 -11.23
CA GLY D 100 94.23 13.87 -10.57
C GLY D 100 94.44 13.93 -9.07
N THR D 101 94.35 12.73 -8.49
CA THR D 101 94.53 12.37 -7.05
C THR D 101 95.52 11.22 -7.06
N VAL D 102 96.38 11.04 -6.05
CA VAL D 102 97.32 9.88 -6.06
C VAL D 102 96.51 8.58 -5.95
N GLN D 103 95.35 8.59 -5.28
CA GLN D 103 94.46 7.43 -5.06
C GLN D 103 94.23 6.67 -6.39
N ASP D 104 94.00 7.30 -7.55
CA ASP D 104 93.76 6.60 -8.84
C ASP D 104 95.07 6.74 -9.66
N ARG D 105 95.10 7.34 -10.85
CA ARG D 105 96.34 7.28 -11.67
C ARG D 105 97.13 8.59 -11.53
N ALA D 106 96.69 9.50 -10.67
CA ALA D 106 97.47 10.71 -10.32
C ALA D 106 97.47 11.67 -11.50
N GLU D 107 96.59 11.46 -12.47
CA GLU D 107 96.53 12.31 -13.67
C GLU D 107 95.13 12.26 -14.26
N THR D 108 94.62 13.48 -14.52
CA THR D 108 93.48 13.84 -15.39
C THR D 108 94.03 14.07 -16.79
N THR D 109 93.38 13.52 -17.82
CA THR D 109 93.97 13.42 -19.18
C THR D 109 92.96 13.68 -20.29
N ILE D 110 93.33 14.55 -21.23
CA ILE D 110 92.47 14.86 -22.40
C ILE D 110 93.31 14.70 -23.66
N GLY D 111 92.73 14.02 -24.66
CA GLY D 111 93.37 13.71 -25.95
C GLY D 111 93.32 14.88 -26.89
N ASP D 112 93.01 14.65 -28.18
CA ASP D 112 93.09 15.67 -29.26
C ASP D 112 91.67 15.95 -29.80
N HIS D 113 91.46 17.09 -30.47
CA HIS D 113 90.27 17.41 -31.32
C HIS D 113 88.95 17.41 -30.51
N ASN D 114 89.01 17.53 -29.19
CA ASN D 114 87.80 17.54 -28.33
C ASN D 114 87.22 18.94 -28.22
N LEU D 115 85.90 19.00 -28.15
CA LEU D 115 85.12 20.22 -27.94
C LEU D 115 84.42 20.12 -26.59
N ILE D 116 84.84 20.95 -25.65
CA ILE D 116 84.25 20.98 -24.29
C ILE D 116 83.57 22.33 -24.12
N MET D 117 82.24 22.34 -24.08
CA MET D 117 81.48 23.61 -24.16
C MET D 117 81.28 24.16 -22.76
N ALA D 118 80.58 25.29 -22.71
CA ALA D 118 80.57 26.20 -21.56
C ALA D 118 80.16 25.52 -20.24
N TYR D 119 80.80 25.90 -19.14
CA TYR D 119 80.40 25.58 -17.74
C TYR D 119 80.51 24.05 -17.52
N ALA D 120 81.11 23.30 -18.46
CA ALA D 120 81.36 21.86 -18.29
C ALA D 120 82.35 21.67 -17.15
N HIS D 121 82.32 20.50 -16.51
CA HIS D 121 83.27 20.11 -15.45
C HIS D 121 83.89 18.76 -15.80
N ILE D 122 85.20 18.64 -15.57
CA ILE D 122 85.96 17.39 -15.83
C ILE D 122 86.77 17.06 -14.57
N GLY D 123 86.18 16.31 -13.64
CA GLY D 123 86.68 16.09 -12.26
C GLY D 123 87.95 15.28 -12.23
N HIS D 124 88.60 15.26 -11.06
CA HIS D 124 89.87 14.54 -10.81
C HIS D 124 89.92 13.21 -11.57
N ASP D 125 90.98 12.97 -12.33
CA ASP D 125 91.36 11.61 -12.83
C ASP D 125 90.51 11.19 -14.00
N SER D 126 89.59 12.02 -14.47
CA SER D 126 88.80 11.71 -15.68
C SER D 126 89.78 11.61 -16.84
N VAL D 127 89.36 10.98 -17.94
CA VAL D 127 90.24 10.67 -19.10
C VAL D 127 89.44 10.74 -20.40
N ILE D 128 89.78 11.67 -21.27
CA ILE D 128 89.02 11.90 -22.52
C ILE D 128 89.92 11.58 -23.72
N GLY D 129 89.33 10.87 -24.69
CA GLY D 129 89.99 10.44 -25.94
C GLY D 129 90.05 11.58 -26.93
N ASN D 130 89.50 11.40 -28.14
CA ASN D 130 89.61 12.37 -29.26
C ASN D 130 88.23 12.62 -29.89
N HIS D 131 88.05 13.79 -30.51
CA HIS D 131 86.84 14.15 -31.28
C HIS D 131 85.59 13.95 -30.40
N CYS D 132 85.73 14.07 -29.08
CA CYS D 132 84.55 14.01 -28.18
C CYS D 132 83.90 15.38 -28.14
N ILE D 133 82.61 15.42 -27.88
CA ILE D 133 81.90 16.68 -27.56
C ILE D 133 81.21 16.54 -26.20
N LEU D 134 81.62 17.38 -25.27
CA LEU D 134 80.91 17.58 -23.98
C LEU D 134 80.17 18.90 -24.10
N VAL D 135 78.85 18.83 -24.16
CA VAL D 135 78.01 20.04 -24.32
C VAL D 135 77.89 20.75 -22.97
N ASN D 136 77.37 21.99 -23.00
CA ASN D 136 77.21 22.89 -21.84
C ASN D 136 76.91 22.09 -20.55
N ASN D 137 77.68 22.32 -19.49
CA ASN D 137 77.39 21.92 -18.09
C ASN D 137 77.45 20.41 -17.89
N THR D 138 77.81 19.66 -18.92
CA THR D 138 78.25 18.26 -18.75
C THR D 138 79.24 18.23 -17.61
N ALA D 139 79.16 17.17 -16.81
CA ALA D 139 79.89 17.03 -15.53
C ALA D 139 80.32 15.57 -15.36
N LEU D 140 81.64 15.38 -15.25
CA LEU D 140 82.29 14.07 -15.00
C LEU D 140 82.78 14.08 -13.55
N ALA D 141 82.06 13.42 -12.66
CA ALA D 141 82.24 13.56 -11.19
C ALA D 141 83.70 13.27 -10.81
N GLY D 142 84.26 12.25 -11.44
CA GLY D 142 85.66 11.82 -11.24
C GLY D 142 85.93 10.45 -11.83
N HIS D 143 87.18 10.23 -12.23
CA HIS D 143 87.75 8.97 -12.78
C HIS D 143 86.86 8.46 -13.91
N VAL D 144 86.20 9.35 -14.63
CA VAL D 144 85.34 8.98 -15.79
C VAL D 144 86.22 8.86 -17.01
N HIS D 145 86.13 7.75 -17.73
CA HIS D 145 86.79 7.54 -19.05
C HIS D 145 85.74 7.71 -20.15
N VAL D 146 85.98 8.66 -21.05
CA VAL D 146 85.17 8.94 -22.26
C VAL D 146 86.01 8.56 -23.48
N ASP D 147 85.66 7.46 -24.13
CA ASP D 147 86.33 6.96 -25.35
C ASP D 147 85.91 7.85 -26.53
N ASP D 148 86.49 7.65 -27.72
CA ASP D 148 86.51 8.66 -28.81
C ASP D 148 85.13 8.89 -29.42
N TRP D 149 84.88 10.09 -29.95
CA TRP D 149 83.70 10.43 -30.77
C TRP D 149 82.44 10.53 -29.91
N ALA D 150 82.55 10.25 -28.63
CA ALA D 150 81.38 10.28 -27.74
C ALA D 150 80.84 11.69 -27.75
N ILE D 151 79.55 11.79 -27.57
CA ILE D 151 78.83 13.08 -27.45
C ILE D 151 77.97 13.00 -26.21
N LEU D 152 78.22 13.91 -25.28
CA LEU D 152 77.37 14.10 -24.08
C LEU D 152 76.59 15.40 -24.30
N SER D 153 75.30 15.29 -24.58
CA SER D 153 74.35 16.42 -24.69
C SER D 153 74.43 17.25 -23.41
N GLY D 154 73.81 18.43 -23.41
CA GLY D 154 73.92 19.41 -22.32
C GLY D 154 73.50 18.84 -20.97
N TYR D 155 74.18 19.24 -19.90
CA TYR D 155 73.76 18.94 -18.51
C TYR D 155 73.66 17.42 -18.32
N THR D 156 74.57 16.71 -18.98
CA THR D 156 74.78 15.25 -18.78
C THR D 156 75.67 15.06 -17.56
N LEU D 157 75.25 14.22 -16.63
CA LEU D 157 75.93 13.98 -15.34
C LEU D 157 76.43 12.55 -15.29
N VAL D 158 77.67 12.33 -14.89
CA VAL D 158 78.33 11.00 -15.02
C VAL D 158 79.02 10.63 -13.71
N HIS D 159 78.55 9.58 -13.02
CA HIS D 159 78.88 9.29 -11.60
C HIS D 159 80.33 8.75 -11.59
N GLN D 160 81.06 8.97 -10.46
CA GLN D 160 82.45 8.50 -10.22
C GLN D 160 82.62 7.22 -11.09
N TYR D 161 83.70 7.10 -11.85
CA TYR D 161 84.25 5.81 -12.39
C TYR D 161 83.49 5.22 -13.60
N CYS D 162 82.46 5.87 -14.15
CA CYS D 162 81.74 5.34 -15.31
C CYS D 162 82.61 5.42 -16.58
N ARG D 163 82.41 4.50 -17.50
CA ARG D 163 83.02 4.48 -18.84
C ARG D 163 81.95 4.82 -19.85
N ILE D 164 82.16 5.90 -20.60
CA ILE D 164 81.34 6.26 -21.78
C ILE D 164 82.07 5.70 -22.99
N GLY D 165 81.62 4.54 -23.51
CA GLY D 165 82.18 3.90 -24.71
C GLY D 165 82.10 4.82 -25.94
N ALA D 166 82.87 4.50 -26.97
CA ALA D 166 83.06 5.33 -28.17
C ALA D 166 81.81 5.47 -29.04
N HIS D 167 81.61 6.66 -29.62
CA HIS D 167 80.45 7.05 -30.47
C HIS D 167 79.16 7.03 -29.66
N SER D 168 79.26 6.72 -28.38
CA SER D 168 78.06 6.71 -27.52
C SER D 168 77.52 8.14 -27.49
N PHE D 169 76.30 8.27 -27.02
CA PHE D 169 75.54 9.53 -27.01
C PHE D 169 74.61 9.56 -25.81
N SER D 170 74.78 10.56 -24.95
CA SER D 170 73.80 10.89 -23.89
C SER D 170 72.91 12.04 -24.36
N GLY D 171 71.61 11.96 -24.10
CA GLY D 171 70.67 13.07 -24.34
C GLY D 171 70.78 14.13 -23.26
N MET D 172 70.07 15.25 -23.38
CA MET D 172 70.22 16.36 -22.40
C MET D 172 69.63 15.92 -21.07
N GLY D 173 70.20 16.43 -19.98
CA GLY D 173 69.84 16.08 -18.59
C GLY D 173 69.96 14.59 -18.28
N SER D 174 70.72 13.83 -19.05
CA SER D 174 71.01 12.42 -18.74
C SER D 174 71.80 12.32 -17.43
N ALA D 175 71.49 11.32 -16.62
CA ALA D 175 72.09 11.08 -15.29
C ALA D 175 72.69 9.66 -15.27
N ILE D 176 73.92 9.57 -15.75
CA ILE D 176 74.56 8.27 -16.08
C ILE D 176 75.22 7.71 -14.82
N GLY D 177 74.65 6.66 -14.24
CA GLY D 177 75.14 6.02 -12.99
C GLY D 177 76.02 4.81 -13.25
N LYS D 178 76.09 4.36 -14.50
CA LYS D 178 76.78 3.11 -14.91
C LYS D 178 77.23 3.20 -16.35
N ASP D 179 78.13 2.33 -16.77
CA ASP D 179 78.80 2.42 -18.08
C ASP D 179 77.79 2.56 -19.23
N VAL D 180 78.18 3.35 -20.23
CA VAL D 180 77.45 3.46 -21.53
C VAL D 180 78.28 2.76 -22.60
N PRO D 181 77.76 1.66 -23.16
CA PRO D 181 78.47 0.91 -24.19
C PRO D 181 78.74 1.77 -25.44
N ALA D 182 79.77 1.43 -26.17
CA ALA D 182 80.06 2.04 -27.49
C ALA D 182 78.77 2.17 -28.28
N TYR D 183 78.55 3.30 -28.95
CA TYR D 183 77.49 3.54 -29.96
C TYR D 183 76.10 3.74 -29.32
N VAL D 184 75.93 3.49 -28.03
CA VAL D 184 74.56 3.45 -27.44
C VAL D 184 74.08 4.87 -27.18
N THR D 185 72.79 5.12 -27.43
CA THR D 185 72.10 6.37 -27.05
C THR D 185 71.43 6.11 -25.69
N VAL D 186 71.67 6.98 -24.71
CA VAL D 186 71.03 6.88 -23.36
C VAL D 186 70.36 8.22 -23.04
N PHE D 187 69.27 8.18 -22.28
CA PHE D 187 68.43 9.36 -22.02
C PHE D 187 67.88 9.30 -20.59
N GLY D 188 67.88 10.42 -19.90
CA GLY D 188 67.02 10.68 -18.74
C GLY D 188 67.67 10.38 -17.40
N ASN D 189 66.90 10.52 -16.32
CA ASN D 189 67.36 10.41 -14.92
C ASN D 189 66.50 9.39 -14.20
N PRO D 190 67.02 8.16 -14.04
CA PRO D 190 68.40 7.85 -14.36
C PRO D 190 68.49 7.40 -15.83
N ALA D 191 69.64 7.65 -16.47
CA ALA D 191 69.93 7.23 -17.86
C ALA D 191 69.41 5.82 -18.11
N GLU D 192 68.65 5.61 -19.19
CA GLU D 192 68.35 4.26 -19.78
C GLU D 192 68.89 4.23 -21.21
N ALA D 193 69.11 3.02 -21.75
CA ALA D 193 69.50 2.79 -23.16
C ALA D 193 68.27 3.01 -24.01
N ARG D 194 68.38 3.53 -25.23
CA ARG D 194 67.24 3.63 -26.18
C ARG D 194 67.58 2.93 -27.49
N SER D 195 68.58 3.44 -28.20
CA SER D 195 69.03 2.93 -29.52
C SER D 195 70.55 2.89 -29.57
N MET D 196 71.07 2.67 -30.75
CA MET D 196 72.46 3.00 -31.09
C MET D 196 72.42 4.28 -31.91
N ASN D 197 73.57 4.91 -31.99
CA ASN D 197 73.76 6.28 -32.51
C ASN D 197 74.09 6.16 -33.99
N PHE D 198 73.07 5.83 -34.77
CA PHE D 198 73.22 5.57 -36.23
C PHE D 198 73.76 6.88 -36.81
N GLU D 199 73.27 8.00 -36.28
CA GLU D 199 73.75 9.33 -36.68
C GLU D 199 75.27 9.26 -36.88
N GLY D 200 76.03 9.31 -35.80
CA GLY D 200 77.49 9.45 -35.80
C GLY D 200 78.18 8.23 -36.37
N MET D 201 77.42 7.20 -36.75
CA MET D 201 77.90 6.04 -37.56
C MET D 201 77.91 6.44 -39.03
N ARG D 202 76.83 7.08 -39.53
CA ARG D 202 76.78 7.58 -40.93
C ARG D 202 77.91 8.58 -41.00
N ARG D 203 78.05 9.46 -39.99
CA ARG D 203 79.12 10.50 -39.93
C ARG D 203 80.49 9.82 -40.10
N ARG D 204 80.77 8.69 -39.47
CA ARG D 204 82.07 8.00 -39.65
C ARG D 204 82.14 7.22 -40.97
N GLY D 205 81.06 7.22 -41.76
CA GLY D 205 80.98 6.48 -43.04
C GLY D 205 81.06 4.97 -42.85
N PHE D 206 80.58 4.44 -41.73
CA PHE D 206 80.45 2.98 -41.49
C PHE D 206 79.74 2.32 -42.65
N SER D 207 80.11 1.07 -42.98
CA SER D 207 79.42 0.29 -44.04
C SER D 207 77.99 0.03 -43.59
N SER D 208 77.06 -0.22 -44.51
CA SER D 208 75.67 -0.53 -44.10
C SER D 208 75.67 -1.86 -43.35
N GLU D 209 76.47 -2.86 -43.77
CA GLU D 209 76.51 -4.19 -43.08
C GLU D 209 76.83 -3.91 -41.61
N ALA D 210 77.81 -3.03 -41.38
CA ALA D 210 78.34 -2.73 -40.03
C ALA D 210 77.24 -2.09 -39.20
N ILE D 211 76.52 -1.14 -39.79
CA ILE D 211 75.37 -0.50 -39.09
C ILE D 211 74.37 -1.60 -38.71
N HIS D 212 73.79 -2.32 -39.69
CA HIS D 212 72.81 -3.42 -39.45
C HIS D 212 73.36 -4.34 -38.36
N ALA D 213 74.64 -4.70 -38.42
CA ALA D 213 75.28 -5.66 -37.49
C ALA D 213 75.28 -5.14 -36.05
N LEU D 214 75.43 -3.81 -35.95
CA LEU D 214 75.43 -3.06 -34.67
C LEU D 214 74.00 -2.98 -34.15
N ARG D 215 73.01 -2.77 -35.01
CA ARG D 215 71.59 -2.90 -34.58
C ARG D 215 71.41 -4.32 -34.05
N ARG D 216 71.75 -5.37 -34.81
CA ARG D 216 71.60 -6.79 -34.35
C ARG D 216 72.18 -6.86 -32.94
N ALA D 217 73.39 -6.34 -32.77
CA ALA D 217 74.17 -6.43 -31.53
C ALA D 217 73.42 -5.76 -30.37
N TYR D 218 72.87 -4.57 -30.59
CA TYR D 218 72.05 -3.86 -29.59
C TYR D 218 70.95 -4.80 -29.13
N LYS D 219 70.17 -5.23 -30.13
CA LYS D 219 68.93 -6.04 -29.94
C LYS D 219 69.29 -7.17 -28.98
N VAL D 220 70.47 -7.78 -29.17
CA VAL D 220 70.92 -8.99 -28.41
C VAL D 220 71.00 -8.68 -26.91
N VAL D 221 71.81 -7.69 -26.62
CA VAL D 221 72.16 -7.24 -25.25
C VAL D 221 70.84 -6.94 -24.52
N TYR D 222 70.13 -5.98 -25.09
CA TYR D 222 69.04 -5.20 -24.49
C TYR D 222 67.70 -5.87 -24.74
N ARG D 223 67.20 -5.75 -25.97
CA ARG D 223 65.82 -6.11 -26.33
C ARG D 223 65.64 -7.64 -26.50
N GLN D 224 66.58 -8.55 -26.22
CA GLN D 224 66.28 -10.03 -26.26
C GLN D 224 66.24 -10.59 -24.84
N GLY D 225 66.38 -9.68 -23.85
CA GLY D 225 66.77 -10.00 -22.47
C GLY D 225 67.57 -11.29 -22.41
N HIS D 226 68.65 -11.40 -23.14
CA HIS D 226 69.73 -12.33 -22.72
C HIS D 226 70.26 -11.72 -21.41
N THR D 227 70.92 -12.48 -20.52
CA THR D 227 71.75 -11.89 -19.42
C THR D 227 72.80 -10.95 -20.03
N VAL D 228 73.64 -10.34 -19.22
CA VAL D 228 74.84 -9.61 -19.71
C VAL D 228 75.79 -10.66 -20.32
N GLU D 229 76.19 -11.65 -19.52
CA GLU D 229 77.11 -12.73 -19.96
C GLU D 229 76.58 -13.44 -21.20
N GLU D 230 75.28 -13.75 -21.19
CA GLU D 230 74.64 -14.54 -22.26
C GLU D 230 74.87 -13.81 -23.57
N ALA D 231 74.71 -12.49 -23.56
CA ALA D 231 74.78 -11.68 -24.78
C ALA D 231 76.24 -11.61 -25.25
N LEU D 232 77.16 -11.36 -24.34
CA LEU D 232 78.59 -11.27 -24.70
C LEU D 232 79.01 -12.50 -25.51
N ALA D 233 78.43 -13.63 -25.10
CA ALA D 233 78.60 -14.93 -25.77
C ALA D 233 78.07 -14.87 -27.21
N GLU D 234 76.83 -14.43 -27.37
CA GLU D 234 76.16 -14.32 -28.68
C GLU D 234 77.03 -13.48 -29.63
N LEU D 235 77.43 -12.31 -29.16
CA LEU D 235 78.11 -11.27 -29.96
C LEU D 235 79.38 -11.84 -30.63
N ALA D 236 80.23 -12.54 -29.86
CA ALA D 236 81.39 -13.36 -30.32
C ALA D 236 81.49 -13.49 -31.85
N GLU D 237 80.57 -14.23 -32.50
CA GLU D 237 80.49 -14.36 -33.99
C GLU D 237 80.47 -12.96 -34.63
N SER D 238 79.37 -12.21 -34.41
CA SER D 238 79.13 -10.79 -34.84
C SER D 238 80.43 -9.99 -34.78
N ALA D 239 81.27 -10.23 -33.77
CA ALA D 239 82.39 -9.34 -33.35
C ALA D 239 83.68 -9.73 -34.07
N ALA D 240 83.82 -10.99 -34.43
CA ALA D 240 84.94 -11.43 -35.31
C ALA D 240 84.73 -10.79 -36.68
N GLN D 241 83.49 -10.94 -37.16
CA GLN D 241 83.02 -10.47 -38.47
C GLN D 241 83.28 -8.98 -38.63
N PHE D 242 83.04 -8.16 -37.61
CA PHE D 242 82.99 -6.69 -37.71
C PHE D 242 83.75 -6.06 -36.57
N PRO D 243 84.99 -5.59 -36.82
CA PRO D 243 85.68 -4.73 -35.88
C PRO D 243 84.77 -3.70 -35.20
N GLU D 244 83.76 -3.16 -35.90
CA GLU D 244 82.84 -2.14 -35.31
C GLU D 244 82.08 -2.76 -34.11
N VAL D 245 81.60 -3.99 -34.27
CA VAL D 245 80.82 -4.73 -33.22
C VAL D 245 81.78 -5.05 -32.08
N ALA D 246 82.97 -5.50 -32.46
CA ALA D 246 84.05 -5.90 -31.55
C ALA D 246 84.13 -4.88 -30.42
N VAL D 247 84.31 -3.62 -30.79
CA VAL D 247 84.31 -2.42 -29.92
C VAL D 247 83.15 -2.42 -28.91
N PHE D 248 81.95 -2.68 -29.43
CA PHE D 248 80.69 -2.70 -28.65
C PHE D 248 80.76 -3.85 -27.66
N ARG D 249 81.10 -5.08 -28.12
CA ARG D 249 81.29 -6.21 -27.18
C ARG D 249 82.34 -5.79 -26.13
N ASP D 250 83.51 -5.34 -26.59
CA ASP D 250 84.63 -4.93 -25.70
C ASP D 250 84.13 -3.89 -24.70
N SER D 251 83.31 -2.90 -25.08
CA SER D 251 82.81 -1.93 -24.06
C SER D 251 82.09 -2.73 -22.95
N ILE D 252 81.12 -3.55 -23.35
CA ILE D 252 80.24 -4.29 -22.40
C ILE D 252 81.08 -5.24 -21.55
N GLN D 253 82.03 -5.90 -22.17
CA GLN D 253 83.01 -6.76 -21.48
C GLN D 253 83.40 -6.11 -20.15
N SER D 254 84.35 -5.18 -20.22
CA SER D 254 85.12 -4.68 -19.06
C SER D 254 84.27 -3.56 -18.44
N ALA D 255 83.00 -3.89 -18.23
CA ALA D 255 82.09 -3.20 -17.32
C ALA D 255 81.59 -4.17 -16.27
N THR D 256 81.44 -5.46 -16.62
CA THR D 256 80.95 -6.54 -15.70
C THR D 256 82.10 -7.52 -15.53
N ARG D 257 82.82 -7.58 -14.41
CA ARG D 257 83.63 -8.80 -14.13
C ARG D 257 82.83 -9.72 -13.20
N GLY D 258 81.90 -9.16 -12.40
CA GLY D 258 81.10 -9.92 -11.42
C GLY D 258 81.96 -10.63 -10.37
N ILE D 259 81.32 -11.44 -9.54
CA ILE D 259 81.97 -12.23 -8.46
C ILE D 259 81.69 -13.71 -8.72
N THR D 260 82.43 -14.60 -8.06
CA THR D 260 82.10 -16.04 -8.01
C THR D 260 80.77 -16.18 -7.31
N ARG D 261 79.70 -16.61 -7.98
CA ARG D 261 78.52 -17.18 -7.28
C ARG D 261 78.79 -18.66 -7.17
N MET E 4 81.58 57.49 -11.15
CA MET E 4 82.87 56.82 -11.19
C MET E 4 83.74 57.13 -12.48
N SER E 5 83.37 58.08 -13.42
CA SER E 5 84.01 58.34 -14.84
C SER E 5 83.17 57.92 -16.12
N LEU E 6 82.31 56.96 -15.91
CA LEU E 6 81.31 56.28 -16.72
C LEU E 6 81.99 55.10 -17.17
N ILE E 7 82.82 55.15 -18.22
CA ILE E 7 83.53 53.98 -18.80
C ILE E 7 84.86 53.87 -18.05
N ASP E 8 84.99 52.85 -17.20
CA ASP E 8 86.20 52.56 -16.39
C ASP E 8 87.41 52.59 -17.29
N PRO E 9 88.56 53.13 -16.83
CA PRO E 9 89.75 53.09 -17.68
C PRO E 9 90.33 51.68 -17.76
N ARG E 10 90.08 50.77 -16.80
CA ARG E 10 90.70 49.42 -16.87
C ARG E 10 89.91 48.51 -17.82
N ALA E 11 88.81 49.00 -18.39
CA ALA E 11 88.00 48.28 -19.38
C ALA E 11 88.60 48.48 -20.75
N ILE E 12 88.37 47.55 -21.67
CA ILE E 12 88.84 47.62 -23.08
C ILE E 12 87.65 47.88 -23.98
N ILE E 13 87.72 48.93 -24.78
CA ILE E 13 86.67 49.26 -25.78
C ILE E 13 87.31 49.31 -27.16
N ASP E 14 86.83 48.48 -28.07
CA ASP E 14 87.25 48.51 -29.49
C ASP E 14 86.99 49.90 -30.07
N PRO E 15 87.87 50.43 -30.92
CA PRO E 15 87.57 51.67 -31.64
C PRO E 15 86.27 51.52 -32.45
N SER E 16 86.03 50.33 -33.00
CA SER E 16 84.87 50.07 -33.89
C SER E 16 83.58 50.04 -33.06
N ALA E 17 83.60 49.77 -31.76
CA ALA E 17 82.39 49.71 -30.89
C ALA E 17 81.78 51.11 -30.80
N ARG E 18 80.51 51.23 -30.43
CA ARG E 18 79.87 52.56 -30.38
C ARG E 18 78.75 52.56 -29.33
N LEU E 19 78.83 53.45 -28.34
CA LEU E 19 78.15 53.50 -27.00
C LEU E 19 77.45 54.86 -26.78
N ALA E 20 76.14 54.93 -26.57
CA ALA E 20 75.41 56.19 -26.24
C ALA E 20 76.02 56.86 -25.02
N ALA E 21 75.81 58.18 -24.84
CA ALA E 21 76.60 59.08 -23.95
C ALA E 21 76.78 58.47 -22.54
N ASP E 22 75.67 58.17 -21.86
CA ASP E 22 75.62 57.87 -20.40
C ASP E 22 75.64 56.35 -20.16
N VAL E 23 76.21 55.59 -21.09
CA VAL E 23 76.56 54.16 -20.87
C VAL E 23 77.71 54.12 -19.87
N GLN E 24 77.67 53.12 -19.00
CA GLN E 24 78.78 52.74 -18.12
C GLN E 24 79.35 51.38 -18.45
N VAL E 25 80.64 51.23 -18.21
CA VAL E 25 81.36 49.92 -18.29
C VAL E 25 82.26 49.80 -17.07
N GLY E 26 82.05 48.75 -16.25
CA GLY E 26 82.86 48.41 -15.08
C GLY E 26 84.28 48.04 -15.55
N PRO E 27 85.23 47.85 -14.61
CA PRO E 27 86.59 47.49 -15.00
C PRO E 27 86.73 46.07 -15.58
N TRP E 28 87.73 45.86 -16.45
CA TRP E 28 88.16 44.52 -16.93
C TRP E 28 87.09 43.92 -17.85
N SER E 29 86.11 44.74 -18.22
CA SER E 29 85.09 44.34 -19.20
C SER E 29 85.65 44.70 -20.57
N ILE E 30 85.32 43.89 -21.55
CA ILE E 30 85.75 44.06 -22.97
C ILE E 30 84.49 44.32 -23.79
N VAL E 31 84.52 45.39 -24.58
CA VAL E 31 83.44 45.69 -25.57
C VAL E 31 84.05 45.47 -26.96
N GLY E 32 84.05 44.21 -27.42
CA GLY E 32 84.62 43.73 -28.70
C GLY E 32 84.22 44.65 -29.86
N ALA E 33 84.81 44.46 -31.04
CA ALA E 33 84.46 45.29 -32.22
C ALA E 33 82.98 45.10 -32.50
N GLU E 34 82.36 46.05 -33.20
CA GLU E 34 81.01 45.93 -33.80
C GLU E 34 79.94 45.83 -32.71
N VAL E 35 80.26 46.18 -31.48
CA VAL E 35 79.29 46.15 -30.36
C VAL E 35 78.71 47.55 -30.19
N GLU E 36 77.39 47.64 -30.20
CA GLU E 36 76.61 48.87 -30.10
C GLU E 36 75.85 48.82 -28.78
N ILE E 37 75.95 49.83 -27.93
CA ILE E 37 75.27 49.83 -26.61
C ILE E 37 74.42 51.09 -26.45
N GLY E 38 73.11 50.90 -26.27
CA GLY E 38 72.10 51.98 -26.23
C GLY E 38 72.17 52.78 -24.95
N GLU E 39 71.53 53.95 -24.97
CA GLU E 39 71.42 54.93 -23.85
C GLU E 39 71.19 54.25 -22.49
N GLY E 40 71.90 54.68 -21.44
CA GLY E 40 71.60 54.38 -20.01
C GLY E 40 71.88 52.95 -19.61
N THR E 41 72.46 52.15 -20.48
CA THR E 41 72.83 50.73 -20.19
C THR E 41 74.02 50.76 -19.24
N VAL E 42 74.16 49.70 -18.45
CA VAL E 42 75.28 49.49 -17.48
C VAL E 42 75.93 48.13 -17.74
N ILE E 43 77.22 48.13 -18.02
CA ILE E 43 78.00 46.88 -18.12
C ILE E 43 78.80 46.74 -16.82
N GLY E 44 78.60 45.65 -16.08
CA GLY E 44 79.32 45.40 -14.82
C GLY E 44 80.81 45.20 -15.08
N PRO E 45 81.60 44.88 -14.04
CA PRO E 45 82.99 44.43 -14.23
C PRO E 45 83.10 43.03 -14.88
N HIS E 46 84.31 42.60 -15.21
CA HIS E 46 84.63 41.33 -15.95
C HIS E 46 83.49 40.87 -16.86
N VAL E 47 83.03 41.71 -17.77
CA VAL E 47 82.09 41.27 -18.85
C VAL E 47 82.88 41.15 -20.13
N VAL E 48 82.35 40.34 -21.05
CA VAL E 48 82.89 40.13 -22.42
C VAL E 48 81.72 40.30 -23.38
N LEU E 49 81.72 41.37 -24.15
CA LEU E 49 80.82 41.58 -25.31
C LEU E 49 81.64 41.33 -26.59
N LYS E 50 81.04 40.63 -27.54
CA LYS E 50 81.61 40.42 -28.89
C LYS E 50 80.48 40.72 -29.85
N GLY E 51 80.81 41.12 -31.08
CA GLY E 51 79.83 41.59 -32.08
C GLY E 51 79.81 40.68 -33.31
N PRO E 52 79.09 41.02 -34.38
CA PRO E 52 78.20 42.18 -34.42
C PRO E 52 77.02 42.03 -33.47
N THR E 53 76.89 42.91 -32.50
CA THR E 53 75.90 42.82 -31.42
C THR E 53 75.33 44.20 -31.16
N LYS E 54 74.04 44.27 -30.94
CA LYS E 54 73.30 45.55 -30.82
C LYS E 54 72.54 45.47 -29.50
N ILE E 55 72.92 46.23 -28.48
CA ILE E 55 72.29 46.20 -27.13
C ILE E 55 71.51 47.50 -26.92
N GLY E 56 70.20 47.38 -26.63
CA GLY E 56 69.28 48.53 -26.50
C GLY E 56 69.60 49.37 -25.27
N LYS E 57 68.56 50.00 -24.71
CA LYS E 57 68.65 51.11 -23.72
C LYS E 57 68.36 50.56 -22.31
N HIS E 58 68.92 51.18 -21.28
CA HIS E 58 68.66 50.86 -19.85
C HIS E 58 68.75 49.34 -19.60
N ASN E 59 69.79 48.65 -20.06
CA ASN E 59 70.05 47.23 -19.69
C ASN E 59 71.08 47.22 -18.57
N ARG E 60 71.07 46.17 -17.76
CA ARG E 60 71.99 45.97 -16.59
C ARG E 60 72.55 44.57 -16.94
N ILE E 61 73.84 44.45 -17.30
CA ILE E 61 74.54 43.15 -17.57
C ILE E 61 75.65 42.94 -16.53
N TYR E 62 75.70 41.77 -15.88
CA TYR E 62 76.61 41.51 -14.74
C TYR E 62 77.85 40.74 -15.16
N GLN E 63 78.77 40.58 -14.19
CA GLN E 63 80.11 39.96 -14.30
C GLN E 63 80.05 38.53 -14.89
N PHE E 64 81.11 38.07 -15.57
CA PHE E 64 81.35 36.64 -15.98
C PHE E 64 80.44 36.24 -17.15
N SER E 65 79.69 37.24 -17.63
CA SER E 65 78.75 37.13 -18.77
C SER E 65 79.56 37.26 -20.05
N SER E 66 79.31 36.35 -20.99
CA SER E 66 79.98 36.27 -22.31
C SER E 66 78.86 36.41 -23.34
N VAL E 67 78.52 37.66 -23.64
CA VAL E 67 77.35 38.07 -24.48
C VAL E 67 77.80 38.45 -25.90
N GLY E 68 77.39 37.63 -26.86
CA GLY E 68 77.68 37.81 -28.29
C GLY E 68 78.88 37.00 -28.75
N GLU E 69 79.19 35.88 -28.09
CA GLU E 69 80.26 34.94 -28.56
C GLU E 69 79.67 34.06 -29.69
N ASP E 70 80.49 33.39 -30.51
CA ASP E 70 80.04 32.54 -31.66
C ASP E 70 79.41 31.26 -31.08
N THR E 71 78.44 30.60 -31.70
CA THR E 71 78.04 29.32 -31.03
C THR E 71 79.15 28.32 -31.28
N PRO E 72 79.47 27.39 -30.33
CA PRO E 72 80.57 26.46 -30.53
C PRO E 72 80.22 25.38 -31.54
N ASP E 73 78.90 25.06 -31.68
CA ASP E 73 78.22 24.13 -32.64
C ASP E 73 78.96 24.19 -33.97
N LEU E 74 79.29 23.07 -34.58
CA LEU E 74 80.31 23.02 -35.67
C LEU E 74 79.68 23.50 -36.99
N LYS E 75 78.37 23.31 -37.08
CA LYS E 75 77.40 23.91 -38.03
C LYS E 75 77.94 25.29 -38.45
N TYR E 76 78.09 26.20 -37.50
CA TYR E 76 78.54 27.60 -37.72
C TYR E 76 80.02 27.60 -38.03
N LYS E 77 80.44 28.09 -39.20
CA LYS E 77 81.88 28.20 -39.52
C LYS E 77 82.24 29.69 -39.62
N GLY E 78 81.82 30.53 -38.67
CA GLY E 78 82.38 31.89 -38.51
C GLY E 78 81.71 32.93 -39.40
N GLU E 79 80.68 32.58 -40.18
CA GLU E 79 79.91 33.55 -41.02
C GLU E 79 79.53 34.70 -40.10
N PRO E 80 79.27 35.94 -40.59
CA PRO E 80 79.45 37.13 -39.74
C PRO E 80 78.10 37.54 -39.15
N THR E 81 77.45 36.66 -38.37
CA THR E 81 76.03 36.76 -37.89
C THR E 81 75.87 37.72 -36.70
N ARG E 82 74.63 37.95 -36.25
CA ARG E 82 74.29 39.06 -35.31
C ARG E 82 73.58 38.50 -34.06
N LEU E 83 73.72 39.26 -32.97
CA LEU E 83 72.90 39.27 -31.73
C LEU E 83 72.28 40.64 -31.56
N VAL E 84 71.02 40.66 -31.11
CA VAL E 84 70.23 41.89 -30.86
C VAL E 84 69.52 41.75 -29.51
N ILE E 85 69.69 42.75 -28.64
CA ILE E 85 69.02 42.82 -27.32
C ILE E 85 68.25 44.14 -27.25
N GLY E 86 66.96 44.06 -26.88
CA GLY E 86 66.11 45.25 -26.69
C GLY E 86 66.49 46.04 -25.46
N ASP E 87 65.49 46.61 -24.78
CA ASP E 87 65.63 47.64 -23.73
C ASP E 87 65.22 47.04 -22.37
N HIS E 88 65.59 47.69 -21.26
CA HIS E 88 65.19 47.35 -19.86
C HIS E 88 65.37 45.85 -19.60
N ASN E 89 66.44 45.23 -20.08
CA ASN E 89 66.70 43.80 -19.79
C ASN E 89 67.71 43.70 -18.67
N VAL E 90 67.66 42.60 -17.93
CA VAL E 90 68.69 42.23 -16.92
C VAL E 90 69.30 40.87 -17.24
N ILE E 91 70.62 40.90 -17.34
CA ILE E 91 71.42 39.68 -17.59
C ILE E 91 72.34 39.51 -16.39
N ARG E 92 72.01 38.54 -15.56
CA ARG E 92 72.70 38.27 -14.27
C ARG E 92 74.07 37.63 -14.52
N GLU E 93 74.71 37.26 -13.42
CA GLU E 93 76.13 36.84 -13.38
C GLU E 93 76.28 35.54 -14.22
N GLY E 94 77.16 35.55 -15.21
CA GLY E 94 77.69 34.32 -15.85
C GLY E 94 76.88 33.86 -17.04
N VAL E 95 75.97 34.70 -17.49
CA VAL E 95 75.09 34.33 -18.62
C VAL E 95 75.94 34.29 -19.89
N THR E 96 75.61 33.34 -20.76
CA THR E 96 76.16 33.22 -22.13
C THR E 96 75.03 33.44 -23.12
N ILE E 97 75.27 34.30 -24.10
CA ILE E 97 74.35 34.50 -25.25
C ILE E 97 75.18 34.42 -26.53
N HIS E 98 74.80 33.54 -27.44
CA HIS E 98 75.56 33.24 -28.67
C HIS E 98 74.85 33.88 -29.87
N ARG E 99 75.60 34.41 -30.82
CA ARG E 99 74.98 34.98 -32.03
C ARG E 99 74.60 33.83 -32.95
N GLY E 100 73.57 34.12 -33.76
CA GLY E 100 72.98 33.29 -34.81
C GLY E 100 74.00 32.57 -35.67
N THR E 101 73.45 31.79 -36.60
CA THR E 101 74.10 30.96 -37.64
C THR E 101 73.43 31.36 -38.94
N VAL E 102 74.10 31.34 -40.10
CA VAL E 102 73.41 31.70 -41.37
C VAL E 102 72.33 30.65 -41.67
N GLN E 103 72.54 29.40 -41.27
CA GLN E 103 71.61 28.25 -41.48
C GLN E 103 70.18 28.64 -41.12
N ASP E 104 69.87 29.34 -40.02
CA ASP E 104 68.48 29.74 -39.61
C ASP E 104 68.33 31.23 -39.95
N ARG E 105 68.04 32.15 -39.02
CA ARG E 105 67.74 33.54 -39.45
C ARG E 105 68.96 34.43 -39.28
N ALA E 106 70.11 33.87 -38.89
CA ALA E 106 71.39 34.60 -38.85
C ALA E 106 71.37 35.60 -37.70
N GLU E 107 70.43 35.45 -36.77
CA GLU E 107 70.32 36.38 -35.62
C GLU E 107 69.63 35.66 -34.46
N THR E 108 70.30 35.82 -33.31
CA THR E 108 69.80 35.59 -31.93
C THR E 108 69.20 36.90 -31.44
N THR E 109 68.02 36.87 -30.82
CA THR E 109 67.20 38.09 -30.57
C THR E 109 66.53 38.09 -29.21
N ILE E 110 66.66 39.19 -28.48
CA ILE E 110 66.00 39.36 -27.16
C ILE E 110 65.25 40.68 -27.16
N GLY E 111 64.00 40.64 -26.68
CA GLY E 111 63.07 41.78 -26.64
C GLY E 111 63.35 42.68 -25.45
N ASP E 112 62.31 43.14 -24.75
CA ASP E 112 62.40 44.16 -23.67
C ASP E 112 62.01 43.53 -22.31
N HIS E 113 62.41 44.11 -21.18
CA HIS E 113 61.90 43.83 -19.81
C HIS E 113 62.15 42.38 -19.36
N ASN E 114 63.08 41.67 -20.01
CA ASN E 114 63.39 40.26 -19.65
C ASN E 114 64.40 40.21 -18.52
N LEU E 115 64.23 39.19 -17.68
CA LEU E 115 65.14 38.84 -16.57
C LEU E 115 65.77 37.49 -16.87
N ILE E 116 67.07 37.49 -17.12
CA ILE E 116 67.83 36.25 -17.41
C ILE E 116 68.83 36.08 -16.28
N MET E 117 68.60 35.07 -15.44
CA MET E 117 69.38 34.94 -14.18
C MET E 117 70.63 34.14 -14.42
N ALA E 118 71.37 33.93 -13.34
CA ALA E 118 72.77 33.51 -13.37
C ALA E 118 73.00 32.21 -14.17
N TYR E 119 74.11 32.14 -14.91
CA TYR E 119 74.67 30.92 -15.54
C TYR E 119 73.67 30.40 -16.60
N ALA E 120 72.63 31.17 -16.95
CA ALA E 120 71.70 30.81 -18.04
C ALA E 120 72.45 30.83 -19.36
N HIS E 121 71.96 30.06 -20.33
CA HIS E 121 72.52 29.99 -21.70
C HIS E 121 71.41 30.25 -22.72
N ILE E 122 71.71 31.04 -23.73
CA ILE E 122 70.77 31.37 -24.84
C ILE E 122 71.45 31.11 -26.17
N GLY E 123 71.35 29.89 -26.69
CA GLY E 123 72.14 29.34 -27.83
C GLY E 123 71.79 30.04 -29.14
N HIS E 124 72.63 29.81 -30.16
CA HIS E 124 72.48 30.39 -31.52
C HIS E 124 71.02 30.48 -31.94
N ASP E 125 70.57 31.65 -32.37
CA ASP E 125 69.31 31.81 -33.16
C ASP E 125 68.08 31.75 -32.26
N SER E 126 68.25 31.59 -30.95
CA SER E 126 67.10 31.63 -30.02
C SER E 126 66.48 33.03 -30.11
N VAL E 127 65.25 33.18 -29.66
CA VAL E 127 64.48 34.44 -29.80
C VAL E 127 63.56 34.64 -28.59
N ILE E 128 63.79 35.70 -27.83
CA ILE E 128 63.02 35.97 -26.60
C ILE E 128 62.21 37.24 -26.75
N GLY E 129 60.95 37.18 -26.31
CA GLY E 129 59.96 38.26 -26.36
C GLY E 129 60.20 39.25 -25.23
N ASN E 130 59.20 39.52 -24.40
CA ASN E 130 59.24 40.56 -23.34
C ASN E 130 58.77 40.00 -22.00
N HIS E 131 59.24 40.60 -20.89
CA HIS E 131 58.79 40.28 -19.51
C HIS E 131 58.96 38.77 -19.26
N CYS E 132 59.90 38.12 -19.94
CA CYS E 132 60.18 36.69 -19.69
C CYS E 132 61.11 36.61 -18.49
N ILE E 133 61.05 35.50 -17.76
CA ILE E 133 62.09 35.15 -16.75
C ILE E 133 62.69 33.79 -17.07
N LEU E 134 63.98 33.78 -17.32
CA LEU E 134 64.81 32.57 -17.39
C LEU E 134 65.58 32.50 -16.10
N VAL E 135 65.25 31.53 -15.26
CA VAL E 135 65.91 31.37 -13.93
C VAL E 135 67.26 30.70 -14.12
N ASN E 136 68.08 30.72 -13.07
CA ASN E 136 69.47 30.18 -13.01
C ASN E 136 69.60 28.93 -13.91
N ASN E 137 70.58 28.94 -14.82
CA ASN E 137 71.11 27.76 -15.57
C ASN E 137 70.10 27.23 -16.58
N THR E 138 68.94 27.89 -16.72
CA THR E 138 68.09 27.69 -17.91
C THR E 138 68.98 27.72 -19.14
N ALA E 139 68.66 26.87 -20.10
CA ALA E 139 69.50 26.61 -21.28
C ALA E 139 68.62 26.36 -22.50
N LEU E 140 68.77 27.21 -23.50
CA LEU E 140 68.06 27.13 -24.80
C LEU E 140 69.04 26.63 -25.85
N ALA E 141 68.98 25.35 -26.22
CA ALA E 141 70.03 24.65 -26.98
C ALA E 141 70.32 25.41 -28.27
N GLY E 142 69.27 25.90 -28.92
CA GLY E 142 69.35 26.68 -30.16
C GLY E 142 68.01 26.81 -30.86
N HIS E 143 67.82 27.92 -31.58
CA HIS E 143 66.63 28.28 -32.39
C HIS E 143 65.37 28.13 -31.54
N VAL E 144 65.47 28.35 -30.23
CA VAL E 144 64.31 28.29 -29.32
C VAL E 144 63.61 29.64 -29.35
N HIS E 145 62.30 29.67 -29.55
CA HIS E 145 61.46 30.89 -29.43
C HIS E 145 60.70 30.82 -28.10
N VAL E 146 60.90 31.84 -27.26
CA VAL E 146 60.19 32.05 -25.96
C VAL E 146 59.31 33.28 -26.12
N ASP E 147 58.01 33.07 -26.21
CA ASP E 147 56.99 34.14 -26.31
C ASP E 147 56.83 34.80 -24.93
N ASP E 148 56.05 35.87 -24.83
CA ASP E 148 56.12 36.87 -23.73
C ASP E 148 55.64 36.28 -22.40
N TRP E 149 56.17 36.78 -21.28
CA TRP E 149 55.69 36.50 -19.91
C TRP E 149 56.07 35.08 -19.46
N ALA E 150 56.68 34.31 -20.34
CA ALA E 150 57.03 32.92 -20.03
C ALA E 150 58.00 32.96 -18.86
N ILE E 151 57.93 31.92 -18.05
CA ILE E 151 58.85 31.71 -16.91
C ILE E 151 59.39 30.31 -17.03
N LEU E 152 60.71 30.22 -17.13
CA LEU E 152 61.43 28.93 -17.07
C LEU E 152 62.14 28.89 -15.72
N SER E 153 61.62 28.05 -14.81
CA SER E 153 62.24 27.77 -13.50
C SER E 153 63.69 27.32 -13.72
N GLY E 154 64.47 27.22 -12.63
CA GLY E 154 65.90 26.95 -12.68
C GLY E 154 66.23 25.67 -13.41
N TYR E 155 67.34 25.64 -14.14
CA TYR E 155 67.91 24.41 -14.73
C TYR E 155 66.85 23.75 -15.65
N THR E 156 66.07 24.61 -16.33
CA THR E 156 65.14 24.20 -17.40
C THR E 156 65.93 24.08 -18.69
N LEU E 157 65.78 22.95 -19.38
CA LEU E 157 66.56 22.61 -20.60
C LEU E 157 65.59 22.50 -21.77
N VAL E 158 65.91 23.12 -22.90
CA VAL E 158 64.96 23.28 -24.03
C VAL E 158 65.62 22.87 -25.33
N HIS E 159 65.17 21.78 -25.97
CA HIS E 159 65.90 21.08 -27.07
C HIS E 159 65.78 21.98 -28.32
N GLN E 160 66.79 21.90 -29.22
CA GLN E 160 66.89 22.65 -30.51
C GLN E 160 65.43 22.91 -30.92
N TYR E 161 65.05 24.14 -31.30
CA TYR E 161 63.84 24.46 -32.13
C TYR E 161 62.48 24.45 -31.38
N CYS E 162 62.44 24.22 -30.08
CA CYS E 162 61.15 24.21 -29.34
C CYS E 162 60.60 25.65 -29.22
N ARG E 163 59.28 25.77 -29.18
CA ARG E 163 58.56 27.04 -28.91
C ARG E 163 57.96 26.95 -27.50
N ILE E 164 58.36 27.89 -26.65
CA ILE E 164 57.73 28.10 -25.31
C ILE E 164 56.67 29.19 -25.50
N GLY E 165 55.40 28.82 -25.63
CA GLY E 165 54.27 29.76 -25.74
C GLY E 165 54.17 30.70 -24.55
N ALA E 166 53.43 31.78 -24.71
CA ALA E 166 53.34 32.89 -23.74
C ALA E 166 52.67 32.53 -22.43
N HIS E 167 53.15 33.09 -21.32
CA HIS E 167 52.69 32.86 -19.93
C HIS E 167 52.93 31.42 -19.51
N SER E 168 53.52 30.63 -20.39
CA SER E 168 53.83 29.23 -20.06
C SER E 168 54.81 29.25 -18.90
N PHE E 169 54.98 28.10 -18.29
CA PHE E 169 55.79 27.93 -17.07
C PHE E 169 56.39 26.53 -17.04
N SER E 170 57.71 26.45 -17.01
CA SER E 170 58.44 25.19 -16.73
C SER E 170 58.86 25.16 -15.26
N GLY E 171 58.71 24.02 -14.59
CA GLY E 171 59.22 23.80 -13.23
C GLY E 171 60.71 23.57 -13.24
N MET E 172 61.36 23.47 -12.06
CA MET E 172 62.82 23.34 -12.01
C MET E 172 63.22 21.96 -12.55
N GLY E 173 64.40 21.88 -13.16
CA GLY E 173 64.94 20.68 -13.83
C GLY E 173 64.02 20.12 -14.91
N SER E 174 63.11 20.91 -15.47
CA SER E 174 62.30 20.51 -16.64
C SER E 174 63.20 20.28 -17.84
N ALA E 175 62.91 19.25 -18.63
CA ALA E 175 63.67 18.84 -19.83
C ALA E 175 62.74 18.84 -21.04
N ILE E 176 62.59 20.00 -21.65
CA ILE E 176 61.51 20.29 -22.62
C ILE E 176 61.97 19.85 -24.01
N GLY E 177 61.40 18.75 -24.54
CA GLY E 177 61.80 18.16 -25.84
C GLY E 177 60.90 18.60 -26.98
N LYS E 178 59.80 19.29 -26.67
CA LYS E 178 58.73 19.63 -27.64
C LYS E 178 58.00 20.88 -27.17
N ASP E 179 57.24 21.50 -28.06
CA ASP E 179 56.62 22.83 -27.78
C ASP E 179 55.82 22.81 -26.47
N VAL E 180 55.87 23.93 -25.75
CA VAL E 180 55.00 24.21 -24.58
C VAL E 180 53.96 25.26 -24.98
N PRO E 181 52.67 24.86 -24.99
CA PRO E 181 51.60 25.79 -25.36
C PRO E 181 51.52 26.98 -24.42
N ALA E 182 51.01 28.09 -24.91
CA ALA E 182 50.70 29.27 -24.08
C ALA E 182 50.05 28.82 -22.77
N TYR E 183 50.45 29.41 -21.64
CA TYR E 183 49.79 29.29 -20.31
C TYR E 183 50.07 27.95 -19.64
N VAL E 184 50.66 26.96 -20.32
CA VAL E 184 50.74 25.59 -19.77
C VAL E 184 51.89 25.51 -18.75
N THR E 185 51.67 24.78 -17.64
CA THR E 185 52.71 24.42 -16.67
C THR E 185 53.25 23.04 -17.07
N VAL E 186 54.57 22.90 -17.21
CA VAL E 186 55.22 21.60 -17.53
C VAL E 186 56.30 21.31 -16.50
N PHE E 187 56.53 20.04 -16.20
CA PHE E 187 57.43 19.60 -15.10
C PHE E 187 58.16 18.33 -15.50
N GLY E 188 59.46 18.27 -15.18
CA GLY E 188 60.21 17.00 -15.06
C GLY E 188 60.95 16.62 -16.34
N ASN E 189 61.58 15.43 -16.29
CA ASN E 189 62.47 14.91 -17.35
C ASN E 189 61.99 13.53 -17.76
N PRO E 190 61.26 13.43 -18.89
CA PRO E 190 61.09 14.57 -19.78
C PRO E 190 59.86 15.37 -19.38
N ALA E 191 59.86 16.67 -19.65
CA ALA E 191 58.74 17.61 -19.38
C ALA E 191 57.41 16.95 -19.75
N GLU E 192 56.42 16.96 -18.85
CA GLU E 192 54.99 16.69 -19.17
C GLU E 192 54.16 17.92 -18.80
N ALA E 193 52.96 18.05 -19.36
CA ALA E 193 51.96 19.08 -19.03
C ALA E 193 51.37 18.73 -17.68
N ARG E 194 51.02 19.70 -16.84
CA ARG E 194 50.28 19.45 -15.57
C ARG E 194 49.00 20.28 -15.55
N SER E 195 49.12 21.60 -15.54
CA SER E 195 48.00 22.56 -15.45
C SER E 195 48.22 23.70 -16.43
N MET E 196 47.39 24.72 -16.30
CA MET E 196 47.70 26.06 -16.83
C MET E 196 48.15 26.90 -15.65
N ASN E 197 48.79 28.01 -15.97
CA ASN E 197 49.51 28.89 -15.03
C ASN E 197 48.53 29.97 -14.59
N PHE E 198 47.60 29.58 -13.74
CA PHE E 198 46.52 30.47 -13.26
C PHE E 198 47.20 31.63 -12.55
N GLU E 199 48.28 31.29 -11.85
CA GLU E 199 49.12 32.30 -11.16
C GLU E 199 49.23 33.54 -12.08
N GLY E 200 50.11 33.45 -13.08
CA GLY E 200 50.51 34.58 -13.93
C GLY E 200 49.37 35.07 -14.80
N MET E 201 48.20 34.42 -14.73
CA MET E 201 46.92 34.89 -15.32
C MET E 201 46.29 35.90 -14.36
N ARG E 202 46.24 35.59 -13.05
CA ARG E 202 45.72 36.56 -12.05
C ARG E 202 46.67 37.74 -12.15
N ARG E 203 47.98 37.50 -12.22
CA ARG E 203 49.01 38.59 -12.33
C ARG E 203 48.68 39.49 -13.52
N ARG E 204 48.28 38.98 -14.67
CA ARG E 204 47.92 39.84 -15.84
C ARG E 204 46.51 40.43 -15.67
N GLY E 205 45.79 40.11 -14.60
CA GLY E 205 44.42 40.59 -14.31
C GLY E 205 43.41 40.08 -15.31
N PHE E 206 43.62 38.89 -15.89
CA PHE E 206 42.64 38.21 -16.77
C PHE E 206 41.27 38.17 -16.10
N SER E 207 40.20 38.25 -16.89
CA SER E 207 38.81 38.14 -16.37
C SER E 207 38.63 36.73 -15.85
N SER E 208 37.68 36.49 -14.94
CA SER E 208 37.43 35.12 -14.45
C SER E 208 36.90 34.27 -15.60
N GLU E 209 36.03 34.82 -16.47
CA GLU E 209 35.48 34.03 -17.62
C GLU E 209 36.68 33.48 -18.41
N ALA E 210 37.68 34.33 -18.64
CA ALA E 210 38.85 34.02 -19.47
C ALA E 210 39.65 32.90 -18.80
N ILE E 211 39.86 33.01 -17.50
CA ILE E 211 40.56 31.93 -16.74
C ILE E 211 39.78 30.62 -16.93
N HIS E 212 38.52 30.56 -16.49
CA HIS E 212 37.64 29.36 -16.62
C HIS E 212 37.74 28.83 -18.05
N ALA E 213 37.69 29.70 -19.06
CA ALA E 213 37.67 29.33 -20.50
C ALA E 213 38.97 28.63 -20.90
N LEU E 214 40.06 29.08 -20.27
CA LEU E 214 41.43 28.56 -20.47
C LEU E 214 41.55 27.21 -19.76
N ARG E 215 40.97 27.05 -18.58
CA ARG E 215 40.87 25.72 -17.95
C ARG E 215 40.10 24.82 -18.93
N ARG E 216 38.90 25.20 -19.39
CA ARG E 216 38.10 24.38 -20.34
C ARG E 216 39.05 23.93 -21.45
N ALA E 217 39.79 24.89 -22.01
CA ALA E 217 40.65 24.71 -23.18
C ALA E 217 41.73 23.67 -22.89
N TYR E 218 42.38 23.76 -21.73
CA TYR E 218 43.40 22.77 -21.30
C TYR E 218 42.76 21.39 -21.37
N LYS E 219 41.65 21.28 -20.62
CA LYS E 219 40.93 20.00 -20.38
C LYS E 219 40.76 19.36 -21.75
N VAL E 220 40.40 20.14 -22.77
CA VAL E 220 40.05 19.67 -24.14
C VAL E 220 41.24 18.92 -24.77
N VAL E 221 42.34 19.66 -24.85
CA VAL E 221 43.60 19.23 -25.51
C VAL E 221 44.02 17.91 -24.87
N TYR E 222 44.26 18.02 -23.56
CA TYR E 222 45.02 17.09 -22.70
C TYR E 222 44.07 16.04 -22.12
N ARG E 223 43.31 16.43 -21.11
CA ARG E 223 42.55 15.52 -20.23
C ARG E 223 41.26 15.02 -20.91
N GLN E 224 40.92 15.27 -22.19
CA GLN E 224 39.72 14.62 -22.82
C GLN E 224 40.18 13.58 -23.83
N GLY E 225 41.51 13.36 -23.89
CA GLY E 225 42.21 12.73 -25.03
C GLY E 225 41.42 12.89 -26.33
N HIS E 226 41.09 14.09 -26.71
CA HIS E 226 40.86 14.36 -28.16
C HIS E 226 42.25 14.16 -28.80
N THR E 227 42.36 13.90 -30.11
CA THR E 227 43.65 14.02 -30.86
C THR E 227 44.19 15.46 -30.68
N VAL E 228 45.33 15.79 -31.27
CA VAL E 228 45.79 17.20 -31.34
C VAL E 228 44.80 17.93 -32.27
N GLU E 229 44.62 17.44 -33.51
CA GLU E 229 43.73 18.06 -34.51
C GLU E 229 42.31 18.20 -33.96
N GLU E 230 41.82 17.14 -33.32
CA GLU E 230 40.43 17.05 -32.83
C GLU E 230 40.20 18.22 -31.90
N ALA E 231 41.17 18.50 -31.04
CA ALA E 231 41.02 19.54 -29.99
C ALA E 231 41.07 20.92 -30.65
N LEU E 232 42.01 21.13 -31.55
CA LEU E 232 42.13 22.44 -32.26
C LEU E 232 40.78 22.86 -32.83
N ALA E 233 40.07 21.84 -33.32
CA ALA E 233 38.71 21.96 -33.85
C ALA E 233 37.76 22.45 -32.75
N GLU E 234 37.74 21.76 -31.61
CA GLU E 234 36.87 22.08 -30.47
C GLU E 234 37.07 23.55 -30.07
N LEU E 235 38.33 23.91 -29.88
CA LEU E 235 38.74 25.23 -29.31
C LEU E 235 38.13 26.38 -30.13
N ALA E 236 38.26 26.35 -31.46
CA ALA E 236 37.58 27.23 -32.45
C ALA E 236 36.53 28.18 -31.85
N GLU E 237 35.39 27.65 -31.35
CA GLU E 237 34.32 28.40 -30.62
C GLU E 237 34.97 29.23 -29.49
N SER E 238 35.47 28.51 -28.45
CA SER E 238 36.21 29.02 -27.26
C SER E 238 37.11 30.21 -27.66
N ALA E 239 37.73 30.15 -28.84
CA ALA E 239 38.86 31.00 -29.25
C ALA E 239 38.36 32.27 -29.96
N ALA E 240 37.20 32.20 -30.61
CA ALA E 240 36.55 33.40 -31.12
C ALA E 240 36.12 34.27 -29.92
N GLN E 241 35.47 33.59 -28.99
CA GLN E 241 34.91 34.16 -27.76
C GLN E 241 35.99 34.92 -26.97
N PHE E 242 37.21 34.39 -26.86
CA PHE E 242 38.24 34.87 -25.93
C PHE E 242 39.59 34.95 -26.63
N PRO E 243 40.02 36.15 -27.02
CA PRO E 243 41.40 36.37 -27.43
C PRO E 243 42.43 35.61 -26.60
N GLU E 244 42.20 35.45 -25.29
CA GLU E 244 43.16 34.73 -24.40
C GLU E 244 43.29 33.26 -24.86
N VAL E 245 42.18 32.60 -25.19
CA VAL E 245 42.13 31.18 -25.64
C VAL E 245 42.78 31.12 -27.01
N ALA E 246 42.44 32.09 -27.84
CA ALA E 246 42.92 32.23 -29.23
C ALA E 246 44.42 31.91 -29.26
N VAL E 247 45.15 32.66 -28.45
CA VAL E 247 46.61 32.51 -28.17
C VAL E 247 47.01 31.04 -27.95
N PHE E 248 46.26 30.39 -27.07
CA PHE E 248 46.49 28.98 -26.67
C PHE E 248 46.26 28.09 -27.87
N ARG E 249 45.11 28.23 -28.57
CA ARG E 249 44.89 27.47 -29.83
C ARG E 249 46.08 27.75 -30.78
N ASP E 250 46.36 29.03 -31.04
CA ASP E 250 47.43 29.47 -31.96
C ASP E 250 48.75 28.81 -31.54
N SER E 251 49.10 28.74 -30.25
CA SER E 251 50.37 28.05 -29.87
C SER E 251 50.33 26.62 -30.43
N ILE E 252 49.28 25.89 -30.08
CA ILE E 252 49.16 24.44 -30.42
C ILE E 252 49.14 24.26 -31.94
N GLN E 253 48.43 25.14 -32.62
CA GLN E 253 48.40 25.17 -34.10
C GLN E 253 49.80 24.88 -34.64
N SER E 254 50.64 25.91 -34.69
CA SER E 254 51.88 25.94 -35.47
C SER E 254 52.96 25.29 -34.61
N ALA E 255 52.59 24.13 -34.08
CA ALA E 255 53.52 23.11 -33.55
C ALA E 255 53.35 21.82 -34.33
N THR E 256 52.13 21.52 -34.80
CA THR E 256 51.80 20.28 -35.56
C THR E 256 51.40 20.71 -36.96
N ARG E 257 52.21 20.55 -38.02
CA ARG E 257 51.60 20.60 -39.38
C ARG E 257 51.34 19.17 -39.85
N GLY E 258 52.10 18.17 -39.34
CA GLY E 258 52.01 16.77 -39.79
C GLY E 258 52.25 16.58 -41.30
N ILE E 259 52.03 15.36 -41.78
CA ILE E 259 52.25 14.96 -43.20
C ILE E 259 50.93 14.45 -43.77
N THR E 260 50.83 14.31 -45.08
CA THR E 260 49.71 13.59 -45.73
C THR E 260 49.78 12.14 -45.29
N ARG E 261 48.83 11.64 -44.52
CA ARG E 261 48.63 10.17 -44.41
C ARG E 261 47.62 9.81 -45.49
N MET F 4 105.15 38.20 -2.11
CA MET F 4 104.03 37.94 -1.24
C MET F 4 103.82 39.19 -0.35
N SER F 5 103.02 40.22 -0.84
CA SER F 5 102.41 41.36 -0.07
C SER F 5 100.84 41.43 -0.19
N LEU F 6 100.10 41.33 0.94
CA LEU F 6 98.89 40.46 1.16
C LEU F 6 97.74 40.71 0.22
N ILE F 7 97.30 41.97 0.22
CA ILE F 7 96.16 42.46 -0.63
C ILE F 7 96.79 42.96 -1.92
N ASP F 8 96.59 42.24 -3.01
CA ASP F 8 97.11 42.56 -4.37
C ASP F 8 96.79 44.01 -4.68
N PRO F 9 97.71 44.76 -5.34
CA PRO F 9 97.40 46.13 -5.70
C PRO F 9 96.38 46.18 -6.85
N ARG F 10 96.23 45.16 -7.69
CA ARG F 10 95.29 45.24 -8.84
C ARG F 10 93.86 44.97 -8.38
N ALA F 11 93.66 44.66 -7.11
CA ALA F 11 92.33 44.43 -6.51
C ALA F 11 91.73 45.78 -6.10
N ILE F 12 90.42 45.86 -6.02
CA ILE F 12 89.70 47.08 -5.55
C ILE F 12 89.11 46.80 -4.18
N ILE F 13 89.42 47.65 -3.20
CA ILE F 13 88.82 47.57 -1.84
C ILE F 13 88.12 48.89 -1.54
N ASP F 14 86.83 48.84 -1.26
CA ASP F 14 86.05 50.02 -0.83
C ASP F 14 86.69 50.59 0.44
N PRO F 15 86.75 51.93 0.60
CA PRO F 15 87.17 52.51 1.87
C PRO F 15 86.30 52.01 3.02
N SER F 16 85.00 51.80 2.78
CA SER F 16 84.02 51.40 3.81
C SER F 16 84.26 49.94 4.22
N ALA F 17 84.86 49.09 3.39
CA ALA F 17 85.12 47.66 3.71
C ALA F 17 86.11 47.58 4.86
N ARG F 18 86.20 46.45 5.56
CA ARG F 18 87.12 46.36 6.72
C ARG F 18 87.54 44.90 6.92
N LEU F 19 88.87 44.64 6.87
CA LEU F 19 89.58 43.33 6.68
C LEU F 19 90.61 43.10 7.81
N ALA F 20 90.52 42.02 8.59
CA ALA F 20 91.51 41.68 9.65
C ALA F 20 92.91 41.58 9.03
N ALA F 21 93.97 41.68 9.85
CA ALA F 21 95.37 41.97 9.44
C ALA F 21 95.82 41.10 8.25
N ASP F 22 95.80 39.79 8.44
CA ASP F 22 96.47 38.77 7.57
C ASP F 22 95.47 38.20 6.55
N VAL F 23 94.42 38.95 6.22
CA VAL F 23 93.57 38.65 5.04
C VAL F 23 94.39 38.90 3.78
N GLN F 24 94.16 38.05 2.79
CA GLN F 24 94.66 38.23 1.43
C GLN F 24 93.54 38.42 0.42
N VAL F 25 93.84 39.18 -0.63
CA VAL F 25 92.95 39.35 -1.80
C VAL F 25 93.80 39.24 -3.08
N GLY F 26 93.47 38.27 -3.94
CA GLY F 26 94.10 38.07 -5.26
C GLY F 26 93.81 39.27 -6.15
N PRO F 27 94.43 39.36 -7.35
CA PRO F 27 94.19 40.48 -8.24
C PRO F 27 92.78 40.53 -8.86
N TRP F 28 92.28 41.73 -9.17
CA TRP F 28 91.04 41.94 -9.98
C TRP F 28 89.81 41.52 -9.18
N SER F 29 90.01 41.27 -7.90
CA SER F 29 88.89 40.98 -6.98
C SER F 29 88.42 42.32 -6.44
N ILE F 30 87.12 42.43 -6.20
CA ILE F 30 86.46 43.66 -5.69
C ILE F 30 85.89 43.31 -4.33
N VAL F 31 86.20 44.13 -3.33
CA VAL F 31 85.60 44.03 -1.98
C VAL F 31 84.69 45.25 -1.80
N GLY F 32 83.44 45.14 -2.30
CA GLY F 32 82.39 46.18 -2.29
C GLY F 32 82.29 46.86 -0.93
N ALA F 33 81.53 47.94 -0.82
CA ALA F 33 81.37 48.64 0.47
C ALA F 33 80.74 47.66 1.46
N GLU F 34 80.90 47.92 2.77
CA GLU F 34 80.16 47.23 3.86
C GLU F 34 80.56 45.76 3.95
N VAL F 35 81.65 45.37 3.32
CA VAL F 35 82.13 43.97 3.38
C VAL F 35 83.18 43.86 4.48
N GLU F 36 82.98 42.91 5.38
CA GLU F 36 83.83 42.66 6.56
C GLU F 36 84.46 41.28 6.35
N ILE F 37 85.78 41.15 6.44
CA ILE F 37 86.47 39.85 6.22
C ILE F 37 87.34 39.51 7.42
N GLY F 38 87.05 38.37 8.07
CA GLY F 38 87.69 37.94 9.32
C GLY F 38 89.11 37.46 9.09
N GLU F 39 89.87 37.34 10.19
CA GLU F 39 91.28 36.90 10.26
C GLU F 39 91.57 35.69 9.34
N GLY F 40 92.68 35.69 8.62
CA GLY F 40 93.29 34.53 7.93
C GLY F 40 92.51 34.04 6.71
N THR F 41 91.47 34.77 6.31
CA THR F 41 90.66 34.45 5.11
C THR F 41 91.51 34.77 3.88
N VAL F 42 91.22 34.08 2.78
CA VAL F 42 91.90 34.26 1.46
C VAL F 42 90.83 34.49 0.40
N ILE F 43 90.92 35.61 -0.30
CA ILE F 43 90.06 35.87 -1.49
C ILE F 43 90.93 35.63 -2.73
N GLY F 44 90.53 34.71 -3.60
CA GLY F 44 91.28 34.40 -4.83
C GLY F 44 91.25 35.59 -5.78
N PRO F 45 91.80 35.46 -7.01
CA PRO F 45 91.61 36.44 -8.06
C PRO F 45 90.18 36.51 -8.62
N HIS F 46 89.89 37.48 -9.48
CA HIS F 46 88.54 37.78 -10.05
C HIS F 46 87.39 37.34 -9.12
N VAL F 47 87.36 37.81 -7.88
CA VAL F 47 86.18 37.63 -7.01
C VAL F 47 85.44 38.95 -6.95
N VAL F 48 84.15 38.87 -6.62
CA VAL F 48 83.25 40.03 -6.41
C VAL F 48 82.54 39.79 -5.08
N LEU F 49 82.88 40.59 -4.08
CA LEU F 49 82.12 40.69 -2.80
C LEU F 49 81.30 41.99 -2.83
N LYS F 50 80.06 41.90 -2.36
CA LYS F 50 79.17 43.07 -2.17
C LYS F 50 78.57 42.90 -0.80
N GLY F 51 78.17 44.00 -0.16
CA GLY F 51 77.71 44.03 1.25
C GLY F 51 76.26 44.48 1.35
N PRO F 52 75.70 44.71 2.55
CA PRO F 52 76.38 44.42 3.81
C PRO F 52 76.61 42.92 4.01
N THR F 53 77.88 42.52 4.13
CA THR F 53 78.28 41.10 4.17
C THR F 53 79.36 40.94 5.20
N LYS F 54 79.31 39.88 5.97
CA LYS F 54 80.22 39.63 7.11
C LYS F 54 80.82 38.24 6.88
N ILE F 55 82.11 38.15 6.58
CA ILE F 55 82.81 36.86 6.29
C ILE F 55 83.76 36.55 7.46
N GLY F 56 83.60 35.38 8.09
CA GLY F 56 84.37 34.97 9.27
C GLY F 56 85.84 34.72 8.94
N LYS F 57 86.46 33.80 9.70
CA LYS F 57 87.93 33.60 9.78
C LYS F 57 88.33 32.38 8.94
N HIS F 58 89.56 32.35 8.44
CA HIS F 58 90.14 31.19 7.71
C HIS F 58 89.18 30.66 6.64
N ASN F 59 88.57 31.50 5.80
CA ASN F 59 87.78 31.03 4.63
C ASN F 59 88.67 31.12 3.40
N ARG F 60 88.39 30.30 2.39
CA ARG F 60 89.16 30.21 1.10
C ARG F 60 88.00 30.42 0.10
N ILE F 61 87.93 31.55 -0.62
CA ILE F 61 86.91 31.83 -1.70
C ILE F 61 87.61 31.98 -3.05
N TYR F 62 87.13 31.27 -4.08
CA TYR F 62 87.82 31.17 -5.40
C TYR F 62 87.23 32.11 -6.43
N GLN F 63 87.89 32.16 -7.60
CA GLN F 63 87.61 33.04 -8.77
C GLN F 63 86.17 32.92 -9.26
N PHE F 64 85.59 33.97 -9.87
CA PHE F 64 84.32 33.96 -10.65
C PHE F 64 83.09 33.86 -9.70
N SER F 65 83.40 33.89 -8.41
CA SER F 65 82.42 33.85 -7.29
C SER F 65 81.88 35.25 -7.10
N SER F 66 80.56 35.36 -7.00
CA SER F 66 79.83 36.63 -6.82
C SER F 66 79.08 36.46 -5.48
N VAL F 67 79.77 36.77 -4.39
CA VAL F 67 79.33 36.55 -2.99
C VAL F 67 78.81 37.85 -2.37
N GLY F 68 77.51 37.88 -2.09
CA GLY F 68 76.80 39.01 -1.45
C GLY F 68 76.14 39.90 -2.46
N GLU F 69 75.74 39.40 -3.64
CA GLU F 69 74.96 40.17 -4.64
C GLU F 69 73.49 40.16 -4.20
N ASP F 70 72.62 41.05 -4.72
CA ASP F 70 71.17 41.14 -4.35
C ASP F 70 70.44 39.95 -4.97
N THR F 71 69.37 39.39 -4.43
CA THR F 71 68.74 38.30 -5.25
C THR F 71 68.06 38.94 -6.43
N PRO F 72 68.02 38.34 -7.63
CA PRO F 72 67.41 38.98 -8.79
C PRO F 72 65.88 39.02 -8.70
N ASP F 73 65.29 38.03 -7.97
CA ASP F 73 63.86 37.81 -7.61
C ASP F 73 63.20 39.17 -7.38
N LEU F 74 62.04 39.44 -7.97
CA LEU F 74 61.53 40.83 -8.06
C LEU F 74 60.93 41.26 -6.71
N LYS F 75 60.48 40.29 -5.94
CA LYS F 75 60.14 40.34 -4.51
C LYS F 75 61.03 41.42 -3.83
N TYR F 76 62.35 41.24 -3.87
CA TYR F 76 63.34 42.14 -3.25
C TYR F 76 63.43 43.43 -4.05
N LYS F 77 63.15 44.58 -3.46
CA LYS F 77 63.32 45.88 -4.16
C LYS F 77 64.45 46.67 -3.47
N GLY F 78 65.60 46.05 -3.19
CA GLY F 78 66.82 46.79 -2.82
C GLY F 78 66.92 47.14 -1.34
N GLU F 79 65.96 46.73 -0.50
CA GLU F 79 66.01 46.95 0.98
C GLU F 79 67.40 46.48 1.45
N PRO F 80 67.96 46.95 2.59
CA PRO F 80 69.41 46.98 2.73
C PRO F 80 69.87 45.75 3.53
N THR F 81 69.58 44.53 3.05
CA THR F 81 69.67 43.23 3.79
C THR F 81 71.10 42.68 3.86
N ARG F 82 71.32 41.57 4.57
CA ARG F 82 72.68 41.10 4.96
C ARG F 82 72.91 39.66 4.47
N LEU F 83 74.19 39.34 4.28
CA LEU F 83 74.81 37.97 4.20
C LEU F 83 75.83 37.84 5.31
N VAL F 84 75.88 36.65 5.91
CA VAL F 84 76.82 36.27 7.00
C VAL F 84 77.40 34.89 6.70
N ILE F 85 78.72 34.80 6.73
CA ILE F 85 79.48 33.53 6.54
C ILE F 85 80.38 33.32 7.76
N GLY F 86 80.30 32.14 8.37
CA GLY F 86 81.14 31.74 9.52
C GLY F 86 82.59 31.53 9.11
N ASP F 87 83.25 30.55 9.75
CA ASP F 87 84.71 30.34 9.72
C ASP F 87 85.02 29.03 8.97
N HIS F 88 86.27 28.83 8.55
CA HIS F 88 86.82 27.59 7.92
C HIS F 88 85.87 27.10 6.80
N ASN F 89 85.31 28.00 5.99
CA ASN F 89 84.47 27.58 4.84
C ASN F 89 85.30 27.63 3.58
N VAL F 90 84.93 26.81 2.60
CA VAL F 90 85.48 26.83 1.23
C VAL F 90 84.38 27.07 0.21
N ILE F 91 84.58 28.10 -0.58
CA ILE F 91 83.66 28.48 -1.68
C ILE F 91 84.46 28.40 -2.97
N ARG F 92 84.18 27.36 -3.75
CA ARG F 92 84.90 27.01 -4.99
C ARG F 92 84.53 27.98 -6.12
N GLU F 93 85.06 27.69 -7.30
CA GLU F 93 85.04 28.58 -8.46
C GLU F 93 83.57 28.81 -8.90
N GLY F 94 83.13 30.06 -8.96
CA GLY F 94 81.91 30.47 -9.70
C GLY F 94 80.64 30.44 -8.85
N VAL F 95 80.83 30.29 -7.55
CA VAL F 95 79.67 30.20 -6.64
C VAL F 95 79.02 31.57 -6.56
N THR F 96 77.70 31.57 -6.46
CA THR F 96 76.86 32.75 -6.20
C THR F 96 76.18 32.58 -4.85
N ILE F 97 76.27 33.61 -4.03
CA ILE F 97 75.54 33.68 -2.73
C ILE F 97 74.86 35.05 -2.67
N HIS F 98 73.56 35.05 -2.49
CA HIS F 98 72.71 36.27 -2.54
C HIS F 98 72.30 36.67 -1.10
N ARG F 99 72.26 37.95 -0.81
CA ARG F 99 71.80 38.39 0.53
C ARG F 99 70.27 38.32 0.56
N GLY F 100 69.78 38.12 1.78
CA GLY F 100 68.39 38.06 2.20
C GLY F 100 67.50 39.11 1.56
N THR F 101 66.23 39.01 1.92
CA THR F 101 65.08 39.86 1.53
C THR F 101 64.43 40.27 2.84
N VAL F 102 63.82 41.45 2.97
CA VAL F 102 63.15 41.80 4.26
C VAL F 102 61.95 40.86 4.50
N GLN F 103 61.31 40.38 3.43
CA GLN F 103 60.14 39.47 3.47
C GLN F 103 60.37 38.31 4.46
N ASP F 104 61.54 37.64 4.50
CA ASP F 104 61.81 36.50 5.43
C ASP F 104 62.70 37.06 6.55
N ARG F 105 63.92 36.57 6.82
CA ARG F 105 64.64 37.01 8.03
C ARG F 105 65.66 38.09 7.67
N ALA F 106 65.70 38.54 6.41
CA ALA F 106 66.52 39.69 6.00
C ALA F 106 68.00 39.29 6.02
N GLU F 107 68.29 38.01 6.08
CA GLU F 107 69.68 37.52 6.11
C GLU F 107 69.74 36.10 5.57
N THR F 108 70.71 35.94 4.66
CA THR F 108 71.30 34.68 4.15
C THR F 108 72.47 34.35 5.05
N THR F 109 72.62 33.09 5.49
CA THR F 109 73.53 32.71 6.61
C THR F 109 74.25 31.40 6.35
N ILE F 110 75.56 31.38 6.55
CA ILE F 110 76.37 30.15 6.42
C ILE F 110 77.23 30.00 7.68
N GLY F 111 77.26 28.79 8.22
CA GLY F 111 77.97 28.42 9.45
C GLY F 111 79.44 28.19 9.19
N ASP F 112 80.03 27.14 9.78
CA ASP F 112 81.50 26.86 9.76
C ASP F 112 81.77 25.57 8.97
N HIS F 113 83.00 25.36 8.50
CA HIS F 113 83.55 24.07 7.98
C HIS F 113 82.76 23.54 6.75
N ASN F 114 82.02 24.39 6.06
CA ASN F 114 81.23 24.00 4.86
C ASN F 114 82.10 24.04 3.61
N LEU F 115 81.84 23.10 2.72
CA LEU F 115 82.45 23.00 1.37
C LEU F 115 81.37 23.23 0.33
N ILE F 116 81.46 24.33 -0.38
CA ILE F 116 80.49 24.69 -1.44
C ILE F 116 81.25 24.69 -2.76
N MET F 117 80.98 23.72 -3.62
CA MET F 117 81.81 23.49 -4.82
C MET F 117 81.28 24.32 -5.98
N ALA F 118 81.95 24.15 -7.11
CA ALA F 118 81.87 25.09 -8.24
C ALA F 118 80.44 25.34 -8.74
N TYR F 119 80.14 26.58 -9.12
CA TYR F 119 78.92 27.01 -9.87
C TYR F 119 77.67 26.74 -8.99
N ALA F 120 77.86 26.41 -7.70
CA ALA F 120 76.72 26.26 -6.76
C ALA F 120 76.04 27.62 -6.58
N HIS F 121 74.77 27.60 -6.22
CA HIS F 121 73.97 28.82 -5.95
C HIS F 121 73.31 28.68 -4.58
N ILE F 122 73.33 29.76 -3.80
CA ILE F 122 72.71 29.83 -2.45
C ILE F 122 71.82 31.06 -2.39
N GLY F 123 70.55 30.92 -2.78
CA GLY F 123 69.59 32.03 -3.02
C GLY F 123 69.23 32.77 -1.75
N HIS F 124 68.59 33.93 -1.90
CA HIS F 124 68.16 34.83 -0.80
C HIS F 124 67.68 34.03 0.40
N ASP F 125 68.21 34.30 1.59
CA ASP F 125 67.60 33.90 2.89
C ASP F 125 67.87 32.44 3.20
N SER F 126 68.60 31.72 2.35
CA SER F 126 68.99 30.33 2.64
C SER F 126 69.87 30.35 3.90
N VAL F 127 70.02 29.22 4.55
CA VAL F 127 70.72 29.11 5.86
C VAL F 127 71.45 27.78 5.96
N ILE F 128 72.77 27.83 6.05
CA ILE F 128 73.59 26.59 6.08
C ILE F 128 74.29 26.48 7.44
N GLY F 129 74.27 25.27 7.99
CA GLY F 129 74.87 24.90 9.29
C GLY F 129 76.36 24.70 9.13
N ASN F 130 76.89 23.53 9.51
CA ASN F 130 78.35 23.24 9.56
C ASN F 130 78.67 21.92 8.86
N HIS F 131 79.90 21.77 8.36
CA HIS F 131 80.43 20.52 7.77
C HIS F 131 79.47 20.03 6.67
N CYS F 132 78.76 20.94 6.02
CA CYS F 132 77.90 20.56 4.87
C CYS F 132 78.77 20.50 3.63
N ILE F 133 78.37 19.68 2.67
CA ILE F 133 78.95 19.72 1.30
C ILE F 133 77.84 19.95 0.28
N LEU F 134 77.95 21.05 -0.43
CA LEU F 134 77.13 21.33 -1.65
C LEU F 134 78.04 21.10 -2.83
N VAL F 135 77.76 20.05 -3.59
CA VAL F 135 78.60 19.68 -4.76
C VAL F 135 78.24 20.59 -5.94
N ASN F 136 79.05 20.56 -6.99
CA ASN F 136 78.95 21.40 -8.21
C ASN F 136 77.47 21.67 -8.56
N ASN F 137 77.11 22.94 -8.74
CA ASN F 137 75.84 23.41 -9.38
C ASN F 137 74.62 23.10 -8.53
N THR F 138 74.79 22.54 -7.35
CA THR F 138 73.75 22.56 -6.31
C THR F 138 73.16 23.96 -6.25
N ALA F 139 71.86 24.04 -6.05
CA ALA F 139 71.08 25.28 -6.17
C ALA F 139 69.96 25.30 -5.16
N LEU F 140 70.01 26.29 -4.26
CA LEU F 140 68.99 26.51 -3.20
C LEU F 140 68.17 27.72 -3.62
N ALA F 141 66.96 27.50 -4.11
CA ALA F 141 66.15 28.53 -4.80
C ALA F 141 65.99 29.76 -3.93
N GLY F 142 65.74 29.51 -2.62
CA GLY F 142 65.58 30.56 -1.60
C GLY F 142 65.00 30.02 -0.32
N HIS F 143 65.34 30.67 0.81
CA HIS F 143 64.89 30.38 2.19
C HIS F 143 65.06 28.90 2.50
N VAL F 144 66.05 28.24 1.91
CA VAL F 144 66.35 26.82 2.18
C VAL F 144 67.22 26.74 3.41
N HIS F 145 66.86 25.92 4.38
CA HIS F 145 67.68 25.59 5.57
C HIS F 145 68.31 24.21 5.36
N VAL F 146 69.64 24.16 5.41
CA VAL F 146 70.47 22.92 5.34
C VAL F 146 71.12 22.75 6.70
N ASP F 147 70.64 21.76 7.45
CA ASP F 147 71.20 21.41 8.79
C ASP F 147 72.52 20.66 8.58
N ASP F 148 73.25 20.36 9.65
CA ASP F 148 74.71 20.05 9.62
C ASP F 148 74.99 18.72 8.93
N TRP F 149 76.18 18.58 8.33
CA TRP F 149 76.72 17.31 7.79
C TRP F 149 76.00 16.89 6.51
N ALA F 150 74.99 17.64 6.11
CA ALA F 150 74.21 17.29 4.91
C ALA F 150 75.16 17.32 3.73
N ILE F 151 74.87 16.46 2.78
CA ILE F 151 75.61 16.38 1.49
C ILE F 151 74.58 16.42 0.38
N LEU F 152 74.71 17.42 -0.47
CA LEU F 152 73.92 17.53 -1.70
C LEU F 152 74.87 17.21 -2.86
N SER F 153 74.71 16.04 -3.46
CA SER F 153 75.44 15.61 -4.68
C SER F 153 75.24 16.67 -5.77
N GLY F 154 75.99 16.55 -6.87
CA GLY F 154 76.04 17.57 -7.94
C GLY F 154 74.68 17.85 -8.53
N TYR F 155 74.42 19.11 -8.89
CA TYR F 155 73.21 19.50 -9.68
C TYR F 155 71.96 19.08 -8.91
N THR F 156 72.03 19.17 -7.58
CA THR F 156 70.87 19.00 -6.68
C THR F 156 70.12 20.33 -6.62
N LEU F 157 68.82 20.29 -6.85
CA LEU F 157 67.94 21.49 -6.94
C LEU F 157 66.93 21.45 -5.79
N VAL F 158 66.74 22.56 -5.09
CA VAL F 158 65.98 22.57 -3.81
C VAL F 158 65.00 23.75 -3.81
N HIS F 159 63.68 23.46 -3.82
CA HIS F 159 62.60 24.46 -4.15
C HIS F 159 62.48 25.39 -2.92
N GLN F 160 62.02 26.63 -3.17
CA GLN F 160 61.87 27.73 -2.16
C GLN F 160 61.52 26.97 -0.84
N TYR F 161 62.13 27.30 0.30
CA TYR F 161 61.62 27.02 1.67
C TYR F 161 61.83 25.57 2.18
N CYS F 162 62.45 24.67 1.41
CA CYS F 162 62.65 23.28 1.88
C CYS F 162 63.69 23.22 2.99
N ARG F 163 63.56 22.26 3.89
CA ARG F 163 64.54 21.95 4.96
C ARG F 163 65.22 20.64 4.59
N ILE F 164 66.55 20.70 4.44
CA ILE F 164 67.41 19.49 4.30
C ILE F 164 67.91 19.17 5.71
N GLY F 165 67.28 18.19 6.38
CA GLY F 165 67.69 17.72 7.71
C GLY F 165 69.13 17.22 7.73
N ALA F 166 69.71 17.09 8.92
CA ALA F 166 71.14 16.80 9.13
C ALA F 166 71.55 15.38 8.70
N HIS F 167 72.76 15.26 8.16
CA HIS F 167 73.37 14.00 7.64
C HIS F 167 72.58 13.48 6.45
N SER F 168 71.55 14.21 6.04
CA SER F 168 70.76 13.81 4.85
C SER F 168 71.70 13.85 3.67
N PHE F 169 71.25 13.24 2.58
CA PHE F 169 72.05 13.05 1.35
C PHE F 169 71.12 13.05 0.14
N SER F 170 71.33 13.99 -0.77
CA SER F 170 70.71 13.98 -2.11
C SER F 170 71.70 13.38 -3.12
N GLY F 171 71.22 12.53 -4.03
CA GLY F 171 72.02 12.00 -5.15
C GLY F 171 72.13 13.04 -6.26
N MET F 172 72.91 12.77 -7.31
CA MET F 172 73.14 13.79 -8.36
C MET F 172 71.84 13.98 -9.13
N GLY F 173 71.63 15.20 -9.65
CA GLY F 173 70.40 15.62 -10.36
C GLY F 173 69.13 15.43 -9.55
N SER F 174 69.20 15.34 -8.23
CA SER F 174 68.00 15.33 -7.36
C SER F 174 67.25 16.65 -7.49
N ALA F 175 65.92 16.58 -7.49
CA ALA F 175 65.00 17.74 -7.63
C ALA F 175 64.05 17.78 -6.43
N ILE F 176 64.54 18.40 -5.35
CA ILE F 176 63.93 18.29 -4.02
C ILE F 176 62.80 19.33 -3.88
N GLY F 177 61.54 18.89 -3.89
CA GLY F 177 60.37 19.79 -3.84
C GLY F 177 59.82 19.97 -2.43
N LYS F 178 60.30 19.17 -1.48
CA LYS F 178 59.76 19.09 -0.10
C LYS F 178 60.83 18.62 0.86
N ASP F 179 60.62 18.80 2.15
CA ASP F 179 61.67 18.57 3.17
C ASP F 179 62.32 17.19 3.04
N VAL F 180 63.61 17.13 3.30
CA VAL F 180 64.38 15.86 3.43
C VAL F 180 64.72 15.66 4.91
N PRO F 181 64.16 14.59 5.52
CA PRO F 181 64.40 14.31 6.93
C PRO F 181 65.88 14.04 7.21
N ALA F 182 66.32 14.30 8.43
CA ALA F 182 67.66 13.93 8.90
C ALA F 182 68.01 12.53 8.41
N TYR F 183 69.24 12.32 7.94
CA TYR F 183 69.85 11.00 7.62
C TYR F 183 69.31 10.39 6.32
N VAL F 184 68.27 10.93 5.71
CA VAL F 184 67.59 10.23 4.59
C VAL F 184 68.39 10.44 3.30
N THR F 185 68.49 9.40 2.48
CA THR F 185 69.04 9.47 1.10
C THR F 185 67.85 9.69 0.15
N VAL F 186 67.92 10.70 -0.70
CA VAL F 186 66.86 10.97 -1.73
C VAL F 186 67.51 11.06 -3.11
N PHE F 187 66.79 10.67 -4.14
CA PHE F 187 67.34 10.53 -5.51
C PHE F 187 66.27 10.93 -6.54
N GLY F 188 66.68 11.68 -7.56
CA GLY F 188 65.97 11.81 -8.84
C GLY F 188 64.98 12.96 -8.90
N ASN F 189 64.24 13.01 -10.02
CA ASN F 189 63.35 14.15 -10.37
C ASN F 189 61.96 13.62 -10.65
N PRO F 190 61.04 13.74 -9.67
CA PRO F 190 61.30 14.50 -8.46
C PRO F 190 61.92 13.60 -7.40
N ALA F 191 62.73 14.16 -6.51
CA ALA F 191 63.38 13.45 -5.38
C ALA F 191 62.39 12.48 -4.74
N GLU F 192 62.79 11.22 -4.55
CA GLU F 192 62.11 10.25 -3.64
C GLU F 192 63.10 9.81 -2.57
N ALA F 193 62.57 9.29 -1.44
CA ALA F 193 63.38 8.69 -0.34
C ALA F 193 63.85 7.33 -0.84
N ARG F 194 65.04 6.86 -0.46
CA ARG F 194 65.49 5.48 -0.76
C ARG F 194 65.88 4.77 0.53
N SER F 195 66.91 5.27 1.21
CA SER F 195 67.46 4.68 2.46
C SER F 195 67.75 5.79 3.46
N MET F 196 68.45 5.44 4.51
CA MET F 196 69.19 6.40 5.36
C MET F 196 70.65 6.27 4.96
N ASN F 197 71.40 7.28 5.35
CA ASN F 197 72.79 7.52 4.91
C ASN F 197 73.71 6.87 5.92
N PHE F 198 73.78 5.54 5.86
CA PHE F 198 74.55 4.75 6.85
C PHE F 198 76.00 5.19 6.70
N GLU F 199 76.39 5.48 5.48
CA GLU F 199 77.74 6.02 5.18
C GLU F 199 78.11 7.03 6.28
N GLY F 200 77.59 8.24 6.18
CA GLY F 200 77.97 9.39 7.02
C GLY F 200 77.57 9.20 8.46
N MET F 201 76.91 8.08 8.79
CA MET F 201 76.67 7.61 10.18
C MET F 201 77.89 6.88 10.68
N ARG F 202 78.48 5.98 9.87
CA ARG F 202 79.75 5.30 10.25
C ARG F 202 80.76 6.42 10.39
N ARG F 203 80.78 7.38 9.46
CA ARG F 203 81.72 8.54 9.49
C ARG F 203 81.60 9.26 10.84
N ARG F 204 80.40 9.48 11.37
CA ARG F 204 80.25 10.16 12.69
C ARG F 204 80.54 9.20 13.85
N GLY F 205 80.84 7.92 13.57
CA GLY F 205 81.11 6.89 14.60
C GLY F 205 79.89 6.59 15.46
N PHE F 206 78.67 6.72 14.92
CA PHE F 206 77.41 6.31 15.57
C PHE F 206 77.53 4.88 16.10
N SER F 207 76.90 4.57 17.22
CA SER F 207 76.88 3.19 17.79
C SER F 207 76.09 2.32 16.83
N SER F 208 76.30 1.01 16.83
CA SER F 208 75.52 0.12 15.94
C SER F 208 74.06 0.15 16.36
N GLU F 209 73.75 0.19 17.68
CA GLU F 209 72.32 0.23 18.14
C GLU F 209 71.65 1.42 17.45
N ALA F 210 72.36 2.56 17.43
CA ALA F 210 71.82 3.83 16.92
C ALA F 210 71.55 3.69 15.43
N ILE F 211 72.49 3.11 14.70
CA ILE F 211 72.29 2.86 13.24
C ILE F 211 71.03 1.98 13.07
N HIS F 212 71.02 0.75 13.61
CA HIS F 212 69.86 -0.17 13.52
C HIS F 212 68.58 0.58 13.89
N ALA F 213 68.60 1.39 14.94
CA ALA F 213 67.42 2.12 15.46
C ALA F 213 66.89 3.11 14.44
N LEU F 214 67.83 3.71 13.68
CA LEU F 214 67.56 4.68 12.61
C LEU F 214 67.01 3.95 11.39
N ARG F 215 67.52 2.77 11.07
CA ARG F 215 66.89 1.93 10.03
C ARG F 215 65.44 1.66 10.50
N ARG F 216 65.23 1.14 11.73
CA ARG F 216 63.85 0.85 12.25
C ARG F 216 63.00 2.08 11.95
N ALA F 217 63.52 3.25 12.32
CA ALA F 217 62.79 4.54 12.26
C ALA F 217 62.40 4.85 10.80
N TYR F 218 63.33 4.68 9.87
CA TYR F 218 63.04 4.87 8.42
C TYR F 218 61.83 4.01 8.06
N LYS F 219 62.00 2.70 8.33
CA LYS F 219 61.05 1.65 7.94
C LYS F 219 59.67 2.14 8.37
N VAL F 220 59.55 2.72 9.56
CA VAL F 220 58.27 3.15 10.19
C VAL F 220 57.55 4.18 9.31
N VAL F 221 58.26 5.26 9.06
CA VAL F 221 57.78 6.45 8.32
C VAL F 221 57.27 5.98 6.96
N TYR F 222 58.22 5.40 6.23
CA TYR F 222 58.20 5.15 4.77
C TYR F 222 57.61 3.78 4.48
N ARG F 223 58.36 2.75 4.72
CA ARG F 223 58.09 1.37 4.23
C ARG F 223 57.01 0.68 5.12
N GLN F 224 56.33 1.28 6.12
CA GLN F 224 55.21 0.58 6.82
C GLN F 224 53.88 1.22 6.40
N GLY F 225 53.95 2.17 5.46
CA GLY F 225 52.90 3.18 5.19
C GLY F 225 52.05 3.43 6.43
N HIS F 226 52.64 3.78 7.56
CA HIS F 226 51.89 4.57 8.56
C HIS F 226 51.62 5.91 7.87
N THR F 227 50.63 6.71 8.27
CA THR F 227 50.53 8.16 7.89
C THR F 227 51.82 8.86 8.31
N VAL F 228 51.94 10.18 8.05
CA VAL F 228 53.05 10.99 8.64
C VAL F 228 52.81 11.03 10.14
N GLU F 229 51.64 11.51 10.58
CA GLU F 229 51.28 11.62 12.02
C GLU F 229 51.44 10.29 12.74
N GLU F 230 50.96 9.23 12.10
CA GLU F 230 50.90 7.87 12.71
C GLU F 230 52.33 7.50 13.07
N ALA F 231 53.28 7.78 12.19
CA ALA F 231 54.69 7.35 12.36
C ALA F 231 55.32 8.20 13.47
N LEU F 232 55.10 9.51 13.46
CA LEU F 232 55.67 10.41 14.49
C LEU F 232 55.34 9.87 15.88
N ALA F 233 54.13 9.32 15.98
CA ALA F 233 53.61 8.66 17.19
C ALA F 233 54.48 7.45 17.54
N GLU F 234 54.66 6.56 16.57
CA GLU F 234 55.46 5.31 16.74
C GLU F 234 56.85 5.67 17.27
N LEU F 235 57.50 6.59 16.59
CA LEU F 235 58.92 6.97 16.81
C LEU F 235 59.15 7.37 18.27
N ALA F 236 58.32 8.23 18.84
CA ALA F 236 58.22 8.58 20.28
C ALA F 236 59.12 7.73 21.20
N GLU F 237 58.81 6.42 21.37
CA GLU F 237 59.63 5.44 22.12
C GLU F 237 61.08 5.48 21.60
N SER F 238 61.28 5.02 20.35
CA SER F 238 62.56 5.01 19.57
C SER F 238 63.39 6.27 19.90
N ALA F 239 62.73 7.42 20.07
CA ALA F 239 63.35 8.77 20.05
C ALA F 239 63.77 9.19 21.46
N ALA F 240 63.07 8.69 22.48
CA ALA F 240 63.53 8.87 23.87
C ALA F 240 64.84 8.10 24.04
N GLN F 241 64.78 6.86 23.58
CA GLN F 241 65.86 5.85 23.66
C GLN F 241 67.14 6.42 23.02
N PHE F 242 67.06 7.10 21.88
CA PHE F 242 68.22 7.45 21.04
C PHE F 242 68.12 8.89 20.58
N PRO F 243 68.86 9.80 21.20
CA PRO F 243 69.06 11.13 20.65
C PRO F 243 69.21 11.18 19.14
N GLU F 244 69.86 10.19 18.54
CA GLU F 244 70.06 10.16 17.05
C GLU F 244 68.70 10.09 16.34
N VAL F 245 67.77 9.27 16.84
CA VAL F 245 66.41 9.08 16.25
C VAL F 245 65.63 10.36 16.50
N ALA F 246 65.78 10.90 17.70
CA ALA F 246 65.11 12.13 18.17
C ALA F 246 65.16 13.17 17.05
N VAL F 247 66.38 13.46 16.61
CA VAL F 247 66.73 14.33 15.45
C VAL F 247 65.84 14.05 14.24
N PHE F 248 65.74 12.78 13.89
CA PHE F 248 64.98 12.28 12.72
C PHE F 248 63.51 12.56 12.95
N ARG F 249 62.96 12.17 14.11
CA ARG F 249 61.55 12.52 14.44
C ARG F 249 61.40 14.05 14.33
N ASP F 250 62.25 14.80 15.03
CA ASP F 250 62.21 16.28 15.05
C ASP F 250 62.25 16.81 13.60
N SER F 251 63.07 16.28 12.69
CA SER F 251 63.05 16.78 11.29
C SER F 251 61.60 16.65 10.76
N ILE F 252 61.06 15.45 10.83
CA ILE F 252 59.74 15.11 10.24
C ILE F 252 58.64 15.96 10.89
N GLN F 253 58.73 16.10 12.21
CA GLN F 253 57.83 16.98 12.97
C GLN F 253 57.55 18.25 12.18
N SER F 254 58.47 19.21 12.27
CA SER F 254 58.26 20.61 11.88
C SER F 254 58.54 20.70 10.39
N ALA F 255 57.92 19.77 9.66
CA ALA F 255 57.67 19.83 8.22
C ALA F 255 56.17 19.81 7.96
N THR F 256 55.41 19.08 8.79
CA THR F 256 53.94 18.92 8.63
C THR F 256 53.29 19.59 9.85
N ARG F 257 52.61 20.73 9.72
CA ARG F 257 51.74 21.14 10.86
C ARG F 257 50.29 20.73 10.54
N GLY F 258 49.93 20.63 9.26
CA GLY F 258 48.54 20.34 8.81
C GLY F 258 47.52 21.39 9.30
N ILE F 259 46.26 21.17 8.94
CA ILE F 259 45.09 22.03 9.25
C ILE F 259 44.08 21.18 10.03
N THR F 260 43.08 21.79 10.63
CA THR F 260 41.91 21.09 11.19
C THR F 260 41.18 20.40 10.06
N ARG F 261 41.15 19.06 10.01
CA ARG F 261 40.10 18.35 9.24
C ARG F 261 38.95 18.12 10.21
N SER G 5 36.93 47.76 -91.76
CA SER G 5 37.80 46.83 -92.59
C SER G 5 38.34 45.61 -91.77
N LEU G 6 38.12 44.40 -92.30
CA LEU G 6 37.92 43.07 -91.64
C LEU G 6 38.99 42.66 -90.65
N ILE G 7 40.22 42.63 -91.16
CA ILE G 7 41.45 42.26 -90.40
C ILE G 7 42.00 43.55 -89.82
N ASP G 8 41.88 43.73 -88.50
CA ASP G 8 42.36 44.92 -87.76
C ASP G 8 43.80 45.22 -88.15
N PRO G 9 44.19 46.50 -88.30
CA PRO G 9 45.56 46.81 -88.62
C PRO G 9 46.48 46.55 -87.41
N ARG G 10 46.01 46.57 -86.17
CA ARG G 10 46.92 46.39 -85.00
C ARG G 10 47.22 44.90 -84.77
N ALA G 11 46.62 44.02 -85.57
CA ALA G 11 46.85 42.56 -85.51
C ALA G 11 48.09 42.24 -86.34
N ILE G 12 48.77 41.13 -86.04
CA ILE G 12 49.93 40.65 -86.83
C ILE G 12 49.52 39.40 -87.60
N ILE G 13 49.74 39.42 -88.92
CA ILE G 13 49.51 38.23 -89.77
C ILE G 13 50.81 37.85 -90.46
N ASP G 14 51.28 36.63 -90.25
CA ASP G 14 52.47 36.10 -90.95
C ASP G 14 52.19 36.13 -92.45
N PRO G 15 53.20 36.44 -93.29
CA PRO G 15 53.03 36.30 -94.74
C PRO G 15 52.65 34.87 -95.12
N SER G 16 53.17 33.89 -94.39
CA SER G 16 52.95 32.45 -94.71
C SER G 16 51.51 32.04 -94.35
N ALA G 17 50.82 32.73 -93.43
CA ALA G 17 49.42 32.39 -93.03
C ALA G 17 48.49 32.60 -94.22
N ARG G 18 47.31 31.99 -94.22
CA ARG G 18 46.41 32.12 -95.38
C ARG G 18 44.95 31.99 -94.92
N LEU G 19 44.13 33.02 -95.20
CA LEU G 19 42.79 33.36 -94.60
C LEU G 19 41.73 33.57 -95.69
N ALA G 20 40.63 32.81 -95.74
CA ALA G 20 39.52 33.02 -96.71
C ALA G 20 38.99 34.46 -96.62
N ALA G 21 38.30 34.94 -97.65
CA ALA G 21 38.01 36.37 -97.93
C ALA G 21 37.49 37.11 -96.68
N ASP G 22 36.36 36.64 -96.13
CA ASP G 22 35.52 37.37 -95.13
C ASP G 22 35.88 36.90 -93.70
N VAL G 23 37.10 36.41 -93.50
CA VAL G 23 37.67 36.21 -92.14
C VAL G 23 37.91 37.57 -91.52
N GLN G 24 37.66 37.66 -90.22
CA GLN G 24 38.04 38.84 -89.40
C GLN G 24 39.05 38.46 -88.33
N VAL G 25 39.88 39.43 -87.98
CA VAL G 25 40.85 39.32 -86.85
C VAL G 25 40.79 40.62 -86.05
N GLY G 26 40.45 40.52 -84.75
CA GLY G 26 40.44 41.65 -83.79
C GLY G 26 41.85 42.19 -83.61
N PRO G 27 42.03 43.32 -82.90
CA PRO G 27 43.36 43.87 -82.69
C PRO G 27 44.27 43.04 -81.78
N TRP G 28 45.59 43.11 -81.97
CA TRP G 28 46.61 42.55 -81.03
C TRP G 28 46.58 41.01 -81.07
N SER G 29 45.86 40.48 -82.03
CA SER G 29 45.84 39.03 -82.27
C SER G 29 46.98 38.74 -83.23
N ILE G 30 47.60 37.58 -83.07
CA ILE G 30 48.73 37.11 -83.92
C ILE G 30 48.25 35.86 -84.65
N VAL G 31 48.41 35.85 -85.97
CA VAL G 31 48.15 34.66 -86.79
C VAL G 31 49.52 34.13 -87.28
N GLY G 32 50.19 33.32 -86.43
CA GLY G 32 51.55 32.77 -86.63
C GLY G 32 51.69 32.19 -88.04
N ALA G 33 52.89 31.81 -88.44
CA ALA G 33 53.11 31.20 -89.77
C ALA G 33 52.28 29.92 -89.84
N GLU G 34 51.97 29.46 -91.06
CA GLU G 34 51.40 28.11 -91.33
C GLU G 34 49.99 28.00 -90.78
N VAL G 35 49.35 29.12 -90.44
CA VAL G 35 47.97 29.09 -89.90
C VAL G 35 47.00 29.37 -91.05
N GLU G 36 46.03 28.48 -91.22
CA GLU G 36 45.05 28.51 -92.32
C GLU G 36 43.68 28.74 -91.67
N ILE G 37 42.91 29.72 -92.10
CA ILE G 37 41.60 30.05 -91.45
C ILE G 37 40.50 30.07 -92.52
N GLY G 38 39.49 29.21 -92.35
CA GLY G 38 38.41 29.00 -93.32
C GLY G 38 37.42 30.15 -93.34
N GLU G 39 36.61 30.21 -94.40
CA GLU G 39 35.54 31.20 -94.66
C GLU G 39 34.74 31.57 -93.40
N GLY G 40 34.46 32.86 -93.18
CA GLY G 40 33.47 33.39 -92.22
C GLY G 40 33.86 33.20 -90.75
N THR G 41 35.07 32.75 -90.47
CA THR G 41 35.61 32.60 -89.11
C THR G 41 35.88 34.00 -88.57
N VAL G 42 35.83 34.15 -87.25
CA VAL G 42 36.09 35.41 -86.52
C VAL G 42 37.14 35.16 -85.44
N ILE G 43 38.25 35.89 -85.48
CA ILE G 43 39.27 35.84 -84.39
C ILE G 43 39.09 37.11 -83.56
N GLY G 44 38.81 36.97 -82.26
CA GLY G 44 38.63 38.11 -81.35
C GLY G 44 39.94 38.90 -81.20
N PRO G 45 39.97 39.93 -80.34
CA PRO G 45 41.22 40.58 -79.95
C PRO G 45 42.13 39.69 -79.07
N HIS G 46 43.36 40.14 -78.79
CA HIS G 46 44.42 39.40 -78.05
C HIS G 46 44.30 37.87 -78.21
N VAL G 47 44.28 37.37 -79.44
CA VAL G 47 44.39 35.91 -79.66
C VAL G 47 45.81 35.63 -80.15
N VAL G 48 46.24 34.38 -79.97
CA VAL G 48 47.54 33.85 -80.46
C VAL G 48 47.24 32.54 -81.16
N LEU G 49 47.37 32.53 -82.48
CA LEU G 49 47.38 31.28 -83.30
C LEU G 49 48.83 30.97 -83.69
N LYS G 50 49.19 29.70 -83.61
CA LYS G 50 50.49 29.19 -84.08
C LYS G 50 50.17 27.96 -84.90
N GLY G 51 51.04 27.62 -85.84
CA GLY G 51 50.83 26.54 -86.83
C GLY G 51 51.84 25.40 -86.67
N PRO G 52 51.89 24.40 -87.56
CA PRO G 52 50.91 24.26 -88.64
C PRO G 52 49.52 23.94 -88.10
N THR G 53 48.55 24.81 -88.38
CA THR G 53 47.19 24.73 -87.81
C THR G 53 46.21 25.06 -88.91
N LYS G 54 45.11 24.33 -88.94
CA LYS G 54 44.11 24.41 -90.03
C LYS G 54 42.76 24.65 -89.34
N ILE G 55 42.18 25.84 -89.48
CA ILE G 55 40.90 26.21 -88.81
C ILE G 55 39.79 26.31 -89.87
N GLY G 56 38.71 25.55 -89.70
CA GLY G 56 37.61 25.47 -90.69
C GLY G 56 36.83 26.77 -90.75
N LYS G 57 35.54 26.66 -91.08
CA LYS G 57 34.64 27.78 -91.51
C LYS G 57 33.74 28.19 -90.35
N HIS G 58 33.30 29.45 -90.32
CA HIS G 58 32.33 29.98 -89.33
C HIS G 58 32.71 29.57 -87.89
N ASN G 59 33.96 29.73 -87.47
CA ASN G 59 34.36 29.53 -86.05
C ASN G 59 34.43 30.92 -85.41
N ARG G 60 34.20 30.99 -84.09
CA ARG G 60 34.26 32.22 -83.27
C ARG G 60 35.32 31.82 -82.21
N ILE G 61 36.51 32.44 -82.20
CA ILE G 61 37.58 32.25 -81.17
C ILE G 61 37.80 33.55 -80.38
N TYR G 62 37.80 33.48 -79.05
CA TYR G 62 37.83 34.69 -78.17
C TYR G 62 39.23 34.99 -77.64
N GLN G 63 39.33 36.12 -76.95
CA GLN G 63 40.56 36.72 -76.37
C GLN G 63 41.32 35.74 -75.44
N PHE G 64 42.64 35.87 -75.30
CA PHE G 64 43.51 35.20 -74.28
C PHE G 64 43.69 33.70 -74.59
N SER G 65 43.15 33.31 -75.75
CA SER G 65 43.21 31.94 -76.30
C SER G 65 44.55 31.77 -76.99
N SER G 66 45.22 30.67 -76.71
CA SER G 66 46.55 30.31 -77.27
C SER G 66 46.33 28.99 -78.00
N VAL G 67 45.88 29.09 -79.25
CA VAL G 67 45.43 27.95 -80.11
C VAL G 67 46.50 27.57 -81.12
N GLY G 68 47.06 26.37 -80.95
CA GLY G 68 48.09 25.78 -81.81
C GLY G 68 49.48 25.98 -81.25
N GLU G 69 49.65 26.11 -79.93
CA GLU G 69 50.99 26.16 -79.28
C GLU G 69 51.53 24.74 -79.15
N ASP G 70 52.83 24.52 -78.93
CA ASP G 70 53.48 23.18 -78.81
C ASP G 70 53.07 22.58 -77.46
N THR G 71 52.94 21.27 -77.26
CA THR G 71 52.61 20.87 -75.86
C THR G 71 53.87 21.08 -75.02
N PRO G 72 53.79 21.47 -73.74
CA PRO G 72 54.97 21.73 -72.94
C PRO G 72 55.70 20.43 -72.55
N ASP G 73 54.94 19.31 -72.44
CA ASP G 73 55.35 17.89 -72.18
C ASP G 73 56.70 17.65 -72.83
N LEU G 74 57.67 17.06 -72.14
CA LEU G 74 59.09 17.10 -72.62
C LEU G 74 59.29 16.06 -73.72
N LYS G 75 58.46 15.02 -73.69
CA LYS G 75 58.17 14.04 -74.76
C LYS G 75 58.41 14.71 -76.13
N TYR G 76 57.64 15.75 -76.42
CA TYR G 76 57.68 16.51 -77.70
C TYR G 76 58.94 17.34 -77.76
N LYS G 77 59.83 17.14 -78.72
CA LYS G 77 61.01 18.02 -78.89
C LYS G 77 60.88 18.79 -80.20
N GLY G 78 59.72 19.41 -80.48
CA GLY G 78 59.60 20.42 -81.53
C GLY G 78 59.35 19.85 -82.93
N GLU G 79 59.21 18.52 -83.07
CA GLU G 79 58.87 17.87 -84.37
C GLU G 79 57.67 18.63 -84.95
N PRO G 80 57.41 18.64 -86.28
CA PRO G 80 56.69 19.75 -86.89
C PRO G 80 55.20 19.41 -87.02
N THR G 81 54.50 19.09 -85.91
CA THR G 81 53.16 18.44 -85.85
C THR G 81 52.02 19.43 -86.08
N ARG G 82 50.77 18.94 -86.15
CA ARG G 82 49.60 19.72 -86.64
C ARG G 82 48.49 19.76 -85.60
N LEU G 83 47.68 20.83 -85.68
CA LEU G 83 46.32 21.00 -85.12
C LEU G 83 45.34 21.24 -86.27
N VAL G 84 44.15 20.66 -86.15
CA VAL G 84 43.04 20.76 -87.13
C VAL G 84 41.73 21.01 -86.38
N ILE G 85 41.01 22.05 -86.80
CA ILE G 85 39.68 22.41 -86.22
C ILE G 85 38.68 22.48 -87.37
N GLY G 86 37.54 21.79 -87.22
CA GLY G 86 36.44 21.80 -88.20
C GLY G 86 35.71 23.14 -88.23
N ASP G 87 34.40 23.10 -88.43
CA ASP G 87 33.53 24.26 -88.77
C ASP G 87 32.59 24.54 -87.60
N HIS G 88 31.97 25.72 -87.55
CA HIS G 88 30.91 26.14 -86.58
C HIS G 88 31.35 25.79 -85.14
N ASN G 89 32.62 25.99 -84.79
CA ASN G 89 33.06 25.75 -83.39
C ASN G 89 33.12 27.09 -82.68
N VAL G 90 32.96 27.04 -81.35
CA VAL G 90 33.19 28.21 -80.46
C VAL G 90 34.24 27.90 -79.43
N ILE G 91 35.25 28.75 -79.38
CA ILE G 91 36.37 28.65 -78.42
C ILE G 91 36.35 29.93 -77.60
N ARG G 92 35.89 29.80 -76.36
CA ARG G 92 35.69 30.95 -75.43
C ARG G 92 37.02 31.47 -74.91
N GLU G 93 36.92 32.43 -73.99
CA GLU G 93 38.06 33.24 -73.50
C GLU G 93 39.08 32.31 -72.80
N GLY G 94 40.34 32.32 -73.26
CA GLY G 94 41.49 31.80 -72.49
C GLY G 94 41.77 30.33 -72.76
N VAL G 95 41.14 29.78 -73.77
CA VAL G 95 41.30 28.35 -74.09
C VAL G 95 42.71 28.14 -74.64
N THR G 96 43.29 27.01 -74.30
CA THR G 96 44.57 26.51 -74.84
C THR G 96 44.30 25.23 -75.61
N ILE G 97 44.83 25.17 -76.83
CA ILE G 97 44.79 23.93 -77.66
C ILE G 97 46.21 23.71 -78.18
N HIS G 98 46.77 22.53 -77.92
CA HIS G 98 48.18 22.20 -78.23
C HIS G 98 48.21 21.26 -79.44
N ARG G 99 49.18 21.42 -80.32
CA ARG G 99 49.32 20.49 -81.46
C ARG G 99 49.98 19.21 -80.95
N GLY G 100 49.64 18.13 -81.68
CA GLY G 100 50.11 16.75 -81.54
C GLY G 100 51.61 16.64 -81.27
N THR G 101 52.03 15.38 -81.11
CA THR G 101 53.39 14.87 -80.88
C THR G 101 53.60 13.80 -81.93
N VAL G 102 54.81 13.56 -82.43
CA VAL G 102 55.00 12.46 -83.43
C VAL G 102 54.74 11.11 -82.75
N GLN G 103 55.00 10.98 -81.45
CA GLN G 103 54.82 9.75 -80.62
C GLN G 103 53.44 9.13 -80.89
N ASP G 104 52.32 9.87 -80.97
CA ASP G 104 50.96 9.30 -81.21
C ASP G 104 50.62 9.61 -82.68
N ARG G 105 49.55 10.34 -83.04
CA ARG G 105 49.18 10.43 -84.48
C ARG G 105 49.68 11.76 -85.06
N ALA G 106 50.42 12.55 -84.30
CA ALA G 106 51.09 13.77 -84.81
C ALA G 106 50.04 14.84 -85.09
N GLU G 107 48.83 14.68 -84.56
CA GLU G 107 47.76 15.67 -84.79
C GLU G 107 46.75 15.61 -83.65
N THR G 108 46.47 16.82 -83.15
CA THR G 108 45.32 17.22 -82.30
C THR G 108 44.19 17.64 -83.22
N THR G 109 42.96 17.19 -82.97
CA THR G 109 41.85 17.28 -83.96
C THR G 109 40.51 17.62 -83.32
N ILE G 110 39.80 18.60 -83.90
CA ILE G 110 38.47 19.00 -83.41
C ILE G 110 37.52 19.03 -84.60
N GLY G 111 36.32 18.45 -84.40
CA GLY G 111 35.26 18.31 -85.42
C GLY G 111 34.46 19.60 -85.56
N ASP G 112 33.14 19.49 -85.68
CA ASP G 112 32.22 20.63 -85.99
C ASP G 112 31.30 20.90 -84.77
N HIS G 113 30.71 22.10 -84.68
CA HIS G 113 29.59 22.46 -83.77
C HIS G 113 29.93 22.28 -82.28
N ASN G 114 31.22 22.25 -81.94
CA ASN G 114 31.67 22.10 -80.53
C ASN G 114 31.72 23.46 -79.84
N LEU G 115 31.38 23.42 -78.55
CA LEU G 115 31.45 24.59 -77.64
C LEU G 115 32.49 24.30 -76.57
N ILE G 116 33.59 25.04 -76.62
CA ILE G 116 34.70 24.88 -75.65
C ILE G 116 34.78 26.17 -74.86
N MET G 117 34.40 26.11 -73.57
CA MET G 117 34.22 27.34 -72.78
C MET G 117 35.53 27.73 -72.11
N ALA G 118 35.46 28.79 -71.34
CA ALA G 118 36.63 29.57 -70.90
C ALA G 118 37.69 28.71 -70.17
N TYR G 119 38.97 28.99 -70.40
CA TYR G 119 40.14 28.50 -69.63
C TYR G 119 40.23 26.96 -69.81
N ALA G 120 39.45 26.36 -70.71
CA ALA G 120 39.54 24.92 -71.03
C ALA G 120 40.90 24.64 -71.66
N HIS G 121 41.36 23.40 -71.53
CA HIS G 121 42.64 22.93 -72.12
C HIS G 121 42.39 21.67 -72.94
N ILE G 122 43.01 21.59 -74.11
CA ILE G 122 42.90 20.42 -75.02
C ILE G 122 44.30 19.97 -75.42
N GLY G 123 44.93 19.08 -74.63
CA GLY G 123 46.36 18.73 -74.70
C GLY G 123 46.72 17.98 -75.98
N HIS G 124 48.02 17.86 -76.22
CA HIS G 124 48.59 17.20 -77.43
C HIS G 124 47.76 15.98 -77.82
N ASP G 125 47.36 15.88 -79.08
CA ASP G 125 46.89 14.61 -79.71
C ASP G 125 45.46 14.27 -79.29
N SER G 126 44.81 15.10 -78.48
CA SER G 126 43.40 14.88 -78.12
C SER G 126 42.58 14.97 -79.42
N VAL G 127 41.36 14.45 -79.41
CA VAL G 127 40.51 14.35 -80.62
C VAL G 127 39.04 14.51 -80.26
N ILE G 128 38.41 15.57 -80.77
CA ILE G 128 37.00 15.88 -80.40
C ILE G 128 36.12 15.77 -81.65
N GLY G 129 34.95 15.16 -81.44
CA GLY G 129 33.94 14.90 -82.48
C GLY G 129 33.12 16.15 -82.74
N ASN G 130 31.79 16.06 -82.60
CA ASN G 130 30.85 17.16 -82.95
C ASN G 130 29.86 17.41 -81.82
N HIS G 131 29.32 18.64 -81.73
CA HIS G 131 28.26 19.02 -80.78
C HIS G 131 28.68 18.65 -79.35
N CYS G 132 29.98 18.63 -79.08
CA CYS G 132 30.47 18.40 -77.70
C CYS G 132 30.42 19.72 -76.95
N ILE G 133 30.26 19.65 -75.64
CA ILE G 133 30.47 20.84 -74.77
C ILE G 133 31.53 20.53 -73.72
N LEU G 134 32.63 21.28 -73.76
CA LEU G 134 33.65 21.28 -72.69
C LEU G 134 33.42 22.57 -71.91
N VAL G 135 32.95 22.45 -70.68
CA VAL G 135 32.64 23.63 -69.83
C VAL G 135 33.94 24.18 -69.25
N ASN G 136 33.87 25.37 -68.66
CA ASN G 136 35.01 26.14 -68.08
C ASN G 136 36.05 25.18 -67.47
N ASN G 137 37.32 25.32 -67.87
CA ASN G 137 38.52 24.74 -67.20
C ASN G 137 38.59 23.22 -67.32
N THR G 138 37.64 22.61 -68.04
CA THR G 138 37.80 21.23 -68.51
C THR G 138 39.21 21.12 -69.11
N ALA G 139 39.83 19.97 -68.89
CA ALA G 139 41.24 19.72 -69.20
C ALA G 139 41.43 18.28 -69.67
N LEU G 140 41.92 18.14 -70.91
CA LEU G 140 42.24 16.84 -71.54
C LEU G 140 43.76 16.69 -71.55
N ALA G 141 44.31 15.90 -70.66
CA ALA G 141 45.78 15.87 -70.37
C ALA G 141 46.55 15.62 -71.66
N GLY G 142 46.04 14.70 -72.48
CA GLY G 142 46.62 14.33 -73.78
C GLY G 142 46.04 13.04 -74.34
N HIS G 143 46.03 12.93 -75.66
CA HIS G 143 45.56 11.78 -76.47
C HIS G 143 44.17 11.35 -76.00
N VAL G 144 43.37 12.29 -75.53
CA VAL G 144 41.97 12.01 -75.10
C VAL G 144 41.07 12.06 -76.33
N HIS G 145 40.25 11.04 -76.54
CA HIS G 145 39.19 11.02 -77.58
C HIS G 145 37.84 11.27 -76.91
N VAL G 146 37.15 12.32 -77.36
CA VAL G 146 35.78 12.69 -76.92
C VAL G 146 34.86 12.49 -78.11
N ASP G 147 34.04 11.46 -78.06
CA ASP G 147 33.03 11.15 -79.11
C ASP G 147 31.87 12.15 -78.98
N ASP G 148 30.92 12.12 -79.90
CA ASP G 148 29.99 13.26 -80.20
C ASP G 148 28.99 13.48 -79.05
N TRP G 149 28.53 14.72 -78.87
CA TRP G 149 27.42 15.08 -77.96
C TRP G 149 27.84 15.01 -76.49
N ALA G 150 29.08 14.59 -76.24
CA ALA G 150 29.56 14.45 -74.87
C ALA G 150 29.53 15.83 -74.24
N ILE G 151 29.29 15.85 -72.94
CA ILE G 151 29.32 17.07 -72.13
C ILE G 151 30.21 16.83 -70.94
N LEU G 152 31.25 17.64 -70.83
CA LEU G 152 32.12 17.64 -69.64
C LEU G 152 31.80 18.92 -68.87
N SER G 153 31.12 18.78 -67.73
CA SER G 153 30.82 19.88 -66.78
C SER G 153 32.13 20.56 -66.40
N GLY G 154 32.05 21.70 -65.71
CA GLY G 154 33.21 22.56 -65.40
C GLY G 154 34.29 21.82 -64.64
N TYR G 155 35.56 22.13 -64.92
CA TYR G 155 36.72 21.65 -64.12
C TYR G 155 36.71 20.11 -64.09
N THR G 156 36.30 19.52 -65.22
CA THR G 156 36.42 18.07 -65.47
C THR G 156 37.83 17.79 -65.97
N LEU G 157 38.49 16.81 -65.35
CA LEU G 157 39.91 16.47 -65.63
C LEU G 157 39.96 15.07 -66.20
N VAL G 158 40.73 14.86 -67.28
CA VAL G 158 40.67 13.59 -68.04
C VAL G 158 42.09 13.10 -68.32
N HIS G 159 42.50 11.95 -67.76
CA HIS G 159 43.92 11.52 -67.66
C HIS G 159 44.35 11.06 -69.07
N GLN G 160 45.66 11.19 -69.39
CA GLN G 160 46.32 10.79 -70.66
C GLN G 160 45.44 9.63 -71.21
N TYR G 161 45.03 9.65 -72.48
CA TYR G 161 44.58 8.45 -73.26
C TYR G 161 43.13 7.97 -72.97
N CYS G 162 42.36 8.61 -72.10
CA CYS G 162 40.98 8.17 -71.82
C CYS G 162 40.06 8.45 -73.00
N ARG G 163 39.04 7.61 -73.19
CA ARG G 163 37.98 7.78 -74.20
C ARG G 163 36.70 8.17 -73.47
N ILE G 164 36.16 9.33 -73.81
CA ILE G 164 34.81 9.77 -73.36
C ILE G 164 33.84 9.39 -74.47
N GLY G 165 33.11 8.28 -74.29
CA GLY G 165 32.08 7.80 -75.24
C GLY G 165 30.98 8.84 -75.45
N ALA G 166 30.21 8.68 -76.52
CA ALA G 166 29.21 9.67 -76.98
C ALA G 166 28.02 9.83 -76.05
N HIS G 167 27.51 11.07 -75.95
CA HIS G 167 26.38 11.48 -75.08
C HIS G 167 26.73 11.29 -73.61
N SER G 168 27.94 10.85 -73.33
CA SER G 168 28.39 10.70 -71.93
C SER G 168 28.38 12.09 -71.31
N PHE G 169 28.47 12.11 -69.99
CA PHE G 169 28.35 13.34 -69.17
C PHE G 169 29.19 13.20 -67.91
N SER G 170 30.16 14.09 -67.73
CA SER G 170 30.89 14.26 -66.45
C SER G 170 30.27 15.42 -65.66
N GLY G 171 30.10 15.25 -64.36
CA GLY G 171 29.68 16.33 -63.44
C GLY G 171 30.84 17.27 -63.14
N MET G 172 30.61 18.37 -62.42
CA MET G 172 31.67 19.38 -62.18
C MET G 172 32.70 18.75 -61.24
N GLY G 173 33.96 19.16 -61.39
CA GLY G 173 35.13 18.63 -60.66
C GLY G 173 35.31 17.13 -60.79
N SER G 174 34.76 16.49 -61.81
CA SER G 174 35.00 15.06 -62.11
C SER G 174 36.48 14.87 -62.46
N ALA G 175 37.06 13.75 -61.99
CA ALA G 175 38.48 13.39 -62.19
C ALA G 175 38.57 12.03 -62.87
N ILE G 176 38.49 12.05 -64.20
CA ILE G 176 38.24 10.83 -65.01
C ILE G 176 39.58 10.14 -65.29
N GLY G 177 39.84 9.00 -64.66
CA GLY G 177 41.11 8.27 -64.77
C GLY G 177 41.05 7.13 -65.79
N LYS G 178 39.86 6.84 -66.30
CA LYS G 178 39.59 5.67 -67.17
C LYS G 178 38.39 5.96 -68.05
N ASP G 179 38.20 5.16 -69.10
CA ASP G 179 37.17 5.43 -70.13
C ASP G 179 35.79 5.66 -69.52
N VAL G 180 35.03 6.58 -70.12
CA VAL G 180 33.60 6.79 -69.83
C VAL G 180 32.78 6.24 -71.00
N PRO G 181 31.98 5.19 -70.75
CA PRO G 181 31.17 4.58 -71.81
C PRO G 181 30.15 5.57 -72.36
N ALA G 182 29.74 5.37 -73.60
CA ALA G 182 28.63 6.14 -74.23
C ALA G 182 27.49 6.29 -73.22
N TYR G 183 26.89 7.48 -73.13
CA TYR G 183 25.63 7.76 -72.40
C TYR G 183 25.83 7.82 -70.88
N VAL G 184 26.98 7.44 -70.35
CA VAL G 184 27.12 7.27 -68.87
C VAL G 184 27.32 8.64 -68.21
N THR G 185 26.69 8.85 -67.05
CA THR G 185 26.95 10.02 -66.18
C THR G 185 28.00 9.60 -65.14
N VAL G 186 29.08 10.36 -65.01
CA VAL G 186 30.15 10.09 -63.99
C VAL G 186 30.36 11.35 -63.15
N PHE G 187 30.73 11.16 -61.88
CA PHE G 187 30.81 12.26 -60.89
C PHE G 187 31.98 12.00 -59.95
N GLY G 188 32.74 13.07 -59.65
CA GLY G 188 33.61 13.15 -58.46
C GLY G 188 35.04 12.72 -58.70
N ASN G 189 35.81 12.68 -57.61
CA ASN G 189 37.28 12.46 -57.63
C ASN G 189 37.62 11.31 -56.70
N PRO G 190 37.83 10.11 -57.25
CA PRO G 190 37.92 9.92 -58.68
C PRO G 190 36.53 9.64 -59.25
N ALA G 191 36.30 10.01 -60.51
CA ALA G 191 35.03 9.78 -61.26
C ALA G 191 34.52 8.38 -60.96
N GLU G 192 33.23 8.24 -60.58
CA GLU G 192 32.49 6.95 -60.60
C GLU G 192 31.29 7.11 -61.53
N ALA G 193 30.74 5.99 -62.01
CA ALA G 193 29.50 5.92 -62.82
C ALA G 193 28.34 6.19 -61.86
N ARG G 194 27.27 6.85 -62.30
CA ARG G 194 26.02 6.99 -61.50
C ARG G 194 24.83 6.45 -62.28
N SER G 195 24.52 7.08 -63.41
CA SER G 195 23.37 6.74 -64.27
C SER G 195 23.79 6.77 -65.73
N MET G 196 22.81 6.68 -66.59
CA MET G 196 22.95 7.11 -68.00
C MET G 196 22.27 8.46 -68.11
N ASN G 197 22.60 9.15 -69.19
CA ASN G 197 22.26 10.56 -69.43
C ASN G 197 20.95 10.61 -70.19
N PHE G 198 19.86 10.32 -69.47
CA PHE G 198 18.51 10.23 -70.07
C PHE G 198 18.23 11.60 -70.66
N GLU G 199 18.69 12.63 -69.95
CA GLU G 199 18.55 14.02 -70.42
C GLU G 199 18.82 14.05 -71.93
N GLY G 200 20.10 14.02 -72.32
CA GLY G 200 20.56 14.23 -73.69
C GLY G 200 20.14 13.11 -74.62
N MET G 201 19.45 12.09 -74.09
CA MET G 201 18.74 11.05 -74.89
C MET G 201 17.40 11.60 -75.32
N ARG G 202 16.64 12.22 -74.39
CA ARG G 202 15.34 12.86 -74.75
C ARG G 202 15.72 13.93 -75.77
N ARG G 203 16.80 14.70 -75.52
CA ARG G 203 17.27 15.77 -76.43
C ARG G 203 17.49 15.18 -77.84
N ARG G 204 18.09 14.01 -77.99
CA ARG G 204 18.29 13.42 -79.34
C ARG G 204 16.98 12.76 -79.86
N GLY G 205 15.90 12.79 -79.09
CA GLY G 205 14.59 12.20 -79.47
C GLY G 205 14.65 10.69 -79.59
N PHE G 206 15.50 10.01 -78.83
CA PHE G 206 15.56 8.54 -78.74
C PHE G 206 14.17 7.97 -78.46
N SER G 207 13.85 6.79 -78.98
CA SER G 207 12.56 6.10 -78.72
C SER G 207 12.54 5.72 -77.25
N SER G 208 11.37 5.53 -76.65
CA SER G 208 11.30 5.11 -75.23
C SER G 208 11.89 3.72 -75.11
N GLU G 209 11.64 2.79 -76.07
CA GLU G 209 12.21 1.41 -75.98
C GLU G 209 13.71 1.55 -75.83
N ALA G 210 14.32 2.44 -76.63
CA ALA G 210 15.78 2.62 -76.71
C ALA G 210 16.28 3.13 -75.35
N ILE G 211 15.59 4.10 -74.78
CA ILE G 211 15.94 4.60 -73.42
C ILE G 211 15.90 3.43 -72.44
N HIS G 212 14.73 2.80 -72.24
CA HIS G 212 14.56 1.64 -71.33
C HIS G 212 15.68 0.63 -71.59
N ALA G 213 16.00 0.33 -72.85
CA ALA G 213 16.99 -0.69 -73.26
C ALA G 213 18.39 -0.31 -72.77
N LEU G 214 18.65 1.00 -72.77
CA LEU G 214 19.93 1.60 -72.34
C LEU G 214 20.00 1.57 -70.81
N ARG G 215 18.88 1.82 -70.10
CA ARG G 215 18.86 1.58 -68.66
C ARG G 215 19.18 0.10 -68.42
N ARG G 216 18.46 -0.85 -69.06
CA ARG G 216 18.73 -2.31 -68.88
C ARG G 216 20.24 -2.50 -69.00
N ALA G 217 20.81 -1.94 -70.06
CA ALA G 217 22.22 -2.15 -70.44
C ALA G 217 23.15 -1.64 -69.32
N TYR G 218 22.88 -0.45 -68.78
CA TYR G 218 23.63 0.12 -67.65
C TYR G 218 23.65 -0.92 -66.52
N LYS G 219 22.42 -1.27 -66.12
CA LYS G 219 22.14 -2.13 -64.94
C LYS G 219 23.07 -3.34 -65.07
N VAL G 220 23.21 -3.89 -66.28
CA VAL G 220 23.95 -5.15 -66.57
C VAL G 220 25.42 -5.00 -66.17
N VAL G 221 26.05 -4.00 -66.79
CA VAL G 221 27.48 -3.68 -66.68
C VAL G 221 27.81 -3.53 -65.20
N TYR G 222 27.13 -2.53 -64.62
CA TYR G 222 27.45 -1.86 -63.35
C TYR G 222 26.75 -2.56 -62.20
N ARG G 223 25.44 -2.30 -62.08
CA ARG G 223 24.64 -2.68 -60.89
C ARG G 223 24.29 -4.19 -60.87
N GLN G 224 24.76 -5.08 -61.74
CA GLN G 224 24.50 -6.55 -61.55
C GLN G 224 25.79 -7.26 -61.11
N GLY G 225 26.84 -6.46 -60.88
CA GLY G 225 28.26 -6.90 -60.87
C GLY G 225 28.45 -8.17 -61.70
N HIS G 226 28.07 -8.16 -62.95
CA HIS G 226 28.71 -9.11 -63.91
C HIS G 226 30.18 -8.63 -63.98
N THR G 227 31.14 -9.46 -64.40
CA THR G 227 32.50 -8.96 -64.82
C THR G 227 32.32 -7.92 -65.94
N VAL G 228 33.41 -7.36 -66.46
CA VAL G 228 33.35 -6.53 -67.70
C VAL G 228 32.98 -7.48 -68.85
N GLU G 229 33.76 -8.52 -69.06
CA GLU G 229 33.57 -9.53 -70.13
C GLU G 229 32.14 -10.11 -70.07
N GLU G 230 31.71 -10.47 -68.86
CA GLU G 230 30.43 -11.16 -68.62
C GLU G 230 29.34 -10.29 -69.18
N ALA G 231 29.41 -8.98 -68.93
CA ALA G 231 28.33 -8.04 -69.31
C ALA G 231 28.35 -7.86 -70.83
N LEU G 232 29.53 -7.68 -71.42
CA LEU G 232 29.65 -7.50 -72.89
C LEU G 232 28.89 -8.62 -73.61
N ALA G 233 28.99 -9.81 -73.02
CA ALA G 233 28.30 -11.03 -73.47
C ALA G 233 26.78 -10.83 -73.39
N GLU G 234 26.29 -10.42 -72.23
CA GLU G 234 24.85 -10.20 -71.98
C GLU G 234 24.30 -9.24 -73.04
N LEU G 235 24.97 -8.10 -73.20
CA LEU G 235 24.50 -6.97 -74.02
C LEU G 235 24.22 -7.43 -75.46
N ALA G 236 25.14 -8.16 -76.09
CA ALA G 236 24.99 -8.88 -77.38
C ALA G 236 23.57 -8.85 -77.96
N GLU G 237 22.61 -9.55 -77.33
CA GLU G 237 21.15 -9.53 -77.68
C GLU G 237 20.67 -8.08 -77.76
N SER G 238 20.60 -7.39 -76.60
CA SER G 238 20.24 -5.96 -76.40
C SER G 238 20.76 -5.10 -77.58
N ALA G 239 21.96 -5.42 -78.10
CA ALA G 239 22.77 -4.55 -78.97
C ALA G 239 22.44 -4.81 -80.45
N ALA G 240 22.03 -6.04 -80.76
CA ALA G 240 21.49 -6.34 -82.11
C ALA G 240 20.19 -5.56 -82.28
N GLN G 241 19.36 -5.72 -81.25
CA GLN G 241 18.00 -5.13 -81.16
C GLN G 241 18.07 -3.61 -81.37
N PHE G 242 19.03 -2.91 -80.79
CA PHE G 242 19.05 -1.43 -80.68
C PHE G 242 20.42 -0.89 -81.02
N PRO G 243 20.61 -0.35 -82.23
CA PRO G 243 21.79 0.44 -82.54
C PRO G 243 22.25 1.35 -81.41
N GLU G 244 21.33 1.92 -80.64
CA GLU G 244 21.70 2.84 -79.50
C GLU G 244 22.53 2.08 -78.46
N VAL G 245 22.13 0.85 -78.13
CA VAL G 245 22.82 -0.01 -77.12
C VAL G 245 24.16 -0.42 -77.72
N ALA G 246 24.12 -0.79 -79.00
CA ALA G 246 25.29 -1.23 -79.77
C ALA G 246 26.48 -0.33 -79.44
N VAL G 247 26.28 0.96 -79.64
CA VAL G 247 27.21 2.08 -79.29
C VAL G 247 27.81 1.91 -77.90
N PHE G 248 26.93 1.67 -76.92
CA PHE G 248 27.29 1.54 -75.50
C PHE G 248 28.14 0.28 -75.34
N ARG G 249 27.71 -0.88 -75.87
CA ARG G 249 28.56 -2.09 -75.86
C ARG G 249 29.90 -1.75 -76.51
N ASP G 250 29.88 -1.21 -77.73
CA ASP G 250 31.09 -0.86 -78.51
C ASP G 250 31.98 0.05 -77.65
N SER G 251 31.46 1.05 -76.93
CA SER G 251 32.36 1.89 -76.08
C SER G 251 33.11 0.95 -75.12
N ILE G 252 32.36 0.15 -74.36
CA ILE G 252 32.93 -0.72 -73.29
C ILE G 252 33.92 -1.72 -73.89
N GLN G 253 33.55 -2.28 -75.04
CA GLN G 253 34.44 -3.18 -75.80
C GLN G 253 35.88 -2.66 -75.73
N SER G 254 36.19 -1.70 -76.60
CA SER G 254 37.58 -1.32 -76.94
C SER G 254 38.01 -0.31 -75.90
N ALA G 255 37.78 -0.68 -74.65
CA ALA G 255 38.44 -0.11 -73.46
C ALA G 255 39.21 -1.22 -72.74
N THR G 256 38.68 -2.45 -72.76
CA THR G 256 39.28 -3.62 -72.05
C THR G 256 39.72 -4.62 -73.11
N ARG G 257 40.98 -4.81 -73.44
CA ARG G 257 41.36 -6.03 -74.20
C ARG G 257 41.90 -7.07 -73.23
N GLY G 258 42.44 -6.65 -72.07
CA GLY G 258 43.02 -7.55 -71.04
C GLY G 258 44.15 -8.44 -71.57
N ILE G 259 44.63 -9.35 -70.73
CA ILE G 259 45.78 -10.25 -71.00
C ILE G 259 45.29 -11.70 -70.91
N THR G 260 46.07 -12.65 -71.41
CA THR G 260 45.84 -14.09 -71.14
C THR G 260 46.00 -14.33 -69.65
N ARG G 261 44.92 -14.75 -68.98
CA ARG G 261 44.89 -15.28 -67.60
C ARG G 261 45.32 -16.73 -67.66
N SER H 5 46.10 62.45 -70.01
CA SER H 5 47.04 61.31 -69.82
C SER H 5 46.40 60.08 -69.23
N LEU H 6 45.29 60.17 -68.47
CA LEU H 6 44.57 59.15 -67.69
C LEU H 6 44.22 57.85 -68.46
N ILE H 7 43.51 58.05 -69.56
CA ILE H 7 43.06 56.99 -70.50
C ILE H 7 44.16 56.84 -71.53
N ASP H 8 44.90 55.73 -71.48
CA ASP H 8 46.02 55.42 -72.40
C ASP H 8 45.56 55.61 -73.84
N PRO H 9 46.40 56.14 -74.73
CA PRO H 9 46.00 56.28 -76.13
C PRO H 9 45.93 54.92 -76.82
N ARG H 10 46.65 53.88 -76.38
CA ARG H 10 46.63 52.58 -77.12
C ARG H 10 45.37 51.77 -76.76
N ALA H 11 44.55 52.28 -75.85
CA ALA H 11 43.28 51.64 -75.42
C ALA H 11 42.19 52.06 -76.40
N ILE H 12 41.16 51.23 -76.55
CA ILE H 12 40.00 51.53 -77.43
C ILE H 12 38.79 51.82 -76.56
N ILE H 13 38.17 52.98 -76.79
CA ILE H 13 36.91 53.36 -76.09
C ILE H 13 35.82 53.59 -77.13
N ASP H 14 34.73 52.85 -77.03
CA ASP H 14 33.53 53.07 -77.87
C ASP H 14 33.04 54.50 -77.67
N PRO H 15 32.57 55.20 -78.72
CA PRO H 15 31.94 56.51 -78.54
C PRO H 15 30.73 56.39 -77.59
N SER H 16 30.01 55.27 -77.63
CA SER H 16 28.78 55.07 -76.84
C SER H 16 29.14 54.87 -75.36
N ALA H 17 30.35 54.41 -75.00
CA ALA H 17 30.76 54.18 -73.59
C ALA H 17 30.79 55.52 -72.86
N ARG H 18 30.72 55.54 -71.53
CA ARG H 18 30.71 56.83 -70.80
C ARG H 18 31.35 56.63 -69.42
N LEU H 19 32.41 57.42 -69.13
CA LEU H 19 33.45 57.27 -68.05
C LEU H 19 33.57 58.55 -67.21
N ALA H 20 33.37 58.51 -65.90
CA ALA H 20 33.54 59.69 -65.00
C ALA H 20 34.96 60.25 -65.14
N ALA H 21 35.19 61.51 -64.75
CA ALA H 21 36.38 62.33 -65.12
C ALA H 21 37.70 61.56 -64.90
N ASP H 22 37.95 61.13 -63.67
CA ASP H 22 39.27 60.64 -63.18
C ASP H 22 39.36 59.11 -63.28
N VAL H 23 38.59 58.50 -64.17
CA VAL H 23 38.78 57.07 -64.55
C VAL H 23 40.08 56.98 -65.33
N GLN H 24 40.78 55.88 -65.11
CA GLN H 24 41.97 55.49 -65.92
C GLN H 24 41.72 54.18 -66.67
N VAL H 25 42.37 54.05 -67.83
CA VAL H 25 42.38 52.81 -68.63
C VAL H 25 43.81 52.56 -69.12
N GLY H 26 44.39 51.42 -68.76
CA GLY H 26 45.72 50.95 -69.20
C GLY H 26 45.70 50.72 -70.70
N PRO H 27 46.86 50.46 -71.34
CA PRO H 27 46.90 50.22 -72.78
C PRO H 27 46.24 48.92 -73.24
N TRP H 28 45.69 48.88 -74.47
CA TRP H 28 45.22 47.64 -75.13
C TRP H 28 43.96 47.09 -74.45
N SER H 29 43.39 47.91 -73.57
CA SER H 29 42.11 47.58 -72.94
C SER H 29 41.03 48.14 -73.87
N ILE H 30 39.90 47.44 -73.94
CA ILE H 30 38.74 47.80 -74.79
C ILE H 30 37.58 48.10 -73.84
N VAL H 31 36.95 49.25 -74.03
CA VAL H 31 35.72 49.60 -73.30
C VAL H 31 34.57 49.59 -74.32
N GLY H 32 34.00 48.39 -74.57
CA GLY H 32 32.93 48.11 -75.55
C GLY H 32 31.81 49.13 -75.45
N ALA H 33 30.87 49.13 -76.38
CA ALA H 33 29.73 50.08 -76.34
C ALA H 33 28.95 49.84 -75.04
N GLU H 34 28.19 50.83 -74.59
CA GLU H 34 27.18 50.69 -73.51
C GLU H 34 27.85 50.42 -72.17
N VAL H 35 29.17 50.64 -72.07
CA VAL H 35 29.88 50.41 -70.78
C VAL H 35 30.00 51.75 -70.06
N GLU H 36 29.59 51.75 -68.80
CA GLU H 36 29.56 52.95 -67.94
C GLU H 36 30.57 52.69 -66.82
N ILE H 37 31.49 53.61 -66.56
CA ILE H 37 32.54 53.39 -65.51
C ILE H 37 32.51 54.57 -64.54
N GLY H 38 32.24 54.29 -63.25
CA GLY H 38 32.07 55.31 -62.21
C GLY H 38 33.37 55.95 -61.80
N GLU H 39 33.27 57.08 -61.10
CA GLU H 39 34.39 57.91 -60.56
C GLU H 39 35.53 57.06 -59.97
N GLY H 40 36.79 57.40 -60.27
CA GLY H 40 38.00 56.92 -59.57
C GLY H 40 38.33 55.45 -59.80
N THR H 41 37.60 54.79 -60.70
CA THR H 41 37.86 53.38 -61.09
C THR H 41 39.15 53.36 -61.92
N VAL H 42 39.83 52.22 -61.91
CA VAL H 42 41.08 51.97 -62.68
C VAL H 42 40.91 50.69 -63.49
N ILE H 43 41.08 50.79 -64.80
CA ILE H 43 41.12 49.58 -65.68
C ILE H 43 42.58 49.34 -66.04
N GLY H 44 43.10 48.15 -65.71
CA GLY H 44 44.50 47.78 -66.02
C GLY H 44 44.71 47.68 -67.53
N PRO H 45 45.90 47.27 -67.99
CA PRO H 45 46.12 46.91 -69.40
C PRO H 45 45.40 45.62 -69.83
N HIS H 46 45.42 45.29 -71.13
CA HIS H 46 44.69 44.16 -71.76
C HIS H 46 43.42 43.76 -71.00
N VAL H 47 42.50 44.69 -70.78
CA VAL H 47 41.16 44.33 -70.26
C VAL H 47 40.18 44.41 -71.43
N VAL H 48 39.07 43.70 -71.29
CA VAL H 48 37.94 43.69 -72.25
C VAL H 48 36.68 43.90 -71.43
N LEU H 49 36.05 45.07 -71.59
CA LEU H 49 34.69 45.36 -71.09
C LEU H 49 33.72 45.30 -72.27
N LYS H 50 32.56 44.69 -72.06
CA LYS H 50 31.44 44.67 -73.02
C LYS H 50 30.20 45.03 -72.20
N GLY H 51 29.19 45.58 -72.87
CA GLY H 51 27.97 46.12 -72.22
C GLY H 51 26.72 45.37 -72.67
N PRO H 52 25.50 45.80 -72.29
CA PRO H 52 25.30 46.91 -71.37
C PRO H 52 25.80 46.58 -69.96
N THR H 53 26.76 47.33 -69.46
CA THR H 53 27.45 47.05 -68.18
C THR H 53 27.63 48.37 -67.46
N LYS H 54 27.44 48.34 -66.14
CA LYS H 54 27.52 49.55 -65.29
C LYS H 54 28.53 49.21 -64.20
N ILE H 55 29.67 49.90 -64.18
CA ILE H 55 30.74 49.68 -63.16
C ILE H 55 30.80 50.90 -62.23
N GLY H 56 30.64 50.69 -60.92
CA GLY H 56 30.57 51.77 -59.92
C GLY H 56 31.90 52.48 -59.75
N LYS H 57 32.17 52.98 -58.55
CA LYS H 57 33.23 53.96 -58.23
C LYS H 57 34.40 53.24 -57.55
N HIS H 58 35.62 53.76 -57.69
CA HIS H 58 36.84 53.26 -57.02
C HIS H 58 36.96 51.72 -57.16
N ASN H 59 36.81 51.15 -58.35
CA ASN H 59 37.09 49.72 -58.59
C ASN H 59 38.48 49.63 -59.23
N ARG H 60 39.19 48.50 -59.03
CA ARG H 60 40.52 48.20 -59.59
C ARG H 60 40.23 46.88 -60.36
N ILE H 61 40.28 46.88 -61.70
CA ILE H 61 40.15 45.65 -62.56
C ILE H 61 41.46 45.38 -63.31
N TYR H 62 41.96 44.14 -63.26
CA TYR H 62 43.31 43.78 -63.78
C TYR H 62 43.23 43.13 -65.16
N GLN H 63 44.41 42.89 -65.74
CA GLN H 63 44.67 42.36 -67.10
C GLN H 63 43.96 41.02 -67.35
N PHE H 64 43.61 40.70 -68.61
CA PHE H 64 43.15 39.35 -69.09
C PHE H 64 41.72 39.03 -68.62
N SER H 65 41.13 40.04 -67.97
CA SER H 65 39.74 40.02 -67.44
C SER H 65 38.81 40.34 -68.60
N SER H 66 37.75 39.55 -68.73
CA SER H 66 36.73 39.66 -69.79
C SER H 66 35.42 39.88 -69.04
N VAL H 67 35.14 41.14 -68.71
CA VAL H 67 34.01 41.58 -67.84
C VAL H 67 32.86 42.14 -68.68
N GLY H 68 31.75 41.43 -68.65
CA GLY H 68 30.50 41.80 -69.34
C GLY H 68 30.37 41.11 -70.68
N GLU H 69 30.96 39.90 -70.86
CA GLU H 69 30.75 39.08 -72.07
C GLU H 69 29.42 38.34 -71.95
N ASP H 70 28.84 37.79 -73.04
CA ASP H 70 27.53 37.06 -73.04
C ASP H 70 27.77 35.69 -72.39
N THR H 71 26.81 35.06 -71.71
CA THR H 71 27.20 33.69 -71.23
C THR H 71 27.23 32.77 -72.45
N PRO H 72 28.14 31.77 -72.52
CA PRO H 72 28.21 30.91 -73.69
C PRO H 72 27.03 29.93 -73.77
N ASP H 73 26.45 29.57 -72.58
CA ASP H 73 25.23 28.72 -72.33
C ASP H 73 24.24 28.95 -73.45
N LEU H 74 23.66 27.91 -74.06
CA LEU H 74 22.95 28.08 -75.36
C LEU H 74 21.56 28.68 -75.13
N LYS H 75 21.04 28.43 -73.93
CA LYS H 75 19.90 29.08 -73.26
C LYS H 75 19.80 30.54 -73.77
N TYR H 76 20.82 31.34 -73.54
CA TYR H 76 20.88 32.77 -73.92
C TYR H 76 21.06 32.89 -75.42
N LYS H 77 20.15 33.52 -76.14
CA LYS H 77 20.35 33.77 -77.60
C LYS H 77 20.49 35.28 -77.84
N GLY H 78 21.31 35.98 -77.06
CA GLY H 78 21.76 37.34 -77.41
C GLY H 78 20.79 38.44 -76.96
N GLU H 79 19.70 38.10 -76.25
CA GLU H 79 18.73 39.10 -75.71
C GLU H 79 19.58 40.13 -74.94
N PRO H 80 19.12 41.39 -74.72
CA PRO H 80 20.05 42.50 -74.57
C PRO H 80 20.31 42.79 -73.09
N THR H 81 20.80 41.80 -72.31
CA THR H 81 20.80 41.77 -70.81
C THR H 81 21.97 42.57 -70.22
N ARG H 82 22.04 42.69 -68.88
CA ARG H 82 22.92 43.67 -68.19
C ARG H 82 23.82 42.95 -67.18
N LEU H 83 24.96 43.58 -66.92
CA LEU H 83 25.86 43.39 -65.73
C LEU H 83 25.95 44.71 -64.97
N VAL H 84 25.98 44.61 -63.65
CA VAL H 84 26.10 45.76 -62.71
C VAL H 84 27.12 45.41 -61.64
N ILE H 85 28.09 46.31 -61.44
CA ILE H 85 29.13 46.19 -60.38
C ILE H 85 29.08 47.45 -59.53
N GLY H 86 29.01 47.27 -58.21
CA GLY H 86 29.02 48.37 -57.24
C GLY H 86 30.39 49.04 -57.16
N ASP H 87 30.76 49.47 -55.95
CA ASP H 87 31.90 50.38 -55.67
C ASP H 87 32.99 49.60 -54.91
N HIS H 88 34.22 50.13 -54.84
CA HIS H 88 35.37 49.61 -54.05
C HIS H 88 35.53 48.10 -54.26
N ASN H 89 35.36 47.59 -55.49
CA ASN H 89 35.59 46.15 -55.77
C ASN H 89 36.96 45.98 -56.38
N VAL H 90 37.55 44.79 -56.18
CA VAL H 90 38.78 44.36 -56.88
C VAL H 90 38.55 43.09 -57.69
N ILE H 91 38.88 43.19 -58.96
CA ILE H 91 38.78 42.05 -59.91
C ILE H 91 40.17 41.78 -60.43
N ARG H 92 40.76 40.69 -59.94
CA ARG H 92 42.17 40.30 -60.22
C ARG H 92 42.30 39.78 -61.65
N GLU H 93 43.52 39.30 -61.95
CA GLU H 93 43.96 38.95 -63.31
C GLU H 93 43.10 37.78 -63.84
N GLY H 94 42.43 37.95 -64.98
CA GLY H 94 41.88 36.83 -65.79
C GLY H 94 40.46 36.48 -65.42
N VAL H 95 39.83 37.31 -64.62
CA VAL H 95 38.46 37.04 -64.17
C VAL H 95 37.51 37.18 -65.36
N THR H 96 36.50 36.33 -65.40
CA THR H 96 35.38 36.39 -66.36
C THR H 96 34.09 36.67 -65.58
N ILE H 97 33.33 37.65 -66.04
CA ILE H 97 31.99 37.98 -65.51
C ILE H 97 31.05 38.09 -66.71
N HIS H 98 29.96 37.31 -66.71
CA HIS H 98 29.01 37.20 -67.82
C HIS H 98 27.73 37.97 -67.46
N ARG H 99 27.11 38.65 -68.42
CA ARG H 99 25.82 39.30 -68.16
C ARG H 99 24.72 38.24 -68.20
N GLY H 100 23.67 38.56 -67.43
CA GLY H 100 22.41 37.82 -67.27
C GLY H 100 21.85 37.26 -68.56
N THR H 101 20.73 36.57 -68.38
CA THR H 101 19.88 35.90 -69.40
C THR H 101 18.47 36.40 -69.13
N VAL H 102 17.60 36.54 -70.13
CA VAL H 102 16.21 37.01 -69.84
C VAL H 102 15.48 35.94 -69.02
N GLN H 103 15.82 34.65 -69.18
CA GLN H 103 15.21 33.49 -68.47
C GLN H 103 15.12 33.77 -66.96
N ASP H 104 16.14 34.33 -66.27
CA ASP H 104 16.09 34.61 -64.80
C ASP H 104 15.86 36.13 -64.64
N ARG H 105 16.73 36.93 -64.01
CA ARG H 105 16.33 38.35 -63.74
C ARG H 105 17.01 39.25 -64.76
N ALA H 106 17.70 38.72 -65.75
CA ALA H 106 18.21 39.51 -66.90
C ALA H 106 19.39 40.36 -66.44
N GLU H 107 19.95 40.06 -65.27
CA GLU H 107 21.09 40.84 -64.73
C GLU H 107 21.90 39.97 -63.79
N THR H 108 23.21 40.02 -64.04
CA THR H 108 24.34 39.61 -63.17
C THR H 108 24.73 40.82 -62.33
N THR H 109 24.93 40.66 -61.03
CA THR H 109 25.02 41.80 -60.08
C THR H 109 26.09 41.60 -59.01
N ILE H 110 26.93 42.62 -58.81
CA ILE H 110 27.97 42.59 -57.76
C ILE H 110 27.87 43.87 -56.94
N GLY H 111 27.91 43.71 -55.61
CA GLY H 111 27.77 44.79 -54.62
C GLY H 111 29.07 45.55 -54.45
N ASP H 112 29.45 45.88 -53.21
CA ASP H 112 30.59 46.76 -52.88
C ASP H 112 31.68 45.95 -52.14
N HIS H 113 32.93 46.42 -52.11
CA HIS H 113 34.03 45.94 -51.22
C HIS H 113 34.38 44.46 -51.44
N ASN H 114 34.01 43.88 -52.58
CA ASN H 114 34.31 42.47 -52.89
C ASN H 114 35.69 42.32 -53.51
N LEU H 115 36.34 41.21 -53.17
CA LEU H 115 37.65 40.79 -53.71
C LEU H 115 37.46 39.52 -54.51
N ILE H 116 37.62 39.61 -55.82
CA ILE H 116 37.47 38.45 -56.73
C ILE H 116 38.83 38.19 -57.35
N MET H 117 39.46 37.08 -56.97
CA MET H 117 40.87 36.84 -57.32
C MET H 117 40.97 36.13 -58.66
N ALA H 118 42.19 35.84 -59.04
CA ALA H 118 42.57 35.50 -60.42
C ALA H 118 41.77 34.31 -61.00
N TYR H 119 41.42 34.38 -62.28
CA TYR H 119 40.89 33.27 -63.11
C TYR H 119 39.52 32.83 -62.52
N ALA H 120 38.94 33.59 -61.59
CA ALA H 120 37.58 33.31 -61.06
C ALA H 120 36.57 33.50 -62.19
N HIS H 121 35.43 32.83 -62.08
CA HIS H 121 34.31 32.95 -63.05
C HIS H 121 33.03 33.28 -62.29
N ILE H 122 32.23 34.20 -62.83
CA ILE H 122 30.93 34.62 -62.25
C ILE H 122 29.87 34.55 -63.35
N GLY H 123 29.22 33.39 -63.50
CA GLY H 123 28.35 33.04 -64.63
C GLY H 123 27.07 33.85 -64.65
N HIS H 124 26.35 33.79 -65.78
CA HIS H 124 25.09 34.55 -66.03
C HIS H 124 24.23 34.60 -64.76
N ASP H 125 23.80 35.79 -64.37
CA ASP H 125 22.67 35.98 -63.41
C ASP H 125 23.11 35.75 -61.96
N SER H 126 24.39 35.45 -61.73
CA SER H 126 24.90 35.32 -60.35
C SER H 126 24.74 36.68 -59.67
N VAL H 127 24.77 36.71 -58.35
CA VAL H 127 24.51 37.94 -57.55
C VAL H 127 25.39 37.95 -56.30
N ILE H 128 26.27 38.94 -56.19
CA ILE H 128 27.22 39.01 -55.06
C ILE H 128 26.91 40.26 -54.23
N GLY H 129 26.94 40.07 -52.90
CA GLY H 129 26.69 41.11 -51.89
C GLY H 129 27.92 41.98 -51.69
N ASN H 130 28.42 42.08 -50.46
CA ASN H 130 29.54 42.99 -50.09
C ASN H 130 30.60 42.24 -49.28
N HIS H 131 31.84 42.73 -49.32
CA HIS H 131 32.97 42.22 -48.49
C HIS H 131 33.11 40.70 -48.70
N CYS H 132 32.72 40.19 -49.86
CA CYS H 132 32.91 38.77 -50.18
C CYS H 132 34.34 38.58 -50.69
N ILE H 133 34.91 37.39 -50.50
CA ILE H 133 36.16 37.00 -51.17
C ILE H 133 35.93 35.71 -51.96
N LEU H 134 36.10 35.81 -53.28
CA LEU H 134 36.17 34.64 -54.18
C LEU H 134 37.64 34.46 -54.53
N VAL H 135 38.23 33.39 -54.03
CA VAL H 135 39.67 33.11 -54.25
C VAL H 135 39.86 32.53 -55.65
N ASN H 136 41.12 32.45 -56.10
CA ASN H 136 41.55 31.98 -57.43
C ASN H 136 40.63 30.87 -57.95
N ASN H 137 40.09 31.03 -59.16
CA ASN H 137 39.43 29.97 -59.99
C ASN H 137 38.11 29.51 -59.39
N THR H 138 37.68 30.12 -58.29
CA THR H 138 36.26 30.02 -57.86
C THR H 138 35.39 30.23 -59.08
N ALA H 139 34.29 29.48 -59.15
CA ALA H 139 33.42 29.41 -60.33
C ALA H 139 31.96 29.26 -59.89
N LEU H 140 31.15 30.23 -60.28
CA LEU H 140 29.69 30.27 -60.03
C LEU H 140 28.99 29.95 -61.34
N ALA H 141 28.49 28.73 -61.50
CA ALA H 141 28.02 28.19 -62.80
C ALA H 141 26.98 29.12 -63.41
N GLY H 142 26.08 29.62 -62.57
CA GLY H 142 25.01 30.55 -62.96
C GLY H 142 23.94 30.69 -61.89
N HIS H 143 23.30 31.86 -61.85
CA HIS H 143 22.19 32.25 -60.93
C HIS H 143 22.57 31.94 -59.50
N VAL H 144 23.86 32.01 -59.16
CA VAL H 144 24.33 31.77 -57.77
C VAL H 144 24.21 33.09 -57.01
N HIS H 145 23.60 33.05 -55.82
CA HIS H 145 23.56 34.20 -54.88
C HIS H 145 24.58 33.94 -53.76
N VAL H 146 25.52 34.87 -53.60
CA VAL H 146 26.54 34.89 -52.52
C VAL H 146 26.23 36.07 -51.63
N ASP H 147 25.71 35.80 -50.43
CA ASP H 147 25.40 36.84 -49.42
C ASP H 147 26.70 37.33 -48.79
N ASP H 148 26.66 38.35 -47.93
CA ASP H 148 27.83 39.21 -47.59
C ASP H 148 28.87 38.44 -46.76
N TRP H 149 30.14 38.83 -46.86
CA TRP H 149 31.24 38.36 -46.00
C TRP H 149 31.65 36.92 -46.32
N ALA H 150 30.93 36.29 -47.25
CA ALA H 150 31.22 34.89 -47.60
C ALA H 150 32.64 34.85 -48.15
N ILE H 151 33.28 33.72 -47.92
CA ILE H 151 34.63 33.43 -48.45
C ILE H 151 34.57 32.08 -49.13
N LEU H 152 34.89 32.08 -50.42
CA LEU H 152 35.05 30.84 -51.19
C LEU H 152 36.54 30.66 -51.44
N SER H 153 37.15 29.70 -50.74
CA SER H 153 38.56 29.30 -50.93
C SER H 153 38.78 28.95 -52.42
N GLY H 154 40.04 28.77 -52.82
CA GLY H 154 40.44 28.58 -54.22
C GLY H 154 39.72 27.40 -54.87
N TYR H 155 39.38 27.51 -56.15
CA TYR H 155 38.88 26.39 -56.97
C TYR H 155 37.62 25.80 -56.32
N THR H 156 36.82 26.68 -55.71
CA THR H 156 35.48 26.35 -55.20
C THR H 156 34.49 26.42 -56.36
N LEU H 157 33.70 25.37 -56.54
CA LEU H 157 32.76 25.22 -57.68
C LEU H 157 31.34 25.19 -57.15
N VAL H 158 30.43 25.96 -57.76
CA VAL H 158 29.08 26.20 -57.19
C VAL H 158 28.03 26.00 -58.27
N HIS H 159 27.18 24.97 -58.14
CA HIS H 159 26.31 24.44 -59.24
C HIS H 159 25.17 25.46 -59.42
N GLN H 160 24.64 25.55 -60.66
CA GLN H 160 23.53 26.46 -61.09
C GLN H 160 22.70 26.70 -59.80
N TYR H 161 22.34 27.94 -59.45
CA TYR H 161 21.20 28.28 -58.54
C TYR H 161 21.48 28.13 -57.03
N CYS H 162 22.67 27.73 -56.59
CA CYS H 162 22.95 27.56 -55.14
C CYS H 162 23.02 28.92 -54.45
N ARG H 163 22.64 28.97 -53.18
CA ARG H 163 22.77 30.16 -52.31
C ARG H 163 23.90 29.89 -51.31
N ILE H 164 24.92 30.74 -51.33
CA ILE H 164 25.99 30.76 -50.31
C ILE H 164 25.58 31.81 -49.28
N GLY H 165 25.02 31.38 -48.15
CA GLY H 165 24.62 32.27 -47.04
C GLY H 165 25.80 33.08 -46.49
N ALA H 166 25.51 34.13 -45.74
CA ALA H 166 26.52 35.12 -45.29
C ALA H 166 27.50 34.57 -44.26
N HIS H 167 28.75 35.03 -44.33
CA HIS H 167 29.89 34.61 -43.47
C HIS H 167 30.23 33.13 -43.67
N SER H 168 29.51 32.47 -44.57
CA SER H 168 29.79 31.07 -44.89
C SER H 168 31.20 31.02 -45.46
N PHE H 169 31.75 29.81 -45.53
CA PHE H 169 33.14 29.55 -45.92
C PHE H 169 33.22 28.19 -46.61
N SER H 170 33.67 28.17 -47.86
CA SER H 170 34.05 26.93 -48.57
C SER H 170 35.57 26.76 -48.49
N GLY H 171 36.03 25.54 -48.26
CA GLY H 171 37.47 25.19 -48.32
C GLY H 171 37.92 25.03 -49.77
N MET H 172 39.21 24.82 -50.02
CA MET H 172 39.73 24.77 -51.40
C MET H 172 39.20 23.49 -52.06
N GLY H 173 39.00 23.54 -53.37
CA GLY H 173 38.43 22.44 -54.19
C GLY H 173 37.06 21.98 -53.72
N SER H 174 36.32 22.79 -52.96
CA SER H 174 34.93 22.47 -52.58
C SER H 174 34.06 22.43 -53.83
N ALA H 175 33.12 21.48 -53.87
CA ALA H 175 32.20 21.23 -54.99
C ALA H 175 30.76 21.33 -54.51
N ILE H 176 30.24 22.55 -54.48
CA ILE H 176 29.00 22.90 -53.74
C ILE H 176 27.80 22.63 -54.66
N GLY H 177 27.03 21.57 -54.37
CA GLY H 177 25.89 21.15 -55.20
C GLY H 177 24.55 21.68 -54.67
N LYS H 178 24.56 22.27 -53.46
CA LYS H 178 23.34 22.68 -52.74
C LYS H 178 23.67 23.82 -51.79
N ASP H 179 22.66 24.51 -51.29
CA ASP H 179 22.85 25.75 -50.50
C ASP H 179 23.83 25.54 -49.33
N VAL H 180 24.61 26.58 -49.06
CA VAL H 180 25.46 26.68 -47.84
C VAL H 180 24.85 27.69 -46.90
N PRO H 181 24.37 27.24 -45.72
CA PRO H 181 23.75 28.14 -44.75
C PRO H 181 24.72 29.22 -44.26
N ALA H 182 24.20 30.36 -43.84
CA ALA H 182 24.99 31.42 -43.18
C ALA H 182 25.98 30.78 -42.20
N TYR H 183 27.22 31.26 -42.18
CA TYR H 183 28.24 30.95 -41.15
C TYR H 183 28.86 29.56 -41.31
N VAL H 184 28.32 28.69 -42.17
CA VAL H 184 28.75 27.26 -42.19
C VAL H 184 30.07 27.13 -42.96
N THR H 185 30.97 26.28 -42.48
CA THR H 185 32.19 25.87 -43.19
C THR H 185 31.87 24.57 -43.94
N VAL H 186 32.13 24.52 -45.25
CA VAL H 186 31.93 23.30 -46.07
C VAL H 186 33.23 22.95 -46.79
N PHE H 187 33.47 21.66 -47.02
CA PHE H 187 34.76 21.17 -47.56
C PHE H 187 34.49 19.98 -48.49
N GLY H 188 35.20 19.96 -49.62
CA GLY H 188 35.44 18.73 -50.41
C GLY H 188 34.43 18.51 -51.53
N ASN H 189 34.57 17.36 -52.18
CA ASN H 189 33.81 16.99 -53.41
C ASN H 189 33.14 15.66 -53.19
N PRO H 190 31.83 15.65 -52.87
CA PRO H 190 31.04 16.87 -52.91
C PRO H 190 31.10 17.56 -51.54
N ALA H 191 30.97 18.89 -51.53
CA ALA H 191 30.94 19.74 -50.31
C ALA H 191 30.12 19.05 -49.22
N GLU H 192 30.66 18.91 -48.01
CA GLU H 192 29.88 18.60 -46.78
C GLU H 192 30.07 19.73 -45.78
N ALA H 193 29.16 19.85 -44.80
CA ALA H 193 29.24 20.80 -43.67
C ALA H 193 30.31 20.26 -42.72
N ARG H 194 31.08 21.11 -42.04
CA ARG H 194 32.02 20.67 -40.98
C ARG H 194 31.70 21.42 -39.68
N SER H 195 31.87 22.74 -39.69
CA SER H 195 31.67 23.62 -38.52
C SER H 195 30.93 24.87 -38.93
N MET H 196 30.87 25.83 -38.03
CA MET H 196 30.59 27.23 -38.37
C MET H 196 31.91 27.96 -38.35
N ASN H 197 31.91 29.13 -38.95
CA ASN H 197 33.10 29.93 -39.28
C ASN H 197 33.33 30.89 -38.12
N PHE H 198 33.80 30.36 -37.01
CA PHE H 198 33.99 31.13 -35.76
C PHE H 198 35.00 32.22 -36.10
N GLU H 199 35.96 31.87 -36.94
CA GLU H 199 36.97 32.82 -37.42
C GLU H 199 36.28 34.16 -37.71
N GLY H 200 35.60 34.24 -38.86
CA GLY H 200 35.03 35.48 -39.39
C GLY H 200 33.89 36.01 -38.55
N MET H 201 33.52 35.29 -37.48
CA MET H 201 32.61 35.77 -36.41
C MET H 201 33.39 36.61 -35.44
N ARG H 202 34.58 36.16 -35.01
CA ARG H 202 35.44 36.97 -34.10
C ARG H 202 35.77 38.22 -34.92
N ARG H 203 36.10 38.05 -36.21
CA ARG H 203 36.43 39.19 -37.12
C ARG H 203 35.28 40.21 -37.11
N ARG H 204 34.02 39.82 -37.14
CA ARG H 204 32.90 40.78 -37.08
C ARG H 204 32.65 41.28 -35.65
N GLY H 205 33.41 40.80 -34.67
CA GLY H 205 33.26 41.18 -33.25
C GLY H 205 31.93 40.73 -32.65
N PHE H 206 31.36 39.63 -33.12
CA PHE H 206 30.16 38.99 -32.54
C PHE H 206 30.34 38.80 -31.03
N SER H 207 29.26 38.91 -30.25
CA SER H 207 29.31 38.68 -28.79
C SER H 207 29.62 37.21 -28.56
N SER H 208 30.15 36.83 -27.41
CA SER H 208 30.43 35.39 -27.14
C SER H 208 29.11 34.65 -27.07
N GLU H 209 28.04 35.23 -26.48
CA GLU H 209 26.71 34.54 -26.37
C GLU H 209 26.31 34.15 -27.79
N ALA H 210 26.49 35.07 -28.74
CA ALA H 210 26.04 34.93 -30.14
C ALA H 210 26.82 33.78 -30.76
N ILE H 211 28.13 33.75 -30.56
CA ILE H 211 28.98 32.64 -31.09
C ILE H 211 28.43 31.33 -30.51
N HIS H 212 28.46 31.15 -29.18
CA HIS H 212 27.95 29.92 -28.49
C HIS H 212 26.58 29.55 -29.07
N ALA H 213 25.69 30.53 -29.25
CA ALA H 213 24.30 30.32 -29.71
C ALA H 213 24.27 29.74 -31.12
N LEU H 214 25.23 30.17 -31.93
CA LEU H 214 25.43 29.75 -33.34
C LEU H 214 26.02 28.34 -33.35
N ARG H 215 26.94 28.02 -32.44
CA ARG H 215 27.39 26.62 -32.28
C ARG H 215 26.15 25.80 -31.93
N ARG H 216 25.37 26.17 -30.88
CA ARG H 216 24.16 25.40 -30.48
C ARG H 216 23.36 25.13 -31.76
N ALA H 217 23.15 26.19 -32.54
CA ALA H 217 22.28 26.18 -33.73
C ALA H 217 22.80 25.18 -34.75
N TYR H 218 24.10 25.18 -35.03
CA TYR H 218 24.74 24.21 -35.93
C TYR H 218 24.36 22.81 -35.47
N LYS H 219 24.72 22.56 -34.21
CA LYS H 219 24.61 21.23 -33.57
C LYS H 219 23.20 20.71 -33.87
N VAL H 220 22.20 21.58 -33.77
CA VAL H 220 20.75 21.23 -33.89
C VAL H 220 20.46 20.65 -35.27
N VAL H 221 20.77 21.45 -36.28
CA VAL H 221 20.52 21.16 -37.71
C VAL H 221 21.14 19.81 -38.04
N TYR H 222 22.46 19.79 -37.86
CA TYR H 222 23.43 18.82 -38.40
C TYR H 222 23.61 17.66 -37.42
N ARG H 223 24.36 17.91 -36.36
CA ARG H 223 24.86 16.84 -35.46
C ARG H 223 23.76 16.34 -34.48
N GLN H 224 22.47 16.71 -34.53
CA GLN H 224 21.45 16.07 -33.63
C GLN H 224 20.54 15.17 -34.47
N GLY H 225 20.87 15.05 -35.78
CA GLY H 225 19.97 14.59 -36.85
C GLY H 225 18.51 14.83 -36.46
N HIS H 226 18.12 16.06 -36.14
CA HIS H 226 16.72 16.46 -36.34
C HIS H 226 16.52 16.41 -37.88
N THR H 227 15.30 16.30 -38.41
CA THR H 227 15.01 16.59 -39.85
C THR H 227 15.47 18.01 -40.17
N VAL H 228 15.28 18.47 -41.41
CA VAL H 228 15.47 19.92 -41.73
C VAL H 228 14.35 20.68 -41.02
N GLU H 229 13.09 20.32 -41.28
CA GLU H 229 11.92 21.01 -40.64
C GLU H 229 12.01 21.00 -39.13
N GLU H 230 12.39 19.85 -38.58
CA GLU H 230 12.41 19.63 -37.11
C GLU H 230 13.33 20.69 -36.51
N ALA H 231 14.47 20.92 -37.14
CA ALA H 231 15.50 21.82 -36.60
C ALA H 231 15.02 23.26 -36.72
N LEU H 232 14.47 23.64 -37.87
CA LEU H 232 13.97 25.01 -38.09
C LEU H 232 13.03 25.41 -36.94
N ALA H 233 12.26 24.42 -36.50
CA ALA H 233 11.34 24.51 -35.36
C ALA H 233 12.13 24.83 -34.08
N GLU H 234 13.13 24.02 -33.78
CA GLU H 234 13.98 24.15 -32.58
C GLU H 234 14.54 25.58 -32.51
N LEU H 235 15.15 26.00 -33.63
CA LEU H 235 15.93 27.26 -33.71
C LEU H 235 15.08 28.45 -33.29
N ALA H 236 13.86 28.58 -33.83
CA ALA H 236 12.78 29.53 -33.40
C ALA H 236 13.11 30.33 -32.12
N GLU H 237 13.18 29.69 -30.94
CA GLU H 237 13.61 30.30 -29.64
C GLU H 237 14.96 31.03 -29.85
N SER H 238 16.03 30.23 -30.06
CA SER H 238 17.43 30.66 -30.37
C SER H 238 17.43 31.93 -31.24
N ALA H 239 16.50 32.04 -32.18
CA ALA H 239 16.52 32.99 -33.31
C ALA H 239 15.82 34.30 -32.95
N ALA H 240 14.84 34.22 -32.05
CA ALA H 240 14.25 35.45 -31.47
C ALA H 240 15.33 36.16 -30.64
N GLN H 241 15.96 35.34 -29.80
CA GLN H 241 17.00 35.74 -28.84
C GLN H 241 18.15 36.47 -29.57
N PHE H 242 18.58 35.99 -30.74
CA PHE H 242 19.84 36.43 -31.39
C PHE H 242 19.60 36.65 -32.86
N PRO H 243 19.47 37.91 -33.29
CA PRO H 243 19.52 38.25 -34.70
C PRO H 243 20.56 37.46 -35.50
N GLU H 244 21.71 37.15 -34.91
CA GLU H 244 22.79 36.38 -35.62
C GLU H 244 22.27 34.98 -36.01
N VAL H 245 21.55 34.32 -35.11
CA VAL H 245 20.99 32.95 -35.32
C VAL H 245 19.88 33.07 -36.36
N ALA H 246 19.07 34.12 -36.20
CA ALA H 246 17.91 34.43 -37.06
C ALA H 246 18.33 34.21 -38.52
N VAL H 247 19.39 34.91 -38.91
CA VAL H 247 20.09 34.82 -40.22
C VAL H 247 20.31 33.36 -40.66
N PHE H 248 20.85 32.57 -39.75
CA PHE H 248 21.20 31.15 -39.97
C PHE H 248 19.90 30.37 -40.20
N ARG H 249 18.89 30.52 -39.32
CA ARG H 249 17.57 29.90 -39.55
C ARG H 249 17.06 30.35 -40.92
N ASP H 250 17.00 31.66 -41.16
CA ASP H 250 16.51 32.25 -42.42
C ASP H 250 17.27 31.63 -43.61
N SER H 251 18.59 31.44 -43.55
CA SER H 251 19.29 30.80 -44.71
C SER H 251 18.63 29.44 -44.95
N ILE H 252 18.57 28.60 -43.92
CA ILE H 252 18.09 27.19 -44.03
C ILE H 252 16.64 27.17 -44.50
N GLN H 253 15.83 28.08 -43.94
CA GLN H 253 14.44 28.27 -44.38
C GLN H 253 14.33 28.11 -45.89
N SER H 254 14.64 29.18 -46.60
CA SER H 254 14.28 29.36 -48.03
C SER H 254 15.39 28.71 -48.83
N ALA H 255 15.70 27.48 -48.44
CA ALA H 255 16.41 26.48 -49.25
C ALA H 255 15.50 25.27 -49.45
N THR H 256 14.68 24.92 -48.45
CA THR H 256 13.79 23.72 -48.46
C THR H 256 12.36 24.24 -48.43
N ARG H 257 11.57 24.19 -49.50
CA ARG H 257 10.09 24.31 -49.30
C ARG H 257 9.49 22.91 -49.28
N GLY H 258 10.13 21.92 -49.93
CA GLY H 258 9.59 20.56 -50.11
C GLY H 258 8.21 20.50 -50.76
N ILE H 259 7.61 19.31 -50.79
CA ILE H 259 6.29 19.02 -51.41
C ILE H 259 5.35 18.49 -50.33
N THR H 260 4.06 18.43 -50.58
CA THR H 260 3.07 17.71 -49.76
C THR H 260 3.45 16.23 -49.76
N ARG H 261 3.81 15.67 -48.60
CA ARG H 261 3.85 14.19 -48.36
C ARG H 261 2.41 13.75 -48.07
N SER I 5 64.81 43.17 -84.85
CA SER I 5 65.34 43.85 -83.60
C SER I 5 64.65 43.39 -82.29
N LEU I 6 65.45 42.97 -81.30
CA LEU I 6 65.22 42.00 -80.18
C LEU I 6 63.97 42.29 -79.33
N ILE I 7 63.96 43.51 -78.79
CA ILE I 7 62.86 44.03 -77.93
C ILE I 7 61.89 44.72 -78.87
N ASP I 8 60.71 44.12 -79.06
CA ASP I 8 59.65 44.62 -79.95
C ASP I 8 59.38 46.09 -79.64
N PRO I 9 59.13 46.95 -80.65
CA PRO I 9 58.82 48.34 -80.36
C PRO I 9 57.43 48.48 -79.74
N ARG I 10 56.48 47.55 -79.94
CA ARG I 10 55.11 47.74 -79.38
C ARG I 10 55.07 47.35 -77.91
N ALA I 11 56.19 46.87 -77.36
CA ALA I 11 56.32 46.49 -75.94
C ALA I 11 56.66 47.75 -75.14
N ILE I 12 56.32 47.76 -73.85
CA ILE I 12 56.65 48.89 -72.93
C ILE I 12 57.72 48.43 -71.97
N ILE I 13 58.83 49.19 -71.91
CA ILE I 13 59.91 48.94 -70.93
C ILE I 13 60.09 50.18 -70.06
N ASP I 14 59.95 50.01 -68.75
CA ASP I 14 60.23 51.10 -67.78
C ASP I 14 61.68 51.53 -67.95
N PRO I 15 62.00 52.84 -67.84
CA PRO I 15 63.40 53.28 -67.81
C PRO I 15 64.15 52.59 -66.66
N SER I 16 63.48 52.36 -65.54
CA SER I 16 64.11 51.79 -64.31
C SER I 16 64.42 50.29 -64.54
N ALA I 17 63.73 49.58 -65.43
CA ALA I 17 63.99 48.14 -65.71
C ALA I 17 65.38 47.97 -66.30
N ARG I 18 65.96 46.78 -66.24
CA ARG I 18 67.34 46.59 -66.77
C ARG I 18 67.52 45.13 -67.23
N LEU I 19 67.87 44.95 -68.51
CA LEU I 19 67.79 43.71 -69.36
C LEU I 19 69.15 43.41 -70.01
N ALA I 20 69.76 42.23 -69.79
CA ALA I 20 71.04 41.83 -70.44
C ALA I 20 70.88 41.89 -71.97
N ALA I 21 71.99 41.95 -72.71
CA ALA I 21 72.06 42.37 -74.14
C ALA I 21 71.01 41.65 -75.01
N ASP I 22 71.06 40.32 -75.04
CA ASP I 22 70.36 39.44 -76.03
C ASP I 22 69.02 38.95 -75.46
N VAL I 23 68.45 39.67 -74.49
CA VAL I 23 67.05 39.45 -74.06
C VAL I 23 66.14 39.88 -75.19
N GLN I 24 65.05 39.14 -75.36
CA GLN I 24 63.93 39.52 -76.26
C GLN I 24 62.65 39.76 -75.49
N VAL I 25 61.82 40.63 -76.03
CA VAL I 25 60.45 40.90 -75.51
C VAL I 25 59.50 40.99 -76.72
N GLY I 26 58.48 40.12 -76.74
CA GLY I 26 57.41 40.11 -77.75
C GLY I 26 56.61 41.39 -77.66
N PRO I 27 55.68 41.66 -78.60
CA PRO I 27 54.88 42.88 -78.55
C PRO I 27 53.86 42.93 -77.40
N TRP I 28 53.52 44.13 -76.92
CA TRP I 28 52.39 44.37 -75.98
C TRP I 28 52.71 43.79 -74.60
N SER I 29 53.96 43.41 -74.41
CA SER I 29 54.45 42.96 -73.10
C SER I 29 54.93 44.21 -72.38
N ILE I 30 54.76 44.24 -71.07
CA ILE I 30 55.16 45.36 -70.17
C ILE I 30 56.24 44.82 -69.25
N VAL I 31 57.35 45.53 -69.18
CA VAL I 31 58.43 45.23 -68.20
C VAL I 31 58.43 46.38 -67.18
N GLY I 32 57.55 46.28 -66.16
CA GLY I 32 57.33 47.27 -65.08
C GLY I 32 58.65 47.77 -64.52
N ALA I 33 58.63 48.79 -63.67
CA ALA I 33 59.86 49.32 -63.05
C ALA I 33 60.50 48.20 -62.24
N GLU I 34 61.81 48.30 -61.96
CA GLU I 34 62.53 47.46 -60.98
C GLU I 34 62.59 46.01 -61.45
N VAL I 35 62.32 45.76 -62.72
CA VAL I 35 62.38 44.37 -63.25
C VAL I 35 63.74 44.18 -63.92
N GLU I 36 64.43 43.12 -63.52
CA GLU I 36 65.79 42.78 -63.99
C GLU I 36 65.67 41.47 -64.76
N ILE I 37 66.17 41.39 -65.99
CA ILE I 37 66.03 40.16 -66.82
C ILE I 37 67.42 39.71 -67.30
N GLY I 38 67.82 38.50 -66.92
CA GLY I 38 69.16 37.95 -67.18
C GLY I 38 69.36 37.58 -68.63
N GLU I 39 70.63 37.39 -69.04
CA GLU I 39 71.08 37.00 -70.39
C GLU I 39 70.20 35.93 -71.04
N GLY I 40 69.86 36.09 -72.34
CA GLY I 40 69.31 35.02 -73.20
C GLY I 40 67.86 34.64 -72.87
N THR I 41 67.22 35.34 -71.95
CA THR I 41 65.80 35.14 -71.59
C THR I 41 64.94 35.63 -72.75
N VAL I 42 63.75 35.07 -72.88
CA VAL I 42 62.74 35.43 -73.91
C VAL I 42 61.42 35.73 -73.23
N ILE I 43 60.88 36.93 -73.43
CA ILE I 43 59.51 37.28 -72.96
C ILE I 43 58.59 37.23 -74.17
N GLY I 44 57.55 36.39 -74.13
CA GLY I 44 56.58 36.27 -75.22
C GLY I 44 55.79 37.58 -75.41
N PRO I 45 54.81 37.62 -76.32
CA PRO I 45 53.84 38.72 -76.38
C PRO I 45 52.88 38.78 -75.20
N HIS I 46 52.06 39.83 -75.10
CA HIS I 46 51.13 40.13 -73.98
C HIS I 46 51.60 39.53 -72.63
N VAL I 47 52.81 39.84 -72.20
CA VAL I 47 53.25 39.50 -70.82
C VAL I 47 53.20 40.78 -69.99
N VAL I 48 53.09 40.60 -68.68
CA VAL I 48 53.12 41.68 -67.66
C VAL I 48 54.12 41.26 -66.59
N LEU I 49 55.26 41.95 -66.53
CA LEU I 49 56.24 41.85 -65.43
C LEU I 49 56.08 43.10 -64.55
N LYS I 50 56.12 42.90 -63.23
CA LYS I 50 56.13 43.99 -62.24
C LYS I 50 57.23 43.62 -61.26
N GLY I 51 57.81 44.62 -60.59
CA GLY I 51 58.98 44.46 -59.72
C GLY I 51 58.66 44.82 -58.27
N PRO I 52 59.64 44.87 -57.34
CA PRO I 52 61.01 44.48 -57.63
C PRO I 52 61.13 42.98 -57.91
N THR I 53 61.59 42.62 -59.10
CA THR I 53 61.61 41.23 -59.58
C THR I 53 62.93 41.00 -60.31
N LYS I 54 63.53 39.85 -60.10
CA LYS I 54 64.85 39.53 -60.64
C LYS I 54 64.72 38.20 -61.38
N ILE I 55 64.84 38.22 -62.71
CA ILE I 55 64.66 37.00 -63.56
C ILE I 55 66.02 36.60 -64.13
N GLY I 56 66.45 35.35 -63.88
CA GLY I 56 67.77 34.85 -64.27
C GLY I 56 67.90 34.71 -65.78
N LYS I 57 68.72 33.75 -66.22
CA LYS I 57 69.25 33.63 -67.61
C LYS I 57 68.48 32.53 -68.34
N HIS I 58 68.39 32.62 -69.67
CA HIS I 58 67.79 31.58 -70.55
C HIS I 58 66.42 31.11 -70.00
N ASN I 59 65.51 32.02 -69.64
CA ASN I 59 64.11 31.66 -69.27
C ASN I 59 63.24 31.93 -70.50
N ARG I 60 62.13 31.20 -70.65
CA ARG I 60 61.13 31.34 -71.73
C ARG I 60 59.84 31.61 -70.91
N ILE I 61 59.26 32.82 -70.98
CA ILE I 61 57.94 33.17 -70.33
C ILE I 61 56.90 33.51 -71.40
N TYR I 62 55.70 32.91 -71.32
CA TYR I 62 54.69 32.99 -72.39
C TYR I 62 53.61 34.02 -72.07
N GLN I 63 52.73 34.24 -73.06
CA GLN I 63 51.60 35.22 -73.10
C GLN I 63 50.67 35.08 -71.87
N PHE I 64 50.01 36.18 -71.44
CA PHE I 64 48.87 36.21 -70.47
C PHE I 64 49.36 35.93 -69.03
N SER I 65 50.69 35.82 -68.91
CA SER I 65 51.42 35.61 -67.64
C SER I 65 51.57 36.96 -66.96
N SER I 66 51.26 36.98 -65.67
CA SER I 66 51.31 38.19 -64.81
C SER I 66 52.31 37.83 -63.70
N VAL I 67 53.60 38.05 -63.99
CA VAL I 67 54.76 37.64 -63.15
C VAL I 67 55.31 38.83 -62.37
N GLY I 68 55.17 38.76 -61.05
CA GLY I 68 55.66 39.76 -60.10
C GLY I 68 54.58 40.74 -59.70
N GLU I 69 53.29 40.36 -59.73
CA GLU I 69 52.18 41.22 -59.23
C GLU I 69 52.13 41.08 -57.69
N ASP I 70 51.45 41.99 -56.95
CA ASP I 70 51.36 41.96 -55.45
C ASP I 70 50.43 40.81 -55.06
N THR I 71 50.55 40.13 -53.91
CA THR I 71 49.49 39.12 -53.66
C THR I 71 48.22 39.87 -53.32
N PRO I 72 47.00 39.41 -53.71
CA PRO I 72 45.78 40.15 -53.43
C PRO I 72 45.40 40.08 -51.95
N ASP I 73 45.81 38.98 -51.25
CA ASP I 73 45.70 38.64 -49.80
C ASP I 73 45.82 39.93 -49.00
N LEU I 74 44.93 40.20 -48.05
CA LEU I 74 44.77 41.57 -47.49
C LEU I 74 45.89 41.85 -46.49
N LYS I 75 46.38 40.77 -45.88
CA LYS I 75 47.65 40.61 -45.12
C LYS I 75 48.67 41.64 -45.65
N TYR I 76 49.03 41.55 -46.92
CA TYR I 76 50.04 42.43 -47.59
C TYR I 76 49.44 43.79 -47.81
N LYS I 77 50.01 44.86 -47.25
CA LYS I 77 49.53 46.24 -47.56
C LYS I 77 50.63 46.97 -48.35
N GLY I 78 51.18 46.38 -49.39
CA GLY I 78 51.98 47.13 -50.39
C GLY I 78 53.44 47.31 -50.01
N GLU I 79 53.90 46.76 -48.87
CA GLU I 79 55.33 46.83 -48.43
C GLU I 79 56.15 46.38 -49.65
N PRO I 80 57.44 46.74 -49.81
CA PRO I 80 58.03 46.80 -51.14
C PRO I 80 58.81 45.50 -51.41
N THR I 81 58.16 44.33 -51.38
CA THR I 81 58.76 42.97 -51.36
C THR I 81 59.21 42.48 -52.74
N ARG I 82 59.84 41.30 -52.82
CA ARG I 82 60.59 40.86 -54.03
C ARG I 82 60.07 39.51 -54.52
N LEU I 83 60.27 39.27 -55.82
CA LEU I 83 60.25 37.95 -56.54
C LEU I 83 61.62 37.72 -57.17
N VAL I 84 62.08 36.48 -57.14
CA VAL I 84 63.38 36.03 -57.71
C VAL I 84 63.14 34.72 -58.47
N ILE I 85 63.59 34.70 -59.73
CA ILE I 85 63.53 33.50 -60.60
C ILE I 85 64.94 33.18 -61.09
N GLY I 86 65.37 31.93 -60.93
CA GLY I 86 66.68 31.45 -61.41
C GLY I 86 66.73 31.36 -62.92
N ASP I 87 67.45 30.35 -63.43
CA ASP I 87 67.88 30.21 -64.84
C ASP I 87 67.13 29.02 -65.48
N HIS I 88 67.11 28.94 -66.82
CA HIS I 88 66.57 27.81 -67.62
C HIS I 88 65.18 27.41 -67.12
N ASN I 89 64.31 28.37 -66.76
CA ASN I 89 62.93 28.04 -66.35
C ASN I 89 62.00 28.27 -67.53
N VAL I 90 60.88 27.55 -67.53
CA VAL I 90 59.76 27.79 -68.48
C VAL I 90 58.47 28.09 -67.73
N ILE I 91 57.89 29.23 -68.09
CA ILE I 91 56.61 29.70 -67.52
C ILE I 91 55.63 29.79 -68.67
N ARG I 92 54.71 28.83 -68.72
CA ARG I 92 53.73 28.68 -69.83
C ARG I 92 52.65 29.74 -69.74
N GLU I 93 51.67 29.62 -70.64
CA GLU I 93 50.64 30.64 -70.91
C GLU I 93 49.79 30.85 -69.64
N GLY I 94 49.72 32.08 -69.13
CA GLY I 94 48.67 32.51 -68.18
C GLY I 94 49.08 32.32 -66.72
N VAL I 95 50.34 32.02 -66.50
CA VAL I 95 50.82 31.77 -65.13
C VAL I 95 50.81 33.09 -64.37
N THR I 96 50.49 33.01 -63.09
CA THR I 96 50.59 34.12 -62.12
C THR I 96 51.63 33.76 -61.07
N ILE I 97 52.54 34.68 -60.82
CA ILE I 97 53.54 34.56 -59.72
C ILE I 97 53.51 35.87 -58.94
N HIS I 98 53.28 35.80 -57.64
CA HIS I 98 53.09 36.97 -56.75
C HIS I 98 54.36 37.17 -55.91
N ARG I 99 54.74 38.41 -55.66
CA ARG I 99 55.89 38.67 -54.77
C ARG I 99 55.42 38.51 -53.32
N GLY I 100 56.41 38.13 -52.50
CA GLY I 100 56.36 37.95 -51.04
C GLY I 100 55.58 39.03 -50.31
N THR I 101 55.53 38.83 -48.99
CA THR I 101 54.88 39.66 -47.95
C THR I 101 55.95 39.89 -46.89
N VAL I 102 56.00 41.00 -46.17
CA VAL I 102 57.04 41.16 -45.10
C VAL I 102 56.78 40.14 -43.99
N GLN I 103 55.53 39.75 -43.74
CA GLN I 103 55.10 38.79 -42.70
C GLN I 103 56.00 37.53 -42.72
N ASP I 104 56.35 36.92 -43.87
CA ASP I 104 57.20 35.70 -43.93
C ASP I 104 58.60 36.15 -44.39
N ARG I 105 59.18 35.72 -45.51
CA ARG I 105 60.60 36.04 -45.78
C ARG I 105 60.68 37.21 -46.77
N ALA I 106 59.56 37.81 -47.16
CA ALA I 106 59.53 39.04 -47.96
C ALA I 106 59.97 38.72 -49.40
N GLU I 107 59.99 37.44 -49.76
CA GLU I 107 60.42 37.02 -51.12
C GLU I 107 59.78 35.68 -51.46
N THR I 108 59.21 35.68 -52.67
CA THR I 108 58.80 34.51 -53.50
C THR I 108 59.99 34.12 -54.35
N THR I 109 60.32 32.84 -54.45
CA THR I 109 61.62 32.38 -55.00
C THR I 109 61.49 31.13 -55.87
N ILE I 110 62.09 31.16 -57.05
CA ILE I 110 62.10 29.99 -57.98
C ILE I 110 63.54 29.74 -58.42
N GLY I 111 63.93 28.46 -58.38
CA GLY I 111 65.30 27.99 -58.70
C GLY I 111 65.49 27.87 -60.19
N ASP I 112 66.14 26.78 -60.66
CA ASP I 112 66.55 26.59 -62.07
C ASP I 112 65.78 25.40 -62.69
N HIS I 113 65.69 25.31 -64.02
CA HIS I 113 65.25 24.13 -64.81
C HIS I 113 63.80 23.69 -64.48
N ASN I 114 62.99 24.59 -63.92
CA ASN I 114 61.58 24.30 -63.58
C ASN I 114 60.67 24.54 -64.77
N LEU I 115 59.65 23.70 -64.86
CA LEU I 115 58.56 23.80 -65.87
C LEU I 115 57.27 24.10 -65.14
N ILE I 116 56.74 25.30 -65.35
CA ILE I 116 55.46 25.73 -64.73
C ILE I 116 54.46 25.92 -65.86
N MET I 117 53.47 25.04 -65.94
CA MET I 117 52.58 25.00 -67.13
C MET I 117 51.39 25.93 -66.93
N ALA I 118 50.53 25.94 -67.92
CA ALA I 118 49.54 27.00 -68.14
C ALA I 118 48.62 27.24 -66.91
N TYR I 119 48.28 28.50 -66.64
CA TYR I 119 47.23 28.96 -65.70
C TYR I 119 47.63 28.53 -64.26
N ALA I 120 48.87 28.07 -64.05
CA ALA I 120 49.38 27.76 -62.69
C ALA I 120 49.45 29.05 -61.88
N HIS I 121 49.39 28.92 -60.56
CA HIS I 121 49.53 30.05 -59.62
C HIS I 121 50.61 29.72 -58.59
N ILE I 122 51.46 30.70 -58.28
CA ILE I 122 52.55 30.58 -57.27
C ILE I 122 52.46 31.74 -56.31
N GLY I 123 51.68 31.59 -55.22
CA GLY I 123 51.26 32.66 -54.29
C GLY I 123 52.41 33.22 -53.50
N HIS I 124 52.16 34.37 -52.85
CA HIS I 124 53.16 35.10 -52.03
C HIS I 124 54.06 34.13 -51.26
N ASP I 125 55.37 34.30 -51.37
CA ASP I 125 56.36 33.71 -50.42
C ASP I 125 56.61 32.23 -50.70
N SER I 126 55.96 31.66 -51.72
CA SER I 126 56.23 30.25 -52.11
C SER I 126 57.70 30.18 -52.56
N VAL I 127 58.25 28.97 -52.58
CA VAL I 127 59.70 28.75 -52.86
C VAL I 127 59.89 27.44 -53.63
N ILE I 128 60.40 27.54 -54.86
CA ILE I 128 60.56 26.34 -55.73
C ILE I 128 62.04 26.11 -56.00
N GLY I 129 62.42 24.83 -55.92
CA GLY I 129 63.80 24.35 -56.12
C GLY I 129 64.13 24.25 -57.59
N ASN I 130 64.55 23.07 -58.07
CA ASN I 130 65.02 22.86 -59.46
C ASN I 130 64.33 21.64 -60.08
N HIS I 131 64.24 21.61 -61.42
CA HIS I 131 63.73 20.46 -62.20
C HIS I 131 62.34 20.05 -61.67
N CYS I 132 61.59 21.00 -61.11
CA CYS I 132 60.20 20.71 -60.68
C CYS I 132 59.30 20.84 -61.90
N ILE I 133 58.18 20.12 -61.88
CA ILE I 133 57.09 20.37 -62.84
C ILE I 133 55.79 20.66 -62.09
N LEU I 134 55.26 21.86 -62.31
CA LEU I 134 53.89 22.23 -61.88
C LEU I 134 53.03 22.20 -63.13
N VAL I 135 52.13 21.23 -63.20
CA VAL I 135 51.26 21.05 -64.39
C VAL I 135 50.11 22.08 -64.33
N ASN I 136 49.38 22.21 -65.44
CA ASN I 136 48.28 23.18 -65.65
C ASN I 136 47.50 23.42 -64.33
N ASN I 137 47.35 24.70 -63.94
CA ASN I 137 46.39 25.18 -62.90
C ASN I 137 46.77 24.71 -61.51
N THR I 138 47.90 24.02 -61.36
CA THR I 138 48.53 23.85 -60.04
C THR I 138 48.56 25.21 -59.36
N ALA I 139 48.33 25.20 -58.06
CA ALA I 139 48.10 26.42 -57.25
C ALA I 139 48.73 26.24 -55.87
N LEU I 140 49.69 27.11 -55.57
CA LEU I 140 50.38 27.17 -54.26
C LEU I 140 49.85 28.38 -53.50
N ALA I 141 48.96 28.17 -52.53
CA ALA I 141 48.14 29.24 -51.91
C ALA I 141 49.05 30.34 -51.38
N GLY I 142 50.17 29.93 -50.76
CA GLY I 142 51.17 30.84 -50.19
C GLY I 142 52.15 30.11 -49.28
N HIS I 143 53.38 30.63 -49.21
CA HIS I 143 54.50 30.16 -48.36
C HIS I 143 54.69 28.67 -48.55
N VAL I 144 54.40 28.14 -49.73
CA VAL I 144 54.61 26.70 -50.05
C VAL I 144 56.04 26.52 -50.50
N HIS I 145 56.75 25.54 -49.91
CA HIS I 145 58.11 25.14 -50.36
C HIS I 145 57.97 23.82 -51.14
N VAL I 146 58.43 23.83 -52.39
CA VAL I 146 58.50 22.65 -53.30
C VAL I 146 59.97 22.34 -53.51
N ASP I 147 60.45 21.25 -52.90
CA ASP I 147 61.84 20.78 -53.05
C ASP I 147 62.00 20.13 -54.44
N ASP I 148 63.22 19.73 -54.82
CA ASP I 148 63.62 19.50 -56.24
C ASP I 148 62.93 18.27 -56.83
N TRP I 149 62.72 18.27 -58.15
CA TRP I 149 62.27 17.09 -58.93
C TRP I 149 60.79 16.78 -58.67
N ALA I 150 60.16 17.52 -57.79
CA ALA I 150 58.75 17.28 -57.43
C ALA I 150 57.95 17.49 -58.71
N ILE I 151 56.87 16.74 -58.79
CA ILE I 151 55.89 16.86 -59.89
C ILE I 151 54.51 17.00 -59.27
N LEU I 152 53.85 18.10 -59.57
CA LEU I 152 52.44 18.31 -59.19
C LEU I 152 51.62 18.19 -60.47
N SER I 153 50.88 17.09 -60.60
CA SER I 153 49.92 16.85 -61.71
C SER I 153 48.94 18.02 -61.77
N GLY I 154 48.13 18.08 -62.83
CA GLY I 154 47.24 19.22 -63.13
C GLY I 154 46.29 19.52 -62.00
N TYR I 155 45.99 20.78 -61.75
CA TYR I 155 44.91 21.21 -60.82
C TYR I 155 45.19 20.63 -59.43
N THR I 156 46.47 20.57 -59.08
CA THR I 156 46.93 20.23 -57.71
C THR I 156 46.89 21.50 -56.87
N LEU I 157 46.25 21.42 -55.71
CA LEU I 157 46.02 22.58 -54.82
C LEU I 157 46.76 22.36 -53.52
N VAL I 158 47.49 23.38 -53.03
CA VAL I 158 48.45 23.20 -51.91
C VAL I 158 48.24 24.31 -50.88
N HIS I 159 47.79 23.96 -49.66
CA HIS I 159 47.23 24.93 -48.67
C HIS I 159 48.43 25.71 -48.10
N GLN I 160 48.19 26.97 -47.68
CA GLN I 160 49.17 27.91 -47.06
C GLN I 160 50.22 26.99 -46.40
N TYR I 161 51.53 27.20 -46.59
CA TYR I 161 52.63 26.71 -45.71
C TYR I 161 53.02 25.23 -45.86
N CYS I 162 52.41 24.46 -46.75
CA CYS I 162 52.76 23.02 -46.91
C CYS I 162 54.14 22.88 -47.57
N ARG I 163 54.85 21.81 -47.23
CA ARG I 163 56.14 21.43 -47.85
C ARG I 163 55.92 20.22 -48.73
N ILE I 164 56.20 20.36 -50.02
CA ILE I 164 56.23 19.23 -50.98
C ILE I 164 57.68 18.75 -51.05
N GLY I 165 58.02 17.68 -50.34
CA GLY I 165 59.36 17.06 -50.34
C GLY I 165 59.80 16.64 -51.75
N ALA I 166 61.09 16.40 -51.92
CA ALA I 166 61.71 16.16 -53.25
C ALA I 166 61.31 14.83 -53.88
N HIS I 167 61.17 14.83 -55.22
CA HIS I 167 60.75 13.67 -56.05
C HIS I 167 59.31 13.25 -55.72
N SER I 168 58.68 13.96 -54.81
CA SER I 168 57.28 13.68 -54.47
C SER I 168 56.45 13.90 -55.73
N PHE I 169 55.22 13.42 -55.69
CA PHE I 169 54.30 13.42 -56.84
C PHE I 169 52.86 13.52 -56.34
N SER I 170 52.16 14.56 -56.75
CA SER I 170 50.69 14.68 -56.58
C SER I 170 49.99 14.26 -57.88
N GLY I 171 48.91 13.49 -57.78
CA GLY I 171 48.03 13.16 -58.92
C GLY I 171 47.13 14.33 -59.28
N MET I 172 46.36 14.24 -60.37
CA MET I 172 45.54 15.39 -60.83
C MET I 172 44.41 15.60 -59.82
N GLY I 173 43.99 16.86 -59.67
CA GLY I 173 42.97 17.31 -58.70
C GLY I 173 43.31 16.96 -57.26
N SER I 174 44.57 16.71 -56.93
CA SER I 174 45.00 16.51 -55.52
C SER I 174 44.78 17.80 -54.73
N ALA I 175 44.34 17.67 -53.48
CA ALA I 175 44.04 18.78 -52.55
C ALA I 175 44.88 18.65 -51.29
N ILE I 176 46.11 19.15 -51.36
CA ILE I 176 47.17 18.86 -50.37
C ILE I 176 47.04 19.83 -49.19
N GLY I 177 46.58 19.35 -48.04
CA GLY I 177 46.34 20.18 -46.84
C GLY I 177 47.49 20.12 -45.85
N LYS I 178 48.47 19.24 -46.08
CA LYS I 178 49.59 18.96 -45.16
C LYS I 178 50.78 18.45 -45.94
N ASP I 179 51.95 18.43 -45.31
CA ASP I 179 53.23 18.14 -46.00
C ASP I 179 53.17 16.82 -46.79
N VAL I 180 53.84 16.80 -47.94
CA VAL I 180 54.10 15.58 -48.73
C VAL I 180 55.57 15.21 -48.59
N PRO I 181 55.86 14.06 -47.95
CA PRO I 181 57.24 13.62 -47.75
C PRO I 181 57.96 13.40 -49.09
N ALA I 182 59.27 13.53 -49.09
CA ALA I 182 60.11 13.18 -50.26
C ALA I 182 59.62 11.86 -50.86
N TYR I 183 59.55 11.77 -52.19
CA TYR I 183 59.32 10.51 -52.96
C TYR I 183 57.86 10.05 -52.93
N VAL I 184 57.01 10.61 -52.08
CA VAL I 184 55.66 10.02 -51.85
C VAL I 184 54.72 10.42 -53.00
N THR I 185 53.87 9.49 -53.44
CA THR I 185 52.76 9.75 -54.39
C THR I 185 51.51 10.02 -53.54
N VAL I 186 50.82 11.13 -53.78
CA VAL I 186 49.55 11.47 -53.08
C VAL I 186 48.46 11.75 -54.11
N PHE I 187 47.21 11.44 -53.78
CA PHE I 187 46.07 11.50 -54.72
C PHE I 187 44.82 11.96 -53.99
N GLY I 188 44.05 12.84 -54.63
CA GLY I 188 42.63 13.08 -54.32
C GLY I 188 42.36 14.20 -53.34
N ASN I 189 41.10 14.37 -52.97
CA ASN I 189 40.58 15.47 -52.13
C ASN I 189 39.83 14.91 -50.94
N PRO I 190 40.48 14.87 -49.76
CA PRO I 190 41.78 15.49 -49.58
C PRO I 190 42.89 14.50 -49.92
N ALA I 191 44.04 15.00 -50.38
CA ALA I 191 45.25 14.20 -50.72
C ALA I 191 45.45 13.12 -49.65
N GLU I 192 45.62 11.86 -50.06
CA GLU I 192 46.18 10.76 -49.20
C GLU I 192 47.45 10.23 -49.85
N ALA I 193 48.30 9.56 -49.07
CA ALA I 193 49.53 8.88 -49.55
C ALA I 193 49.07 7.62 -50.26
N ARG I 194 49.76 7.16 -51.31
CA ARG I 194 49.48 5.85 -51.94
C ARG I 194 50.76 5.00 -51.96
N SER I 195 51.78 5.47 -52.68
CA SER I 195 53.06 4.77 -52.87
C SER I 195 54.21 5.75 -52.73
N MET I 196 55.39 5.30 -53.09
CA MET I 196 56.52 6.18 -53.44
C MET I 196 56.63 6.16 -54.96
N ASN I 197 57.34 7.16 -55.47
CA ASN I 197 57.40 7.52 -56.89
C ASN I 197 58.58 6.78 -57.50
N PHE I 198 58.42 5.48 -57.68
CA PHE I 198 59.51 4.60 -58.18
C PHE I 198 59.89 5.12 -59.54
N GLU I 199 58.89 5.58 -60.29
CA GLU I 199 59.10 6.20 -61.61
C GLU I 199 60.35 7.09 -61.54
N GLY I 200 60.21 8.28 -60.97
CA GLY I 200 61.22 9.34 -60.98
C GLY I 200 62.44 8.97 -60.16
N MET I 201 62.42 7.79 -59.52
CA MET I 201 63.60 7.16 -58.88
C MET I 201 64.41 6.45 -59.94
N ARG I 202 63.75 5.66 -60.82
CA ARG I 202 64.46 4.99 -61.95
C ARG I 202 65.03 6.13 -62.76
N ARG I 203 64.24 7.19 -63.01
CA ARG I 203 64.70 8.38 -63.79
C ARG I 203 65.99 8.94 -63.19
N ARG I 204 66.12 9.06 -61.88
CA ARG I 204 67.38 9.58 -61.27
C ARG I 204 68.47 8.50 -61.24
N GLY I 205 68.19 7.28 -61.70
CA GLY I 205 69.14 6.15 -61.71
C GLY I 205 69.53 5.70 -60.31
N PHE I 206 68.63 5.84 -59.33
CA PHE I 206 68.81 5.31 -57.95
C PHE I 206 69.22 3.85 -58.01
N SER I 207 70.04 3.38 -57.07
CA SER I 207 70.43 1.95 -56.99
C SER I 207 69.19 1.15 -56.63
N SER I 208 69.14 -0.14 -56.94
CA SER I 208 67.97 -0.97 -56.58
C SER I 208 67.88 -1.06 -55.07
N GLU I 209 69.02 -1.19 -54.34
CA GLU I 209 68.99 -1.30 -52.84
C GLU I 209 68.24 -0.07 -52.33
N ALA I 210 68.56 1.11 -52.90
CA ALA I 210 68.03 2.41 -52.44
C ALA I 210 66.52 2.42 -52.68
N ILE I 211 66.08 1.97 -53.85
CA ILE I 211 64.63 1.88 -54.15
C ILE I 211 63.98 0.98 -53.08
N HIS I 212 64.37 -0.31 -53.01
CA HIS I 212 63.83 -1.28 -52.01
C HIS I 212 63.81 -0.64 -50.63
N ALA I 213 64.88 0.06 -50.24
CA ALA I 213 65.06 0.66 -48.90
C ALA I 213 64.01 1.75 -48.65
N LEU I 214 63.67 2.46 -49.73
CA LEU I 214 62.65 3.54 -49.74
C LEU I 214 61.27 2.93 -49.66
N ARG I 215 61.02 1.82 -50.34
CA ARG I 215 59.76 1.07 -50.16
C ARG I 215 59.70 0.67 -48.67
N ARG I 216 60.73 0.02 -48.11
CA ARG I 216 60.74 -0.41 -46.68
C ARG I 216 60.30 0.81 -45.86
N ALA I 217 60.92 1.95 -46.14
CA ALA I 217 60.75 3.19 -45.36
C ALA I 217 59.30 3.66 -45.41
N TYR I 218 58.69 3.65 -46.61
CA TYR I 218 57.27 3.99 -46.78
C TYR I 218 56.45 3.14 -45.83
N LYS I 219 56.63 1.82 -46.01
CA LYS I 219 55.84 0.77 -45.34
C LYS I 219 55.84 1.12 -43.85
N VAL I 220 56.97 1.55 -43.32
CA VAL I 220 57.20 1.82 -41.87
C VAL I 220 56.23 2.91 -41.38
N VAL I 221 56.35 4.06 -42.03
CA VAL I 221 55.62 5.30 -41.71
C VAL I 221 54.13 4.98 -41.70
N TYR I 222 53.69 4.55 -42.87
CA TYR I 222 52.28 4.49 -43.35
C TYR I 222 51.67 3.15 -42.99
N ARG I 223 52.03 2.11 -43.75
CA ARG I 223 51.36 0.80 -43.73
C ARG I 223 51.78 -0.05 -42.49
N GLN I 224 52.55 0.39 -41.50
CA GLN I 224 52.78 -0.45 -40.28
C GLN I 224 52.02 0.15 -39.10
N GLY I 225 51.23 1.22 -39.37
CA GLY I 225 50.73 2.19 -38.39
C GLY I 225 51.64 2.25 -37.17
N HIS I 226 52.94 2.49 -37.34
CA HIS I 226 53.72 3.11 -36.25
C HIS I 226 53.09 4.52 -36.09
N THR I 227 53.24 5.21 -34.95
CA THR I 227 53.00 6.68 -34.86
C THR I 227 53.91 7.39 -35.89
N VAL I 228 53.83 8.71 -35.96
CA VAL I 228 54.83 9.50 -36.77
C VAL I 228 56.18 9.36 -36.04
N GLU I 229 56.25 9.71 -34.79
CA GLU I 229 57.50 9.64 -33.96
C GLU I 229 58.09 8.24 -34.00
N GLU I 230 57.23 7.24 -33.83
CA GLU I 230 57.65 5.82 -33.71
C GLU I 230 58.44 5.47 -34.97
N ALA I 231 57.93 5.90 -36.13
CA ALA I 231 58.51 5.53 -37.43
C ALA I 231 59.84 6.27 -37.61
N LEU I 232 59.88 7.56 -37.30
CA LEU I 232 61.12 8.36 -37.43
C LEU I 232 62.27 7.63 -36.73
N ALA I 233 61.93 7.03 -35.61
CA ALA I 233 62.83 6.20 -34.78
C ALA I 233 63.32 5.00 -35.60
N GLU I 234 62.39 4.23 -36.15
CA GLU I 234 62.68 3.03 -36.94
C GLU I 234 63.68 3.38 -38.07
N LEU I 235 63.34 4.41 -38.82
CA LEU I 235 64.05 4.82 -40.06
C LEU I 235 65.53 5.05 -39.79
N ALA I 236 65.88 5.81 -38.73
CA ALA I 236 67.24 5.99 -38.16
C ALA I 236 68.31 5.08 -38.79
N GLU I 237 68.25 3.76 -38.54
CA GLU I 237 69.14 2.73 -39.16
C GLU I 237 69.13 2.90 -40.69
N SER I 238 67.99 2.59 -41.34
CA SER I 238 67.67 2.75 -42.78
C SER I 238 68.36 4.01 -43.35
N ALA I 239 68.41 5.09 -42.58
CA ALA I 239 68.72 6.45 -43.04
C ALA I 239 70.22 6.73 -42.95
N ALA I 240 70.91 6.08 -42.02
CA ALA I 240 72.38 6.11 -42.00
C ALA I 240 72.90 5.40 -43.24
N GLN I 241 72.34 4.22 -43.44
CA GLN I 241 72.67 3.29 -44.54
C GLN I 241 72.53 3.99 -45.90
N PHE I 242 71.49 4.79 -46.11
CA PHE I 242 71.10 5.30 -47.45
C PHE I 242 70.77 6.78 -47.37
N PRO I 243 71.69 7.66 -47.79
CA PRO I 243 71.36 9.05 -48.03
C PRO I 243 69.98 9.28 -48.65
N GLU I 244 69.54 8.40 -49.56
CA GLU I 244 68.20 8.55 -50.21
C GLU I 244 67.08 8.50 -49.16
N VAL I 245 67.18 7.58 -48.19
CA VAL I 245 66.17 7.39 -47.11
C VAL I 245 66.26 8.60 -46.19
N ALA I 246 67.49 8.99 -45.89
CA ALA I 246 67.82 10.12 -45.01
C ALA I 246 66.88 11.28 -45.33
N VAL I 247 66.89 11.68 -46.60
CA VAL I 247 66.01 12.70 -47.22
C VAL I 247 64.54 12.53 -46.80
N PHE I 248 64.05 11.30 -46.93
CA PHE I 248 62.66 10.92 -46.64
C PHE I 248 62.43 11.09 -45.15
N ARG I 249 63.29 10.54 -44.29
CA ARG I 249 63.19 10.78 -42.82
C ARG I 249 63.17 12.30 -42.59
N ASP I 250 64.18 13.00 -43.09
CA ASP I 250 64.33 14.47 -42.92
C ASP I 250 63.04 15.17 -43.37
N SER I 251 62.40 14.79 -44.49
CA SER I 251 61.13 15.47 -44.87
C SER I 251 60.14 15.31 -43.68
N ILE I 252 59.91 14.08 -43.26
CA ILE I 252 58.88 13.75 -42.24
C ILE I 252 59.23 14.43 -40.91
N GLN I 253 60.51 14.43 -40.57
CA GLN I 253 61.02 15.15 -39.39
C GLN I 253 60.30 16.48 -39.25
N SER I 254 60.76 17.48 -39.99
CA SER I 254 60.44 18.90 -39.75
C SER I 254 59.14 19.18 -40.46
N ALA I 255 58.18 18.30 -40.23
CA ALA I 255 56.74 18.54 -40.45
C ALA I 255 56.00 18.43 -39.09
N THR I 256 56.47 17.53 -38.21
CA THR I 256 55.82 17.24 -36.89
C THR I 256 56.80 17.67 -35.81
N ARG I 257 56.64 18.77 -35.07
CA ARG I 257 57.42 18.89 -33.81
C ARG I 257 56.51 18.47 -32.64
N GLY I 258 55.19 18.59 -32.79
CA GLY I 258 54.20 18.37 -31.70
C GLY I 258 54.43 19.23 -30.46
N ILE I 259 53.65 18.97 -29.41
CA ILE I 259 53.63 19.74 -28.13
C ILE I 259 53.99 18.79 -26.99
N THR I 260 54.30 19.31 -25.81
CA THR I 260 54.40 18.52 -24.57
C THR I 260 53.04 17.90 -24.29
N ARG I 261 52.94 16.56 -24.34
CA ARG I 261 51.84 15.76 -23.74
C ARG I 261 52.20 15.58 -22.28
N SER J 5 -6.84 -59.08 97.45
CA SER J 5 -7.48 -60.39 97.02
C SER J 5 -7.85 -60.42 95.50
N LEU J 6 -7.40 -61.46 94.79
CA LEU J 6 -7.03 -61.57 93.35
C LEU J 6 -8.09 -61.13 92.36
N ILE J 7 -9.25 -61.75 92.50
CA ILE J 7 -10.47 -61.54 91.67
C ILE J 7 -11.28 -60.46 92.37
N ASP J 8 -11.31 -59.25 91.80
CA ASP J 8 -12.03 -58.08 92.35
C ASP J 8 -13.46 -58.48 92.69
N PRO J 9 -14.04 -57.99 93.79
CA PRO J 9 -15.43 -58.31 94.10
C PRO J 9 -16.39 -57.62 93.14
N ARG J 10 -16.04 -56.49 92.50
CA ARG J 10 -17.02 -55.78 91.63
C ARG J 10 -17.09 -56.45 90.25
N ALA J 11 -16.26 -57.47 90.02
CA ALA J 11 -16.25 -58.25 88.76
C ALA J 11 -17.31 -59.34 88.85
N ILE J 12 -17.83 -59.78 87.71
CA ILE J 12 -18.83 -60.88 87.64
C ILE J 12 -18.17 -62.09 87.05
N ILE J 13 -18.25 -63.23 87.77
CA ILE J 13 -17.77 -64.53 87.25
C ILE J 13 -18.93 -65.51 87.22
N ASP J 14 -19.23 -66.05 86.04
CA ASP J 14 -20.24 -67.12 85.89
C ASP J 14 -19.84 -68.30 86.75
N PRO J 15 -20.80 -69.00 87.39
CA PRO J 15 -20.48 -70.25 88.10
C PRO J 15 -19.84 -71.26 87.13
N SER J 16 -20.27 -71.27 85.87
CA SER J 16 -19.83 -72.26 84.86
C SER J 16 -18.38 -71.94 84.44
N ALA J 17 -17.88 -70.71 84.57
CA ALA J 17 -16.48 -70.35 84.20
C ALA J 17 -15.50 -71.06 85.11
N ARG J 18 -14.24 -71.20 84.72
CA ARG J 18 -13.25 -71.94 85.55
C ARG J 18 -11.84 -71.36 85.31
N LEU J 19 -11.20 -70.91 86.40
CA LEU J 19 -9.99 -70.00 86.48
C LEU J 19 -8.88 -70.62 87.35
N ALA J 20 -7.67 -70.86 86.84
CA ALA J 20 -6.53 -71.38 87.64
C ALA J 20 -6.25 -70.45 88.83
N ALA J 21 -5.55 -70.94 89.86
CA ALA J 21 -5.50 -70.35 91.24
C ALA J 21 -5.21 -68.84 91.19
N ASP J 22 -4.08 -68.45 90.61
CA ASP J 22 -3.44 -67.10 90.74
C ASP J 22 -3.85 -66.22 89.54
N VAL J 23 -4.98 -66.50 88.90
CA VAL J 23 -5.61 -65.58 87.93
C VAL J 23 -6.12 -64.38 88.71
N GLN J 24 -6.01 -63.21 88.09
CA GLN J 24 -6.64 -61.96 88.59
C GLN J 24 -7.66 -61.43 87.60
N VAL J 25 -8.67 -60.74 88.14
CA VAL J 25 -9.70 -60.03 87.35
C VAL J 25 -9.93 -58.66 87.99
N GLY J 26 -9.70 -57.59 87.21
CA GLY J 26 -9.97 -56.20 87.61
C GLY J 26 -11.46 -56.00 87.83
N PRO J 27 -11.90 -54.85 88.37
CA PRO J 27 -13.32 -54.60 88.59
C PRO J 27 -14.16 -54.45 87.31
N TRP J 28 -15.45 -54.81 87.36
CA TRP J 28 -16.45 -54.51 86.30
C TRP J 28 -16.16 -55.35 85.05
N SER J 29 -15.27 -56.31 85.19
CA SER J 29 -14.98 -57.27 84.12
C SER J 29 -15.96 -58.42 84.32
N ILE J 30 -16.41 -59.01 83.21
CA ILE J 30 -17.37 -60.14 83.19
C ILE J 30 -16.62 -61.33 82.60
N VAL J 31 -16.67 -62.45 83.30
CA VAL J 31 -16.15 -63.74 82.77
C VAL J 31 -17.36 -64.64 82.49
N GLY J 32 -17.97 -64.48 81.30
CA GLY J 32 -19.20 -65.17 80.82
C GLY J 32 -19.11 -66.66 81.10
N ALA J 33 -20.19 -67.40 80.91
CA ALA J 33 -20.19 -68.86 81.11
C ALA J 33 -19.15 -69.47 80.16
N GLU J 34 -18.67 -70.68 80.48
CA GLU J 34 -17.88 -71.53 79.57
C GLU J 34 -16.51 -70.91 79.29
N VAL J 35 -16.10 -69.92 80.08
CA VAL J 35 -14.77 -69.27 79.88
C VAL J 35 -13.77 -69.92 80.83
N GLU J 36 -12.66 -70.35 80.28
CA GLU J 36 -11.57 -71.06 80.99
C GLU J 36 -10.35 -70.14 80.95
N ILE J 37 -9.72 -69.84 82.08
CA ILE J 37 -8.55 -68.92 82.12
C ILE J 37 -7.38 -69.61 82.81
N GLY J 38 -6.26 -69.77 82.09
CA GLY J 38 -5.07 -70.53 82.54
C GLY J 38 -4.29 -69.77 83.60
N GLU J 39 -3.40 -70.49 84.28
CA GLU J 39 -2.50 -70.00 85.36
C GLU J 39 -1.88 -68.62 85.05
N GLY J 40 -1.84 -67.71 86.03
CA GLY J 40 -1.03 -66.47 86.02
C GLY J 40 -1.50 -65.41 85.04
N THR J 41 -2.64 -65.62 84.39
CA THR J 41 -3.26 -64.65 83.47
C THR J 41 -3.81 -63.49 84.31
N VAL J 42 -3.90 -62.31 83.70
CA VAL J 42 -4.43 -61.06 84.32
C VAL J 42 -5.52 -60.49 83.42
N ILE J 43 -6.72 -60.31 83.96
CA ILE J 43 -7.80 -59.60 83.23
C ILE J 43 -7.92 -58.20 83.84
N GLY J 44 -7.74 -57.16 83.02
CA GLY J 44 -7.85 -55.76 83.49
C GLY J 44 -9.28 -55.44 83.93
N PRO J 45 -9.57 -54.19 84.31
CA PRO J 45 -10.93 -53.72 84.52
C PRO J 45 -11.76 -53.64 83.23
N HIS J 46 -13.07 -53.37 83.34
CA HIS J 46 -14.07 -53.34 82.23
C HIS J 46 -13.67 -54.26 81.06
N VAL J 47 -13.45 -55.55 81.32
CA VAL J 47 -13.31 -56.54 80.22
C VAL J 47 -14.60 -57.34 80.14
N VAL J 48 -14.85 -57.91 78.97
CA VAL J 48 -15.99 -58.81 78.68
C VAL J 48 -15.41 -60.05 78.01
N LEU J 49 -15.43 -61.18 78.70
CA LEU J 49 -15.15 -62.52 78.13
C LEU J 49 -16.49 -63.25 77.96
N LYS J 50 -16.64 -63.92 76.82
CA LYS J 50 -17.80 -64.79 76.55
C LYS J 50 -17.22 -66.08 76.00
N GLY J 51 -17.94 -67.19 76.16
CA GLY J 51 -17.45 -68.54 75.82
C GLY J 51 -18.27 -69.19 74.72
N PRO J 52 -18.07 -70.47 74.37
CA PRO J 52 -16.99 -71.28 74.93
C PRO J 52 -15.61 -70.77 74.50
N THR J 53 -14.78 -70.38 75.44
CA THR J 53 -13.48 -69.73 75.18
C THR J 53 -12.46 -70.29 76.15
N LYS J 54 -11.26 -70.52 75.67
CA LYS J 54 -10.20 -71.21 76.44
C LYS J 54 -8.97 -70.31 76.38
N ILE J 55 -8.57 -69.67 77.48
CA ILE J 55 -7.44 -68.70 77.52
C ILE J 55 -6.29 -69.33 78.29
N GLY J 56 -5.11 -69.43 77.68
CA GLY J 56 -3.92 -70.09 78.24
C GLY J 56 -3.35 -69.33 79.44
N LYS J 57 -2.04 -69.45 79.63
CA LYS J 57 -1.32 -69.06 80.87
C LYS J 57 -0.59 -67.73 80.65
N HIS J 58 -0.38 -66.95 81.72
CA HIS J 58 0.39 -65.69 81.70
C HIS J 58 -0.03 -64.78 80.53
N ASN J 59 -1.33 -64.55 80.32
CA ASN J 59 -1.81 -63.54 79.34
C ASN J 59 -2.16 -62.27 80.13
N ARG J 60 -2.03 -61.09 79.49
CA ARG J 60 -2.37 -59.77 80.07
C ARG J 60 -3.44 -59.26 79.05
N ILE J 61 -4.72 -59.13 79.46
CA ILE J 61 -5.83 -58.57 78.63
C ILE J 61 -6.36 -57.27 79.24
N TYR J 62 -6.47 -56.19 78.45
CA TYR J 62 -6.79 -54.83 78.97
C TYR J 62 -8.25 -54.48 78.79
N GLN J 63 -8.62 -53.31 79.34
CA GLN J 63 -9.98 -52.72 79.41
C GLN J 63 -10.64 -52.61 78.01
N PHE J 64 -11.98 -52.66 77.93
CA PHE J 64 -12.82 -52.31 76.74
C PHE J 64 -12.72 -53.40 75.64
N SER J 65 -12.00 -54.47 76.01
CA SER J 65 -11.79 -55.68 75.18
C SER J 65 -13.02 -56.57 75.31
N SER J 66 -13.52 -57.03 74.18
CA SER J 66 -14.72 -57.89 74.08
C SER J 66 -14.23 -59.18 73.40
N VAL J 67 -13.69 -60.09 74.22
CA VAL J 67 -12.99 -61.33 73.78
C VAL J 67 -13.90 -62.55 73.92
N GLY J 68 -14.25 -63.14 72.78
CA GLY J 68 -15.09 -64.34 72.67
C GLY J 68 -16.54 -64.01 72.41
N GLU J 69 -16.85 -62.87 71.76
CA GLU J 69 -18.23 -62.52 71.34
C GLU J 69 -18.53 -63.27 70.04
N ASP J 70 -19.80 -63.42 69.61
CA ASP J 70 -20.22 -64.14 68.38
C ASP J 70 -19.82 -63.29 67.16
N THR J 71 -19.50 -63.82 65.98
CA THR J 71 -19.25 -62.81 64.91
C THR J 71 -20.59 -62.22 64.50
N PRO J 72 -20.69 -60.92 64.13
CA PRO J 72 -21.97 -60.32 63.78
C PRO J 72 -22.49 -60.81 62.43
N ASP J 73 -21.57 -61.19 61.52
CA ASP J 73 -21.75 -61.79 60.15
C ASP J 73 -22.97 -62.70 60.17
N LEU J 74 -23.89 -62.60 59.22
CA LEU J 74 -25.24 -63.23 59.39
C LEU J 74 -25.17 -64.73 59.12
N LYS J 75 -24.18 -65.11 58.32
CA LYS J 75 -23.63 -66.47 58.11
C LYS J 75 -23.83 -67.28 59.41
N TYR J 76 -23.24 -66.84 60.51
CA TYR J 76 -23.30 -67.52 61.83
C TYR J 76 -24.67 -67.33 62.44
N LYS J 77 -25.41 -68.40 62.72
CA LYS J 77 -26.72 -68.27 63.41
C LYS J 77 -26.61 -68.92 64.80
N GLY J 78 -25.56 -68.62 65.57
CA GLY J 78 -25.52 -68.92 67.02
C GLY J 78 -25.06 -70.34 67.33
N GLU J 79 -24.67 -71.15 66.34
CA GLU J 79 -24.13 -72.52 66.56
C GLU J 79 -23.02 -72.38 67.62
N PRO J 80 -22.65 -73.43 68.40
CA PRO J 80 -22.07 -73.19 69.72
C PRO J 80 -20.54 -73.26 69.64
N THR J 81 -19.91 -72.41 68.82
CA THR J 81 -18.47 -72.48 68.37
C THR J 81 -17.49 -71.95 69.43
N ARG J 82 -16.18 -72.05 69.17
CA ARG J 82 -15.12 -71.84 70.20
C ARG J 82 -14.13 -70.77 69.75
N LEU J 83 -13.50 -70.14 70.76
CA LEU J 83 -12.24 -69.35 70.71
C LEU J 83 -11.21 -70.01 71.62
N VAL J 84 -9.96 -70.01 71.18
CA VAL J 84 -8.79 -70.59 71.90
C VAL J 84 -7.62 -69.61 71.81
N ILE J 85 -7.05 -69.27 72.97
CA ILE J 85 -5.87 -68.37 73.08
C ILE J 85 -4.78 -69.13 73.85
N GLY J 86 -3.56 -69.17 73.29
CA GLY J 86 -2.39 -69.80 73.94
C GLY J 86 -1.90 -68.99 75.13
N ASP J 87 -0.58 -68.96 75.31
CA ASP J 87 0.11 -68.48 76.54
C ASP J 87 0.89 -67.21 76.21
N HIS J 88 1.30 -66.43 77.22
CA HIS J 88 2.18 -65.22 77.12
C HIS J 88 1.68 -64.29 76.01
N ASN J 89 0.38 -64.10 75.86
CA ASN J 89 -0.14 -63.14 74.85
C ASN J 89 -0.49 -61.84 75.56
N VAL J 90 -0.44 -60.73 74.82
CA VAL J 90 -0.95 -59.42 75.27
C VAL J 90 -2.03 -58.90 74.35
N ILE J 91 -3.16 -58.58 74.95
CA ILE J 91 -4.33 -58.04 74.24
C ILE J 91 -4.61 -56.66 74.84
N ARG J 92 -4.26 -55.62 74.09
CA ARG J 92 -4.33 -54.21 74.54
C ARG J 92 -5.78 -53.72 74.58
N GLU J 93 -5.93 -52.42 74.87
CA GLU J 93 -7.22 -51.79 75.17
C GLU J 93 -8.13 -51.88 73.91
N GLY J 94 -9.32 -52.46 74.06
CA GLY J 94 -10.44 -52.30 73.10
C GLY J 94 -10.45 -53.36 72.01
N VAL J 95 -9.64 -54.38 72.19
CA VAL J 95 -9.54 -55.43 71.15
C VAL J 95 -10.84 -56.23 71.16
N THR J 96 -11.25 -56.65 69.98
CA THR J 96 -12.38 -57.59 69.75
C THR J 96 -11.84 -58.87 69.14
N ILE J 97 -12.23 -59.99 69.71
CA ILE J 97 -11.91 -61.34 69.14
C ILE J 97 -13.22 -62.13 69.12
N HIS J 98 -13.60 -62.64 67.96
CA HIS J 98 -14.89 -63.32 67.72
C HIS J 98 -14.66 -64.83 67.62
N ARG J 99 -15.56 -65.64 68.14
CA ARG J 99 -15.44 -67.10 68.00
C ARG J 99 -15.91 -67.48 66.60
N GLY J 100 -15.33 -68.59 66.14
CA GLY J 100 -15.59 -69.29 64.87
C GLY J 100 -17.05 -69.39 64.51
N THR J 101 -17.25 -70.01 63.33
CA THR J 101 -18.54 -70.31 62.65
C THR J 101 -18.46 -71.79 62.32
N VAL J 102 -19.56 -72.55 62.29
CA VAL J 102 -19.46 -74.00 61.91
C VAL J 102 -19.04 -74.10 60.44
N GLN J 103 -19.39 -73.14 59.60
CA GLN J 103 -19.08 -73.10 58.13
C GLN J 103 -17.59 -73.42 57.90
N ASP J 104 -16.62 -72.88 58.65
CA ASP J 104 -15.15 -73.15 58.46
C ASP J 104 -14.74 -74.15 59.56
N ARG J 105 -13.79 -73.87 60.45
CA ARG J 105 -13.31 -74.94 61.37
C ARG J 105 -13.97 -74.80 62.74
N ALA J 106 -14.91 -73.88 62.90
CA ALA J 106 -15.73 -73.77 64.12
C ALA J 106 -14.87 -73.24 65.27
N GLU J 107 -13.70 -72.69 64.96
CA GLU J 107 -12.79 -72.17 66.00
C GLU J 107 -11.90 -71.08 65.40
N THR J 108 -11.86 -69.97 66.15
CA THR J 108 -10.88 -68.86 66.12
C THR J 108 -9.75 -69.20 67.06
N THR J 109 -8.50 -69.03 66.66
CA THR J 109 -7.32 -69.63 67.37
C THR J 109 -6.12 -68.68 67.42
N ILE J 110 -5.55 -68.51 68.60
CA ILE J 110 -4.34 -67.67 68.79
C ILE J 110 -3.30 -68.48 69.56
N GLY J 111 -2.05 -68.44 69.07
CA GLY J 111 -0.90 -69.17 69.63
C GLY J 111 -0.32 -68.46 70.83
N ASP J 112 1.01 -68.40 70.93
CA ASP J 112 1.74 -67.89 72.12
C ASP J 112 2.50 -66.59 71.76
N HIS J 113 2.87 -65.77 72.75
CA HIS J 113 3.84 -64.65 72.64
C HIS J 113 3.40 -63.56 71.64
N ASN J 114 2.11 -63.50 71.31
CA ASN J 114 1.58 -62.49 70.38
C ASN J 114 1.23 -61.20 71.11
N LEU J 115 1.46 -60.09 70.42
CA LEU J 115 1.10 -58.72 70.86
C LEU J 115 0.01 -58.17 69.95
N ILE J 116 -1.18 -58.00 70.49
CA ILE J 116 -2.34 -57.46 69.72
C ILE J 116 -2.70 -56.12 70.35
N MET J 117 -2.44 -55.04 69.63
CA MET J 117 -2.55 -53.69 70.21
C MET J 117 -3.95 -53.15 70.06
N ALA J 118 -4.14 -51.92 70.52
CA ALA J 118 -5.45 -51.33 70.80
C ALA J 118 -6.41 -51.37 69.59
N TYR J 119 -7.69 -51.63 69.85
CA TYR J 119 -8.83 -51.46 68.91
C TYR J 119 -8.65 -52.44 67.71
N ALA J 120 -7.69 -53.38 67.79
CA ALA J 120 -7.53 -54.43 66.76
C ALA J 120 -8.75 -55.33 66.75
N HIS J 121 -9.02 -55.97 65.62
CA HIS J 121 -10.15 -56.92 65.45
C HIS J 121 -9.61 -58.22 64.87
N ILE J 122 -10.10 -59.35 65.40
CA ILE J 122 -9.72 -60.71 64.95
C ILE J 122 -10.98 -61.51 64.68
N GLY J 123 -11.52 -61.44 63.46
CA GLY J 123 -12.86 -61.92 63.07
C GLY J 123 -12.97 -63.44 63.12
N HIS J 124 -14.20 -63.94 63.03
CA HIS J 124 -14.54 -65.39 63.10
C HIS J 124 -13.49 -66.23 62.38
N ASP J 125 -12.95 -67.25 63.04
CA ASP J 125 -12.21 -68.37 62.38
C ASP J 125 -10.79 -67.96 61.99
N SER J 126 -10.38 -66.74 62.29
CA SER J 126 -8.99 -66.32 62.05
C SER J 126 -8.08 -67.20 62.90
N VAL J 127 -6.79 -67.27 62.56
CA VAL J 127 -5.82 -68.19 63.22
C VAL J 127 -4.45 -67.54 63.30
N ILE J 128 -3.96 -67.30 64.51
CA ILE J 128 -2.66 -66.60 64.70
C ILE J 128 -1.67 -67.55 65.35
N GLY J 129 -0.43 -67.52 64.84
CA GLY J 129 0.71 -68.34 65.28
C GLY J 129 1.33 -67.75 66.53
N ASN J 130 2.63 -67.46 66.51
CA ASN J 130 3.41 -67.00 67.70
C ASN J 130 4.24 -65.75 67.36
N HIS J 131 4.55 -64.94 68.37
CA HIS J 131 5.45 -63.78 68.26
C HIS J 131 4.96 -62.85 67.13
N CYS J 132 3.67 -62.85 66.85
CA CYS J 132 3.09 -61.92 65.86
C CYS J 132 2.85 -60.58 66.55
N ILE J 133 2.90 -59.50 65.79
CA ILE J 133 2.41 -58.18 66.27
C ILE J 133 1.33 -57.65 65.33
N LEU J 134 0.13 -57.47 65.87
CA LEU J 134 -0.96 -56.75 65.20
C LEU J 134 -1.04 -55.38 65.85
N VAL J 135 -0.67 -54.35 65.11
CA VAL J 135 -0.65 -52.97 65.64
C VAL J 135 -2.07 -52.42 65.66
N ASN J 136 -2.26 -51.27 66.33
CA ASN J 136 -3.56 -50.58 66.53
C ASN J 136 -4.48 -50.76 65.31
N ASN J 137 -5.71 -51.23 65.54
CA ASN J 137 -6.85 -51.19 64.58
C ASN J 137 -6.64 -52.12 63.38
N THR J 138 -5.55 -52.86 63.36
CA THR J 138 -5.43 -54.03 62.46
C THR J 138 -6.72 -54.83 62.57
N ALA J 139 -7.17 -55.36 61.44
CA ALA J 139 -8.50 -55.99 61.30
C ALA J 139 -8.41 -57.18 60.35
N LEU J 140 -8.74 -58.35 60.87
CA LEU J 140 -8.78 -59.62 60.12
C LEU J 140 -10.25 -59.96 59.88
N ALA J 141 -10.75 -59.75 58.67
CA ALA J 141 -12.20 -59.79 58.37
C ALA J 141 -12.81 -61.12 58.83
N GLY J 142 -12.08 -62.21 58.56
CA GLY J 142 -12.47 -63.58 58.90
C GLY J 142 -11.63 -64.62 58.19
N HIS J 143 -11.47 -65.77 58.83
CA HIS J 143 -10.74 -66.98 58.36
C HIS J 143 -9.35 -66.59 57.88
N VAL J 144 -8.76 -65.56 58.46
CA VAL J 144 -7.39 -65.11 58.11
C VAL J 144 -6.40 -65.94 58.92
N HIS J 145 -5.40 -66.53 58.26
CA HIS J 145 -4.26 -67.21 58.92
C HIS J 145 -3.04 -66.29 58.87
N VAL J 146 -2.50 -65.98 60.05
CA VAL J 146 -1.26 -65.18 60.24
C VAL J 146 -0.21 -66.13 60.82
N ASP J 147 0.77 -66.50 60.00
CA ASP J 147 1.89 -67.37 60.41
C ASP J 147 2.87 -66.54 61.27
N ASP J 148 3.90 -67.17 61.84
CA ASP J 148 4.65 -66.65 63.01
C ASP J 148 5.48 -65.42 62.65
N TRP J 149 5.71 -64.53 63.62
CA TRP J 149 6.67 -63.40 63.51
C TRP J 149 6.14 -62.28 62.62
N ALA J 150 4.97 -62.50 62.02
CA ALA J 150 4.39 -61.51 61.11
C ALA J 150 4.15 -60.25 61.92
N ILE J 151 4.26 -59.13 61.23
CA ILE J 151 3.95 -57.80 61.80
C ILE J 151 3.01 -57.10 60.86
N LEU J 152 1.83 -56.75 61.38
CA LEU J 152 0.87 -55.92 60.64
C LEU J 152 0.90 -54.54 61.30
N SER J 153 1.49 -53.56 60.60
CA SER J 153 1.50 -52.14 61.01
C SER J 153 0.05 -51.68 61.25
N GLY J 154 -0.13 -50.49 61.82
CA GLY J 154 -1.43 -49.97 62.25
C GLY J 154 -2.45 -49.93 61.12
N TYR J 155 -3.72 -50.20 61.42
CA TYR J 155 -4.84 -49.99 60.47
C TYR J 155 -4.58 -50.79 59.19
N THR J 156 -3.98 -51.98 59.36
CA THR J 156 -3.83 -52.98 58.29
C THR J 156 -5.11 -53.79 58.20
N LEU J 157 -5.66 -53.91 57.01
CA LEU J 157 -6.98 -54.55 56.74
C LEU J 157 -6.76 -55.78 55.87
N VAL J 158 -7.38 -56.91 56.24
CA VAL J 158 -7.06 -58.22 55.63
C VAL J 158 -8.34 -58.95 55.25
N HIS J 159 -8.58 -59.16 53.94
CA HIS J 159 -9.92 -59.57 53.41
C HIS J 159 -10.12 -61.05 53.77
N GLN J 160 -11.41 -61.46 53.93
CA GLN J 160 -11.86 -62.85 54.25
C GLN J 160 -10.75 -63.77 53.68
N TYR J 161 -10.22 -64.74 54.44
CA TYR J 161 -9.50 -65.94 53.93
C TYR J 161 -8.04 -65.72 53.48
N CYS J 162 -7.47 -64.51 53.60
CA CYS J 162 -6.07 -64.28 53.19
C CYS J 162 -5.11 -64.96 54.16
N ARG J 163 -3.95 -65.38 53.67
CA ARG J 163 -2.82 -65.93 54.46
C ARG J 163 -1.72 -64.89 54.50
N ILE J 164 -1.35 -64.45 55.70
CA ILE J 164 -0.14 -63.62 55.94
C ILE J 164 0.97 -64.59 56.31
N GLY J 165 1.85 -64.92 55.36
CA GLY J 165 3.02 -65.80 55.58
C GLY J 165 3.96 -65.23 56.66
N ALA J 166 4.84 -66.08 57.17
CA ALA J 166 5.69 -65.77 58.34
C ALA J 166 6.76 -64.72 58.06
N HIS J 167 7.05 -63.88 59.07
CA HIS J 167 8.01 -62.74 59.03
C HIS J 167 7.57 -61.69 58.01
N SER J 168 6.42 -61.90 57.40
CA SER J 168 5.88 -60.91 56.46
C SER J 168 5.61 -59.64 57.27
N PHE J 169 5.40 -58.55 56.55
CA PHE J 169 5.24 -57.20 57.13
C PHE J 169 4.32 -56.37 56.24
N SER J 170 3.21 -55.91 56.80
CA SER J 170 2.34 -54.89 56.17
C SER J 170 2.68 -53.51 56.75
N GLY J 171 2.75 -52.49 55.89
CA GLY J 171 2.90 -51.09 56.31
C GLY J 171 1.59 -50.53 56.81
N MET J 172 1.57 -49.30 57.34
CA MET J 172 0.33 -48.75 57.95
C MET J 172 -0.68 -48.49 56.82
N GLY J 173 -1.96 -48.62 57.15
CA GLY J 173 -3.09 -48.48 56.20
C GLY J 173 -3.02 -49.43 55.02
N SER J 174 -2.26 -50.52 55.11
CA SER J 174 -2.26 -51.58 54.07
C SER J 174 -3.64 -52.22 53.97
N ALA J 175 -4.07 -52.52 52.75
CA ALA J 175 -5.39 -53.10 52.43
C ALA J 175 -5.19 -54.41 51.66
N ILE J 176 -4.99 -55.48 52.40
CA ILE J 176 -4.47 -56.77 51.87
C ILE J 176 -5.63 -57.59 51.34
N GLY J 177 -5.75 -57.72 50.02
CA GLY J 177 -6.88 -58.42 49.36
C GLY J 177 -6.54 -59.86 48.98
N LYS J 178 -5.28 -60.25 49.13
CA LYS J 178 -4.73 -61.55 48.66
C LYS J 178 -3.53 -61.92 49.50
N ASP J 179 -3.10 -63.18 49.43
CA ASP J 179 -2.04 -63.70 50.32
C ASP J 179 -0.79 -62.83 50.30
N VAL J 180 -0.14 -62.71 51.46
CA VAL J 180 1.22 -62.12 51.60
C VAL J 180 2.21 -63.25 51.87
N PRO J 181 3.14 -63.49 50.92
CA PRO J 181 4.13 -64.55 51.08
C PRO J 181 5.02 -64.30 52.30
N ALA J 182 5.58 -65.38 52.86
CA ALA J 182 6.58 -65.30 53.94
C ALA J 182 7.59 -64.20 53.60
N TYR J 183 7.97 -63.38 54.59
CA TYR J 183 9.10 -62.41 54.52
C TYR J 183 8.77 -61.16 53.71
N VAL J 184 7.65 -61.11 52.99
CA VAL J 184 7.40 -60.00 52.03
C VAL J 184 6.91 -58.75 52.78
N THR J 185 7.38 -57.57 52.36
CA THR J 185 6.87 -56.27 52.83
C THR J 185 5.80 -55.82 51.81
N VAL J 186 4.60 -55.49 52.28
CA VAL J 186 3.50 -54.97 51.41
C VAL J 186 3.00 -53.64 51.97
N PHE J 187 2.55 -52.76 51.09
CA PHE J 187 2.20 -51.37 51.46
C PHE J 187 1.00 -50.91 50.62
N GLY J 188 0.05 -50.21 51.27
CA GLY J 188 -0.91 -49.33 50.60
C GLY J 188 -2.23 -50.00 50.25
N ASN J 189 -3.08 -49.24 49.54
CA ASN J 189 -4.48 -49.62 49.24
C ASN J 189 -4.71 -49.52 47.75
N PRO J 190 -4.66 -50.64 47.02
CA PRO J 190 -4.58 -51.95 47.65
C PRO J 190 -3.12 -52.34 47.86
N ALA J 191 -2.84 -53.15 48.88
CA ALA J 191 -1.50 -53.68 49.22
C ALA J 191 -0.79 -54.12 47.94
N GLU J 192 0.46 -53.65 47.72
CA GLU J 192 1.40 -54.22 46.73
C GLU J 192 2.64 -54.73 47.49
N ALA J 193 3.40 -55.64 46.87
CA ALA J 193 4.70 -56.14 47.36
C ALA J 193 5.71 -55.02 47.14
N ARG J 194 6.70 -54.84 48.02
CA ARG J 194 7.81 -53.88 47.80
C ARG J 194 9.15 -54.62 47.88
N SER J 195 9.46 -55.17 49.05
CA SER J 195 10.74 -55.86 49.34
C SER J 195 10.45 -57.13 50.14
N MET J 196 11.50 -57.74 50.64
CA MET J 196 11.42 -58.68 51.76
C MET J 196 11.88 -57.93 52.99
N ASN J 197 11.56 -58.51 54.13
CA ASN J 197 11.68 -57.89 55.46
C ASN J 197 13.03 -58.28 56.02
N PHE J 198 14.07 -57.69 55.49
CA PHE J 198 15.48 -58.01 55.85
C PHE J 198 15.60 -57.71 57.33
N GLU J 199 14.92 -56.65 57.75
CA GLU J 199 14.88 -56.25 59.17
C GLU J 199 14.75 -57.53 60.02
N GLY J 200 13.53 -58.05 60.10
CA GLY J 200 13.16 -59.16 61.02
C GLY J 200 13.83 -60.45 60.65
N MET J 201 14.62 -60.46 59.55
CA MET J 201 15.55 -61.57 59.20
C MET J 201 16.83 -61.43 59.99
N ARG J 202 17.39 -60.20 60.06
CA ARG J 202 18.61 -59.96 60.88
C ARG J 202 18.16 -60.27 62.30
N ARG J 203 16.97 -59.81 62.71
CA ARG J 203 16.42 -60.07 64.07
C ARG J 203 16.40 -61.57 64.36
N ARG J 204 16.01 -62.42 63.43
CA ARG J 204 16.03 -63.90 63.67
C ARG J 204 17.47 -64.47 63.54
N GLY J 205 18.45 -63.65 63.22
CA GLY J 205 19.85 -64.07 63.04
C GLY J 205 20.06 -64.99 61.86
N PHE J 206 19.25 -64.87 60.82
CA PHE J 206 19.42 -65.60 59.53
C PHE J 206 20.86 -65.44 59.03
N SER J 207 21.41 -66.46 58.36
CA SER J 207 22.76 -66.40 57.76
C SER J 207 22.73 -65.37 56.64
N SER J 208 23.85 -64.79 56.26
CA SER J 208 23.86 -63.82 55.13
C SER J 208 23.50 -64.57 53.86
N GLU J 209 23.98 -65.81 53.65
CA GLU J 209 23.66 -66.59 52.42
C GLU J 209 22.13 -66.63 52.29
N ALA J 210 21.45 -66.91 53.42
CA ALA J 210 20.01 -67.12 53.47
C ALA J 210 19.31 -65.81 53.11
N ILE J 211 19.77 -64.69 53.66
CA ILE J 211 19.21 -63.36 53.31
C ILE J 211 19.36 -63.17 51.79
N HIS J 212 20.60 -63.14 51.26
CA HIS J 212 20.88 -62.98 49.82
C HIS J 212 19.97 -63.91 49.00
N ALA J 213 19.82 -65.16 49.43
CA ALA J 213 19.04 -66.21 48.71
C ALA J 213 17.57 -65.85 48.64
N LEU J 214 17.10 -65.19 49.70
CA LEU J 214 15.70 -64.71 49.86
C LEU J 214 15.50 -63.48 48.98
N ARG J 215 16.50 -62.58 48.89
CA ARG J 215 16.44 -61.50 47.90
C ARG J 215 16.32 -62.16 46.52
N ARG J 216 17.24 -63.07 46.15
CA ARG J 216 17.20 -63.75 44.81
C ARG J 216 15.76 -64.20 44.59
N ALA J 217 15.20 -64.88 45.59
CA ALA J 217 13.87 -65.53 45.52
C ALA J 217 12.79 -64.50 45.23
N TYR J 218 12.81 -63.37 45.95
CA TYR J 218 11.86 -62.26 45.71
C TYR J 218 11.91 -61.89 44.24
N LYS J 219 13.13 -61.55 43.82
CA LYS J 219 13.44 -61.00 42.48
C LYS J 219 12.75 -61.91 41.47
N VAL J 220 12.82 -63.22 41.69
CA VAL J 220 12.32 -64.26 40.74
C VAL J 220 10.81 -64.10 40.52
N VAL J 221 10.10 -64.17 41.63
CA VAL J 221 8.62 -64.14 41.70
C VAL J 221 8.14 -62.89 40.99
N TYR J 222 8.61 -61.77 41.55
CA TYR J 222 8.07 -60.40 41.36
C TYR J 222 8.80 -59.72 40.19
N ARG J 223 10.02 -59.30 40.42
CA ARG J 223 10.77 -58.37 39.53
C ARG J 223 11.36 -59.13 38.32
N GLN J 224 11.11 -60.42 38.01
CA GLN J 224 11.59 -61.00 36.73
C GLN J 224 10.39 -61.23 35.79
N GLY J 225 9.21 -60.78 36.24
CA GLY J 225 7.89 -61.23 35.75
C GLY J 225 7.96 -62.62 35.16
N HIS J 226 8.46 -63.61 35.89
CA HIS J 226 8.04 -65.00 35.60
C HIS J 226 6.53 -65.02 35.93
N THR J 227 5.74 -65.97 35.39
CA THR J 227 4.37 -66.28 35.92
C THR J 227 4.48 -66.62 37.41
N VAL J 228 3.37 -66.92 38.06
CA VAL J 228 3.40 -67.50 39.45
C VAL J 228 4.02 -68.91 39.32
N GLU J 229 3.43 -69.77 38.49
CA GLU J 229 3.92 -71.17 38.29
C GLU J 229 5.39 -71.18 37.87
N GLU J 230 5.75 -70.30 36.95
CA GLU J 230 7.10 -70.25 36.35
C GLU J 230 8.09 -70.07 37.48
N ALA J 231 7.79 -69.19 38.41
CA ALA J 231 8.71 -68.82 39.51
C ALA J 231 8.81 -69.99 40.49
N LEU J 232 7.67 -70.58 40.86
CA LEU J 232 7.66 -71.73 41.81
C LEU J 232 8.65 -72.78 41.35
N ALA J 233 8.71 -72.95 40.03
CA ALA J 233 9.63 -73.84 39.33
C ALA J 233 11.08 -73.43 39.59
N GLU J 234 11.38 -72.15 39.33
CA GLU J 234 12.74 -71.59 39.50
C GLU J 234 13.22 -71.86 40.94
N LEU J 235 12.39 -71.49 41.90
CA LEU J 235 12.72 -71.50 43.34
C LEU J 235 13.21 -72.87 43.78
N ALA J 236 12.49 -73.95 43.44
CA ALA J 236 12.88 -75.38 43.58
C ALA J 236 14.33 -75.60 44.05
N GLU J 237 15.33 -75.30 43.21
CA GLU J 237 16.79 -75.34 43.53
C GLU J 237 17.03 -74.54 44.83
N SER J 238 16.88 -73.20 44.74
CA SER J 238 16.99 -72.21 45.86
C SER J 238 16.44 -72.80 47.17
N ALA J 239 15.37 -73.59 47.09
CA ALA J 239 14.51 -73.98 48.23
C ALA J 239 15.01 -75.28 48.86
N ALA J 240 15.63 -76.14 48.07
CA ALA J 240 16.34 -77.33 48.61
C ALA J 240 17.51 -76.83 49.45
N GLN J 241 18.26 -75.93 48.84
CA GLN J 241 19.47 -75.31 49.39
C GLN J 241 19.19 -74.67 50.75
N PHE J 242 18.07 -73.98 50.92
CA PHE J 242 17.81 -73.09 52.08
C PHE J 242 16.40 -73.31 52.60
N PRO J 243 16.24 -74.05 53.69
CA PRO J 243 14.99 -74.08 54.42
C PRO J 243 14.29 -72.72 54.51
N GLU J 244 15.02 -71.62 54.63
CA GLU J 244 14.41 -70.26 54.72
C GLU J 244 13.61 -69.94 53.43
N VAL J 245 14.18 -70.28 52.27
CA VAL J 245 13.55 -70.02 50.94
C VAL J 245 12.36 -70.96 50.82
N ALA J 246 12.56 -72.20 51.24
CA ALA J 246 11.57 -73.29 51.20
C ALA J 246 10.22 -72.72 51.66
N VAL J 247 10.23 -72.15 52.86
CA VAL J 247 9.10 -71.42 53.51
C VAL J 247 8.40 -70.45 52.55
N PHE J 248 9.21 -69.64 51.88
CA PHE J 248 8.76 -68.60 50.94
C PHE J 248 8.11 -69.29 49.74
N ARG J 249 8.77 -70.27 49.12
CA ARG J 249 8.14 -71.06 48.03
C ARG J 249 6.82 -71.64 48.58
N ASP J 250 6.87 -72.35 49.70
CA ASP J 250 5.69 -73.00 50.32
C ASP J 250 4.58 -71.95 50.53
N SER J 251 4.87 -70.73 50.99
CA SER J 251 3.78 -69.72 51.13
C SER J 251 3.10 -69.56 49.76
N ILE J 252 3.89 -69.26 48.74
CA ILE J 252 3.38 -68.93 47.38
C ILE J 252 2.63 -70.13 46.80
N GLN J 253 3.18 -71.31 47.00
CA GLN J 253 2.53 -72.58 46.62
C GLN J 253 1.02 -72.48 46.89
N SER J 254 0.65 -72.72 48.14
CA SER J 254 -0.75 -73.02 48.54
C SER J 254 -1.43 -71.68 48.75
N ALA J 255 -1.26 -70.81 47.75
CA ALA J 255 -2.10 -69.63 47.49
C ALA J 255 -2.76 -69.80 46.11
N THR J 256 -2.03 -70.39 45.14
CA THR J 256 -2.48 -70.54 43.72
C THR J 256 -2.63 -72.03 43.44
N ARG J 257 -3.81 -72.61 43.36
CA ARG J 257 -3.89 -73.98 42.75
C ARG J 257 -4.33 -73.86 41.29
N GLY J 258 -5.02 -72.78 40.92
CA GLY J 258 -5.48 -72.51 39.53
C GLY J 258 -6.38 -73.61 38.96
N ILE J 259 -6.77 -73.45 37.69
CA ILE J 259 -7.73 -74.36 36.99
C ILE J 259 -7.03 -74.98 35.79
N THR J 260 -7.60 -76.03 35.20
CA THR J 260 -7.17 -76.55 33.90
C THR J 260 -7.35 -75.47 32.85
N ARG J 261 -6.23 -75.03 32.24
CA ARG J 261 -6.17 -74.26 30.98
C ARG J 261 -6.28 -75.28 29.86
N SER K 5 -21.26 -34.86 96.26
CA SER K 5 -21.63 -35.27 94.95
C SER K 5 -20.41 -35.37 94.10
N LEU K 6 -19.38 -34.50 93.97
CA LEU K 6 -18.50 -34.28 92.79
C LEU K 6 -17.84 -35.55 92.21
N ILE K 7 -17.08 -36.21 93.08
CA ILE K 7 -16.35 -37.47 92.76
C ILE K 7 -17.30 -38.61 93.11
N ASP K 8 -17.84 -39.29 92.09
CA ASP K 8 -18.79 -40.41 92.24
C ASP K 8 -18.23 -41.43 93.24
N PRO K 9 -19.06 -42.03 94.10
CA PRO K 9 -18.55 -43.05 95.01
C PRO K 9 -18.21 -44.34 94.27
N ARG K 10 -18.78 -44.64 93.10
CA ARG K 10 -18.48 -45.94 92.42
C ARG K 10 -17.16 -45.86 91.65
N ALA K 11 -16.53 -44.68 91.65
CA ALA K 11 -15.21 -44.45 91.01
C ALA K 11 -14.12 -44.88 91.99
N ILE K 12 -12.95 -45.24 91.47
CA ILE K 12 -11.76 -45.57 92.30
C ILE K 12 -10.73 -44.47 92.18
N ILE K 13 -10.31 -43.92 93.31
CA ILE K 13 -9.20 -42.93 93.36
C ILE K 13 -8.07 -43.48 94.23
N ASP K 14 -6.89 -43.61 93.66
CA ASP K 14 -5.68 -43.99 94.42
C ASP K 14 -5.45 -42.97 95.54
N PRO K 15 -5.01 -43.40 96.74
CA PRO K 15 -4.61 -42.44 97.76
C PRO K 15 -3.49 -41.53 97.25
N SER K 16 -2.60 -42.05 96.41
CA SER K 16 -1.42 -41.31 95.91
C SER K 16 -1.86 -40.25 94.89
N ALA K 17 -3.01 -40.39 94.21
CA ALA K 17 -3.50 -39.42 93.20
C ALA K 17 -3.82 -38.10 93.90
N ARG K 18 -3.88 -36.98 93.18
CA ARG K 18 -4.15 -35.68 93.83
C ARG K 18 -4.88 -34.74 92.86
N LEU K 19 -6.07 -34.27 93.27
CA LEU K 19 -7.19 -33.65 92.47
C LEU K 19 -7.60 -32.29 93.07
N ALA K 20 -7.53 -31.18 92.34
CA ALA K 20 -8.00 -29.84 92.80
C ALA K 20 -9.48 -29.94 93.23
N ALA K 21 -9.96 -28.97 94.03
CA ALA K 21 -11.23 -29.03 94.81
C ALA K 21 -12.41 -29.49 93.95
N ASP K 22 -12.70 -28.76 92.87
CA ASP K 22 -13.97 -28.84 92.08
C ASP K 22 -13.79 -29.75 90.85
N VAL K 23 -12.83 -30.67 90.92
CA VAL K 23 -12.73 -31.79 89.92
C VAL K 23 -13.91 -32.71 90.16
N GLN K 24 -14.43 -33.24 89.06
CA GLN K 24 -15.44 -34.32 89.06
C GLN K 24 -14.90 -35.59 88.42
N VAL K 25 -15.40 -36.72 88.91
CA VAL K 25 -15.13 -38.06 88.32
C VAL K 25 -16.45 -38.83 88.26
N GLY K 26 -16.86 -39.23 87.05
CA GLY K 26 -18.07 -40.06 86.80
C GLY K 26 -17.86 -41.44 87.44
N PRO K 27 -18.91 -42.30 87.47
CA PRO K 27 -18.77 -43.63 88.05
C PRO K 27 -17.86 -44.58 87.27
N TRP K 28 -17.22 -45.55 87.97
CA TRP K 28 -16.49 -46.68 87.34
C TRP K 28 -15.22 -46.19 86.63
N SER K 29 -14.88 -44.94 86.87
CA SER K 29 -13.62 -44.36 86.37
C SER K 29 -12.56 -44.66 87.44
N ILE K 30 -11.34 -44.90 86.99
CA ILE K 30 -10.17 -45.19 87.88
C ILE K 30 -9.18 -44.05 87.70
N VAL K 31 -8.75 -43.45 88.80
CA VAL K 31 -7.65 -42.46 88.80
C VAL K 31 -6.44 -43.12 89.47
N GLY K 32 -5.66 -43.87 88.67
CA GLY K 32 -4.47 -44.65 89.08
C GLY K 32 -3.56 -43.82 89.97
N ALA K 33 -2.55 -44.45 90.57
CA ALA K 33 -1.59 -43.71 91.43
C ALA K 33 -0.91 -42.65 90.58
N GLU K 34 -0.36 -41.60 91.22
CA GLU K 34 0.57 -40.63 90.60
C GLU K 34 -0.18 -39.77 89.56
N VAL K 35 -1.52 -39.79 89.56
CA VAL K 35 -2.30 -38.98 88.60
C VAL K 35 -2.70 -37.68 89.29
N GLU K 36 -2.42 -36.57 88.64
CA GLU K 36 -2.64 -35.21 89.17
C GLU K 36 -3.68 -34.55 88.26
N ILE K 37 -4.76 -34.00 88.78
CA ILE K 37 -5.86 -33.44 87.94
C ILE K 37 -6.14 -31.99 88.39
N GLY K 38 -5.95 -31.04 87.47
CA GLY K 38 -6.06 -29.60 87.76
C GLY K 38 -7.50 -29.15 87.95
N GLU K 39 -7.66 -27.95 88.52
CA GLU K 39 -8.96 -27.27 88.80
C GLU K 39 -9.98 -27.43 87.67
N GLY K 40 -11.25 -27.73 88.01
CA GLY K 40 -12.42 -27.60 87.11
C GLY K 40 -12.46 -28.63 85.99
N THR K 41 -11.55 -29.61 86.01
CA THR K 41 -11.53 -30.72 85.04
C THR K 41 -12.71 -31.65 85.37
N VAL K 42 -13.20 -32.35 84.35
CA VAL K 42 -14.30 -33.34 84.47
C VAL K 42 -13.86 -34.67 83.86
N ILE K 43 -13.90 -35.73 84.64
CA ILE K 43 -13.66 -37.10 84.12
C ILE K 43 -15.01 -37.80 83.99
N GLY K 44 -15.37 -38.23 82.78
CA GLY K 44 -16.64 -38.92 82.52
C GLY K 44 -16.68 -40.26 83.26
N PRO K 45 -17.75 -41.07 83.07
CA PRO K 45 -17.77 -42.46 83.51
C PRO K 45 -16.81 -43.38 82.75
N HIS K 46 -16.66 -44.63 83.19
CA HIS K 46 -15.71 -45.65 82.66
C HIS K 46 -14.46 -45.02 82.02
N VAL K 47 -13.73 -44.18 82.74
CA VAL K 47 -12.39 -43.72 82.28
C VAL K 47 -11.34 -44.49 83.08
N VAL K 48 -10.15 -44.57 82.50
CA VAL K 48 -8.93 -45.17 83.13
C VAL K 48 -7.81 -44.16 82.97
N LEU K 49 -7.38 -43.56 84.08
CA LEU K 49 -6.14 -42.76 84.16
C LEU K 49 -5.07 -43.59 84.87
N LYS K 50 -3.84 -43.55 84.35
CA LYS K 50 -2.65 -44.18 84.96
C LYS K 50 -1.58 -43.10 84.91
N GLY K 51 -0.61 -43.16 85.83
CA GLY K 51 0.42 -42.14 86.02
C GLY K 51 1.82 -42.69 85.75
N PRO K 52 2.92 -41.94 86.01
CA PRO K 52 2.83 -40.55 86.44
C PRO K 52 2.27 -39.65 85.34
N THR K 53 1.15 -39.00 85.61
CA THR K 53 0.41 -38.21 84.60
C THR K 53 -0.07 -36.94 85.26
N LYS K 54 0.00 -35.83 84.55
CA LYS K 54 -0.31 -34.49 85.08
C LYS K 54 -1.34 -33.89 84.14
N ILE K 55 -2.58 -33.70 84.59
CA ILE K 55 -3.69 -33.16 83.75
C ILE K 55 -4.04 -31.75 84.24
N GLY K 56 -3.98 -30.77 83.35
CA GLY K 56 -4.21 -29.34 83.68
C GLY K 56 -5.66 -29.05 84.06
N LYS K 57 -6.13 -27.86 83.77
CA LYS K 57 -7.36 -27.24 84.33
C LYS K 57 -8.46 -27.28 83.25
N HIS K 58 -9.73 -27.31 83.66
CA HIS K 58 -10.91 -27.26 82.76
C HIS K 58 -10.74 -28.22 81.55
N ASN K 59 -10.38 -29.49 81.76
CA ASN K 59 -10.39 -30.51 80.68
C ASN K 59 -11.67 -31.33 80.84
N ARG K 60 -12.21 -31.86 79.73
CA ARG K 60 -13.42 -32.70 79.66
C ARG K 60 -12.84 -33.99 79.02
N ILE K 61 -12.77 -35.12 79.75
CA ILE K 61 -12.35 -36.46 79.23
C ILE K 61 -13.51 -37.46 79.29
N TYR K 62 -13.80 -38.16 78.19
CA TYR K 62 -15.00 -39.01 78.07
C TYR K 62 -14.69 -40.49 78.29
N GLN K 63 -15.76 -41.29 78.31
CA GLN K 63 -15.80 -42.75 78.60
C GLN K 63 -14.86 -43.55 77.68
N PHE K 64 -14.34 -44.71 78.14
CA PHE K 64 -13.63 -45.75 77.33
C PHE K 64 -12.22 -45.29 76.93
N SER K 65 -11.86 -44.11 77.47
CA SER K 65 -10.55 -43.45 77.29
C SER K 65 -9.58 -44.08 78.27
N SER K 66 -8.39 -44.43 77.78
CA SER K 66 -7.31 -45.07 78.55
C SER K 66 -6.13 -44.12 78.43
N VAL K 67 -6.10 -43.11 79.32
CA VAL K 67 -5.16 -41.96 79.30
C VAL K 67 -4.04 -42.16 80.33
N GLY K 68 -2.82 -42.32 79.83
CA GLY K 68 -1.59 -42.48 80.63
C GLY K 68 -1.22 -43.95 80.81
N GLU K 69 -1.60 -44.84 79.88
CA GLU K 69 -1.14 -46.24 79.87
C GLU K 69 0.28 -46.32 79.31
N ASP K 70 1.03 -47.42 79.53
CA ASP K 70 2.44 -47.59 79.04
C ASP K 70 2.38 -47.82 77.52
N THR K 71 3.35 -47.44 76.69
CA THR K 71 3.15 -47.83 75.26
C THR K 71 3.38 -49.33 75.17
N PRO K 72 2.67 -50.08 74.29
CA PRO K 72 2.85 -51.53 74.22
C PRO K 72 4.17 -51.91 73.55
N ASP K 73 4.69 -51.03 72.66
CA ASP K 73 5.99 -51.05 71.91
C ASP K 73 7.05 -51.68 72.81
N LEU K 74 7.83 -52.65 72.34
CA LEU K 74 8.63 -53.51 73.24
C LEU K 74 9.87 -52.76 73.74
N LYS K 75 10.31 -51.81 72.91
CA LYS K 75 11.27 -50.72 73.18
C LYS K 75 11.17 -50.35 74.68
N TYR K 76 10.01 -49.90 75.13
CA TYR K 76 9.74 -49.46 76.51
C TYR K 76 9.73 -50.66 77.45
N LYS K 77 10.65 -50.66 78.45
CA LYS K 77 10.70 -51.73 79.46
C LYS K 77 10.07 -51.34 80.83
N GLY K 78 9.14 -50.42 80.89
CA GLY K 78 8.49 -50.09 82.18
C GLY K 78 9.19 -48.97 82.93
N GLU K 79 10.27 -48.37 82.37
CA GLU K 79 10.97 -47.22 83.02
C GLU K 79 9.88 -46.20 83.38
N PRO K 80 10.07 -45.28 84.37
CA PRO K 80 8.94 -44.71 85.07
C PRO K 80 8.57 -43.35 84.45
N THR K 81 8.22 -43.31 83.15
CA THR K 81 8.05 -42.10 82.30
C THR K 81 6.73 -41.37 82.53
N ARG K 82 6.52 -40.20 81.88
CA ARG K 82 5.43 -39.26 82.22
C ARG K 82 4.58 -38.95 80.99
N LEU K 83 3.32 -38.58 81.25
CA LEU K 83 2.36 -37.87 80.36
C LEU K 83 1.98 -36.55 81.03
N VAL K 84 1.85 -35.50 80.21
CA VAL K 84 1.46 -34.13 80.64
C VAL K 84 0.40 -33.59 79.67
N ILE K 85 -0.71 -33.12 80.23
CA ILE K 85 -1.81 -32.50 79.46
C ILE K 85 -2.06 -31.10 80.02
N GLY K 86 -2.09 -30.09 79.16
CA GLY K 86 -2.38 -28.70 79.53
C GLY K 86 -3.85 -28.51 79.91
N ASP K 87 -4.40 -27.34 79.57
CA ASP K 87 -5.71 -26.82 80.06
C ASP K 87 -6.71 -26.79 78.90
N HIS K 88 -8.01 -26.67 79.20
CA HIS K 88 -9.13 -26.52 78.22
C HIS K 88 -9.00 -27.53 77.07
N ASN K 89 -8.63 -28.77 77.34
CA ASN K 89 -8.58 -29.82 76.29
C ASN K 89 -9.84 -30.65 76.36
N VAL K 90 -10.23 -31.22 75.22
CA VAL K 90 -11.32 -32.23 75.14
C VAL K 90 -10.81 -33.53 74.55
N ILE K 91 -11.04 -34.60 75.30
CA ILE K 91 -10.64 -35.96 74.90
C ILE K 91 -11.92 -36.78 74.82
N ARG K 92 -12.37 -37.05 73.60
CA ARG K 92 -13.64 -37.73 73.31
C ARG K 92 -13.56 -39.22 73.65
N GLU K 93 -14.64 -39.92 73.32
CA GLU K 93 -14.89 -41.31 73.74
C GLU K 93 -13.80 -42.22 73.13
N GLY K 94 -13.06 -42.97 73.96
CA GLY K 94 -12.26 -44.14 73.54
C GLY K 94 -10.83 -43.79 73.16
N VAL K 95 -10.44 -42.57 73.48
CA VAL K 95 -9.08 -42.12 73.11
C VAL K 95 -8.07 -42.87 73.98
N THR K 96 -6.94 -43.17 73.39
CA THR K 96 -5.75 -43.74 74.07
C THR K 96 -4.62 -42.73 73.99
N ILE K 97 -4.00 -42.45 75.13
CA ILE K 97 -2.78 -41.61 75.22
C ILE K 97 -1.76 -42.37 76.06
N HIS K 98 -0.57 -42.61 75.51
CA HIS K 98 0.49 -43.44 76.12
C HIS K 98 1.60 -42.53 76.66
N ARG K 99 2.18 -42.86 77.80
CA ARG K 99 3.31 -42.08 78.33
C ARG K 99 4.56 -42.48 77.56
N GLY K 100 5.48 -41.50 77.50
CA GLY K 100 6.83 -41.54 76.91
C GLY K 100 7.58 -42.83 77.21
N THR K 101 8.79 -42.86 76.64
CA THR K 101 9.83 -43.91 76.72
C THR K 101 11.09 -43.19 77.12
N VAL K 102 12.02 -43.80 77.87
CA VAL K 102 13.28 -43.07 78.22
C VAL K 102 14.10 -42.83 76.95
N GLN K 103 13.99 -43.71 75.95
CA GLN K 103 14.73 -43.63 74.64
C GLN K 103 14.63 -42.21 74.06
N ASP K 104 13.48 -41.51 74.05
CA ASP K 104 13.33 -40.15 73.47
C ASP K 104 13.29 -39.17 74.67
N ARG K 105 12.23 -38.36 74.89
CA ARG K 105 12.37 -37.32 75.95
C ARG K 105 11.65 -37.79 77.21
N ALA K 106 11.16 -39.02 77.26
CA ALA K 106 10.62 -39.63 78.49
C ALA K 106 9.28 -38.99 78.84
N GLU K 107 8.68 -38.28 77.89
CA GLU K 107 7.39 -37.61 78.13
C GLU K 107 6.64 -37.43 76.81
N THR K 108 5.37 -37.83 76.87
CA THR K 108 4.25 -37.52 75.96
C THR K 108 3.59 -36.25 76.46
N THR K 109 3.28 -35.28 75.59
CA THR K 109 2.92 -33.90 76.01
C THR K 109 1.81 -33.31 75.15
N ILE K 110 0.80 -32.74 75.82
CA ILE K 110 -0.32 -32.06 75.12
C ILE K 110 -0.51 -30.68 75.74
N GLY K 111 -0.65 -29.67 74.87
CA GLY K 111 -0.78 -28.24 75.24
C GLY K 111 -2.20 -27.91 75.65
N ASP K 112 -2.75 -26.78 75.20
CA ASP K 112 -4.06 -26.24 75.64
C ASP K 112 -5.06 -26.24 74.46
N HIS K 113 -6.37 -26.18 74.73
CA HIS K 113 -7.45 -25.89 73.76
C HIS K 113 -7.53 -26.92 72.61
N ASN K 114 -6.96 -28.12 72.80
CA ASN K 114 -6.98 -29.18 71.77
C ASN K 114 -8.24 -30.00 71.87
N LEU K 115 -8.72 -30.43 70.69
CA LEU K 115 -9.89 -31.32 70.53
C LEU K 115 -9.40 -32.63 69.94
N ILE K 116 -9.46 -33.70 70.72
CA ILE K 116 -9.03 -35.04 70.27
C ILE K 116 -10.27 -35.92 70.27
N MET K 117 -10.74 -36.30 69.09
CA MET K 117 -12.05 -36.96 68.96
C MET K 117 -11.91 -38.47 69.09
N ALA K 118 -13.03 -39.14 68.96
CA ALA K 118 -13.22 -40.54 69.39
C ALA K 118 -12.17 -41.51 68.80
N TYR K 119 -11.72 -42.47 69.60
CA TYR K 119 -10.93 -43.66 69.20
C TYR K 119 -9.56 -43.19 68.63
N ALA K 120 -9.22 -41.90 68.79
CA ALA K 120 -7.88 -41.39 68.40
C ALA K 120 -6.82 -42.04 69.26
N HIS K 121 -5.59 -42.11 68.75
CA HIS K 121 -4.43 -42.65 69.49
C HIS K 121 -3.29 -41.63 69.45
N ILE K 122 -2.62 -41.45 70.59
CA ILE K 122 -1.47 -40.53 70.72
C ILE K 122 -0.31 -41.29 71.36
N GLY K 123 0.53 -41.93 70.55
CA GLY K 123 1.56 -42.91 70.97
C GLY K 123 2.67 -42.27 71.77
N HIS K 124 3.49 -43.12 72.41
CA HIS K 124 4.62 -42.71 73.27
C HIS K 124 5.33 -41.49 72.69
N ASP K 125 5.53 -40.46 73.50
CA ASP K 125 6.52 -39.37 73.23
C ASP K 125 5.99 -38.37 72.19
N SER K 126 4.76 -38.55 71.70
CA SER K 126 4.16 -37.57 70.79
C SER K 126 4.01 -36.26 71.56
N VAL K 127 3.84 -35.15 70.84
CA VAL K 127 3.82 -33.79 71.46
C VAL K 127 2.84 -32.90 70.70
N ILE K 128 1.80 -32.43 71.38
CA ILE K 128 0.75 -31.61 70.72
C ILE K 128 0.76 -30.21 71.33
N GLY K 129 0.64 -29.22 70.44
CA GLY K 129 0.63 -27.78 70.76
C GLY K 129 -0.74 -27.36 71.27
N ASN K 130 -1.36 -26.36 70.64
CA ASN K 130 -2.64 -25.75 71.08
C ASN K 130 -3.64 -25.66 69.93
N HIS K 131 -4.94 -25.65 70.23
CA HIS K 131 -6.03 -25.43 69.26
C HIS K 131 -5.89 -26.44 68.09
N CYS K 132 -5.31 -27.60 68.35
CA CYS K 132 -5.24 -28.66 67.32
C CYS K 132 -6.55 -29.42 67.32
N ILE K 133 -6.92 -29.99 66.18
CA ILE K 133 -8.02 -30.99 66.11
C ILE K 133 -7.49 -32.29 65.51
N LEU K 134 -7.56 -33.35 66.30
CA LEU K 134 -7.36 -34.74 65.82
C LEU K 134 -8.74 -35.37 65.72
N VAL K 135 -9.19 -35.62 64.51
CA VAL K 135 -10.54 -36.20 64.28
C VAL K 135 -10.50 -37.71 64.56
N ASN K 136 -11.68 -38.33 64.63
CA ASN K 136 -11.90 -39.76 64.94
C ASN K 136 -10.76 -40.63 64.38
N ASN K 137 -10.14 -41.45 65.24
CA ASN K 137 -9.24 -42.59 64.87
C ASN K 137 -7.91 -42.11 64.27
N THR K 138 -7.70 -40.80 64.20
CA THR K 138 -6.35 -40.26 63.99
C THR K 138 -5.40 -41.00 64.94
N ALA K 139 -4.20 -41.26 64.45
CA ALA K 139 -3.22 -42.14 65.11
C ALA K 139 -1.80 -41.60 64.87
N LEU K 140 -1.13 -41.27 65.98
CA LEU K 140 0.27 -40.78 65.99
C LEU K 140 1.14 -41.93 66.51
N ALA K 141 1.85 -42.62 65.62
CA ALA K 141 2.51 -43.90 65.93
C ALA K 141 3.43 -43.76 67.14
N GLY K 142 4.16 -42.64 67.18
CA GLY K 142 5.09 -42.30 68.26
C GLY K 142 6.02 -41.15 67.87
N HIS K 143 6.44 -40.38 68.89
CA HIS K 143 7.38 -39.22 68.81
C HIS K 143 6.92 -38.27 67.71
N VAL K 144 5.63 -38.18 67.48
CA VAL K 144 5.07 -37.23 66.47
C VAL K 144 4.89 -35.88 67.14
N HIS K 145 5.39 -34.80 66.52
CA HIS K 145 5.14 -33.41 66.97
C HIS K 145 4.09 -32.80 66.05
N VAL K 146 2.98 -32.33 66.64
CA VAL K 146 1.88 -31.59 65.96
C VAL K 146 1.90 -30.17 66.48
N ASP K 147 2.35 -29.23 65.65
CA ASP K 147 2.39 -27.78 65.97
C ASP K 147 0.96 -27.23 65.92
N ASP K 148 0.77 -25.96 66.30
CA ASP K 148 -0.56 -25.40 66.72
C ASP K 148 -1.53 -25.31 65.53
N TRP K 149 -2.83 -25.41 65.81
CA TRP K 149 -3.91 -25.12 64.83
C TRP K 149 -4.04 -26.23 63.79
N ALA K 150 -3.15 -27.21 63.83
CA ALA K 150 -3.15 -28.30 62.85
C ALA K 150 -4.48 -29.02 62.99
N ILE K 151 -4.94 -29.54 61.87
CA ILE K 151 -6.16 -30.36 61.80
C ILE K 151 -5.83 -31.64 61.06
N LEU K 152 -6.03 -32.76 61.73
CA LEU K 152 -5.91 -34.08 61.10
C LEU K 152 -7.33 -34.64 60.96
N SER K 153 -7.83 -34.67 59.73
CA SER K 153 -9.14 -35.29 59.38
C SER K 153 -9.15 -36.74 59.88
N GLY K 154 -10.32 -37.38 59.84
CA GLY K 154 -10.54 -38.72 60.42
C GLY K 154 -9.59 -39.77 59.87
N TYR K 155 -9.14 -40.70 60.71
CA TYR K 155 -8.39 -41.89 60.27
C TYR K 155 -7.12 -41.45 59.53
N THR K 156 -6.54 -40.35 59.99
CA THR K 156 -5.22 -39.87 59.55
C THR K 156 -4.15 -40.63 60.34
N LEU K 157 -3.18 -41.19 59.64
CA LEU K 157 -2.13 -42.06 60.23
C LEU K 157 -0.78 -41.38 60.04
N VAL K 158 0.04 -41.33 61.10
CA VAL K 158 1.27 -40.49 61.10
C VAL K 158 2.44 -41.32 61.62
N HIS K 159 3.43 -41.62 60.75
CA HIS K 159 4.47 -42.66 61.00
C HIS K 159 5.43 -42.08 62.04
N GLN K 160 6.07 -42.97 62.84
CA GLN K 160 7.02 -42.67 63.94
C GLN K 160 7.68 -41.34 63.51
N TYR K 161 7.80 -40.33 64.38
CA TYR K 161 8.78 -39.20 64.27
C TYR K 161 8.40 -38.08 63.27
N CYS K 162 7.26 -38.13 62.60
CA CYS K 162 6.88 -37.05 61.63
C CYS K 162 6.52 -35.77 62.38
N ARG K 163 6.75 -34.62 61.76
CA ARG K 163 6.35 -33.29 62.26
C ARG K 163 5.19 -32.80 61.39
N ILE K 164 4.06 -32.54 62.01
CA ILE K 164 2.90 -31.85 61.37
C ILE K 164 3.04 -30.37 61.72
N GLY K 165 3.57 -29.56 60.78
CA GLY K 165 3.70 -28.10 60.94
C GLY K 165 2.36 -27.42 61.19
N ALA K 166 2.39 -26.18 61.68
CA ALA K 166 1.20 -25.45 62.17
C ALA K 166 0.24 -25.06 61.06
N HIS K 167 -1.08 -25.09 61.38
CA HIS K 167 -2.20 -24.79 60.44
C HIS K 167 -2.26 -25.81 59.31
N SER K 168 -1.37 -26.77 59.32
CA SER K 168 -1.38 -27.83 58.30
C SER K 168 -2.71 -28.58 58.45
N PHE K 169 -3.02 -29.37 57.44
CA PHE K 169 -4.30 -30.08 57.31
C PHE K 169 -4.10 -31.39 56.54
N SER K 170 -4.42 -32.51 57.19
CA SER K 170 -4.52 -33.82 56.51
C SER K 170 -6.00 -34.11 56.18
N GLY K 171 -6.27 -34.64 54.99
CA GLY K 171 -7.62 -35.13 54.62
C GLY K 171 -7.90 -36.48 55.24
N MET K 172 -9.11 -37.02 55.10
CA MET K 172 -9.48 -38.28 55.79
C MET K 172 -8.70 -39.42 55.12
N GLY K 173 -8.38 -40.45 55.90
CA GLY K 173 -7.56 -41.61 55.49
C GLY K 173 -6.19 -41.24 54.97
N SER K 174 -5.67 -40.06 55.28
CA SER K 174 -4.28 -39.68 54.93
C SER K 174 -3.30 -40.60 55.67
N ALA K 175 -2.22 -40.97 54.98
CA ALA K 175 -1.17 -41.87 55.49
C ALA K 175 0.19 -41.17 55.43
N ILE K 176 0.47 -40.39 56.47
CA ILE K 176 1.57 -39.40 56.47
C ILE K 176 2.87 -40.09 56.86
N GLY K 177 3.78 -40.29 55.91
CA GLY K 177 5.06 -41.00 56.11
C GLY K 177 6.23 -40.04 56.35
N LYS K 178 6.01 -38.74 56.18
CA LYS K 178 7.06 -37.71 56.22
C LYS K 178 6.45 -36.37 56.62
N ASP K 179 7.29 -35.42 57.01
CA ASP K 179 6.84 -34.14 57.59
C ASP K 179 5.80 -33.45 56.69
N VAL K 180 4.83 -32.80 57.33
CA VAL K 180 3.87 -31.88 56.67
C VAL K 180 4.23 -30.45 57.05
N PRO K 181 4.64 -29.64 56.06
CA PRO K 181 5.02 -28.24 56.34
C PRO K 181 3.84 -27.44 56.86
N ALA K 182 4.13 -26.39 57.62
CA ALA K 182 3.11 -25.42 58.08
C ALA K 182 2.16 -25.10 56.92
N TYR K 183 0.85 -25.04 57.19
CA TYR K 183 -0.20 -24.53 56.28
C TYR K 183 -0.55 -25.52 55.16
N VAL K 184 0.20 -26.59 54.96
CA VAL K 184 0.03 -27.45 53.75
C VAL K 184 -1.17 -28.39 53.94
N THR K 185 -1.96 -28.59 52.89
CA THR K 185 -3.03 -29.61 52.83
C THR K 185 -2.42 -30.86 52.20
N VAL K 186 -2.56 -32.02 52.85
CA VAL K 186 -2.07 -33.33 52.30
C VAL K 186 -3.22 -34.32 52.30
N PHE K 187 -3.22 -35.24 51.34
CA PHE K 187 -4.34 -36.18 51.10
C PHE K 187 -3.81 -37.53 50.65
N GLY K 188 -4.40 -38.61 51.18
CA GLY K 188 -4.34 -39.95 50.56
C GLY K 188 -3.21 -40.82 51.10
N ASN K 189 -3.09 -42.01 50.50
CA ASN K 189 -2.17 -43.09 50.94
C ASN K 189 -1.31 -43.51 49.78
N PRO K 190 -0.05 -43.02 49.72
CA PRO K 190 0.52 -42.26 50.82
C PRO K 190 0.21 -40.77 50.64
N ALA K 191 0.12 -40.03 51.74
CA ALA K 191 -0.12 -38.56 51.77
C ALA K 191 0.72 -37.89 50.68
N GLU K 192 0.10 -37.05 49.84
CA GLU K 192 0.81 -36.05 48.98
C GLU K 192 0.34 -34.65 49.35
N ALA K 193 1.11 -33.63 48.99
CA ALA K 193 0.77 -32.20 49.15
C ALA K 193 -0.27 -31.87 48.08
N ARG K 194 -1.23 -30.98 48.35
CA ARG K 194 -2.17 -30.48 47.32
C ARG K 194 -2.11 -28.96 47.25
N SER K 195 -2.49 -28.29 48.33
CA SER K 195 -2.56 -26.82 48.43
C SER K 195 -1.99 -26.38 49.77
N MET K 196 -2.19 -25.11 50.07
CA MET K 196 -2.12 -24.59 51.45
C MET K 196 -3.56 -24.41 51.92
N ASN K 197 -3.68 -24.30 53.23
CA ASN K 197 -4.96 -24.35 53.97
C ASN K 197 -5.43 -22.92 54.13
N PHE K 198 -5.91 -22.34 53.02
CA PHE K 198 -6.35 -20.93 52.97
C PHE K 198 -7.48 -20.81 53.98
N GLU K 199 -8.28 -21.86 54.05
CA GLU K 199 -9.39 -21.93 55.03
C GLU K 199 -8.90 -21.34 56.37
N GLY K 200 -8.14 -22.12 57.12
CA GLY K 200 -7.74 -21.81 58.50
C GLY K 200 -6.79 -20.64 58.57
N MET K 201 -6.41 -20.07 57.42
CA MET K 201 -5.69 -18.77 57.30
C MET K 201 -6.69 -17.64 57.41
N ARG K 202 -7.83 -17.74 56.68
CA ARG K 202 -8.90 -16.71 56.79
C ARG K 202 -9.35 -16.78 58.24
N ARG K 203 -9.53 -17.99 58.78
CA ARG K 203 -9.95 -18.21 60.20
C ARG K 203 -9.00 -17.44 61.14
N ARG K 204 -7.69 -17.48 60.94
CA ARG K 204 -6.75 -16.72 61.81
C ARG K 204 -6.74 -15.22 61.46
N GLY K 205 -7.49 -14.79 60.45
CA GLY K 205 -7.53 -13.39 60.00
C GLY K 205 -6.21 -12.90 59.43
N PHE K 206 -5.42 -13.78 58.82
CA PHE K 206 -4.18 -13.43 58.08
C PHE K 206 -4.48 -12.31 57.09
N SER K 207 -3.50 -11.42 56.84
CA SER K 207 -3.66 -10.33 55.83
C SER K 207 -3.74 -11.00 54.47
N SER K 208 -4.32 -10.33 53.46
CA SER K 208 -4.38 -10.93 52.11
C SER K 208 -2.97 -11.02 51.56
N GLU K 209 -2.08 -10.03 51.81
CA GLU K 209 -0.67 -10.08 51.29
C GLU K 209 -0.07 -11.40 51.77
N ALA K 210 -0.30 -11.72 53.04
CA ALA K 210 0.31 -12.89 53.71
C ALA K 210 -0.21 -14.16 53.04
N ILE K 211 -1.51 -14.22 52.80
CA ILE K 211 -2.10 -15.38 52.08
C ILE K 211 -1.42 -15.51 50.71
N HIS K 212 -1.54 -14.51 49.84
CA HIS K 212 -0.90 -14.50 48.48
C HIS K 212 0.56 -14.95 48.62
N ALA K 213 1.29 -14.42 49.61
CA ALA K 213 2.74 -14.69 49.80
C ALA K 213 3.00 -16.16 50.09
N LEU K 214 2.05 -16.76 50.81
CA LEU K 214 2.06 -18.19 51.21
C LEU K 214 1.72 -19.06 50.00
N ARG K 215 0.77 -18.63 49.15
CA ARG K 215 0.55 -19.31 47.87
C ARG K 215 1.88 -19.25 47.10
N ARG K 216 2.48 -18.06 46.91
CA ARG K 216 3.77 -17.93 46.17
C ARG K 216 4.72 -18.99 46.72
N ALA K 217 4.83 -19.04 48.04
CA ALA K 217 5.78 -19.89 48.77
C ALA K 217 5.54 -21.37 48.44
N TYR K 218 4.28 -21.80 48.49
CA TYR K 218 3.90 -23.19 48.12
C TYR K 218 4.47 -23.49 46.74
N LYS K 219 4.05 -22.63 45.78
CA LYS K 219 4.32 -22.79 44.35
C LYS K 219 5.82 -23.08 44.22
N VAL K 220 6.66 -22.36 44.99
CA VAL K 220 8.13 -22.41 44.89
C VAL K 220 8.65 -23.82 45.18
N VAL K 221 8.29 -24.28 46.37
CA VAL K 221 8.72 -25.58 46.94
C VAL K 221 8.37 -26.68 45.95
N TYR K 222 7.06 -26.76 45.71
CA TYR K 222 6.32 -27.89 45.12
C TYR K 222 6.25 -27.74 43.60
N ARG K 223 5.37 -26.83 43.15
CA ARG K 223 4.96 -26.71 41.74
C ARG K 223 6.05 -26.00 40.89
N GLN K 224 7.25 -25.64 41.33
CA GLN K 224 8.29 -25.08 40.40
C GLN K 224 9.39 -26.10 40.19
N GLY K 225 9.20 -27.30 40.76
CA GLY K 225 10.26 -28.28 41.06
C GLY K 225 11.62 -27.62 41.19
N HIS K 226 11.77 -26.63 42.07
CA HIS K 226 13.11 -26.37 42.63
C HIS K 226 13.45 -27.64 43.44
N THR K 227 14.72 -27.92 43.75
CA THR K 227 15.10 -28.92 44.81
C THR K 227 14.44 -28.49 46.14
N VAL K 228 14.65 -29.24 47.21
CA VAL K 228 14.25 -28.78 48.57
C VAL K 228 15.15 -27.57 48.91
N GLU K 229 16.45 -27.76 48.88
CA GLU K 229 17.47 -26.71 49.19
C GLU K 229 17.23 -25.45 48.35
N GLU K 230 17.00 -25.67 47.05
CA GLU K 230 16.88 -24.58 46.06
C GLU K 230 15.75 -23.67 46.51
N ALA K 231 14.65 -24.25 46.95
CA ALA K 231 13.43 -23.49 47.31
C ALA K 231 13.69 -22.74 48.62
N LEU K 232 14.27 -23.41 49.61
CA LEU K 232 14.56 -22.77 50.91
C LEU K 232 15.30 -21.44 50.69
N ALA K 233 16.18 -21.48 49.69
CA ALA K 233 16.96 -20.33 49.22
C ALA K 233 16.02 -19.23 48.71
N GLU K 234 15.14 -19.58 47.78
CA GLU K 234 14.18 -18.65 47.16
C GLU K 234 13.38 -17.93 48.27
N LEU K 235 12.81 -18.72 49.16
CA LEU K 235 11.86 -18.27 50.19
C LEU K 235 12.45 -17.13 51.03
N ALA K 236 13.69 -17.30 51.54
CA ALA K 236 14.54 -16.26 52.17
C ALA K 236 13.95 -14.84 52.14
N GLU K 237 13.89 -14.21 50.94
CA GLU K 237 13.26 -12.87 50.72
C GLU K 237 11.83 -12.88 51.31
N SER K 238 10.93 -13.65 50.66
CA SER K 238 9.51 -13.91 51.06
C SER K 238 9.37 -13.97 52.59
N ALA K 239 10.35 -14.55 53.28
CA ALA K 239 10.26 -14.98 54.69
C ALA K 239 10.70 -13.86 55.64
N ALA K 240 11.60 -13.00 55.18
CA ALA K 240 11.92 -11.77 55.93
C ALA K 240 10.68 -10.88 55.95
N GLN K 241 10.13 -10.73 54.76
CA GLN K 241 8.95 -9.87 54.48
C GLN K 241 7.77 -10.27 55.37
N PHE K 242 7.52 -11.57 55.59
CA PHE K 242 6.27 -12.09 56.20
C PHE K 242 6.61 -13.16 57.21
N PRO K 243 6.57 -12.82 58.51
CA PRO K 243 6.60 -13.83 59.56
C PRO K 243 5.77 -15.08 59.25
N GLU K 244 4.62 -14.93 58.57
CA GLU K 244 3.76 -16.11 58.22
C GLU K 244 4.53 -17.08 57.32
N VAL K 245 5.27 -16.58 56.33
CA VAL K 245 6.05 -17.39 55.37
C VAL K 245 7.22 -18.01 56.14
N ALA K 246 7.83 -17.19 56.99
CA ALA K 246 8.99 -17.55 57.81
C ALA K 246 8.74 -18.94 58.40
N VAL K 247 7.63 -19.07 59.10
CA VAL K 247 7.08 -20.32 59.68
C VAL K 247 7.15 -21.50 58.70
N PHE K 248 6.67 -21.26 57.49
CA PHE K 248 6.58 -22.26 56.41
C PHE K 248 8.00 -22.64 56.00
N ARG K 249 8.88 -21.65 55.73
CA ARG K 249 10.30 -21.96 55.45
C ARG K 249 10.86 -22.78 56.63
N ASP K 250 10.73 -22.27 57.85
CA ASP K 250 11.24 -22.91 59.07
C ASP K 250 10.70 -24.35 59.15
N SER K 251 9.42 -24.63 58.86
CA SER K 251 8.95 -26.04 58.91
C SER K 251 9.84 -26.87 57.97
N ILE K 252 9.94 -26.45 56.70
CA ILE K 252 10.65 -27.22 55.65
C ILE K 252 12.12 -27.37 56.01
N GLN K 253 12.71 -26.30 56.52
CA GLN K 253 14.10 -26.33 57.03
C GLN K 253 14.37 -27.65 57.74
N SER K 254 13.96 -27.70 59.01
CA SER K 254 14.43 -28.72 59.97
C SER K 254 13.51 -29.93 59.79
N ALA K 255 13.36 -30.31 58.53
CA ALA K 255 12.89 -31.64 58.10
C ALA K 255 14.01 -32.32 57.28
N THR K 256 14.76 -31.53 56.50
CA THR K 256 15.81 -32.04 55.57
C THR K 256 17.14 -31.51 56.05
N ARG K 257 18.04 -32.28 56.67
CA ARG K 257 19.44 -31.79 56.79
C ARG K 257 20.27 -32.42 55.69
N GLY K 258 19.88 -33.60 55.18
CA GLY K 258 20.65 -34.37 54.17
C GLY K 258 22.08 -34.70 54.59
N ILE K 259 22.86 -35.25 53.66
CA ILE K 259 24.26 -35.69 53.87
C ILE K 259 25.16 -34.91 52.91
N THR K 260 26.46 -34.91 53.15
CA THR K 260 27.46 -34.45 52.16
C THR K 260 27.37 -35.34 50.93
N ARG K 261 26.99 -34.79 49.78
CA ARG K 261 27.14 -35.49 48.45
C ARG K 261 28.56 -35.15 47.99
N SER L 5 -36.01 -59.06 87.41
CA SER L 5 -34.57 -59.26 87.00
C SER L 5 -34.16 -58.24 85.95
N LEU L 6 -35.01 -57.73 85.02
CA LEU L 6 -34.72 -57.26 83.64
C LEU L 6 -33.64 -56.18 83.53
N ILE L 7 -33.88 -55.10 84.26
CA ILE L 7 -32.99 -53.91 84.32
C ILE L 7 -32.05 -54.16 85.50
N ASP L 8 -30.78 -54.43 85.21
CA ASP L 8 -29.72 -54.72 86.22
C ASP L 8 -29.74 -53.65 87.29
N PRO L 9 -29.55 -53.98 88.57
CA PRO L 9 -29.49 -52.95 89.60
C PRO L 9 -28.22 -52.11 89.50
N ARG L 10 -27.13 -52.61 88.92
CA ARG L 10 -25.84 -51.80 88.90
C ARG L 10 -25.88 -50.78 87.76
N ALA L 11 -26.95 -50.78 86.96
CA ALA L 11 -27.16 -49.83 85.85
C ALA L 11 -27.78 -48.56 86.42
N ILE L 12 -27.57 -47.43 85.75
CA ILE L 12 -28.18 -46.13 86.15
C ILE L 12 -29.25 -45.76 85.14
N ILE L 13 -30.46 -45.50 85.63
CA ILE L 13 -31.57 -45.01 84.78
C ILE L 13 -32.04 -43.66 85.31
N ASP L 14 -32.00 -42.63 84.47
CA ASP L 14 -32.55 -41.30 84.80
C ASP L 14 -34.04 -41.46 85.12
N PRO L 15 -34.57 -40.72 86.12
CA PRO L 15 -36.02 -40.69 86.33
C PRO L 15 -36.76 -40.24 85.07
N SER L 16 -36.16 -39.31 84.30
CA SER L 16 -36.79 -38.71 83.11
C SER L 16 -36.83 -39.74 81.96
N ALA L 17 -35.95 -40.75 81.93
CA ALA L 17 -35.92 -41.77 80.85
C ALA L 17 -37.20 -42.60 80.90
N ARG L 18 -37.59 -43.28 79.82
CA ARG L 18 -38.85 -44.05 79.83
C ARG L 18 -38.73 -45.24 78.86
N LEU L 19 -38.94 -46.46 79.40
CA LEU L 19 -38.57 -47.81 78.86
C LEU L 19 -39.80 -48.75 78.83
N ALA L 20 -40.21 -49.30 77.68
CA ALA L 20 -41.32 -50.29 77.60
C ALA L 20 -41.05 -51.49 78.53
N ALA L 21 -42.08 -52.26 78.87
CA ALA L 21 -42.09 -53.23 80.00
C ALA L 21 -40.86 -54.15 79.98
N ASP L 22 -40.67 -54.89 78.89
CA ASP L 22 -39.73 -56.05 78.78
C ASP L 22 -38.38 -55.61 78.18
N VAL L 23 -38.04 -54.33 78.31
CA VAL L 23 -36.66 -53.84 78.01
C VAL L 23 -35.74 -54.39 79.08
N GLN L 24 -34.52 -54.74 78.65
CA GLN L 24 -33.41 -55.09 79.55
C GLN L 24 -32.27 -54.10 79.44
N VAL L 25 -31.55 -53.94 80.55
CA VAL L 25 -30.30 -53.13 80.62
C VAL L 25 -29.27 -53.93 81.42
N GLY L 26 -28.12 -54.24 80.82
CA GLY L 26 -26.98 -54.92 81.46
C GLY L 26 -26.41 -54.01 82.55
N PRO L 27 -25.46 -54.50 83.37
CA PRO L 27 -24.89 -53.68 84.44
C PRO L 27 -24.00 -52.53 83.93
N TRP L 28 -23.91 -51.43 84.70
CA TRP L 28 -22.93 -50.32 84.48
C TRP L 28 -23.27 -49.54 83.20
N SER L 29 -24.45 -49.81 82.67
CA SER L 29 -24.97 -49.04 81.53
C SER L 29 -25.72 -47.86 82.11
N ILE L 30 -25.68 -46.73 81.43
CA ILE L 30 -26.35 -45.47 81.83
C ILE L 30 -27.41 -45.17 80.78
N VAL L 31 -28.64 -44.93 81.22
CA VAL L 31 -29.73 -44.47 80.33
C VAL L 31 -30.03 -43.01 80.73
N GLY L 32 -29.25 -42.07 80.16
CA GLY L 32 -29.29 -40.61 80.41
C GLY L 32 -30.73 -40.10 80.39
N ALA L 33 -30.97 -38.85 80.78
CA ALA L 33 -32.32 -38.27 80.75
C ALA L 33 -32.82 -38.29 79.33
N GLU L 34 -34.15 -38.24 79.13
CA GLU L 34 -34.80 -37.99 77.81
C GLU L 34 -34.56 -39.17 76.87
N VAL L 35 -34.13 -40.31 77.38
CA VAL L 35 -33.90 -41.51 76.53
C VAL L 35 -35.14 -42.39 76.62
N GLU L 36 -35.68 -42.75 75.45
CA GLU L 36 -36.91 -43.54 75.30
C GLU L 36 -36.50 -44.86 74.65
N ILE L 37 -36.86 -46.00 75.22
CA ILE L 37 -36.44 -47.32 74.65
C ILE L 37 -37.69 -48.18 74.43
N GLY L 38 -37.91 -48.60 73.18
CA GLY L 38 -39.12 -49.33 72.76
C GLY L 38 -39.12 -50.77 73.23
N GLU L 39 -40.29 -51.41 73.16
CA GLU L 39 -40.55 -52.82 73.55
C GLU L 39 -39.42 -53.79 73.12
N GLY L 40 -39.00 -54.71 74.00
CA GLY L 40 -38.20 -55.91 73.66
C GLY L 40 -36.75 -55.59 73.28
N THR L 41 -36.32 -54.34 73.42
CA THR L 41 -34.93 -53.90 73.17
C THR L 41 -34.07 -54.44 74.31
N VAL L 42 -32.79 -54.65 74.01
CA VAL L 42 -31.77 -55.13 74.99
C VAL L 42 -30.58 -54.18 74.97
N ILE L 43 -30.24 -53.61 76.12
CA ILE L 43 -28.99 -52.81 76.28
C ILE L 43 -27.97 -53.68 76.99
N GLY L 44 -26.81 -53.93 76.38
CA GLY L 44 -25.75 -54.73 76.97
C GLY L 44 -25.18 -54.05 78.22
N PRO L 45 -24.13 -54.61 78.85
CA PRO L 45 -23.36 -53.92 79.87
C PRO L 45 -22.53 -52.74 79.36
N HIS L 46 -21.92 -51.96 80.25
CA HIS L 46 -21.16 -50.71 79.96
C HIS L 46 -21.64 -50.00 78.68
N VAL L 47 -22.92 -49.67 78.60
CA VAL L 47 -23.41 -48.78 77.50
C VAL L 47 -23.66 -47.41 78.11
N VAL L 48 -23.64 -46.40 77.25
CA VAL L 48 -23.96 -44.98 77.59
C VAL L 48 -24.97 -44.50 76.56
N LEU L 49 -26.21 -44.29 77.00
CA LEU L 49 -27.25 -43.58 76.22
C LEU L 49 -27.39 -42.16 76.78
N LYS L 50 -27.51 -41.19 75.88
CA LYS L 50 -27.80 -39.78 76.24
C LYS L 50 -28.90 -39.36 75.28
N GLY L 51 -29.72 -38.37 75.69
CA GLY L 51 -30.91 -37.93 74.97
C GLY L 51 -30.79 -36.48 74.50
N PRO L 52 -31.85 -35.86 73.94
CA PRO L 52 -33.11 -36.54 73.65
C PRO L 52 -32.94 -37.60 72.55
N THR L 53 -33.22 -38.86 72.87
CA THR L 53 -32.96 -40.00 71.98
C THR L 53 -34.14 -40.95 72.07
N LYS L 54 -34.55 -41.50 70.94
CA LYS L 54 -35.77 -42.34 70.84
C LYS L 54 -35.33 -43.63 70.17
N ILE L 55 -35.33 -44.76 70.90
CA ILE L 55 -34.87 -46.07 70.38
C ILE L 55 -36.08 -46.99 70.24
N GLY L 56 -36.31 -47.52 69.04
CA GLY L 56 -37.50 -48.34 68.72
C GLY L 56 -37.46 -49.69 69.41
N LYS L 57 -38.06 -50.71 68.78
CA LYS L 57 -38.42 -52.02 69.40
C LYS L 57 -37.42 -53.09 68.96
N HIS L 58 -37.22 -54.12 69.78
CA HIS L 58 -36.36 -55.29 69.47
C HIS L 58 -35.00 -54.85 68.90
N ASN L 59 -34.30 -53.90 69.53
CA ASN L 59 -32.90 -53.56 69.15
C ASN L 59 -31.98 -54.25 70.15
N ARG L 60 -30.75 -54.58 69.71
CA ARG L 60 -29.68 -55.24 70.52
C ARG L 60 -28.55 -54.20 70.42
N ILE L 61 -28.17 -53.52 71.51
CA ILE L 61 -27.01 -52.57 71.58
C ILE L 61 -25.94 -53.10 72.53
N TYR L 62 -24.67 -53.16 72.10
CA TYR L 62 -23.58 -53.83 72.86
C TYR L 62 -22.72 -52.82 73.63
N GLN L 63 -21.80 -53.37 74.42
CA GLN L 63 -20.87 -52.67 75.36
C GLN L 63 -20.04 -51.58 74.66
N PHE L 64 -19.62 -50.53 75.38
CA PHE L 64 -18.61 -49.52 74.96
C PHE L 64 -19.17 -48.56 73.90
N SER L 65 -20.47 -48.74 73.63
CA SER L 65 -21.28 -47.93 72.69
C SER L 65 -21.71 -46.67 73.41
N SER L 66 -21.53 -45.54 72.74
CA SER L 66 -21.85 -44.19 73.27
C SER L 66 -22.88 -43.63 72.27
N VAL L 67 -24.16 -43.97 72.51
CA VAL L 67 -25.30 -43.70 71.60
C VAL L 67 -26.12 -42.51 72.10
N GLY L 68 -26.09 -41.43 71.33
CA GLY L 68 -26.83 -40.19 71.59
C GLY L 68 -25.97 -39.15 72.29
N GLU L 69 -24.63 -39.16 72.09
CA GLU L 69 -23.73 -38.10 72.61
C GLU L 69 -23.80 -36.90 71.65
N ASP L 70 -23.35 -35.70 72.05
CA ASP L 70 -23.39 -34.45 71.22
C ASP L 70 -22.30 -34.59 70.14
N THR L 71 -22.42 -34.03 68.93
CA THR L 71 -21.22 -34.18 68.05
C THR L 71 -20.13 -33.28 68.60
N PRO L 72 -18.83 -33.64 68.53
CA PRO L 72 -17.78 -32.81 69.08
C PRO L 72 -17.53 -31.55 68.25
N ASP L 73 -17.81 -31.63 66.93
CA ASP L 73 -17.77 -30.58 65.86
C ASP L 73 -18.19 -29.24 66.49
N LEU L 74 -17.46 -28.17 66.27
CA LEU L 74 -17.58 -26.94 67.11
C LEU L 74 -18.82 -26.15 66.67
N LYS L 75 -19.17 -26.31 65.40
CA LYS L 75 -20.46 -25.97 64.74
C LYS L 75 -21.57 -26.04 65.80
N TYR L 76 -21.80 -27.21 66.38
CA TYR L 76 -22.87 -27.48 67.38
C TYR L 76 -22.49 -26.82 68.70
N LYS L 77 -23.28 -25.90 69.23
CA LYS L 77 -23.03 -25.31 70.56
C LYS L 77 -24.14 -25.75 71.53
N GLY L 78 -24.50 -27.03 71.55
CA GLY L 78 -25.32 -27.60 72.66
C GLY L 78 -26.82 -27.42 72.46
N GLU L 79 -27.27 -26.85 71.34
CA GLU L 79 -28.72 -26.70 71.02
C GLU L 79 -29.36 -28.08 71.23
N PRO L 80 -30.67 -28.23 71.49
CA PRO L 80 -31.16 -29.38 72.24
C PRO L 80 -31.68 -30.45 71.26
N THR L 81 -30.83 -30.95 70.35
CA THR L 81 -31.19 -31.76 69.14
C THR L 81 -31.45 -33.23 69.47
N ARG L 82 -31.85 -34.04 68.48
CA ARG L 82 -32.41 -35.41 68.71
C ARG L 82 -31.63 -36.45 67.90
N LEU L 83 -31.66 -37.69 68.40
CA LEU L 83 -31.35 -38.98 67.71
C LEU L 83 -32.60 -39.86 67.74
N VAL L 84 -32.84 -40.57 66.65
CA VAL L 84 -33.98 -41.50 66.48
C VAL L 84 -33.47 -42.80 65.83
N ILE L 85 -33.79 -43.93 66.46
CA ILE L 85 -33.45 -45.29 65.96
C ILE L 85 -34.73 -46.09 65.83
N GLY L 86 -34.95 -46.70 64.66
CA GLY L 86 -36.11 -47.58 64.42
C GLY L 86 -36.00 -48.91 65.18
N ASP L 87 -36.50 -49.98 64.55
CA ASP L 87 -36.76 -51.29 65.17
C ASP L 87 -35.77 -52.33 64.61
N HIS L 88 -35.63 -53.49 65.27
CA HIS L 88 -34.82 -54.66 64.82
C HIS L 88 -33.43 -54.21 64.34
N ASN L 89 -32.78 -53.27 65.02
CA ASN L 89 -31.40 -52.87 64.64
C ASN L 89 -30.42 -53.56 65.57
N VAL L 90 -29.20 -53.76 65.07
CA VAL L 90 -28.05 -54.22 65.91
C VAL L 90 -26.92 -53.21 65.86
N ILE L 91 -26.50 -52.82 67.05
CA ILE L 91 -25.37 -51.87 67.24
C ILE L 91 -24.32 -52.61 68.05
N ARG L 92 -23.26 -53.02 67.37
CA ARG L 92 -22.18 -53.85 67.95
C ARG L 92 -21.29 -53.02 68.89
N GLU L 93 -20.23 -53.66 69.36
CA GLU L 93 -19.37 -53.17 70.45
C GLU L 93 -18.69 -51.85 69.99
N GLY L 94 -18.86 -50.77 70.75
CA GLY L 94 -18.00 -49.56 70.66
C GLY L 94 -18.51 -48.53 69.66
N VAL L 95 -19.72 -48.72 69.18
CA VAL L 95 -20.28 -47.81 68.17
C VAL L 95 -20.56 -46.47 68.85
N THR L 96 -20.35 -45.40 68.09
CA THR L 96 -20.71 -44.03 68.47
C THR L 96 -21.78 -43.52 67.50
N ILE L 97 -22.85 -42.97 68.06
CA ILE L 97 -23.92 -42.31 67.27
C ILE L 97 -24.18 -40.95 67.93
N HIS L 98 -24.06 -39.88 67.17
CA HIS L 98 -24.14 -38.48 67.66
C HIS L 98 -25.49 -37.88 67.24
N ARG L 99 -26.10 -37.09 68.10
CA ARG L 99 -27.35 -36.41 67.72
C ARG L 99 -27.00 -35.21 66.83
N GLY L 100 -27.98 -34.90 65.98
CA GLY L 100 -28.02 -33.77 65.03
C GLY L 100 -27.50 -32.47 65.60
N THR L 101 -27.52 -31.46 64.71
CA THR L 101 -27.13 -30.04 64.88
C THR L 101 -28.30 -29.24 64.39
N VAL L 102 -28.60 -28.05 64.91
CA VAL L 102 -29.75 -27.25 64.37
C VAL L 102 -29.43 -26.83 62.92
N GLN L 103 -28.15 -26.63 62.58
CA GLN L 103 -27.67 -26.21 61.23
C GLN L 103 -28.33 -27.05 60.13
N ASP L 104 -28.47 -28.39 60.23
CA ASP L 104 -29.11 -29.24 59.18
C ASP L 104 -30.52 -29.60 59.69
N ARG L 105 -30.92 -30.85 59.88
CA ARG L 105 -32.35 -31.12 60.19
C ARG L 105 -32.53 -31.32 61.70
N ALA L 106 -31.49 -31.15 62.50
CA ALA L 106 -31.59 -31.17 63.96
C ALA L 106 -31.84 -32.61 64.44
N GLU L 107 -31.62 -33.59 63.57
CA GLU L 107 -31.84 -35.00 63.93
C GLU L 107 -30.97 -35.90 63.07
N THR L 108 -30.30 -36.80 63.77
CA THR L 108 -29.64 -38.05 63.30
C THR L 108 -30.66 -39.17 63.34
N THR L 109 -30.76 -39.98 62.30
CA THR L 109 -31.92 -40.90 62.12
C THR L 109 -31.50 -42.26 61.56
N ILE L 110 -31.98 -43.33 62.18
CA ILE L 110 -31.70 -44.71 61.73
C ILE L 110 -33.03 -45.47 61.63
N GLY L 111 -33.20 -46.18 60.51
CA GLY L 111 -34.43 -46.93 60.17
C GLY L 111 -34.46 -48.27 60.88
N ASP L 112 -34.87 -49.34 60.18
CA ASP L 112 -35.11 -50.69 60.76
C ASP L 112 -34.09 -51.71 60.19
N HIS L 113 -33.89 -52.84 60.85
CA HIS L 113 -33.18 -54.05 60.33
C HIS L 113 -31.70 -53.76 59.94
N ASN L 114 -31.11 -52.68 60.44
CA ASN L 114 -29.71 -52.32 60.14
C ASN L 114 -28.75 -53.04 61.08
N LEU L 115 -27.60 -53.40 60.54
CA LEU L 115 -26.45 -54.00 61.27
C LEU L 115 -25.30 -53.01 61.24
N ILE L 116 -24.96 -52.46 62.39
CA ILE L 116 -23.84 -51.50 62.53
C ILE L 116 -22.79 -52.17 63.40
N MET L 117 -21.65 -52.53 62.81
CA MET L 117 -20.66 -53.38 63.51
C MET L 117 -19.68 -52.52 64.28
N ALA L 118 -18.74 -53.19 64.91
CA ALA L 118 -17.92 -52.62 66.00
C ALA L 118 -17.18 -51.32 65.60
N TYR L 119 -17.09 -50.37 66.52
CA TYR L 119 -16.21 -49.17 66.48
C TYR L 119 -16.68 -48.28 65.29
N ALA L 120 -17.83 -48.55 64.68
CA ALA L 120 -18.41 -47.69 63.62
C ALA L 120 -18.78 -46.35 64.23
N HIS L 121 -18.81 -45.32 63.40
CA HIS L 121 -19.23 -43.95 63.81
C HIS L 121 -20.31 -43.45 62.88
N ILE L 122 -21.34 -42.82 63.44
CA ILE L 122 -22.48 -42.24 62.68
C ILE L 122 -22.68 -40.79 63.13
N GLY L 123 -21.98 -39.85 62.47
CA GLY L 123 -21.84 -38.44 62.89
C GLY L 123 -23.14 -37.68 62.82
N HIS L 124 -23.14 -36.48 63.43
CA HIS L 124 -24.32 -35.58 63.49
C HIS L 124 -25.11 -35.61 62.18
N ASP L 125 -26.42 -35.83 62.27
CA ASP L 125 -27.38 -35.52 61.17
C ASP L 125 -27.34 -36.58 60.06
N SER L 126 -26.52 -37.62 60.21
CA SER L 126 -26.51 -38.73 59.23
C SER L 126 -27.90 -39.39 59.27
N VAL L 127 -28.24 -40.14 58.24
CA VAL L 127 -29.60 -40.72 58.09
C VAL L 127 -29.51 -42.10 57.41
N ILE L 128 -29.91 -43.13 58.11
CA ILE L 128 -29.77 -44.53 57.59
C ILE L 128 -31.17 -45.13 57.41
N GLY L 129 -31.35 -45.81 56.27
CA GLY L 129 -32.60 -46.47 55.87
C GLY L 129 -32.75 -47.80 56.57
N ASN L 130 -32.92 -48.90 55.81
CA ASN L 130 -33.22 -50.24 56.37
C ASN L 130 -32.29 -51.30 55.76
N HIS L 131 -32.06 -52.40 56.48
CA HIS L 131 -31.30 -53.58 56.00
C HIS L 131 -29.92 -53.13 55.50
N CYS L 132 -29.39 -52.04 56.05
CA CYS L 132 -28.03 -51.60 55.70
C CYS L 132 -27.04 -52.39 56.55
N ILE L 133 -25.82 -52.56 56.06
CA ILE L 133 -24.70 -53.05 56.90
C ILE L 133 -23.55 -52.05 56.85
N LEU L 134 -23.20 -51.51 58.00
CA LEU L 134 -21.97 -50.73 58.21
C LEU L 134 -20.99 -51.64 58.95
N VAL L 135 -19.94 -52.05 58.26
CA VAL L 135 -18.94 -52.98 58.85
C VAL L 135 -18.01 -52.20 59.77
N ASN L 136 -17.21 -52.92 60.56
CA ASN L 136 -16.26 -52.38 61.57
C ASN L 136 -15.67 -51.03 61.12
N ASN L 137 -15.77 -50.00 61.96
CA ASN L 137 -15.01 -48.72 61.88
C ASN L 137 -15.43 -47.88 60.69
N THR L 138 -16.43 -48.31 59.94
CA THR L 138 -17.14 -47.42 59.01
C THR L 138 -17.46 -46.14 59.75
N ALA L 139 -17.36 -45.02 59.04
CA ALA L 139 -17.42 -43.67 59.63
C ALA L 139 -18.12 -42.73 58.66
N LEU L 140 -19.24 -42.16 59.14
CA LEU L 140 -20.05 -41.17 58.39
C LEU L 140 -19.79 -39.81 59.03
N ALA L 141 -18.98 -38.97 58.39
CA ALA L 141 -18.42 -37.74 59.00
C ALA L 141 -19.54 -36.86 59.55
N GLY L 142 -20.63 -36.76 58.77
CA GLY L 142 -21.83 -35.98 59.12
C GLY L 142 -22.74 -35.77 57.92
N HIS L 143 -24.04 -35.64 58.21
CA HIS L 143 -25.15 -35.38 57.25
C HIS L 143 -25.08 -36.37 56.10
N VAL L 144 -24.59 -37.58 56.34
CA VAL L 144 -24.51 -38.63 55.29
C VAL L 144 -25.86 -39.35 55.25
N HIS L 145 -26.44 -39.50 54.06
CA HIS L 145 -27.65 -40.33 53.83
C HIS L 145 -27.21 -41.67 53.20
N VAL L 146 -27.57 -42.76 53.86
CA VAL L 146 -27.36 -44.16 53.39
C VAL L 146 -28.74 -44.76 53.11
N ASP L 147 -29.07 -44.90 51.83
CA ASP L 147 -30.34 -45.53 51.38
C ASP L 147 -30.26 -47.04 51.60
N ASP L 148 -31.35 -47.78 51.36
CA ASP L 148 -31.57 -49.14 51.93
C ASP L 148 -30.63 -50.18 51.30
N TRP L 149 -30.31 -51.23 52.04
CA TRP L 149 -29.60 -52.43 51.54
C TRP L 149 -28.12 -52.14 51.28
N ALA L 150 -27.71 -50.89 51.46
CA ALA L 150 -26.32 -50.49 51.20
C ALA L 150 -25.44 -51.30 52.15
N ILE L 151 -24.25 -51.59 51.67
CA ILE L 151 -23.20 -52.28 52.47
C ILE L 151 -21.93 -51.46 52.36
N LEU L 152 -21.43 -51.01 53.50
CA LEU L 152 -20.12 -50.35 53.60
C LEU L 152 -19.18 -51.32 54.28
N SER L 153 -18.26 -51.90 53.50
CA SER L 153 -17.17 -52.78 54.01
C SER L 153 -16.40 -52.04 55.10
N GLY L 154 -15.52 -52.74 55.81
CA GLY L 154 -14.81 -52.23 56.99
C GLY L 154 -14.02 -50.97 56.70
N TYR L 155 -13.97 -50.03 57.64
CA TYR L 155 -13.07 -48.86 57.58
C TYR L 155 -13.37 -48.06 56.30
N THR L 156 -14.65 -48.02 55.94
CA THR L 156 -15.17 -47.15 54.86
C THR L 156 -15.42 -45.78 55.45
N LEU L 157 -14.89 -44.74 54.80
CA LEU L 157 -14.95 -43.34 55.29
C LEU L 157 -15.77 -42.52 54.30
N VAL L 158 -16.70 -41.70 54.82
CA VAL L 158 -17.72 -41.03 53.96
C VAL L 158 -17.79 -39.55 54.32
N HIS L 159 -17.40 -38.65 53.40
CA HIS L 159 -17.12 -37.22 53.71
C HIS L 159 -18.48 -36.54 53.94
N GLN L 160 -18.49 -35.47 54.76
CA GLN L 160 -19.67 -34.62 55.13
C GLN L 160 -20.61 -34.75 53.90
N TYR L 161 -21.90 -35.01 54.07
CA TYR L 161 -22.99 -34.71 53.09
C TYR L 161 -23.11 -35.70 51.90
N CYS L 162 -22.29 -36.74 51.79
CA CYS L 162 -22.38 -37.70 50.66
C CYS L 162 -23.64 -38.56 50.79
N ARG L 163 -24.21 -38.97 49.66
CA ARG L 163 -25.35 -39.91 49.59
C ARG L 163 -24.81 -41.26 49.09
N ILE L 164 -25.00 -42.31 49.89
CA ILE L 164 -24.76 -43.71 49.48
C ILE L 164 -26.10 -44.25 48.99
N GLY L 165 -26.31 -44.30 47.67
CA GLY L 165 -27.52 -44.86 47.05
C GLY L 165 -27.75 -46.32 47.42
N ALA L 166 -28.96 -46.81 47.21
CA ALA L 166 -29.41 -48.14 47.69
C ALA L 166 -28.73 -49.31 46.97
N HIS L 167 -28.48 -50.40 47.72
CA HIS L 167 -27.79 -51.63 47.26
C HIS L 167 -26.34 -51.33 46.85
N SER L 168 -25.93 -50.09 47.00
CA SER L 168 -24.53 -49.73 46.71
C SER L 168 -23.64 -50.51 47.66
N PHE L 169 -22.35 -50.54 47.37
CA PHE L 169 -21.35 -51.32 48.09
C PHE L 169 -20.00 -50.63 48.02
N SER L 170 -19.44 -50.28 49.18
CA SER L 170 -18.03 -49.83 49.31
C SER L 170 -17.16 -51.01 49.74
N GLY L 171 -15.97 -51.14 49.15
CA GLY L 171 -14.95 -52.12 49.58
C GLY L 171 -14.24 -51.64 50.83
N MET L 172 -13.36 -52.46 51.42
CA MET L 172 -12.71 -52.08 52.70
C MET L 172 -11.73 -50.94 52.42
N GLY L 173 -11.54 -50.07 53.42
CA GLY L 173 -10.71 -48.86 53.34
C GLY L 173 -11.11 -47.90 52.22
N SER L 174 -12.33 -47.98 51.71
CA SER L 174 -12.87 -47.00 50.75
C SER L 174 -12.95 -45.61 51.40
N ALA L 175 -12.61 -44.58 50.64
CA ALA L 175 -12.58 -43.17 51.08
C ALA L 175 -13.50 -42.33 50.18
N ILE L 176 -14.77 -42.33 50.53
CA ILE L 176 -15.85 -41.84 49.63
C ILE L 176 -16.00 -40.33 49.79
N GLY L 177 -15.58 -39.56 48.78
CA GLY L 177 -15.60 -38.09 48.83
C GLY L 177 -16.82 -37.48 48.13
N LYS L 178 -17.61 -38.32 47.46
CA LYS L 178 -18.74 -37.89 46.60
C LYS L 178 -19.76 -39.01 46.52
N ASP L 179 -20.97 -38.70 46.07
CA ASP L 179 -22.11 -39.65 46.09
C ASP L 179 -21.74 -40.99 45.44
N VAL L 180 -22.28 -42.06 46.00
CA VAL L 180 -22.24 -43.42 45.40
C VAL L 180 -23.65 -43.76 44.89
N PRO L 181 -23.79 -43.90 43.55
CA PRO L 181 -25.11 -44.19 42.96
C PRO L 181 -25.64 -45.54 43.44
N ALA L 182 -26.95 -45.69 43.42
CA ALA L 182 -27.62 -46.99 43.70
C ALA L 182 -26.85 -48.11 42.98
N TYR L 183 -26.65 -49.24 43.65
CA TYR L 183 -26.15 -50.51 43.07
C TYR L 183 -24.64 -50.48 42.79
N VAL L 184 -23.97 -49.35 42.86
CA VAL L 184 -22.56 -49.25 42.39
C VAL L 184 -21.60 -49.83 43.43
N THR L 185 -20.57 -50.54 42.99
CA THR L 185 -19.43 -50.99 43.83
C THR L 185 -18.34 -49.94 43.69
N VAL L 186 -17.83 -49.43 44.80
CA VAL L 186 -16.69 -48.44 44.81
C VAL L 186 -15.58 -48.97 45.72
N PHE L 187 -14.33 -48.64 45.38
CA PHE L 187 -13.15 -49.21 46.05
C PHE L 187 -12.06 -48.14 46.14
N GLY L 188 -11.40 -48.05 47.29
CA GLY L 188 -10.06 -47.46 47.45
C GLY L 188 -10.09 -46.00 47.87
N ASN L 189 -8.90 -45.40 47.92
CA ASN L 189 -8.65 -44.03 48.44
C ASN L 189 -7.92 -43.23 47.39
N PRO L 190 -8.64 -42.38 46.64
CA PRO L 190 -10.04 -42.10 46.93
C PRO L 190 -10.92 -43.10 46.18
N ALA L 191 -12.11 -43.39 46.74
CA ALA L 191 -13.13 -44.28 46.13
C ALA L 191 -13.22 -44.02 44.62
N GLU L 192 -13.17 -45.06 43.80
CA GLU L 192 -13.61 -45.04 42.38
C GLU L 192 -14.72 -46.08 42.20
N ALA L 193 -15.53 -45.94 41.13
CA ALA L 193 -16.56 -46.92 40.72
C ALA L 193 -15.82 -48.11 40.11
N ARG L 194 -16.32 -49.34 40.27
CA ARG L 194 -15.77 -50.52 39.55
C ARG L 194 -16.88 -51.21 38.75
N SER L 195 -17.90 -51.71 39.44
CA SER L 195 -19.03 -52.46 38.83
C SER L 195 -20.33 -52.01 39.48
N MET L 196 -21.39 -52.74 39.19
CA MET L 196 -22.60 -52.75 40.01
C MET L 196 -22.56 -54.03 40.82
N ASN L 197 -23.39 -54.04 41.87
CA ASN L 197 -23.38 -55.05 42.94
C ASN L 197 -24.38 -56.13 42.55
N PHE L 198 -23.98 -56.95 41.58
CA PHE L 198 -24.85 -58.01 41.02
C PHE L 198 -25.20 -58.93 42.17
N GLU L 199 -24.22 -59.14 43.04
CA GLU L 199 -24.41 -59.95 44.25
C GLU L 199 -25.80 -59.63 44.85
N GLY L 200 -25.91 -58.50 45.55
CA GLY L 200 -27.08 -58.13 46.33
C GLY L 200 -28.29 -57.84 45.47
N MET L 201 -28.13 -57.91 44.13
CA MET L 201 -29.26 -57.90 43.15
C MET L 201 -29.83 -59.30 43.06
N ARG L 202 -28.98 -60.35 42.94
CA ARG L 202 -29.47 -61.75 42.92
C ARG L 202 -30.15 -61.93 44.27
N ARG L 203 -29.53 -61.45 45.36
CA ARG L 203 -30.10 -61.54 46.73
C ARG L 203 -31.51 -60.96 46.77
N ARG L 204 -31.76 -59.82 46.14
CA ARG L 204 -33.14 -59.24 46.12
C ARG L 204 -34.04 -59.96 45.09
N GLY L 205 -33.52 -60.95 44.37
CA GLY L 205 -34.26 -61.72 43.35
C GLY L 205 -34.67 -60.88 42.15
N PHE L 206 -33.90 -59.86 41.80
CA PHE L 206 -34.09 -59.04 40.58
C PHE L 206 -34.21 -59.95 39.36
N SER L 207 -35.02 -59.58 38.37
CA SER L 207 -35.15 -60.36 37.09
C SER L 207 -33.83 -60.28 36.36
N SER L 208 -33.52 -61.22 35.48
CA SER L 208 -32.26 -61.14 34.70
C SER L 208 -32.30 -59.93 33.81
N GLU L 209 -33.44 -59.58 33.18
CA GLU L 209 -33.54 -58.39 32.28
C GLU L 209 -33.07 -57.19 33.08
N ALA L 210 -33.53 -57.09 34.33
CA ALA L 210 -33.29 -55.93 35.21
C ALA L 210 -31.79 -55.85 35.50
N ILE L 211 -31.17 -56.98 35.82
CA ILE L 211 -29.71 -57.03 36.04
C ILE L 211 -29.00 -56.53 34.78
N HIS L 212 -29.17 -57.21 33.63
CA HIS L 212 -28.55 -56.81 32.33
C HIS L 212 -28.78 -55.31 32.10
N ALA L 213 -30.00 -54.81 32.35
CA ALA L 213 -30.39 -53.41 32.09
C ALA L 213 -29.58 -52.44 32.95
N LEU L 214 -29.27 -52.90 34.17
CA LEU L 214 -28.48 -52.15 35.17
C LEU L 214 -27.00 -52.18 34.76
N ARG L 215 -26.50 -53.31 34.24
CA ARG L 215 -25.16 -53.30 33.63
C ARG L 215 -25.16 -52.27 32.48
N ARG L 216 -26.11 -52.35 31.53
CA ARG L 216 -26.18 -51.38 30.39
C ARG L 216 -26.05 -49.98 31.00
N ALA L 217 -26.84 -49.71 32.03
CA ALA L 217 -26.95 -48.38 32.66
C ALA L 217 -25.59 -47.93 33.20
N TYR L 218 -24.90 -48.81 33.91
CA TYR L 218 -23.54 -48.54 34.44
C TYR L 218 -22.67 -48.07 33.28
N LYS L 219 -22.60 -48.96 32.28
CA LYS L 219 -21.71 -48.84 31.10
C LYS L 219 -21.89 -47.41 30.59
N VAL L 220 -23.14 -46.92 30.53
CA VAL L 220 -23.52 -45.61 29.93
C VAL L 220 -22.81 -44.47 30.65
N VAL L 221 -23.06 -44.42 31.95
CA VAL L 221 -22.58 -43.37 32.87
C VAL L 221 -21.05 -43.29 32.73
N TYR L 222 -20.46 -44.42 33.08
CA TYR L 222 -19.03 -44.60 33.44
C TYR L 222 -18.21 -44.95 32.20
N ARG L 223 -18.33 -46.19 31.72
CA ARG L 223 -17.43 -46.73 30.68
C ARG L 223 -17.81 -46.23 29.26
N GLN L 224 -18.73 -45.29 29.01
CA GLN L 224 -18.92 -44.76 27.61
C GLN L 224 -18.41 -43.33 27.55
N GLY L 225 -17.81 -42.87 28.67
CA GLY L 225 -17.59 -41.44 28.98
C GLY L 225 -18.59 -40.55 28.25
N HIS L 226 -19.88 -40.78 28.41
CA HIS L 226 -20.85 -39.68 28.23
C HIS L 226 -20.50 -38.68 29.36
N THR L 227 -20.87 -37.40 29.27
CA THR L 227 -20.89 -36.47 30.45
C THR L 227 -21.78 -37.09 31.53
N VAL L 228 -21.95 -36.41 32.66
CA VAL L 228 -22.97 -36.81 33.67
C VAL L 228 -24.35 -36.55 33.02
N GLU L 229 -24.60 -35.32 32.59
CA GLU L 229 -25.89 -34.91 31.97
C GLU L 229 -26.22 -35.81 30.78
N GLU L 230 -25.22 -36.06 29.94
CA GLU L 230 -25.39 -36.80 28.67
C GLU L 230 -25.97 -38.15 29.01
N ALA L 231 -25.46 -38.79 30.06
CA ALA L 231 -25.84 -40.17 30.42
C ALA L 231 -27.26 -40.15 31.00
N LEU L 232 -27.55 -39.21 31.89
CA LEU L 232 -28.89 -39.11 32.50
C LEU L 232 -29.97 -39.11 31.41
N ALA L 233 -29.62 -38.44 30.31
CA ALA L 233 -30.43 -38.36 29.08
C ALA L 233 -30.64 -39.76 28.49
N GLU L 234 -29.54 -40.47 28.26
CA GLU L 234 -29.55 -41.83 27.66
C GLU L 234 -30.48 -42.72 28.48
N LEU L 235 -30.26 -42.73 29.80
CA LEU L 235 -30.91 -43.66 30.74
C LEU L 235 -32.43 -43.57 30.64
N ALA L 236 -33.01 -42.36 30.65
CA ALA L 236 -34.43 -42.02 30.34
C ALA L 236 -35.26 -43.22 29.83
N GLU L 237 -34.99 -43.71 28.61
CA GLU L 237 -35.60 -44.94 28.01
C GLU L 237 -35.49 -46.10 29.00
N SER L 238 -34.24 -46.59 29.22
CA SER L 238 -33.83 -47.67 30.18
C SER L 238 -34.68 -47.57 31.47
N ALA L 239 -34.99 -46.37 31.92
CA ALA L 239 -35.49 -46.08 33.28
C ALA L 239 -37.03 -46.11 33.31
N ALA L 240 -37.67 -45.80 32.19
CA ALA L 240 -39.12 -46.02 32.06
C ALA L 240 -39.40 -47.52 32.11
N GLN L 241 -38.61 -48.22 31.30
CA GLN L 241 -38.68 -49.68 31.10
C GLN L 241 -38.54 -50.41 32.44
N PHE L 242 -37.65 -49.98 33.33
CA PHE L 242 -37.24 -50.76 34.53
C PHE L 242 -37.18 -49.84 35.74
N PRO L 243 -38.19 -49.89 36.61
CA PRO L 243 -38.10 -49.28 37.92
C PRO L 243 -36.74 -49.44 38.60
N GLU L 244 -36.06 -50.57 38.40
CA GLU L 244 -34.72 -50.81 39.04
C GLU L 244 -33.70 -49.77 38.52
N VAL L 245 -33.72 -49.48 37.22
CA VAL L 245 -32.79 -48.52 36.55
C VAL L 245 -33.18 -47.13 37.04
N ALA L 246 -34.49 -46.88 37.08
CA ALA L 246 -35.09 -45.61 37.48
C ALA L 246 -34.35 -45.09 38.71
N VAL L 247 -34.32 -45.92 39.75
CA VAL L 247 -33.58 -45.73 41.03
C VAL L 247 -32.16 -45.23 40.80
N PHE L 248 -31.44 -45.92 39.90
CA PHE L 248 -30.04 -45.64 39.57
C PHE L 248 -29.97 -44.27 38.90
N ARG L 249 -30.79 -44.00 37.88
CA ARG L 249 -30.86 -42.65 37.28
C ARG L 249 -31.15 -41.64 38.40
N ASP L 250 -32.21 -41.85 39.16
CA ASP L 250 -32.64 -40.96 40.27
C ASP L 250 -31.46 -40.73 41.23
N SER L 251 -30.67 -41.75 41.61
CA SER L 251 -29.51 -41.48 42.50
C SER L 251 -28.62 -40.42 41.82
N ILE L 252 -28.21 -40.69 40.58
CA ILE L 252 -27.24 -39.83 39.85
C ILE L 252 -27.82 -38.43 39.66
N GLN L 253 -29.10 -38.36 39.33
CA GLN L 253 -29.83 -37.08 39.22
C GLN L 253 -29.37 -36.14 40.32
N SER L 254 -29.96 -36.31 41.52
CA SER L 254 -29.92 -35.30 42.59
C SER L 254 -28.63 -35.54 43.36
N ALA L 255 -27.55 -35.62 42.60
CA ALA L 255 -26.17 -35.45 43.05
C ALA L 255 -25.55 -34.26 42.30
N THR L 256 -25.90 -34.08 41.02
CA THR L 256 -25.33 -33.04 40.13
C THR L 256 -26.44 -32.06 39.78
N ARG L 257 -26.52 -30.83 40.32
CA ARG L 257 -27.41 -29.85 39.65
C ARG L 257 -26.55 -28.94 38.76
N GLY L 258 -25.26 -28.78 39.07
CA GLY L 258 -24.35 -27.83 38.40
C GLY L 258 -24.83 -26.38 38.40
N ILE L 259 -24.14 -25.51 37.65
CA ILE L 259 -24.42 -24.04 37.56
C ILE L 259 -24.74 -23.70 36.11
N THR L 260 -25.29 -22.52 35.85
CA THR L 260 -25.41 -21.96 34.49
C THR L 260 -24.01 -21.76 33.94
N ARG L 261 -23.62 -22.47 32.88
CA ARG L 261 -22.46 -22.11 32.00
C ARG L 261 -23.00 -21.11 31.00
N MET M 4 64.14 -4.15 87.77
CA MET M 4 65.45 -4.11 88.42
C MET M 4 66.24 -5.45 88.29
N SER M 5 65.77 -6.56 87.57
CA SER M 5 66.46 -7.89 87.44
C SER M 5 65.75 -8.92 86.49
N LEU M 6 66.52 -9.46 85.56
CA LEU M 6 66.24 -10.01 84.19
C LEU M 6 65.14 -11.04 84.14
N ILE M 7 65.33 -12.11 84.92
CA ILE M 7 64.42 -13.27 85.04
C ILE M 7 63.42 -12.93 86.15
N ASP M 8 62.17 -12.68 85.78
CA ASP M 8 61.05 -12.35 86.70
C ASP M 8 61.00 -13.37 87.83
N PRO M 9 60.73 -12.96 89.08
CA PRO M 9 60.63 -13.93 90.15
C PRO M 9 59.35 -14.78 90.02
N ARG M 10 58.28 -14.32 89.36
CA ARG M 10 57.02 -15.12 89.31
C ARG M 10 57.13 -16.20 88.23
N ALA M 11 58.23 -16.24 87.49
CA ALA M 11 58.50 -17.26 86.46
C ALA M 11 59.09 -18.49 87.14
N ILE M 12 58.92 -19.66 86.54
CA ILE M 12 59.47 -20.95 87.04
C ILE M 12 60.58 -21.39 86.12
N ILE M 13 61.76 -21.62 86.68
CA ILE M 13 62.93 -22.15 85.93
C ILE M 13 63.36 -23.46 86.57
N ASP M 14 63.36 -24.54 85.79
CA ASP M 14 63.89 -25.84 86.26
C ASP M 14 65.35 -25.67 86.64
N PRO M 15 65.83 -26.34 87.71
CA PRO M 15 67.27 -26.34 88.01
C PRO M 15 68.06 -26.90 86.81
N SER M 16 67.50 -27.87 86.10
CA SER M 16 68.19 -28.54 84.97
C SER M 16 68.30 -27.60 83.76
N ALA M 17 67.44 -26.59 83.61
CA ALA M 17 67.46 -25.63 82.47
C ALA M 17 68.74 -24.82 82.54
N ARG M 18 69.18 -24.20 81.44
CA ARG M 18 70.45 -23.43 81.47
C ARG M 18 70.39 -22.31 80.43
N LEU M 19 70.56 -21.05 80.87
CA LEU M 19 70.24 -19.73 80.23
C LEU M 19 71.46 -18.80 80.21
N ALA M 20 71.95 -18.34 79.05
CA ALA M 20 73.07 -17.36 78.95
C ALA M 20 72.75 -16.10 79.77
N ALA M 21 73.78 -15.31 80.13
CA ALA M 21 73.74 -14.27 81.18
C ALA M 21 72.51 -13.33 81.04
N ASP M 22 72.38 -12.67 79.89
CA ASP M 22 71.47 -11.51 79.65
C ASP M 22 70.14 -12.01 79.01
N VAL M 23 69.79 -13.26 79.21
CA VAL M 23 68.43 -13.76 78.90
C VAL M 23 67.46 -13.14 79.88
N GLN M 24 66.27 -12.82 79.39
CA GLN M 24 65.12 -12.41 80.25
C GLN M 24 63.97 -13.39 80.13
N VAL M 25 63.20 -13.49 81.20
CA VAL M 25 61.94 -14.29 81.25
C VAL M 25 60.87 -13.44 81.96
N GLY M 26 59.76 -13.17 81.26
CA GLY M 26 58.58 -12.46 81.80
C GLY M 26 57.96 -13.30 82.90
N PRO M 27 56.95 -12.75 83.64
CA PRO M 27 56.30 -13.52 84.70
C PRO M 27 55.44 -14.69 84.22
N TRP M 28 55.30 -15.75 85.04
CA TRP M 28 54.33 -16.85 84.83
C TRP M 28 54.76 -17.71 83.64
N SER M 29 55.96 -17.48 83.16
CA SER M 29 56.55 -18.30 82.10
C SER M 29 57.27 -19.46 82.80
N ILE M 30 57.26 -20.62 82.19
CA ILE M 30 57.90 -21.87 82.70
C ILE M 30 59.00 -22.24 81.73
N VAL M 31 60.18 -22.45 82.24
CA VAL M 31 61.34 -22.97 81.45
C VAL M 31 61.60 -24.41 81.95
N GLY M 32 60.84 -25.38 81.40
CA GLY M 32 60.86 -26.82 81.75
C GLY M 32 62.29 -27.34 81.84
N ALA M 33 62.48 -28.56 82.32
CA ALA M 33 63.84 -29.14 82.41
C ALA M 33 64.43 -29.22 81.01
N GLU M 34 65.76 -29.29 80.89
CA GLU M 34 66.49 -29.62 79.64
C GLU M 34 66.31 -28.51 78.61
N VAL M 35 65.86 -27.34 79.02
CA VAL M 35 65.69 -26.20 78.07
C VAL M 35 66.93 -25.31 78.18
N GLU M 36 67.54 -25.03 77.04
CA GLU M 36 68.77 -24.24 76.89
C GLU M 36 68.39 -22.97 76.15
N ILE M 37 68.72 -21.79 76.66
CA ILE M 37 68.34 -20.50 76.00
C ILE M 37 69.60 -19.65 75.78
N GLY M 38 69.90 -19.32 74.53
CA GLY M 38 71.13 -18.62 74.11
C GLY M 38 71.10 -17.15 74.49
N GLU M 39 72.27 -16.52 74.44
CA GLU M 39 72.53 -15.09 74.74
C GLU M 39 71.43 -14.15 74.18
N GLY M 40 70.97 -13.17 74.98
CA GLY M 40 70.17 -12.00 74.52
C GLY M 40 68.75 -12.34 74.10
N THR M 41 68.32 -13.58 74.31
CA THR M 41 66.93 -14.03 74.02
C THR M 41 66.02 -13.41 75.07
N VAL M 42 64.75 -13.23 74.70
CA VAL M 42 63.69 -12.67 75.58
C VAL M 42 62.49 -13.63 75.57
N ILE M 43 62.10 -14.11 76.75
CA ILE M 43 60.85 -14.90 76.88
C ILE M 43 59.80 -13.98 77.48
N GLY M 44 58.68 -13.77 76.78
CA GLY M 44 57.59 -12.91 77.28
C GLY M 44 56.94 -13.51 78.53
N PRO M 45 55.86 -12.91 79.07
CA PRO M 45 55.04 -13.54 80.08
C PRO M 45 54.23 -14.76 79.58
N HIS M 46 53.57 -15.47 80.49
CA HIS M 46 52.82 -16.74 80.23
C HIS M 46 53.38 -17.53 79.03
N VAL M 47 54.66 -17.86 79.04
CA VAL M 47 55.21 -18.82 78.03
C VAL M 47 55.42 -20.15 78.73
N VAL M 48 55.45 -21.21 77.93
CA VAL M 48 55.73 -22.60 78.37
C VAL M 48 56.79 -23.15 77.44
N LEU M 49 58.01 -23.35 77.94
CA LEU M 49 59.08 -24.11 77.27
C LEU M 49 59.18 -25.50 77.93
N LYS M 50 59.34 -26.52 77.11
CA LYS M 50 59.60 -27.90 77.57
C LYS M 50 60.75 -28.40 76.72
N GLY M 51 61.53 -29.35 77.23
CA GLY M 51 62.77 -29.85 76.60
C GLY M 51 62.67 -31.32 76.23
N PRO M 52 63.74 -31.98 75.76
CA PRO M 52 65.02 -31.33 75.50
C PRO M 52 64.92 -30.35 74.33
N THR M 53 65.19 -29.08 74.58
CA THR M 53 65.01 -27.98 73.61
C THR M 53 66.20 -27.05 73.70
N LYS M 54 66.67 -26.58 72.58
CA LYS M 54 67.87 -25.72 72.48
C LYS M 54 67.42 -24.46 71.72
N ILE M 55 67.39 -23.31 72.37
CA ILE M 55 66.97 -22.02 71.75
C ILE M 55 68.20 -21.11 71.61
N GLY M 56 68.50 -20.67 70.40
CA GLY M 56 69.69 -19.87 70.08
C GLY M 56 69.63 -18.48 70.68
N LYS M 57 70.26 -17.51 70.02
CA LYS M 57 70.59 -16.16 70.55
C LYS M 57 69.61 -15.13 70.01
N HIS M 58 69.39 -14.05 70.74
CA HIS M 58 68.55 -12.89 70.31
C HIS M 58 67.21 -13.38 69.71
N ASN M 59 66.47 -14.27 70.37
CA ASN M 59 65.09 -14.64 69.96
C ASN M 59 64.12 -13.86 70.84
N ARG M 60 62.93 -13.54 70.34
CA ARG M 60 61.83 -12.83 71.04
C ARG M 60 60.70 -13.87 70.92
N ILE M 61 60.26 -14.49 72.04
CA ILE M 61 59.08 -15.43 72.10
C ILE M 61 57.96 -14.83 72.96
N TYR M 62 56.73 -14.81 72.46
CA TYR M 62 55.60 -14.10 73.12
C TYR M 62 54.70 -15.05 73.89
N GLN M 63 53.73 -14.46 74.60
CA GLN M 63 52.76 -15.09 75.53
C GLN M 63 51.97 -16.23 74.86
N PHE M 64 51.51 -17.23 75.62
CA PHE M 64 50.51 -18.28 75.23
C PHE M 64 51.13 -19.31 74.25
N SER M 65 52.45 -19.13 74.04
CA SER M 65 53.29 -20.00 73.19
C SER M 65 53.69 -21.21 74.01
N SER M 66 53.54 -22.39 73.42
CA SER M 66 53.85 -23.70 74.04
C SER M 66 54.91 -24.32 73.14
N VAL M 67 56.17 -23.96 73.40
CA VAL M 67 57.37 -24.30 72.57
C VAL M 67 58.15 -25.45 73.19
N GLY M 68 58.16 -26.58 72.49
CA GLY M 68 58.88 -27.81 72.86
C GLY M 68 57.99 -28.80 73.58
N GLU M 69 56.67 -28.79 73.33
CA GLU M 69 55.73 -29.80 73.88
C GLU M 69 55.84 -31.07 73.02
N ASP M 70 55.35 -32.24 73.50
CA ASP M 70 55.43 -33.54 72.75
C ASP M 70 54.41 -33.48 71.60
N THR M 71 54.59 -34.14 70.45
CA THR M 71 53.43 -34.03 69.50
C THR M 71 52.31 -34.89 70.06
N PRO M 72 51.01 -34.52 69.90
CA PRO M 72 49.93 -35.31 70.48
C PRO M 72 49.71 -36.63 69.73
N ASP M 73 50.06 -36.65 68.41
CA ASP M 73 50.05 -37.77 67.41
C ASP M 73 50.42 -39.06 68.14
N LEU M 74 49.68 -40.15 67.97
CA LEU M 74 49.82 -41.32 68.90
C LEU M 74 51.08 -42.13 68.56
N LYS M 75 51.47 -42.03 67.29
CA LYS M 75 52.79 -42.39 66.72
C LYS M 75 53.87 -42.26 67.81
N TYR M 76 54.07 -41.06 68.33
CA TYR M 76 55.09 -40.74 69.37
C TYR M 76 54.65 -41.31 70.70
N LYS M 77 55.42 -42.21 71.30
CA LYS M 77 55.11 -42.70 72.66
C LYS M 77 56.15 -42.23 73.66
N GLY M 78 56.51 -40.95 73.64
CA GLY M 78 57.29 -40.32 74.73
C GLY M 78 58.79 -40.52 74.63
N GLU M 79 59.30 -41.15 73.57
CA GLU M 79 60.76 -41.34 73.35
C GLU M 79 61.38 -39.94 73.47
N PRO M 80 62.69 -39.77 73.78
CA PRO M 80 63.14 -38.58 74.48
C PRO M 80 63.69 -37.56 73.47
N THR M 81 62.89 -37.11 72.48
CA THR M 81 63.31 -36.39 71.24
C THR M 81 63.56 -34.89 71.48
N ARG M 82 64.03 -34.16 70.46
CA ARG M 82 64.57 -32.79 70.63
C ARG M 82 63.84 -31.81 69.70
N LEU M 83 63.86 -30.53 70.13
CA LEU M 83 63.60 -29.29 69.36
C LEU M 83 64.84 -28.41 69.41
N VAL M 84 65.14 -27.77 68.28
CA VAL M 84 66.29 -26.84 68.11
C VAL M 84 65.80 -25.60 67.37
N ILE M 85 66.08 -24.43 67.93
CA ILE M 85 65.77 -23.10 67.32
C ILE M 85 67.07 -22.30 67.22
N GLY M 86 67.35 -21.78 66.03
CA GLY M 86 68.53 -20.92 65.79
C GLY M 86 68.39 -19.55 66.45
N ASP M 87 68.90 -18.53 65.79
CA ASP M 87 69.14 -17.16 66.33
C ASP M 87 68.18 -16.17 65.65
N HIS M 88 68.01 -14.98 66.22
CA HIS M 88 67.22 -13.83 65.66
C HIS M 88 65.86 -14.31 65.15
N ASN M 89 65.17 -15.22 65.84
CA ASN M 89 63.82 -15.65 65.44
C ASN M 89 62.81 -14.88 66.27
N VAL M 90 61.62 -14.68 65.70
CA VAL M 90 60.43 -14.16 66.42
C VAL M 90 59.28 -15.17 66.38
N ILE M 91 58.81 -15.49 67.56
CA ILE M 91 57.68 -16.41 67.75
C ILE M 91 56.57 -15.63 68.46
N ARG M 92 55.55 -15.27 67.70
CA ARG M 92 54.44 -14.39 68.15
C ARG M 92 53.50 -15.16 69.09
N GLU M 93 52.42 -14.48 69.46
CA GLU M 93 51.50 -14.92 70.53
C GLU M 93 50.85 -16.26 70.13
N GLY M 94 50.98 -17.30 70.94
CA GLY M 94 50.13 -18.51 70.89
C GLY M 94 50.68 -19.59 69.99
N VAL M 95 51.91 -19.43 69.57
CA VAL M 95 52.52 -20.42 68.66
C VAL M 95 52.78 -21.71 69.43
N THR M 96 52.59 -22.83 68.74
CA THR M 96 52.93 -24.18 69.23
C THR M 96 54.04 -24.74 68.36
N ILE M 97 55.08 -25.25 69.00
CA ILE M 97 56.18 -25.98 68.31
C ILE M 97 56.40 -27.29 69.05
N HIS M 98 56.32 -28.42 68.36
CA HIS M 98 56.37 -29.77 68.94
C HIS M 98 57.74 -30.40 68.65
N ARG M 99 58.29 -31.15 69.59
CA ARG M 99 59.57 -31.85 69.33
C ARG M 99 59.25 -33.10 68.51
N GLY M 100 60.28 -33.48 67.74
CA GLY M 100 60.38 -34.66 66.87
C GLY M 100 59.82 -35.92 67.48
N THR M 101 59.89 -36.98 66.68
CA THR M 101 59.48 -38.38 66.92
C THR M 101 60.68 -39.21 66.53
N VAL M 102 60.96 -40.35 67.16
CA VAL M 102 62.12 -41.19 66.73
C VAL M 102 61.88 -41.72 65.32
N GLN M 103 60.63 -41.94 64.93
CA GLN M 103 60.21 -42.47 63.59
C GLN M 103 60.93 -41.70 62.47
N ASP M 104 61.06 -40.37 62.48
CA ASP M 104 61.74 -39.58 61.40
C ASP M 104 63.12 -39.19 61.94
N ARG M 105 63.51 -37.92 62.06
CA ARG M 105 64.92 -37.64 62.42
C ARG M 105 65.04 -37.31 63.91
N ALA M 106 63.96 -37.44 64.67
CA ALA M 106 63.99 -37.32 66.15
C ALA M 106 64.22 -35.86 66.54
N GLU M 107 64.03 -34.93 65.60
CA GLU M 107 64.25 -33.51 65.89
C GLU M 107 63.41 -32.67 64.92
N THR M 108 62.71 -31.71 65.54
CA THR M 108 62.07 -30.51 64.97
C THR M 108 63.10 -29.39 64.99
N THR M 109 63.26 -28.64 63.91
CA THR M 109 64.42 -27.73 63.71
C THR M 109 64.04 -26.41 63.06
N ILE M 110 64.47 -25.30 63.64
CA ILE M 110 64.23 -23.95 63.08
C ILE M 110 65.57 -23.22 63.00
N GLY M 111 65.81 -22.58 61.85
CA GLY M 111 67.06 -21.85 61.54
C GLY M 111 67.05 -20.47 62.14
N ASP M 112 67.50 -19.46 61.40
CA ASP M 112 67.72 -18.07 61.89
C ASP M 112 66.74 -17.11 61.22
N HIS M 113 66.48 -15.92 61.80
CA HIS M 113 65.81 -14.75 61.17
C HIS M 113 64.37 -15.06 60.72
N ASN M 114 63.75 -16.11 61.27
CA ASN M 114 62.36 -16.49 60.92
C ASN M 114 61.36 -15.73 61.76
N LEU M 115 60.24 -15.38 61.12
CA LEU M 115 59.07 -14.71 61.73
C LEU M 115 57.91 -15.67 61.71
N ILE M 116 57.50 -16.14 62.87
CA ILE M 116 56.38 -17.10 63.00
C ILE M 116 55.29 -16.38 63.78
N MET M 117 54.19 -16.05 63.11
CA MET M 117 53.18 -15.16 63.69
C MET M 117 52.15 -15.97 64.47
N ALA M 118 51.17 -15.25 65.00
CA ALA M 118 50.28 -15.75 66.05
C ALA M 118 49.58 -17.08 65.69
N TYR M 119 49.43 -17.96 66.68
CA TYR M 119 48.54 -19.16 66.65
C TYR M 119 49.07 -20.14 65.56
N ALA M 120 50.26 -19.89 64.98
CA ALA M 120 50.88 -20.83 64.02
C ALA M 120 51.23 -22.12 64.75
N HIS M 121 51.31 -23.21 63.99
CA HIS M 121 51.68 -24.54 64.52
C HIS M 121 52.82 -25.11 63.68
N ILE M 122 53.81 -25.71 64.33
CA ILE M 122 54.97 -26.35 63.67
C ILE M 122 55.14 -27.77 64.21
N GLY M 123 54.48 -28.75 63.61
CA GLY M 123 54.29 -30.13 64.11
C GLY M 123 55.60 -30.90 64.16
N HIS M 124 55.57 -32.05 64.83
CA HIS M 124 56.74 -32.95 65.03
C HIS M 124 57.59 -33.01 63.78
N ASP M 125 58.90 -32.78 63.91
CA ASP M 125 59.91 -33.16 62.87
C ASP M 125 59.94 -32.18 61.71
N SER M 126 59.12 -31.13 61.76
CA SER M 126 59.16 -30.09 60.72
C SER M 126 60.54 -29.43 60.80
N VAL M 127 60.94 -28.74 59.74
CA VAL M 127 62.31 -28.17 59.61
C VAL M 127 62.26 -26.85 58.84
N ILE M 128 62.63 -25.76 59.49
CA ILE M 128 62.54 -24.42 58.87
C ILE M 128 63.94 -23.83 58.74
N GLY M 129 64.17 -23.23 57.57
CA GLY M 129 65.45 -22.60 57.18
C GLY M 129 65.59 -21.23 57.81
N ASN M 130 65.79 -20.19 57.01
CA ASN M 130 66.07 -18.81 57.47
C ASN M 130 65.18 -17.79 56.75
N HIS M 131 64.92 -16.65 57.39
CA HIS M 131 64.18 -15.51 56.81
C HIS M 131 62.83 -15.99 56.27
N CYS M 132 62.27 -17.04 56.84
CA CYS M 132 60.92 -17.51 56.47
C CYS M 132 59.89 -16.66 57.22
N ILE M 133 58.71 -16.50 56.64
CA ILE M 133 57.54 -15.94 57.36
C ILE M 133 56.39 -16.94 57.30
N LEU M 134 55.98 -17.41 58.47
CA LEU M 134 54.73 -18.18 58.65
C LEU M 134 53.73 -17.23 59.27
N VAL M 135 52.72 -16.84 58.50
CA VAL M 135 51.70 -15.88 58.98
C VAL M 135 50.71 -16.59 59.89
N ASN M 136 49.87 -15.81 60.59
CA ASN M 136 48.86 -16.27 61.58
C ASN M 136 48.28 -17.66 61.18
N ASN M 137 48.34 -18.63 62.09
CA ASN M 137 47.57 -19.90 62.04
C ASN M 137 48.04 -20.83 60.92
N THR M 138 49.09 -20.45 60.20
CA THR M 138 49.86 -21.39 59.39
C THR M 138 50.13 -22.64 60.24
N ALA M 139 50.06 -23.79 59.59
CA ALA M 139 50.08 -25.10 60.27
C ALA M 139 50.84 -26.12 59.42
N LEU M 140 51.91 -26.65 59.98
CA LEU M 140 52.77 -27.70 59.36
C LEU M 140 52.46 -29.01 60.07
N ALA M 141 51.68 -29.89 59.45
CA ALA M 141 51.09 -31.07 60.10
C ALA M 141 52.17 -31.92 60.76
N GLY M 142 53.29 -32.07 60.05
CA GLY M 142 54.47 -32.82 60.52
C GLY M 142 55.44 -33.13 59.41
N HIS M 143 56.72 -33.23 59.77
CA HIS M 143 57.88 -33.56 58.89
C HIS M 143 57.87 -32.66 57.67
N VAL M 144 57.38 -31.43 57.81
CA VAL M 144 57.36 -30.44 56.70
C VAL M 144 58.71 -29.74 56.70
N HIS M 145 59.36 -29.66 55.53
CA HIS M 145 60.59 -28.86 55.33
C HIS M 145 60.22 -27.58 54.57
N VAL M 146 60.52 -26.43 55.17
CA VAL M 146 60.34 -25.07 54.61
C VAL M 146 61.73 -24.50 54.38
N ASP M 147 62.15 -24.42 53.12
CA ASP M 147 63.45 -23.84 52.70
C ASP M 147 63.36 -22.32 52.81
N ASP M 148 64.46 -21.60 52.60
CA ASP M 148 64.66 -20.19 53.06
C ASP M 148 63.76 -19.20 52.32
N TRP M 149 63.41 -18.10 52.97
CA TRP M 149 62.71 -16.93 52.36
C TRP M 149 61.25 -17.25 52.05
N ALA M 150 60.83 -18.48 52.28
CA ALA M 150 59.46 -18.89 51.97
C ALA M 150 58.54 -18.02 52.80
N ILE M 151 57.37 -17.76 52.25
CA ILE M 151 56.29 -17.02 52.92
C ILE M 151 55.03 -17.85 52.78
N LEU M 152 54.47 -18.22 53.93
CA LEU M 152 53.15 -18.87 53.98
C LEU M 152 52.17 -17.84 54.54
N SER M 153 51.31 -17.31 53.67
CA SER M 153 50.20 -16.39 54.05
C SER M 153 49.36 -17.05 55.15
N GLY M 154 48.45 -16.30 55.76
CA GLY M 154 47.67 -16.73 56.93
C GLY M 154 46.87 -17.99 56.66
N TYR M 155 46.76 -18.86 57.67
CA TYR M 155 45.86 -20.04 57.63
C TYR M 155 46.23 -20.93 56.43
N THR M 156 47.53 -20.99 56.15
CA THR M 156 48.12 -21.94 55.18
C THR M 156 48.32 -23.28 55.87
N LEU M 157 47.83 -24.36 55.26
CA LEU M 157 47.85 -25.71 55.85
C LEU M 157 48.71 -26.60 54.98
N VAL M 158 49.61 -27.39 55.59
CA VAL M 158 50.66 -28.13 54.84
C VAL M 158 50.72 -29.58 55.32
N HIS M 159 50.36 -30.54 54.45
CA HIS M 159 50.03 -31.94 54.82
C HIS M 159 51.38 -32.63 55.16
N GLN M 160 51.33 -33.64 56.06
CA GLN M 160 52.48 -34.45 56.54
C GLN M 160 53.49 -34.43 55.37
N TYR M 161 54.78 -34.15 55.60
CA TYR M 161 55.92 -34.50 54.68
C TYR M 161 56.11 -33.60 53.45
N CYS M 162 55.32 -32.56 53.26
CA CYS M 162 55.49 -31.68 52.06
C CYS M 162 56.74 -30.82 52.20
N ARG M 163 57.37 -30.48 51.08
CA ARG M 163 58.53 -29.56 51.01
C ARG M 163 58.06 -28.25 50.38
N ILE M 164 58.20 -27.16 51.11
CA ILE M 164 57.98 -25.78 50.60
C ILE M 164 59.35 -25.27 50.17
N GLY M 165 59.65 -25.31 48.87
CA GLY M 165 60.92 -24.79 48.30
C GLY M 165 61.10 -23.29 48.59
N ALA M 166 62.32 -22.81 48.42
CA ALA M 166 62.75 -21.46 48.81
C ALA M 166 62.11 -20.34 48.00
N HIS M 167 61.82 -19.21 48.64
CA HIS M 167 61.15 -18.00 48.07
C HIS M 167 59.75 -18.32 47.63
N SER M 168 59.31 -19.56 47.82
CA SER M 168 57.94 -19.95 47.46
C SER M 168 56.99 -19.12 48.31
N PHE M 169 55.74 -19.11 47.91
CA PHE M 169 54.68 -18.27 48.50
C PHE M 169 53.34 -18.98 48.40
N SER M 170 52.72 -19.24 49.55
CA SER M 170 51.31 -19.67 49.62
C SER M 170 50.42 -18.47 49.91
N GLY M 171 49.28 -18.38 49.25
CA GLY M 171 48.25 -17.35 49.54
C GLY M 171 47.45 -17.75 50.78
N MET M 172 46.55 -16.90 51.25
CA MET M 172 45.81 -17.17 52.52
C MET M 172 44.85 -18.33 52.26
N GLY M 173 44.59 -19.12 53.30
CA GLY M 173 43.75 -20.34 53.26
C GLY M 173 44.22 -21.37 52.24
N SER M 174 45.47 -21.33 51.80
CA SER M 174 46.05 -22.38 50.93
C SER M 174 46.08 -23.72 51.69
N ALA M 175 45.79 -24.81 50.98
CA ALA M 175 45.73 -26.18 51.52
C ALA M 175 46.70 -27.07 50.75
N ILE M 176 47.95 -27.05 51.17
CA ILE M 176 49.09 -27.59 50.38
C ILE M 176 49.23 -29.09 50.66
N GLY M 177 48.85 -29.94 49.70
CA GLY M 177 48.85 -31.40 49.82
C GLY M 177 50.10 -32.04 49.21
N LYS M 178 50.93 -31.26 48.54
CA LYS M 178 52.12 -31.74 47.79
C LYS M 178 53.15 -30.64 47.70
N ASP M 179 54.38 -30.99 47.32
CA ASP M 179 55.52 -30.05 47.33
C ASP M 179 55.21 -28.76 46.59
N VAL M 180 55.72 -27.65 47.10
CA VAL M 180 55.74 -26.33 46.40
C VAL M 180 57.17 -26.04 45.96
N PRO M 181 57.41 -25.99 44.65
CA PRO M 181 58.75 -25.71 44.13
C PRO M 181 59.25 -24.33 44.56
N ALA M 182 60.56 -24.16 44.61
CA ALA M 182 61.19 -22.85 44.84
C ALA M 182 60.49 -21.79 44.01
N TYR M 183 60.23 -20.62 44.59
CA TYR M 183 59.77 -19.38 43.90
C TYR M 183 58.29 -19.43 43.52
N VAL M 184 57.62 -20.58 43.63
CA VAL M 184 56.26 -20.74 43.05
C VAL M 184 55.23 -20.10 44.00
N THR M 185 54.23 -19.42 43.43
CA THR M 185 53.04 -18.91 44.17
C THR M 185 51.95 -19.98 44.03
N VAL M 186 51.36 -20.41 45.15
CA VAL M 186 50.24 -21.38 45.15
C VAL M 186 49.08 -20.80 45.95
N PHE M 187 47.85 -21.14 45.57
CA PHE M 187 46.63 -20.54 46.14
C PHE M 187 45.52 -21.58 46.24
N GLY M 188 44.78 -21.57 47.35
CA GLY M 188 43.44 -22.16 47.44
C GLY M 188 43.44 -23.59 47.97
N ASN M 189 42.24 -24.19 47.97
CA ASN M 189 41.98 -25.53 48.58
C ASN M 189 41.32 -26.42 47.55
N PRO M 190 42.10 -27.31 46.92
CA PRO M 190 43.47 -27.56 47.32
C PRO M 190 44.40 -26.62 46.56
N ALA M 191 45.54 -26.26 47.16
CA ALA M 191 46.59 -25.41 46.57
C ALA M 191 46.80 -25.78 45.11
N GLU M 192 46.78 -24.81 44.18
CA GLU M 192 47.32 -24.95 42.80
C GLU M 192 48.44 -23.93 42.60
N ALA M 193 49.31 -24.16 41.62
CA ALA M 193 50.38 -23.22 41.19
C ALA M 193 49.70 -22.09 40.43
N ARG M 194 50.20 -20.86 40.51
CA ARG M 194 49.69 -19.72 39.69
C ARG M 194 50.86 -19.09 38.92
N SER M 195 51.82 -18.51 39.62
CA SER M 195 52.98 -17.80 39.05
C SER M 195 54.23 -18.18 39.82
N MET M 196 55.30 -17.46 39.55
CA MET M 196 56.46 -17.38 40.45
C MET M 196 56.36 -16.05 41.18
N ASN M 197 57.12 -15.96 42.28
CA ASN M 197 57.03 -14.89 43.28
C ASN M 197 58.03 -13.83 42.89
N PHE M 198 57.70 -13.07 41.86
CA PHE M 198 58.63 -12.05 41.29
C PHE M 198 58.88 -11.06 42.41
N GLU M 199 57.84 -10.80 43.21
CA GLU M 199 57.93 -9.92 44.38
C GLU M 199 59.29 -10.20 45.08
N GLY M 200 59.36 -11.28 45.85
CA GLY M 200 60.47 -11.59 46.75
C GLY M 200 61.75 -11.92 45.97
N MET M 201 61.69 -11.91 44.63
CA MET M 201 62.86 -11.96 43.73
C MET M 201 63.43 -10.56 43.58
N ARG M 202 62.57 -9.54 43.35
CA ARG M 202 63.04 -8.13 43.29
C ARG M 202 63.63 -7.87 44.66
N ARG M 203 62.95 -8.29 45.74
CA ARG M 203 63.41 -8.10 47.14
C ARG M 203 64.83 -8.67 47.29
N ARG M 204 65.14 -9.83 46.74
CA ARG M 204 66.53 -10.39 46.83
C ARG M 204 67.48 -9.71 45.86
N GLY M 205 67.00 -8.79 45.03
CA GLY M 205 67.81 -8.08 44.02
C GLY M 205 68.33 -9.00 42.93
N PHE M 206 67.60 -10.06 42.60
CA PHE M 206 67.90 -10.97 41.47
C PHE M 206 68.12 -10.15 40.20
N SER M 207 68.99 -10.59 39.30
CA SER M 207 69.23 -9.93 37.99
C SER M 207 67.96 -10.06 37.17
N SER M 208 67.72 -9.18 36.20
CA SER M 208 66.51 -9.31 35.35
C SER M 208 66.62 -10.59 34.53
N GLU M 209 67.82 -10.96 34.03
CA GLU M 209 67.98 -12.21 33.22
C GLU M 209 67.45 -13.36 34.06
N ALA M 210 67.82 -13.37 35.34
CA ALA M 210 67.50 -14.48 36.28
C ALA M 210 66.00 -14.54 36.46
N ILE M 211 65.35 -13.39 36.66
CA ILE M 211 63.87 -13.34 36.78
C ILE M 211 63.27 -13.94 35.49
N HIS M 212 63.53 -13.33 34.32
CA HIS M 212 63.03 -13.82 33.01
C HIS M 212 63.27 -15.32 32.89
N ALA M 213 64.44 -15.79 33.27
CA ALA M 213 64.87 -17.22 33.14
C ALA M 213 63.99 -18.13 34.00
N LEU M 214 63.59 -17.60 35.15
CA LEU M 214 62.72 -18.27 36.14
C LEU M 214 61.29 -18.28 35.61
N ARG M 215 60.83 -17.20 34.99
CA ARG M 215 59.53 -17.23 34.28
C ARG M 215 59.63 -18.34 33.21
N ARG M 216 60.64 -18.32 32.33
CA ARG M 216 60.79 -19.36 31.27
C ARG M 216 60.61 -20.71 31.95
N ALA M 217 61.32 -20.91 33.06
CA ALA M 217 61.40 -22.20 33.78
C ALA M 217 60.00 -22.61 34.25
N TYR M 218 59.25 -21.70 34.85
CA TYR M 218 57.85 -21.95 35.29
C TYR M 218 57.08 -22.51 34.09
N LYS M 219 57.08 -21.70 33.03
CA LYS M 219 56.28 -21.90 31.79
C LYS M 219 56.53 -23.37 31.39
N VAL M 220 57.77 -23.83 31.47
CA VAL M 220 58.21 -25.17 30.99
C VAL M 220 57.46 -26.28 31.73
N VAL M 221 57.62 -26.24 33.04
CA VAL M 221 57.07 -27.24 33.99
C VAL M 221 55.57 -27.35 33.75
N TYR M 222 54.93 -26.20 33.96
CA TYR M 222 53.48 -26.02 34.19
C TYR M 222 52.76 -25.79 32.86
N ARG M 223 52.90 -24.58 32.32
CA ARG M 223 52.08 -24.12 31.18
C ARG M 223 52.57 -24.70 29.83
N GLN M 224 53.52 -25.62 29.71
CA GLN M 224 53.82 -26.24 28.37
C GLN M 224 53.31 -27.68 28.35
N GLY M 225 52.64 -28.09 29.44
CA GLY M 225 52.42 -29.50 29.84
C GLY M 225 53.49 -30.41 29.24
N HIS M 226 54.76 -30.14 29.48
CA HIS M 226 55.74 -31.24 29.45
C HIS M 226 55.33 -32.17 30.63
N THR M 227 55.73 -33.45 30.64
CA THR M 227 55.66 -34.29 31.89
C THR M 227 56.47 -33.59 32.99
N VAL M 228 56.54 -34.18 34.19
CA VAL M 228 57.50 -33.70 35.24
C VAL M 228 58.90 -33.99 34.73
N GLU M 229 59.20 -35.25 34.40
CA GLU M 229 60.54 -35.67 33.90
C GLU M 229 60.96 -34.84 32.69
N GLU M 230 60.02 -34.66 31.76
CA GLU M 230 60.28 -34.00 30.46
C GLU M 230 60.83 -32.61 30.76
N ALA M 231 60.22 -31.93 31.72
CA ALA M 231 60.57 -30.52 32.02
C ALA M 231 61.94 -30.48 32.71
N LEU M 232 62.16 -31.36 33.68
CA LEU M 232 63.46 -31.41 34.40
C LEU M 232 64.61 -31.46 33.39
N ALA M 233 64.36 -32.20 32.32
CA ALA M 233 65.27 -32.35 31.16
C ALA M 233 65.50 -30.98 30.51
N GLU M 234 64.43 -30.30 30.15
CA GLU M 234 64.48 -28.97 29.49
C GLU M 234 65.33 -28.01 30.32
N LEU M 235 65.00 -27.93 31.60
CA LEU M 235 65.57 -26.94 32.55
C LEU M 235 67.10 -27.02 32.57
N ALA M 236 67.67 -28.23 32.70
CA ALA M 236 69.11 -28.57 32.53
C ALA M 236 69.97 -27.41 32.03
N GLU M 237 69.81 -26.98 30.75
CA GLU M 237 70.48 -25.80 30.13
C GLU M 237 70.29 -24.58 31.04
N SER M 238 69.04 -24.08 31.11
CA SER M 238 68.55 -22.95 31.97
C SER M 238 69.29 -22.96 33.32
N ALA M 239 69.56 -24.13 33.88
CA ALA M 239 69.95 -24.33 35.30
C ALA M 239 71.47 -24.29 35.46
N ALA M 240 72.20 -24.66 34.41
CA ALA M 240 73.66 -24.45 34.39
C ALA M 240 73.92 -22.94 34.37
N GLN M 241 73.21 -22.31 33.45
CA GLN M 241 73.29 -20.86 33.16
C GLN M 241 73.04 -20.04 34.43
N PHE M 242 72.07 -20.42 35.27
CA PHE M 242 71.56 -19.57 36.38
C PHE M 242 71.40 -20.41 37.63
N PRO M 243 72.34 -20.30 38.58
CA PRO M 243 72.14 -20.82 39.92
C PRO M 243 70.71 -20.63 40.46
N GLU M 244 70.05 -19.51 40.14
CA GLU M 244 68.67 -19.25 40.62
C GLU M 244 67.70 -20.33 40.09
N VAL M 245 67.82 -20.70 38.81
CA VAL M 245 66.97 -21.71 38.13
C VAL M 245 67.32 -23.07 38.74
N ALA M 246 68.62 -23.30 38.91
CA ALA M 246 69.18 -24.54 39.46
C ALA M 246 68.34 -24.98 40.65
N VAL M 247 68.22 -24.08 41.62
CA VAL M 247 67.36 -24.19 42.83
C VAL M 247 65.95 -24.73 42.51
N PHE M 248 65.34 -24.11 41.51
CA PHE M 248 63.96 -24.43 41.06
C PHE M 248 63.96 -25.84 40.49
N ARG M 249 64.87 -26.16 39.56
CA ARG M 249 64.99 -27.56 39.06
C ARG M 249 65.18 -28.49 40.27
N ASP M 250 66.18 -28.21 41.11
CA ASP M 250 66.52 -29.03 42.30
C ASP M 250 65.26 -29.20 43.16
N SER M 251 64.43 -28.17 43.40
CA SER M 251 63.20 -28.39 44.20
C SER M 251 62.38 -29.51 43.52
N ILE M 252 62.08 -29.33 42.24
CA ILE M 252 61.18 -30.25 41.49
C ILE M 252 61.78 -31.65 41.45
N GLN M 253 63.08 -31.72 41.24
CA GLN M 253 63.82 -33.00 41.29
C GLN M 253 63.28 -33.87 42.43
N SER M 254 63.76 -33.61 43.64
CA SER M 254 63.65 -34.51 44.79
C SER M 254 62.29 -34.24 45.43
N ALA M 255 61.28 -34.21 44.57
CA ALA M 255 59.86 -34.36 44.92
C ALA M 255 59.29 -35.59 44.23
N THR M 256 59.77 -35.91 43.02
CA THR M 256 59.30 -37.05 42.19
C THR M 256 60.49 -38.01 42.07
N ARG M 257 60.53 -39.16 42.73
CA ARG M 257 61.45 -40.23 42.28
C ARG M 257 60.67 -41.21 41.40
N GLY M 258 59.33 -41.32 41.58
CA GLY M 258 58.48 -42.25 40.83
C GLY M 258 58.89 -43.71 41.05
N ILE M 259 58.26 -44.62 40.28
CA ILE M 259 58.51 -46.07 40.33
C ILE M 259 58.99 -46.52 38.95
N THR M 260 59.55 -47.72 38.84
CA THR M 260 59.78 -48.38 37.54
C THR M 260 58.44 -48.61 36.87
N ARG M 261 58.17 -47.94 35.76
CA ARG M 261 57.03 -48.29 34.91
C ARG M 261 57.54 -49.30 33.89
N MET N 4 33.79 -7.24 96.68
CA MET N 4 34.89 -6.33 97.20
C MET N 4 36.24 -7.10 97.08
N SER N 5 36.67 -7.09 95.79
CA SER N 5 37.95 -7.54 95.08
C SER N 5 38.62 -6.47 94.17
N LEU N 6 37.89 -5.58 93.52
CA LEU N 6 38.11 -5.07 92.06
C LEU N 6 39.33 -5.42 91.20
N ILE N 7 40.47 -4.73 91.33
CA ILE N 7 41.71 -5.03 90.60
C ILE N 7 42.51 -6.05 91.42
N ASP N 8 42.58 -7.27 90.93
CA ASP N 8 43.30 -8.41 91.59
C ASP N 8 44.69 -7.97 91.96
N PRO N 9 45.20 -8.36 93.15
CA PRO N 9 46.57 -8.02 93.49
C PRO N 9 47.57 -8.82 92.64
N ARG N 10 47.24 -9.98 92.09
CA ARG N 10 48.22 -10.78 91.32
C ARG N 10 48.40 -10.25 89.90
N ALA N 11 47.61 -9.23 89.54
CA ALA N 11 47.66 -8.57 88.23
C ALA N 11 48.74 -7.50 88.28
N ILE N 12 49.31 -7.14 87.13
CA ILE N 12 50.32 -6.05 87.02
C ILE N 12 49.69 -4.86 86.32
N ILE N 13 49.75 -3.70 86.96
CA ILE N 13 49.28 -2.42 86.38
C ILE N 13 50.43 -1.44 86.34
N ASP N 14 50.77 -0.97 85.14
CA ASP N 14 51.79 0.09 84.97
C ASP N 14 51.34 1.33 85.75
N PRO N 15 52.28 2.07 86.39
CA PRO N 15 51.92 3.35 87.00
C PRO N 15 51.33 4.31 85.95
N SER N 16 51.82 4.24 84.72
CA SER N 16 51.41 5.16 83.63
C SER N 16 49.97 4.82 83.16
N ALA N 17 49.48 3.59 83.34
CA ALA N 17 48.11 3.17 82.91
C ALA N 17 47.09 3.96 83.72
N ARG N 18 45.84 4.06 83.27
CA ARG N 18 44.83 4.83 84.03
C ARG N 18 43.43 4.27 83.75
N LEU N 19 42.73 3.87 84.85
CA LEU N 19 41.52 2.99 84.92
C LEU N 19 40.38 3.66 85.70
N ALA N 20 39.20 3.88 85.13
CA ALA N 20 38.03 4.44 85.86
C ALA N 20 37.72 3.59 87.11
N ALA N 21 36.99 4.15 88.08
CA ALA N 21 36.88 3.63 89.48
C ALA N 21 36.54 2.13 89.51
N ASP N 22 35.43 1.74 88.88
CA ASP N 22 34.78 0.40 89.04
C ASP N 22 35.23 -0.56 87.92
N VAL N 23 36.39 -0.32 87.34
CA VAL N 23 37.07 -1.31 86.45
C VAL N 23 37.54 -2.46 87.32
N GLN N 24 37.45 -3.66 86.76
CA GLN N 24 38.04 -4.88 87.32
C GLN N 24 39.12 -5.45 86.42
N VAL N 25 40.11 -6.08 87.06
CA VAL N 25 41.18 -6.84 86.37
C VAL N 25 41.38 -8.16 87.12
N GLY N 26 41.18 -9.29 86.42
CA GLY N 26 41.41 -10.64 86.94
C GLY N 26 42.88 -10.83 87.25
N PRO N 27 43.28 -11.95 87.90
CA PRO N 27 44.69 -12.19 88.21
C PRO N 27 45.58 -12.44 86.98
N TRP N 28 46.87 -12.10 87.07
CA TRP N 28 47.92 -12.48 86.08
C TRP N 28 47.70 -11.73 84.76
N SER N 29 46.80 -10.75 84.79
CA SER N 29 46.58 -9.88 83.63
C SER N 29 47.56 -8.72 83.78
N ILE N 30 48.05 -8.21 82.67
CA ILE N 30 49.01 -7.08 82.60
C ILE N 30 48.31 -5.93 81.91
N VAL N 31 48.31 -4.75 82.53
CA VAL N 31 47.83 -3.51 81.90
C VAL N 31 49.07 -2.63 81.63
N GLY N 32 49.73 -2.87 80.49
CA GLY N 32 50.96 -2.20 80.02
C GLY N 32 50.86 -0.69 80.20
N ALA N 33 51.96 0.05 80.00
CA ALA N 33 51.94 1.51 80.12
C ALA N 33 50.95 2.07 79.09
N GLU N 34 50.44 3.28 79.31
CA GLU N 34 49.68 4.07 78.29
C GLU N 34 48.34 3.41 77.98
N VAL N 35 47.90 2.48 78.81
CA VAL N 35 46.59 1.81 78.60
C VAL N 35 45.55 2.52 79.46
N GLU N 36 44.46 2.91 78.83
CA GLU N 36 43.36 3.68 79.45
C GLU N 36 42.13 2.79 79.40
N ILE N 37 41.45 2.56 80.53
CA ILE N 37 40.28 1.64 80.57
C ILE N 37 39.08 2.38 81.16
N GLY N 38 38.00 2.48 80.38
CA GLY N 38 36.79 3.26 80.73
C GLY N 38 35.96 2.58 81.80
N GLU N 39 35.05 3.35 82.39
CA GLU N 39 34.09 2.94 83.45
C GLU N 39 33.49 1.54 83.20
N GLY N 40 33.39 0.69 84.24
CA GLY N 40 32.58 -0.53 84.28
C GLY N 40 33.10 -1.67 83.40
N THR N 41 34.27 -1.50 82.80
CA THR N 41 34.92 -2.54 81.97
C THR N 41 35.43 -3.64 82.91
N VAL N 42 35.54 -4.85 82.38
CA VAL N 42 36.04 -6.05 83.10
C VAL N 42 37.17 -6.68 82.28
N ILE N 43 38.34 -6.82 82.86
CA ILE N 43 39.46 -7.58 82.24
C ILE N 43 39.53 -8.93 82.95
N GLY N 44 39.39 -10.03 82.21
CA GLY N 44 39.47 -11.39 82.78
C GLY N 44 40.87 -11.68 83.32
N PRO N 45 41.13 -12.91 83.80
CA PRO N 45 42.49 -13.35 84.10
C PRO N 45 43.38 -13.54 82.86
N HIS N 46 44.67 -13.80 83.05
CA HIS N 46 45.71 -13.91 81.98
C HIS N 46 45.37 -13.08 80.73
N VAL N 47 45.16 -11.78 80.89
CA VAL N 47 45.06 -10.87 79.71
C VAL N 47 46.36 -10.08 79.64
N VAL N 48 46.65 -9.58 78.44
CA VAL N 48 47.81 -8.71 78.15
C VAL N 48 47.27 -7.52 77.37
N LEU N 49 47.27 -6.34 77.99
CA LEU N 49 47.03 -5.04 77.32
C LEU N 49 48.38 -4.33 77.16
N LYS N 50 48.58 -3.72 76.00
CA LYS N 50 49.76 -2.87 75.72
C LYS N 50 49.19 -1.62 75.07
N GLY N 51 49.91 -0.49 75.19
CA GLY N 51 49.43 0.84 74.74
C GLY N 51 50.32 1.41 73.63
N PRO N 52 50.13 2.66 73.19
CA PRO N 52 49.04 3.51 73.65
C PRO N 52 47.68 2.97 73.18
N THR N 53 46.81 2.66 74.13
CA THR N 53 45.52 1.98 73.85
C THR N 53 44.47 2.63 74.72
N LYS N 54 43.29 2.82 74.17
CA LYS N 54 42.16 3.50 74.85
C LYS N 54 40.97 2.55 74.78
N ILE N 55 40.54 2.02 75.89
CA ILE N 55 39.39 1.05 75.96
C ILE N 55 38.20 1.75 76.64
N GLY N 56 37.06 1.80 75.96
CA GLY N 56 35.86 2.52 76.43
C GLY N 56 35.22 1.84 77.64
N LYS N 57 33.91 1.98 77.77
CA LYS N 57 33.12 1.68 78.99
C LYS N 57 32.40 0.33 78.84
N HIS N 58 32.13 -0.35 79.95
CA HIS N 58 31.35 -1.61 79.98
C HIS N 58 31.84 -2.60 78.90
N ASN N 59 33.13 -2.85 78.76
CA ASN N 59 33.66 -3.93 77.88
C ASN N 59 33.97 -5.14 78.75
N ARG N 60 33.94 -6.33 78.16
CA ARG N 60 34.19 -7.64 78.85
C ARG N 60 35.30 -8.20 77.93
N ILE N 61 36.55 -8.32 78.39
CA ILE N 61 37.70 -8.95 77.65
C ILE N 61 38.18 -10.21 78.37
N TYR N 62 38.32 -11.33 77.66
CA TYR N 62 38.61 -12.65 78.27
C TYR N 62 40.08 -13.02 78.19
N GLN N 63 40.41 -14.15 78.83
CA GLN N 63 41.77 -14.73 79.00
C GLN N 63 42.49 -14.94 77.66
N PHE N 64 43.83 -14.89 77.64
CA PHE N 64 44.72 -15.33 76.51
C PHE N 64 44.67 -14.31 75.33
N SER N 65 43.95 -13.23 75.59
CA SER N 65 43.76 -12.08 74.67
C SER N 65 44.98 -11.17 74.81
N SER N 66 45.54 -10.78 73.67
CA SER N 66 46.74 -9.92 73.57
C SER N 66 46.27 -8.69 72.78
N VAL N 67 45.71 -7.73 73.51
CA VAL N 67 45.03 -6.51 72.97
C VAL N 67 45.93 -5.29 73.07
N GLY N 68 46.35 -4.78 71.92
CA GLY N 68 47.20 -3.58 71.78
C GLY N 68 48.66 -3.94 71.61
N GLU N 69 48.99 -5.11 71.08
CA GLU N 69 50.40 -5.49 70.76
C GLU N 69 50.76 -4.83 69.40
N ASP N 70 52.05 -4.72 69.05
CA ASP N 70 52.54 -4.07 67.78
C ASP N 70 52.21 -5.02 66.62
N THR N 71 51.94 -4.59 65.38
CA THR N 71 51.74 -5.68 64.37
C THR N 71 53.09 -6.30 64.09
N PRO N 72 53.20 -7.63 63.83
CA PRO N 72 54.51 -8.25 63.60
C PRO N 72 55.10 -7.87 62.25
N ASP N 73 54.22 -7.56 61.26
CA ASP N 73 54.46 -7.06 59.86
C ASP N 73 55.68 -6.15 59.89
N LEU N 74 56.64 -6.29 58.99
CA LEU N 74 57.99 -5.67 59.17
C LEU N 74 57.92 -4.19 58.80
N LYS N 75 56.98 -3.87 57.92
CA LYS N 75 56.43 -2.53 57.60
C LYS N 75 56.59 -1.63 58.84
N TYR N 76 55.94 -1.99 59.94
CA TYR N 76 55.92 -1.23 61.21
C TYR N 76 57.27 -1.35 61.88
N LYS N 77 57.99 -0.26 62.11
CA LYS N 77 59.28 -0.30 62.83
C LYS N 77 59.11 0.43 64.17
N GLY N 78 58.04 0.19 64.92
CA GLY N 78 57.95 0.61 66.33
C GLY N 78 57.47 2.04 66.53
N GLU N 79 57.11 2.76 65.46
CA GLU N 79 56.56 4.16 65.54
C GLU N 79 55.41 4.09 66.56
N PRO N 80 55.00 5.20 67.23
CA PRO N 80 54.37 5.08 68.54
C PRO N 80 52.84 5.11 68.39
N THR N 81 52.24 4.19 67.62
CA THR N 81 50.84 4.24 67.09
C THR N 81 49.81 3.78 68.14
N ARG N 82 48.51 3.85 67.81
CA ARG N 82 47.41 3.73 68.80
C ARG N 82 46.43 2.63 68.38
N LEU N 83 45.75 2.07 69.39
CA LEU N 83 44.50 1.28 69.35
C LEU N 83 43.43 2.00 70.17
N VAL N 84 42.21 1.99 69.67
CA VAL N 84 41.00 2.59 70.31
C VAL N 84 39.84 1.60 70.23
N ILE N 85 39.22 1.33 71.37
CA ILE N 85 38.03 0.45 71.48
C ILE N 85 36.90 1.25 72.15
N GLY N 86 35.72 1.27 71.55
CA GLY N 86 34.52 1.92 72.09
C GLY N 86 33.98 1.20 73.31
N ASP N 87 32.65 1.19 73.45
CA ASP N 87 31.90 0.80 74.65
C ASP N 87 31.14 -0.50 74.37
N HIS N 88 30.67 -1.20 75.43
CA HIS N 88 29.80 -2.41 75.37
C HIS N 88 30.34 -3.42 74.36
N ASN N 89 31.65 -3.62 74.26
CA ASN N 89 32.21 -4.65 73.36
C ASN N 89 32.53 -5.90 74.17
N VAL N 90 32.51 -7.05 73.49
CA VAL N 90 32.99 -8.34 74.06
C VAL N 90 34.10 -8.92 73.20
N ILE N 91 35.21 -9.19 73.87
CA ILE N 91 36.40 -9.80 73.24
C ILE N 91 36.63 -11.13 73.94
N ARG N 92 36.30 -12.21 73.26
CA ARG N 92 36.34 -13.60 73.79
C ARG N 92 37.78 -14.08 73.92
N GLU N 93 37.91 -15.35 74.29
CA GLU N 93 39.19 -15.97 74.70
C GLU N 93 40.16 -15.96 73.50
N GLY N 94 41.35 -15.37 73.67
CA GLY N 94 42.51 -15.59 72.77
C GLY N 94 42.57 -14.62 71.61
N VAL N 95 41.75 -13.59 71.67
CA VAL N 95 41.70 -12.60 70.58
C VAL N 95 43.00 -11.80 70.60
N THR N 96 43.48 -11.46 69.41
CA THR N 96 44.61 -10.53 69.18
C THR N 96 44.10 -9.30 68.46
N ILE N 97 44.46 -8.13 68.98
CA ILE N 97 44.19 -6.83 68.32
C ILE N 97 45.50 -6.04 68.30
N HIS N 98 45.94 -5.62 67.12
CA HIS N 98 47.25 -4.96 66.91
C HIS N 98 47.03 -3.46 66.69
N ARG N 99 47.90 -2.62 67.21
CA ARG N 99 47.80 -1.17 66.96
C ARG N 99 48.35 -0.89 65.55
N GLY N 100 47.79 0.19 64.99
CA GLY N 100 48.10 0.79 63.68
C GLY N 100 49.59 0.88 63.39
N THR N 101 49.85 1.40 62.19
CA THR N 101 51.18 1.65 61.55
C THR N 101 51.11 3.11 61.11
N VAL N 102 52.21 3.87 61.08
CA VAL N 102 52.14 5.28 60.61
C VAL N 102 51.79 5.29 59.11
N GLN N 103 52.18 4.26 58.36
CA GLN N 103 51.95 4.13 56.89
C GLN N 103 50.48 4.43 56.55
N ASP N 104 49.46 3.95 57.29
CA ASP N 104 48.01 4.20 56.99
C ASP N 104 47.54 5.26 57.99
N ARG N 105 46.54 5.03 58.86
CA ARG N 105 46.02 6.19 59.66
C ARG N 105 46.60 6.12 61.08
N ALA N 106 47.52 5.22 61.35
CA ALA N 106 48.29 5.21 62.62
C ALA N 106 47.38 4.76 63.77
N GLU N 107 46.24 4.18 63.45
CA GLU N 107 45.27 3.73 64.49
C GLU N 107 44.41 2.61 63.92
N THR N 108 44.34 1.56 64.75
CA THR N 108 43.37 0.44 64.75
C THR N 108 42.19 0.86 65.63
N THR N 109 40.96 0.66 65.19
CA THR N 109 39.76 1.29 65.81
C THR N 109 38.57 0.34 65.86
N ILE N 110 37.93 0.26 67.02
CA ILE N 110 36.71 -0.57 67.22
C ILE N 110 35.64 0.29 67.87
N GLY N 111 34.43 0.23 67.34
CA GLY N 111 33.26 1.01 67.77
C GLY N 111 32.61 0.39 69.00
N ASP N 112 31.28 0.32 69.05
CA ASP N 112 30.48 -0.11 70.23
C ASP N 112 29.74 -1.42 69.92
N HIS N 113 29.33 -2.17 70.94
CA HIS N 113 28.35 -3.30 70.88
C HIS N 113 28.84 -4.46 69.98
N ASN N 114 30.15 -4.54 69.71
CA ASN N 114 30.72 -5.60 68.86
C ASN N 114 31.02 -6.84 69.68
N LEU N 115 30.83 -7.99 69.06
CA LEU N 115 31.12 -9.33 69.61
C LEU N 115 32.24 -9.95 68.78
N ILE N 116 33.40 -10.10 69.38
CA ILE N 116 34.59 -10.68 68.69
C ILE N 116 34.91 -11.97 69.42
N MET N 117 34.69 -13.11 68.76
CA MET N 117 34.74 -14.42 69.45
C MET N 117 36.16 -14.96 69.38
N ALA N 118 36.32 -16.16 69.94
CA ALA N 118 37.62 -16.71 70.32
C ALA N 118 38.64 -16.76 69.16
N TYR N 119 39.91 -16.49 69.45
CA TYR N 119 41.08 -16.74 68.58
C TYR N 119 40.96 -15.84 67.32
N ALA N 120 40.02 -14.89 67.29
CA ALA N 120 39.91 -13.90 66.18
C ALA N 120 41.15 -13.02 66.19
N HIS N 121 41.47 -12.46 65.03
CA HIS N 121 42.60 -11.52 64.84
C HIS N 121 42.09 -10.25 64.16
N ILE N 122 42.54 -9.09 64.63
CA ILE N 122 42.18 -7.77 64.06
C ILE N 122 43.47 -6.97 63.81
N GLY N 123 44.07 -7.12 62.64
CA GLY N 123 45.44 -6.66 62.27
C GLY N 123 45.55 -5.16 62.23
N HIS N 124 46.79 -4.67 62.17
CA HIS N 124 47.13 -3.22 62.15
C HIS N 124 46.12 -2.44 61.33
N ASP N 125 45.56 -1.37 61.88
CA ASP N 125 44.86 -0.30 61.11
C ASP N 125 43.47 -0.73 60.69
N SER N 126 43.03 -1.92 61.06
CA SER N 126 41.64 -2.35 60.78
C SER N 126 40.70 -1.41 61.55
N VAL N 127 39.45 -1.36 61.15
CA VAL N 127 38.45 -0.39 61.70
C VAL N 127 37.07 -1.05 61.76
N ILE N 128 36.52 -1.21 62.95
CA ILE N 128 35.22 -1.91 63.12
C ILE N 128 34.20 -0.91 63.67
N GLY N 129 32.99 -0.97 63.11
CA GLY N 129 31.84 -0.12 63.45
C GLY N 129 31.16 -0.63 64.70
N ASN N 130 29.86 -0.91 64.64
CA ASN N 130 29.03 -1.28 65.81
C ASN N 130 28.21 -2.54 65.53
N HIS N 131 27.85 -3.28 66.58
CA HIS N 131 26.95 -4.46 66.50
C HIS N 131 27.48 -5.45 65.47
N CYS N 132 28.79 -5.46 65.24
CA CYS N 132 29.40 -6.46 64.34
C CYS N 132 29.61 -7.75 65.11
N ILE N 133 29.61 -8.88 64.42
CA ILE N 133 30.03 -10.17 64.99
C ILE N 133 31.14 -10.77 64.14
N LEU N 134 32.31 -10.92 64.76
CA LEU N 134 33.44 -11.69 64.18
C LEU N 134 33.47 -13.01 64.93
N VAL N 135 33.12 -14.08 64.23
CA VAL N 135 33.07 -15.44 64.86
C VAL N 135 34.48 -15.99 64.98
N ASN N 136 34.63 -17.09 65.74
CA ASN N 136 35.91 -17.76 66.05
C ASN N 136 36.88 -17.67 64.86
N ASN N 137 38.11 -17.19 65.11
CA ASN N 137 39.30 -17.29 64.21
C ASN N 137 39.15 -16.45 62.95
N THR N 138 38.06 -15.71 62.82
CA THR N 138 38.00 -14.59 61.86
C THR N 138 39.29 -13.79 61.97
N ALA N 139 39.79 -13.34 60.83
CA ALA N 139 41.13 -12.72 60.70
C ALA N 139 41.07 -11.59 59.67
N LEU N 140 41.39 -10.38 60.13
CA LEU N 140 41.47 -9.16 59.30
C LEU N 140 42.95 -8.85 59.12
N ALA N 141 43.52 -9.16 57.95
CA ALA N 141 44.98 -9.14 57.72
C ALA N 141 45.55 -7.78 58.08
N GLY N 142 44.83 -6.72 57.71
CA GLY N 142 45.22 -5.32 57.99
C GLY N 142 44.43 -4.32 57.17
N HIS N 143 44.25 -3.12 57.73
CA HIS N 143 43.56 -1.95 57.15
C HIS N 143 42.19 -2.36 56.64
N VAL N 144 41.56 -3.35 57.26
CA VAL N 144 40.21 -3.81 56.88
C VAL N 144 39.20 -2.92 57.58
N HIS N 145 38.22 -2.38 56.85
CA HIS N 145 37.07 -1.63 57.42
C HIS N 145 35.85 -2.55 57.36
N VAL N 146 35.25 -2.79 58.54
CA VAL N 146 34.00 -3.56 58.74
C VAL N 146 32.93 -2.58 59.21
N ASP N 147 32.00 -2.26 58.32
CA ASP N 147 30.86 -1.36 58.62
C ASP N 147 29.85 -2.13 59.48
N ASP N 148 28.79 -1.46 59.96
CA ASP N 148 27.99 -1.92 61.13
C ASP N 148 27.17 -3.17 60.81
N TRP N 149 26.89 -3.99 61.83
CA TRP N 149 25.94 -5.13 61.76
C TRP N 149 26.52 -6.30 60.96
N ALA N 150 27.70 -6.12 60.39
CA ALA N 150 28.32 -7.16 59.57
C ALA N 150 28.52 -8.37 60.46
N ILE N 151 28.45 -9.53 59.85
CA ILE N 151 28.71 -10.82 60.51
C ILE N 151 29.68 -11.59 59.65
N LEU N 152 30.82 -11.92 60.24
CA LEU N 152 31.81 -12.81 59.61
C LEU N 152 31.74 -14.14 60.35
N SER N 153 31.17 -15.16 59.69
CA SER N 153 31.14 -16.56 60.19
C SER N 153 32.56 -17.00 60.53
N GLY N 154 32.70 -18.15 61.18
CA GLY N 154 33.98 -18.66 61.72
C GLY N 154 35.04 -18.77 60.64
N TYR N 155 36.29 -18.49 60.99
CA TYR N 155 37.46 -18.78 60.11
C TYR N 155 37.28 -18.05 58.78
N THR N 156 36.68 -16.87 58.84
CA THR N 156 36.58 -15.93 57.70
C THR N 156 37.88 -15.14 57.62
N LEU N 157 38.49 -15.11 56.44
CA LEU N 157 39.81 -14.47 56.20
C LEU N 157 39.63 -13.30 55.25
N VAL N 158 40.22 -12.14 55.57
CA VAL N 158 39.93 -10.87 54.85
C VAL N 158 41.23 -10.16 54.49
N HIS N 159 41.54 -10.04 53.19
CA HIS N 159 42.91 -9.70 52.69
C HIS N 159 43.11 -8.20 52.96
N GLN N 160 44.39 -7.76 53.15
CA GLN N 160 44.79 -6.34 53.40
C GLN N 160 43.70 -5.48 52.70
N TYR N 161 43.18 -4.45 53.37
CA TYR N 161 42.50 -3.26 52.73
C TYR N 161 41.06 -3.52 52.25
N CYS N 162 40.47 -4.70 52.43
CA CYS N 162 39.08 -4.97 51.98
C CYS N 162 38.09 -4.20 52.87
N ARG N 163 36.96 -3.81 52.28
CA ARG N 163 35.82 -3.20 53.00
C ARG N 163 34.69 -4.23 53.05
N ILE N 164 34.28 -4.59 54.26
CA ILE N 164 33.07 -5.40 54.50
C ILE N 164 31.94 -4.42 54.76
N GLY N 165 31.10 -4.15 53.76
CA GLY N 165 29.92 -3.26 53.87
C GLY N 165 28.94 -3.75 54.95
N ALA N 166 28.05 -2.88 55.37
CA ALA N 166 27.13 -3.10 56.50
C ALA N 166 26.08 -4.17 56.26
N HIS N 167 25.75 -4.94 57.30
CA HIS N 167 24.78 -6.08 57.30
C HIS N 167 25.28 -7.20 56.40
N SER N 168 26.45 -7.03 55.81
CA SER N 168 27.03 -8.08 54.96
C SER N 168 27.26 -9.30 55.84
N PHE N 169 27.49 -10.42 55.20
CA PHE N 169 27.62 -11.74 55.85
C PHE N 169 28.57 -12.63 55.06
N SER N 170 29.65 -13.06 55.69
CA SER N 170 30.53 -14.12 55.16
C SER N 170 30.16 -15.46 55.80
N GLY N 171 30.12 -16.53 55.02
CA GLY N 171 29.94 -17.90 55.53
C GLY N 171 31.23 -18.43 56.13
N MET N 172 31.22 -19.62 56.74
CA MET N 172 32.43 -20.14 57.44
C MET N 172 33.48 -20.49 56.38
N GLY N 173 34.75 -20.35 56.75
CA GLY N 173 35.92 -20.55 55.88
C GLY N 173 35.91 -19.68 54.64
N SER N 174 35.16 -18.57 54.62
CA SER N 174 35.20 -17.61 53.49
C SER N 174 36.60 -16.98 53.43
N ALA N 175 37.08 -16.75 52.20
CA ALA N 175 38.41 -16.19 51.90
C ALA N 175 38.24 -14.93 51.06
N ILE N 176 38.00 -13.82 51.73
CA ILE N 176 37.51 -12.56 51.10
C ILE N 176 38.71 -11.77 50.56
N GLY N 177 38.88 -11.73 49.24
CA GLY N 177 40.03 -11.08 48.59
C GLY N 177 39.72 -9.66 48.12
N LYS N 178 38.44 -9.28 48.17
CA LYS N 178 37.93 -8.00 47.60
C LYS N 178 36.69 -7.58 48.34
N ASP N 179 36.27 -6.32 48.17
CA ASP N 179 35.19 -5.72 48.98
C ASP N 179 33.92 -6.58 48.95
N VAL N 180 33.23 -6.61 50.09
CA VAL N 180 31.86 -7.20 50.22
C VAL N 180 30.86 -6.06 50.38
N PRO N 181 29.97 -5.88 49.38
CA PRO N 181 28.97 -4.80 49.44
C PRO N 181 28.03 -4.97 50.64
N ALA N 182 27.47 -3.87 51.11
CA ALA N 182 26.42 -3.89 52.13
C ALA N 182 25.42 -5.01 51.84
N TYR N 183 25.00 -5.75 52.86
CA TYR N 183 23.87 -6.73 52.82
C TYR N 183 24.24 -8.03 52.10
N VAL N 184 25.38 -8.12 51.42
CA VAL N 184 25.65 -9.29 50.53
C VAL N 184 26.12 -10.47 51.38
N THR N 185 25.67 -11.68 51.02
CA THR N 185 26.17 -12.96 51.58
C THR N 185 27.27 -13.46 50.63
N VAL N 186 28.44 -13.77 51.17
CA VAL N 186 29.57 -14.34 50.37
C VAL N 186 30.04 -15.64 51.03
N PHE N 187 30.52 -16.58 50.23
CA PHE N 187 30.85 -17.94 50.68
C PHE N 187 32.08 -18.47 49.94
N GLY N 188 32.99 -19.13 50.67
CA GLY N 188 33.96 -20.05 50.09
C GLY N 188 35.31 -19.41 49.77
N ASN N 189 36.18 -20.21 49.15
CA ASN N 189 37.59 -19.85 48.88
C ASN N 189 37.87 -20.05 47.41
N PRO N 190 37.88 -18.95 46.62
CA PRO N 190 37.80 -17.61 47.18
C PRO N 190 36.32 -17.21 47.29
N ALA N 191 36.00 -16.34 48.26
CA ALA N 191 34.65 -15.79 48.48
C ALA N 191 33.99 -15.45 47.15
N GLU N 192 32.76 -15.91 46.91
CA GLU N 192 31.86 -15.39 45.84
C GLU N 192 30.58 -14.84 46.50
N ALA N 193 29.85 -13.97 45.80
CA ALA N 193 28.53 -13.44 46.20
C ALA N 193 27.52 -14.57 46.02
N ARG N 194 26.50 -14.67 46.87
CA ARG N 194 25.38 -15.64 46.67
C ARG N 194 24.05 -14.89 46.67
N SER N 195 23.71 -14.28 47.79
CA SER N 195 22.43 -13.57 47.99
C SER N 195 22.68 -12.26 48.73
N MET N 196 21.60 -11.65 49.17
CA MET N 196 21.65 -10.63 50.24
C MET N 196 21.15 -11.31 51.50
N ASN N 197 21.45 -10.67 52.61
CA ASN N 197 21.30 -11.21 53.98
C ASN N 197 19.93 -10.78 54.47
N PHE N 198 18.88 -11.42 53.94
CA PHE N 198 17.49 -11.03 54.23
C PHE N 198 17.32 -11.24 55.72
N GLU N 199 17.98 -12.28 56.24
CA GLU N 199 17.96 -12.56 57.69
C GLU N 199 18.06 -11.23 58.45
N GLY N 200 19.27 -10.69 58.53
CA GLY N 200 19.60 -9.53 59.38
C GLY N 200 18.93 -8.26 58.90
N MET N 201 18.19 -8.33 57.79
CA MET N 201 17.27 -7.26 57.32
C MET N 201 15.96 -7.37 58.07
N ARG N 202 15.40 -8.58 58.20
CA ARG N 202 14.15 -8.79 59.00
C ARG N 202 14.54 -8.38 60.40
N ARG N 203 15.73 -8.81 60.89
CA ARG N 203 16.22 -8.47 62.25
C ARG N 203 16.21 -6.95 62.44
N ARG N 204 16.62 -6.14 61.47
CA ARG N 204 16.59 -4.66 61.62
C ARG N 204 15.17 -4.11 61.41
N GLY N 205 14.18 -4.96 61.09
CA GLY N 205 12.79 -4.55 60.84
C GLY N 205 12.66 -3.66 59.60
N PHE N 206 13.50 -3.85 58.61
CA PHE N 206 13.39 -3.20 57.27
C PHE N 206 11.97 -3.36 56.73
N SER N 207 11.45 -2.40 55.98
CA SER N 207 10.13 -2.50 55.32
C SER N 207 10.21 -3.60 54.28
N SER N 208 9.10 -4.22 53.88
CA SER N 208 9.15 -5.26 52.83
C SER N 208 9.55 -4.60 51.53
N GLU N 209 9.08 -3.38 51.21
CA GLU N 209 9.46 -2.68 49.93
C GLU N 209 10.98 -2.63 49.89
N ALA N 210 11.60 -2.27 51.01
CA ALA N 210 13.05 -2.05 51.13
C ALA N 210 13.76 -3.38 50.85
N ILE N 211 13.28 -4.45 51.46
CA ILE N 211 13.85 -5.80 51.21
C ILE N 211 13.76 -6.10 49.70
N HIS N 212 12.56 -6.16 49.13
CA HIS N 212 12.34 -6.43 47.68
C HIS N 212 13.27 -5.53 46.86
N ALA N 213 13.40 -4.26 47.21
CA ALA N 213 14.19 -3.24 46.46
C ALA N 213 15.68 -3.61 46.46
N LEU N 214 16.11 -4.18 47.58
CA LEU N 214 17.49 -4.66 47.81
C LEU N 214 17.72 -5.94 47.02
N ARG N 215 16.75 -6.83 46.96
CA ARG N 215 16.84 -8.00 46.04
C ARG N 215 16.99 -7.43 44.62
N ARG N 216 16.09 -6.53 44.17
CA ARG N 216 16.17 -5.94 42.80
C ARG N 216 17.62 -5.49 42.60
N ALA N 217 18.14 -4.76 43.57
CA ALA N 217 19.47 -4.11 43.50
C ALA N 217 20.56 -5.17 43.33
N TYR N 218 20.51 -6.26 44.10
CA TYR N 218 21.47 -7.38 43.98
C TYR N 218 21.46 -7.84 42.52
N LYS N 219 20.26 -8.20 42.08
CA LYS N 219 19.99 -8.84 40.77
C LYS N 219 20.73 -7.99 39.73
N VAL N 220 20.65 -6.66 39.86
CA VAL N 220 21.19 -5.68 38.88
C VAL N 220 22.70 -5.85 38.71
N VAL N 221 23.38 -5.72 39.85
CA VAL N 221 24.85 -5.76 39.96
C VAL N 221 25.34 -7.06 39.33
N TYR N 222 24.86 -8.14 39.94
CA TYR N 222 25.40 -9.52 39.86
C TYR N 222 24.72 -10.27 38.73
N ARG N 223 23.46 -10.70 38.96
CA ARG N 223 22.76 -11.62 38.06
C ARG N 223 22.22 -10.95 36.77
N GLN N 224 22.49 -9.70 36.43
CA GLN N 224 22.04 -9.15 35.09
C GLN N 224 23.26 -8.97 34.19
N GLY N 225 24.44 -9.39 34.70
CA GLY N 225 25.77 -8.97 34.23
C GLY N 225 25.71 -7.62 33.54
N HIS N 226 25.20 -6.59 34.20
CA HIS N 226 25.62 -5.22 33.85
C HIS N 226 27.12 -5.18 34.21
N THR N 227 27.93 -4.26 33.66
CA THR N 227 29.29 -3.93 34.21
C THR N 227 29.12 -3.51 35.68
N VAL N 228 30.23 -3.17 36.37
CA VAL N 228 30.12 -2.53 37.71
C VAL N 228 29.53 -1.14 37.49
N GLU N 229 30.15 -0.32 36.65
CA GLU N 229 29.68 1.07 36.35
C GLU N 229 28.23 1.07 35.89
N GLU N 230 27.90 0.15 34.99
CA GLU N 230 26.57 0.08 34.35
C GLU N 230 25.54 -0.04 35.45
N ALA N 231 25.81 -0.89 36.43
CA ALA N 231 24.83 -1.19 37.51
C ALA N 231 24.71 0.03 38.43
N LEU N 232 25.83 0.63 38.82
CA LEU N 232 25.81 1.81 39.71
C LEU N 232 24.85 2.87 39.16
N ALA N 233 24.85 2.95 37.82
CA ALA N 233 23.96 3.82 37.05
C ALA N 233 22.50 3.43 37.28
N GLU N 234 22.19 2.15 37.07
CA GLU N 234 20.81 1.59 37.22
C GLU N 234 20.30 1.95 38.62
N LEU N 235 21.10 1.64 39.63
CA LEU N 235 20.71 1.71 41.06
C LEU N 235 20.21 3.12 41.41
N ALA N 236 20.96 4.16 41.04
CA ALA N 236 20.58 5.60 41.09
C ALA N 236 19.12 5.86 41.49
N GLU N 237 18.15 5.51 40.62
CA GLU N 237 16.67 5.60 40.90
C GLU N 237 16.37 4.88 42.23
N SER N 238 16.50 3.53 42.23
CA SER N 238 16.36 2.60 43.38
C SER N 238 16.87 3.27 44.68
N ALA N 239 17.95 4.04 44.60
CA ALA N 239 18.76 4.48 45.74
C ALA N 239 18.27 5.82 46.29
N ALA N 240 17.68 6.64 45.42
CA ALA N 240 16.97 7.87 45.88
C ALA N 240 15.76 7.42 46.71
N GLN N 241 15.03 6.49 46.12
CA GLN N 241 13.78 5.92 46.65
C GLN N 241 14.01 5.35 48.05
N PHE N 242 15.11 4.65 48.30
CA PHE N 242 15.33 3.83 49.51
C PHE N 242 16.72 4.08 50.06
N PRO N 243 16.85 4.88 51.12
CA PRO N 243 18.08 4.95 51.89
C PRO N 243 18.77 3.60 52.08
N GLU N 244 18.01 2.51 52.25
CA GLU N 244 18.61 1.15 52.43
C GLU N 244 19.44 0.76 51.19
N VAL N 245 18.93 1.02 50.00
CA VAL N 245 19.59 0.70 48.70
C VAL N 245 20.80 1.62 48.57
N ALA N 246 20.59 2.88 48.91
CA ALA N 246 21.60 3.95 48.85
C ALA N 246 22.92 3.41 49.38
N VAL N 247 22.88 2.90 50.60
CA VAL N 247 23.97 2.21 51.32
C VAL N 247 24.69 1.19 50.44
N PHE N 248 23.90 0.34 49.79
CA PHE N 248 24.37 -0.75 48.91
C PHE N 248 25.07 -0.13 47.71
N ARG N 249 24.44 0.82 47.02
CA ARG N 249 25.12 1.54 45.91
C ARG N 249 26.42 2.15 46.46
N ASP N 250 26.34 2.92 47.54
CA ASP N 250 27.50 3.59 48.16
C ASP N 250 28.58 2.56 48.47
N SER N 251 28.28 1.36 48.99
CA SER N 251 29.36 0.36 49.22
C SER N 251 30.09 0.13 47.89
N ILE N 252 29.33 -0.24 46.86
CA ILE N 252 29.88 -0.65 45.54
C ILE N 252 30.65 0.51 44.92
N GLN N 253 30.11 1.71 45.04
CA GLN N 253 30.79 2.95 44.61
C GLN N 253 32.28 2.85 44.93
N SER N 254 32.61 3.16 46.18
CA SER N 254 33.99 3.47 46.61
C SER N 254 34.66 2.13 46.90
N ALA N 255 34.51 1.22 45.95
CA ALA N 255 35.34 0.02 45.79
C ALA N 255 36.01 0.04 44.43
N THR N 256 35.36 0.62 43.41
CA THR N 256 35.87 0.72 42.02
C THR N 256 36.10 2.19 41.73
N ARG N 257 37.34 2.73 41.69
CA ARG N 257 37.51 4.03 41.00
C ARG N 257 38.00 3.75 39.58
N GLY N 258 38.69 2.61 39.34
CA GLY N 258 39.32 2.29 38.05
C GLY N 258 40.36 3.33 37.58
N ILE N 259 40.84 3.17 36.35
CA ILE N 259 41.79 4.11 35.69
C ILE N 259 41.11 4.66 34.42
N THR N 260 41.64 5.73 33.85
CA THR N 260 41.28 6.19 32.50
C THR N 260 41.67 5.10 31.52
N ARG N 261 40.71 4.43 30.86
CA ARG N 261 41.02 3.68 29.62
C ARG N 261 40.79 4.68 28.49
N MET O 4 55.77 -32.78 96.35
CA MET O 4 54.97 -33.37 97.41
C MET O 4 53.85 -32.38 97.92
N SER O 5 53.14 -31.67 96.97
CA SER O 5 51.65 -31.40 97.02
C SER O 5 51.00 -31.14 95.64
N LEU O 6 49.99 -31.97 95.34
CA LEU O 6 49.32 -32.27 94.05
C LEU O 6 48.77 -31.05 93.32
N ILE O 7 47.95 -30.30 94.05
CA ILE O 7 47.27 -29.06 93.62
C ILE O 7 48.25 -27.92 93.94
N ASP O 8 48.82 -27.32 92.90
CA ASP O 8 49.79 -26.20 93.01
C ASP O 8 49.21 -25.12 93.89
N PRO O 9 50.01 -24.46 94.74
CA PRO O 9 49.48 -23.38 95.56
C PRO O 9 49.17 -22.14 94.71
N ARG O 10 49.79 -21.93 93.54
CA ARG O 10 49.54 -20.69 92.76
C ARG O 10 48.24 -20.80 91.96
N ALA O 11 47.60 -21.97 92.01
CA ALA O 11 46.31 -22.21 91.32
C ALA O 11 45.17 -21.72 92.22
N ILE O 12 44.03 -21.39 91.63
CA ILE O 12 42.81 -20.99 92.38
C ILE O 12 41.78 -22.11 92.27
N ILE O 13 41.29 -22.57 93.41
CA ILE O 13 40.16 -23.54 93.46
C ILE O 13 39.00 -22.92 94.22
N ASP O 14 37.84 -22.83 93.59
CA ASP O 14 36.59 -22.39 94.26
C ASP O 14 36.31 -23.32 95.43
N PRO O 15 35.80 -22.81 96.58
CA PRO O 15 35.34 -23.70 97.66
C PRO O 15 34.25 -24.65 97.14
N SER O 16 33.41 -24.19 96.22
CA SER O 16 32.26 -24.97 95.72
C SER O 16 32.76 -26.11 94.80
N ALA O 17 33.94 -26.01 94.17
CA ALA O 17 34.48 -27.06 93.27
C ALA O 17 34.77 -28.32 94.07
N ARG O 18 34.87 -29.49 93.45
CA ARG O 18 35.11 -30.74 94.21
C ARG O 18 35.86 -31.73 93.32
N LEU O 19 37.04 -32.20 93.80
CA LEU O 19 38.16 -32.88 93.07
C LEU O 19 38.54 -34.19 93.76
N ALA O 20 38.46 -35.36 93.10
CA ALA O 20 38.89 -36.66 93.67
C ALA O 20 40.34 -36.60 94.16
N ALA O 21 40.77 -37.49 95.06
CA ALA O 21 41.99 -37.35 95.91
C ALA O 21 43.23 -36.95 95.09
N ASP O 22 43.58 -37.77 94.10
CA ASP O 22 44.89 -37.75 93.37
C ASP O 22 44.77 -36.92 92.07
N VAL O 23 43.83 -36.00 92.01
CA VAL O 23 43.80 -34.95 90.95
C VAL O 23 44.96 -34.01 91.20
N GLN O 24 45.56 -33.55 90.12
CA GLN O 24 46.56 -32.46 90.11
C GLN O 24 46.07 -31.24 89.36
N VAL O 25 46.55 -30.08 89.78
CA VAL O 25 46.31 -28.79 89.09
C VAL O 25 47.64 -28.02 89.05
N GLY O 26 48.10 -27.70 87.84
CA GLY O 26 49.32 -26.89 87.59
C GLY O 26 49.10 -25.49 88.11
N PRO O 27 50.15 -24.63 88.11
CA PRO O 27 50.00 -23.27 88.60
C PRO O 27 49.13 -22.36 87.71
N TRP O 28 48.46 -21.35 88.31
CA TRP O 28 47.77 -20.25 87.58
C TRP O 28 46.54 -20.79 86.85
N SER O 29 46.18 -22.02 87.16
CA SER O 29 44.94 -22.63 86.64
C SER O 29 43.84 -22.26 87.63
N ILE O 30 42.64 -22.05 87.11
CA ILE O 30 41.43 -21.69 87.92
C ILE O 30 40.44 -22.84 87.77
N VAL O 31 39.95 -23.35 88.89
CA VAL O 31 38.86 -24.34 88.90
C VAL O 31 37.61 -23.64 89.45
N GLY O 32 36.87 -22.94 88.56
CA GLY O 32 35.66 -22.14 88.84
C GLY O 32 34.69 -22.89 89.75
N ALA O 33 33.66 -22.22 90.24
CA ALA O 33 32.66 -22.89 91.10
C ALA O 33 32.01 -24.01 90.31
N GLU O 34 31.43 -25.01 90.99
CA GLU O 34 30.56 -26.05 90.40
C GLU O 34 31.34 -26.95 89.46
N VAL O 35 32.65 -26.94 89.53
CA VAL O 35 33.50 -27.82 88.67
C VAL O 35 33.86 -29.06 89.48
N GLU O 36 33.59 -30.22 88.90
CA GLU O 36 33.80 -31.55 89.50
C GLU O 36 34.88 -32.24 88.67
N ILE O 37 35.95 -32.73 89.28
CA ILE O 37 37.06 -33.39 88.52
C ILE O 37 37.31 -34.79 89.09
N GLY O 38 37.18 -35.81 88.24
CA GLY O 38 37.24 -37.23 88.61
C GLY O 38 38.67 -37.67 88.91
N GLU O 39 38.79 -38.83 89.56
CA GLU O 39 40.05 -39.50 89.97
C GLU O 39 41.14 -39.42 88.88
N GLY O 40 42.39 -39.12 89.27
CA GLY O 40 43.61 -39.30 88.44
C GLY O 40 43.73 -38.33 87.28
N THR O 41 42.83 -37.35 87.18
CA THR O 41 42.87 -36.30 86.13
C THR O 41 44.04 -35.36 86.45
N VAL O 42 44.57 -34.73 85.42
CA VAL O 42 45.68 -33.74 85.52
C VAL O 42 45.25 -32.46 84.80
N ILE O 43 45.26 -31.34 85.51
CA ILE O 43 45.04 -30.01 84.89
C ILE O 43 46.41 -29.34 84.77
N GLY O 44 46.82 -28.98 83.58
CA GLY O 44 48.13 -28.32 83.35
C GLY O 44 48.13 -26.93 83.97
N PRO O 45 49.22 -26.15 83.77
CA PRO O 45 49.22 -24.73 84.13
C PRO O 45 48.31 -23.86 83.24
N HIS O 46 48.14 -22.58 83.60
CA HIS O 46 47.23 -21.59 82.96
C HIS O 46 46.00 -22.26 82.30
N VAL O 47 45.24 -23.04 83.04
CA VAL O 47 43.92 -23.53 82.55
C VAL O 47 42.84 -22.72 83.24
N VAL O 48 41.67 -22.68 82.61
CA VAL O 48 40.44 -22.03 83.14
C VAL O 48 39.31 -23.04 82.98
N LEU O 49 38.83 -23.58 84.10
CA LEU O 49 37.58 -24.37 84.17
C LEU O 49 36.48 -23.47 84.77
N LYS O 50 35.29 -23.56 84.19
CA LYS O 50 34.08 -22.88 84.72
C LYS O 50 32.99 -23.94 84.69
N GLY O 51 31.99 -23.80 85.55
CA GLY O 51 30.93 -24.82 85.76
C GLY O 51 29.55 -24.29 85.38
N PRO O 52 28.45 -25.02 85.63
CA PRO O 52 28.50 -26.37 86.16
C PRO O 52 29.11 -27.35 85.15
N THR O 53 30.22 -27.99 85.52
CA THR O 53 31.01 -28.84 84.62
C THR O 53 31.44 -30.07 85.39
N LYS O 54 31.40 -31.22 84.73
CA LYS O 54 31.68 -32.53 85.36
C LYS O 54 32.75 -33.19 84.49
N ILE O 55 33.97 -33.34 85.01
CA ILE O 55 35.12 -33.94 84.26
C ILE O 55 35.44 -35.31 84.87
N GLY O 56 35.43 -36.36 84.05
CA GLY O 56 35.63 -37.75 84.50
C GLY O 56 37.05 -38.01 84.97
N LYS O 57 37.52 -39.25 84.80
CA LYS O 57 38.73 -39.82 85.44
C LYS O 57 39.88 -39.85 84.43
N HIS O 58 41.12 -39.78 84.90
CA HIS O 58 42.34 -39.91 84.07
C HIS O 58 42.26 -39.04 82.79
N ASN O 59 41.88 -37.76 82.90
CA ASN O 59 41.96 -36.81 81.74
C ASN O 59 43.24 -35.99 81.91
N ARG O 60 43.79 -35.51 80.80
CA ARG O 60 45.06 -34.71 80.75
C ARG O 60 44.53 -33.47 79.98
N ILE O 61 44.42 -32.29 80.63
CA ILE O 61 44.01 -30.99 79.99
C ILE O 61 45.16 -29.98 80.05
N TYR O 62 45.51 -29.35 78.92
CA TYR O 62 46.74 -28.51 78.79
C TYR O 62 46.41 -27.03 78.91
N GLN O 63 47.48 -26.23 78.91
CA GLN O 63 47.52 -24.75 79.11
C GLN O 63 46.62 -24.01 78.10
N PHE O 64 46.09 -22.82 78.44
CA PHE O 64 45.42 -21.84 77.54
C PHE O 64 44.02 -22.34 77.11
N SER O 65 43.63 -23.48 77.70
CA SER O 65 42.33 -24.14 77.51
C SER O 65 41.32 -23.46 78.41
N SER O 66 40.17 -23.13 77.83
CA SER O 66 39.05 -22.44 78.50
C SER O 66 37.87 -23.40 78.39
N VAL O 67 37.79 -24.35 79.33
CA VAL O 67 36.85 -25.49 79.35
C VAL O 67 35.68 -25.22 80.31
N GLY O 68 34.49 -25.07 79.75
CA GLY O 68 33.23 -24.85 80.46
C GLY O 68 32.85 -23.38 80.53
N GLU O 69 33.28 -22.56 79.55
CA GLU O 69 32.85 -21.13 79.48
C GLU O 69 31.46 -21.10 78.82
N ASP O 70 30.69 -20.00 78.91
CA ASP O 70 29.31 -19.85 78.35
C ASP O 70 29.44 -19.74 76.83
N THR O 71 28.51 -20.18 75.98
CA THR O 71 28.78 -19.89 74.54
C THR O 71 28.56 -18.39 74.33
N PRO O 72 29.34 -17.69 73.46
CA PRO O 72 29.17 -16.26 73.29
C PRO O 72 27.89 -15.91 72.52
N ASP O 73 27.42 -16.84 71.66
CA ASP O 73 26.17 -16.87 70.83
C ASP O 73 25.06 -16.20 71.64
N LEU O 74 24.30 -15.28 71.05
CA LEU O 74 23.45 -14.34 71.86
C LEU O 74 22.19 -15.05 72.33
N LYS O 75 21.78 -16.04 71.55
CA LYS O 75 20.81 -17.13 71.84
C LYS O 75 20.83 -17.38 73.36
N TYR O 76 21.96 -17.80 73.90
CA TYR O 76 22.14 -18.14 75.34
C TYR O 76 22.15 -16.87 76.16
N LYS O 77 21.23 -16.68 77.10
CA LYS O 77 21.28 -15.52 78.03
C LYS O 77 21.58 -16.02 79.44
N GLY O 78 22.56 -16.87 79.64
CA GLY O 78 23.11 -17.15 80.98
C GLY O 78 22.35 -18.22 81.76
N GLU O 79 21.31 -18.85 81.17
CA GLU O 79 20.56 -19.96 81.83
C GLU O 79 21.61 -20.97 82.31
N PRO O 80 21.35 -21.83 83.32
CA PRO O 80 22.43 -22.33 84.17
C PRO O 80 22.90 -23.70 83.68
N THR O 81 23.34 -23.83 82.42
CA THR O 81 23.51 -25.11 81.66
C THR O 81 24.82 -25.82 82.01
N ARG O 82 25.05 -27.02 81.45
CA ARG O 82 26.12 -27.95 81.90
C ARG O 82 27.03 -28.34 80.74
N LEU O 83 28.27 -28.69 81.10
CA LEU O 83 29.28 -29.46 80.33
C LEU O 83 29.62 -30.74 81.10
N VAL O 84 29.79 -31.83 80.37
CA VAL O 84 30.14 -33.18 80.90
C VAL O 84 31.23 -33.79 80.01
N ILE O 85 32.31 -34.23 80.64
CA ILE O 85 33.46 -34.91 79.96
C ILE O 85 33.68 -36.25 80.64
N GLY O 86 33.74 -37.32 79.85
CA GLY O 86 34.01 -38.69 80.32
C GLY O 86 35.46 -38.86 80.79
N ASP O 87 36.03 -40.04 80.56
CA ASP O 87 37.29 -40.52 81.14
C ASP O 87 38.36 -40.63 80.04
N HIS O 88 39.65 -40.73 80.41
CA HIS O 88 40.81 -40.96 79.50
C HIS O 88 40.75 -40.02 78.30
N ASN O 89 40.37 -38.76 78.46
CA ASN O 89 40.37 -37.80 77.33
C ASN O 89 41.63 -36.95 77.41
N VAL O 90 42.07 -36.47 76.26
CA VAL O 90 43.19 -35.49 76.15
C VAL O 90 42.72 -34.23 75.45
N ILE O 91 42.92 -33.12 76.13
CA ILE O 91 42.53 -31.78 75.63
C ILE O 91 43.81 -30.97 75.57
N ARG O 92 44.31 -30.77 74.35
CA ARG O 92 45.61 -30.12 74.08
C ARG O 92 45.51 -28.62 74.30
N GLU O 93 46.60 -27.94 73.98
CA GLU O 93 46.84 -26.51 74.32
C GLU O 93 45.78 -25.65 73.60
N GLY O 94 45.01 -24.85 74.34
CA GLY O 94 44.23 -23.72 73.81
C GLY O 94 42.82 -24.10 73.38
N VAL O 95 42.41 -25.29 73.76
CA VAL O 95 41.06 -25.76 73.38
C VAL O 95 40.02 -24.95 74.15
N THR O 96 38.92 -24.69 73.49
CA THR O 96 37.71 -24.06 74.07
C THR O 96 36.58 -25.08 74.00
N ILE O 97 35.90 -25.28 75.12
CA ILE O 97 34.67 -26.11 75.19
C ILE O 97 33.62 -25.28 75.92
N HIS O 98 32.47 -25.08 75.30
CA HIS O 98 31.39 -24.21 75.81
C HIS O 98 30.24 -25.08 76.35
N ARG O 99 29.61 -24.67 77.43
CA ARG O 99 28.45 -25.42 77.95
C ARG O 99 27.23 -25.06 77.09
N GLY O 100 26.32 -26.05 77.06
CA GLY O 100 25.01 -26.04 76.40
C GLY O 100 24.24 -24.75 76.57
N THR O 101 23.07 -24.75 75.94
CA THR O 101 22.03 -23.68 75.90
C THR O 101 20.74 -24.38 76.27
N VAL O 102 19.77 -23.73 76.93
CA VAL O 102 18.48 -24.44 77.25
C VAL O 102 17.75 -24.76 75.94
N GLN O 103 17.91 -23.95 74.90
CA GLN O 103 17.27 -24.13 73.56
C GLN O 103 17.40 -25.58 73.07
N ASP O 104 18.55 -26.26 73.18
CA ASP O 104 18.71 -27.69 72.71
C ASP O 104 18.69 -28.58 73.95
N ARG O 105 19.71 -29.36 74.29
CA ARG O 105 19.55 -30.33 75.41
C ARG O 105 20.19 -29.77 76.68
N ALA O 106 20.66 -28.53 76.67
CA ALA O 106 21.13 -27.84 77.88
C ALA O 106 22.45 -28.46 78.35
N GLU O 107 23.10 -29.22 77.49
CA GLU O 107 24.38 -29.88 77.86
C GLU O 107 25.19 -30.16 76.58
N THR O 108 26.45 -29.75 76.69
CA THR O 108 27.62 -30.12 75.86
C THR O 108 28.25 -31.36 76.48
N THR O 109 28.60 -32.38 75.69
CA THR O 109 28.92 -33.72 76.22
C THR O 109 30.07 -34.38 75.47
N ILE O 110 31.03 -34.91 76.21
CA ILE O 110 32.19 -35.64 75.62
C ILE O 110 32.33 -36.97 76.34
N GLY O 111 32.52 -38.04 75.54
CA GLY O 111 32.63 -39.43 76.01
C GLY O 111 34.03 -39.73 76.50
N ASP O 112 34.59 -40.90 76.16
CA ASP O 112 35.88 -41.41 76.70
C ASP O 112 36.94 -41.49 75.58
N HIS O 113 38.23 -41.52 75.91
CA HIS O 113 39.37 -41.87 75.02
C HIS O 113 39.50 -40.92 73.81
N ASN O 114 38.92 -39.73 73.89
CA ASN O 114 38.99 -38.74 72.79
C ASN O 114 40.27 -37.91 72.89
N LEU O 115 40.80 -37.56 71.73
CA LEU O 115 41.98 -36.70 71.56
C LEU O 115 41.54 -35.43 70.85
N ILE O 116 41.57 -34.32 71.56
CA ILE O 116 41.16 -33.00 71.01
C ILE O 116 42.40 -32.13 71.01
N MET O 117 42.93 -31.83 69.82
CA MET O 117 44.25 -31.18 69.71
C MET O 117 44.10 -29.67 69.74
N ALA O 118 45.24 -29.01 69.61
CA ALA O 118 45.40 -27.59 69.96
C ALA O 118 44.39 -26.66 69.26
N TYR O 119 43.91 -25.64 69.97
CA TYR O 119 43.15 -24.48 69.44
C TYR O 119 41.80 -24.99 68.85
N ALA O 120 41.44 -26.25 69.08
CA ALA O 120 40.13 -26.79 68.66
C ALA O 120 39.03 -26.07 69.45
N HIS O 121 37.83 -26.04 68.89
CA HIS O 121 36.63 -25.46 69.52
C HIS O 121 35.49 -26.48 69.49
N ILE O 122 34.76 -26.59 70.58
CA ILE O 122 33.59 -27.50 70.73
C ILE O 122 32.42 -26.69 71.27
N GLY O 123 31.62 -26.10 70.37
CA GLY O 123 30.58 -25.09 70.67
C GLY O 123 29.43 -25.66 71.45
N HIS O 124 28.58 -24.77 71.98
CA HIS O 124 27.39 -25.12 72.81
C HIS O 124 26.71 -26.38 72.27
N ASP O 125 26.46 -27.36 73.15
CA ASP O 125 25.50 -28.46 72.89
C ASP O 125 26.06 -29.52 71.96
N SER O 126 27.31 -29.38 71.53
CA SER O 126 27.97 -30.43 70.71
C SER O 126 28.07 -31.68 71.58
N VAL O 127 28.26 -32.83 70.97
CA VAL O 127 28.24 -34.15 71.67
C VAL O 127 29.25 -35.10 71.01
N ILE O 128 30.26 -35.51 71.76
CA ILE O 128 31.34 -36.38 71.22
C ILE O 128 31.31 -37.74 71.90
N GLY O 129 31.47 -38.79 71.09
CA GLY O 129 31.45 -40.20 71.52
C GLY O 129 32.80 -40.59 72.11
N ASN O 130 33.44 -41.63 71.57
CA ASN O 130 34.71 -42.19 72.13
C ASN O 130 35.76 -42.37 71.02
N HIS O 131 37.04 -42.35 71.40
CA HIS O 131 38.18 -42.64 70.50
C HIS O 131 38.10 -41.71 69.27
N CYS O 132 37.50 -40.53 69.42
CA CYS O 132 37.48 -39.54 68.31
C CYS O 132 38.79 -38.78 68.33
N ILE O 133 39.21 -38.29 67.18
CA ILE O 133 40.33 -37.31 67.09
C ILE O 133 39.86 -36.07 66.37
N LEU O 134 39.90 -34.95 67.08
CA LEU O 134 39.71 -33.61 66.51
C LEU O 134 41.09 -32.98 66.44
N VAL O 135 41.60 -32.80 65.23
CA VAL O 135 42.96 -32.24 65.02
C VAL O 135 42.92 -30.73 65.19
N ASN O 136 44.09 -30.10 65.28
CA ASN O 136 44.30 -28.65 65.51
C ASN O 136 43.19 -27.82 64.84
N ASN O 137 42.52 -26.94 65.61
CA ASN O 137 41.66 -25.84 65.13
C ASN O 137 40.36 -26.35 64.51
N THR O 138 40.14 -27.66 64.53
CA THR O 138 38.79 -28.22 64.31
C THR O 138 37.81 -27.42 65.15
N ALA O 139 36.64 -27.18 64.58
CA ALA O 139 35.62 -26.26 65.13
C ALA O 139 34.23 -26.81 64.86
N LEU O 140 33.50 -27.08 65.95
CA LEU O 140 32.11 -27.56 65.93
C LEU O 140 31.22 -26.39 66.32
N ALA O 141 30.56 -25.75 65.36
CA ALA O 141 29.90 -24.43 65.55
C ALA O 141 28.92 -24.51 66.71
N GLY O 142 28.18 -25.61 66.78
CA GLY O 142 27.18 -25.89 67.82
C GLY O 142 26.28 -27.05 67.47
N HIS O 143 25.80 -27.75 68.50
CA HIS O 143 24.86 -28.90 68.46
C HIS O 143 25.36 -29.94 67.46
N VAL O 144 26.67 -30.05 67.30
CA VAL O 144 27.29 -31.06 66.41
C VAL O 144 27.42 -32.36 67.18
N HIS O 145 26.95 -33.47 66.61
CA HIS O 145 27.16 -34.84 67.16
C HIS O 145 28.25 -35.51 66.33
N VAL O 146 29.32 -35.94 67.01
CA VAL O 146 30.45 -36.73 66.44
C VAL O 146 30.40 -38.11 67.06
N ASP O 147 29.99 -39.10 66.26
CA ASP O 147 29.93 -40.53 66.69
C ASP O 147 31.35 -41.08 66.73
N ASP O 148 31.54 -42.32 67.20
CA ASP O 148 32.84 -42.84 67.70
C ASP O 148 33.86 -43.01 66.58
N TRP O 149 35.15 -42.89 66.91
CA TRP O 149 36.30 -43.24 66.02
C TRP O 149 36.47 -42.19 64.91
N ALA O 150 35.57 -41.21 64.85
CA ALA O 150 35.63 -40.19 63.80
C ALA O 150 36.95 -39.48 63.95
N ILE O 151 37.47 -39.03 62.82
CA ILE O 151 38.71 -38.23 62.75
C ILE O 151 38.39 -37.01 61.90
N LEU O 152 38.57 -35.84 62.52
CA LEU O 152 38.47 -34.56 61.80
C LEU O 152 39.89 -34.01 61.69
N SER O 153 40.46 -34.06 60.48
CA SER O 153 41.78 -33.48 60.15
C SER O 153 41.78 -32.00 60.56
N GLY O 154 42.94 -31.35 60.53
CA GLY O 154 43.14 -29.99 61.03
C GLY O 154 42.22 -28.98 60.37
N TYR O 155 41.74 -27.99 61.12
CA TYR O 155 41.01 -26.82 60.57
C TYR O 155 39.78 -27.32 59.79
N THR O 156 39.17 -28.39 60.32
CA THR O 156 37.86 -28.91 59.86
C THR O 156 36.77 -28.09 60.54
N LEU O 157 35.83 -27.57 59.76
CA LEU O 157 34.76 -26.66 60.23
C LEU O 157 33.43 -27.37 60.02
N VAL O 158 32.55 -27.34 61.02
CA VAL O 158 31.31 -28.17 61.02
C VAL O 158 30.12 -27.31 61.42
N HIS O 159 29.17 -27.07 60.51
CA HIS O 159 28.12 -26.01 60.63
C HIS O 159 27.12 -26.51 61.69
N GLN O 160 26.46 -25.55 62.40
CA GLN O 160 25.41 -25.79 63.43
C GLN O 160 24.76 -27.15 63.05
N TYR O 161 24.60 -28.09 63.98
CA TYR O 161 23.62 -29.24 63.89
C TYR O 161 24.05 -30.42 63.00
N CYS O 162 25.23 -30.41 62.40
CA CYS O 162 25.66 -31.55 61.54
C CYS O 162 25.98 -32.78 62.39
N ARG O 163 25.78 -33.96 61.84
CA ARG O 163 26.17 -35.27 62.45
C ARG O 163 27.35 -35.81 61.66
N ILE O 164 28.46 -36.03 62.34
CA ILE O 164 29.64 -36.75 61.80
C ILE O 164 29.49 -38.21 62.23
N GLY O 165 29.01 -39.08 61.35
CA GLY O 165 28.88 -40.53 61.60
C GLY O 165 30.23 -41.18 61.97
N ALA O 166 30.17 -42.37 62.54
CA ALA O 166 31.32 -43.08 63.11
C ALA O 166 32.35 -43.54 62.09
N HIS O 167 33.62 -43.50 62.44
CA HIS O 167 34.80 -43.85 61.60
C HIS O 167 34.91 -42.91 60.42
N SER O 168 34.02 -41.94 60.33
CA SER O 168 34.08 -40.95 59.23
C SER O 168 35.40 -40.21 59.37
N PHE O 169 35.76 -39.49 58.33
CA PHE O 169 37.04 -38.78 58.21
C PHE O 169 36.87 -37.54 57.36
N SER O 170 37.16 -36.38 57.93
CA SER O 170 37.30 -35.11 57.18
C SER O 170 38.78 -34.84 56.90
N GLY O 171 39.11 -34.40 55.69
CA GLY O 171 40.48 -33.94 55.35
C GLY O 171 40.73 -32.55 55.89
N MET O 172 41.96 -32.03 55.76
CA MET O 172 42.29 -30.72 56.36
C MET O 172 41.55 -29.62 55.60
N GLY O 173 41.20 -28.54 56.29
CA GLY O 173 40.40 -27.40 55.78
C GLY O 173 39.05 -27.82 55.23
N SER O 174 38.52 -28.98 55.58
CA SER O 174 37.14 -29.38 55.20
C SER O 174 36.13 -28.42 55.84
N ALA O 175 35.08 -28.09 55.08
CA ALA O 175 34.01 -27.16 55.48
C ALA O 175 32.66 -27.88 55.39
N ILE O 176 32.33 -28.58 56.46
CA ILE O 176 31.23 -29.58 56.47
C ILE O 176 29.90 -28.86 56.75
N GLY O 177 29.04 -28.73 55.73
CA GLY O 177 27.77 -28.01 55.83
C GLY O 177 26.58 -28.93 56.10
N LYS O 178 26.80 -30.25 56.03
CA LYS O 178 25.73 -31.27 56.10
C LYS O 178 26.31 -32.57 56.62
N ASP O 179 25.46 -33.49 57.04
CA ASP O 179 25.89 -34.73 57.72
C ASP O 179 26.95 -35.49 56.92
N VAL O 180 27.88 -36.09 57.64
CA VAL O 180 28.88 -37.06 57.09
C VAL O 180 28.51 -38.46 57.55
N PRO O 181 28.13 -39.34 56.61
CA PRO O 181 27.77 -40.71 56.96
C PRO O 181 28.93 -41.46 57.60
N ALA O 182 28.62 -42.46 58.40
CA ALA O 182 29.62 -43.40 58.96
C ALA O 182 30.62 -43.78 57.88
N TYR O 183 31.91 -43.82 58.21
CA TYR O 183 33.00 -44.39 57.38
C TYR O 183 33.40 -43.47 56.22
N VAL O 184 32.65 -42.42 55.91
CA VAL O 184 32.87 -41.66 54.67
C VAL O 184 34.05 -40.70 54.85
N THR O 185 34.89 -40.58 53.82
CA THR O 185 35.96 -39.56 53.74
C THR O 185 35.38 -38.35 52.98
N VAL O 186 35.48 -37.15 53.56
CA VAL O 186 35.03 -35.89 52.91
C VAL O 186 36.18 -34.88 52.90
N PHE O 187 36.22 -34.04 51.88
CA PHE O 187 37.35 -33.13 51.62
C PHE O 187 36.84 -31.80 51.07
N GLY O 188 37.39 -30.69 51.54
CA GLY O 188 37.36 -29.40 50.83
C GLY O 188 36.23 -28.49 51.28
N ASN O 189 36.14 -27.34 50.59
CA ASN O 189 35.19 -26.25 50.91
C ASN O 189 34.38 -25.91 49.67
N PRO O 190 33.13 -26.42 49.59
CA PRO O 190 32.51 -27.10 50.71
C PRO O 190 32.83 -28.59 50.65
N ALA O 191 32.88 -29.26 51.80
CA ALA O 191 33.11 -30.71 51.94
C ALA O 191 32.31 -31.47 50.86
N GLU O 192 32.96 -32.36 50.10
CA GLU O 192 32.29 -33.41 49.28
C GLU O 192 32.75 -34.78 49.78
N ALA O 193 31.98 -35.82 49.45
CA ALA O 193 32.33 -37.24 49.72
C ALA O 193 33.41 -37.64 48.73
N ARG O 194 34.37 -38.50 49.09
CA ARG O 194 35.35 -39.07 48.14
C ARG O 194 35.30 -40.59 48.19
N SER O 195 35.63 -41.18 49.32
CA SER O 195 35.69 -42.65 49.53
C SER O 195 35.08 -43.00 50.88
N MET O 196 35.26 -44.24 51.27
CA MET O 196 35.13 -44.66 52.68
C MET O 196 36.55 -44.80 53.22
N ASN O 197 36.61 -44.82 54.55
CA ASN O 197 37.85 -44.72 55.34
C ASN O 197 38.33 -46.14 55.61
N PHE O 198 38.86 -46.77 54.57
CA PHE O 198 39.30 -48.18 54.63
C PHE O 198 40.37 -48.24 55.70
N GLU O 199 41.18 -47.18 55.75
CA GLU O 199 42.24 -47.04 56.77
C GLU O 199 41.68 -47.54 58.11
N GLY O 200 40.89 -46.71 58.78
CA GLY O 200 40.42 -46.92 60.16
C GLY O 200 39.47 -48.11 60.26
N MET O 201 39.15 -48.75 59.12
CA MET O 201 38.44 -50.05 59.06
C MET O 201 39.45 -51.16 59.29
N ARG O 202 40.62 -51.12 58.62
CA ARG O 202 41.69 -52.13 58.83
C ARG O 202 42.06 -51.95 60.29
N ARG O 203 42.20 -50.71 60.78
CA ARG O 203 42.55 -50.42 62.20
C ARG O 203 41.57 -51.10 63.13
N ARG O 204 40.28 -51.10 62.86
CA ARG O 204 39.29 -51.81 63.73
C ARG O 204 39.29 -53.32 63.49
N GLY O 205 40.09 -53.82 62.54
CA GLY O 205 40.17 -55.24 62.20
C GLY O 205 38.87 -55.77 61.61
N PHE O 206 38.11 -54.93 60.90
CA PHE O 206 36.92 -55.34 60.13
C PHE O 206 37.26 -56.52 59.23
N SER O 207 36.30 -57.43 59.00
CA SER O 207 36.49 -58.58 58.07
C SER O 207 36.64 -58.01 56.67
N SER O 208 37.26 -58.74 55.75
CA SER O 208 37.38 -58.25 54.36
C SER O 208 36.00 -58.19 53.74
N GLU O 209 35.09 -59.15 54.03
CA GLU O 209 33.71 -59.14 53.45
C GLU O 209 33.09 -57.79 53.82
N ALA O 210 33.27 -57.39 55.07
CA ALA O 210 32.63 -56.18 55.64
C ALA O 210 33.18 -54.95 54.92
N ILE O 211 34.49 -54.91 54.72
CA ILE O 211 35.12 -53.79 53.95
C ILE O 211 34.48 -53.76 52.55
N HIS O 212 34.62 -54.82 51.75
CA HIS O 212 34.05 -54.92 50.38
C HIS O 212 32.59 -54.47 50.42
N ALA O 213 31.81 -54.93 51.41
CA ALA O 213 30.36 -54.67 51.53
C ALA O 213 30.09 -53.18 51.72
N LEU O 214 31.01 -52.52 52.43
CA LEU O 214 30.99 -51.07 52.72
C LEU O 214 31.37 -50.30 51.47
N ARG O 215 32.33 -50.78 50.70
CA ARG O 215 32.61 -50.18 49.37
C ARG O 215 31.32 -50.30 48.55
N ARG O 216 30.72 -51.51 48.42
CA ARG O 216 29.47 -51.70 47.63
C ARG O 216 28.50 -50.60 48.08
N ALA O 217 28.35 -50.45 49.39
CA ALA O 217 27.35 -49.56 50.01
C ALA O 217 27.61 -48.11 49.61
N TYR O 218 28.87 -47.67 49.66
CA TYR O 218 29.26 -46.31 49.23
C TYR O 218 28.74 -46.12 47.80
N LYS O 219 29.20 -47.02 46.94
CA LYS O 219 29.00 -46.96 45.48
C LYS O 219 27.49 -46.69 45.26
N VAL O 220 26.64 -47.37 46.04
CA VAL O 220 25.16 -47.34 45.90
C VAL O 220 24.62 -45.92 46.08
N VAL O 221 24.94 -45.37 47.24
CA VAL O 221 24.47 -44.05 47.71
C VAL O 221 24.85 -43.02 46.66
N TYR O 222 26.17 -42.94 46.47
CA TYR O 222 26.91 -41.83 45.81
C TYR O 222 27.02 -42.10 44.32
N ARG O 223 27.95 -43.01 43.96
CA ARG O 223 28.38 -43.19 42.56
C ARG O 223 27.36 -44.00 41.72
N GLN O 224 26.15 -44.36 42.15
CA GLN O 224 25.17 -45.01 41.22
C GLN O 224 24.05 -44.01 40.88
N GLY O 225 24.19 -42.77 41.38
CA GLY O 225 23.11 -41.80 41.56
C GLY O 225 21.76 -42.49 41.70
N HIS O 226 21.61 -43.39 42.64
CA HIS O 226 20.27 -43.65 43.20
C HIS O 226 19.88 -42.33 43.91
N THR O 227 18.59 -42.04 44.16
CA THR O 227 18.18 -40.97 45.13
C THR O 227 18.81 -41.30 46.50
N VAL O 228 18.56 -40.49 47.52
CA VAL O 228 18.91 -40.85 48.92
C VAL O 228 17.99 -42.01 49.31
N GLU O 229 16.67 -41.83 49.22
CA GLU O 229 15.67 -42.87 49.57
C GLU O 229 15.94 -44.17 48.82
N GLU O 230 16.21 -44.05 47.53
CA GLU O 230 16.37 -45.21 46.61
C GLU O 230 17.48 -46.07 47.19
N ALA O 231 18.57 -45.44 47.61
CA ALA O 231 19.77 -46.17 48.08
C ALA O 231 19.48 -46.83 49.42
N LEU O 232 18.86 -46.10 50.35
CA LEU O 232 18.53 -46.66 51.68
C LEU O 232 17.80 -47.99 51.52
N ALA O 233 16.96 -48.03 50.49
CA ALA O 233 16.20 -49.22 50.06
C ALA O 233 17.17 -50.35 49.67
N GLU O 234 18.08 -50.04 48.76
CA GLU O 234 19.08 -51.01 48.25
C GLU O 234 19.84 -51.63 49.43
N LEU O 235 20.35 -50.78 50.30
CA LEU O 235 21.28 -51.15 51.39
C LEU O 235 20.64 -52.22 52.29
N ALA O 236 19.39 -52.03 52.73
CA ALA O 236 18.51 -53.00 53.41
C ALA O 236 19.09 -54.43 53.52
N GLU O 237 19.20 -55.15 52.38
CA GLU O 237 19.85 -56.50 52.29
C GLU O 237 21.25 -56.43 52.89
N SER O 238 22.17 -55.70 52.22
CA SER O 238 23.57 -55.40 52.64
C SER O 238 23.65 -55.24 54.18
N ALA O 239 22.65 -54.62 54.79
CA ALA O 239 22.68 -54.08 56.16
C ALA O 239 22.22 -55.13 57.18
N ALA O 240 21.34 -56.03 56.74
CA ALA O 240 21.00 -57.21 57.57
C ALA O 240 22.25 -58.08 57.71
N GLN O 241 22.85 -58.32 56.55
CA GLN O 241 24.03 -59.18 56.37
C GLN O 241 25.18 -58.70 57.27
N PHE O 242 25.41 -57.39 57.39
CA PHE O 242 26.63 -56.82 58.01
C PHE O 242 26.25 -55.69 58.95
N PRO O 243 26.24 -55.94 60.27
CA PRO O 243 26.18 -54.86 61.23
C PRO O 243 27.01 -53.63 60.86
N GLU O 244 28.16 -53.80 60.23
CA GLU O 244 29.04 -52.66 59.83
C GLU O 244 28.30 -51.75 58.83
N VAL O 245 27.60 -52.33 57.86
CA VAL O 245 26.84 -51.60 56.80
C VAL O 245 25.64 -50.94 57.48
N ALA O 246 25.02 -51.70 58.37
CA ALA O 246 23.82 -51.28 59.14
C ALA O 246 24.03 -49.85 59.63
N VAL O 247 25.13 -49.66 60.35
CA VAL O 247 25.65 -48.36 60.85
C VAL O 247 25.60 -47.26 59.79
N PHE O 248 26.14 -47.59 58.62
CA PHE O 248 26.23 -46.68 57.46
C PHE O 248 24.83 -46.35 56.98
N ARG O 249 23.97 -47.34 56.75
CA ARG O 249 22.55 -47.07 56.41
C ARG O 249 21.95 -46.17 57.50
N ASP O 250 22.05 -46.60 58.76
CA ASP O 250 21.50 -45.86 59.92
C ASP O 250 22.03 -44.42 59.90
N SER O 251 23.31 -44.15 59.62
CA SER O 251 23.77 -42.73 59.57
C SER O 251 22.90 -41.99 58.54
N ILE O 252 22.85 -42.50 57.32
CA ILE O 252 22.17 -41.83 56.17
C ILE O 252 20.69 -41.66 56.48
N GLN O 253 20.08 -42.70 57.06
CA GLN O 253 18.69 -42.64 57.54
C GLN O 253 18.39 -41.26 58.13
N SER O 254 18.77 -41.10 59.40
CA SER O 254 18.31 -40.01 60.27
C SER O 254 19.21 -38.81 60.00
N ALA O 255 19.38 -38.53 58.71
CA ALA O 255 19.84 -37.25 58.17
C ALA O 255 18.79 -36.66 57.26
N THR O 256 18.01 -37.50 56.56
CA THR O 256 16.94 -37.07 55.63
C THR O 256 15.61 -37.55 56.23
N ARG O 257 14.75 -36.71 56.79
CA ARG O 257 13.34 -37.15 56.96
C ARG O 257 12.52 -36.59 55.80
N GLY O 258 12.95 -35.48 55.19
CA GLY O 258 12.23 -34.81 54.08
C GLY O 258 10.82 -34.36 54.47
N ILE O 259 10.07 -33.87 53.48
CA ILE O 259 8.67 -33.40 53.63
C ILE O 259 7.79 -34.24 52.71
N THR O 260 6.48 -34.19 52.90
CA THR O 260 5.50 -34.74 51.96
C THR O 260 5.64 -33.98 50.65
N ARG O 261 6.08 -34.62 49.57
CA ARG O 261 5.84 -34.08 48.20
C ARG O 261 4.52 -34.68 47.74
N SER P 5 42.01 64.66 38.39
CA SER P 5 43.44 64.61 37.84
C SER P 5 43.90 63.18 37.42
N LEU P 6 44.38 63.03 36.18
CA LEU P 6 44.31 61.88 35.21
C LEU P 6 44.81 60.55 35.77
N ILE P 7 46.05 60.58 36.22
CA ILE P 7 46.79 59.43 36.81
C ILE P 7 46.50 59.47 38.31
N ASP P 8 45.70 58.52 38.79
CA ASP P 8 45.30 58.40 40.22
C ASP P 8 46.54 58.47 41.09
N PRO P 9 46.49 59.15 42.26
CA PRO P 9 47.65 59.17 43.14
C PRO P 9 47.89 57.80 43.79
N ARG P 10 46.89 56.93 43.94
CA ARG P 10 47.11 55.63 44.64
C ARG P 10 47.76 54.61 43.71
N ALA P 11 47.97 54.97 42.44
CA ALA P 11 48.61 54.13 41.43
C ALA P 11 50.13 54.29 41.55
N ILE P 12 50.89 53.28 41.13
CA ILE P 12 52.38 53.35 41.11
C ILE P 12 52.83 53.45 39.67
N ILE P 13 53.65 54.47 39.37
CA ILE P 13 54.29 54.60 38.03
C ILE P 13 55.80 54.60 38.22
N ASP P 14 56.49 53.66 37.58
CA ASP P 14 57.97 53.65 37.55
C ASP P 14 58.46 54.96 36.96
N PRO P 15 59.58 55.54 37.48
CA PRO P 15 60.18 56.70 36.83
C PRO P 15 60.55 56.38 35.38
N SER P 16 60.97 55.13 35.10
CA SER P 16 61.44 54.72 33.76
C SER P 16 60.25 54.61 32.79
N ALA P 17 59.01 54.41 33.25
CA ALA P 17 57.81 54.29 32.37
C ALA P 17 57.57 55.63 31.68
N ARG P 18 56.83 55.66 30.58
CA ARG P 18 56.61 56.94 29.85
C ARG P 18 55.26 56.90 29.13
N LEU P 19 54.37 57.88 29.44
CA LEU P 19 52.89 57.93 29.19
C LEU P 19 52.51 59.22 28.45
N ALA P 20 51.92 59.18 27.26
CA ALA P 20 51.45 60.38 26.52
C ALA P 20 50.48 61.19 27.39
N ALA P 21 50.28 62.49 27.08
CA ALA P 21 49.69 63.52 27.97
C ALA P 21 48.40 63.02 28.66
N ASP P 22 47.39 62.65 27.87
CA ASP P 22 45.98 62.46 28.34
C ASP P 22 45.72 60.96 28.62
N VAL P 23 46.76 60.20 28.93
CA VAL P 23 46.61 58.83 29.49
C VAL P 23 46.04 58.97 30.89
N GLN P 24 45.18 58.02 31.25
CA GLN P 24 44.69 57.86 32.64
C GLN P 24 45.09 56.51 33.21
N VAL P 25 45.25 56.48 34.53
CA VAL P 25 45.51 55.23 35.30
C VAL P 25 44.63 55.26 36.55
N GLY P 26 43.77 54.24 36.70
CA GLY P 26 42.90 54.04 37.88
C GLY P 26 43.77 53.78 39.10
N PRO P 27 43.18 53.73 40.32
CA PRO P 27 43.97 53.47 41.52
C PRO P 27 44.55 52.05 41.63
N TRP P 28 45.69 51.88 42.31
CA TRP P 28 46.25 50.56 42.70
C TRP P 28 46.75 49.81 41.46
N SER P 29 46.82 50.51 40.34
CA SER P 29 47.41 49.97 39.11
C SER P 29 48.90 50.29 39.17
N ILE P 30 49.72 49.39 38.64
CA ILE P 30 51.19 49.51 38.60
C ILE P 30 51.59 49.60 37.15
N VAL P 31 52.38 50.62 36.81
CA VAL P 31 53.00 50.74 35.47
C VAL P 31 54.50 50.50 35.63
N GLY P 32 54.90 49.21 35.62
CA GLY P 32 56.29 48.70 35.80
C GLY P 32 57.27 49.51 34.97
N ALA P 33 58.56 49.30 35.17
CA ALA P 33 59.59 50.03 34.38
C ALA P 33 59.40 49.68 32.90
N GLU P 34 59.89 50.52 31.99
CA GLU P 34 60.04 50.22 30.55
C GLU P 34 58.66 50.10 29.88
N VAL P 35 57.60 50.56 30.55
CA VAL P 35 56.25 50.50 29.96
C VAL P 35 55.94 51.85 29.32
N GLU P 36 55.53 51.80 28.06
CA GLU P 36 55.23 52.99 27.23
C GLU P 36 53.73 52.94 26.93
N ILE P 37 52.99 54.02 27.18
CA ILE P 37 51.51 54.03 26.97
C ILE P 37 51.15 55.21 26.06
N GLY P 38 50.55 54.91 24.90
CA GLY P 38 50.23 55.90 23.85
C GLY P 38 49.07 56.79 24.23
N GLU P 39 48.92 57.89 23.50
CA GLU P 39 47.86 58.93 23.66
C GLU P 39 46.47 58.31 23.93
N GLY P 40 45.71 58.88 24.88
CA GLY P 40 44.25 58.64 25.04
C GLY P 40 43.90 57.26 25.56
N THR P 41 44.89 56.45 25.93
CA THR P 41 44.70 55.11 26.53
C THR P 41 44.17 55.32 27.95
N VAL P 42 43.43 54.32 28.44
CA VAL P 42 42.85 54.30 29.82
C VAL P 42 43.26 52.99 30.50
N ILE P 43 43.92 53.09 31.65
CA ILE P 43 44.21 51.91 32.49
C ILE P 43 43.24 51.92 33.66
N GLY P 44 42.43 50.87 33.80
CA GLY P 44 41.47 50.76 34.91
C GLY P 44 42.18 50.66 36.26
N PRO P 45 41.44 50.48 37.36
CA PRO P 45 42.04 50.13 38.66
C PRO P 45 42.65 48.73 38.71
N HIS P 46 43.34 48.39 39.80
CA HIS P 46 44.10 47.12 40.00
C HIS P 46 44.59 46.50 38.67
N VAL P 47 45.34 47.24 37.87
CA VAL P 47 46.04 46.65 36.70
C VAL P 47 47.52 46.53 37.07
N VAL P 48 48.20 45.61 36.37
CA VAL P 48 49.65 45.36 36.49
C VAL P 48 50.21 45.36 35.07
N LEU P 49 50.99 46.38 34.73
CA LEU P 49 51.81 46.43 33.49
C LEU P 49 53.27 46.18 33.89
N LYS P 50 53.96 45.36 33.09
CA LYS P 50 55.42 45.11 33.22
C LYS P 50 55.97 45.25 31.82
N GLY P 51 57.25 45.60 31.70
CA GLY P 51 57.91 45.91 30.42
C GLY P 51 59.04 44.92 30.10
N PRO P 52 59.84 45.13 29.05
CA PRO P 52 59.63 46.21 28.08
C PRO P 52 58.36 46.00 27.27
N THR P 53 57.42 46.93 27.37
CA THR P 53 56.07 46.80 26.78
C THR P 53 55.69 48.14 26.18
N LYS P 54 55.06 48.10 25.02
CA LYS P 54 54.73 49.32 24.25
C LYS P 54 53.25 49.25 23.94
N ILE P 55 52.44 50.11 24.54
CA ILE P 55 50.95 50.11 24.36
C ILE P 55 50.55 51.33 23.54
N GLY P 56 49.87 51.13 22.41
CA GLY P 56 49.50 52.18 21.46
C GLY P 56 48.46 53.13 22.04
N LYS P 57 47.62 53.70 21.17
CA LYS P 57 46.73 54.87 21.45
C LYS P 57 45.31 54.39 21.66
N HIS P 58 44.52 55.14 22.45
CA HIS P 58 43.07 54.87 22.66
C HIS P 58 42.81 53.39 22.99
N ASN P 59 43.56 52.77 23.91
CA ASN P 59 43.23 51.41 24.41
C ASN P 59 42.50 51.57 25.74
N ARG P 60 41.63 50.60 26.09
CA ARG P 60 40.85 50.55 27.34
C ARG P 60 41.33 49.18 27.92
N ILE P 61 42.07 49.17 29.04
CA ILE P 61 42.50 47.93 29.76
C ILE P 61 41.86 47.88 31.16
N TYR P 62 41.23 46.75 31.53
CA TYR P 62 40.43 46.64 32.77
C TYR P 62 41.20 45.97 33.90
N GLN P 63 40.56 45.93 35.08
CA GLN P 63 41.08 45.43 36.38
C GLN P 63 41.58 43.98 36.30
N PHE P 64 42.55 43.57 37.13
CA PHE P 64 42.97 42.16 37.38
C PHE P 64 43.77 41.59 36.18
N SER P 65 44.02 42.49 35.21
CA SER P 65 44.79 42.22 33.98
C SER P 65 46.27 42.35 34.34
N SER P 66 47.05 41.36 33.91
CA SER P 66 48.50 41.26 34.16
C SER P 66 49.14 41.25 32.76
N VAL P 67 49.37 42.45 32.22
CA VAL P 67 49.82 42.69 30.82
C VAL P 67 51.31 43.01 30.77
N GLY P 68 52.07 42.10 30.17
CA GLY P 68 53.52 42.21 29.97
C GLY P 68 54.30 41.47 31.03
N GLU P 69 53.74 40.41 31.65
CA GLU P 69 54.49 39.54 32.60
C GLU P 69 55.35 38.55 31.78
N ASP P 70 56.37 37.90 32.38
CA ASP P 70 57.28 36.93 31.68
C ASP P 70 56.48 35.65 31.41
N THR P 71 56.73 34.86 30.36
CA THR P 71 55.92 33.60 30.33
C THR P 71 56.47 32.67 31.41
N PRO P 72 55.65 31.86 32.10
CA PRO P 72 56.15 31.00 33.16
C PRO P 72 56.97 29.82 32.63
N ASP P 73 56.68 29.38 31.38
CA ASP P 73 57.34 28.33 30.55
C ASP P 73 58.84 28.33 30.84
N LEU P 74 59.47 27.20 31.10
CA LEU P 74 60.85 27.21 31.70
C LEU P 74 61.90 27.54 30.64
N LYS P 75 61.55 27.22 29.40
CA LYS P 75 62.15 27.67 28.12
C LYS P 75 62.77 29.07 28.33
N TYR P 76 61.96 30.05 28.68
CA TYR P 76 62.37 31.46 28.89
C TYR P 76 63.14 31.57 30.18
N LYS P 77 64.40 32.00 30.16
CA LYS P 77 65.16 32.24 31.42
C LYS P 77 65.43 33.73 31.56
N GLY P 78 64.43 34.61 31.37
CA GLY P 78 64.52 36.02 31.78
C GLY P 78 65.18 36.92 30.76
N GLU P 79 65.57 36.42 29.59
CA GLU P 79 66.16 37.25 28.49
C GLU P 79 65.21 38.43 28.29
N PRO P 80 65.63 39.59 27.73
CA PRO P 80 64.98 40.86 28.05
C PRO P 80 63.95 41.21 26.97
N THR P 81 62.95 40.34 26.72
CA THR P 81 62.05 40.35 25.52
C THR P 81 60.90 41.36 25.63
N ARG P 82 60.09 41.52 24.58
CA ARG P 82 59.13 42.66 24.44
C ARG P 82 57.72 42.13 24.22
N LEU P 83 56.75 42.97 24.61
CA LEU P 83 55.30 42.97 24.21
C LEU P 83 54.99 44.30 23.53
N VAL P 84 54.18 44.24 22.47
CA VAL P 84 53.72 45.40 21.68
C VAL P 84 52.22 45.28 21.44
N ILE P 85 51.48 46.34 21.76
CA ILE P 85 50.01 46.43 21.53
C ILE P 85 49.74 47.67 20.70
N GLY P 86 48.99 47.51 19.60
CA GLY P 86 48.59 48.62 18.72
C GLY P 86 47.56 49.54 19.38
N ASP P 87 46.62 50.05 18.59
CA ASP P 87 45.70 51.15 18.95
C ASP P 87 44.27 50.61 19.04
N HIS P 88 43.35 51.37 19.66
CA HIS P 88 41.88 51.08 19.74
C HIS P 88 41.64 49.61 20.15
N ASN P 89 42.42 49.06 21.09
CA ASN P 89 42.17 47.68 21.57
C ASN P 89 41.41 47.77 22.88
N VAL P 90 40.63 46.72 23.17
CA VAL P 90 40.01 46.51 24.50
C VAL P 90 40.46 45.21 25.14
N ILE P 91 40.97 45.34 26.35
CA ILE P 91 41.43 44.19 27.15
C ILE P 91 40.58 44.17 28.42
N ARG P 92 39.65 43.22 28.47
CA ARG P 92 38.65 43.10 29.55
C ARG P 92 39.30 42.57 30.83
N GLU P 93 38.44 42.32 31.82
CA GLU P 93 38.85 42.03 33.21
C GLU P 93 39.65 40.71 33.24
N GLY P 94 40.88 40.74 33.76
CA GLY P 94 41.61 39.52 34.20
C GLY P 94 42.47 38.91 33.10
N VAL P 95 42.63 39.64 32.01
CA VAL P 95 43.40 39.12 30.87
C VAL P 95 44.88 39.08 31.26
N THR P 96 45.56 38.05 30.78
CA THR P 96 47.02 37.88 30.89
C THR P 96 47.61 37.94 29.49
N ILE P 97 48.65 38.75 29.34
CA ILE P 97 49.45 38.81 28.10
C ILE P 97 50.93 38.73 28.51
N HIS P 98 51.65 37.76 27.95
CA HIS P 98 53.05 37.45 28.32
C HIS P 98 53.98 37.96 27.19
N ARG P 99 55.13 38.49 27.55
CA ARG P 99 56.11 38.90 26.53
C ARG P 99 56.83 37.65 26.01
N GLY P 100 57.26 37.80 24.75
CA GLY P 100 58.05 36.83 23.96
C GLY P 100 59.15 36.15 24.74
N THR P 101 59.83 35.27 23.99
CA THR P 101 61.00 34.43 24.38
C THR P 101 62.02 34.68 23.29
N VAL P 102 63.33 34.63 23.56
CA VAL P 102 64.33 34.84 22.46
C VAL P 102 64.24 33.67 21.47
N GLN P 103 63.86 32.48 21.92
CA GLN P 103 63.71 31.24 21.10
C GLN P 103 62.93 31.53 19.81
N ASP P 104 61.82 32.29 19.80
CA ASP P 104 61.03 32.58 18.56
C ASP P 104 61.35 34.03 18.17
N ARG P 105 60.42 34.99 18.08
CA ARG P 105 60.80 36.31 17.52
C ARG P 105 61.06 37.31 18.65
N ALA P 106 61.03 36.88 19.91
CA ALA P 106 61.43 37.72 21.05
C ALA P 106 60.35 38.80 21.28
N GLU P 107 59.17 38.62 20.71
CA GLU P 107 58.09 39.61 20.86
C GLU P 107 56.74 38.92 20.64
N THR P 108 55.86 39.21 21.62
CA THR P 108 54.39 39.04 21.61
C THR P 108 53.78 40.31 21.05
N THR P 109 52.82 40.22 20.13
CA THR P 109 52.38 41.37 19.29
C THR P 109 50.87 41.39 19.08
N ILE P 110 50.26 42.54 19.31
CA ILE P 110 48.81 42.73 19.07
C ILE P 110 48.61 43.98 18.22
N GLY P 111 47.76 43.86 17.20
CA GLY P 111 47.47 44.92 16.22
C GLY P 111 46.46 45.91 16.76
N ASP P 112 45.49 46.33 15.94
CA ASP P 112 44.53 47.41 16.27
C ASP P 112 43.09 46.83 16.37
N HIS P 113 42.17 47.53 17.04
CA HIS P 113 40.69 47.28 17.01
C HIS P 113 40.30 45.89 17.53
N ASN P 114 41.18 45.23 18.29
CA ASN P 114 40.90 43.88 18.84
C ASN P 114 40.14 44.00 20.17
N LEU P 115 39.25 43.03 20.37
CA LEU P 115 38.48 42.85 21.61
C LEU P 115 38.90 41.55 22.26
N ILE P 116 39.55 41.65 23.41
CA ILE P 116 40.03 40.47 24.17
C ILE P 116 39.27 40.45 25.48
N MET P 117 38.36 39.48 25.64
CA MET P 117 37.41 39.51 26.77
C MET P 117 38.00 38.81 27.96
N ALA P 118 37.21 38.74 29.01
CA ALA P 118 37.68 38.44 30.39
C ALA P 118 38.47 37.12 30.49
N TYR P 119 39.50 37.10 31.32
CA TYR P 119 40.24 35.89 31.78
C TYR P 119 40.92 35.21 30.55
N ALA P 120 40.93 35.87 29.39
CA ALA P 120 41.66 35.37 28.20
C ALA P 120 43.15 35.35 28.49
N HIS P 121 43.89 34.49 27.81
CA HIS P 121 45.36 34.38 27.93
C HIS P 121 45.98 34.47 26.54
N ILE P 122 47.07 35.21 26.43
CA ILE P 122 47.83 35.39 25.16
C ILE P 122 49.30 35.11 25.43
N GLY P 123 49.72 33.84 25.29
CA GLY P 123 51.02 33.31 25.74
C GLY P 123 52.18 33.89 24.93
N HIS P 124 53.40 33.66 25.43
CA HIS P 124 54.67 34.14 24.81
C HIS P 124 54.60 34.07 23.29
N ASP P 125 54.91 35.16 22.61
CA ASP P 125 55.26 35.16 21.16
C ASP P 125 54.02 35.04 20.27
N SER P 126 52.83 34.99 20.85
CA SER P 126 51.59 34.98 20.05
C SER P 126 51.54 36.30 19.28
N VAL P 127 50.73 36.37 18.23
CA VAL P 127 50.67 37.53 17.32
C VAL P 127 49.25 37.73 16.82
N ILE P 128 48.63 38.86 17.15
CA ILE P 128 47.22 39.12 16.78
C ILE P 128 47.17 40.32 15.82
N GLY P 129 46.34 40.16 14.78
CA GLY P 129 46.11 41.16 13.74
C GLY P 129 45.17 42.24 14.21
N ASN P 130 44.06 42.46 13.47
CA ASN P 130 43.11 43.57 13.75
C ASN P 130 41.67 43.06 13.78
N HIS P 131 40.78 43.76 14.50
CA HIS P 131 39.33 43.49 14.53
C HIS P 131 39.08 42.01 14.91
N CYS P 132 40.01 41.41 15.66
CA CYS P 132 39.81 40.05 16.17
C CYS P 132 38.95 40.12 17.43
N ILE P 133 38.20 39.06 17.71
CA ILE P 133 37.56 38.89 19.03
C ILE P 133 38.00 37.58 19.66
N LEU P 134 38.64 37.68 20.81
CA LEU P 134 38.92 36.53 21.69
C LEU P 134 37.94 36.62 22.84
N VAL P 135 37.01 35.69 22.89
CA VAL P 135 35.94 35.68 23.92
C VAL P 135 36.53 35.12 25.22
N ASN P 136 35.78 35.27 26.33
CA ASN P 136 36.16 34.87 27.70
C ASN P 136 37.02 33.58 27.69
N ASN P 137 38.19 33.63 28.34
CA ASN P 137 39.02 32.45 28.72
C ASN P 137 39.64 31.76 27.50
N THR P 138 39.43 32.30 26.31
CA THR P 138 40.27 31.95 25.14
C THR P 138 41.72 31.98 25.59
N ALA P 139 42.50 31.05 25.09
CA ALA P 139 43.88 30.78 25.54
C ALA P 139 44.75 30.38 24.34
N LEU P 140 45.78 31.19 24.09
CA LEU P 140 46.79 30.95 23.04
C LEU P 140 48.07 30.47 23.72
N ALA P 141 48.36 29.17 23.69
CA ALA P 141 49.39 28.52 24.52
C ALA P 141 50.73 29.20 24.32
N GLY P 142 51.04 29.55 23.07
CA GLY P 142 52.27 30.26 22.67
C GLY P 142 52.50 30.22 21.17
N HIS P 143 53.17 31.25 20.66
CA HIS P 143 53.57 31.45 19.24
C HIS P 143 52.37 31.24 18.32
N VAL P 144 51.17 31.56 18.80
CA VAL P 144 49.94 31.43 17.99
C VAL P 144 49.78 32.71 17.18
N HIS P 145 49.57 32.60 15.86
CA HIS P 145 49.25 33.73 14.98
C HIS P 145 47.75 33.69 14.67
N VAL P 146 47.06 34.78 14.99
CA VAL P 146 45.62 35.00 14.71
C VAL P 146 45.53 36.13 13.69
N ASP P 147 45.19 35.79 12.45
CA ASP P 147 45.00 36.77 11.35
C ASP P 147 43.67 37.51 11.56
N ASP P 148 43.37 38.52 10.75
CA ASP P 148 42.38 39.58 11.07
C ASP P 148 40.95 39.05 11.08
N TRP P 149 40.07 39.67 11.88
CA TRP P 149 38.61 39.42 11.86
C TRP P 149 38.26 38.08 12.49
N ALA P 150 39.26 37.31 12.88
CA ALA P 150 39.03 35.99 13.48
C ALA P 150 38.22 36.19 14.73
N ILE P 151 37.40 35.21 15.03
CA ILE P 151 36.58 35.17 16.27
C ILE P 151 36.79 33.83 16.93
N LEU P 152 37.29 33.86 18.14
CA LEU P 152 37.43 32.65 18.97
C LEU P 152 36.37 32.75 20.07
N SER P 153 35.32 31.94 19.95
CA SER P 153 34.25 31.81 20.96
C SER P 153 34.89 31.46 22.32
N GLY P 154 34.11 31.51 23.39
CA GLY P 154 34.60 31.37 24.77
C GLY P 154 35.36 30.07 24.99
N TYR P 155 36.40 30.10 25.81
CA TYR P 155 37.10 28.88 26.30
C TYR P 155 37.61 28.09 25.09
N THR P 156 38.03 28.81 24.06
CA THR P 156 38.74 28.25 22.89
C THR P 156 40.21 28.12 23.24
N LEU P 157 40.78 26.94 23.02
CA LEU P 157 42.17 26.60 23.40
C LEU P 157 42.97 26.33 22.14
N VAL P 158 44.17 26.91 22.03
CA VAL P 158 44.94 26.89 20.77
C VAL P 158 46.39 26.48 21.05
N HIS P 159 46.81 25.30 20.55
CA HIS P 159 48.06 24.60 20.99
C HIS P 159 49.23 25.38 20.38
N GLN P 160 50.40 25.34 21.07
CA GLN P 160 51.68 26.00 20.68
C GLN P 160 51.62 26.10 19.14
N TYR P 161 51.91 27.26 18.53
CA TYR P 161 52.33 27.40 17.10
C TYR P 161 51.19 27.32 16.05
N CYS P 162 49.92 27.15 16.43
CA CYS P 162 48.82 27.05 15.44
C CYS P 162 48.56 28.42 14.81
N ARG P 163 48.12 28.43 13.55
CA ARG P 163 47.72 29.65 12.81
C ARG P 163 46.21 29.63 12.66
N ILE P 164 45.54 30.65 13.19
CA ILE P 164 44.09 30.89 12.99
C ILE P 164 43.98 31.86 11.83
N GLY P 165 43.68 31.36 10.63
CA GLY P 165 43.48 32.18 9.41
C GLY P 165 42.35 33.20 9.59
N ALA P 166 42.31 34.20 8.71
CA ALA P 166 41.41 35.37 8.83
C ALA P 166 39.94 35.02 8.63
N HIS P 167 39.07 35.71 9.38
CA HIS P 167 37.58 35.53 9.38
C HIS P 167 37.21 34.14 9.87
N SER P 168 38.20 33.36 10.25
CA SER P 168 37.94 32.02 10.81
C SER P 168 37.14 32.22 12.10
N PHE P 169 36.56 31.13 12.58
CA PHE P 169 35.64 31.12 13.73
C PHE P 169 35.76 29.79 14.47
N SER P 170 36.14 29.82 15.73
CA SER P 170 36.06 28.67 16.65
C SER P 170 34.78 28.79 17.49
N GLY P 171 34.07 27.68 17.68
CA GLY P 171 32.92 27.60 18.61
C GLY P 171 33.39 27.51 20.05
N MET P 172 32.48 27.54 21.03
CA MET P 172 32.89 27.56 22.45
C MET P 172 33.47 26.20 22.80
N GLY P 173 34.42 26.18 23.74
CA GLY P 173 35.17 24.98 24.17
C GLY P 173 35.90 24.28 23.04
N SER P 174 36.16 24.94 21.91
CA SER P 174 37.00 24.38 20.84
C SER P 174 38.42 24.15 21.34
N ALA P 175 39.04 23.05 20.92
CA ALA P 175 40.39 22.62 21.32
C ALA P 175 41.26 22.46 20.07
N ILE P 176 41.83 23.56 19.62
CA ILE P 176 42.44 23.69 18.27
C ILE P 176 43.88 23.20 18.34
N GLY P 177 44.16 22.01 17.77
CA GLY P 177 45.49 21.38 17.82
C GLY P 177 46.29 21.62 16.56
N LYS P 178 45.69 22.24 15.54
CA LYS P 178 46.28 22.39 14.18
C LYS P 178 45.66 23.61 13.52
N ASP P 179 46.28 24.08 12.44
CA ASP P 179 45.87 25.35 11.79
C ASP P 179 44.38 25.37 11.45
N VAL P 180 43.77 26.55 11.59
CA VAL P 180 42.40 26.83 11.10
C VAL P 180 42.49 27.74 9.87
N PRO P 181 42.08 27.22 8.69
CA PRO P 181 42.16 27.99 7.46
C PRO P 181 41.27 29.25 7.53
N ALA P 182 41.64 30.27 6.77
CA ALA P 182 40.79 31.47 6.60
C ALA P 182 39.32 31.06 6.44
N TYR P 183 38.40 31.76 7.11
CA TYR P 183 36.94 31.66 6.90
C TYR P 183 36.32 30.42 7.54
N VAL P 184 37.11 29.45 8.00
CA VAL P 184 36.55 28.13 8.41
C VAL P 184 35.94 28.23 9.80
N THR P 185 34.80 27.57 10.02
CA THR P 185 34.19 27.37 11.36
C THR P 185 34.69 26.02 11.89
N VAL P 186 35.23 26.01 13.10
CA VAL P 186 35.70 24.74 13.76
C VAL P 186 35.04 24.63 15.14
N PHE P 187 34.78 23.40 15.57
CA PHE P 187 34.00 23.14 16.80
C PHE P 187 34.56 21.91 17.52
N GLY P 188 34.65 22.00 18.85
CA GLY P 188 34.74 20.82 19.74
C GLY P 188 36.16 20.41 20.08
N ASN P 189 36.26 19.29 20.80
CA ASN P 189 37.53 18.77 21.38
C ASN P 189 37.72 17.33 20.95
N PRO P 190 38.57 17.10 19.93
CA PRO P 190 39.42 18.14 19.38
C PRO P 190 38.66 18.87 18.25
N ALA P 191 38.96 20.14 18.03
CA ALA P 191 38.39 20.99 16.95
C ALA P 191 38.31 20.17 15.66
N GLU P 192 37.14 20.14 15.00
CA GLU P 192 36.99 19.72 13.57
C GLU P 192 36.43 20.90 12.77
N ALA P 193 36.59 20.86 11.44
CA ALA P 193 36.00 21.84 10.49
C ALA P 193 34.51 21.52 10.41
N ARG P 194 33.64 22.52 10.23
CA ARG P 194 32.19 22.27 9.96
C ARG P 194 31.79 22.98 8.66
N SER P 195 31.88 24.31 8.63
CA SER P 195 31.47 25.16 7.49
C SER P 195 32.51 26.24 7.27
N MET P 196 32.17 27.19 6.43
CA MET P 196 32.83 28.51 6.41
C MET P 196 31.88 29.48 7.10
N ASN P 197 32.45 30.62 7.47
CA ASN P 197 31.81 31.62 8.35
C ASN P 197 31.12 32.64 7.45
N PHE P 198 29.99 32.22 6.87
CA PHE P 198 29.26 33.04 5.89
C PHE P 198 28.85 34.31 6.62
N GLU P 199 28.52 34.14 7.90
CA GLU P 199 28.16 35.28 8.78
C GLU P 199 29.11 36.45 8.47
N GLY P 200 30.34 36.37 9.00
CA GLY P 200 31.31 37.47 8.99
C GLY P 200 31.80 37.78 7.58
N MET P 201 31.34 37.01 6.58
CA MET P 201 31.52 37.32 5.13
C MET P 201 30.46 38.32 4.71
N ARG P 202 29.19 38.11 5.10
CA ARG P 202 28.11 39.09 4.80
C ARG P 202 28.54 40.35 5.52
N ARG P 203 29.01 40.25 6.77
CA ARG P 203 29.47 41.42 7.56
C ARG P 203 30.54 42.20 6.79
N ARG P 204 31.49 41.56 6.14
CA ARG P 204 32.52 42.29 5.33
C ARG P 204 31.94 42.76 3.98
N GLY P 205 30.69 42.44 3.66
CA GLY P 205 30.03 42.81 2.39
C GLY P 205 30.66 42.11 1.19
N PHE P 206 31.20 40.92 1.35
CA PHE P 206 31.70 40.05 0.25
C PHE P 206 30.61 39.92 -0.82
N SER P 207 31.00 39.83 -2.09
CA SER P 207 30.04 39.62 -3.21
C SER P 207 29.44 38.23 -3.04
N SER P 208 28.26 37.98 -3.59
CA SER P 208 27.65 36.62 -3.49
C SER P 208 28.53 35.64 -4.26
N GLU P 209 29.09 36.02 -5.43
CA GLU P 209 29.96 35.09 -6.23
C GLU P 209 31.06 34.61 -5.30
N ALA P 210 31.65 35.54 -4.53
CA ALA P 210 32.81 35.28 -3.67
C ALA P 210 32.40 34.31 -2.58
N ILE P 211 31.25 34.53 -1.96
CA ILE P 211 30.72 33.61 -0.93
C ILE P 211 30.59 32.21 -1.57
N HIS P 212 29.74 32.06 -2.60
CA HIS P 212 29.53 30.76 -3.31
C HIS P 212 30.88 30.14 -3.63
N ALA P 213 31.85 30.91 -4.12
CA ALA P 213 33.19 30.44 -4.56
C ALA P 213 33.96 29.85 -3.38
N LEU P 214 33.76 30.44 -2.22
CA LEU P 214 34.38 30.04 -0.93
C LEU P 214 33.69 28.77 -0.42
N ARG P 215 32.38 28.65 -0.57
CA ARG P 215 31.70 27.36 -0.29
C ARG P 215 32.33 26.31 -1.23
N ARG P 216 32.38 26.55 -2.56
CA ARG P 216 32.97 25.57 -3.52
C ARG P 216 34.33 25.15 -2.94
N ALA P 217 35.13 26.14 -2.55
CA ALA P 217 36.51 25.94 -2.10
C ALA P 217 36.55 25.03 -0.87
N TYR P 218 35.68 25.28 0.11
CA TYR P 218 35.55 24.43 1.32
C TYR P 218 35.35 23.00 0.87
N LYS P 219 34.29 22.84 0.08
CA LYS P 219 33.77 21.51 -0.37
C LYS P 219 34.98 20.75 -0.90
N VAL P 220 35.85 21.41 -1.65
CA VAL P 220 37.02 20.79 -2.35
C VAL P 220 37.96 20.13 -1.35
N VAL P 221 38.43 20.95 -0.44
CA VAL P 221 39.44 20.61 0.60
C VAL P 221 38.91 19.40 1.36
N TYR P 222 37.75 19.64 1.98
CA TYR P 222 37.16 18.86 3.09
C TYR P 222 36.25 17.78 2.52
N ARG P 223 35.06 18.18 2.08
CA ARG P 223 33.96 17.24 1.73
C ARG P 223 34.18 16.56 0.35
N GLN P 224 35.28 16.68 -0.39
CA GLN P 224 35.47 15.87 -1.63
C GLN P 224 36.54 14.81 -1.38
N GLY P 225 37.01 14.71 -0.14
CA GLY P 225 38.27 14.06 0.26
C GLY P 225 39.26 14.03 -0.91
N HIS P 226 39.57 15.17 -1.50
CA HIS P 226 40.87 15.27 -2.20
C HIS P 226 41.92 15.15 -1.08
N THR P 227 43.19 14.80 -1.35
CA THR P 227 44.32 15.02 -0.39
C THR P 227 44.37 16.50 -0.02
N VAL P 228 45.32 16.91 0.82
CA VAL P 228 45.59 18.36 1.05
C VAL P 228 46.19 18.89 -0.25
N GLU P 229 47.29 18.30 -0.74
CA GLU P 229 47.96 18.74 -2.00
C GLU P 229 46.98 18.78 -3.16
N GLU P 230 46.16 17.73 -3.28
CA GLU P 230 45.26 17.53 -4.42
C GLU P 230 44.35 18.75 -4.49
N ALA P 231 43.85 19.19 -3.34
CA ALA P 231 42.85 20.29 -3.27
C ALA P 231 43.55 21.60 -3.60
N LEU P 232 44.72 21.85 -3.04
CA LEU P 232 45.46 23.11 -3.30
C LEU P 232 45.58 23.33 -4.81
N ALA P 233 45.77 22.21 -5.51
CA ALA P 233 45.84 22.14 -6.98
C ALA P 233 44.51 22.61 -7.59
N GLU P 234 43.41 22.01 -7.15
CA GLU P 234 42.05 22.32 -7.64
C GLU P 234 41.80 23.83 -7.51
N LEU P 235 42.04 24.35 -6.31
CA LEU P 235 41.69 25.74 -5.92
C LEU P 235 42.32 26.75 -6.88
N ALA P 236 43.62 26.62 -7.18
CA ALA P 236 44.37 27.35 -8.23
C ALA P 236 43.49 28.24 -9.13
N GLU P 237 42.64 27.65 -9.99
CA GLU P 237 41.65 28.36 -10.85
C GLU P 237 40.82 29.31 -9.97
N SER P 238 39.96 28.74 -9.10
CA SER P 238 39.09 29.41 -8.08
C SER P 238 39.82 30.64 -7.50
N ALA P 239 41.12 30.56 -7.29
CA ALA P 239 41.92 31.48 -6.45
C ALA P 239 42.48 32.64 -7.29
N ALA P 240 42.71 32.40 -8.57
CA ALA P 240 43.04 33.49 -9.51
C ALA P 240 41.81 34.40 -9.63
N GLN P 241 40.69 33.74 -9.86
CA GLN P 241 39.36 34.34 -10.07
C GLN P 241 39.00 35.26 -8.90
N PHE P 242 39.26 34.86 -7.65
CA PHE P 242 38.72 35.52 -6.44
C PHE P 242 39.81 35.67 -5.41
N PRO P 243 40.38 36.88 -5.27
CA PRO P 243 41.23 37.20 -4.13
C PRO P 243 40.74 36.62 -2.81
N GLU P 244 39.42 36.54 -2.58
CA GLU P 244 38.86 35.99 -1.31
C GLU P 244 39.28 34.52 -1.15
N VAL P 245 39.21 33.73 -2.22
CA VAL P 245 39.56 32.28 -2.24
C VAL P 245 41.06 32.17 -2.05
N ALA P 246 41.78 33.03 -2.76
CA ALA P 246 43.25 33.11 -2.76
C ALA P 246 43.75 32.96 -1.32
N VAL P 247 43.25 33.85 -0.46
CA VAL P 247 43.46 33.88 1.01
C VAL P 247 43.33 32.49 1.65
N PHE P 248 42.22 31.83 1.31
CA PHE P 248 41.85 30.50 1.85
C PHE P 248 42.88 29.48 1.35
N ARG P 249 43.17 29.45 0.04
CA ARG P 249 44.25 28.56 -0.49
C ARG P 249 45.54 28.89 0.28
N ASP P 250 45.94 30.16 0.30
CA ASP P 250 47.19 30.63 0.96
C ASP P 250 47.19 30.16 2.41
N SER P 251 46.08 30.23 3.18
CA SER P 251 46.11 29.73 4.57
C SER P 251 46.55 28.25 4.53
N ILE P 252 45.85 27.44 3.75
CA ILE P 252 46.06 25.97 3.71
C ILE P 252 47.48 25.65 3.24
N GLN P 253 47.94 26.38 2.23
CA GLN P 253 49.32 26.28 1.73
C GLN P 253 50.27 26.09 2.90
N SER P 254 50.64 27.20 3.53
CA SER P 254 51.82 27.27 4.43
C SER P 254 51.32 26.85 5.81
N ALA P 255 50.63 25.71 5.82
CA ALA P 255 50.39 24.88 6.99
C ALA P 255 51.02 23.49 6.75
N THR P 256 50.99 23.01 5.50
CA THR P 256 51.48 21.64 5.12
C THR P 256 52.68 21.83 4.20
N ARG P 257 53.92 21.59 4.61
CA ARG P 257 54.98 21.49 3.57
C ARG P 257 55.24 20.01 3.26
N GLY P 258 54.98 19.11 4.20
CA GLY P 258 55.31 17.67 4.09
C GLY P 258 56.80 17.38 3.85
N ILE P 259 57.14 16.11 3.67
CA ILE P 259 58.53 15.61 3.46
C ILE P 259 58.61 14.91 2.12
N THR P 260 59.81 14.65 1.60
CA THR P 260 60.04 13.75 0.46
C THR P 260 59.55 12.36 0.83
N ARG P 261 58.50 11.88 0.13
CA ARG P 261 57.98 10.50 0.21
C ARG P 261 58.83 9.75 -0.82
N SER Q 5 35.90 49.24 62.36
CA SER Q 5 34.83 50.13 61.75
C SER Q 5 34.50 49.78 60.26
N LEU Q 6 33.21 49.58 59.96
CA LEU Q 6 32.57 48.63 58.98
C LEU Q 6 33.11 48.72 57.55
N ILE Q 7 32.99 49.93 57.00
CA ILE Q 7 33.44 50.27 55.62
C ILE Q 7 34.89 50.74 55.73
N ASP Q 8 35.82 49.93 55.27
CA ASP Q 8 37.28 50.22 55.27
C ASP Q 8 37.53 51.61 54.74
N PRO Q 9 38.46 52.38 55.32
CA PRO Q 9 38.76 53.70 54.77
C PRO Q 9 39.51 53.59 53.43
N ARG Q 10 40.23 52.50 53.13
CA ARG Q 10 41.00 52.44 51.86
C ARG Q 10 40.09 52.05 50.69
N ALA Q 11 38.81 51.80 50.95
CA ALA Q 11 37.80 51.48 49.92
C ALA Q 11 37.26 52.79 49.35
N ILE Q 12 36.77 52.77 48.11
CA ILE Q 12 36.13 53.94 47.48
C ILE Q 12 34.64 53.70 47.38
N ILE Q 13 33.86 54.64 47.90
CA ILE Q 13 32.38 54.61 47.78
C ILE Q 13 31.93 55.89 47.08
N ASP Q 14 31.24 55.75 45.95
CA ASP Q 14 30.63 56.89 45.25
C ASP Q 14 29.66 57.59 46.19
N PRO Q 15 29.57 58.95 46.17
CA PRO Q 15 28.53 59.64 46.92
C PRO Q 15 27.14 59.16 46.50
N SER Q 16 26.95 58.83 45.22
CA SER Q 16 25.64 58.43 44.67
C SER Q 16 25.26 57.02 45.16
N ALA Q 17 26.22 56.15 45.55
CA ALA Q 17 25.94 54.77 46.01
C ALA Q 17 25.17 54.84 47.33
N ARG Q 18 24.46 53.78 47.73
CA ARG Q 18 23.66 53.84 48.97
C ARG Q 18 23.57 52.44 49.59
N LEU Q 19 24.02 52.30 50.85
CA LEU Q 19 24.40 51.06 51.60
C LEU Q 19 23.67 50.99 52.95
N ALA Q 20 22.87 49.96 53.24
CA ALA Q 20 22.18 49.77 54.56
C ALA Q 20 23.23 49.78 55.70
N ALA Q 21 22.80 50.02 56.93
CA ALA Q 21 23.64 50.41 58.09
C ALA Q 21 24.86 49.49 58.24
N ASP Q 22 24.62 48.18 58.41
CA ASP Q 22 25.63 47.18 58.89
C ASP Q 22 26.26 46.46 57.68
N VAL Q 23 26.27 47.09 56.51
CA VAL Q 23 27.09 46.65 55.36
C VAL Q 23 28.55 46.87 55.70
N GLN Q 24 29.39 45.94 55.27
CA GLN Q 24 30.85 46.09 55.30
C GLN Q 24 31.45 46.10 53.90
N VAL Q 25 32.57 46.79 53.77
CA VAL Q 25 33.39 46.81 52.53
C VAL Q 25 34.86 46.69 52.93
N GLY Q 26 35.54 45.64 52.44
CA GLY Q 26 36.98 45.41 52.63
C GLY Q 26 37.77 46.52 51.96
N PRO Q 27 39.11 46.59 52.16
CA PRO Q 27 39.91 47.63 51.53
C PRO Q 27 40.04 47.50 50.00
N TRP Q 28 40.22 48.62 49.29
CA TRP Q 28 40.60 48.65 47.85
C TRP Q 28 39.42 48.18 46.99
N SER Q 29 38.26 48.04 47.60
CA SER Q 29 37.02 47.72 46.88
C SER Q 29 36.42 49.05 46.47
N ILE Q 30 35.78 49.06 45.30
CA ILE Q 30 35.11 50.26 44.72
C ILE Q 30 33.62 49.95 44.66
N VAL Q 31 32.81 50.85 45.19
CA VAL Q 31 31.33 50.78 45.05
C VAL Q 31 30.92 51.94 44.13
N GLY Q 32 30.99 51.70 42.80
CA GLY Q 32 30.70 52.65 41.71
C GLY Q 32 29.41 53.42 41.97
N ALA Q 33 29.10 54.45 41.19
CA ALA Q 33 27.85 55.21 41.37
C ALA Q 33 26.68 54.25 41.18
N GLU Q 34 25.50 54.60 41.72
CA GLU Q 34 24.21 53.93 41.40
C GLU Q 34 24.20 52.52 41.97
N VAL Q 35 25.13 52.17 42.86
CA VAL Q 35 25.16 50.81 43.46
C VAL Q 35 24.46 50.87 44.81
N GLU Q 36 23.51 49.97 45.00
CA GLU Q 36 22.66 49.87 46.20
C GLU Q 36 23.02 48.55 46.88
N ILE Q 37 23.34 48.54 48.17
CA ILE Q 37 23.74 47.29 48.87
C ILE Q 37 22.85 47.10 50.11
N GLY Q 38 22.11 45.99 50.16
CA GLY Q 38 21.11 45.70 51.20
C GLY Q 38 21.76 45.33 52.52
N GLU Q 39 20.96 45.37 53.60
CA GLU Q 39 21.34 45.04 55.00
C GLU Q 39 22.25 43.81 55.10
N GLY Q 40 23.30 43.88 55.93
CA GLY Q 40 24.10 42.71 56.41
C GLY Q 40 24.97 42.08 55.34
N THR Q 41 25.04 42.68 54.15
CA THR Q 41 25.91 42.21 53.04
C THR Q 41 27.36 42.52 53.42
N VAL Q 42 28.28 41.74 52.89
CA VAL Q 42 29.74 41.90 53.09
C VAL Q 42 30.44 41.96 51.74
N ILE Q 43 31.17 43.02 51.48
CA ILE Q 43 32.03 43.11 50.27
C ILE Q 43 33.48 42.87 50.71
N GLY Q 44 34.13 41.85 50.15
CA GLY Q 44 35.52 41.53 50.49
C GLY Q 44 36.46 42.65 50.04
N PRO Q 45 37.79 42.48 50.20
CA PRO Q 45 38.77 43.39 49.58
C PRO Q 45 38.83 43.28 48.04
N HIS Q 46 39.58 44.15 47.39
CA HIS Q 46 39.70 44.30 45.90
C HIS Q 46 38.44 43.82 45.16
N VAL Q 47 37.28 44.37 45.49
CA VAL Q 47 36.06 44.14 44.67
C VAL Q 47 35.81 45.41 43.84
N VAL Q 48 35.08 45.23 42.74
CA VAL Q 48 34.64 46.32 41.85
C VAL Q 48 33.15 46.11 41.61
N LEU Q 49 32.33 47.01 42.17
CA LEU Q 49 30.88 47.12 41.85
C LEU Q 49 30.70 48.34 40.93
N LYS Q 50 29.86 48.18 39.91
CA LYS Q 50 29.44 49.27 39.01
C LYS Q 50 27.93 49.15 38.89
N GLY Q 51 27.26 50.26 38.60
CA GLY Q 51 25.77 50.34 38.60
C GLY Q 51 25.23 50.66 37.20
N PRO Q 52 23.92 50.92 37.02
CA PRO Q 52 22.94 50.79 38.11
C PRO Q 52 22.77 49.34 38.55
N THR Q 53 23.04 49.05 39.81
CA THR Q 53 23.08 47.67 40.34
C THR Q 53 22.43 47.69 41.72
N LYS Q 54 21.64 46.67 42.01
CA LYS Q 54 20.88 46.57 43.27
C LYS Q 54 21.26 45.22 43.89
N ILE Q 55 21.94 45.24 45.03
CA ILE Q 55 22.38 43.99 45.74
C ILE Q 55 21.57 43.85 47.03
N GLY Q 56 20.88 42.71 47.20
CA GLY Q 56 19.99 42.46 48.33
C GLY Q 56 20.76 42.30 49.64
N LYS Q 57 20.21 41.51 50.56
CA LYS Q 57 20.59 41.45 52.00
C LYS Q 57 21.46 40.21 52.25
N HIS Q 58 22.33 40.25 53.25
CA HIS Q 58 23.17 39.11 53.69
C HIS Q 58 23.85 38.41 52.50
N ASN Q 59 24.48 39.14 51.58
CA ASN Q 59 25.32 38.52 50.51
C ASN Q 59 26.77 38.61 50.95
N ARG Q 60 27.61 37.66 50.50
CA ARG Q 60 29.07 37.60 50.80
C ARG Q 60 29.65 37.62 49.36
N ILE Q 61 30.35 38.70 48.96
CA ILE Q 61 31.05 38.82 47.64
C ILE Q 61 32.57 38.93 47.85
N TYR Q 62 33.37 38.12 47.14
CA TYR Q 62 34.82 37.99 47.40
C TYR Q 62 35.65 38.81 46.40
N GLN Q 63 36.96 38.82 46.65
CA GLN Q 63 38.01 39.59 45.93
C GLN Q 63 38.01 39.30 44.42
N PHE Q 64 38.44 40.26 43.58
CA PHE Q 64 38.77 40.10 42.14
C PHE Q 64 37.47 39.96 41.29
N SER Q 65 36.35 40.11 41.98
CA SER Q 65 34.99 40.05 41.41
C SER Q 65 34.68 41.42 40.81
N SER Q 66 34.17 41.42 39.60
CA SER Q 66 33.81 42.62 38.82
C SER Q 66 32.31 42.49 38.53
N VAL Q 67 31.50 42.93 39.50
CA VAL Q 67 30.02 42.76 39.54
C VAL Q 67 29.32 44.06 39.13
N GLY Q 68 28.64 44.00 37.98
CA GLY Q 68 27.84 45.09 37.41
C GLY Q 68 28.62 45.86 36.36
N GLU Q 69 29.59 45.25 35.66
CA GLU Q 69 30.31 45.89 34.52
C GLU Q 69 29.42 45.77 33.27
N ASP Q 70 29.66 46.55 32.20
CA ASP Q 70 28.84 46.53 30.94
C ASP Q 70 29.17 45.24 30.18
N THR Q 71 28.28 44.62 29.39
CA THR Q 71 28.81 43.43 28.67
C THR Q 71 29.74 43.95 27.56
N PRO Q 72 30.84 43.24 27.22
CA PRO Q 72 31.75 43.72 26.18
C PRO Q 72 31.14 43.61 24.78
N ASP Q 73 30.23 42.63 24.58
CA ASP Q 73 29.40 42.31 23.37
C ASP Q 73 29.06 43.61 22.66
N LEU Q 74 29.23 43.74 21.35
CA LEU Q 74 29.24 45.09 20.70
C LEU Q 74 27.81 45.60 20.53
N LYS Q 75 26.89 44.65 20.44
CA LYS Q 75 25.41 44.75 20.60
C LYS Q 75 25.11 45.94 21.52
N TYR Q 76 25.55 45.87 22.76
CA TYR Q 76 25.32 46.91 23.81
C TYR Q 76 26.16 48.14 23.50
N LYS Q 77 25.57 49.30 23.31
CA LYS Q 77 26.37 50.56 23.13
C LYS Q 77 26.08 51.48 24.31
N GLY Q 78 26.14 50.99 25.55
CA GLY Q 78 26.21 51.86 26.74
C GLY Q 78 24.85 52.31 27.25
N GLU Q 79 23.73 51.88 26.64
CA GLU Q 79 22.36 52.23 27.11
C GLU Q 79 22.33 51.88 28.61
N PRO Q 80 21.44 52.46 29.45
CA PRO Q 80 21.74 52.65 30.86
C PRO Q 80 21.14 51.51 31.69
N THR Q 81 21.47 50.24 31.40
CA THR Q 81 20.74 49.01 31.86
C THR Q 81 21.12 48.60 33.30
N ARG Q 82 20.48 47.55 33.85
CA ARG Q 82 20.54 47.24 35.30
C ARG Q 82 21.01 45.80 35.52
N LEU Q 83 21.60 45.57 36.71
CA LEU Q 83 21.82 44.27 37.39
C LEU Q 83 21.09 44.30 38.73
N VAL Q 84 20.50 43.16 39.09
CA VAL Q 84 19.74 42.95 40.35
C VAL Q 84 20.16 41.60 40.95
N ILE Q 85 20.54 41.62 42.23
CA ILE Q 85 20.92 40.41 43.01
C ILE Q 85 20.04 40.37 44.26
N GLY Q 86 19.41 39.22 44.50
CA GLY Q 86 18.59 38.98 45.69
C GLY Q 86 19.44 38.87 46.96
N ASP Q 87 19.00 38.00 47.87
CA ASP Q 87 19.49 37.91 49.27
C ASP Q 87 20.25 36.59 49.46
N HIS Q 88 21.04 36.48 50.53
CA HIS Q 88 21.77 35.24 50.97
C HIS Q 88 22.50 34.60 49.78
N ASN Q 89 23.12 35.39 48.90
CA ASN Q 89 23.92 34.81 47.79
C ASN Q 89 25.38 34.84 48.18
N VAL Q 90 26.16 33.91 47.61
CA VAL Q 90 27.64 33.91 47.69
C VAL Q 90 28.25 34.00 46.30
N ILE Q 91 29.11 35.00 46.15
CA ILE Q 91 29.86 35.22 44.90
C ILE Q 91 31.34 35.11 45.24
N ARG Q 92 31.94 33.99 44.84
CA ARG Q 92 33.34 33.63 45.18
C ARG Q 92 34.32 34.48 44.38
N GLU Q 93 35.60 34.15 44.53
CA GLU Q 93 36.74 34.96 44.04
C GLU Q 93 36.69 35.03 42.51
N GLY Q 94 36.65 36.24 41.94
CA GLY Q 94 36.97 36.48 40.51
C GLY Q 94 35.77 36.41 39.61
N VAL Q 95 34.58 36.35 40.20
CA VAL Q 95 33.36 36.23 39.39
C VAL Q 95 33.12 37.55 38.66
N THR Q 96 32.61 37.43 37.43
CA THR Q 96 32.14 38.56 36.61
C THR Q 96 30.64 38.43 36.41
N ILE Q 97 29.92 39.51 36.64
CA ILE Q 97 28.47 39.61 36.36
C ILE Q 97 28.24 40.91 35.59
N HIS Q 98 27.63 40.81 34.41
CA HIS Q 98 27.44 41.94 33.47
C HIS Q 98 25.98 42.39 33.51
N ARG Q 99 25.73 43.68 33.42
CA ARG Q 99 24.34 44.17 33.35
C ARG Q 99 23.82 43.97 31.93
N GLY Q 100 22.49 43.81 31.88
CA GLY Q 100 21.63 43.65 30.69
C GLY Q 100 22.00 44.57 29.55
N THR Q 101 21.24 44.40 28.47
CA THR Q 101 21.26 45.11 27.17
C THR Q 101 19.82 45.55 26.93
N VAL Q 102 19.55 46.67 26.27
CA VAL Q 102 18.13 47.06 26.01
C VAL Q 102 17.50 46.04 25.05
N GLN Q 103 18.29 45.43 24.16
CA GLN Q 103 17.86 44.43 23.16
C GLN Q 103 16.95 43.36 23.80
N ASP Q 104 17.25 42.80 24.99
CA ASP Q 104 16.40 41.75 25.66
C ASP Q 104 15.64 42.46 26.79
N ARG Q 105 15.77 42.11 28.07
CA ARG Q 105 14.84 42.72 29.08
C ARG Q 105 15.57 43.83 29.82
N ALA Q 106 16.78 44.18 29.44
CA ALA Q 106 17.49 45.38 29.97
C ALA Q 106 17.93 45.11 31.41
N GLU Q 107 17.92 43.85 31.82
CA GLU Q 107 18.32 43.50 33.21
C GLU Q 107 18.82 42.05 33.23
N THR Q 108 19.98 41.91 33.88
CA THR Q 108 20.60 40.68 34.41
C THR Q 108 20.11 40.51 35.84
N THR Q 109 19.69 39.30 36.23
CA THR Q 109 18.92 39.09 37.49
C THR Q 109 19.33 37.82 38.22
N ILE Q 110 19.57 37.94 39.53
CA ILE Q 110 19.93 36.78 40.38
C ILE Q 110 19.01 36.79 41.60
N GLY Q 111 18.46 35.61 41.92
CA GLY Q 111 17.50 35.39 43.02
C GLY Q 111 18.22 35.27 44.35
N ASP Q 112 17.81 34.31 45.20
CA ASP Q 112 18.28 34.17 46.60
C ASP Q 112 19.07 32.85 46.75
N HIS Q 113 19.91 32.73 47.78
CA HIS Q 113 20.52 31.45 48.27
C HIS Q 113 21.41 30.77 47.20
N ASN Q 114 21.86 31.51 46.19
CA ASN Q 114 22.72 30.95 45.11
C ASN Q 114 24.18 31.00 45.53
N LEU Q 115 24.91 29.98 45.10
CA LEU Q 115 26.37 29.84 45.26
C LEU Q 115 27.02 29.91 43.89
N ILE Q 116 27.77 30.97 43.65
CA ILE Q 116 28.48 31.17 42.35
C ILE Q 116 29.96 31.14 42.66
N MET Q 117 30.66 30.10 42.24
CA MET Q 117 32.05 29.87 42.68
C MET Q 117 33.01 30.57 41.73
N ALA Q 118 34.30 30.39 42.02
CA ALA Q 118 35.38 31.23 41.51
C ALA Q 118 35.40 31.32 39.97
N TYR Q 119 35.71 32.50 39.43
CA TYR Q 119 36.07 32.77 38.01
C TYR Q 119 34.83 32.46 37.14
N ALA Q 120 33.64 32.24 37.74
CA ALA Q 120 32.39 32.05 36.96
C ALA Q 120 32.06 33.35 36.23
N HIS Q 121 31.32 33.25 35.14
CA HIS Q 121 30.83 34.41 34.35
C HIS Q 121 29.31 34.33 34.19
N ILE Q 122 28.63 35.45 34.34
CA ILE Q 122 27.15 35.55 34.18
C ILE Q 122 26.84 36.69 33.23
N GLY Q 123 26.78 36.41 31.92
CA GLY Q 123 26.75 37.42 30.83
C GLY Q 123 25.45 38.21 30.81
N HIS Q 124 25.44 39.29 30.02
CA HIS Q 124 24.29 40.22 29.87
C HIS Q 124 22.97 39.46 29.88
N ASP Q 125 22.03 39.87 30.72
CA ASP Q 125 20.59 39.49 30.59
C ASP Q 125 20.33 38.07 31.10
N SER Q 126 21.34 37.38 31.59
CA SER Q 126 21.12 36.05 32.19
C SER Q 126 20.23 36.23 33.41
N VAL Q 127 19.60 35.15 33.88
CA VAL Q 127 18.59 35.21 34.96
C VAL Q 127 18.68 33.95 35.83
N ILE Q 128 19.02 34.11 37.09
CA ILE Q 128 19.21 32.95 38.00
C ILE Q 128 18.16 32.99 39.11
N GLY Q 129 17.59 31.81 39.40
CA GLY Q 129 16.55 31.59 40.40
C GLY Q 129 17.15 31.52 41.79
N ASN Q 130 16.90 30.43 42.52
CA ASN Q 130 17.32 30.28 43.95
C ASN Q 130 18.04 28.94 44.17
N HIS Q 131 18.90 28.87 45.17
CA HIS Q 131 19.57 27.63 45.62
C HIS Q 131 20.29 26.98 44.41
N CYS Q 132 20.71 27.78 43.44
CA CYS Q 132 21.50 27.26 42.31
C CYS Q 132 22.96 27.18 42.74
N ILE Q 133 23.71 26.25 42.15
CA ILE Q 133 25.18 26.26 42.28
C ILE Q 133 25.82 26.31 40.90
N LEU Q 134 26.57 27.38 40.64
CA LEU Q 134 27.46 27.51 39.47
C LEU Q 134 28.87 27.28 39.98
N VAL Q 135 29.47 26.16 39.59
CA VAL Q 135 30.82 25.80 40.07
C VAL Q 135 31.86 26.58 39.26
N ASN Q 136 33.12 26.55 39.69
CA ASN Q 136 34.28 27.29 39.12
C ASN Q 136 34.15 27.42 37.60
N ASN Q 137 34.24 28.64 37.06
CA ASN Q 137 34.47 28.96 35.63
C ASN Q 137 33.25 28.60 34.77
N THR Q 138 32.18 28.14 35.37
CA THR Q 138 30.87 28.12 34.70
C THR Q 138 30.67 29.48 34.03
N ALA Q 139 30.07 29.46 32.86
CA ALA Q 139 29.97 30.63 31.96
C ALA Q 139 28.65 30.63 31.21
N LEU Q 140 27.85 31.67 31.43
CA LEU Q 140 26.54 31.88 30.78
C LEU Q 140 26.72 32.99 29.74
N ALA Q 141 26.80 32.63 28.46
CA ALA Q 141 27.22 33.54 27.38
C ALA Q 141 26.38 34.81 27.38
N GLY Q 142 25.08 34.63 27.58
CA GLY Q 142 24.08 35.71 27.63
C GLY Q 142 22.66 35.21 27.53
N HIS Q 143 21.73 35.95 28.15
CA HIS Q 143 20.26 35.71 28.17
C HIS Q 143 19.98 34.28 28.58
N VAL Q 144 20.82 33.68 29.41
CA VAL Q 144 20.63 32.30 29.91
C VAL Q 144 19.72 32.37 31.13
N HIS Q 145 18.66 31.57 31.16
CA HIS Q 145 17.79 31.40 32.35
C HIS Q 145 18.13 30.08 33.03
N VAL Q 146 18.51 30.16 34.30
CA VAL Q 146 18.80 28.99 35.19
C VAL Q 146 17.70 28.96 36.26
N ASP Q 147 16.79 27.99 36.14
CA ASP Q 147 15.69 27.78 37.12
C ASP Q 147 16.29 27.16 38.39
N ASP Q 148 15.48 26.98 39.45
CA ASP Q 148 15.97 26.80 40.84
C ASP Q 148 16.65 25.44 41.03
N TRP Q 149 17.61 25.38 41.98
CA TRP Q 149 18.23 24.11 42.45
C TRP Q 149 19.20 23.53 41.40
N ALA Q 150 19.29 24.17 40.25
CA ALA Q 150 20.14 23.68 39.17
C ALA Q 150 21.57 23.71 39.70
N ILE Q 151 22.36 22.77 39.21
CA ILE Q 151 23.80 22.67 39.51
C ILE Q 151 24.55 22.55 38.20
N LEU Q 152 25.43 23.50 37.96
CA LEU Q 152 26.35 23.45 36.81
C LEU Q 152 27.73 23.15 37.37
N SER Q 153 28.21 21.92 37.15
CA SER Q 153 29.58 21.48 37.50
C SER Q 153 30.59 22.44 36.87
N GLY Q 154 31.86 22.32 37.25
CA GLY Q 154 32.93 23.27 36.86
C GLY Q 154 33.08 23.39 35.36
N TYR Q 155 33.38 24.59 34.87
CA TYR Q 155 33.75 24.82 33.45
C TYR Q 155 32.61 24.34 32.54
N THR Q 156 31.38 24.53 33.02
CA THR Q 156 30.15 24.32 32.22
C THR Q 156 29.91 25.58 31.40
N LEU Q 157 29.71 25.41 30.09
CA LEU Q 157 29.56 26.53 29.13
C LEU Q 157 28.16 26.48 28.54
N VAL Q 158 27.48 27.62 28.48
CA VAL Q 158 26.03 27.65 28.15
C VAL Q 158 25.76 28.72 27.09
N HIS Q 159 25.34 28.33 25.87
CA HIS Q 159 25.35 29.20 24.66
C HIS Q 159 24.19 30.21 24.82
N GLN Q 160 24.33 31.40 24.21
CA GLN Q 160 23.36 32.52 24.21
C GLN Q 160 21.98 31.84 24.37
N TYR Q 161 21.11 32.28 25.28
CA TYR Q 161 19.63 32.04 25.26
C TYR Q 161 19.17 30.64 25.74
N CYS Q 162 20.05 29.75 26.18
CA CYS Q 162 19.63 28.40 26.66
C CYS Q 162 18.92 28.51 28.00
N ARG Q 163 17.97 27.61 28.26
CA ARG Q 163 17.25 27.48 29.54
C ARG Q 163 17.75 26.22 30.24
N ILE Q 164 18.30 26.38 31.43
CA ILE Q 164 18.66 25.25 32.33
C ILE Q 164 17.46 25.07 33.27
N GLY Q 165 16.60 24.08 32.99
CA GLY Q 165 15.44 23.74 33.84
C GLY Q 165 15.85 23.37 35.27
N ALA Q 166 14.89 23.38 36.19
CA ALA Q 166 15.16 23.23 37.63
C ALA Q 166 15.64 21.84 38.04
N HIS Q 167 16.53 21.77 39.03
CA HIS Q 167 17.16 20.54 39.56
C HIS Q 167 18.03 19.86 38.50
N SER Q 168 18.11 20.47 37.33
CA SER Q 168 18.95 19.93 36.26
C SER Q 168 20.40 19.97 36.77
N PHE Q 169 21.26 19.27 36.06
CA PHE Q 169 22.67 19.06 36.44
C PHE Q 169 23.53 18.89 35.20
N SER Q 170 24.51 19.78 35.02
CA SER Q 170 25.57 19.61 34.02
C SER Q 170 26.82 19.04 34.70
N GLY Q 171 27.49 18.08 34.05
CA GLY Q 171 28.80 17.57 34.50
C GLY Q 171 29.91 18.54 34.16
N MET Q 172 31.15 18.28 34.59
CA MET Q 172 32.26 19.24 34.38
C MET Q 172 32.60 19.26 32.89
N GLY Q 173 33.05 20.41 32.40
CA GLY Q 173 33.36 20.67 30.98
C GLY Q 173 32.19 20.42 30.05
N SER Q 174 30.95 20.42 30.53
CA SER Q 174 29.76 20.35 29.68
C SER Q 174 29.69 21.60 28.79
N ALA Q 175 29.26 21.42 27.54
CA ALA Q 175 29.16 22.47 26.51
C ALA Q 175 27.72 22.53 25.99
N ILE Q 176 26.88 23.26 26.72
CA ILE Q 176 25.41 23.18 26.58
C ILE Q 176 24.97 24.11 25.46
N GLY Q 177 24.55 23.56 24.31
CA GLY Q 177 24.17 24.35 23.12
C GLY Q 177 22.66 24.54 23.02
N LYS Q 178 21.89 23.87 23.88
CA LYS Q 178 20.40 23.82 23.79
C LYS Q 178 19.82 23.57 25.16
N ASP Q 179 18.53 23.80 25.33
CA ASP Q 179 17.86 23.74 26.66
C ASP Q 179 18.16 22.41 27.38
N VAL Q 180 18.30 22.50 28.69
CA VAL Q 180 18.37 21.31 29.60
C VAL Q 180 17.07 21.24 30.39
N PRO Q 181 16.27 20.18 30.15
CA PRO Q 181 14.98 20.02 30.84
C PRO Q 181 15.18 19.90 32.35
N ALA Q 182 14.17 20.28 33.12
CA ALA Q 182 14.14 20.06 34.58
C ALA Q 182 14.66 18.67 34.90
N TYR Q 183 15.50 18.53 35.94
CA TYR Q 183 15.93 17.25 36.54
C TYR Q 183 16.98 16.51 35.69
N VAL Q 184 17.23 16.92 34.46
CA VAL Q 184 18.07 16.09 33.54
C VAL Q 184 19.55 16.29 33.87
N THR Q 185 20.33 15.20 33.82
CA THR Q 185 21.81 15.23 33.90
C THR Q 185 22.34 15.28 32.46
N VAL Q 186 23.21 16.23 32.15
CA VAL Q 186 23.86 16.34 30.81
C VAL Q 186 25.38 16.40 30.99
N PHE Q 187 26.11 15.86 30.02
CA PHE Q 187 27.58 15.68 30.12
C PHE Q 187 28.22 15.90 28.76
N GLY Q 188 29.37 16.60 28.77
CA GLY Q 188 30.36 16.57 27.69
C GLY Q 188 30.17 17.62 26.62
N ASN Q 189 31.00 17.53 25.58
CA ASN Q 189 31.12 18.54 24.51
C ASN Q 189 30.94 17.88 23.16
N PRO Q 190 29.73 17.98 22.57
CA PRO Q 190 28.69 18.87 23.10
C PRO Q 190 27.84 18.10 24.10
N ALA Q 191 27.26 18.80 25.09
CA ALA Q 191 26.36 18.25 26.12
C ALA Q 191 25.40 17.25 25.48
N GLU Q 192 25.27 16.03 26.04
CA GLU Q 192 24.13 15.11 25.77
C GLU Q 192 23.40 14.83 27.09
N ALA Q 193 22.16 14.37 27.03
CA ALA Q 193 21.36 13.90 28.17
C ALA Q 193 21.94 12.54 28.61
N ARG Q 194 21.93 12.20 29.89
CA ARG Q 194 22.30 10.85 30.37
C ARG Q 194 21.16 10.26 31.20
N SER Q 195 20.86 10.88 32.33
CA SER Q 195 19.83 10.43 33.30
C SER Q 195 19.02 11.62 33.78
N MET Q 196 18.22 11.39 34.79
CA MET Q 196 17.69 12.44 35.67
C MET Q 196 18.50 12.41 36.95
N ASN Q 197 18.41 13.50 37.68
CA ASN Q 197 19.27 13.85 38.82
C ASN Q 197 18.56 13.35 40.07
N PHE Q 198 18.59 12.02 40.25
CA PHE Q 198 17.88 11.36 41.36
C PHE Q 198 18.49 11.92 42.64
N GLU Q 199 19.80 12.15 42.59
CA GLU Q 199 20.52 12.77 43.72
C GLU Q 199 19.65 13.88 44.32
N GLY Q 200 19.62 15.04 43.67
CA GLY Q 200 19.00 16.27 44.18
C GLY Q 200 17.49 16.17 44.27
N MET Q 201 16.93 15.02 43.85
CA MET Q 201 15.51 14.63 44.11
C MET Q 201 15.39 14.05 45.50
N ARG Q 202 16.31 13.15 45.90
CA ARG Q 202 16.32 12.60 47.28
C ARG Q 202 16.55 13.80 48.16
N ARG Q 203 17.50 14.69 47.80
CA ARG Q 203 17.80 15.92 48.58
C ARG Q 203 16.52 16.73 48.81
N ARG Q 204 15.65 16.90 47.82
CA ARG Q 204 14.39 17.65 48.03
C ARG Q 204 13.33 16.81 48.75
N GLY Q 205 13.63 15.54 49.07
CA GLY Q 205 12.70 14.62 49.75
C GLY Q 205 11.49 14.27 48.89
N PHE Q 206 11.63 14.26 47.57
CA PHE Q 206 10.59 13.79 46.62
C PHE Q 206 10.07 12.41 47.05
N SER Q 207 8.80 12.11 46.83
CA SER Q 207 8.20 10.78 47.14
C SER Q 207 8.85 9.78 46.20
N SER Q 208 8.86 8.49 46.54
CA SER Q 208 9.43 7.48 45.62
C SER Q 208 8.58 7.41 44.37
N GLU Q 209 7.24 7.51 44.46
CA GLU Q 209 6.34 7.44 43.27
C GLU Q 209 6.81 8.52 42.30
N ALA Q 210 7.09 9.71 42.82
CA ALA Q 210 7.45 10.91 42.03
C ALA Q 210 8.79 10.63 41.32
N ILE Q 211 9.75 10.09 42.04
CA ILE Q 211 11.05 9.70 41.42
C ILE Q 211 10.78 8.72 40.27
N HIS Q 212 10.22 7.55 40.56
CA HIS Q 212 9.89 6.50 39.54
C HIS Q 212 9.18 7.17 38.37
N ALA Q 213 8.22 8.07 38.62
CA ALA Q 213 7.38 8.73 37.59
C ALA Q 213 8.23 9.59 36.66
N LEU Q 214 9.26 10.19 37.26
CA LEU Q 214 10.25 11.07 36.57
C LEU Q 214 11.19 10.21 35.75
N ARG Q 215 11.61 9.05 36.26
CA ARG Q 215 12.35 8.07 35.43
C ARG Q 215 11.44 7.73 34.23
N ARG Q 216 10.19 7.28 34.46
CA ARG Q 216 9.26 6.91 33.35
C ARG Q 216 9.33 8.05 32.32
N ALA Q 217 9.19 9.28 32.81
CA ALA Q 217 9.07 10.49 31.98
C ALA Q 217 10.33 10.67 31.11
N TYR Q 218 11.51 10.52 31.72
CA TYR Q 218 12.79 10.58 30.98
C TYR Q 218 12.72 9.61 29.81
N LYS Q 219 12.47 8.35 30.19
CA LYS Q 219 12.51 7.18 29.28
C LYS Q 219 11.69 7.56 28.05
N VAL Q 220 10.54 8.22 28.25
CA VAL Q 220 9.55 8.55 27.19
C VAL Q 220 10.19 9.46 26.13
N VAL Q 221 10.67 10.59 26.62
CA VAL Q 221 11.26 11.68 25.80
C VAL Q 221 12.38 11.07 24.96
N TYR Q 222 13.36 10.55 25.69
CA TYR Q 222 14.72 10.22 25.23
C TYR Q 222 14.79 8.79 24.73
N ARG Q 223 14.79 7.83 25.64
CA ARG Q 223 15.09 6.42 25.33
C ARG Q 223 13.89 5.70 24.66
N GLN Q 224 12.76 6.30 24.28
CA GLN Q 224 11.71 5.55 23.51
C GLN Q 224 11.69 6.05 22.06
N GLY Q 225 12.62 6.95 21.73
CA GLY Q 225 12.56 7.86 20.57
C GLY Q 225 11.11 8.08 20.11
N HIS Q 226 10.25 8.54 21.00
CA HIS Q 226 9.07 9.30 20.52
C HIS Q 226 9.67 10.58 19.89
N THR Q 227 8.97 11.30 19.01
CA THR Q 227 9.33 12.71 18.64
C THR Q 227 9.38 13.56 19.91
N VAL Q 228 9.68 14.86 19.80
CA VAL Q 228 9.53 15.80 20.96
C VAL Q 228 8.02 15.90 21.23
N GLU Q 229 7.23 16.31 20.22
CA GLU Q 229 5.76 16.48 20.34
C GLU Q 229 5.11 15.20 20.86
N GLU Q 230 5.51 14.06 20.31
CA GLU Q 230 4.90 12.74 20.60
C GLU Q 230 5.01 12.52 22.10
N ALA Q 231 6.16 12.83 22.68
CA ALA Q 231 6.44 12.55 24.11
C ALA Q 231 5.62 13.51 24.97
N LEU Q 232 5.62 14.80 24.62
CA LEU Q 232 4.87 15.81 25.40
C LEU Q 232 3.42 15.34 25.60
N ALA Q 233 2.91 14.70 24.55
CA ALA Q 233 1.57 14.08 24.51
C ALA Q 233 1.49 12.97 25.55
N GLU Q 234 2.42 12.03 25.52
CA GLU Q 234 2.48 10.88 26.45
C GLU Q 234 2.42 11.40 27.89
N LEU Q 235 3.32 12.33 28.19
CA LEU Q 235 3.57 12.82 29.56
C LEU Q 235 2.28 13.34 30.20
N ALA Q 236 1.50 14.16 29.51
CA ALA Q 236 0.11 14.61 29.84
C ALA Q 236 -0.50 13.90 31.06
N GLU Q 237 -0.80 12.59 30.95
CA GLU Q 237 -1.29 11.73 32.09
C GLU Q 237 -0.33 11.87 33.28
N SER Q 238 0.89 11.33 33.13
CA SER Q 238 2.04 11.39 34.08
C SER Q 238 2.05 12.74 34.83
N ALA Q 239 1.71 13.83 34.14
CA ALA Q 239 1.97 15.23 34.56
C ALA Q 239 0.80 15.79 35.36
N ALA Q 240 -0.41 15.29 35.08
CA ALA Q 240 -1.57 15.60 35.93
C ALA Q 240 -1.35 14.97 37.31
N GLN Q 241 -0.97 13.70 37.24
CA GLN Q 241 -0.72 12.81 38.40
C GLN Q 241 0.32 13.45 39.34
N PHE Q 242 1.39 14.04 38.82
CA PHE Q 242 2.58 14.45 39.61
C PHE Q 242 3.02 15.84 39.21
N PRO Q 243 2.71 16.86 40.00
CA PRO Q 243 3.32 18.17 39.86
C PRO Q 243 4.82 18.12 39.52
N GLU Q 244 5.56 17.15 40.06
CA GLU Q 244 7.03 17.03 39.79
C GLU Q 244 7.27 16.79 38.28
N VAL Q 245 6.47 15.93 37.65
CA VAL Q 245 6.57 15.57 36.21
C VAL Q 245 6.16 16.79 35.41
N ALA Q 246 5.07 17.41 35.86
CA ALA Q 246 4.46 18.61 35.25
C ALA Q 246 5.58 19.56 34.85
N VAL Q 247 6.39 19.93 35.82
CA VAL Q 247 7.62 20.76 35.70
C VAL Q 247 8.50 20.33 34.51
N PHE Q 248 8.75 19.03 34.44
CA PHE Q 248 9.61 18.40 33.42
C PHE Q 248 8.93 18.55 32.07
N ARG Q 249 7.65 18.20 31.94
CA ARG Q 249 6.90 18.45 30.68
C ARG Q 249 6.99 19.95 30.35
N ASP Q 250 6.63 20.81 31.30
CA ASP Q 250 6.64 22.28 31.13
C ASP Q 250 8.04 22.72 30.65
N SER Q 251 9.15 22.21 31.20
CA SER Q 251 10.48 22.63 30.69
C SER Q 251 10.51 22.34 29.18
N ILE Q 252 10.24 21.08 28.80
CA ILE Q 252 10.38 20.60 27.40
C ILE Q 252 9.44 21.38 26.49
N GLN Q 253 8.22 21.62 26.98
CA GLN Q 253 7.23 22.46 26.27
C GLN Q 253 7.93 23.64 25.62
N SER Q 254 8.17 24.69 26.41
CA SER Q 254 8.51 26.04 25.93
C SER Q 254 10.01 26.05 25.71
N ALA Q 255 10.48 25.03 25.01
CA ALA Q 255 11.79 24.98 24.33
C ALA Q 255 11.56 24.76 22.84
N THR Q 256 10.51 24.02 22.46
CA THR Q 256 10.20 23.69 21.05
C THR Q 256 8.85 24.35 20.73
N ARG Q 257 8.78 25.42 19.94
CA ARG Q 257 7.46 25.72 19.30
C ARG Q 257 7.43 25.14 17.89
N GLY Q 258 8.59 24.95 17.26
CA GLY Q 258 8.73 24.48 15.86
C GLY Q 258 8.02 25.38 14.85
N ILE Q 259 7.96 24.93 13.59
CA ILE Q 259 7.34 25.68 12.47
C ILE Q 259 6.19 24.84 11.91
N THR Q 260 5.32 25.44 11.12
CA THR Q 260 4.34 24.73 10.28
C THR Q 260 5.10 23.85 9.30
N ARG Q 261 4.94 22.52 9.41
CA ARG Q 261 5.34 21.50 8.42
C ARG Q 261 4.27 21.47 7.34
N SER R 5 62.60 48.96 52.02
CA SER R 5 62.09 48.01 53.11
C SER R 5 61.12 46.93 52.56
N LEU R 6 61.43 45.66 52.88
CA LEU R 6 61.01 44.36 52.30
C LEU R 6 59.51 44.17 52.12
N ILE R 7 58.81 44.34 53.24
CA ILE R 7 57.33 44.24 53.36
C ILE R 7 56.78 45.64 53.08
N ASP R 8 56.14 45.81 51.92
CA ASP R 8 55.53 47.09 51.49
C ASP R 8 54.68 47.66 52.60
N PRO R 9 54.67 48.99 52.82
CA PRO R 9 53.82 49.55 53.85
C PRO R 9 52.34 49.50 53.44
N ARG R 10 51.99 49.45 52.15
CA ARG R 10 50.54 49.45 51.77
C ARG R 10 49.92 48.06 51.90
N ALA R 11 50.73 47.07 52.28
CA ALA R 11 50.28 45.67 52.50
C ALA R 11 49.76 45.56 53.93
N ILE R 12 48.86 44.62 54.17
CA ILE R 12 48.31 44.35 55.53
C ILE R 12 48.86 43.03 56.02
N ILE R 13 49.46 43.05 57.21
CA ILE R 13 49.94 41.80 57.89
C ILE R 13 49.24 41.67 59.24
N ASP R 14 48.54 40.57 59.44
CA ASP R 14 47.92 40.24 60.75
C ASP R 14 49.02 40.19 61.80
N PRO R 15 48.77 40.68 63.04
CA PRO R 15 49.73 40.48 64.12
C PRO R 15 50.02 38.98 64.34
N SER R 16 49.01 38.14 64.15
CA SER R 16 49.11 36.68 64.41
C SER R 16 49.98 36.01 63.33
N ALA R 17 50.12 36.58 62.12
CA ALA R 17 50.93 36.00 61.02
C ALA R 17 52.40 35.99 61.42
N ARG R 18 53.25 35.17 60.80
CA ARG R 18 54.68 35.14 61.20
C ARG R 18 55.53 34.73 60.00
N LEU R 19 56.51 35.58 59.63
CA LEU R 19 57.28 35.67 58.34
C LEU R 19 58.79 35.66 58.60
N ALA R 20 59.56 34.71 58.07
CA ALA R 20 61.04 34.68 58.19
C ALA R 20 61.64 36.00 57.68
N ALA R 21 62.89 36.32 58.08
CA ALA R 21 63.49 37.68 58.02
C ALA R 21 63.30 38.33 56.63
N ASP R 22 63.81 37.67 55.58
CA ASP R 22 64.02 38.24 54.22
C ASP R 22 62.82 37.89 53.30
N VAL R 23 61.65 37.63 53.89
CA VAL R 23 60.38 37.56 53.12
C VAL R 23 60.05 38.96 52.64
N GLN R 24 59.50 39.04 51.43
CA GLN R 24 58.92 40.28 50.87
C GLN R 24 57.43 40.13 50.62
N VAL R 25 56.73 41.25 50.72
CA VAL R 25 55.29 41.35 50.38
C VAL R 25 55.07 42.63 49.57
N GLY R 26 54.55 42.50 48.33
CA GLY R 26 54.19 43.62 47.44
C GLY R 26 53.05 44.42 48.08
N PRO R 27 52.68 45.57 47.50
CA PRO R 27 51.59 46.38 48.06
C PRO R 27 50.19 45.74 47.93
N TRP R 28 49.28 46.06 48.86
CA TRP R 28 47.84 45.72 48.77
C TRP R 28 47.63 44.20 48.91
N SER R 29 48.68 43.51 49.30
CA SER R 29 48.59 42.07 49.62
C SER R 29 48.22 41.98 51.09
N ILE R 30 47.43 40.98 51.44
CA ILE R 30 46.95 40.71 52.81
C ILE R 30 47.55 39.39 53.25
N VAL R 31 48.18 39.38 54.41
CA VAL R 31 48.66 38.13 55.05
C VAL R 31 47.78 37.87 56.28
N GLY R 32 46.62 37.23 56.05
CA GLY R 32 45.57 36.91 57.05
C GLY R 32 46.18 36.33 58.31
N ALA R 33 45.41 36.16 59.37
CA ALA R 33 45.92 35.58 60.63
C ALA R 33 46.41 34.17 60.33
N GLU R 34 47.31 33.64 61.18
CA GLU R 34 47.70 32.21 61.20
C GLU R 34 48.46 31.83 59.93
N VAL R 35 48.95 32.82 59.19
CA VAL R 35 49.73 32.54 57.95
C VAL R 35 51.21 32.61 58.31
N GLU R 36 51.94 31.56 57.95
CA GLU R 36 53.37 31.38 58.24
C GLU R 36 54.09 31.38 56.90
N ILE R 37 55.12 32.21 56.72
CA ILE R 37 55.83 32.30 55.40
C ILE R 37 57.33 32.09 55.62
N GLY R 38 57.88 31.04 54.98
CA GLY R 38 59.28 30.60 55.16
C GLY R 38 60.27 31.55 54.51
N GLU R 39 61.54 31.43 54.89
CA GLU R 39 62.70 32.22 54.40
C GLU R 39 62.65 32.45 52.88
N GLY R 40 62.95 33.68 52.43
CA GLY R 40 63.29 34.02 51.02
C GLY R 40 62.09 33.94 50.07
N THR R 41 60.89 33.73 50.60
CA THR R 41 59.63 33.71 49.81
C THR R 41 59.33 35.16 49.40
N VAL R 42 58.62 35.31 48.28
CA VAL R 42 58.18 36.62 47.73
C VAL R 42 56.69 36.59 47.48
N ILE R 43 55.96 37.51 48.09
CA ILE R 43 54.51 37.68 47.80
C ILE R 43 54.37 38.91 46.90
N GLY R 44 53.80 38.74 45.71
CA GLY R 44 53.58 39.86 44.76
C GLY R 44 52.60 40.88 45.32
N PRO R 45 52.23 41.91 44.56
CA PRO R 45 51.11 42.80 44.90
C PRO R 45 49.74 42.12 44.82
N HIS R 46 48.67 42.79 45.26
CA HIS R 46 47.27 42.27 45.37
C HIS R 46 47.21 40.75 45.56
N VAL R 47 47.88 40.22 46.58
CA VAL R 47 47.68 38.80 46.97
C VAL R 47 46.81 38.78 48.21
N VAL R 48 46.15 37.64 48.43
CA VAL R 48 45.32 37.36 49.63
C VAL R 48 45.75 36.00 50.14
N LEU R 49 46.41 35.99 51.31
CA LEU R 49 46.68 34.76 52.09
C LEU R 49 45.72 34.71 53.27
N LYS R 50 45.17 33.52 53.54
CA LYS R 50 44.30 33.27 54.72
C LYS R 50 44.85 31.97 55.32
N GLY R 51 44.66 31.78 56.61
CA GLY R 51 45.23 30.65 57.37
C GLY R 51 44.16 29.73 57.95
N PRO R 52 44.49 28.73 58.79
CA PRO R 52 45.86 28.39 59.11
C PRO R 52 46.60 27.83 57.89
N THR R 53 47.67 28.49 57.48
CA THR R 53 48.40 28.17 56.22
C THR R 53 49.88 28.28 56.50
N LYS R 54 50.65 27.37 55.95
CA LYS R 54 52.11 27.27 56.22
C LYS R 54 52.80 27.25 54.88
N ILE R 55 53.53 28.31 54.52
CA ILE R 55 54.21 28.44 53.19
C ILE R 55 55.72 28.32 53.41
N GLY R 56 56.36 27.37 52.72
CA GLY R 56 57.80 27.05 52.89
C GLY R 56 58.68 28.18 52.37
N LYS R 57 59.88 27.82 51.89
CA LYS R 57 61.02 28.75 51.62
C LYS R 57 61.12 29.00 50.13
N HIS R 58 61.67 30.16 49.74
CA HIS R 58 61.93 30.52 48.32
C HIS R 58 60.71 30.21 47.42
N ASN R 59 59.50 30.63 47.79
CA ASN R 59 58.32 30.55 46.88
C ASN R 59 58.11 31.93 46.28
N ARG R 60 57.54 31.98 45.07
CA ARG R 60 57.21 33.22 44.31
C ARG R 60 55.69 33.06 44.11
N ILE R 61 54.85 33.89 44.74
CA ILE R 61 53.35 33.91 44.54
C ILE R 61 52.93 35.24 43.91
N TYR R 62 52.12 35.21 42.84
CA TYR R 62 51.78 36.41 42.03
C TYR R 62 50.41 36.97 42.40
N GLN R 63 50.10 38.13 41.79
CA GLN R 63 48.89 38.96 41.99
C GLN R 63 47.58 38.15 41.78
N PHE R 64 46.48 38.53 42.44
CA PHE R 64 45.08 38.06 42.18
C PHE R 64 44.88 36.61 42.67
N SER R 65 45.93 36.10 43.32
CA SER R 65 45.98 34.75 43.92
C SER R 65 45.31 34.83 45.29
N SER R 66 44.43 33.88 45.55
CA SER R 66 43.64 33.77 46.80
C SER R 66 44.03 32.42 47.39
N VAL R 67 45.14 32.39 48.14
CA VAL R 67 45.80 31.19 48.68
C VAL R 67 45.48 30.99 50.16
N GLY R 68 44.74 29.92 50.45
CA GLY R 68 44.34 29.51 51.80
C GLY R 68 42.94 29.99 52.15
N GLU R 69 42.04 30.17 51.16
CA GLU R 69 40.61 30.50 51.41
C GLU R 69 39.88 29.19 51.76
N ASP R 70 38.67 29.24 52.36
CA ASP R 70 37.87 28.03 52.76
C ASP R 70 37.32 27.39 51.47
N THR R 71 37.09 26.08 51.36
CA THR R 71 36.45 25.66 50.08
C THR R 71 35.00 26.12 50.12
N PRO R 72 34.38 26.54 48.99
CA PRO R 72 33.01 27.02 49.04
C PRO R 72 32.00 25.89 49.24
N ASP R 73 32.37 24.65 48.80
CA ASP R 73 31.67 23.33 48.93
C ASP R 73 30.95 23.31 50.27
N LEU R 74 29.67 22.93 50.32
CA LEU R 74 28.83 23.20 51.52
C LEU R 74 29.14 22.20 52.63
N LYS R 75 29.62 21.03 52.20
CA LYS R 75 30.32 19.98 52.98
C LYS R 75 31.06 20.65 54.16
N TYR R 76 31.99 21.54 53.88
CA TYR R 76 32.83 22.25 54.88
C TYR R 76 31.99 23.28 55.59
N LYS R 77 31.84 23.20 56.91
CA LYS R 77 31.11 24.25 57.67
C LYS R 77 32.10 24.97 58.59
N GLY R 78 33.27 25.38 58.08
CA GLY R 78 34.14 26.34 58.79
C GLY R 78 35.07 25.70 59.81
N GLU R 79 35.07 24.37 59.96
CA GLU R 79 36.01 23.65 60.88
C GLU R 79 37.41 24.18 60.58
N PRO R 80 38.41 24.12 61.50
CA PRO R 80 39.51 25.08 61.46
C PRO R 80 40.72 24.45 60.74
N THR R 81 40.57 24.02 59.47
CA THR R 81 41.50 23.13 58.71
C THR R 81 42.71 23.89 58.13
N ARG R 82 43.66 23.19 57.50
CA ARG R 82 45.00 23.74 57.16
C ARG R 82 45.27 23.59 55.65
N LEU R 83 46.15 24.48 55.15
CA LEU R 83 46.92 24.41 53.88
C LEU R 83 48.40 24.44 54.22
N VAL R 84 49.18 23.65 53.49
CA VAL R 84 50.65 23.52 53.61
C VAL R 84 51.28 23.54 52.23
N ILE R 85 52.27 24.43 52.03
CA ILE R 85 53.04 24.55 50.76
C ILE R 85 54.53 24.39 51.10
N GLY R 86 55.21 23.51 50.38
CA GLY R 86 56.67 23.30 50.54
C GLY R 86 57.48 24.47 50.02
N ASP R 87 58.64 24.17 49.42
CA ASP R 87 59.71 25.14 49.09
C ASP R 87 59.82 25.27 47.56
N HIS R 88 60.48 26.32 47.06
CA HIS R 88 60.81 26.55 45.62
C HIS R 88 59.57 26.32 44.74
N ASN R 89 58.38 26.76 45.17
CA ASN R 89 57.17 26.65 44.32
C ASN R 89 56.91 27.98 43.67
N VAL R 90 56.27 27.94 42.50
CA VAL R 90 55.75 29.15 41.80
C VAL R 90 54.26 29.06 41.60
N ILE R 91 53.57 30.08 42.07
CA ILE R 91 52.10 30.21 41.97
C ILE R 91 51.83 31.47 41.17
N ARG R 92 51.44 31.30 39.91
CA ARG R 92 51.24 32.39 38.93
C ARG R 92 49.97 33.17 39.24
N GLU R 93 49.66 34.10 38.35
CA GLU R 93 48.61 35.13 38.54
C GLU R 93 47.24 34.43 38.66
N GLY R 94 46.51 34.67 39.76
CA GLY R 94 45.06 34.39 39.86
C GLY R 94 44.76 32.99 40.38
N VAL R 95 45.77 32.31 40.87
CA VAL R 95 45.58 30.94 41.36
C VAL R 95 44.75 30.98 42.64
N THR R 96 43.90 29.98 42.80
CA THR R 96 43.13 29.72 44.04
C THR R 96 43.59 28.40 44.63
N ILE R 97 43.89 28.41 45.93
CA ILE R 97 44.21 27.19 46.69
C ILE R 97 43.35 27.22 47.96
N HIS R 98 42.56 26.17 48.18
CA HIS R 98 41.58 26.09 49.29
C HIS R 98 42.12 25.15 50.38
N ARG R 99 41.89 25.47 51.64
CA ARG R 99 42.30 24.55 52.72
C ARG R 99 41.28 23.42 52.81
N GLY R 100 41.80 22.29 53.29
CA GLY R 100 41.10 21.03 53.57
C GLY R 100 39.76 21.19 54.25
N THR R 101 39.14 20.04 54.46
CA THR R 101 37.82 19.80 55.12
C THR R 101 38.11 18.74 56.18
N VAL R 102 37.41 18.71 57.31
CA VAL R 102 37.69 17.63 58.32
C VAL R 102 37.28 16.27 57.73
N GLN R 103 36.28 16.23 56.86
CA GLN R 103 35.76 15.00 56.20
C GLN R 103 36.91 14.13 55.67
N ASP R 104 37.95 14.66 55.00
CA ASP R 104 39.10 13.85 54.45
C ASP R 104 40.28 14.07 55.41
N ARG R 105 41.44 14.59 55.01
CA ARG R 105 42.60 14.59 55.94
C ARG R 105 42.75 15.96 56.58
N ALA R 106 41.83 16.89 56.34
CA ALA R 106 41.80 18.19 57.05
C ALA R 106 42.95 19.06 56.58
N GLU R 107 43.57 18.71 55.46
CA GLU R 107 44.72 19.47 54.93
C GLU R 107 44.83 19.26 53.43
N THR R 108 44.96 20.40 52.75
CA THR R 108 45.43 20.60 51.35
C THR R 108 46.94 20.77 51.40
N THR R 109 47.69 20.10 50.52
CA THR R 109 49.16 19.95 50.66
C THR R 109 49.90 20.06 49.34
N ILE R 110 50.95 20.87 49.30
CA ILE R 110 51.80 21.03 48.09
C ILE R 110 53.26 20.85 48.50
N GLY R 111 53.99 20.06 47.71
CA GLY R 111 55.39 19.70 47.94
C GLY R 111 56.33 20.81 47.47
N ASP R 112 57.43 20.46 46.80
CA ASP R 112 58.52 21.40 46.41
C ASP R 112 58.59 21.53 44.87
N HIS R 113 59.21 22.59 44.34
CA HIS R 113 59.61 22.75 42.92
C HIS R 113 58.43 22.67 41.93
N ASN R 114 57.21 22.89 42.41
CA ASN R 114 56.00 22.86 41.54
C ASN R 114 55.77 24.21 40.89
N LEU R 115 55.27 24.16 39.65
CA LEU R 115 54.87 25.32 38.85
C LEU R 115 53.38 25.26 38.62
N ILE R 116 52.65 26.19 39.22
CA ILE R 116 51.17 26.25 39.10
C ILE R 116 50.85 27.55 38.38
N MET R 117 50.38 27.45 37.14
CA MET R 117 50.24 28.64 36.27
C MET R 117 48.89 29.27 36.46
N ALA R 118 48.66 30.33 35.70
CA ALA R 118 47.60 31.32 35.95
C ALA R 118 46.19 30.69 36.05
N TYR R 119 45.37 31.21 36.96
CA TYR R 119 43.90 30.96 37.08
C TYR R 119 43.68 29.45 37.40
N ALA R 120 44.74 28.70 37.74
CA ALA R 120 44.61 27.29 38.18
C ALA R 120 43.86 27.26 39.49
N HIS R 121 43.21 26.14 39.78
CA HIS R 121 42.46 25.90 41.05
C HIS R 121 42.95 24.60 41.67
N ILE R 122 43.14 24.62 42.99
CA ILE R 122 43.59 23.43 43.77
C ILE R 122 42.63 23.24 44.95
N GLY R 123 41.53 22.50 44.76
CA GLY R 123 40.38 22.42 45.67
C GLY R 123 40.72 21.72 46.97
N HIS R 124 39.81 21.84 47.95
CA HIS R 124 39.98 21.27 49.32
C HIS R 124 40.66 19.91 49.26
N ASP R 125 41.71 19.72 50.05
CA ASP R 125 42.24 18.37 50.40
C ASP R 125 43.08 17.79 49.26
N SER R 126 43.24 18.49 48.16
CA SER R 126 44.12 18.02 47.06
C SER R 126 45.55 17.93 47.62
N VAL R 127 46.41 17.18 46.96
CA VAL R 127 47.78 16.90 47.45
C VAL R 127 48.76 16.81 46.29
N ILE R 128 49.73 17.72 46.23
CA ILE R 128 50.68 17.76 45.10
C ILE R 128 52.09 17.45 45.61
N GLY R 129 52.80 16.63 44.82
CA GLY R 129 54.17 16.16 45.09
C GLY R 129 55.18 17.23 44.71
N ASN R 130 56.14 16.91 43.84
CA ASN R 130 57.27 17.80 43.48
C ASN R 130 57.43 17.88 41.96
N HIS R 131 58.00 18.99 41.47
CA HIS R 131 58.36 19.19 40.05
C HIS R 131 57.12 18.94 39.17
N CYS R 132 55.93 19.18 39.70
CA CYS R 132 54.69 19.07 38.90
C CYS R 132 54.51 20.38 38.15
N ILE R 133 53.85 20.32 37.00
CA ILE R 133 53.36 21.54 36.30
C ILE R 133 51.85 21.44 36.10
N LEU R 134 51.13 22.37 36.70
CA LEU R 134 49.70 22.60 36.41
C LEU R 134 49.61 23.83 35.54
N VAL R 135 49.25 23.66 34.28
CA VAL R 135 49.18 24.78 33.31
C VAL R 135 47.89 25.57 33.55
N ASN R 136 47.80 26.74 32.92
CA ASN R 136 46.67 27.71 33.05
C ASN R 136 45.33 26.99 33.24
N ASN R 137 44.58 27.34 34.30
CA ASN R 137 43.15 27.01 34.51
C ASN R 137 42.94 25.52 34.78
N THR R 138 44.00 24.74 34.86
CA THR R 138 43.94 23.40 35.47
C THR R 138 43.16 23.53 36.78
N ALA R 139 42.35 22.52 37.06
CA ALA R 139 41.38 22.53 38.15
C ALA R 139 41.27 21.14 38.78
N LEU R 140 41.60 21.07 40.07
CA LEU R 140 41.50 19.84 40.90
C LEU R 140 40.28 19.98 41.80
N ALA R 141 39.18 19.33 41.47
CA ALA R 141 37.85 19.59 42.09
C ALA R 141 37.95 19.47 43.61
N GLY R 142 38.69 18.46 44.06
CA GLY R 142 38.93 18.17 45.49
C GLY R 142 39.50 16.78 45.71
N HIS R 143 40.28 16.65 46.79
CA HIS R 143 40.95 15.41 47.27
C HIS R 143 41.70 14.74 46.13
N VAL R 144 42.21 15.52 45.19
CA VAL R 144 43.01 14.97 44.06
C VAL R 144 44.45 14.84 44.53
N HIS R 145 45.06 13.68 44.31
CA HIS R 145 46.50 13.45 44.54
C HIS R 145 47.22 13.46 43.19
N VAL R 146 48.20 14.36 43.05
CA VAL R 146 49.09 14.48 41.86
C VAL R 146 50.49 14.09 42.31
N ASP R 147 50.94 12.93 41.88
CA ASP R 147 52.30 12.41 42.20
C ASP R 147 53.32 13.17 41.33
N ASP R 148 54.62 12.94 41.52
CA ASP R 148 55.70 13.87 41.11
C ASP R 148 55.86 13.92 39.58
N TRP R 149 56.33 15.07 39.07
CA TRP R 149 56.73 15.23 37.64
C TRP R 149 55.52 15.28 36.71
N ALA R 150 54.33 15.10 37.25
CA ALA R 150 53.11 15.08 36.43
C ALA R 150 53.00 16.45 35.79
N ILE R 151 52.41 16.45 34.59
CA ILE R 151 52.13 17.68 33.83
C ILE R 151 50.68 17.63 33.41
N LEU R 152 49.92 18.63 33.84
CA LEU R 152 48.53 18.80 33.39
C LEU R 152 48.54 20.02 32.46
N SER R 153 48.39 19.78 31.16
CA SER R 153 48.23 20.81 30.13
C SER R 153 47.07 21.75 30.52
N GLY R 154 46.92 22.86 29.81
CA GLY R 154 45.96 23.93 30.15
C GLY R 154 44.53 23.43 30.24
N TYR R 155 43.74 23.96 31.17
CA TYR R 155 42.29 23.72 31.24
C TYR R 155 42.03 22.21 31.36
N THR R 156 42.91 21.53 32.08
CA THR R 156 42.74 20.11 32.49
C THR R 156 41.86 20.08 33.73
N LEU R 157 40.81 19.26 33.71
CA LEU R 157 39.81 19.18 34.79
C LEU R 157 39.87 17.80 35.40
N VAL R 158 39.88 17.72 36.75
CA VAL R 158 40.16 16.44 37.45
C VAL R 158 39.10 16.22 38.55
N HIS R 159 38.26 15.18 38.41
CA HIS R 159 37.00 15.02 39.20
C HIS R 159 37.42 14.62 40.63
N GLN R 160 36.59 14.97 41.64
CA GLN R 160 36.77 14.69 43.08
C GLN R 160 37.60 13.38 43.13
N TYR R 161 38.69 13.30 43.91
CA TYR R 161 39.30 12.01 44.39
C TYR R 161 40.19 11.27 43.37
N CYS R 162 40.39 11.76 42.15
CA CYS R 162 41.24 11.06 41.15
C CYS R 162 42.72 11.15 41.56
N ARG R 163 43.49 10.13 41.20
CA ARG R 163 44.96 10.09 41.37
C ARG R 163 45.62 10.25 40.02
N ILE R 164 46.43 11.30 39.87
CA ILE R 164 47.30 11.50 38.69
C ILE R 164 48.66 10.92 39.04
N GLY R 165 48.96 9.70 38.59
CA GLY R 165 50.25 9.02 38.81
C GLY R 165 51.42 9.83 38.24
N ALA R 166 52.63 9.51 38.67
CA ALA R 166 53.86 10.28 38.39
C ALA R 166 54.29 10.25 36.92
N HIS R 167 54.83 11.37 36.43
CA HIS R 167 55.28 11.59 35.03
C HIS R 167 54.10 11.49 34.06
N SER R 168 52.90 11.29 34.58
CA SER R 168 51.71 11.25 33.73
C SER R 168 51.57 12.63 33.08
N PHE R 169 50.73 12.70 32.07
CA PHE R 169 50.54 13.89 31.23
C PHE R 169 49.11 13.93 30.71
N SER R 170 48.38 15.00 31.04
CA SER R 170 47.08 15.32 30.42
C SER R 170 47.29 16.36 29.31
N GLY R 171 46.63 16.19 28.17
CA GLY R 171 46.59 17.19 27.10
C GLY R 171 45.65 18.33 27.44
N MET R 172 45.59 19.39 26.62
CA MET R 172 44.77 20.58 26.95
C MET R 172 43.29 20.18 26.86
N GLY R 173 42.46 20.82 27.67
CA GLY R 173 41.01 20.54 27.80
C GLY R 173 40.69 19.08 28.15
N SER R 174 41.64 18.34 28.71
CA SER R 174 41.38 16.97 29.22
C SER R 174 40.37 17.05 30.39
N ALA R 175 39.47 16.08 30.44
CA ALA R 175 38.40 15.98 31.46
C ALA R 175 38.51 14.63 32.18
N ILE R 176 39.36 14.61 33.20
CA ILE R 176 39.84 13.34 33.82
C ILE R 176 38.84 12.91 34.89
N GLY R 177 38.07 11.84 34.63
CA GLY R 177 37.02 11.36 35.54
C GLY R 177 37.49 10.20 36.41
N LYS R 178 38.69 9.68 36.15
CA LYS R 178 39.23 8.47 36.80
C LYS R 178 40.74 8.51 36.82
N ASP R 179 41.37 7.65 37.61
CA ASP R 179 42.83 7.71 37.84
C ASP R 179 43.62 7.71 36.51
N VAL R 180 44.73 8.45 36.49
CA VAL R 180 45.73 8.40 35.40
C VAL R 180 46.97 7.69 35.92
N PRO R 181 47.29 6.52 35.36
CA PRO R 181 48.46 5.75 35.79
C PRO R 181 49.76 6.53 35.56
N ALA R 182 50.78 6.23 36.35
CA ALA R 182 52.13 6.78 36.14
C ALA R 182 52.48 6.74 34.64
N TYR R 183 53.08 7.79 34.12
CA TYR R 183 53.70 7.85 32.76
C TYR R 183 52.67 7.98 31.64
N VAL R 184 51.38 7.81 31.91
CA VAL R 184 50.38 7.70 30.81
C VAL R 184 50.04 9.11 30.28
N THR R 185 49.88 9.22 28.95
CA THR R 185 49.36 10.44 28.30
C THR R 185 47.85 10.23 28.11
N VAL R 186 47.03 11.18 28.56
CA VAL R 186 45.55 11.15 28.39
C VAL R 186 45.08 12.44 27.72
N PHE R 187 44.03 12.35 26.93
CA PHE R 187 43.56 13.47 26.08
C PHE R 187 42.03 13.46 26.00
N GLY R 188 41.43 14.65 26.10
CA GLY R 188 40.07 14.91 25.63
C GLY R 188 38.99 14.76 26.69
N ASN R 189 37.74 14.89 26.26
CA ASN R 189 36.54 14.93 27.13
C ASN R 189 35.55 13.89 26.66
N PRO R 190 35.50 12.72 27.33
CA PRO R 190 36.24 12.53 28.58
C PRO R 190 37.63 11.99 28.26
N ALA R 191 38.62 12.29 29.12
CA ALA R 191 40.01 11.80 29.02
C ALA R 191 40.01 10.32 28.60
N GLU R 192 40.80 9.97 27.57
CA GLU R 192 41.19 8.56 27.28
C GLU R 192 42.72 8.47 27.34
N ALA R 193 43.25 7.26 27.52
CA ALA R 193 44.70 6.95 27.45
C ALA R 193 45.11 7.01 25.99
N ARG R 194 46.32 7.45 25.65
CA ARG R 194 46.85 7.39 24.27
C ARG R 194 48.18 6.61 24.26
N SER R 195 49.19 7.15 24.93
CA SER R 195 50.55 6.59 24.97
C SER R 195 51.08 6.66 26.39
N MET R 196 52.37 6.38 26.53
CA MET R 196 53.14 6.80 27.71
C MET R 196 53.96 8.00 27.27
N ASN R 197 54.44 8.71 28.27
CA ASN R 197 55.07 10.04 28.14
C ASN R 197 56.57 9.83 27.99
N PHE R 198 56.98 9.35 26.82
CA PHE R 198 58.38 9.00 26.53
C PHE R 198 59.17 10.28 26.71
N GLU R 199 58.57 11.39 26.30
CA GLU R 199 59.18 12.73 26.47
C GLU R 199 59.84 12.79 27.85
N GLY R 200 59.05 12.98 28.89
CA GLY R 200 59.52 13.26 30.26
C GLY R 200 60.23 12.07 30.87
N MET R 201 60.30 10.94 30.15
CA MET R 201 61.16 9.77 30.48
C MET R 201 62.56 10.04 30.00
N ARG R 202 62.73 10.54 28.76
CA ARG R 202 64.08 10.91 28.24
C ARG R 202 64.54 12.02 29.18
N ARG R 203 63.66 12.98 29.51
CA ARG R 203 64.00 14.10 30.42
C ARG R 203 64.55 13.56 31.75
N ARG R 204 63.99 12.52 32.33
CA ARG R 204 64.53 11.94 33.59
C ARG R 204 65.77 11.06 33.33
N GLY R 205 66.18 10.89 32.07
CA GLY R 205 67.33 10.06 31.69
C GLY R 205 67.12 8.58 31.97
N PHE R 206 65.89 8.09 31.91
CA PHE R 206 65.54 6.65 32.01
C PHE R 206 66.40 5.84 31.04
N SER R 207 66.77 4.61 31.39
CA SER R 207 67.52 3.70 30.49
C SER R 207 66.62 3.36 29.32
N SER R 208 67.17 2.98 28.16
CA SER R 208 66.33 2.59 27.01
C SER R 208 65.57 1.33 27.38
N GLU R 209 66.17 0.36 28.09
CA GLU R 209 65.46 -0.91 28.48
C GLU R 209 64.20 -0.50 29.22
N ALA R 210 64.33 0.47 30.13
CA ALA R 210 63.24 0.90 31.03
C ALA R 210 62.14 1.53 30.17
N ILE R 211 62.50 2.37 29.21
CA ILE R 211 61.51 2.96 28.29
C ILE R 211 60.78 1.80 27.57
N HIS R 212 61.49 0.99 26.79
CA HIS R 212 60.91 -0.17 26.05
C HIS R 212 60.00 -0.97 27.00
N ALA R 213 60.45 -1.22 28.23
CA ALA R 213 59.74 -2.06 29.23
C ALA R 213 58.40 -1.44 29.61
N LEU R 214 58.40 -0.09 29.65
CA LEU R 214 57.23 0.75 29.98
C LEU R 214 56.27 0.76 28.79
N ARG R 215 56.78 0.81 27.56
CA ARG R 215 55.93 0.61 26.37
C ARG R 215 55.30 -0.78 26.51
N ARG R 216 56.09 -1.85 26.69
CA ARG R 216 55.53 -3.24 26.83
C ARG R 216 54.37 -3.16 27.83
N ALA R 217 54.63 -2.53 28.97
CA ALA R 217 53.70 -2.47 30.11
C ALA R 217 52.39 -1.78 29.69
N TYR R 218 52.48 -0.66 28.99
CA TYR R 218 51.30 0.06 28.47
C TYR R 218 50.47 -0.93 27.67
N LYS R 219 51.14 -1.50 26.65
CA LYS R 219 50.54 -2.36 25.61
C LYS R 219 49.69 -3.39 26.37
N VAL R 220 50.21 -3.93 27.48
CA VAL R 220 49.60 -5.04 28.26
C VAL R 220 48.22 -4.62 28.79
N VAL R 221 48.25 -3.53 29.55
CA VAL R 221 47.07 -2.98 30.26
C VAL R 221 45.97 -2.73 29.23
N TYR R 222 46.33 -1.86 28.28
CA TYR R 222 45.44 -1.12 27.37
C TYR R 222 45.22 -1.91 26.09
N ARG R 223 46.23 -1.89 25.21
CA ARG R 223 46.11 -2.40 23.84
C ARG R 223 46.14 -3.95 23.76
N GLN R 224 46.13 -4.76 24.83
CA GLN R 224 46.01 -6.25 24.66
C GLN R 224 44.63 -6.71 25.12
N GLY R 225 43.78 -5.73 25.49
CA GLY R 225 42.58 -5.90 26.32
C GLY R 225 42.71 -7.12 27.21
N HIS R 226 43.77 -7.22 28.02
CA HIS R 226 43.66 -8.03 29.25
C HIS R 226 42.61 -7.29 30.11
N THR R 227 41.95 -7.93 31.09
CA THR R 227 41.21 -7.21 32.17
C THR R 227 42.17 -6.24 32.87
N VAL R 228 41.71 -5.50 33.88
CA VAL R 228 42.62 -4.71 34.76
C VAL R 228 43.42 -5.74 35.56
N GLU R 229 42.75 -6.62 36.29
CA GLU R 229 43.41 -7.67 37.13
C GLU R 229 44.39 -8.50 36.31
N GLU R 230 43.96 -8.91 35.12
CA GLU R 230 44.73 -9.83 34.25
C GLU R 230 46.08 -9.18 33.99
N ALA R 231 46.07 -7.88 33.71
CA ALA R 231 47.29 -7.15 33.31
C ALA R 231 48.20 -6.99 34.53
N LEU R 232 47.65 -6.61 35.66
CA LEU R 232 48.44 -6.44 36.90
C LEU R 232 49.29 -7.69 37.16
N ALA R 233 48.68 -8.82 36.85
CA ALA R 233 49.30 -10.16 36.92
C ALA R 233 50.49 -10.23 35.97
N GLU R 234 50.27 -9.91 34.70
CA GLU R 234 51.29 -9.95 33.64
C GLU R 234 52.51 -9.11 34.09
N LEU R 235 52.24 -7.88 34.50
CA LEU R 235 53.27 -6.86 34.79
C LEU R 235 54.27 -7.37 35.83
N ALA R 236 53.79 -7.95 36.95
CA ALA R 236 54.57 -8.70 37.98
C ALA R 236 56.05 -8.94 37.61
N GLU R 237 56.33 -9.79 36.60
CA GLU R 237 57.70 -10.04 36.05
C GLU R 237 58.37 -8.69 35.70
N SER R 238 57.84 -8.02 34.66
CA SER R 238 58.23 -6.66 34.16
C SER R 238 58.63 -5.75 35.33
N ALA R 239 57.93 -5.86 36.47
CA ALA R 239 57.94 -4.86 37.56
C ALA R 239 59.02 -5.20 38.60
N ALA R 240 59.34 -6.48 38.73
CA ALA R 240 60.52 -6.89 39.53
C ALA R 240 61.78 -6.37 38.84
N GLN R 241 61.81 -6.65 37.55
CA GLN R 241 62.92 -6.31 36.64
C GLN R 241 63.23 -4.81 36.69
N PHE R 242 62.21 -3.94 36.71
CA PHE R 242 62.37 -2.48 36.51
C PHE R 242 61.56 -1.71 37.52
N PRO R 243 62.21 -1.17 38.56
CA PRO R 243 61.58 -0.19 39.42
C PRO R 243 60.68 0.81 38.69
N GLU R 244 61.06 1.23 37.48
CA GLU R 244 60.24 2.20 36.68
C GLU R 244 58.85 1.62 36.40
N VAL R 245 58.77 0.34 36.01
CA VAL R 245 57.50 -0.37 35.68
C VAL R 245 56.73 -0.54 36.98
N ALA R 246 57.45 -0.91 38.03
CA ALA R 246 56.92 -1.16 39.38
C ALA R 246 55.91 -0.05 39.71
N VAL R 247 56.39 1.18 39.63
CA VAL R 247 55.63 2.45 39.79
C VAL R 247 54.29 2.42 39.02
N PHE R 248 54.38 2.03 37.76
CA PHE R 248 53.24 1.99 36.82
C PHE R 248 52.28 0.91 37.30
N ARG R 249 52.76 -0.31 37.59
CA ARG R 249 51.89 -1.35 38.19
C ARG R 249 51.25 -0.78 39.46
N ASP R 250 52.07 -0.28 40.38
CA ASP R 250 51.62 0.27 41.67
C ASP R 250 50.54 1.34 41.42
N SER R 251 50.70 2.25 40.44
CA SER R 251 49.62 3.25 40.19
C SER R 251 48.30 2.48 39.93
N ILE R 252 48.33 1.56 38.96
CA ILE R 252 47.12 0.84 38.50
C ILE R 252 46.52 0.02 39.64
N GLN R 253 47.40 -0.62 40.41
CA GLN R 253 47.00 -1.36 41.62
C GLN R 253 45.90 -0.59 42.35
N SER R 254 46.31 0.40 43.15
CA SER R 254 45.45 1.00 44.20
C SER R 254 44.65 2.09 43.52
N ALA R 255 44.05 1.72 42.39
CA ALA R 255 42.92 2.41 41.76
C ALA R 255 41.72 1.46 41.71
N THR R 256 41.95 0.15 41.53
CA THR R 256 40.91 -0.90 41.39
C THR R 256 41.03 -1.82 42.60
N ARG R 257 40.15 -1.79 43.61
CA ARG R 257 40.08 -3.00 44.48
C ARG R 257 38.91 -3.86 44.03
N GLY R 258 37.90 -3.30 43.35
CA GLY R 258 36.67 -3.99 42.92
C GLY R 258 35.88 -4.60 44.08
N ILE R 259 34.85 -5.41 43.76
CA ILE R 259 34.01 -6.08 44.78
C ILE R 259 34.14 -7.59 44.62
N THR R 260 33.75 -8.36 45.63
CA THR R 260 33.55 -9.82 45.49
C THR R 260 32.47 -10.07 44.46
N ARG R 261 32.82 -10.70 43.32
CA ARG R 261 31.87 -11.22 42.32
C ARG R 261 31.46 -12.60 42.80
N MET S 4 -43.24 56.37 -46.95
CA MET S 4 -44.22 56.99 -47.94
C MET S 4 -43.94 56.47 -49.39
N SER S 5 -42.90 55.57 -49.71
CA SER S 5 -43.02 54.43 -50.67
C SER S 5 -41.98 53.29 -50.47
N LEU S 6 -42.53 52.08 -50.34
CA LEU S 6 -42.03 50.72 -50.01
C LEU S 6 -40.79 50.30 -50.77
N ILE S 7 -40.88 50.37 -52.10
CA ILE S 7 -39.79 50.03 -53.05
C ILE S 7 -38.97 51.30 -53.27
N ASP S 8 -37.76 51.33 -52.73
CA ASP S 8 -36.81 52.46 -52.86
C ASP S 8 -36.70 52.88 -54.30
N PRO S 9 -36.63 54.19 -54.61
CA PRO S 9 -36.48 54.60 -56.00
C PRO S 9 -35.08 54.26 -56.53
N ARG S 10 -34.03 54.12 -55.69
CA ARG S 10 -32.67 53.87 -56.22
C ARG S 10 -32.48 52.40 -56.56
N ALA S 11 -33.49 51.57 -56.31
CA ALA S 11 -33.47 50.12 -56.64
C ALA S 11 -33.92 49.94 -58.08
N ILE S 12 -33.49 48.87 -58.73
CA ILE S 12 -33.89 48.53 -60.13
C ILE S 12 -34.81 47.33 -60.08
N ILE S 13 -35.98 47.45 -60.68
CA ILE S 13 -36.96 46.34 -60.82
C ILE S 13 -37.23 46.12 -62.31
N ASP S 14 -36.99 44.91 -62.79
CA ASP S 14 -37.33 44.54 -64.18
C ASP S 14 -38.83 44.72 -64.39
N PRO S 15 -39.28 45.18 -65.57
CA PRO S 15 -40.72 45.19 -65.89
C PRO S 15 -41.30 43.77 -65.78
N SER S 16 -40.53 42.76 -66.13
CA SER S 16 -40.99 41.34 -66.16
C SER S 16 -41.14 40.81 -64.72
N ALA S 17 -40.44 41.36 -63.72
CA ALA S 17 -40.51 40.90 -62.31
C ALA S 17 -41.91 41.19 -61.77
N ARG S 18 -42.34 40.52 -60.71
CA ARG S 18 -43.72 40.73 -60.18
C ARG S 18 -43.74 40.47 -58.67
N LEU S 19 -44.17 41.48 -57.89
CA LEU S 19 -44.00 41.68 -56.41
C LEU S 19 -45.34 41.93 -55.72
N ALA S 20 -45.78 41.12 -54.75
CA ALA S 20 -47.03 41.35 -53.97
C ALA S 20 -47.00 42.73 -53.32
N ALA S 21 -48.18 43.28 -52.95
CA ALA S 21 -48.40 44.72 -52.66
C ALA S 21 -47.33 45.29 -51.70
N ASP S 22 -47.21 44.71 -50.51
CA ASP S 22 -46.49 45.27 -49.33
C ASP S 22 -45.06 44.69 -49.27
N VAL S 23 -44.51 44.26 -50.39
CA VAL S 23 -43.05 43.95 -50.52
C VAL S 23 -42.30 45.27 -50.45
N GLN S 24 -41.15 45.23 -49.81
CA GLN S 24 -40.17 46.34 -49.81
C GLN S 24 -38.87 45.93 -50.47
N VAL S 25 -38.19 46.92 -51.05
CA VAL S 25 -36.84 46.76 -51.64
C VAL S 25 -35.99 47.96 -51.22
N GLY S 26 -34.87 47.71 -50.51
CA GLY S 26 -33.88 48.72 -50.12
C GLY S 26 -33.22 49.31 -51.35
N PRO S 27 -32.40 50.37 -51.20
CA PRO S 27 -31.75 50.98 -52.36
C PRO S 27 -30.67 50.11 -53.03
N TRP S 28 -30.45 50.27 -54.34
CA TRP S 28 -29.29 49.68 -55.07
C TRP S 28 -29.45 48.17 -55.19
N SER S 29 -30.62 47.68 -54.84
CA SER S 29 -30.96 46.27 -55.01
C SER S 29 -31.55 46.13 -56.42
N ILE S 30 -31.28 45.02 -57.07
CA ILE S 30 -31.76 44.68 -58.43
C ILE S 30 -32.68 43.48 -58.31
N VAL S 31 -33.87 43.59 -58.88
CA VAL S 31 -34.83 42.46 -58.98
C VAL S 31 -34.90 42.08 -60.47
N GLY S 32 -33.95 41.25 -60.93
CA GLY S 32 -33.75 40.76 -62.32
C GLY S 32 -35.08 40.34 -62.93
N ALA S 33 -35.11 40.07 -64.24
CA ALA S 33 -36.36 39.61 -64.89
C ALA S 33 -36.79 38.30 -64.25
N GLU S 34 -38.07 37.95 -64.36
CA GLU S 34 -38.62 36.61 -64.02
C GLU S 34 -38.54 36.37 -62.52
N VAL S 35 -38.32 37.41 -61.72
CA VAL S 35 -38.26 37.24 -60.24
C VAL S 35 -39.63 37.59 -59.67
N GLU S 36 -40.15 36.67 -58.87
CA GLU S 36 -41.48 36.76 -58.24
C GLU S 36 -41.25 36.86 -56.74
N ILE S 37 -41.82 37.86 -56.06
CA ILE S 37 -41.61 38.04 -54.59
C ILE S 37 -42.96 38.09 -53.88
N GLY S 38 -43.18 37.16 -52.95
CA GLY S 38 -44.47 36.97 -52.25
C GLY S 38 -44.72 38.06 -51.22
N GLU S 39 -45.97 38.16 -50.76
CA GLU S 39 -46.48 39.13 -49.75
C GLU S 39 -45.51 39.32 -48.58
N GLY S 40 -45.29 40.57 -48.14
CA GLY S 40 -44.66 40.93 -46.85
C GLY S 40 -43.16 40.65 -46.77
N THR S 41 -42.56 40.24 -47.88
CA THR S 41 -41.10 40.00 -47.98
C THR S 41 -40.39 41.35 -47.95
N VAL S 42 -39.15 41.36 -47.48
CA VAL S 42 -38.27 42.56 -47.40
C VAL S 42 -36.95 42.25 -48.09
N ILE S 43 -36.59 43.05 -49.09
CA ILE S 43 -35.25 42.96 -49.72
C ILE S 43 -34.42 44.12 -49.18
N GLY S 44 -33.29 43.83 -48.54
CA GLY S 44 -32.39 44.88 -47.99
C GLY S 44 -31.79 45.71 -49.11
N PRO S 45 -30.88 46.65 -48.80
CA PRO S 45 -30.06 47.31 -49.81
C PRO S 45 -29.03 46.40 -50.48
N HIS S 46 -28.35 46.89 -51.52
CA HIS S 46 -27.38 46.15 -52.38
C HIS S 46 -27.67 44.65 -52.45
N VAL S 47 -28.88 44.25 -52.84
CA VAL S 47 -29.17 42.83 -53.14
C VAL S 47 -29.22 42.68 -54.65
N VAL S 48 -29.00 41.45 -55.11
CA VAL S 48 -29.09 41.05 -56.54
C VAL S 48 -29.95 39.80 -56.58
N LEU S 49 -31.15 39.91 -57.12
CA LEU S 49 -32.02 38.76 -57.48
C LEU S 49 -31.96 38.57 -59.00
N LYS S 50 -31.87 37.31 -59.43
CA LYS S 50 -31.95 36.93 -60.86
C LYS S 50 -32.90 35.77 -60.92
N GLY S 51 -33.55 35.57 -62.07
CA GLY S 51 -34.63 34.58 -62.24
C GLY S 51 -34.26 33.50 -63.25
N PRO S 52 -35.17 32.58 -63.65
CA PRO S 52 -36.50 32.49 -63.07
C PRO S 52 -36.45 32.06 -61.60
N THR S 53 -36.95 32.88 -60.70
CA THR S 53 -36.85 32.68 -59.24
C THR S 53 -38.17 33.06 -58.61
N LYS S 54 -38.61 32.28 -57.65
CA LYS S 54 -39.93 32.44 -57.01
C LYS S 54 -39.66 32.54 -55.50
N ILE S 55 -39.88 33.69 -54.89
CA ILE S 55 -39.62 33.92 -53.43
C ILE S 55 -40.96 34.07 -52.72
N GLY S 56 -41.21 33.24 -51.70
CA GLY S 56 -42.48 33.19 -50.97
C GLY S 56 -42.70 34.44 -50.14
N LYS S 57 -43.42 34.28 -49.02
CA LYS S 57 -44.04 35.38 -48.21
C LYS S 57 -43.18 35.63 -46.96
N HIS S 58 -43.20 36.85 -46.43
CA HIS S 58 -42.52 37.23 -45.16
C HIS S 58 -41.06 36.71 -45.12
N ASN S 59 -40.26 36.90 -46.17
CA ASN S 59 -38.81 36.60 -46.13
C ASN S 59 -38.06 37.91 -45.88
N ARG S 60 -36.88 37.84 -45.25
CA ARG S 60 -36.00 38.99 -44.93
C ARG S 60 -34.69 38.54 -45.64
N ILE S 61 -34.27 39.22 -46.72
CA ILE S 61 -32.96 38.99 -47.43
C ILE S 61 -32.04 40.21 -47.30
N TYR S 62 -30.79 40.03 -46.89
CA TYR S 62 -29.87 41.13 -46.56
C TYR S 62 -28.90 41.43 -47.70
N GLN S 63 -28.11 42.50 -47.50
CA GLN S 63 -27.14 43.11 -48.44
C GLN S 63 -26.11 42.09 -48.96
N PHE S 64 -25.56 42.28 -50.17
CA PHE S 64 -24.38 41.57 -50.75
C PHE S 64 -24.72 40.12 -51.13
N SER S 65 -26.02 39.80 -51.00
CA SER S 65 -26.63 38.51 -51.33
C SER S 65 -26.88 38.49 -52.83
N SER S 66 -26.49 37.39 -53.48
CA SER S 66 -26.63 37.17 -54.93
C SER S 66 -27.49 35.91 -55.06
N VAL S 67 -28.81 36.11 -55.01
CA VAL S 67 -29.84 35.04 -54.94
C VAL S 67 -30.49 34.81 -56.30
N GLY S 68 -30.24 33.63 -56.87
CA GLY S 68 -30.79 33.19 -58.16
C GLY S 68 -29.82 33.42 -59.30
N GLU S 69 -28.50 33.43 -59.05
CA GLU S 69 -27.47 33.51 -60.10
C GLU S 69 -27.28 32.09 -60.70
N ASP S 70 -26.68 31.94 -61.89
CA ASP S 70 -26.47 30.62 -62.58
C ASP S 70 -25.37 29.86 -61.82
N THR S 71 -25.32 28.53 -61.75
CA THR S 71 -24.11 27.99 -61.05
C THR S 71 -22.93 28.18 -62.00
N PRO S 72 -21.70 28.46 -61.50
CA PRO S 72 -20.57 28.69 -62.40
C PRO S 72 -20.07 27.41 -63.05
N ASP S 73 -20.28 26.25 -62.37
CA ASP S 73 -20.01 24.82 -62.76
C ASP S 73 -20.25 24.69 -64.26
N LEU S 74 -19.35 24.08 -65.02
CA LEU S 74 -19.36 24.23 -66.52
C LEU S 74 -20.42 23.32 -67.13
N LYS S 75 -20.72 22.24 -66.39
CA LYS S 75 -21.89 21.33 -66.52
C LYS S 75 -23.07 22.14 -67.06
N TYR S 76 -23.51 23.17 -66.35
CA TYR S 76 -24.65 24.04 -66.72
C TYR S 76 -24.26 24.93 -67.88
N LYS S 77 -24.92 24.86 -69.02
CA LYS S 77 -24.64 25.78 -70.17
C LYS S 77 -25.85 26.69 -70.39
N GLY S 78 -26.41 27.28 -69.32
CA GLY S 78 -27.36 28.40 -69.46
C GLY S 78 -28.80 27.96 -69.68
N GLU S 79 -29.09 26.65 -69.68
CA GLU S 79 -30.49 26.13 -69.81
C GLU S 79 -31.33 26.89 -68.79
N PRO S 80 -32.68 27.04 -68.95
CA PRO S 80 -33.37 28.18 -68.35
C PRO S 80 -34.00 27.75 -67.02
N THR S 81 -33.21 27.28 -66.05
CA THR S 81 -33.62 26.56 -64.81
C THR S 81 -34.12 27.51 -63.71
N ARG S 82 -34.59 26.97 -62.58
CA ARG S 82 -35.37 27.74 -61.57
C ARG S 82 -34.73 27.62 -60.18
N LEU S 83 -34.98 28.64 -59.37
CA LEU S 83 -34.86 28.69 -57.89
C LEU S 83 -36.23 28.98 -57.29
N VAL S 84 -36.53 28.32 -56.17
CA VAL S 84 -37.79 28.47 -55.40
C VAL S 84 -37.45 28.59 -53.92
N ILE S 85 -37.97 29.63 -53.27
CA ILE S 85 -37.83 29.86 -51.81
C ILE S 85 -39.23 29.97 -51.20
N GLY S 86 -39.49 29.21 -50.15
CA GLY S 86 -40.76 29.25 -49.40
C GLY S 86 -40.92 30.55 -48.60
N ASP S 87 -41.52 30.45 -47.43
CA ASP S 87 -42.03 31.57 -46.60
C ASP S 87 -41.18 31.69 -45.32
N HIS S 88 -41.26 32.83 -44.63
CA HIS S 88 -40.63 33.10 -43.30
C HIS S 88 -39.15 32.66 -43.31
N ASN S 89 -38.40 32.88 -44.38
CA ASN S 89 -36.96 32.54 -44.40
C ASN S 89 -36.15 33.80 -44.14
N VAL S 90 -34.96 33.62 -43.59
CA VAL S 90 -33.95 34.69 -43.42
C VAL S 90 -32.65 34.33 -44.12
N ILE S 91 -32.24 35.22 -45.00
CA ILE S 91 -30.99 35.09 -45.77
C ILE S 91 -30.12 36.28 -45.40
N ARG S 92 -29.10 36.01 -44.60
CA ARG S 92 -28.20 37.03 -44.02
C ARG S 92 -27.25 37.58 -45.08
N GLU S 93 -26.33 38.42 -44.63
CA GLU S 93 -25.46 39.26 -45.49
C GLU S 93 -24.55 38.32 -46.33
N GLY S 94 -24.59 38.44 -47.65
CA GLY S 94 -23.55 37.92 -48.57
C GLY S 94 -23.82 36.50 -49.04
N VAL S 95 -25.02 36.02 -48.78
CA VAL S 95 -25.37 34.64 -49.16
C VAL S 95 -25.47 34.56 -50.68
N THR S 96 -25.05 33.43 -51.22
CA THR S 96 -25.21 33.06 -52.64
C THR S 96 -26.12 31.84 -52.73
N ILE S 97 -27.12 31.92 -53.59
CA ILE S 97 -28.00 30.78 -53.92
C ILE S 97 -28.08 30.68 -55.43
N HIS S 98 -27.74 29.52 -55.98
CA HIS S 98 -27.63 29.29 -57.45
C HIS S 98 -28.85 28.48 -57.92
N ARG S 99 -29.37 28.78 -59.10
CA ARG S 99 -30.48 27.98 -59.65
C ARG S 99 -29.89 26.68 -60.22
N GLY S 100 -30.77 25.68 -60.21
CA GLY S 100 -30.59 24.31 -60.73
C GLY S 100 -29.90 24.25 -62.08
N THR S 101 -29.72 23.01 -62.52
CA THR S 101 -29.12 22.54 -63.79
C THR S 101 -30.13 21.58 -64.37
N VAL S 102 -30.27 21.44 -65.69
CA VAL S 102 -31.24 20.45 -66.25
C VAL S 102 -30.78 19.03 -65.88
N GLN S 103 -29.48 18.80 -65.75
CA GLN S 103 -28.85 17.49 -65.41
C GLN S 103 -29.58 16.84 -64.22
N ASP S 104 -29.93 17.53 -63.13
CA ASP S 104 -30.64 16.93 -61.94
C ASP S 104 -32.12 17.36 -62.05
N ARG S 105 -32.72 18.07 -61.10
CA ARG S 105 -34.19 18.28 -61.19
C ARG S 105 -34.49 19.68 -61.72
N ALA S 106 -33.47 20.42 -62.14
CA ALA S 106 -33.65 21.71 -62.86
C ALA S 106 -34.15 22.77 -61.88
N GLU S 107 -34.02 22.51 -60.58
CA GLU S 107 -34.50 23.47 -59.56
C GLU S 107 -33.72 23.23 -58.26
N THR S 108 -33.24 24.38 -57.74
CA THR S 108 -32.75 24.64 -56.37
C THR S 108 -33.94 25.08 -55.54
N THR S 109 -34.12 24.55 -54.34
CA THR S 109 -35.39 24.67 -53.58
C THR S 109 -35.16 24.88 -52.08
N ILE S 110 -35.84 25.87 -51.52
CA ILE S 110 -35.79 26.16 -50.07
C ILE S 110 -37.20 26.25 -49.52
N GLY S 111 -37.44 25.58 -48.40
CA GLY S 111 -38.75 25.48 -47.73
C GLY S 111 -39.04 26.71 -46.91
N ASP S 112 -39.57 26.55 -45.68
CA ASP S 112 -40.06 27.66 -44.82
C ASP S 112 -39.19 27.77 -43.55
N HIS S 113 -39.19 28.91 -42.87
CA HIS S 113 -38.65 29.13 -41.50
C HIS S 113 -37.14 28.84 -41.38
N ASN S 114 -36.42 28.83 -42.50
CA ASN S 114 -34.95 28.58 -42.51
C ASN S 114 -34.17 29.85 -42.24
N LEU S 115 -33.07 29.69 -41.53
CA LEU S 115 -32.09 30.75 -41.20
C LEU S 115 -30.77 30.41 -41.88
N ILE S 116 -30.40 31.20 -42.87
CA ILE S 116 -29.16 30.99 -43.64
C ILE S 116 -28.28 32.19 -43.38
N MET S 117 -27.19 32.00 -42.65
CA MET S 117 -26.40 33.13 -42.13
C MET S 117 -25.33 33.51 -43.13
N ALA S 118 -24.53 34.51 -42.74
CA ALA S 118 -23.70 35.28 -43.65
C ALA S 118 -22.74 34.42 -44.50
N TYR S 119 -22.55 34.80 -45.76
CA TYR S 119 -21.49 34.30 -46.68
C TYR S 119 -21.74 32.78 -46.94
N ALA S 120 -22.88 32.24 -46.53
CA ALA S 120 -23.26 30.83 -46.84
C ALA S 120 -23.46 30.69 -48.34
N HIS S 121 -23.28 29.48 -48.85
CA HIS S 121 -23.48 29.15 -50.28
C HIS S 121 -24.42 27.95 -50.39
N ILE S 122 -25.35 28.02 -51.33
CA ILE S 122 -26.34 26.93 -51.59
C ILE S 122 -26.32 26.61 -53.09
N GLY S 123 -25.45 25.69 -53.52
CA GLY S 123 -25.09 25.42 -54.92
C GLY S 123 -26.25 24.82 -55.71
N HIS S 124 -26.09 24.79 -57.04
CA HIS S 124 -27.12 24.28 -58.00
C HIS S 124 -27.84 23.06 -57.43
N ASP S 125 -29.17 23.07 -57.42
CA ASP S 125 -30.01 21.85 -57.27
C ASP S 125 -30.08 21.40 -55.81
N SER S 126 -29.44 22.12 -54.90
CA SER S 126 -29.56 21.80 -53.45
C SER S 126 -31.03 21.98 -53.07
N VAL S 127 -31.44 21.39 -51.95
CA VAL S 127 -32.87 21.36 -51.53
C VAL S 127 -32.96 21.42 -50.01
N ILE S 128 -33.55 22.49 -49.48
CA ILE S 128 -33.64 22.70 -48.01
C ILE S 128 -35.09 22.65 -47.57
N GLY S 129 -35.30 21.96 -46.45
CA GLY S 129 -36.63 21.74 -45.83
C GLY S 129 -37.04 22.95 -45.04
N ASN S 130 -37.34 22.80 -43.75
CA ASN S 130 -37.89 23.86 -42.87
C ASN S 130 -37.10 23.95 -41.56
N HIS S 131 -37.10 25.14 -40.94
CA HIS S 131 -36.51 25.37 -39.59
C HIS S 131 -35.04 24.90 -39.59
N CYS S 132 -34.38 24.92 -40.74
CA CYS S 132 -32.93 24.59 -40.80
C CYS S 132 -32.13 25.83 -40.42
N ILE S 133 -30.95 25.64 -39.86
CA ILE S 133 -29.96 26.72 -39.69
C ILE S 133 -28.66 26.34 -40.40
N LEU S 134 -28.29 27.14 -41.38
CA LEU S 134 -26.95 27.09 -42.01
C LEU S 134 -26.18 28.28 -41.48
N VAL S 135 -25.18 28.02 -40.66
CA VAL S 135 -24.38 29.10 -40.03
C VAL S 135 -23.38 29.64 -41.04
N ASN S 136 -22.75 30.77 -40.70
CA ASN S 136 -21.78 31.54 -41.54
C ASN S 136 -20.95 30.57 -42.41
N ASN S 137 -20.92 30.81 -43.74
CA ASN S 137 -19.97 30.24 -44.72
C ASN S 137 -20.18 28.73 -44.92
N THR S 138 -21.20 28.16 -44.29
CA THR S 138 -21.71 26.85 -44.70
C THR S 138 -21.85 26.85 -46.22
N ALA S 139 -21.53 25.71 -46.82
CA ALA S 139 -21.39 25.58 -48.29
C ALA S 139 -21.89 24.21 -48.74
N LEU S 140 -22.92 24.23 -49.58
CA LEU S 140 -23.53 23.01 -50.17
C LEU S 140 -23.08 22.95 -51.64
N ALA S 141 -22.12 22.10 -51.97
CA ALA S 141 -21.42 22.11 -53.26
C ALA S 141 -22.40 22.04 -54.41
N GLY S 142 -23.41 21.19 -54.26
CA GLY S 142 -24.49 20.98 -55.24
C GLY S 142 -25.29 19.72 -54.96
N HIS S 143 -26.57 19.74 -55.36
CA HIS S 143 -27.57 18.66 -55.24
C HIS S 143 -27.59 18.12 -53.82
N VAL S 144 -27.32 18.97 -52.85
CA VAL S 144 -27.35 18.58 -51.41
C VAL S 144 -28.79 18.71 -50.92
N HIS S 145 -29.33 17.67 -50.29
CA HIS S 145 -30.65 17.71 -49.61
C HIS S 145 -30.41 17.84 -48.10
N VAL S 146 -30.96 18.89 -47.50
CA VAL S 146 -30.95 19.16 -46.03
C VAL S 146 -32.38 19.03 -45.54
N ASP S 147 -32.68 17.95 -44.84
CA ASP S 147 -34.01 17.68 -44.24
C ASP S 147 -34.19 18.59 -43.02
N ASP S 148 -35.37 18.61 -42.40
CA ASP S 148 -35.85 19.70 -41.50
C ASP S 148 -35.05 19.76 -40.20
N TRP S 149 -34.95 20.94 -39.61
CA TRP S 149 -34.41 21.17 -38.24
C TRP S 149 -32.89 21.00 -38.20
N ALA S 150 -32.29 20.61 -39.31
CA ALA S 150 -30.84 20.37 -39.36
C ALA S 150 -30.15 21.68 -39.02
N ILE S 151 -29.00 21.56 -38.40
CA ILE S 151 -28.12 22.68 -38.05
C ILE S 151 -26.73 22.35 -38.55
N LEU S 152 -26.22 23.20 -39.43
CA LEU S 152 -24.83 23.13 -39.90
C LEU S 152 -24.10 24.30 -39.26
N SER S 153 -23.26 24.01 -38.29
CA SER S 153 -22.35 24.99 -37.63
C SER S 153 -21.52 25.69 -38.72
N GLY S 154 -20.80 26.75 -38.34
CA GLY S 154 -20.08 27.64 -39.27
C GLY S 154 -19.08 26.87 -40.13
N TYR S 155 -18.93 27.27 -41.39
CA TYR S 155 -17.85 26.76 -42.28
C TYR S 155 -17.96 25.24 -42.39
N THR S 156 -19.19 24.75 -42.40
CA THR S 156 -19.51 23.33 -42.69
C THR S 156 -19.56 23.17 -44.21
N LEU S 157 -18.84 22.18 -44.72
CA LEU S 157 -18.69 21.94 -46.17
C LEU S 157 -19.31 20.60 -46.52
N VAL S 158 -20.11 20.54 -47.59
CA VAL S 158 -20.96 19.35 -47.89
C VAL S 158 -20.81 18.97 -49.35
N HIS S 159 -20.24 17.79 -49.64
CA HIS S 159 -19.74 17.41 -51.00
C HIS S 159 -20.98 17.12 -51.87
N GLN S 160 -20.86 17.35 -53.21
CA GLN S 160 -21.90 17.13 -54.25
C GLN S 160 -22.78 15.99 -53.68
N TYR S 161 -24.12 16.12 -53.68
CA TYR S 161 -25.09 14.99 -53.57
C TYR S 161 -25.30 14.40 -52.16
N CYS S 162 -24.67 14.92 -51.11
CA CYS S 162 -24.85 14.37 -49.74
C CYS S 162 -26.24 14.74 -49.21
N ARG S 163 -26.80 13.87 -48.36
CA ARG S 163 -28.08 14.11 -47.65
C ARG S 163 -27.76 14.35 -46.19
N ILE S 164 -28.16 15.51 -45.69
CA ILE S 164 -28.13 15.85 -44.24
C ILE S 164 -29.51 15.53 -43.70
N GLY S 165 -29.66 14.37 -43.05
CA GLY S 165 -30.94 13.95 -42.41
C GLY S 165 -31.40 14.96 -41.34
N ALA S 166 -32.66 14.87 -40.95
CA ALA S 166 -33.34 15.82 -40.06
C ALA S 166 -32.83 15.85 -38.64
N HIS S 167 -32.79 17.02 -38.03
CA HIS S 167 -32.28 17.31 -36.65
C HIS S 167 -30.79 17.01 -36.56
N SER S 168 -30.19 16.59 -37.66
CA SER S 168 -28.73 16.32 -37.67
C SER S 168 -28.03 17.62 -37.35
N PHE S 169 -26.75 17.51 -37.02
CA PHE S 169 -25.92 18.61 -36.54
C PHE S 169 -24.47 18.39 -36.96
N SER S 170 -23.92 19.31 -37.75
CA SER S 170 -22.47 19.39 -38.04
C SER S 170 -21.83 20.42 -37.12
N GLY S 171 -20.65 20.11 -36.57
CA GLY S 171 -19.84 21.07 -35.81
C GLY S 171 -19.11 22.03 -36.74
N MET S 172 -18.41 23.03 -36.21
CA MET S 172 -17.77 24.06 -37.07
C MET S 172 -16.61 23.39 -37.81
N GLY S 173 -16.32 23.89 -39.02
CA GLY S 173 -15.30 23.35 -39.95
C GLY S 173 -15.50 21.88 -40.28
N SER S 174 -16.69 21.32 -40.12
CA SER S 174 -17.00 19.95 -40.56
C SER S 174 -16.89 19.86 -42.09
N ALA S 175 -16.36 18.74 -42.58
CA ALA S 175 -16.13 18.46 -44.01
C ALA S 175 -16.86 17.18 -44.41
N ILE S 176 -18.13 17.33 -44.74
CA ILE S 176 -19.09 16.19 -44.84
C ILE S 176 -18.99 15.59 -46.25
N GLY S 177 -18.40 14.39 -46.37
CA GLY S 177 -18.15 13.75 -47.68
C GLY S 177 -19.22 12.72 -48.03
N LYS S 178 -20.13 12.41 -47.09
CA LYS S 178 -21.13 11.34 -47.20
C LYS S 178 -22.31 11.66 -46.31
N ASP S 179 -23.42 10.95 -46.50
CA ASP S 179 -24.70 11.28 -45.82
C ASP S 179 -24.54 11.38 -44.30
N VAL S 180 -25.27 12.30 -43.70
CA VAL S 180 -25.43 12.42 -42.22
C VAL S 180 -26.85 11.97 -41.87
N PRO S 181 -26.96 10.86 -41.11
CA PRO S 181 -28.28 10.34 -40.71
C PRO S 181 -29.03 11.35 -39.84
N ALA S 182 -30.35 11.28 -39.85
CA ALA S 182 -31.21 12.05 -38.93
C ALA S 182 -30.61 12.04 -37.53
N TYR S 183 -30.60 13.18 -36.85
CA TYR S 183 -30.29 13.34 -35.40
C TYR S 183 -28.80 13.26 -35.12
N VAL S 184 -27.95 12.85 -36.07
CA VAL S 184 -26.54 12.53 -35.76
C VAL S 184 -25.73 13.82 -35.67
N THR S 185 -24.81 13.88 -34.69
CA THR S 185 -23.81 14.97 -34.57
C THR S 185 -22.53 14.48 -35.29
N VAL S 186 -21.99 15.26 -36.21
CA VAL S 186 -20.72 14.94 -36.92
C VAL S 186 -19.76 16.11 -36.77
N PHE S 187 -18.47 15.82 -36.74
CA PHE S 187 -17.41 16.82 -36.43
C PHE S 187 -16.18 16.53 -37.26
N GLY S 188 -15.56 17.59 -37.81
CA GLY S 188 -14.15 17.60 -38.24
C GLY S 188 -13.97 17.27 -39.71
N ASN S 189 -12.70 17.17 -40.12
CA ASN S 189 -12.28 17.01 -41.53
C ASN S 189 -11.39 15.80 -41.65
N PRO S 190 -11.93 14.67 -42.12
CA PRO S 190 -13.27 14.63 -42.67
C PRO S 190 -14.28 14.34 -41.54
N ALA S 191 -15.51 14.83 -41.67
CA ALA S 191 -16.63 14.60 -40.73
C ALA S 191 -16.62 13.15 -40.24
N GLU S 192 -16.67 12.91 -38.94
CA GLU S 192 -17.05 11.60 -38.33
C GLU S 192 -18.31 11.78 -37.48
N ALA S 193 -19.03 10.69 -37.20
CA ALA S 193 -20.18 10.65 -36.26
C ALA S 193 -19.63 10.76 -34.85
N ARG S 194 -20.33 11.39 -33.93
CA ARG S 194 -19.96 11.41 -32.47
C ARG S 194 -21.13 10.90 -31.64
N SER S 195 -22.23 11.63 -31.64
CA SER S 195 -23.43 11.33 -30.84
C SER S 195 -24.68 11.55 -31.69
N MET S 196 -25.82 11.54 -31.04
CA MET S 196 -27.06 12.12 -31.57
C MET S 196 -27.24 13.45 -30.85
N ASN S 197 -28.11 14.27 -31.45
CA ASN S 197 -28.30 15.69 -31.12
C ASN S 197 -29.43 15.76 -30.11
N PHE S 198 -29.14 15.36 -28.88
CA PHE S 198 -30.14 15.28 -27.80
C PHE S 198 -30.66 16.69 -27.61
N GLU S 199 -29.76 17.67 -27.76
CA GLU S 199 -30.12 19.09 -27.68
C GLU S 199 -31.46 19.30 -28.39
N GLY S 200 -31.43 19.34 -29.72
CA GLY S 200 -32.56 19.72 -30.57
C GLY S 200 -33.70 18.70 -30.50
N MET S 201 -33.50 17.60 -29.77
CA MET S 201 -34.55 16.62 -29.42
C MET S 201 -35.33 17.14 -28.22
N ARG S 202 -34.63 17.64 -27.17
CA ARG S 202 -35.32 18.25 -26.00
C ARG S 202 -36.07 19.43 -26.58
N ARG S 203 -35.43 20.21 -27.47
CA ARG S 203 -36.07 21.40 -28.11
C ARG S 203 -37.38 20.97 -28.79
N ARG S 204 -37.44 19.85 -29.48
CA ARG S 204 -38.71 19.39 -30.11
C ARG S 204 -39.68 18.80 -29.11
N GLY S 205 -39.28 18.68 -27.83
CA GLY S 205 -40.10 18.09 -26.77
C GLY S 205 -40.36 16.60 -26.99
N PHE S 206 -39.43 15.89 -27.64
CA PHE S 206 -39.47 14.42 -27.80
C PHE S 206 -39.72 13.76 -26.45
N SER S 207 -40.42 12.62 -26.41
CA SER S 207 -40.62 11.86 -25.15
C SER S 207 -39.27 11.33 -24.69
N SER S 208 -39.08 11.03 -23.42
CA SER S 208 -37.79 10.47 -22.94
C SER S 208 -37.62 9.10 -23.56
N GLU S 209 -38.69 8.27 -23.70
CA GLU S 209 -38.58 6.91 -24.29
C GLU S 209 -37.93 7.08 -25.67
N ALA S 210 -38.41 8.07 -26.43
CA ALA S 210 -38.01 8.32 -27.82
C ALA S 210 -36.53 8.70 -27.85
N ILE S 211 -36.12 9.58 -26.94
CA ILE S 211 -34.68 9.96 -26.83
C ILE S 211 -33.86 8.68 -26.57
N HIS S 212 -34.10 7.99 -25.45
CA HIS S 212 -33.39 6.73 -25.08
C HIS S 212 -33.37 5.80 -26.29
N ALA S 213 -34.49 5.65 -26.99
CA ALA S 213 -34.64 4.71 -28.14
C ALA S 213 -33.72 5.09 -29.29
N LEU S 214 -33.52 6.40 -29.44
CA LEU S 214 -32.64 7.02 -30.46
C LEU S 214 -31.18 6.82 -30.06
N ARG S 215 -30.87 6.94 -28.78
CA ARG S 215 -29.51 6.56 -28.30
C ARG S 215 -29.32 5.06 -28.64
N ARG S 216 -30.25 4.17 -28.24
CA ARG S 216 -30.13 2.71 -28.54
C ARG S 216 -29.78 2.59 -30.03
N ALA S 217 -30.55 3.29 -30.86
CA ALA S 217 -30.48 3.19 -32.33
C ALA S 217 -29.09 3.61 -32.82
N TYR S 218 -28.56 4.71 -32.31
CA TYR S 218 -27.18 5.18 -32.64
C TYR S 218 -26.23 4.01 -32.38
N LYS S 219 -26.27 3.56 -31.13
CA LYS S 219 -25.34 2.55 -30.58
C LYS S 219 -25.30 1.40 -31.57
N VAL S 220 -26.46 1.01 -32.11
CA VAL S 220 -26.64 -0.16 -33.02
C VAL S 220 -25.78 -0.01 -34.28
N VAL S 221 -26.05 1.09 -34.98
CA VAL S 221 -25.45 1.43 -36.28
C VAL S 221 -23.94 1.43 -36.12
N TYR S 222 -23.51 2.31 -35.22
CA TYR S 222 -22.14 2.83 -35.06
C TYR S 222 -21.36 1.95 -34.08
N ARG S 223 -21.64 2.10 -32.81
CA ARG S 223 -20.82 1.57 -31.69
C ARG S 223 -21.07 0.06 -31.46
N GLN S 224 -21.83 -0.71 -32.26
CA GLN S 224 -21.91 -2.19 -32.07
C GLN S 224 -21.16 -2.89 -33.21
N GLY S 225 -20.52 -2.09 -34.07
CA GLY S 225 -20.12 -2.47 -35.45
C GLY S 225 -20.96 -3.59 -35.99
N HIS S 226 -22.27 -3.45 -36.02
CA HIS S 226 -23.07 -4.22 -37.00
C HIS S 226 -22.62 -3.67 -38.37
N THR S 227 -22.80 -4.41 -39.48
CA THR S 227 -22.73 -3.81 -40.86
C THR S 227 -23.74 -2.65 -40.94
N VAL S 228 -23.82 -1.97 -42.10
CA VAL S 228 -24.94 -1.00 -42.34
C VAL S 228 -26.22 -1.83 -42.44
N GLU S 229 -26.27 -2.81 -43.34
CA GLU S 229 -27.46 -3.69 -43.54
C GLU S 229 -27.90 -4.33 -42.22
N GLU S 230 -26.93 -4.85 -41.47
CA GLU S 230 -27.17 -5.62 -40.25
C GLU S 230 -27.96 -4.74 -39.31
N ALA S 231 -27.57 -3.47 -39.19
CA ALA S 231 -28.16 -2.53 -38.23
C ALA S 231 -29.58 -2.18 -38.69
N LEU S 232 -29.75 -1.87 -39.97
CA LEU S 232 -31.08 -1.51 -40.51
C LEU S 232 -32.12 -2.57 -40.11
N ALA S 233 -31.64 -3.81 -40.10
CA ALA S 233 -32.40 -5.00 -39.67
C ALA S 233 -32.79 -4.87 -38.19
N GLU S 234 -31.80 -4.62 -37.34
CA GLU S 234 -32.00 -4.48 -35.88
C GLU S 234 -33.07 -3.42 -35.61
N LEU S 235 -32.89 -2.26 -36.22
CA LEU S 235 -33.70 -1.04 -35.96
C LEU S 235 -35.19 -1.33 -36.15
N ALA S 236 -35.57 -1.95 -37.28
CA ALA S 236 -36.91 -2.52 -37.59
C ALA S 236 -37.91 -2.47 -36.42
N GLU S 237 -37.68 -3.28 -35.35
CA GLU S 237 -38.49 -3.27 -34.09
C GLU S 237 -38.58 -1.83 -33.56
N SER S 238 -37.43 -1.30 -33.07
CA SER S 238 -37.20 0.09 -32.58
C SER S 238 -38.06 1.09 -33.38
N ALA S 239 -38.19 0.88 -34.69
CA ALA S 239 -38.66 1.89 -35.67
C ALA S 239 -40.19 1.79 -35.84
N ALA S 240 -40.75 0.61 -35.64
CA ALA S 240 -42.22 0.47 -35.58
C ALA S 240 -42.72 1.21 -34.33
N GLN S 241 -42.03 0.90 -33.24
CA GLN S 241 -42.32 1.42 -31.88
C GLN S 241 -42.33 2.96 -31.89
N PHE S 242 -41.39 3.61 -32.58
CA PHE S 242 -41.14 5.06 -32.46
C PHE S 242 -40.95 5.67 -33.83
N PRO S 243 -41.99 6.35 -34.35
CA PRO S 243 -41.83 7.22 -35.51
C PRO S 243 -40.51 8.02 -35.52
N GLU S 244 -40.03 8.45 -34.37
CA GLU S 244 -38.75 9.23 -34.28
C GLU S 244 -37.57 8.37 -34.80
N VAL S 245 -37.51 7.09 -34.42
CA VAL S 245 -36.44 6.14 -34.81
C VAL S 245 -36.62 5.85 -36.30
N ALA S 246 -37.86 5.66 -36.70
CA ALA S 246 -38.28 5.35 -38.08
C ALA S 246 -37.50 6.24 -39.02
N VAL S 247 -37.60 7.55 -38.80
CA VAL S 247 -36.86 8.63 -39.48
C VAL S 247 -35.38 8.32 -39.63
N PHE S 248 -34.77 7.92 -38.52
CA PHE S 248 -33.32 7.61 -38.42
C PHE S 248 -33.03 6.38 -39.28
N ARG S 249 -33.80 5.30 -39.12
CA ARG S 249 -33.65 4.12 -40.02
C ARG S 249 -33.79 4.60 -41.47
N ASP S 250 -34.90 5.28 -41.78
CA ASP S 250 -35.20 5.78 -43.14
C ASP S 250 -34.03 6.62 -43.65
N SER S 251 -33.40 7.50 -42.86
CA SER S 251 -32.23 8.25 -43.37
C SER S 251 -31.19 7.25 -43.87
N ILE S 252 -30.79 6.31 -42.99
CA ILE S 252 -29.70 5.34 -43.26
C ILE S 252 -30.05 4.48 -44.47
N GLN S 253 -31.30 4.05 -44.53
CA GLN S 253 -31.83 3.30 -45.68
C GLN S 253 -31.25 3.88 -46.97
N SER S 254 -31.87 4.95 -47.45
CA SER S 254 -31.72 5.45 -48.83
C SER S 254 -30.49 6.36 -48.83
N ALA S 255 -29.42 5.82 -48.26
CA ALA S 255 -28.04 6.26 -48.46
C ALA S 255 -27.21 5.13 -49.06
N THR S 256 -27.53 3.88 -48.69
CA THR S 256 -26.78 2.67 -49.13
C THR S 256 -27.76 1.84 -49.96
N ARG S 257 -27.67 1.75 -51.29
CA ARG S 257 -28.34 0.61 -51.96
C ARG S 257 -27.29 -0.47 -52.22
N GLY S 258 -26.00 -0.11 -52.33
CA GLY S 258 -24.90 -1.03 -52.67
C GLY S 258 -25.10 -1.74 -54.02
N ILE S 259 -24.25 -2.74 -54.30
CA ILE S 259 -24.28 -3.53 -55.55
C ILE S 259 -24.51 -4.99 -55.19
N THR S 260 -24.89 -5.82 -56.17
CA THR S 260 -24.88 -7.29 -56.01
C THR S 260 -23.46 -7.75 -55.73
N ARG S 261 -23.20 -8.25 -54.52
CA ARG S 261 -21.98 -9.01 -54.22
C ARG S 261 -22.09 -10.48 -54.67
N MET T 4 -14.39 70.28 -53.66
CA MET T 4 -15.34 69.05 -53.58
C MET T 4 -15.71 68.92 -52.09
N SER T 5 -16.21 67.76 -51.58
CA SER T 5 -16.92 67.62 -50.25
C SER T 5 -17.02 66.17 -49.72
N LEU T 6 -16.59 66.00 -48.46
CA LEU T 6 -16.14 64.82 -47.68
C LEU T 6 -17.06 63.63 -47.72
N ILE T 7 -18.31 63.85 -47.33
CA ILE T 7 -19.42 62.86 -47.29
C ILE T 7 -20.08 62.89 -48.68
N ASP T 8 -19.88 61.83 -49.45
CA ASP T 8 -20.44 61.65 -50.82
C ASP T 8 -21.93 61.96 -50.79
N PRO T 9 -22.49 62.63 -51.81
CA PRO T 9 -23.93 62.87 -51.82
C PRO T 9 -24.69 61.56 -52.11
N ARG T 10 -24.13 60.55 -52.75
CA ARG T 10 -24.91 59.32 -53.08
C ARG T 10 -24.99 58.39 -51.86
N ALA T 11 -24.34 58.77 -50.76
CA ALA T 11 -24.38 58.01 -49.49
C ALA T 11 -25.62 58.44 -48.72
N ILE T 12 -26.13 57.57 -47.84
CA ILE T 12 -27.29 57.87 -46.97
C ILE T 12 -26.79 58.02 -45.54
N ILE T 13 -27.11 59.15 -44.92
CA ILE T 13 -26.79 59.42 -43.50
C ILE T 13 -28.11 59.69 -42.77
N ASP T 14 -28.40 58.88 -41.75
CA ASP T 14 -29.56 59.12 -40.88
C ASP T 14 -29.41 60.49 -40.23
N PRO T 15 -30.52 61.26 -40.05
CA PRO T 15 -30.44 62.50 -39.28
C PRO T 15 -29.92 62.24 -37.86
N SER T 16 -30.27 61.08 -37.29
CA SER T 16 -29.90 60.73 -35.89
C SER T 16 -28.40 60.42 -35.79
N ALA T 17 -27.73 60.01 -36.88
CA ALA T 17 -26.27 59.70 -36.85
C ALA T 17 -25.48 60.96 -36.55
N ARG T 18 -24.24 60.86 -36.09
CA ARG T 18 -23.45 62.08 -35.76
C ARG T 18 -21.96 61.79 -35.94
N LEU T 19 -21.27 62.57 -36.79
CA LEU T 19 -19.95 62.36 -37.45
C LEU T 19 -19.01 63.56 -37.21
N ALA T 20 -17.83 63.40 -36.60
CA ALA T 20 -16.84 64.49 -36.41
C ALA T 20 -16.48 65.12 -37.75
N ALA T 21 -15.95 66.36 -37.75
CA ALA T 21 -15.90 67.28 -38.93
C ALA T 21 -15.37 66.58 -40.19
N ASP T 22 -14.14 66.04 -40.11
CA ASP T 22 -13.33 65.59 -41.27
C ASP T 22 -13.49 64.07 -41.50
N VAL T 23 -14.60 63.51 -41.07
CA VAL T 23 -15.02 62.14 -41.50
C VAL T 23 -15.40 62.19 -42.97
N GLN T 24 -15.06 61.12 -43.68
CA GLN T 24 -15.51 60.88 -45.06
C GLN T 24 -16.38 59.64 -45.17
N VAL T 25 -17.29 59.66 -46.13
CA VAL T 25 -18.13 58.49 -46.48
C VAL T 25 -18.18 58.38 -48.02
N GLY T 26 -17.73 57.23 -48.55
CA GLY T 26 -17.78 56.91 -49.99
C GLY T 26 -19.24 56.82 -50.44
N PRO T 27 -19.50 56.68 -51.75
CA PRO T 27 -20.87 56.58 -52.24
C PRO T 27 -21.58 55.28 -51.87
N TRP T 28 -22.92 55.32 -51.74
CA TRP T 28 -23.79 54.10 -51.60
C TRP T 28 -23.56 53.44 -50.24
N SER T 29 -22.85 54.13 -49.37
CA SER T 29 -22.67 53.67 -47.99
C SER T 29 -23.83 54.25 -47.20
N ILE T 30 -24.29 53.51 -46.21
CA ILE T 30 -25.41 53.88 -45.30
C ILE T 30 -24.83 54.03 -43.91
N VAL T 31 -25.09 55.16 -43.27
CA VAL T 31 -24.77 55.38 -41.84
C VAL T 31 -26.10 55.41 -41.07
N GLY T 32 -26.61 54.21 -40.71
CA GLY T 32 -27.89 53.95 -40.01
C GLY T 32 -28.07 54.89 -38.84
N ALA T 33 -29.25 54.92 -38.24
CA ALA T 33 -29.50 55.79 -37.06
C ALA T 33 -28.52 55.40 -35.96
N GLU T 34 -28.25 56.32 -35.02
CA GLU T 34 -27.54 56.04 -33.74
C GLU T 34 -26.09 55.67 -34.00
N VAL T 35 -25.57 55.96 -35.19
CA VAL T 35 -24.15 55.66 -35.50
C VAL T 35 -23.34 56.92 -35.29
N GLU T 36 -22.28 56.79 -34.51
CA GLU T 36 -21.38 57.89 -34.10
C GLU T 36 -20.03 57.59 -34.72
N ILE T 37 -19.43 58.52 -35.46
CA ILE T 37 -18.12 58.27 -36.13
C ILE T 37 -17.11 59.35 -35.74
N GLY T 38 -16.00 58.95 -35.11
CA GLY T 38 -14.97 59.84 -34.55
C GLY T 38 -14.14 60.51 -35.63
N GLU T 39 -13.42 61.57 -35.25
CA GLU T 39 -12.52 62.39 -36.08
C GLU T 39 -11.68 61.55 -37.06
N GLY T 40 -11.55 61.98 -38.33
CA GLY T 40 -10.55 61.50 -39.30
C GLY T 40 -10.79 60.09 -39.82
N THR T 41 -11.92 59.47 -39.45
CA THR T 41 -12.32 58.13 -39.93
C THR T 41 -12.71 58.25 -41.40
N VAL T 42 -12.56 57.17 -42.14
CA VAL T 42 -12.92 57.04 -43.58
C VAL T 42 -13.84 55.84 -43.77
N ILE T 43 -15.03 56.06 -44.30
CA ILE T 43 -15.93 54.94 -44.70
C ILE T 43 -15.85 54.81 -46.21
N GLY T 44 -15.46 53.64 -46.72
CA GLY T 44 -15.36 53.38 -48.16
C GLY T 44 -16.74 53.43 -48.82
N PRO T 45 -16.83 53.14 -50.13
CA PRO T 45 -18.13 52.93 -50.80
C PRO T 45 -18.84 51.64 -50.35
N HIS T 46 -20.09 51.44 -50.78
CA HIS T 46 -21.00 50.32 -50.40
C HIS T 46 -20.69 49.78 -48.99
N VAL T 47 -20.70 50.62 -47.97
CA VAL T 47 -20.64 50.15 -46.56
C VAL T 47 -22.05 50.28 -45.98
N VAL T 48 -22.30 49.50 -44.94
CA VAL T 48 -23.55 49.52 -44.15
C VAL T 48 -23.14 49.59 -42.67
N LEU T 49 -23.39 50.73 -42.04
CA LEU T 49 -23.31 50.90 -40.56
C LEU T 49 -24.74 50.92 -40.01
N LYS T 50 -24.93 50.23 -38.90
CA LYS T 50 -26.22 50.24 -38.14
C LYS T 50 -25.80 50.46 -36.69
N GLY T 51 -26.70 51.01 -35.89
CA GLY T 51 -26.42 51.42 -34.50
C GLY T 51 -27.28 50.65 -33.50
N PRO T 52 -27.27 50.98 -32.19
CA PRO T 52 -26.38 51.98 -31.64
C PRO T 52 -24.92 51.55 -31.71
N THR T 53 -24.09 52.30 -32.41
CA THR T 53 -22.68 51.95 -32.71
C THR T 53 -21.84 53.19 -32.56
N LYS T 54 -20.66 53.03 -31.97
CA LYS T 54 -19.75 54.16 -31.64
C LYS T 54 -18.41 53.79 -32.30
N ILE T 55 -18.00 54.52 -33.33
CA ILE T 55 -16.72 54.27 -34.05
C ILE T 55 -15.74 55.40 -33.73
N GLY T 56 -14.56 55.05 -33.20
CA GLY T 56 -13.53 56.02 -32.77
C GLY T 56 -12.92 56.78 -33.94
N LYS T 57 -11.66 57.18 -33.77
CA LYS T 57 -10.95 58.18 -34.63
C LYS T 57 -10.02 57.46 -35.60
N HIS T 58 -9.74 58.06 -36.75
CA HIS T 58 -8.76 57.56 -37.76
C HIS T 58 -8.98 56.06 -38.03
N ASN T 59 -10.20 55.59 -38.28
CA ASN T 59 -10.46 54.20 -38.76
C ASN T 59 -10.64 54.24 -40.26
N ARG T 60 -10.35 53.14 -40.94
CA ARG T 60 -10.43 52.98 -42.43
C ARG T 60 -11.34 51.73 -42.51
N ILE T 61 -12.59 51.84 -42.97
CA ILE T 61 -13.55 50.70 -43.19
C ILE T 61 -13.89 50.55 -44.67
N TYR T 62 -13.77 49.36 -45.24
CA TYR T 62 -13.88 49.12 -46.70
C TYR T 62 -15.25 48.60 -47.10
N GLN T 63 -15.45 48.48 -48.42
CA GLN T 63 -16.71 48.09 -49.12
C GLN T 63 -17.26 46.73 -48.63
N PHE T 64 -18.58 46.51 -48.70
CA PHE T 64 -19.27 45.20 -48.52
C PHE T 64 -19.28 44.77 -47.03
N SER T 65 -18.77 45.68 -46.20
CA SER T 65 -18.70 45.54 -44.73
C SER T 65 -20.05 45.93 -44.15
N SER T 66 -20.56 45.10 -43.26
CA SER T 66 -21.86 45.26 -42.58
C SER T 66 -21.52 45.33 -41.09
N VAL T 67 -21.20 46.54 -40.62
CA VAL T 67 -20.69 46.85 -39.26
C VAL T 67 -21.79 47.43 -38.38
N GLY T 68 -22.17 46.66 -37.37
CA GLY T 68 -23.19 47.02 -36.37
C GLY T 68 -24.55 46.44 -36.70
N GLU T 69 -24.63 45.31 -37.43
CA GLU T 69 -25.92 44.61 -37.72
C GLU T 69 -26.26 43.78 -36.46
N ASP T 70 -27.52 43.32 -36.30
CA ASP T 70 -27.99 42.53 -35.11
C ASP T 70 -27.39 41.11 -35.23
N THR T 71 -27.09 40.36 -34.18
CA THR T 71 -26.61 38.99 -34.50
C THR T 71 -27.81 38.18 -34.99
N PRO T 72 -27.66 37.24 -35.96
CA PRO T 72 -28.80 36.48 -36.45
C PRO T 72 -29.32 35.46 -35.45
N ASP T 73 -28.41 34.97 -34.55
CA ASP T 73 -28.60 34.04 -33.39
C ASP T 73 -29.95 34.33 -32.76
N LEU T 74 -30.79 33.33 -32.50
CA LEU T 74 -32.24 33.58 -32.21
C LEU T 74 -32.41 34.06 -30.77
N LYS T 75 -31.44 33.67 -29.93
CA LYS T 75 -31.11 34.20 -28.57
C LYS T 75 -31.54 35.68 -28.53
N TYR T 76 -30.95 36.52 -29.37
CA TYR T 76 -31.19 37.97 -29.42
C TYR T 76 -32.55 38.23 -30.03
N LYS T 77 -33.47 38.88 -29.32
CA LYS T 77 -34.77 39.26 -29.91
C LYS T 77 -34.86 40.78 -30.01
N GLY T 78 -33.83 41.45 -30.51
CA GLY T 78 -33.93 42.87 -30.93
C GLY T 78 -33.72 43.87 -29.81
N GLU T 79 -33.41 43.43 -28.59
CA GLU T 79 -33.12 44.33 -27.43
C GLU T 79 -32.08 45.35 -27.94
N PRO T 80 -31.94 46.57 -27.37
CA PRO T 80 -31.38 47.67 -28.13
C PRO T 80 -29.88 47.81 -27.82
N THR T 81 -29.07 46.78 -28.09
CA THR T 81 -27.64 46.61 -27.64
C THR T 81 -26.65 47.41 -28.49
N ARG T 82 -25.36 47.41 -28.12
CA ARG T 82 -24.35 48.36 -28.67
C ARG T 82 -23.17 47.59 -29.27
N LEU T 83 -22.50 48.26 -30.22
CA LEU T 83 -21.13 48.01 -30.75
C LEU T 83 -20.29 49.25 -30.50
N VAL T 84 -19.03 49.03 -30.14
CA VAL T 84 -18.02 50.08 -29.86
C VAL T 84 -16.70 49.70 -30.54
N ILE T 85 -16.15 50.61 -31.33
CA ILE T 85 -14.85 50.45 -32.02
C ILE T 85 -13.94 51.62 -31.60
N GLY T 86 -12.73 51.31 -31.16
CA GLY T 86 -11.71 52.32 -30.80
C GLY T 86 -11.17 53.04 -32.02
N ASP T 87 -9.88 53.38 -31.99
CA ASP T 87 -9.19 54.31 -32.90
C ASP T 87 -8.21 53.51 -33.78
N HIS T 88 -7.74 54.10 -34.88
CA HIS T 88 -6.67 53.58 -35.79
C HIS T 88 -6.95 52.10 -36.13
N ASN T 89 -8.18 51.70 -36.36
CA ASN T 89 -8.49 50.31 -36.78
C ASN T 89 -8.67 50.27 -38.28
N VAL T 90 -8.40 49.11 -38.87
CA VAL T 90 -8.68 48.83 -40.30
C VAL T 90 -9.59 47.62 -40.43
N ILE T 91 -10.69 47.84 -41.13
CA ILE T 91 -11.71 46.80 -41.40
C ILE T 91 -11.79 46.64 -42.91
N ARG T 92 -11.22 45.55 -43.41
CA ARG T 92 -11.08 45.28 -44.85
C ARG T 92 -12.42 44.88 -45.46
N GLU T 93 -12.38 44.51 -46.73
CA GLU T 93 -13.57 44.31 -47.59
C GLU T 93 -14.41 43.14 -47.02
N GLY T 94 -15.68 43.38 -46.72
CA GLY T 94 -16.71 42.32 -46.51
C GLY T 94 -16.82 41.86 -45.08
N VAL T 95 -16.19 42.59 -44.18
CA VAL T 95 -16.22 42.20 -42.75
C VAL T 95 -17.62 42.43 -42.21
N THR T 96 -18.03 41.54 -41.32
CA THR T 96 -19.27 41.63 -40.53
C THR T 96 -18.91 41.77 -39.07
N ILE T 97 -19.50 42.76 -38.41
CA ILE T 97 -19.39 42.94 -36.94
C ILE T 97 -20.80 43.12 -36.39
N HIS T 98 -21.19 42.29 -35.43
CA HIS T 98 -22.56 42.24 -34.88
C HIS T 98 -22.57 42.89 -33.48
N ARG T 99 -23.62 43.60 -33.15
CA ARG T 99 -23.73 44.17 -31.79
C ARG T 99 -24.19 43.06 -30.84
N GLY T 100 -23.77 43.25 -29.58
CA GLY T 100 -24.07 42.44 -28.40
C GLY T 100 -25.51 41.97 -28.32
N THR T 101 -25.75 41.20 -27.25
CA THR T 101 -27.02 40.58 -26.81
C THR T 101 -27.16 40.99 -25.35
N VAL T 102 -28.38 41.18 -24.82
CA VAL T 102 -28.49 41.53 -23.36
C VAL T 102 -28.02 40.34 -22.51
N GLN T 103 -28.17 39.12 -22.99
CA GLN T 103 -27.78 37.86 -22.30
C GLN T 103 -26.35 37.98 -21.72
N ASP T 104 -25.34 38.52 -22.43
CA ASP T 104 -23.94 38.66 -21.91
C ASP T 104 -23.76 40.14 -21.52
N ARG T 105 -22.83 40.91 -22.10
CA ARG T 105 -22.62 42.28 -21.50
C ARG T 105 -23.27 43.32 -22.39
N ALA T 106 -24.03 42.92 -23.39
CA ALA T 106 -24.91 43.85 -24.17
C ALA T 106 -24.04 44.72 -25.07
N GLU T 107 -22.78 44.34 -25.27
CA GLU T 107 -21.86 45.12 -26.13
C GLU T 107 -20.77 44.20 -26.68
N THR T 108 -20.60 44.35 -27.99
CA THR T 108 -19.45 43.92 -28.83
C THR T 108 -18.46 45.08 -28.86
N THR T 109 -17.16 44.81 -28.68
CA THR T 109 -16.15 45.86 -28.38
C THR T 109 -14.82 45.61 -29.09
N ILE T 110 -14.30 46.64 -29.75
CA ILE T 110 -12.99 46.57 -30.43
C ILE T 110 -12.14 47.75 -29.99
N GLY T 111 -10.88 47.47 -29.64
CA GLY T 111 -9.89 48.45 -29.12
C GLY T 111 -9.28 49.25 -30.24
N ASP T 112 -7.97 49.48 -30.21
CA ASP T 112 -7.22 50.38 -31.13
C ASP T 112 -6.26 49.56 -32.01
N HIS T 113 -5.82 50.10 -33.14
CA HIS T 113 -4.67 49.61 -33.98
C HIS T 113 -4.88 48.18 -34.50
N ASN T 114 -6.12 47.68 -34.53
CA ASN T 114 -6.42 46.31 -35.01
C ASN T 114 -6.59 46.30 -36.52
N LEU T 115 -6.16 45.21 -37.12
CA LEU T 115 -6.28 44.92 -38.57
C LEU T 115 -7.18 43.70 -38.72
N ILE T 116 -8.36 43.92 -39.27
CA ILE T 116 -9.36 42.85 -39.49
C ILE T 116 -9.54 42.72 -41.00
N MET T 117 -9.07 41.62 -41.56
CA MET T 117 -8.99 41.49 -43.04
C MET T 117 -10.27 40.91 -43.58
N ALA T 118 -10.27 40.73 -44.90
CA ALA T 118 -11.49 40.53 -45.69
C ALA T 118 -12.38 39.36 -45.18
N TYR T 119 -13.69 39.53 -45.23
CA TYR T 119 -14.73 38.48 -45.07
C TYR T 119 -14.65 37.92 -43.63
N ALA T 120 -13.89 38.55 -42.73
CA ALA T 120 -13.83 38.16 -41.31
C ALA T 120 -15.21 38.40 -40.68
N HIS T 121 -15.50 37.67 -39.62
CA HIS T 121 -16.75 37.83 -38.82
C HIS T 121 -16.38 38.01 -37.34
N ILE T 122 -17.06 38.94 -36.68
CA ILE T 122 -16.87 39.22 -35.22
C ILE T 122 -18.24 39.22 -34.55
N GLY T 123 -18.70 38.06 -34.07
CA GLY T 123 -20.08 37.78 -33.62
C GLY T 123 -20.43 38.52 -32.34
N HIS T 124 -21.72 38.52 -32.02
CA HIS T 124 -22.29 39.20 -30.83
C HIS T 124 -21.36 39.10 -29.63
N ASP T 125 -21.03 40.21 -28.99
CA ASP T 125 -20.46 40.24 -27.62
C ASP T 125 -18.97 39.91 -27.62
N SER T 126 -18.38 39.66 -28.78
CA SER T 126 -16.92 39.43 -28.86
C SER T 126 -16.24 40.72 -28.42
N VAL T 127 -14.96 40.63 -28.05
CA VAL T 127 -14.19 41.76 -27.46
C VAL T 127 -12.74 41.70 -27.91
N ILE T 128 -12.29 42.70 -28.65
CA ILE T 128 -10.91 42.71 -29.20
C ILE T 128 -10.12 43.85 -28.58
N GLY T 129 -8.87 43.55 -28.23
CA GLY T 129 -7.91 44.48 -27.60
C GLY T 129 -7.28 45.37 -28.64
N ASN T 130 -5.95 45.40 -28.72
CA ASN T 130 -5.18 46.33 -29.60
C ASN T 130 -4.14 45.56 -30.43
N HIS T 131 -3.77 46.12 -31.59
CA HIS T 131 -2.68 45.60 -32.45
C HIS T 131 -2.95 44.11 -32.76
N CYS T 132 -4.21 43.69 -32.77
CA CYS T 132 -4.55 42.30 -33.17
C CYS T 132 -4.62 42.24 -34.68
N ILE T 133 -4.36 41.08 -35.24
CA ILE T 133 -4.62 40.81 -36.67
C ILE T 133 -5.54 39.59 -36.80
N LEU T 134 -6.72 39.83 -37.37
CA LEU T 134 -7.63 38.75 -37.79
C LEU T 134 -7.52 38.67 -39.30
N VAL T 135 -6.95 37.59 -39.80
CA VAL T 135 -6.73 37.41 -41.25
C VAL T 135 -8.05 36.97 -41.90
N ASN T 136 -8.08 37.01 -43.23
CA ASN T 136 -9.25 36.70 -44.09
C ASN T 136 -10.12 35.58 -43.46
N ASN T 137 -11.43 35.85 -43.29
CA ASN T 137 -12.49 34.83 -43.00
C ASN T 137 -12.36 34.25 -41.60
N THR T 138 -11.41 34.72 -40.81
CA THR T 138 -11.42 34.51 -39.35
C THR T 138 -12.85 34.81 -38.85
N ALA T 139 -13.29 34.02 -37.90
CA ALA T 139 -14.69 33.99 -37.44
C ALA T 139 -14.75 33.74 -35.93
N LEU T 140 -15.30 34.70 -35.20
CA LEU T 140 -15.49 34.65 -33.73
C LEU T 140 -16.98 34.41 -33.47
N ALA T 141 -17.37 33.19 -33.16
CA ALA T 141 -18.79 32.75 -33.15
C ALA T 141 -19.63 33.67 -32.28
N GLY T 142 -19.08 34.05 -31.13
CA GLY T 142 -19.69 34.94 -30.15
C GLY T 142 -19.01 34.92 -28.80
N HIS T 143 -19.08 36.04 -28.09
CA HIS T 143 -18.53 36.29 -26.73
C HIS T 143 -17.07 35.87 -26.68
N VAL T 144 -16.36 35.98 -27.79
CA VAL T 144 -14.91 35.65 -27.85
C VAL T 144 -14.12 36.87 -27.41
N HIS T 145 -13.19 36.70 -26.48
CA HIS T 145 -12.22 37.76 -26.06
C HIS T 145 -10.87 37.44 -26.71
N VAL T 146 -10.36 38.40 -27.49
CA VAL T 146 -9.02 38.38 -28.13
C VAL T 146 -8.18 39.46 -27.46
N ASP T 147 -7.23 39.05 -26.63
CA ASP T 147 -6.27 39.97 -25.95
C ASP T 147 -5.25 40.45 -26.96
N ASP T 148 -4.37 41.39 -26.59
CA ASP T 148 -3.60 42.25 -27.52
C ASP T 148 -2.56 41.47 -28.32
N TRP T 149 -2.25 41.93 -29.53
CA TRP T 149 -1.12 41.44 -30.37
C TRP T 149 -1.42 40.07 -30.96
N ALA T 150 -2.57 39.49 -30.60
CA ALA T 150 -2.93 38.15 -31.08
C ALA T 150 -3.02 38.22 -32.59
N ILE T 151 -2.68 37.11 -33.21
CA ILE T 151 -2.79 36.94 -34.68
C ILE T 151 -3.54 35.65 -34.93
N LEU T 152 -4.67 35.77 -35.62
CA LEU T 152 -5.43 34.61 -36.11
C LEU T 152 -5.21 34.55 -37.61
N SER T 153 -4.43 33.56 -38.07
CA SER T 153 -4.21 33.25 -39.49
C SER T 153 -5.57 33.06 -40.17
N GLY T 154 -5.57 32.98 -41.51
CA GLY T 154 -6.80 32.93 -42.33
C GLY T 154 -7.72 31.79 -41.95
N TYR T 155 -9.04 32.02 -41.98
CA TYR T 155 -10.04 30.95 -41.84
C TYR T 155 -9.84 30.23 -40.50
N THR T 156 -9.46 31.03 -39.49
CA THR T 156 -9.42 30.57 -38.08
C THR T 156 -10.81 30.71 -37.50
N LEU T 157 -11.31 29.65 -36.87
CA LEU T 157 -12.69 29.55 -36.35
C LEU T 157 -12.62 29.41 -34.83
N VAL T 158 -13.42 30.18 -34.10
CA VAL T 158 -13.27 30.30 -32.62
C VAL T 158 -14.64 30.14 -31.94
N HIS T 159 -14.84 29.07 -31.17
CA HIS T 159 -16.19 28.59 -30.73
C HIS T 159 -16.65 29.57 -29.63
N GLN T 160 -17.98 29.74 -29.48
CA GLN T 160 -18.67 30.63 -28.51
C GLN T 160 -17.71 30.69 -27.30
N TYR T 161 -17.39 31.87 -26.76
CA TYR T 161 -16.86 32.07 -25.37
C TYR T 161 -15.35 31.80 -25.20
N CYS T 162 -14.60 31.42 -26.22
CA CYS T 162 -13.15 31.13 -26.06
C CYS T 162 -12.38 32.43 -25.85
N ARG T 163 -11.29 32.36 -25.10
CA ARG T 163 -10.33 33.46 -24.87
C ARG T 163 -9.05 33.17 -25.65
N ILE T 164 -8.70 34.05 -26.56
CA ILE T 164 -7.39 34.03 -27.27
C ILE T 164 -6.47 34.97 -26.49
N GLY T 165 -5.61 34.42 -25.64
CA GLY T 165 -4.61 35.20 -24.87
C GLY T 165 -3.67 35.99 -25.78
N ALA T 166 -2.97 36.96 -25.21
CA ALA T 166 -2.14 37.93 -25.92
C ALA T 166 -0.91 37.34 -26.60
N HIS T 167 -0.56 37.86 -27.78
CA HIS T 167 0.58 37.42 -28.64
C HIS T 167 0.37 35.99 -29.12
N SER T 168 -0.76 35.40 -28.76
CA SER T 168 -1.07 34.04 -29.22
C SER T 168 -1.18 34.08 -30.74
N PHE T 169 -1.16 32.91 -31.35
CA PHE T 169 -1.13 32.75 -32.81
C PHE T 169 -1.84 31.46 -33.20
N SER T 170 -2.90 31.59 -34.00
CA SER T 170 -3.54 30.43 -34.67
C SER T 170 -3.02 30.33 -36.11
N GLY T 171 -2.73 29.11 -36.56
CA GLY T 171 -2.37 28.84 -37.97
C GLY T 171 -3.60 28.84 -38.85
N MET T 172 -3.45 28.71 -40.17
CA MET T 172 -4.61 28.82 -41.09
C MET T 172 -5.48 27.59 -40.89
N GLY T 173 -6.79 27.76 -41.09
CA GLY T 173 -7.83 26.72 -40.88
C GLY T 173 -7.83 26.14 -39.48
N SER T 174 -7.28 26.84 -38.49
CA SER T 174 -7.39 26.42 -37.06
C SER T 174 -8.85 26.46 -36.63
N ALA T 175 -9.25 25.47 -35.83
CA ALA T 175 -10.63 25.30 -35.31
C ALA T 175 -10.59 25.29 -33.78
N ILE T 176 -10.61 26.47 -33.19
CA ILE T 176 -10.28 26.68 -31.76
C ILE T 176 -11.54 26.45 -30.92
N GLY T 177 -11.61 25.35 -30.18
CA GLY T 177 -12.78 24.95 -29.38
C GLY T 177 -12.62 25.33 -27.91
N LYS T 178 -11.43 25.81 -27.51
CA LYS T 178 -11.10 26.08 -26.10
C LYS T 178 -10.01 27.15 -26.04
N ASP T 179 -9.81 27.75 -24.88
CA ASP T 179 -8.91 28.92 -24.72
C ASP T 179 -7.52 28.66 -25.30
N VAL T 180 -6.94 29.70 -25.87
CA VAL T 180 -5.51 29.73 -26.29
C VAL T 180 -4.75 30.63 -25.34
N PRO T 181 -3.81 30.06 -24.56
CA PRO T 181 -3.01 30.85 -23.62
C PRO T 181 -2.18 31.91 -24.35
N ALA T 182 -1.84 32.98 -23.64
CA ALA T 182 -0.90 34.01 -24.14
C ALA T 182 0.28 33.33 -24.81
N TYR T 183 0.73 33.86 -25.95
CA TYR T 183 2.01 33.50 -26.64
C TYR T 183 1.92 32.16 -27.37
N VAL T 184 0.88 31.35 -27.16
CA VAL T 184 0.88 29.94 -27.67
C VAL T 184 0.54 29.94 -29.16
N THR T 185 1.22 29.08 -29.93
CA THR T 185 0.89 28.79 -31.35
C THR T 185 -0.02 27.56 -31.34
N VAL T 186 -1.17 27.64 -32.01
CA VAL T 186 -2.11 26.49 -32.15
C VAL T 186 -2.42 26.27 -33.64
N PHE T 187 -2.66 25.03 -34.02
CA PHE T 187 -2.81 24.64 -35.44
C PHE T 187 -3.85 23.55 -35.57
N GLY T 188 -4.70 23.65 -36.59
CA GLY T 188 -5.45 22.49 -37.14
C GLY T 188 -6.85 22.35 -36.55
N ASN T 189 -7.52 21.28 -36.97
CA ASN T 189 -8.94 21.01 -36.65
C ASN T 189 -9.05 19.62 -36.05
N PRO T 190 -9.15 19.54 -34.70
CA PRO T 190 -9.35 20.71 -33.87
C PRO T 190 -7.98 21.27 -33.47
N ALA T 191 -7.89 22.58 -33.24
CA ALA T 191 -6.68 23.29 -32.77
C ALA T 191 -5.95 22.46 -31.70
N GLU T 192 -4.65 22.24 -31.85
CA GLU T 192 -3.75 21.78 -30.75
C GLU T 192 -2.66 22.83 -30.54
N ALA T 193 -2.04 22.83 -29.36
CA ALA T 193 -0.86 23.68 -29.02
C ALA T 193 0.34 23.10 -29.76
N ARG T 194 1.29 23.92 -30.22
CA ARG T 194 2.56 23.42 -30.81
C ARG T 194 3.75 24.03 -30.07
N SER T 195 3.88 25.34 -30.15
CA SER T 195 5.01 26.11 -29.56
C SER T 195 4.47 27.37 -28.90
N MET T 196 5.38 28.24 -28.51
CA MET T 196 5.07 29.66 -28.26
C MET T 196 5.55 30.42 -29.48
N ASN T 197 5.05 31.65 -29.59
CA ASN T 197 5.17 32.52 -30.78
C ASN T 197 6.39 33.38 -30.56
N PHE T 198 7.57 32.78 -30.70
CA PHE T 198 8.86 33.45 -30.43
C PHE T 198 8.93 34.61 -31.41
N GLU T 199 8.41 34.38 -32.61
CA GLU T 199 8.34 35.42 -33.65
C GLU T 199 7.94 36.74 -32.99
N GLY T 200 6.65 36.90 -32.68
CA GLY T 200 6.05 38.16 -32.23
C GLY T 200 6.52 38.57 -30.85
N MET T 201 7.38 37.73 -30.22
CA MET T 201 8.14 38.07 -29.00
C MET T 201 9.37 38.87 -29.39
N ARG T 202 10.12 38.42 -30.42
CA ARG T 202 11.30 39.17 -30.91
C ARG T 202 10.71 40.50 -31.38
N ARG T 203 9.58 40.48 -32.10
CA ARG T 203 8.91 41.71 -32.60
C ARG T 203 8.65 42.67 -31.45
N ARG T 204 8.20 42.23 -30.29
CA ARG T 204 7.98 43.13 -29.12
C ARG T 204 9.30 43.50 -28.43
N GLY T 205 10.43 42.96 -28.88
CA GLY T 205 11.76 43.21 -28.29
C GLY T 205 11.87 42.66 -26.87
N PHE T 206 11.17 41.58 -26.55
CA PHE T 206 11.29 40.86 -25.27
C PHE T 206 12.77 40.54 -24.99
N SER T 207 13.18 40.54 -23.72
CA SER T 207 14.57 40.15 -23.34
C SER T 207 14.77 38.68 -23.68
N SER T 208 15.99 38.22 -23.88
CA SER T 208 16.21 36.78 -24.16
C SER T 208 15.84 35.98 -22.92
N GLU T 209 16.14 36.46 -21.71
CA GLU T 209 15.76 35.72 -20.45
C GLU T 209 14.27 35.45 -20.51
N ALA T 210 13.49 36.47 -20.89
CA ALA T 210 12.02 36.44 -20.89
C ALA T 210 11.55 35.38 -21.91
N ILE T 211 12.15 35.39 -23.09
CA ILE T 211 11.83 34.36 -24.12
C ILE T 211 12.12 32.97 -23.52
N HIS T 212 13.36 32.67 -23.14
CA HIS T 212 13.77 31.37 -22.54
C HIS T 212 12.78 31.01 -21.42
N ALA T 213 12.41 31.96 -20.58
CA ALA T 213 11.53 31.75 -19.39
C ALA T 213 10.13 31.31 -19.83
N LEU T 214 9.70 31.84 -20.97
CA LEU T 214 8.40 31.55 -21.61
C LEU T 214 8.46 30.17 -22.26
N ARG T 215 9.57 29.80 -22.88
CA ARG T 215 9.78 28.42 -23.35
C ARG T 215 9.67 27.52 -22.10
N ARG T 216 10.44 27.77 -21.02
CA ARG T 216 10.39 26.94 -19.78
C ARG T 216 8.91 26.76 -19.44
N ALA T 217 8.17 27.87 -19.42
CA ALA T 217 6.78 27.93 -18.97
C ALA T 217 5.90 27.04 -19.85
N TYR T 218 6.06 27.11 -21.16
CA TYR T 218 5.33 26.24 -22.12
C TYR T 218 5.55 24.79 -21.69
N LYS T 219 6.83 24.44 -21.64
CA LYS T 219 7.32 23.05 -21.41
C LYS T 219 6.56 22.53 -20.19
N VAL T 220 6.39 23.37 -19.16
CA VAL T 220 5.79 22.99 -17.85
C VAL T 220 4.36 22.51 -18.04
N VAL T 221 3.56 23.40 -18.61
CA VAL T 221 2.10 23.22 -18.84
C VAL T 221 1.90 21.93 -19.60
N TYR T 222 2.50 21.93 -20.80
CA TYR T 222 2.22 21.04 -21.94
C TYR T 222 3.13 19.81 -21.85
N ARG T 223 4.40 19.98 -22.24
CA ARG T 223 5.33 18.85 -22.43
C ARG T 223 5.86 18.24 -21.11
N GLN T 224 5.42 18.60 -19.91
CA GLN T 224 5.88 17.84 -18.68
C GLN T 224 4.74 16.99 -18.14
N GLY T 225 3.61 16.98 -18.88
CA GLY T 225 2.28 16.60 -18.39
C GLY T 225 2.18 16.76 -16.86
N HIS T 226 2.45 17.95 -16.34
CA HIS T 226 1.83 18.32 -15.05
C HIS T 226 0.32 18.41 -15.34
N THR T 227 -0.57 18.31 -14.35
CA THR T 227 -2.00 18.71 -14.50
C THR T 227 -2.04 20.19 -14.95
N VAL T 228 -3.23 20.76 -15.16
CA VAL T 228 -3.36 22.23 -15.37
C VAL T 228 -2.99 22.89 -14.04
N GLU T 229 -3.67 22.53 -12.94
CA GLU T 229 -3.39 23.10 -11.59
C GLU T 229 -1.93 22.96 -11.21
N GLU T 230 -1.39 21.78 -11.44
CA GLU T 230 -0.01 21.43 -11.03
C GLU T 230 0.93 22.46 -11.66
N ALA T 231 0.71 22.77 -12.92
CA ALA T 231 1.60 23.66 -13.68
C ALA T 231 1.44 25.10 -13.16
N LEU T 232 0.22 25.55 -12.99
CA LEU T 232 -0.05 26.92 -12.48
C LEU T 232 0.78 27.18 -11.22
N ALA T 233 0.88 26.13 -10.41
CA ALA T 233 1.68 26.10 -9.19
C ALA T 233 3.16 26.32 -9.51
N GLU T 234 3.70 25.53 -10.43
CA GLU T 234 5.12 25.60 -10.86
C GLU T 234 5.44 27.03 -11.28
N LEU T 235 4.61 27.56 -12.18
CA LEU T 235 4.85 28.85 -12.87
C LEU T 235 5.05 29.98 -11.85
N ALA T 236 4.19 30.10 -10.85
CA ALA T 236 4.30 30.97 -9.65
C ALA T 236 5.65 31.69 -9.52
N GLU T 237 6.75 30.95 -9.24
CA GLU T 237 8.15 31.49 -9.20
C GLU T 237 8.45 32.25 -10.50
N SER T 238 8.54 31.50 -11.63
CA SER T 238 8.73 31.98 -13.04
C SER T 238 8.00 33.33 -13.24
N ALA T 239 6.81 33.49 -12.65
CA ALA T 239 5.83 34.54 -12.98
C ALA T 239 6.04 35.79 -12.13
N ALA T 240 6.56 35.61 -10.92
CA ALA T 240 7.02 36.76 -10.11
C ALA T 240 8.20 37.42 -10.83
N GLN T 241 9.13 36.56 -11.20
CA GLN T 241 10.40 36.90 -11.87
C GLN T 241 10.14 37.71 -13.15
N PHE T 242 9.13 37.36 -13.95
CA PHE T 242 8.95 37.89 -15.31
C PHE T 242 7.49 38.24 -15.54
N PRO T 243 7.14 39.53 -15.47
CA PRO T 243 5.85 39.99 -15.97
C PRO T 243 5.37 39.30 -17.25
N GLU T 244 6.28 38.97 -18.16
CA GLU T 244 5.90 38.30 -19.45
C GLU T 244 5.26 36.92 -19.15
N VAL T 245 5.83 36.16 -18.23
CA VAL T 245 5.37 34.80 -17.84
C VAL T 245 4.03 34.98 -17.11
N ALA T 246 4.00 35.98 -16.24
CA ALA T 246 2.84 36.34 -15.40
C ALA T 246 1.58 36.26 -16.26
N VAL T 247 1.60 37.00 -17.35
CA VAL T 247 0.57 37.04 -18.42
C VAL T 247 0.10 35.64 -18.83
N PHE T 248 1.09 34.78 -19.10
CA PHE T 248 0.89 33.39 -19.56
C PHE T 248 0.22 32.60 -18.45
N ARG T 249 0.75 32.65 -17.22
CA ARG T 249 0.06 32.01 -16.06
C ARG T 249 -1.38 32.56 -15.98
N ASP T 250 -1.52 33.88 -15.93
CA ASP T 250 -2.83 34.57 -15.83
C ASP T 250 -3.75 34.07 -16.95
N SER T 251 -3.30 33.91 -18.20
CA SER T 251 -4.20 33.39 -19.25
C SER T 251 -4.75 32.02 -18.77
N ILE T 252 -3.84 31.11 -18.44
CA ILE T 252 -4.19 29.70 -18.09
C ILE T 252 -5.09 29.68 -16.86
N GLN T 253 -4.77 30.52 -15.89
CA GLN T 253 -5.62 30.70 -14.68
C GLN T 253 -7.10 30.66 -15.10
N SER T 254 -7.60 31.79 -15.57
CA SER T 254 -9.04 32.08 -15.71
C SER T 254 -9.49 31.47 -17.04
N ALA T 255 -9.09 30.22 -17.24
CA ALA T 255 -9.67 29.29 -18.22
C ALA T 255 -10.19 28.06 -17.51
N THR T 256 -9.58 27.66 -16.39
CA THR T 256 -9.99 26.50 -15.55
C THR T 256 -10.48 27.06 -14.22
N ARG T 257 -11.78 27.11 -13.90
CA ARG T 257 -12.12 27.24 -12.45
C ARG T 257 -12.44 25.85 -11.90
N GLY T 258 -12.88 24.91 -12.74
CA GLY T 258 -13.31 23.56 -12.33
C GLY T 258 -14.47 23.57 -11.31
N ILE T 259 -14.79 22.40 -10.79
CA ILE T 259 -15.84 22.18 -9.76
C ILE T 259 -15.17 21.54 -8.54
N THR T 260 -15.84 21.53 -7.39
CA THR T 260 -15.45 20.70 -6.23
C THR T 260 -15.54 19.25 -6.65
N ARG T 261 -14.42 18.53 -6.74
CA ARG T 261 -14.45 17.04 -6.76
C ARG T 261 -14.34 16.63 -5.30
N MET U 4 -29.48 50.05 -74.59
CA MET U 4 -28.62 50.62 -75.65
C MET U 4 -27.47 51.54 -75.11
N SER U 5 -27.29 51.78 -73.77
CA SER U 5 -26.07 52.17 -72.99
C SER U 5 -25.14 50.99 -72.61
N LEU U 6 -23.83 51.14 -72.92
CA LEU U 6 -22.78 50.15 -72.50
C LEU U 6 -22.36 50.30 -71.06
N ILE U 7 -21.76 51.47 -70.80
CA ILE U 7 -21.19 51.85 -69.46
C ILE U 7 -22.33 52.59 -68.76
N ASP U 8 -22.92 51.96 -67.75
CA ASP U 8 -24.06 52.51 -66.97
C ASP U 8 -23.71 53.91 -66.50
N PRO U 9 -24.66 54.85 -66.51
CA PRO U 9 -24.36 56.19 -66.01
C PRO U 9 -24.21 56.19 -64.48
N ARG U 10 -24.78 55.26 -63.72
CA ARG U 10 -24.68 55.31 -62.23
C ARG U 10 -23.34 54.73 -61.77
N ALA U 11 -22.50 54.26 -62.70
CA ALA U 11 -21.15 53.75 -62.42
C ALA U 11 -20.19 54.93 -62.39
N ILE U 12 -19.07 54.80 -61.67
CA ILE U 12 -18.01 55.84 -61.62
C ILE U 12 -16.80 55.34 -62.39
N ILE U 13 -16.35 56.15 -63.35
CA ILE U 13 -15.12 55.86 -64.12
C ILE U 13 -14.14 57.02 -63.93
N ASP U 14 -12.95 56.72 -63.42
CA ASP U 14 -11.86 57.72 -63.32
C ASP U 14 -11.54 58.25 -64.70
N PRO U 15 -11.23 59.56 -64.85
CA PRO U 15 -10.73 60.07 -66.13
C PRO U 15 -9.47 59.31 -66.58
N SER U 16 -8.63 58.92 -65.63
CA SER U 16 -7.34 58.26 -65.91
C SER U 16 -7.57 56.82 -66.41
N ALA U 17 -8.68 56.17 -66.09
CA ALA U 17 -8.98 54.78 -66.52
C ALA U 17 -9.13 54.73 -68.03
N ARG U 18 -8.97 53.58 -68.69
CA ARG U 18 -9.06 53.53 -70.16
C ARG U 18 -9.57 52.14 -70.59
N LEU U 19 -10.70 52.11 -71.34
CA LEU U 19 -11.63 50.97 -71.61
C LEU U 19 -11.87 50.79 -73.12
N ALA U 20 -11.59 49.62 -73.72
CA ALA U 20 -11.88 49.34 -75.14
C ALA U 20 -13.36 49.57 -75.45
N ALA U 21 -13.72 49.76 -76.73
CA ALA U 21 -15.02 50.33 -77.18
C ALA U 21 -16.21 49.62 -76.51
N ASP U 22 -16.31 48.29 -76.67
CA ASP U 22 -17.53 47.48 -76.37
C ASP U 22 -17.43 46.86 -74.97
N VAL U 23 -16.65 47.46 -74.08
CA VAL U 23 -16.67 47.12 -72.63
C VAL U 23 -18.00 47.61 -72.08
N GLN U 24 -18.53 46.83 -71.14
CA GLN U 24 -19.68 47.22 -70.30
C GLN U 24 -19.30 47.32 -68.84
N VAL U 25 -19.98 48.23 -68.15
CA VAL U 25 -19.90 48.38 -66.67
C VAL U 25 -21.33 48.54 -66.13
N GLY U 26 -21.74 47.64 -65.23
CA GLY U 26 -23.04 47.66 -64.54
C GLY U 26 -23.09 48.90 -63.64
N PRO U 27 -24.25 49.20 -63.03
CA PRO U 27 -24.36 50.36 -62.14
C PRO U 27 -23.58 50.23 -60.83
N TRP U 28 -23.14 51.36 -60.25
CA TRP U 28 -22.58 51.43 -58.87
C TRP U 28 -21.22 50.72 -58.82
N SER U 29 -20.69 50.39 -59.97
CA SER U 29 -19.33 49.84 -60.08
C SER U 29 -18.39 51.03 -60.22
N ILE U 30 -17.20 50.91 -59.66
CA ILE U 30 -16.13 51.95 -59.69
C ILE U 30 -14.97 51.38 -60.50
N VAL U 31 -14.51 52.14 -61.48
CA VAL U 31 -13.28 51.81 -62.24
C VAL U 31 -12.22 52.85 -61.84
N GLY U 32 -11.52 52.59 -60.71
CA GLY U 32 -10.50 53.46 -60.08
C GLY U 32 -9.52 53.98 -61.12
N ALA U 33 -8.65 54.92 -60.75
CA ALA U 33 -7.64 55.44 -61.70
C ALA U 33 -6.76 54.28 -62.16
N GLU U 34 -6.11 54.43 -63.32
CA GLU U 34 -5.00 53.54 -63.79
C GLU U 34 -5.54 52.15 -64.11
N VAL U 35 -6.85 52.00 -64.25
CA VAL U 35 -7.45 50.68 -64.59
C VAL U 35 -7.69 50.65 -66.10
N GLU U 36 -7.19 49.59 -66.73
CA GLU U 36 -7.25 49.37 -68.17
C GLU U 36 -8.13 48.15 -68.40
N ILE U 37 -9.16 48.22 -69.24
CA ILE U 37 -10.08 47.06 -69.46
C ILE U 37 -10.15 46.74 -70.96
N GLY U 38 -9.76 45.51 -71.32
CA GLY U 38 -9.64 45.07 -72.72
C GLY U 38 -10.99 44.86 -73.37
N GLU U 39 -10.99 44.77 -74.71
CA GLU U 39 -12.16 44.52 -75.59
C GLU U 39 -13.14 43.48 -75.01
N GLY U 40 -14.45 43.74 -75.07
CA GLY U 40 -15.53 42.76 -74.89
C GLY U 40 -15.68 42.26 -73.44
N THR U 41 -14.95 42.85 -72.51
CA THR U 41 -15.05 42.53 -71.06
C THR U 41 -16.38 43.09 -70.55
N VAL U 42 -16.91 42.47 -69.50
CA VAL U 42 -18.17 42.88 -68.82
C VAL U 42 -17.89 43.04 -67.33
N ILE U 43 -18.15 44.22 -66.78
CA ILE U 43 -18.10 44.44 -65.32
C ILE U 43 -19.53 44.48 -64.81
N GLY U 44 -19.88 43.59 -63.88
CA GLY U 44 -21.24 43.54 -63.30
C GLY U 44 -21.54 44.81 -62.50
N PRO U 45 -22.70 44.89 -61.84
CA PRO U 45 -22.97 45.94 -60.85
C PRO U 45 -22.14 45.81 -59.57
N HIS U 46 -22.21 46.80 -58.67
CA HIS U 46 -21.40 46.92 -57.43
C HIS U 46 -20.03 46.22 -57.52
N VAL U 47 -19.22 46.56 -58.52
CA VAL U 47 -17.81 46.10 -58.55
C VAL U 47 -16.93 47.28 -58.15
N VAL U 48 -15.72 46.96 -57.69
CA VAL U 48 -14.67 47.94 -57.32
C VAL U 48 -13.39 47.46 -58.00
N LEU U 49 -12.93 48.20 -59.01
CA LEU U 49 -11.59 48.05 -59.61
C LEU U 49 -10.71 49.21 -59.09
N LYS U 50 -9.47 48.88 -58.75
CA LYS U 50 -8.44 49.86 -58.37
C LYS U 50 -7.20 49.48 -59.14
N GLY U 51 -6.32 50.44 -59.40
CA GLY U 51 -5.13 50.26 -60.28
C GLY U 51 -3.84 50.45 -59.52
N PRO U 52 -2.66 50.46 -60.18
CA PRO U 52 -2.53 50.18 -61.60
C PRO U 52 -2.89 48.73 -61.92
N THR U 53 -3.90 48.51 -62.74
CA THR U 53 -4.46 47.17 -63.02
C THR U 53 -4.78 47.10 -64.50
N LYS U 54 -4.49 45.96 -65.10
CA LYS U 54 -4.60 45.75 -66.57
C LYS U 54 -5.47 44.51 -66.75
N ILE U 55 -6.70 44.67 -67.25
CA ILE U 55 -7.65 43.53 -67.43
C ILE U 55 -7.81 43.26 -68.93
N GLY U 56 -7.54 42.02 -69.36
CA GLY U 56 -7.54 41.63 -70.78
C GLY U 56 -8.94 41.64 -71.37
N LYS U 57 -9.18 40.77 -72.34
CA LYS U 57 -10.35 40.81 -73.29
C LYS U 57 -11.36 39.75 -72.86
N HIS U 58 -12.64 39.96 -73.15
CA HIS U 58 -13.74 38.99 -72.92
C HIS U 58 -13.67 38.40 -71.50
N ASN U 59 -13.52 39.23 -70.45
CA ASN U 59 -13.64 38.75 -69.04
C ASN U 59 -15.05 39.09 -68.56
N ARG U 60 -15.55 38.33 -67.60
CA ARG U 60 -16.93 38.51 -66.99
C ARG U 60 -16.53 38.60 -65.50
N ILE U 61 -16.68 39.79 -64.86
CA ILE U 61 -16.43 40.00 -63.40
C ILE U 61 -17.74 40.38 -62.69
N TYR U 62 -18.08 39.72 -61.58
CA TYR U 62 -19.40 39.85 -60.92
C TYR U 62 -19.33 40.79 -59.72
N GLN U 63 -20.51 41.05 -59.14
CA GLN U 63 -20.81 41.97 -58.01
C GLN U 63 -19.94 41.67 -56.78
N PHE U 64 -19.64 42.68 -55.94
CA PHE U 64 -19.04 42.54 -54.57
C PHE U 64 -17.56 42.15 -54.64
N SER U 65 -17.06 42.11 -55.86
CA SER U 65 -15.64 41.81 -56.21
C SER U 65 -14.85 43.09 -56.04
N SER U 66 -13.71 42.98 -55.36
CA SER U 66 -12.79 44.08 -55.05
C SER U 66 -11.46 43.68 -55.70
N VAL U 67 -11.33 43.99 -56.98
CA VAL U 67 -10.21 43.56 -57.87
C VAL U 67 -9.21 44.70 -58.07
N GLY U 68 -8.00 44.50 -57.54
CA GLY U 68 -6.88 45.43 -57.63
C GLY U 68 -6.76 46.31 -56.40
N GLU U 69 -7.22 45.86 -55.23
CA GLU U 69 -7.02 46.63 -53.95
C GLU U 69 -5.58 46.32 -53.45
N ASP U 70 -5.03 47.11 -52.52
CA ASP U 70 -3.64 46.95 -51.97
C ASP U 70 -3.64 45.71 -51.05
N THR U 71 -2.56 44.94 -50.88
CA THR U 71 -2.73 43.84 -49.87
C THR U 71 -2.74 44.50 -48.50
N PRO U 72 -3.51 44.01 -47.51
CA PRO U 72 -3.57 44.65 -46.20
C PRO U 72 -2.28 44.43 -45.39
N ASP U 73 -1.57 43.30 -45.66
CA ASP U 73 -0.26 42.83 -45.12
C ASP U 73 0.64 44.05 -44.90
N LEU U 74 1.28 44.19 -43.75
CA LEU U 74 1.89 45.51 -43.36
C LEU U 74 3.20 45.73 -44.12
N LYS U 75 3.84 44.62 -44.49
CA LYS U 75 4.91 44.44 -45.48
C LYS U 75 4.79 45.57 -46.52
N TYR U 76 3.69 45.62 -47.25
CA TYR U 76 3.42 46.60 -48.33
C TYR U 76 3.13 47.95 -47.72
N LYS U 77 3.90 48.99 -48.00
CA LYS U 77 3.60 50.36 -47.54
C LYS U 77 3.25 51.24 -48.74
N GLY U 78 2.38 50.79 -49.64
CA GLY U 78 1.75 51.66 -50.65
C GLY U 78 2.59 51.88 -51.90
N GLU U 79 3.76 51.24 -52.02
CA GLU U 79 4.61 51.33 -53.24
C GLU U 79 3.68 51.03 -54.43
N PRO U 80 3.98 51.47 -55.68
CA PRO U 80 2.92 51.71 -56.66
C PRO U 80 2.76 50.49 -57.57
N THR U 81 2.48 49.29 -57.02
CA THR U 81 2.60 47.96 -57.69
C THR U 81 1.39 47.64 -58.59
N ARG U 82 1.41 46.51 -59.31
CA ARG U 82 0.47 46.22 -60.42
C ARG U 82 -0.26 44.89 -60.17
N LEU U 83 -1.46 44.79 -60.76
CA LEU U 83 -2.24 43.56 -61.08
C LEU U 83 -2.44 43.47 -62.59
N VAL U 84 -2.35 42.25 -63.11
CA VAL U 84 -2.54 41.93 -64.54
C VAL U 84 -3.43 40.69 -64.66
N ILE U 85 -4.49 40.81 -65.46
CA ILE U 85 -5.43 39.69 -65.75
C ILE U 85 -5.49 39.51 -67.27
N GLY U 86 -5.30 38.28 -67.73
CA GLY U 86 -5.40 37.91 -69.16
C GLY U 86 -6.83 37.98 -69.68
N ASP U 87 -7.16 37.05 -70.58
CA ASP U 87 -8.39 37.09 -71.42
C ASP U 87 -9.31 35.93 -70.99
N HIS U 88 -10.59 35.97 -71.38
CA HIS U 88 -11.60 34.89 -71.20
C HIS U 88 -11.58 34.37 -69.75
N ASN U 89 -11.43 35.24 -68.75
CA ASN U 89 -11.49 34.80 -67.34
C ASN U 89 -12.87 35.10 -66.79
N VAL U 90 -13.26 34.33 -65.79
CA VAL U 90 -14.51 34.56 -65.00
C VAL U 90 -14.18 34.72 -63.53
N ILE U 91 -14.62 35.86 -62.99
CA ILE U 91 -14.42 36.19 -61.57
C ILE U 91 -15.81 36.36 -60.97
N ARG U 92 -16.21 35.36 -60.18
CA ARG U 92 -17.58 35.26 -59.62
C ARG U 92 -17.74 36.26 -58.47
N GLU U 93 -18.90 36.15 -57.82
CA GLU U 93 -19.39 37.15 -56.83
C GLU U 93 -18.41 37.19 -55.64
N GLY U 94 -17.86 38.35 -55.31
CA GLY U 94 -17.23 38.63 -54.00
C GLY U 94 -15.74 38.33 -53.97
N VAL U 95 -15.19 38.08 -55.13
CA VAL U 95 -13.75 37.74 -55.21
C VAL U 95 -12.92 38.97 -54.86
N THR U 96 -11.81 38.75 -54.19
CA THR U 96 -10.78 39.76 -53.88
C THR U 96 -9.49 39.35 -54.59
N ILE U 97 -8.91 40.29 -55.31
CA ILE U 97 -7.57 40.13 -55.93
C ILE U 97 -6.74 41.35 -55.56
N HIS U 98 -5.59 41.15 -54.95
CA HIS U 98 -4.71 42.21 -54.40
C HIS U 98 -3.51 42.39 -55.33
N ARG U 99 -3.06 43.62 -55.52
CA ARG U 99 -1.85 43.85 -56.33
C ARG U 99 -0.63 43.54 -55.46
N GLY U 100 0.43 43.15 -56.20
CA GLY U 100 1.78 42.83 -55.71
C GLY U 100 2.31 43.79 -54.67
N THR U 101 3.52 43.46 -54.23
CA THR U 101 4.38 44.15 -53.23
C THR U 101 5.72 44.33 -53.92
N VAL U 102 6.50 45.36 -53.66
CA VAL U 102 7.84 45.48 -54.31
C VAL U 102 8.76 44.35 -53.81
N GLN U 103 8.57 43.88 -52.57
CA GLN U 103 9.37 42.79 -51.93
C GLN U 103 9.52 41.59 -52.89
N ASP U 104 8.51 41.12 -53.62
CA ASP U 104 8.61 39.95 -54.56
C ASP U 104 8.64 40.54 -55.98
N ARG U 105 7.72 40.23 -56.90
CA ARG U 105 7.93 40.66 -58.30
C ARG U 105 7.10 41.91 -58.58
N ALA U 106 6.44 42.48 -57.59
CA ALA U 106 5.75 43.78 -57.71
C ALA U 106 4.50 43.62 -58.59
N GLU U 107 4.07 42.38 -58.81
CA GLU U 107 2.88 42.12 -59.66
C GLU U 107 2.26 40.78 -59.27
N THR U 108 0.94 40.87 -59.09
CA THR U 108 -0.07 39.78 -59.04
C THR U 108 -0.55 39.54 -60.47
N THR U 109 -0.64 38.29 -60.92
CA THR U 109 -0.79 37.95 -62.35
C THR U 109 -1.74 36.78 -62.59
N ILE U 110 -2.69 36.97 -63.51
CA ILE U 110 -3.64 35.90 -63.89
C ILE U 110 -3.64 35.76 -65.41
N GLY U 111 -3.57 34.51 -65.87
CA GLY U 111 -3.50 34.14 -67.30
C GLY U 111 -4.87 34.17 -67.95
N ASP U 112 -5.19 33.18 -68.79
CA ASP U 112 -6.42 33.14 -69.62
C ASP U 112 -7.34 31.99 -69.16
N HIS U 113 -8.64 32.03 -69.49
CA HIS U 113 -9.61 30.90 -69.41
C HIS U 113 -9.78 30.36 -67.96
N ASN U 114 -9.41 31.16 -66.96
CA ASN U 114 -9.55 30.75 -65.53
C ASN U 114 -10.94 31.05 -65.01
N LEU U 115 -11.42 30.17 -64.14
CA LEU U 115 -12.69 30.30 -63.41
C LEU U 115 -12.38 30.46 -61.93
N ILE U 116 -12.66 31.63 -61.40
CA ILE U 116 -12.42 31.94 -59.96
C ILE U 116 -13.78 32.18 -59.33
N MET U 117 -14.23 31.27 -58.48
CA MET U 117 -15.63 31.29 -58.00
C MET U 117 -15.72 32.12 -56.73
N ALA U 118 -16.93 32.19 -56.21
CA ALA U 118 -17.36 33.20 -55.23
C ALA U 118 -16.46 33.26 -53.99
N TYR U 119 -16.21 34.48 -53.49
CA TYR U 119 -15.61 34.78 -52.16
C TYR U 119 -14.14 34.24 -52.15
N ALA U 120 -13.60 33.83 -53.30
CA ALA U 120 -12.19 33.41 -53.41
C ALA U 120 -11.30 34.62 -53.14
N HIS U 121 -10.08 34.37 -52.70
CA HIS U 121 -9.05 35.41 -52.45
C HIS U 121 -7.77 35.04 -53.19
N ILE U 122 -7.14 36.02 -53.82
CA ILE U 122 -5.86 35.86 -54.55
C ILE U 122 -4.89 36.93 -54.08
N GLY U 123 -4.11 36.63 -53.03
CA GLY U 123 -3.29 37.60 -52.26
C GLY U 123 -2.13 38.15 -53.07
N HIS U 124 -1.50 39.21 -52.55
CA HIS U 124 -0.36 39.91 -53.19
C HIS U 124 0.58 38.92 -53.91
N ASP U 125 0.89 39.17 -55.17
CA ASP U 125 2.05 38.54 -55.87
C ASP U 125 1.73 37.11 -56.31
N SER U 126 0.54 36.62 -56.05
CA SER U 126 0.14 35.27 -56.53
C SER U 126 0.17 35.31 -58.05
N VAL U 127 0.22 34.15 -58.69
CA VAL U 127 0.38 34.04 -60.16
C VAL U 127 -0.39 32.83 -60.68
N ILE U 128 -1.39 33.07 -61.52
CA ILE U 128 -2.25 31.96 -62.03
C ILE U 128 -2.08 31.84 -63.54
N GLY U 129 -1.99 30.58 -63.99
CA GLY U 129 -1.79 30.20 -65.39
C GLY U 129 -3.09 30.27 -66.16
N ASN U 130 -3.50 29.16 -66.79
CA ASN U 130 -4.70 29.11 -67.68
C ASN U 130 -5.59 27.92 -67.32
N HIS U 131 -6.89 28.03 -67.63
CA HIS U 131 -7.87 26.93 -67.48
C HIS U 131 -7.83 26.40 -66.02
N CYS U 132 -7.46 27.24 -65.07
CA CYS U 132 -7.49 26.85 -63.65
C CYS U 132 -8.91 27.04 -63.14
N ILE U 133 -9.29 26.26 -62.13
CA ILE U 133 -10.53 26.53 -61.35
C ILE U 133 -10.18 26.67 -59.89
N LEU U 134 -10.47 27.85 -59.34
CA LEU U 134 -10.45 28.11 -57.89
C LEU U 134 -11.91 28.15 -57.45
N VAL U 135 -12.32 27.16 -56.69
CA VAL U 135 -13.73 27.04 -56.22
C VAL U 135 -13.95 28.00 -55.05
N ASN U 136 -15.22 28.19 -54.68
CA ASN U 136 -15.69 29.12 -53.61
C ASN U 136 -14.65 29.17 -52.46
N ASN U 137 -14.23 30.39 -52.09
CA ASN U 137 -13.51 30.71 -50.82
C ASN U 137 -12.10 30.14 -50.80
N THR U 138 -11.67 29.50 -51.88
CA THR U 138 -10.23 29.25 -52.11
C THR U 138 -9.48 30.53 -51.82
N ALA U 139 -8.30 30.39 -51.22
CA ALA U 139 -7.52 31.50 -50.66
C ALA U 139 -6.03 31.23 -50.86
N LEU U 140 -5.37 32.12 -51.60
CA LEU U 140 -3.92 32.09 -51.87
C LEU U 140 -3.27 33.19 -51.03
N ALA U 141 -2.64 32.84 -49.92
CA ALA U 141 -2.21 33.79 -48.87
C ALA U 141 -1.34 34.89 -49.47
N GLY U 142 -0.46 34.49 -50.38
CA GLY U 142 0.46 35.39 -51.10
C GLY U 142 1.57 34.65 -51.80
N HIS U 143 2.06 35.21 -52.91
CA HIS U 143 3.17 34.73 -53.77
C HIS U 143 2.94 33.27 -54.13
N VAL U 144 1.69 32.85 -54.24
CA VAL U 144 1.34 31.46 -54.64
C VAL U 144 1.34 31.39 -56.17
N HIS U 145 2.03 30.41 -56.74
CA HIS U 145 1.98 30.11 -58.19
C HIS U 145 1.11 28.88 -58.40
N VAL U 146 0.06 29.04 -59.22
CA VAL U 146 -0.87 27.96 -59.65
C VAL U 146 -0.64 27.75 -61.14
N ASP U 147 0.00 26.64 -61.49
CA ASP U 147 0.25 26.26 -62.91
C ASP U 147 -1.06 25.75 -63.52
N ASP U 148 -1.08 25.47 -64.83
CA ASP U 148 -2.33 25.40 -65.64
C ASP U 148 -3.19 24.20 -65.27
N TRP U 149 -4.50 24.31 -65.47
CA TRP U 149 -5.47 23.19 -65.37
C TRP U 149 -5.71 22.77 -63.92
N ALA U 150 -5.00 23.39 -62.99
CA ALA U 150 -5.12 23.04 -61.57
C ALA U 150 -6.55 23.33 -61.17
N ILE U 151 -7.03 22.54 -60.23
CA ILE U 151 -8.36 22.69 -59.62
C ILE U 151 -8.17 22.69 -58.11
N LEU U 152 -8.58 23.78 -57.49
CA LEU U 152 -8.64 23.88 -56.02
C LEU U 152 -10.12 23.84 -55.63
N SER U 153 -10.55 22.70 -55.06
CA SER U 153 -11.91 22.52 -54.51
C SER U 153 -12.19 23.63 -53.50
N GLY U 154 -13.43 23.76 -53.04
CA GLY U 154 -13.90 24.86 -52.19
C GLY U 154 -13.09 24.99 -50.92
N TYR U 155 -12.87 26.22 -50.45
CA TYR U 155 -12.30 26.49 -49.11
C TYR U 155 -10.93 25.80 -49.00
N THR U 156 -10.20 25.77 -50.12
CA THR U 156 -8.79 25.33 -50.17
C THR U 156 -7.91 26.51 -49.79
N LEU U 157 -7.00 26.31 -48.84
CA LEU U 157 -6.14 27.36 -48.25
C LEU U 157 -4.69 27.04 -48.60
N VAL U 158 -3.93 28.04 -49.06
CA VAL U 158 -2.58 27.81 -49.65
C VAL U 158 -1.58 28.80 -49.06
N HIS U 159 -0.59 28.32 -48.29
CA HIS U 159 0.25 29.16 -47.40
C HIS U 159 1.21 29.94 -48.29
N GLN U 160 1.64 31.14 -47.82
CA GLN U 160 2.60 32.07 -48.49
C GLN U 160 3.50 31.15 -49.36
N TYR U 161 3.72 31.46 -50.64
CA TYR U 161 4.86 30.96 -51.47
C TYR U 161 4.72 29.51 -52.00
N CYS U 162 3.62 28.80 -51.75
CA CYS U 162 3.47 27.41 -52.25
C CYS U 162 3.25 27.40 -53.77
N ARG U 163 3.70 26.36 -54.44
CA ARG U 163 3.49 26.12 -55.89
C ARG U 163 2.49 24.97 -56.02
N ILE U 164 1.36 25.24 -56.68
CA ILE U 164 0.37 24.21 -57.08
C ILE U 164 0.72 23.83 -58.52
N GLY U 165 1.41 22.71 -58.71
CA GLY U 165 1.76 22.18 -60.05
C GLY U 165 0.54 21.91 -60.90
N ALA U 166 0.75 21.77 -62.21
CA ALA U 166 -0.34 21.68 -63.22
C ALA U 166 -1.16 20.41 -63.13
N HIS U 167 -2.46 20.52 -63.41
CA HIS U 167 -3.47 19.43 -63.34
C HIS U 167 -3.63 18.91 -61.92
N SER U 168 -2.91 19.49 -60.98
CA SER U 168 -3.04 19.10 -59.58
C SER U 168 -4.46 19.40 -59.15
N PHE U 169 -4.84 18.84 -58.02
CA PHE U 169 -6.20 18.90 -57.47
C PHE U 169 -6.16 18.87 -55.94
N SER U 170 -6.68 19.91 -55.31
CA SER U 170 -6.96 19.93 -53.85
C SER U 170 -8.44 19.60 -53.61
N GLY U 171 -8.72 18.77 -52.61
CA GLY U 171 -10.10 18.49 -52.16
C GLY U 171 -10.64 19.63 -51.31
N MET U 172 -11.91 19.59 -50.91
CA MET U 172 -12.52 20.72 -50.18
C MET U 172 -11.89 20.78 -48.79
N GLY U 173 -11.78 22.00 -48.24
CA GLY U 173 -11.15 22.31 -46.94
C GLY U 173 -9.69 21.85 -46.85
N SER U 174 -9.02 21.62 -47.97
CA SER U 174 -7.57 21.34 -47.98
C SER U 174 -6.79 22.54 -47.44
N ALA U 175 -5.74 22.27 -46.66
CA ALA U 175 -4.88 23.27 -46.01
C ALA U 175 -3.43 23.05 -46.45
N ILE U 176 -3.09 23.62 -47.59
CA ILE U 176 -1.84 23.28 -48.33
C ILE U 176 -0.69 24.13 -47.78
N GLY U 177 0.23 23.51 -47.03
CA GLY U 177 1.37 24.20 -46.37
C GLY U 177 2.65 24.11 -47.18
N LYS U 178 2.65 23.33 -48.26
CA LYS U 178 3.86 23.01 -49.07
C LYS U 178 3.45 22.67 -50.48
N ASP U 179 4.41 22.66 -51.40
CA ASP U 179 4.13 22.50 -52.85
C ASP U 179 3.28 21.26 -53.13
N VAL U 180 2.38 21.38 -54.10
CA VAL U 180 1.62 20.25 -54.69
C VAL U 180 2.17 19.97 -56.07
N PRO U 181 2.78 18.77 -56.26
CA PRO U 181 3.34 18.40 -57.55
C PRO U 181 2.27 18.34 -58.64
N ALA U 182 2.67 18.54 -59.88
CA ALA U 182 1.79 18.34 -61.06
C ALA U 182 0.98 17.06 -60.88
N TYR U 183 -0.32 17.10 -61.20
CA TYR U 183 -1.21 15.93 -61.32
C TYR U 183 -1.66 15.38 -59.96
N VAL U 184 -1.07 15.81 -58.85
CA VAL U 184 -1.30 15.13 -57.55
C VAL U 184 -2.64 15.59 -56.96
N THR U 185 -3.38 14.66 -56.36
CA THR U 185 -4.60 14.95 -55.56
C THR U 185 -4.16 15.06 -54.10
N VAL U 186 -4.50 16.15 -53.42
CA VAL U 186 -4.21 16.35 -51.98
C VAL U 186 -5.51 16.67 -51.23
N PHE U 187 -5.59 16.26 -49.98
CA PHE U 187 -6.83 16.35 -49.17
C PHE U 187 -6.49 16.67 -47.72
N GLY U 188 -7.26 17.56 -47.11
CA GLY U 188 -7.40 17.66 -45.64
C GLY U 188 -6.47 18.69 -45.02
N ASN U 189 -6.49 18.74 -43.68
CA ASN U 189 -5.78 19.75 -42.87
C ASN U 189 -4.92 19.05 -41.84
N PRO U 190 -3.61 18.93 -42.11
CA PRO U 190 -2.99 19.61 -43.24
C PRO U 190 -3.04 18.70 -44.47
N ALA U 191 -3.09 19.31 -45.67
CA ALA U 191 -3.09 18.60 -46.97
C ALA U 191 -2.09 17.46 -46.94
N GLU U 192 -2.51 16.24 -47.33
CA GLU U 192 -1.60 15.12 -47.68
C GLU U 192 -1.88 14.72 -49.13
N ALA U 193 -0.92 14.02 -49.77
CA ALA U 193 -1.06 13.44 -51.12
C ALA U 193 -1.97 12.23 -51.00
N ARG U 194 -2.79 11.92 -52.00
CA ARG U 194 -3.58 10.66 -52.03
C ARG U 194 -3.28 9.89 -53.33
N SER U 195 -3.61 10.47 -54.47
CA SER U 195 -3.45 9.86 -55.81
C SER U 195 -2.91 10.90 -56.78
N MET U 196 -2.92 10.53 -58.05
CA MET U 196 -2.84 11.51 -59.15
C MET U 196 -4.26 11.66 -59.70
N ASN U 197 -4.44 12.74 -60.45
CA ASN U 197 -5.75 13.23 -60.91
C ASN U 197 -6.00 12.63 -62.28
N PHE U 198 -6.32 11.34 -62.29
CA PHE U 198 -6.52 10.59 -63.54
C PHE U 198 -7.66 11.26 -64.27
N GLU U 199 -8.64 11.73 -63.50
CA GLU U 199 -9.78 12.49 -64.05
C GLU U 199 -9.26 13.44 -65.15
N GLY U 200 -8.67 14.56 -64.75
CA GLY U 200 -8.30 15.67 -65.63
C GLY U 200 -7.17 15.28 -66.57
N MET U 201 -6.66 14.04 -66.46
CA MET U 201 -5.74 13.42 -67.45
C MET U 201 -6.56 12.84 -68.59
N ARG U 202 -7.67 12.13 -68.29
CA ARG U 202 -8.58 11.61 -69.35
C ARG U 202 -9.09 12.85 -70.04
N ARG U 203 -9.48 13.90 -69.28
CA ARG U 203 -10.00 15.18 -69.85
C ARG U 203 -8.98 15.73 -70.85
N ARG U 204 -7.68 15.73 -70.58
CA ARG U 204 -6.69 16.24 -71.55
C ARG U 204 -6.40 15.22 -72.67
N GLY U 205 -7.03 14.05 -72.63
CA GLY U 205 -6.84 12.98 -73.63
C GLY U 205 -5.43 12.40 -73.61
N PHE U 206 -4.77 12.38 -72.47
CA PHE U 206 -3.45 11.72 -72.27
C PHE U 206 -3.51 10.28 -72.79
N SER U 207 -2.42 9.76 -73.32
CA SER U 207 -2.33 8.34 -73.78
C SER U 207 -2.44 7.46 -72.55
N SER U 208 -2.85 6.20 -72.69
CA SER U 208 -2.92 5.29 -71.52
C SER U 208 -1.51 5.05 -71.01
N GLU U 209 -0.50 4.90 -71.87
CA GLU U 209 0.91 4.67 -71.42
C GLU U 209 1.27 5.80 -70.47
N ALA U 210 0.92 7.03 -70.85
CA ALA U 210 1.30 8.25 -70.11
C ALA U 210 0.62 8.22 -68.73
N ILE U 211 -0.66 7.87 -68.70
CA ILE U 211 -1.39 7.74 -67.41
C ILE U 211 -0.65 6.70 -66.54
N HIS U 212 -0.56 5.45 -66.99
CA HIS U 212 0.14 4.35 -66.27
C HIS U 212 1.51 4.84 -65.79
N ALA U 213 2.25 5.54 -66.65
CA ALA U 213 3.63 6.02 -66.37
C ALA U 213 3.64 7.02 -65.21
N LEU U 214 2.57 7.81 -65.14
CA LEU U 214 2.33 8.85 -64.11
C LEU U 214 1.93 8.16 -62.81
N ARG U 215 1.13 7.11 -62.86
CA ARG U 215 0.88 6.27 -61.66
C ARG U 215 2.25 5.74 -61.20
N ARG U 216 3.03 5.08 -62.07
CA ARG U 216 4.37 4.52 -61.69
C ARG U 216 5.10 5.64 -60.93
N ALA U 217 5.11 6.84 -61.53
CA ALA U 217 5.89 7.99 -61.04
C ALA U 217 5.42 8.38 -59.63
N TYR U 218 4.12 8.45 -59.41
CA TYR U 218 3.54 8.74 -58.07
C TYR U 218 4.14 7.74 -57.08
N LYS U 219 3.92 6.46 -57.41
CA LYS U 219 4.26 5.31 -56.55
C LYS U 219 5.70 5.53 -56.08
N VAL U 220 6.58 5.97 -56.97
CA VAL U 220 8.04 6.13 -56.73
C VAL U 220 8.30 7.12 -55.58
N VAL U 221 7.80 8.31 -55.79
CA VAL U 221 7.97 9.48 -54.90
C VAL U 221 7.50 9.08 -53.50
N TYR U 222 6.22 8.73 -53.47
CA TYR U 222 5.35 8.64 -52.28
C TYR U 222 5.39 7.24 -51.70
N ARG U 223 4.69 6.30 -52.35
CA ARG U 223 4.46 4.95 -51.80
C ARG U 223 5.70 4.03 -51.90
N GLN U 224 6.90 4.43 -52.31
CA GLN U 224 8.09 3.50 -52.22
C GLN U 224 9.02 3.96 -51.12
N GLY U 225 8.60 5.01 -50.38
CA GLY U 225 9.46 5.90 -49.57
C GLY U 225 10.90 5.87 -50.06
N HIS U 226 11.14 6.17 -51.31
CA HIS U 226 12.48 6.71 -51.68
C HIS U 226 12.57 8.07 -50.95
N THR U 227 13.77 8.63 -50.72
CA THR U 227 13.90 10.07 -50.33
C THR U 227 13.24 10.94 -51.41
N VAL U 228 13.27 12.27 -51.26
CA VAL U 228 12.85 13.19 -52.36
C VAL U 228 13.91 13.03 -53.47
N GLU U 229 15.19 13.27 -53.15
CA GLU U 229 16.29 13.16 -54.14
C GLU U 229 16.31 11.80 -54.82
N GLU U 230 16.14 10.75 -54.03
CA GLU U 230 16.25 9.34 -54.50
C GLU U 230 15.24 9.17 -55.62
N ALA U 231 14.04 9.69 -55.44
CA ALA U 231 12.95 9.49 -56.40
C ALA U 231 13.23 10.29 -57.66
N LEU U 232 13.64 11.55 -57.52
CA LEU U 232 13.95 12.42 -58.68
C LEU U 232 14.90 11.69 -59.63
N ALA U 233 15.81 10.94 -59.02
CA ALA U 233 16.80 10.08 -59.71
C ALA U 233 16.07 8.99 -60.50
N GLU U 234 15.21 8.24 -59.83
CA GLU U 234 14.44 7.14 -60.43
C GLU U 234 13.69 7.66 -61.68
N LEU U 235 12.96 8.74 -61.49
CA LEU U 235 12.02 9.30 -62.50
C LEU U 235 12.75 9.57 -63.82
N ALA U 236 13.90 10.24 -63.78
CA ALA U 236 14.87 10.43 -64.90
C ALA U 236 14.52 9.63 -66.18
N GLU U 237 14.63 8.30 -66.15
CA GLU U 237 14.22 7.37 -67.26
C GLU U 237 12.78 7.69 -67.67
N SER U 238 11.81 7.38 -66.79
CA SER U 238 10.35 7.66 -66.90
C SER U 238 10.11 9.00 -67.63
N ALA U 239 10.95 10.01 -67.38
CA ALA U 239 10.70 11.43 -67.69
C ALA U 239 11.25 11.77 -69.08
N ALA U 240 12.29 11.07 -69.51
CA ALA U 240 12.75 11.17 -70.91
C ALA U 240 11.66 10.61 -71.82
N GLN U 241 11.21 9.43 -71.43
CA GLN U 241 10.19 8.62 -72.13
C GLN U 241 8.91 9.43 -72.33
N PHE U 242 8.45 10.20 -71.34
CA PHE U 242 7.11 10.83 -71.32
C PHE U 242 7.22 12.28 -70.87
N PRO U 243 7.16 13.24 -71.80
CA PRO U 243 6.97 14.63 -71.44
C PRO U 243 5.98 14.86 -70.30
N GLU U 244 4.92 14.05 -70.21
CA GLU U 244 3.90 14.19 -69.12
C GLU U 244 4.56 13.98 -67.74
N VAL U 245 5.43 12.97 -67.62
CA VAL U 245 6.14 12.62 -66.35
C VAL U 245 7.13 13.74 -66.08
N ALA U 246 7.82 14.16 -67.14
CA ALA U 246 8.85 15.21 -67.11
C ALA U 246 8.35 16.35 -66.22
N VAL U 247 7.19 16.87 -66.57
CA VAL U 247 6.40 17.90 -65.83
C VAL U 247 6.35 17.62 -64.32
N PHE U 248 5.99 16.39 -63.99
CA PHE U 248 5.82 15.91 -62.61
C PHE U 248 7.18 15.92 -61.93
N ARG U 249 8.22 15.34 -62.54
CA ARG U 249 9.60 15.43 -61.99
C ARG U 249 9.93 16.91 -61.81
N ASP U 250 9.81 17.71 -62.86
CA ASP U 250 10.11 19.16 -62.84
C ASP U 250 9.35 19.83 -61.69
N SER U 251 8.08 19.53 -61.44
CA SER U 251 7.38 20.17 -60.28
C SER U 251 8.20 19.86 -59.01
N ILE U 252 8.45 18.57 -58.76
CA ILE U 252 9.11 18.09 -57.50
C ILE U 252 10.50 18.69 -57.39
N GLN U 253 11.22 18.72 -58.51
CA GLN U 253 12.54 19.37 -58.60
C GLN U 253 12.54 20.66 -57.76
N SER U 254 12.04 21.73 -58.35
CA SER U 254 12.26 23.12 -57.87
C SER U 254 11.20 23.39 -56.83
N ALA U 255 11.08 22.44 -55.90
CA ALA U 255 10.46 22.61 -54.58
C ALA U 255 11.50 22.37 -53.49
N THR U 256 12.43 21.42 -53.74
CA THR U 256 13.46 20.99 -52.75
C THR U 256 14.82 21.36 -53.34
N ARG U 257 15.52 22.39 -52.89
CA ARG U 257 16.96 22.47 -53.24
C ARG U 257 17.79 21.93 -52.09
N GLY U 258 17.27 21.96 -50.85
CA GLY U 258 17.96 21.52 -49.63
C GLY U 258 19.24 22.32 -49.37
N ILE U 259 20.00 21.90 -48.36
CA ILE U 259 21.29 22.53 -47.95
C ILE U 259 22.39 21.46 -48.06
N THR U 260 23.64 21.87 -48.04
CA THR U 260 24.79 20.96 -47.85
C THR U 260 24.64 20.32 -46.47
N ARG U 261 24.40 19.01 -46.41
CA ARG U 261 24.65 18.26 -45.16
C ARG U 261 26.09 17.77 -45.26
N SER V 5 -26.68 57.12 38.62
CA SER V 5 -28.00 56.36 38.71
C SER V 5 -28.08 55.15 37.72
N LEU V 6 -28.40 53.96 38.27
CA LEU V 6 -28.06 52.57 37.85
C LEU V 6 -28.38 52.22 36.40
N ILE V 7 -29.65 52.39 36.07
CA ILE V 7 -30.22 52.13 34.72
C ILE V 7 -30.08 53.44 33.94
N ASP V 8 -29.19 53.47 32.95
CA ASP V 8 -28.92 54.64 32.09
C ASP V 8 -30.21 55.19 31.56
N PRO V 9 -30.39 56.52 31.47
CA PRO V 9 -31.60 57.07 30.89
C PRO V 9 -31.66 56.84 29.38
N ARG V 10 -30.56 56.66 28.66
CA ARG V 10 -30.63 56.50 27.18
C ARG V 10 -30.99 55.06 26.81
N ALA V 11 -31.14 54.19 27.80
CA ALA V 11 -31.54 52.78 27.61
C ALA V 11 -33.06 52.72 27.54
N ILE V 12 -33.61 51.70 26.89
CA ILE V 12 -35.08 51.49 26.80
C ILE V 12 -35.44 50.27 27.64
N ILE V 13 -36.38 50.45 28.57
CA ILE V 13 -36.92 49.32 29.37
C ILE V 13 -38.42 49.21 29.13
N ASP V 14 -38.88 48.06 28.67
CA ASP V 14 -40.33 47.77 28.54
C ASP V 14 -40.98 47.90 29.91
N PRO V 15 -42.22 48.45 29.99
CA PRO V 15 -42.95 48.44 31.26
C PRO V 15 -43.12 47.00 31.77
N SER V 16 -43.29 46.03 30.87
CA SER V 16 -43.56 44.62 31.23
C SER V 16 -42.28 43.97 31.80
N ALA V 17 -41.07 44.46 31.48
CA ALA V 17 -39.80 43.88 31.98
C ALA V 17 -39.73 44.06 33.50
N ARG V 18 -38.91 43.29 34.21
CA ARG V 18 -38.84 43.42 35.68
C ARG V 18 -37.46 43.02 36.17
N LEU V 19 -36.77 43.95 36.88
CA LEU V 19 -35.31 44.02 37.19
C LEU V 19 -35.08 44.20 38.70
N ALA V 20 -34.37 43.30 39.39
CA ALA V 20 -34.04 43.43 40.84
C ALA V 20 -33.32 44.76 41.09
N ALA V 21 -33.31 45.24 42.34
CA ALA V 21 -33.00 46.65 42.73
C ALA V 21 -31.71 47.17 42.05
N ASP V 22 -30.59 46.48 42.30
CA ASP V 22 -29.21 46.95 42.00
C ASP V 22 -28.72 46.41 40.64
N VAL V 23 -29.64 46.09 39.74
CA VAL V 23 -29.31 45.83 38.31
C VAL V 23 -28.90 47.15 37.69
N GLN V 24 -27.91 47.07 36.80
CA GLN V 24 -27.51 48.20 35.94
C GLN V 24 -27.75 47.88 34.47
N VAL V 25 -28.01 48.92 33.69
CA VAL V 25 -28.13 48.85 32.22
C VAL V 25 -27.37 50.05 31.62
N GLY V 26 -26.37 49.77 30.77
CA GLY V 26 -25.59 50.77 30.02
C GLY V 26 -26.51 51.49 29.04
N PRO V 27 -26.04 52.57 28.38
CA PRO V 27 -26.89 53.29 27.42
C PRO V 27 -27.21 52.50 26.14
N TRP V 28 -28.37 52.79 25.52
CA TRP V 28 -28.72 52.30 24.15
C TRP V 28 -28.99 50.78 24.19
N SER V 29 -29.07 50.24 25.39
CA SER V 29 -29.45 48.82 25.58
C SER V 29 -30.96 48.80 25.68
N ILE V 30 -31.57 47.74 25.17
CA ILE V 30 -33.04 47.53 25.16
C ILE V 30 -33.32 46.31 26.01
N VAL V 31 -34.24 46.45 26.95
CA VAL V 31 -34.73 45.31 27.76
C VAL V 31 -36.18 45.06 27.33
N GLY V 32 -36.36 44.29 26.24
CA GLY V 32 -37.65 43.94 25.60
C GLY V 32 -38.69 43.52 26.63
N ALA V 33 -39.94 43.37 26.24
CA ALA V 33 -41.00 42.92 27.18
C ALA V 33 -40.61 41.55 27.71
N GLU V 34 -41.17 41.16 28.87
CA GLU V 34 -41.12 39.78 29.42
C GLU V 34 -39.69 39.41 29.82
N VAL V 35 -38.80 40.38 29.93
CA VAL V 35 -37.40 40.10 30.33
C VAL V 35 -37.27 40.35 31.83
N GLU V 36 -36.74 39.36 32.53
CA GLU V 36 -36.59 39.36 34.00
C GLU V 36 -35.09 39.33 34.27
N ILE V 37 -34.56 40.24 35.09
CA ILE V 37 -33.09 40.32 35.35
C ILE V 37 -32.84 40.26 36.86
N GLY V 38 -32.11 39.24 37.32
CA GLY V 38 -31.87 38.96 38.74
C GLY V 38 -30.90 39.96 39.36
N GLU V 39 -30.87 39.99 40.70
CA GLU V 39 -30.01 40.85 41.56
C GLU V 39 -28.58 40.97 41.03
N GLY V 40 -28.01 42.18 41.02
CA GLY V 40 -26.55 42.46 40.86
C GLY V 40 -26.02 42.20 39.45
N THR V 41 -26.89 41.90 38.50
CA THR V 41 -26.54 41.70 37.08
C THR V 41 -26.19 43.07 36.50
N VAL V 42 -25.34 43.07 35.47
CA VAL V 42 -24.89 44.28 34.74
C VAL V 42 -25.13 44.07 33.24
N ILE V 43 -25.90 44.95 32.62
CA ILE V 43 -26.06 44.96 31.14
C ILE V 43 -25.20 46.09 30.59
N GLY V 44 -24.25 45.78 29.72
CA GLY V 44 -23.37 46.79 29.10
C GLY V 44 -24.17 47.74 28.21
N PRO V 45 -23.51 48.66 27.49
CA PRO V 45 -24.16 49.45 26.44
C PRO V 45 -24.52 48.62 25.19
N HIS V 46 -25.25 49.22 24.24
CA HIS V 46 -25.80 48.58 23.02
C HIS V 46 -26.06 47.07 23.20
N VAL V 47 -26.85 46.68 24.20
CA VAL V 47 -27.34 45.29 24.31
C VAL V 47 -28.79 45.27 23.86
N VAL V 48 -29.24 44.09 23.43
CA VAL V 48 -30.65 43.80 23.04
C VAL V 48 -31.05 42.54 23.78
N LEU V 49 -31.96 42.68 24.75
CA LEU V 49 -32.66 41.55 25.39
C LEU V 49 -34.09 41.50 24.84
N LYS V 50 -34.56 40.29 24.55
CA LYS V 50 -35.96 40.02 24.16
C LYS V 50 -36.40 38.84 24.99
N GLY V 51 -37.71 38.71 25.23
CA GLY V 51 -38.30 37.71 26.13
C GLY V 51 -39.21 36.74 25.39
N PRO V 52 -39.95 35.83 26.07
CA PRO V 52 -39.84 35.66 27.52
C PRO V 52 -38.47 35.10 27.91
N THR V 53 -37.72 35.83 28.72
CA THR V 53 -36.32 35.50 29.07
C THR V 53 -36.13 35.78 30.55
N LYS V 54 -35.41 34.91 31.23
CA LYS V 54 -35.20 34.99 32.69
C LYS V 54 -33.69 34.96 32.90
N ILE V 55 -33.10 36.06 33.36
CA ILE V 55 -31.63 36.17 33.60
C ILE V 55 -31.37 36.22 35.11
N GLY V 56 -30.55 35.29 35.62
CA GLY V 56 -30.28 35.14 37.06
C GLY V 56 -29.47 36.31 37.61
N LYS V 57 -28.67 36.03 38.64
CA LYS V 57 -28.04 37.04 39.53
C LYS V 57 -26.56 37.21 39.15
N HIS V 58 -25.98 38.38 39.41
CA HIS V 58 -24.54 38.67 39.19
C HIS V 58 -24.06 38.17 37.80
N ASN V 59 -24.77 38.48 36.72
CA ASN V 59 -24.28 38.20 35.34
C ASN V 59 -23.71 39.52 34.79
N ARG V 60 -22.73 39.42 33.89
CA ARG V 60 -22.07 40.57 33.21
C ARG V 60 -22.36 40.21 31.72
N ILE V 61 -23.18 41.00 31.01
CA ILE V 61 -23.45 40.85 29.54
C ILE V 61 -22.94 42.08 28.78
N TYR V 62 -22.17 41.89 27.71
CA TYR V 62 -21.46 43.00 27.00
C TYR V 62 -22.20 43.42 25.75
N GLN V 63 -21.68 44.49 25.13
CA GLN V 63 -22.22 45.21 23.93
C GLN V 63 -22.44 44.26 22.74
N PHE V 64 -23.40 44.56 21.85
CA PHE V 64 -23.60 43.94 20.50
C PHE V 64 -24.18 42.51 20.63
N SER V 65 -24.50 42.17 21.89
CA SER V 65 -25.12 40.88 22.28
C SER V 65 -26.61 40.99 22.04
N SER V 66 -27.17 39.96 21.40
CA SER V 66 -28.60 39.87 21.04
C SER V 66 -29.10 38.60 21.76
N VAL V 67 -29.48 38.77 23.02
CA VAL V 67 -29.83 37.66 23.98
C VAL V 67 -31.35 37.55 24.12
N GLY V 68 -31.89 36.44 23.65
CA GLY V 68 -33.32 36.09 23.72
C GLY V 68 -34.07 36.44 22.45
N GLU V 69 -33.39 36.45 21.29
CA GLU V 69 -34.07 36.65 19.96
C GLU V 69 -34.67 35.29 19.53
N ASP V 70 -35.60 35.25 18.57
CA ASP V 70 -36.27 34.00 18.09
C ASP V 70 -35.25 33.22 17.24
N THR V 71 -35.26 31.89 17.15
CA THR V 71 -34.26 31.32 16.20
C THR V 71 -34.73 31.62 14.79
N PRO V 72 -33.84 31.88 13.81
CA PRO V 72 -34.28 32.22 12.46
C PRO V 72 -34.84 31.01 11.71
N ASP V 73 -34.37 29.79 12.08
CA ASP V 73 -34.77 28.42 11.61
C ASP V 73 -36.26 28.41 11.34
N LEU V 74 -36.73 27.91 10.20
CA LEU V 74 -38.13 28.19 9.74
C LEU V 74 -39.11 27.30 10.50
N LYS V 75 -38.61 26.16 10.96
CA LYS V 75 -39.18 25.25 11.98
C LYS V 75 -40.03 26.07 12.96
N TYR V 76 -39.43 27.02 13.65
CA TYR V 76 -40.09 27.90 14.66
C TYR V 76 -40.98 28.89 13.96
N LYS V 77 -42.28 28.90 14.21
CA LYS V 77 -43.19 29.93 13.65
C LYS V 77 -43.72 30.81 14.78
N GLY V 78 -42.87 31.29 15.68
CA GLY V 78 -43.23 32.38 16.61
C GLY V 78 -43.94 31.91 17.87
N GLU V 79 -44.12 30.61 18.08
CA GLU V 79 -44.74 30.05 19.32
C GLU V 79 -44.00 30.69 20.49
N PRO V 80 -44.56 30.79 21.73
CA PRO V 80 -44.16 31.85 22.64
C PRO V 80 -43.11 31.32 23.62
N THR V 81 -41.96 30.80 23.15
CA THR V 81 -40.98 29.97 23.90
C THR V 81 -40.04 30.80 24.77
N ARG V 82 -39.16 30.16 25.57
CA ARG V 82 -38.42 30.82 26.67
C ARG V 82 -36.91 30.59 26.49
N LEU V 83 -36.13 31.53 27.05
CA LEU V 83 -34.69 31.45 27.41
C LEU V 83 -34.55 31.65 28.92
N VAL V 84 -33.64 30.88 29.52
CA VAL V 84 -33.30 30.94 30.97
C VAL V 84 -31.79 30.93 31.14
N ILE V 85 -31.27 31.89 31.89
CA ILE V 85 -29.82 32.01 32.22
C ILE V 85 -29.69 32.04 33.75
N GLY V 86 -28.82 31.18 34.29
CA GLY V 86 -28.54 31.13 35.74
C GLY V 86 -27.75 32.33 36.20
N ASP V 87 -26.84 32.11 37.16
CA ASP V 87 -26.16 33.15 37.96
C ASP V 87 -24.67 33.17 37.59
N HIS V 88 -23.95 34.24 37.95
CA HIS V 88 -22.47 34.41 37.80
C HIS V 88 -22.02 33.98 36.39
N ASN V 89 -22.77 34.33 35.34
CA ASN V 89 -22.33 34.03 33.96
C ASN V 89 -21.73 35.28 33.36
N VAL V 90 -20.82 35.08 32.40
CA VAL V 90 -20.28 36.18 31.55
C VAL V 90 -20.56 35.93 30.08
N ILE V 91 -21.18 36.91 29.47
CA ILE V 91 -21.53 36.87 28.03
C ILE V 91 -20.80 38.05 27.39
N ARG V 92 -19.73 37.72 26.66
CA ARG V 92 -18.83 38.73 26.04
C ARG V 92 -19.49 39.38 24.83
N GLU V 93 -18.69 40.21 24.15
CA GLU V 93 -19.17 41.14 23.09
C GLU V 93 -19.73 40.30 21.92
N GLY V 94 -20.99 40.53 21.54
CA GLY V 94 -21.56 40.11 20.23
C GLY V 94 -22.19 38.73 20.27
N VAL V 95 -22.37 38.21 21.46
CA VAL V 95 -22.95 36.86 21.60
C VAL V 95 -24.42 36.91 21.21
N THR V 96 -24.87 35.84 20.58
CA THR V 96 -26.29 35.60 20.24
C THR V 96 -26.77 34.38 21.02
N ILE V 97 -27.91 34.52 21.69
CA ILE V 97 -28.59 33.39 22.35
C ILE V 97 -30.05 33.42 21.91
N HIS V 98 -30.54 32.33 21.35
CA HIS V 98 -31.91 32.23 20.76
C HIS V 98 -32.81 31.43 21.73
N ARG V 99 -34.06 31.81 21.85
CA ARG V 99 -35.00 31.03 22.67
C ARG V 99 -35.44 29.81 21.87
N GLY V 100 -35.78 28.76 22.64
CA GLY V 100 -36.30 27.46 22.23
C GLY V 100 -37.36 27.54 21.14
N THR V 101 -37.80 26.34 20.76
CA THR V 101 -38.85 26.00 19.75
C THR V 101 -39.79 25.07 20.46
N VAL V 102 -41.10 25.04 20.17
CA VAL V 102 -42.01 24.08 20.86
C VAL V 102 -41.63 22.64 20.46
N GLN V 103 -41.10 22.44 19.25
CA GLN V 103 -40.68 21.12 18.69
C GLN V 103 -39.84 20.35 19.73
N ASP V 104 -38.87 20.93 20.45
CA ASP V 104 -38.04 20.20 21.46
C ASP V 104 -38.56 20.60 22.85
N ARG V 105 -37.80 21.21 23.76
CA ARG V 105 -38.31 21.39 25.14
C ARG V 105 -38.85 22.82 25.31
N ALA V 106 -38.87 23.63 24.26
CA ALA V 106 -39.51 24.96 24.29
C ALA V 106 -38.67 25.92 25.13
N GLU V 107 -37.42 25.55 25.42
CA GLU V 107 -36.54 26.39 26.24
C GLU V 107 -35.08 26.08 25.92
N THR V 108 -34.36 27.18 25.70
CA THR V 108 -32.88 27.32 25.69
C THR V 108 -32.45 27.65 27.12
N THR V 109 -31.41 27.01 27.64
CA THR V 109 -31.09 27.04 29.09
C THR V 109 -29.60 27.12 29.37
N ILE V 110 -29.21 28.04 30.25
CA ILE V 110 -27.80 28.20 30.66
C ILE V 110 -27.74 28.21 32.19
N GLY V 111 -26.79 27.44 32.73
CA GLY V 111 -26.60 27.24 34.18
C GLY V 111 -25.82 28.40 34.79
N ASP V 112 -24.86 28.11 35.67
CA ASP V 112 -24.12 29.13 36.48
C ASP V 112 -22.63 29.14 36.08
N HIS V 113 -21.90 30.21 36.36
CA HIS V 113 -20.41 30.32 36.31
C HIS V 113 -19.84 30.05 34.90
N ASN V 114 -20.64 30.17 33.86
CA ASN V 114 -20.19 29.95 32.47
C ASN V 114 -19.58 31.22 31.89
N LEU V 115 -18.56 31.02 31.06
CA LEU V 115 -17.88 32.08 30.28
C LEU V 115 -18.15 31.83 28.82
N ILE V 116 -18.91 32.73 28.20
CA ILE V 116 -19.24 32.63 26.76
C ILE V 116 -18.60 33.83 26.08
N MET V 117 -17.58 33.60 25.27
CA MET V 117 -16.74 34.70 24.76
C MET V 117 -17.32 35.22 23.45
N ALA V 118 -16.63 36.18 22.87
CA ALA V 118 -17.16 37.06 21.82
C ALA V 118 -17.71 36.29 20.60
N TYR V 119 -18.82 36.79 20.03
CA TYR V 119 -19.38 36.39 18.71
C TYR V 119 -19.82 34.90 18.79
N ALA V 120 -19.84 34.30 19.97
CA ALA V 120 -20.36 32.91 20.16
C ALA V 120 -21.84 32.89 19.85
N HIS V 121 -22.35 31.73 19.45
CA HIS V 121 -23.80 31.53 19.16
C HIS V 121 -24.30 30.33 19.96
N ILE V 122 -25.49 30.46 20.54
CA ILE V 122 -26.15 29.38 21.32
C ILE V 122 -27.57 29.20 20.80
N GLY V 123 -27.75 28.34 19.80
CA GLY V 123 -28.99 28.21 18.99
C GLY V 123 -30.15 27.65 19.79
N HIS V 124 -31.35 27.74 19.21
CA HIS V 124 -32.62 27.29 19.84
C HIS V 124 -32.40 26.00 20.63
N ASP V 125 -32.84 25.97 21.89
CA ASP V 125 -33.04 24.72 22.66
C ASP V 125 -31.73 24.13 23.17
N SER V 126 -30.60 24.78 22.91
CA SER V 126 -29.31 24.33 23.47
C SER V 126 -29.41 24.42 25.00
N VAL V 127 -28.53 23.73 25.71
CA VAL V 127 -28.59 23.63 27.19
C VAL V 127 -27.18 23.56 27.76
N ILE V 128 -26.81 24.54 28.57
CA ILE V 128 -25.42 24.63 29.11
C ILE V 128 -25.48 24.49 30.63
N GLY V 129 -24.55 23.69 31.16
CA GLY V 129 -24.40 23.40 32.59
C GLY V 129 -23.70 24.53 33.30
N ASN V 130 -22.59 24.24 33.99
CA ASN V 130 -21.86 25.21 34.85
C ASN V 130 -20.36 25.20 34.55
N HIS V 131 -19.68 26.31 34.81
CA HIS V 131 -18.21 26.44 34.70
C HIS V 131 -17.75 25.99 33.29
N CYS V 132 -18.62 26.15 32.29
CA CYS V 132 -18.23 25.85 30.89
C CYS V 132 -17.52 27.07 30.34
N ILE V 133 -16.63 26.85 29.38
CA ILE V 133 -16.09 27.97 28.55
C ILE V 133 -16.37 27.69 27.07
N LEU V 134 -17.13 28.59 26.45
CA LEU V 134 -17.29 28.64 24.99
C LEU V 134 -16.44 29.80 24.50
N VAL V 135 -15.36 29.49 23.79
CA VAL V 135 -14.41 30.52 23.31
C VAL V 135 -15.01 31.19 22.06
N ASN V 136 -14.39 32.30 21.63
CA ASN V 136 -14.83 33.16 20.50
C ASN V 136 -15.46 32.31 19.38
N ASN V 137 -16.68 32.67 18.95
CA ASN V 137 -17.33 32.21 17.69
C ASN V 137 -17.71 30.73 17.75
N THR V 138 -17.49 30.07 18.88
CA THR V 138 -18.14 28.77 19.16
C THR V 138 -19.62 28.91 18.81
N ALA V 139 -20.18 27.86 18.26
CA ALA V 139 -21.53 27.86 17.66
C ALA V 139 -22.21 26.51 17.90
N LEU V 140 -23.34 26.57 18.62
CA LEU V 140 -24.19 25.40 18.93
C LEU V 140 -25.43 25.49 18.03
N ALA V 141 -25.48 24.70 16.96
CA ALA V 141 -26.47 24.88 15.86
C ALA V 141 -27.88 24.88 16.42
N GLY V 142 -28.12 23.97 17.37
CA GLY V 142 -29.41 23.81 18.06
C GLY V 142 -29.50 22.51 18.84
N HIS V 143 -30.29 22.55 19.92
CA HIS V 143 -30.59 21.41 20.84
C HIS V 143 -29.29 20.74 21.29
N VAL V 144 -28.21 21.50 21.39
CA VAL V 144 -26.91 20.99 21.87
C VAL V 144 -26.91 21.04 23.39
N HIS V 145 -26.56 19.93 24.05
CA HIS V 145 -26.35 19.88 25.51
C HIS V 145 -24.85 19.86 25.77
N VAL V 146 -24.38 20.84 26.55
CA VAL V 146 -22.97 20.95 27.02
C VAL V 146 -22.98 20.74 28.52
N ASP V 147 -22.49 19.58 28.97
CA ASP V 147 -22.38 19.24 30.41
C ASP V 147 -21.21 20.04 31.02
N ASP V 148 -21.01 19.96 32.34
CA ASP V 148 -20.26 20.97 33.12
C ASP V 148 -18.76 20.91 32.81
N TRP V 149 -18.08 22.05 32.96
CA TRP V 149 -16.59 22.15 32.91
C TRP V 149 -16.06 21.99 31.48
N ALA V 150 -16.96 21.74 30.53
CA ALA V 150 -16.55 21.55 29.13
C ALA V 150 -15.90 22.84 28.69
N ILE V 151 -14.96 22.69 27.77
CA ILE V 151 -14.28 23.83 27.10
C ILE V 151 -14.33 23.60 25.62
N LEU V 152 -14.93 24.54 24.92
CA LEU V 152 -14.93 24.54 23.44
C LEU V 152 -14.00 25.68 23.01
N SER V 153 -12.82 25.32 22.51
CA SER V 153 -11.84 26.27 21.92
C SER V 153 -12.54 27.09 20.83
N GLY V 154 -11.87 28.13 20.33
CA GLY V 154 -12.46 29.12 19.40
C GLY V 154 -12.99 28.47 18.14
N TYR V 155 -14.09 28.98 17.61
CA TYR V 155 -14.63 28.60 16.28
C TYR V 155 -14.87 27.09 16.25
N THR V 156 -15.32 26.56 17.38
CA THR V 156 -15.82 25.17 17.51
C THR V 156 -17.28 25.15 17.07
N LEU V 157 -17.61 24.23 16.17
CA LEU V 157 -18.95 24.14 15.54
C LEU V 157 -19.58 22.80 15.95
N VAL V 158 -20.84 22.82 16.36
CA VAL V 158 -21.49 21.64 17.00
C VAL V 158 -22.85 21.40 16.37
N HIS V 159 -23.04 20.28 15.65
CA HIS V 159 -24.19 20.05 14.72
C HIS V 159 -25.43 19.80 15.61
N GLN V 160 -26.62 20.15 15.07
CA GLN V 160 -27.96 19.95 15.72
C GLN V 160 -27.78 18.75 16.67
N TYR V 161 -28.20 18.83 17.94
CA TYR V 161 -28.50 17.67 18.83
C TYR V 161 -27.28 16.95 19.45
N CYS V 162 -26.05 17.40 19.22
CA CYS V 162 -24.87 16.72 19.81
C CYS V 162 -24.80 16.98 21.31
N ARG V 163 -24.25 16.01 22.06
CA ARG V 163 -23.98 16.13 23.51
C ARG V 163 -22.47 16.26 23.69
N ILE V 164 -22.04 17.36 24.29
CA ILE V 164 -20.63 17.56 24.73
C ILE V 164 -20.58 17.15 26.20
N GLY V 165 -20.10 15.94 26.48
CA GLY V 165 -19.94 15.40 27.85
C GLY V 165 -19.02 16.28 28.69
N ALA V 166 -19.08 16.10 30.01
CA ALA V 166 -18.40 16.99 30.99
C ALA V 166 -16.88 16.89 30.95
N HIS V 167 -16.20 18.02 31.19
CA HIS V 167 -14.71 18.16 31.17
C HIS V 167 -14.15 17.89 29.78
N SER V 168 -15.02 17.61 28.83
CA SER V 168 -14.58 17.40 27.45
C SER V 168 -13.95 18.71 26.97
N PHE V 169 -13.25 18.61 25.85
CA PHE V 169 -12.45 19.71 25.27
C PHE V 169 -12.41 19.57 23.76
N SER V 170 -12.90 20.57 23.05
CA SER V 170 -12.71 20.71 21.58
C SER V 170 -11.55 21.68 21.32
N GLY V 171 -10.68 21.36 20.36
CA GLY V 171 -9.62 22.27 19.89
C GLY V 171 -10.19 23.33 18.96
N MET V 172 -9.37 24.30 18.53
CA MET V 172 -9.90 25.43 17.71
C MET V 172 -10.28 24.87 16.33
N GLY V 173 -11.29 25.48 15.70
CA GLY V 173 -11.88 25.06 14.42
C GLY V 173 -12.37 23.62 14.41
N SER V 174 -12.64 23.01 15.56
CA SER V 174 -13.27 21.67 15.62
C SER V 174 -14.68 21.73 15.02
N ALA V 175 -15.05 20.68 14.30
CA ALA V 175 -16.35 20.54 13.61
C ALA V 175 -17.05 19.27 14.09
N ILE V 176 -17.76 19.41 15.20
CA ILE V 176 -18.26 18.27 16.00
C ILE V 176 -19.61 17.81 15.42
N GLY V 177 -19.64 16.66 14.75
CA GLY V 177 -20.85 16.14 14.09
C GLY V 177 -21.58 15.10 14.92
N LYS V 178 -20.99 14.69 16.05
CA LYS V 178 -21.50 13.57 16.89
C LYS V 178 -21.02 13.76 18.31
N ASP V 179 -21.61 13.04 19.26
CA ASP V 179 -21.36 13.29 20.70
C ASP V 179 -19.88 13.25 21.04
N VAL V 180 -19.47 14.10 21.98
CA VAL V 180 -18.13 14.08 22.61
C VAL V 180 -18.28 13.53 24.03
N PRO V 181 -17.68 12.36 24.31
CA PRO V 181 -17.77 11.74 25.64
C PRO V 181 -17.12 12.63 26.70
N ALA V 182 -17.58 12.50 27.94
CA ALA V 182 -16.94 13.15 29.10
C ALA V 182 -15.42 13.04 28.98
N TYR V 183 -14.68 14.12 29.28
CA TYR V 183 -13.20 14.14 29.44
C TYR V 183 -12.45 14.10 28.11
N VAL V 184 -13.11 13.82 26.99
CA VAL V 184 -12.37 13.53 25.72
C VAL V 184 -11.91 14.85 25.08
N THR V 185 -10.70 14.86 24.53
CA THR V 185 -10.18 15.96 23.68
C THR V 185 -10.48 15.58 22.22
N VAL V 186 -11.12 16.47 21.46
CA VAL V 186 -11.41 16.26 20.02
C VAL V 186 -10.88 17.44 19.21
N PHE V 187 -10.46 17.19 17.98
CA PHE V 187 -9.75 18.19 17.14
C PHE V 187 -10.16 18.02 15.69
N GLY V 188 -10.39 19.14 15.00
CA GLY V 188 -10.36 19.22 13.53
C GLY V 188 -11.70 19.04 12.87
N ASN V 189 -11.69 19.02 11.53
CA ASN V 189 -12.88 18.99 10.66
C ASN V 189 -12.78 17.82 9.71
N PRO V 190 -13.47 16.71 10.01
CA PRO V 190 -14.44 16.67 11.11
C PRO V 190 -13.73 16.27 12.39
N ALA V 191 -14.22 16.73 13.55
CA ALA V 191 -13.71 16.39 14.89
C ALA V 191 -13.36 14.89 14.95
N GLU V 192 -12.16 14.54 15.40
CA GLU V 192 -11.80 13.15 15.85
C GLU V 192 -11.39 13.24 17.35
N ALA V 193 -11.44 12.11 18.06
CA ALA V 193 -10.94 11.95 19.43
C ALA V 193 -9.42 11.95 19.37
N ARG V 194 -8.72 12.48 20.37
CA ARG V 194 -7.23 12.37 20.45
C ARG V 194 -6.85 11.74 21.79
N SER V 195 -7.16 12.42 22.89
CA SER V 195 -6.82 12.01 24.26
C SER V 195 -8.00 12.24 25.18
N MET V 196 -7.77 12.12 26.47
CA MET V 196 -8.62 12.70 27.51
C MET V 196 -7.91 13.94 28.00
N ASN V 197 -8.68 14.79 28.68
CA ASN V 197 -8.30 16.16 29.07
C ASN V 197 -7.72 16.07 30.47
N PHE V 198 -6.50 15.57 30.56
CA PHE V 198 -5.82 15.33 31.85
C PHE V 198 -5.70 16.69 32.53
N GLU V 199 -5.46 17.70 31.71
CA GLU V 199 -5.38 19.10 32.19
C GLU V 199 -6.50 19.31 33.23
N GLY V 200 -7.73 19.50 32.76
CA GLY V 200 -8.88 19.91 33.58
C GLY V 200 -9.29 18.84 34.56
N MET V 201 -8.61 17.67 34.54
CA MET V 201 -8.71 16.61 35.58
C MET V 201 -7.82 16.99 36.74
N ARG V 202 -6.56 17.40 36.48
CA ARG V 202 -5.65 17.87 37.56
C ARG V 202 -6.36 19.07 38.15
N ARG V 203 -6.91 19.97 37.32
CA ARG V 203 -7.65 21.17 37.79
C ARG V 203 -8.75 20.77 38.76
N ARG V 204 -9.51 19.73 38.51
CA ARG V 204 -10.57 19.28 39.47
C ARG V 204 -9.98 18.51 40.66
N GLY V 205 -8.67 18.30 40.69
CA GLY V 205 -7.98 17.57 41.77
C GLY V 205 -8.35 16.10 41.82
N PHE V 206 -8.68 15.50 40.68
CA PHE V 206 -8.93 14.04 40.56
C PHE V 206 -7.77 13.27 41.17
N SER V 207 -8.03 12.10 41.76
CA SER V 207 -6.98 11.21 42.32
C SER V 207 -6.15 10.71 41.14
N SER V 208 -4.91 10.30 41.36
CA SER V 208 -4.09 9.76 40.25
C SER V 208 -4.70 8.45 39.79
N GLU V 209 -5.23 7.60 40.70
CA GLU V 209 -5.86 6.30 40.29
C GLU V 209 -6.94 6.63 39.26
N ALA V 210 -7.73 7.67 39.55
CA ALA V 210 -8.90 8.05 38.73
C ALA V 210 -8.41 8.49 37.36
N ILE V 211 -7.37 9.30 37.32
CA ILE V 211 -6.77 9.73 36.03
C ILE V 211 -6.34 8.48 35.25
N HIS V 212 -5.41 7.68 35.78
CA HIS V 212 -4.92 6.42 35.14
C HIS V 212 -6.12 5.61 34.66
N ALA V 213 -7.15 5.47 35.49
CA ALA V 213 -8.36 4.63 35.20
C ALA V 213 -9.11 5.16 33.98
N LEU V 214 -9.11 6.49 33.84
CA LEU V 214 -9.75 7.23 32.74
C LEU V 214 -8.92 7.07 31.48
N ARG V 215 -7.59 7.09 31.58
CA ARG V 215 -6.73 6.74 30.43
C ARG V 215 -7.10 5.30 30.04
N ARG V 216 -7.06 4.32 30.96
CA ARG V 216 -7.40 2.90 30.64
C ARG V 216 -8.69 2.93 29.84
N ALA V 217 -9.68 3.65 30.35
CA ALA V 217 -11.06 3.69 29.80
C ALA V 217 -11.04 4.21 28.36
N TYR V 218 -10.31 5.29 28.11
CA TYR V 218 -10.15 5.86 26.75
C TYR V 218 -9.66 4.74 25.84
N LYS V 219 -8.51 4.18 26.25
CA LYS V 219 -7.74 3.19 25.46
C LYS V 219 -8.75 2.13 25.00
N VAL V 220 -9.66 1.72 25.89
CA VAL V 220 -10.63 0.62 25.66
C VAL V 220 -11.53 0.93 24.46
N VAL V 221 -12.22 2.06 24.60
CA VAL V 221 -13.24 2.55 23.64
C VAL V 221 -12.60 2.61 22.27
N TYR V 222 -11.56 3.46 22.22
CA TYR V 222 -10.94 4.04 21.01
C TYR V 222 -9.81 3.14 20.51
N ARG V 223 -8.67 3.20 21.21
CA ARG V 223 -7.41 2.60 20.72
C ARG V 223 -7.37 1.07 20.90
N GLN V 224 -8.41 0.33 21.32
CA GLN V 224 -8.33 -1.18 21.32
C GLN V 224 -9.21 -1.74 20.20
N GLY V 225 -9.77 -0.83 19.39
CA GLY V 225 -10.94 -1.08 18.52
C GLY V 225 -11.79 -2.21 19.06
N HIS V 226 -12.24 -2.13 20.30
CA HIS V 226 -13.48 -2.86 20.67
C HIS V 226 -14.59 -2.16 19.85
N THR V 227 -15.75 -2.78 19.59
CA THR V 227 -16.97 -2.06 19.13
C THR V 227 -17.31 -0.96 20.15
N VAL V 228 -18.37 -0.19 19.93
CA VAL V 228 -18.90 0.74 20.98
C VAL V 228 -19.47 -0.15 22.08
N GLU V 229 -20.41 -1.06 21.75
CA GLU V 229 -21.04 -1.97 22.75
C GLU V 229 -19.99 -2.77 23.52
N GLU V 230 -19.01 -3.29 22.79
CA GLU V 230 -17.98 -4.19 23.35
C GLU V 230 -17.30 -3.44 24.48
N ALA V 231 -16.98 -2.17 24.26
CA ALA V 231 -16.20 -1.36 25.22
C ALA V 231 -17.08 -1.05 26.43
N LEU V 232 -18.32 -0.63 26.20
CA LEU V 232 -19.26 -0.31 27.31
C LEU V 232 -19.28 -1.47 28.32
N ALA V 233 -19.21 -2.66 27.77
CA ALA V 233 -19.14 -3.93 28.52
C ALA V 233 -17.88 -3.96 29.38
N GLU V 234 -16.72 -3.74 28.75
CA GLU V 234 -15.40 -3.75 29.42
C GLU V 234 -15.43 -2.79 30.61
N LEU V 235 -15.86 -1.55 30.34
CA LEU V 235 -15.79 -0.43 31.29
C LEU V 235 -16.50 -0.78 32.61
N ALA V 236 -17.72 -1.31 32.55
CA ALA V 236 -18.49 -1.92 33.66
C ALA V 236 -17.71 -2.03 34.98
N GLU V 237 -16.69 -2.92 35.05
CA GLU V 237 -15.76 -3.08 36.22
C GLU V 237 -15.18 -1.70 36.58
N SER V 238 -14.32 -1.16 35.70
CA SER V 238 -13.68 0.19 35.76
C SER V 238 -14.64 1.21 36.40
N ALA V 239 -15.93 1.13 36.09
CA ALA V 239 -16.94 2.19 36.31
C ALA V 239 -17.59 2.03 37.69
N ALA V 240 -17.67 0.80 38.18
CA ALA V 240 -18.09 0.56 39.58
C ALA V 240 -17.04 1.14 40.51
N GLN V 241 -15.80 0.78 40.18
CA GLN V 241 -14.58 1.15 40.92
C GLN V 241 -14.48 2.68 41.05
N PHE V 242 -14.78 3.45 40.01
CA PHE V 242 -14.47 4.90 39.93
C PHE V 242 -15.66 5.65 39.38
N PRO V 243 -16.44 6.32 40.25
CA PRO V 243 -17.42 7.29 39.80
C PRO V 243 -16.96 8.16 38.62
N GLU V 244 -15.68 8.52 38.57
CA GLU V 244 -15.14 9.38 37.45
C GLU V 244 -15.30 8.65 36.11
N VAL V 245 -15.00 7.34 36.07
CA VAL V 245 -15.09 6.50 34.84
C VAL V 245 -16.58 6.35 34.51
N ALA V 246 -17.36 6.11 35.55
CA ALA V 246 -18.82 5.90 35.47
C ALA V 246 -19.40 6.93 34.50
N VAL V 247 -19.15 8.19 34.80
CA VAL V 247 -19.49 9.40 33.98
C VAL V 247 -19.17 9.20 32.50
N PHE V 248 -17.95 8.74 32.24
CA PHE V 248 -17.40 8.53 30.88
C PHE V 248 -18.20 7.39 30.24
N ARG V 249 -18.36 6.24 30.90
CA ARG V 249 -19.23 5.17 30.38
C ARG V 249 -20.62 5.77 30.10
N ASP V 250 -21.23 6.40 31.10
CA ASP V 250 -22.58 7.00 31.01
C ASP V 250 -22.63 7.95 29.80
N SER V 251 -21.62 8.80 29.54
CA SER V 251 -21.68 9.67 28.34
C SER V 251 -21.87 8.76 27.10
N ILE V 252 -20.98 7.79 26.93
CA ILE V 252 -20.93 6.93 25.72
C ILE V 252 -22.23 6.14 25.61
N GLN V 253 -22.71 5.63 26.73
CA GLN V 253 -24.01 4.93 26.81
C GLN V 253 -25.02 5.63 25.91
N SER V 254 -25.63 6.70 26.44
CA SER V 254 -26.87 7.29 25.88
C SER V 254 -26.42 8.26 24.80
N ALA V 255 -25.56 7.76 23.93
CA ALA V 255 -25.28 8.31 22.59
C ALA V 255 -25.63 7.24 21.54
N THR V 256 -25.43 5.95 21.85
CA THR V 256 -25.64 4.82 20.92
C THR V 256 -26.76 3.96 21.50
N ARG V 257 -27.99 3.95 20.99
CA ARG V 257 -28.91 2.85 21.37
C ARG V 257 -28.88 1.78 20.27
N GLY V 258 -28.58 2.16 19.03
CA GLY V 258 -28.64 1.27 17.84
C GLY V 258 -30.04 0.67 17.61
N ILE V 259 -30.13 -0.21 16.61
CA ILE V 259 -31.38 -0.87 16.16
C ILE V 259 -31.19 -2.38 16.29
N THR V 260 -32.27 -3.16 16.21
CA THR V 260 -32.20 -4.62 16.06
C THR V 260 -31.51 -4.93 14.74
N ARG V 261 -30.33 -5.56 14.79
CA ARG V 261 -29.69 -6.22 13.59
C ARG V 261 -30.28 -7.62 13.56
N SER W 5 -20.15 69.30 12.88
CA SER W 5 -19.19 69.58 14.03
C SER W 5 -18.63 68.30 14.72
N LEU W 6 -17.31 68.17 14.84
CA LEU W 6 -16.42 66.97 14.70
C LEU W 6 -16.81 65.76 15.55
N ILE W 7 -16.85 66.00 16.86
CA ILE W 7 -17.21 64.97 17.88
C ILE W 7 -18.72 65.07 18.07
N ASP W 8 -19.46 64.07 17.60
CA ASP W 8 -20.94 64.01 17.68
C ASP W 8 -21.38 64.28 19.10
N PRO W 9 -22.48 65.02 19.33
CA PRO W 9 -22.95 65.23 20.69
C PRO W 9 -23.55 63.94 21.28
N ARG W 10 -24.04 62.98 20.49
CA ARG W 10 -24.68 61.76 21.07
C ARG W 10 -23.62 60.74 21.50
N ALA W 11 -22.35 61.04 21.27
CA ALA W 11 -21.20 60.19 21.67
C ALA W 11 -20.86 60.52 23.12
N ILE W 12 -20.26 59.58 23.83
CA ILE W 12 -19.78 59.80 25.23
C ILE W 12 -18.27 59.83 25.22
N ILE W 13 -17.70 60.90 25.77
CA ILE W 13 -16.23 61.03 25.95
C ILE W 13 -15.94 61.21 27.44
N ASP W 14 -15.14 60.32 28.01
CA ASP W 14 -14.65 60.45 29.40
C ASP W 14 -13.90 61.77 29.53
N PRO W 15 -14.02 62.50 30.67
CA PRO W 15 -13.19 63.68 30.89
C PRO W 15 -11.70 63.30 30.86
N SER W 16 -11.36 62.10 31.32
CA SER W 16 -9.95 61.65 31.42
C SER W 16 -9.39 61.35 30.01
N ALA W 17 -10.22 61.04 29.00
CA ALA W 17 -9.75 60.74 27.62
C ALA W 17 -9.12 61.98 27.02
N ARG W 18 -8.30 61.86 25.98
CA ARG W 18 -7.63 63.06 25.40
C ARG W 18 -7.38 62.82 23.91
N LEU W 19 -7.91 63.71 23.05
CA LEU W 19 -8.13 63.60 21.56
C LEU W 19 -7.52 64.79 20.82
N ALA W 20 -6.57 64.61 19.89
CA ALA W 20 -5.99 65.71 19.07
C ALA W 20 -7.11 66.47 18.34
N ALA W 21 -6.84 67.70 17.89
CA ALA W 21 -7.84 68.73 17.49
C ALA W 21 -8.90 68.15 16.54
N ASP W 22 -8.47 67.63 15.39
CA ASP W 22 -9.33 67.30 14.21
C ASP W 22 -9.72 65.81 14.23
N VAL W 23 -9.73 65.19 15.41
CA VAL W 23 -10.35 63.85 15.61
C VAL W 23 -11.85 64.01 15.47
N GLN W 24 -12.47 63.00 14.88
CA GLN W 24 -13.95 62.86 14.86
C GLN W 24 -14.40 61.61 15.59
N VAL W 25 -15.60 61.70 16.14
CA VAL W 25 -16.31 60.54 16.77
C VAL W 25 -17.76 60.56 16.31
N GLY W 26 -18.20 59.48 15.66
CA GLY W 26 -19.60 59.27 15.21
C GLY W 26 -20.50 59.19 16.44
N PRO W 27 -21.83 59.16 16.25
CA PRO W 27 -22.76 59.07 17.39
C PRO W 27 -22.72 57.72 18.11
N TRP W 28 -23.04 57.73 19.43
CA TRP W 28 -23.28 56.49 20.22
C TRP W 28 -21.97 55.72 20.43
N SER W 29 -20.87 56.35 20.07
CA SER W 29 -19.54 55.79 20.33
C SER W 29 -19.13 56.26 21.72
N ILE W 30 -18.41 55.42 22.44
CA ILE W 30 -17.90 55.70 23.81
C ILE W 30 -16.39 55.73 23.74
N VAL W 31 -15.79 56.79 24.25
CA VAL W 31 -14.32 56.90 24.41
C VAL W 31 -14.00 56.82 25.91
N GLY W 32 -13.91 55.59 26.45
CA GLY W 32 -13.69 55.24 27.87
C GLY W 32 -12.56 56.08 28.46
N ALA W 33 -12.36 56.05 29.78
CA ALA W 33 -11.27 56.82 30.41
C ALA W 33 -9.95 56.34 29.84
N GLU W 34 -8.90 57.19 29.91
CA GLU W 34 -7.49 56.80 29.64
C GLU W 34 -7.29 56.47 28.16
N VAL W 35 -8.23 56.87 27.31
CA VAL W 35 -8.09 56.62 25.85
C VAL W 35 -7.53 57.88 25.21
N GLU W 36 -6.46 57.71 24.44
CA GLU W 36 -5.73 58.79 23.76
C GLU W 36 -5.92 58.57 22.26
N ILE W 37 -6.35 59.58 21.51
CA ILE W 37 -6.58 59.41 20.04
C ILE W 37 -5.80 60.47 19.28
N GLY W 38 -4.89 60.04 18.40
CA GLY W 38 -3.95 60.92 17.67
C GLY W 38 -4.64 61.70 16.57
N GLU W 39 -3.96 62.73 16.08
CA GLU W 39 -4.40 63.65 14.99
C GLU W 39 -5.11 62.91 13.83
N GLY W 40 -6.22 63.46 13.32
CA GLY W 40 -6.84 63.09 12.03
C GLY W 40 -7.50 61.70 12.03
N THR W 41 -7.57 61.03 13.18
CA THR W 41 -8.24 59.73 13.34
C THR W 41 -9.75 59.98 13.26
N VAL W 42 -10.48 58.95 12.83
CA VAL W 42 -11.96 58.97 12.71
C VAL W 42 -12.53 57.77 13.45
N ILE W 43 -13.40 58.01 14.41
CA ILE W 43 -14.15 56.90 15.07
C ILE W 43 -15.56 56.90 14.50
N GLY W 44 -15.98 55.78 13.91
CA GLY W 44 -17.34 55.64 13.33
C GLY W 44 -18.40 55.74 14.43
N PRO W 45 -19.69 55.54 14.08
CA PRO W 45 -20.74 55.37 15.08
C PRO W 45 -20.65 54.03 15.84
N HIS W 46 -21.49 53.85 16.87
CA HIS W 46 -21.49 52.68 17.81
C HIS W 46 -20.11 52.02 17.95
N VAL W 47 -19.09 52.78 18.32
CA VAL W 47 -17.78 52.19 18.71
C VAL W 47 -17.68 52.25 20.23
N VAL W 48 -16.84 51.37 20.78
CA VAL W 48 -16.50 51.29 22.22
C VAL W 48 -14.99 51.23 22.31
N LEU W 49 -14.38 52.31 22.81
CA LEU W 49 -12.95 52.35 23.22
C LEU W 49 -12.89 52.28 24.75
N LYS W 50 -11.95 51.49 25.26
CA LYS W 50 -11.62 51.42 26.70
C LYS W 50 -10.12 51.51 26.78
N GLY W 51 -9.60 51.98 27.92
CA GLY W 51 -8.17 52.27 28.13
C GLY W 51 -7.57 51.40 29.21
N PRO W 52 -6.31 51.61 29.64
CA PRO W 52 -5.42 52.59 29.03
C PRO W 52 -5.04 52.19 27.59
N THR W 53 -5.38 53.03 26.62
CA THR W 53 -5.23 52.71 25.18
C THR W 53 -4.73 53.96 24.49
N LYS W 54 -3.81 53.78 23.56
CA LYS W 54 -3.15 54.89 22.85
C LYS W 54 -3.35 54.62 21.35
N ILE W 55 -4.14 55.44 20.66
CA ILE W 55 -4.42 55.27 19.21
C ILE W 55 -3.72 56.39 18.43
N GLY W 56 -2.87 56.02 17.47
CA GLY W 56 -2.05 56.97 16.70
C GLY W 56 -2.89 57.84 15.78
N LYS W 57 -2.30 58.27 14.66
CA LYS W 57 -2.80 59.35 13.77
C LYS W 57 -3.46 58.74 12.53
N HIS W 58 -4.41 59.45 11.93
CA HIS W 58 -5.08 59.05 10.66
C HIS W 58 -5.52 57.57 10.70
N ASN W 59 -6.19 57.10 11.75
CA ASN W 59 -6.81 55.76 11.77
C ASN W 59 -8.30 55.92 11.46
N ARG W 60 -8.93 54.90 10.85
CA ARG W 60 -10.37 54.86 10.50
C ARG W 60 -10.82 53.60 11.28
N ILE W 61 -11.65 53.73 12.33
CA ILE W 61 -12.25 52.58 13.10
C ILE W 61 -13.76 52.56 12.94
N TYR W 62 -14.35 51.41 12.59
CA TYR W 62 -15.79 51.31 12.22
C TYR W 62 -16.64 50.78 13.37
N GLN W 63 -17.95 50.77 13.12
CA GLN W 63 -19.05 50.42 14.07
C GLN W 63 -18.86 49.03 14.68
N PHE W 64 -19.38 48.78 15.90
CA PHE W 64 -19.54 47.45 16.56
C PHE W 64 -18.18 46.89 17.02
N SER W 65 -17.15 47.73 16.86
CA SER W 65 -15.76 47.47 17.26
C SER W 65 -15.64 47.77 18.76
N SER W 66 -15.03 46.84 19.47
CA SER W 66 -14.81 46.92 20.94
C SER W 66 -13.29 46.87 21.13
N VAL W 67 -12.66 48.04 21.01
CA VAL W 67 -11.18 48.23 20.99
C VAL W 67 -10.67 48.70 22.35
N GLY W 68 -9.88 47.84 22.99
CA GLY W 68 -9.23 48.10 24.29
C GLY W 68 -10.03 47.52 25.44
N GLU W 69 -10.81 46.46 25.23
CA GLU W 69 -11.52 45.73 26.32
C GLU W 69 -10.52 44.79 27.02
N ASP W 70 -10.80 44.29 28.23
CA ASP W 70 -9.89 43.38 29.00
C ASP W 70 -9.93 41.99 28.34
N THR W 71 -8.89 41.16 28.35
CA THR W 71 -9.15 39.83 27.72
C THR W 71 -10.06 39.04 28.66
N PRO W 72 -11.00 38.19 28.18
CA PRO W 72 -11.87 37.44 29.06
C PRO W 72 -11.16 36.32 29.81
N ASP W 73 -10.07 35.78 29.22
CA ASP W 73 -9.11 34.74 29.71
C ASP W 73 -8.93 34.93 31.22
N LEU W 74 -9.01 33.89 32.04
CA LEU W 74 -9.17 34.09 33.52
C LEU W 74 -7.81 34.45 34.14
N LYS W 75 -6.74 34.00 33.47
CA LYS W 75 -5.34 34.41 33.58
C LYS W 75 -5.29 35.88 34.05
N TYR W 76 -5.85 36.81 33.28
CA TYR W 76 -5.87 38.26 33.54
C TYR W 76 -6.83 38.55 34.68
N LYS W 77 -6.32 39.14 35.80
CA LYS W 77 -7.18 39.51 36.90
C LYS W 77 -7.34 41.02 37.04
N GLY W 78 -7.42 41.77 35.94
CA GLY W 78 -7.78 43.20 35.99
C GLY W 78 -6.58 44.12 36.19
N GLU W 79 -5.34 43.57 36.25
CA GLU W 79 -4.12 44.41 36.38
C GLU W 79 -4.21 45.50 35.29
N PRO W 80 -3.54 46.67 35.39
CA PRO W 80 -4.03 47.85 34.69
C PRO W 80 -3.25 48.02 33.37
N THR W 81 -3.32 47.03 32.46
CA THR W 81 -2.44 46.86 31.25
C THR W 81 -2.87 47.75 30.08
N ARG W 82 -2.12 47.74 28.97
CA ARG W 82 -2.24 48.75 27.89
C ARG W 82 -2.48 48.06 26.53
N LEU W 83 -3.12 48.82 25.63
CA LEU W 83 -3.18 48.65 24.15
C LEU W 83 -2.58 49.88 23.49
N VAL W 84 -1.84 49.65 22.40
CA VAL W 84 -1.17 50.70 21.59
C VAL W 84 -1.42 50.40 20.11
N ILE W 85 -1.92 51.40 19.38
CA ILE W 85 -2.15 51.33 17.90
C ILE W 85 -1.39 52.47 17.25
N GLY W 86 -0.58 52.16 16.23
CA GLY W 86 0.16 53.16 15.44
C GLY W 86 -0.77 54.00 14.57
N ASP W 87 -0.28 54.36 13.37
CA ASP W 87 -0.87 55.38 12.47
C ASP W 87 -1.41 54.69 11.21
N HIS W 88 -2.26 55.38 10.44
CA HIS W 88 -2.81 54.94 9.12
C HIS W 88 -3.32 53.49 9.19
N ASN W 89 -3.98 53.10 10.28
CA ASN W 89 -4.57 51.74 10.36
C ASN W 89 -6.05 51.83 10.03
N VAL W 90 -6.59 50.72 9.53
CA VAL W 90 -8.06 50.56 9.34
C VAL W 90 -8.56 49.35 10.12
N ILE W 91 -9.57 49.62 10.95
CA ILE W 91 -10.23 48.59 11.77
C ILE W 91 -11.69 48.55 11.36
N ARG W 92 -12.06 47.52 10.61
CA ARG W 92 -13.40 47.37 10.01
C ARG W 92 -14.44 47.00 11.07
N GLU W 93 -15.66 46.74 10.59
CA GLU W 93 -16.86 46.59 11.42
C GLU W 93 -16.68 45.36 12.35
N GLY W 94 -16.80 45.55 13.67
CA GLY W 94 -17.03 44.46 14.64
C GLY W 94 -15.75 43.87 15.20
N VAL W 95 -14.64 44.52 14.93
CA VAL W 95 -13.34 44.01 15.38
C VAL W 95 -13.27 44.15 16.91
N THR W 96 -12.63 43.17 17.52
CA THR W 96 -12.29 43.17 18.97
C THR W 96 -10.77 43.19 19.11
N ILE W 97 -10.28 44.10 19.94
CA ILE W 97 -8.83 44.16 20.30
C ILE W 97 -8.77 44.27 21.82
N HIS W 98 -8.05 43.35 22.46
CA HIS W 98 -7.98 43.21 23.93
C HIS W 98 -6.62 43.74 24.42
N ARG W 99 -6.59 44.40 25.56
CA ARG W 99 -5.29 44.86 26.12
C ARG W 99 -4.62 43.65 26.79
N GLY W 100 -3.29 43.75 26.81
CA GLY W 100 -2.32 42.83 27.42
C GLY W 100 -2.73 42.33 28.79
N THR W 101 -1.85 41.48 29.32
CA THR W 101 -1.88 40.80 30.64
C THR W 101 -0.52 41.08 31.25
N VAL W 102 -0.37 41.21 32.57
CA VAL W 102 1.00 41.44 33.15
C VAL W 102 1.88 40.19 32.90
N GLN W 103 1.28 39.01 32.85
CA GLN W 103 1.96 37.70 32.61
C GLN W 103 2.95 37.81 31.43
N ASP W 104 2.64 38.41 30.29
CA ASP W 104 3.59 38.54 29.11
C ASP W 104 4.11 39.98 29.12
N ARG W 105 3.93 40.83 28.11
CA ARG W 105 4.63 42.14 28.11
C ARG W 105 3.67 43.23 28.57
N ALA W 106 2.46 42.90 28.99
CA ALA W 106 1.53 43.86 29.61
C ALA W 106 1.00 44.82 28.55
N GLU W 107 1.18 44.49 27.28
CA GLU W 107 0.73 45.37 26.17
C GLU W 107 0.50 44.52 24.93
N THR W 108 -0.69 44.78 24.35
CA THR W 108 -1.14 44.45 22.97
C THR W 108 -0.75 45.62 22.07
N THR W 109 -0.18 45.36 20.90
CA THR W 109 0.52 46.39 20.09
C THR W 109 0.26 46.24 18.60
N ILE W 110 -0.10 47.35 17.95
CA ILE W 110 -0.32 47.36 16.48
C ILE W 110 0.48 48.52 15.89
N GLY W 111 1.19 48.24 14.80
CA GLY W 111 2.06 49.19 14.08
C GLY W 111 1.27 50.11 13.18
N ASP W 112 1.75 50.36 11.96
CA ASP W 112 1.18 51.35 11.01
C ASP W 112 0.62 50.62 9.76
N HIS W 113 -0.27 51.27 9.00
CA HIS W 113 -0.72 50.87 7.63
C HIS W 113 -1.37 49.47 7.59
N ASN W 114 -1.84 48.96 8.73
CA ASN W 114 -2.51 47.64 8.80
C ASN W 114 -3.99 47.76 8.47
N LEU W 115 -4.49 46.73 7.81
CA LEU W 115 -5.92 46.56 7.46
C LEU W 115 -6.45 45.35 8.22
N ILE W 116 -7.34 45.60 9.16
CA ILE W 116 -7.96 44.53 9.99
C ILE W 116 -9.45 44.52 9.67
N MET W 117 -9.91 43.48 8.98
CA MET W 117 -11.28 43.48 8.43
C MET W 117 -12.26 42.93 9.44
N ALA W 118 -13.50 42.85 9.02
CA ALA W 118 -14.67 42.70 9.90
C ALA W 118 -14.57 41.48 10.83
N TYR W 119 -15.03 41.62 12.07
CA TYR W 119 -15.29 40.54 13.05
C TYR W 119 -13.94 39.85 13.40
N ALA W 120 -12.80 40.43 13.00
CA ALA W 120 -11.47 39.92 13.39
C ALA W 120 -11.30 40.08 14.89
N HIS W 121 -10.45 39.25 15.48
CA HIS W 121 -10.10 39.31 16.92
C HIS W 121 -8.58 39.37 17.08
N ILE W 122 -8.11 40.22 17.99
CA ILE W 122 -6.66 40.38 18.28
C ILE W 122 -6.46 40.27 19.80
N GLY W 123 -6.26 39.06 20.32
CA GLY W 123 -6.30 38.71 21.75
C GLY W 123 -5.15 39.34 22.53
N HIS W 124 -5.27 39.28 23.87
CA HIS W 124 -4.28 39.86 24.82
C HIS W 124 -2.86 39.67 24.31
N ASP W 125 -2.07 40.74 24.26
CA ASP W 125 -0.59 40.66 24.15
C ASP W 125 -0.13 40.36 22.73
N SER W 126 -1.05 40.22 21.79
CA SER W 126 -0.67 40.01 20.37
C SER W 126 0.08 41.28 19.92
N VAL W 127 0.83 41.18 18.83
CA VAL W 127 1.72 42.27 18.35
C VAL W 127 1.76 42.28 16.83
N ILE W 128 1.30 43.35 16.22
CA ILE W 128 1.22 43.45 14.74
C ILE W 128 2.15 44.55 14.24
N GLY W 129 2.88 44.25 13.17
CA GLY W 129 3.86 45.13 12.53
C GLY W 129 3.16 46.14 11.64
N ASN W 130 3.51 46.19 10.35
CA ASN W 130 3.01 47.21 9.38
C ASN W 130 2.51 46.54 8.10
N HIS W 131 1.59 47.20 7.39
CA HIS W 131 1.10 46.78 6.06
C HIS W 131 0.61 45.31 6.13
N CYS W 132 0.14 44.88 7.29
CA CYS W 132 -0.44 43.52 7.43
C CYS W 132 -1.90 43.60 6.98
N ILE W 133 -2.43 42.49 6.49
CA ILE W 133 -3.90 42.35 6.29
C ILE W 133 -4.41 41.13 7.06
N LEU W 134 -5.29 41.39 8.01
CA LEU W 134 -6.09 40.34 8.69
C LEU W 134 -7.48 40.40 8.09
N VAL W 135 -7.85 39.38 7.33
CA VAL W 135 -9.16 39.33 6.65
C VAL W 135 -10.24 38.92 7.66
N ASN W 136 -11.50 39.07 7.28
CA ASN W 136 -12.71 38.80 8.10
C ASN W 136 -12.48 37.62 9.05
N ASN W 137 -12.72 37.83 10.36
CA ASN W 137 -12.87 36.78 11.41
C ASN W 137 -11.55 36.09 11.70
N THR W 138 -10.45 36.51 11.08
CA THR W 138 -9.12 36.17 11.56
C THR W 138 -9.09 36.39 13.07
N ALA W 139 -8.38 35.49 13.76
CA ALA W 139 -8.41 35.41 15.23
C ALA W 139 -7.02 35.02 15.76
N LEU W 140 -6.44 35.91 16.57
CA LEU W 140 -5.13 35.72 17.22
C LEU W 140 -5.39 35.42 18.69
N ALA W 141 -5.30 34.16 19.10
CA ALA W 141 -5.80 33.68 20.42
C ALA W 141 -5.19 34.51 21.55
N GLY W 142 -3.90 34.80 21.41
CA GLY W 142 -3.12 35.60 22.37
C GLY W 142 -1.61 35.47 22.15
N HIS W 143 -0.89 36.54 22.50
CA HIS W 143 0.59 36.67 22.43
C HIS W 143 1.08 36.28 21.04
N VAL W 144 0.28 36.49 20.02
CA VAL W 144 0.66 36.19 18.61
C VAL W 144 1.43 37.39 18.08
N HIS W 145 2.60 37.16 17.49
CA HIS W 145 3.39 38.20 16.76
C HIS W 145 3.21 37.97 15.27
N VAL W 146 2.72 39.00 14.57
CA VAL W 146 2.54 39.05 13.09
C VAL W 146 3.52 40.10 12.57
N ASP W 147 4.59 39.64 11.92
CA ASP W 147 5.62 40.52 11.31
C ASP W 147 5.04 41.11 10.01
N ASP W 148 5.76 42.02 9.36
CA ASP W 148 5.19 42.99 8.38
C ASP W 148 4.72 42.30 7.10
N TRP W 149 3.71 42.88 6.44
CA TRP W 149 3.27 42.49 5.06
C TRP W 149 2.51 41.15 5.08
N ALA W 150 2.42 40.53 6.24
CA ALA W 150 1.75 39.22 6.36
C ALA W 150 0.30 39.43 5.95
N ILE W 151 -0.27 38.39 5.39
CA ILE W 151 -1.69 38.35 5.00
C ILE W 151 -2.29 37.08 5.57
N LEU W 152 -3.30 37.26 6.41
CA LEU W 152 -4.09 36.13 6.94
C LEU W 152 -5.45 36.19 6.25
N SER W 153 -5.68 35.26 5.31
CA SER W 153 -7.00 35.09 4.63
C SER W 153 -8.09 34.93 5.69
N GLY W 154 -9.35 34.96 5.27
CA GLY W 154 -10.52 34.97 6.16
C GLY W 154 -10.55 33.78 7.10
N TYR W 155 -11.00 33.98 8.33
CA TYR W 155 -11.27 32.88 9.29
C TYR W 155 -10.00 32.06 9.50
N THR W 156 -8.86 32.75 9.49
CA THR W 156 -7.55 32.18 9.87
C THR W 156 -7.44 32.24 11.40
N LEU W 157 -7.09 31.10 12.02
CA LEU W 157 -7.05 30.94 13.48
C LEU W 157 -5.61 30.66 13.89
N VAL W 158 -5.11 31.36 14.92
CA VAL W 158 -3.67 31.34 15.26
C VAL W 158 -3.50 31.09 16.77
N HIS W 159 -2.92 29.94 17.16
CA HIS W 159 -2.99 29.41 18.56
C HIS W 159 -2.02 30.27 19.39
N GLN W 160 -2.32 30.40 20.71
CA GLN W 160 -1.55 31.17 21.73
C GLN W 160 -0.10 31.16 21.21
N TYR W 161 0.61 32.29 21.15
CA TYR W 161 2.10 32.40 21.09
C TYR W 161 2.74 32.13 19.71
N CYS W 162 1.98 31.85 18.66
CA CYS W 162 2.58 31.59 17.32
C CYS W 162 3.15 32.87 16.72
N ARG W 163 4.20 32.75 15.92
CA ARG W 163 4.82 33.86 15.15
C ARG W 163 4.50 33.65 13.69
N ILE W 164 3.82 34.63 13.10
CA ILE W 164 3.57 34.70 11.63
C ILE W 164 4.66 35.58 11.06
N GLY W 165 5.72 34.96 10.49
CA GLY W 165 6.84 35.66 9.83
C GLY W 165 6.36 36.56 8.70
N ALA W 166 7.21 37.49 8.26
CA ALA W 166 6.87 38.56 7.31
C ALA W 166 6.59 38.05 5.89
N HIS W 167 5.64 38.68 5.20
CA HIS W 167 5.18 38.34 3.82
C HIS W 167 4.53 36.97 3.80
N SER W 168 4.45 36.31 4.94
CA SER W 168 3.80 35.00 5.02
C SER W 168 2.33 35.19 4.63
N PHE W 169 1.66 34.09 4.37
CA PHE W 169 0.29 34.06 3.85
C PHE W 169 -0.42 32.80 4.34
N SER W 170 -1.51 32.97 5.07
CA SER W 170 -2.44 31.87 5.41
C SER W 170 -3.63 31.91 4.45
N GLY W 171 -4.07 30.74 3.97
CA GLY W 171 -5.30 30.61 3.16
C GLY W 171 -6.52 30.67 4.06
N MET W 172 -7.74 30.67 3.49
CA MET W 172 -8.98 30.84 4.30
C MET W 172 -9.17 29.58 5.13
N GLY W 173 -9.76 29.72 6.32
CA GLY W 173 -9.98 28.64 7.30
C GLY W 173 -8.70 27.94 7.72
N SER W 174 -7.54 28.55 7.56
CA SER W 174 -6.26 27.99 8.09
C SER W 174 -6.33 27.97 9.61
N ALA W 175 -5.78 26.90 10.20
CA ALA W 175 -5.74 26.65 11.65
C ALA W 175 -4.29 26.50 12.12
N ILE W 176 -3.65 27.63 12.39
CA ILE W 176 -2.18 27.72 12.55
C ILE W 176 -1.82 27.40 14.00
N GLY W 177 -1.24 26.23 14.25
CA GLY W 177 -0.88 25.74 15.60
C GLY W 177 0.58 25.98 15.94
N LYS W 178 1.37 26.44 14.97
CA LYS W 178 2.85 26.60 15.12
C LYS W 178 3.34 27.67 14.16
N ASP W 179 4.55 28.16 14.38
CA ASP W 179 5.07 29.34 13.64
C ASP W 179 4.96 29.17 12.13
N VAL W 180 4.68 30.27 11.44
CA VAL W 180 4.74 30.36 9.95
C VAL W 180 5.96 31.20 9.57
N PRO W 181 6.95 30.56 8.90
CA PRO W 181 8.16 31.26 8.50
C PRO W 181 7.87 32.40 7.54
N ALA W 182 8.72 33.40 7.50
CA ALA W 182 8.66 34.50 6.51
C ALA W 182 8.34 33.91 5.13
N TYR W 183 7.46 34.55 4.37
CA TYR W 183 7.20 34.29 2.93
C TYR W 183 6.37 33.02 2.70
N VAL W 184 6.15 32.18 3.70
CA VAL W 184 5.56 30.83 3.46
C VAL W 184 4.03 30.96 3.29
N THR W 185 3.46 30.19 2.36
CA THR W 185 2.00 30.03 2.20
C THR W 185 1.60 28.78 3.00
N VAL W 186 0.61 28.90 3.87
CA VAL W 186 0.09 27.74 4.66
C VAL W 186 -1.42 27.66 4.47
N PHE W 187 -1.97 26.45 4.51
CA PHE W 187 -3.37 26.18 4.18
C PHE W 187 -3.92 25.08 5.08
N GLY W 188 -5.16 25.25 5.56
CA GLY W 188 -6.02 24.17 6.04
C GLY W 188 -5.92 23.91 7.54
N ASN W 189 -6.60 22.85 7.97
CA ASN W 189 -6.79 22.52 9.40
C ASN W 189 -6.35 21.08 9.64
N PRO W 190 -5.13 20.89 10.17
CA PRO W 190 -4.32 21.99 10.69
C PRO W 190 -3.45 22.54 9.55
N ALA W 191 -3.12 23.83 9.61
CA ALA W 191 -2.23 24.54 8.65
C ALA W 191 -1.05 23.64 8.28
N GLU W 192 -0.78 23.45 6.98
CA GLU W 192 0.50 22.90 6.45
C GLU W 192 1.12 23.95 5.54
N ALA W 193 2.44 23.82 5.30
CA ALA W 193 3.19 24.67 4.34
C ALA W 193 2.81 24.19 2.93
N ARG W 194 2.74 25.07 1.93
CA ARG W 194 2.56 24.67 0.51
C ARG W 194 3.70 25.22 -0.34
N SER W 195 3.80 26.55 -0.43
CA SER W 195 4.80 27.27 -1.25
C SER W 195 5.36 28.44 -0.46
N MET W 196 6.10 29.28 -1.15
CA MET W 196 6.35 30.67 -0.70
C MET W 196 5.44 31.57 -1.52
N ASN W 197 5.28 32.78 -1.02
CA ASN W 197 4.28 33.76 -1.46
C ASN W 197 4.94 34.63 -2.52
N PHE W 198 5.12 34.06 -3.70
CA PHE W 198 5.83 34.74 -4.81
C PHE W 198 5.02 35.99 -5.11
N GLU W 199 3.70 35.87 -5.01
CA GLU W 199 2.79 37.01 -5.20
C GLU W 199 3.42 38.25 -4.53
N GLY W 200 3.32 38.34 -3.22
CA GLY W 200 3.67 39.54 -2.44
C GLY W 200 5.16 39.80 -2.45
N MET W 201 5.94 38.93 -3.11
CA MET W 201 7.38 39.16 -3.44
C MET W 201 7.47 40.01 -4.69
N ARG W 202 6.69 39.70 -5.74
CA ARG W 202 6.65 40.53 -6.97
C ARG W 202 6.13 41.88 -6.49
N ARG W 203 5.10 41.91 -5.63
CA ARG W 203 4.52 43.16 -5.08
C ARG W 203 5.62 44.00 -4.43
N ARG W 204 6.54 43.42 -3.66
CA ARG W 204 7.64 44.21 -3.04
C ARG W 204 8.76 44.52 -4.05
N GLY W 205 8.64 44.05 -5.30
CA GLY W 205 9.64 44.27 -6.36
C GLY W 205 10.97 43.58 -6.06
N PHE W 206 10.95 42.46 -5.33
CA PHE W 206 12.14 41.61 -5.09
C PHE W 206 12.85 41.30 -6.40
N SER W 207 14.18 41.18 -6.38
CA SER W 207 14.98 40.79 -7.58
C SER W 207 14.60 39.37 -7.94
N SER W 208 14.78 38.95 -9.20
CA SER W 208 14.46 37.56 -9.58
C SER W 208 15.42 36.63 -8.86
N GLU W 209 16.71 36.99 -8.71
CA GLU W 209 17.71 36.11 -8.01
C GLU W 209 17.13 35.81 -6.63
N ALA W 210 16.61 36.85 -5.96
CA ALA W 210 16.12 36.77 -4.57
C ALA W 210 14.93 35.83 -4.53
N ILE W 211 14.00 35.97 -5.48
CA ILE W 211 12.84 35.05 -5.56
C ILE W 211 13.37 33.61 -5.70
N HIS W 212 14.10 33.30 -6.78
CA HIS W 212 14.69 31.96 -7.03
C HIS W 212 15.36 31.46 -5.76
N ALA W 213 16.14 32.31 -5.08
CA ALA W 213 16.95 31.95 -3.88
C ALA W 213 16.04 31.52 -2.73
N LEU W 214 14.87 32.17 -2.66
CA LEU W 214 13.82 31.92 -1.65
C LEU W 214 13.09 30.62 -1.99
N ARG W 215 12.84 30.35 -3.26
CA ARG W 215 12.33 29.02 -3.67
C ARG W 215 13.39 27.99 -3.22
N ARG W 216 14.67 28.13 -3.59
CA ARG W 216 15.74 27.17 -3.20
C ARG W 216 15.58 26.93 -1.69
N ALA W 217 15.47 28.02 -0.93
CA ALA W 217 15.46 28.01 0.54
C ALA W 217 14.27 27.19 1.05
N TYR W 218 13.08 27.41 0.49
CA TYR W 218 11.87 26.63 0.84
C TYR W 218 12.21 25.15 0.69
N LYS W 219 12.63 24.82 -0.53
CA LYS W 219 12.86 23.43 -1.00
C LYS W 219 13.71 22.76 0.09
N VAL W 220 14.71 23.47 0.61
CA VAL W 220 15.72 22.94 1.57
C VAL W 220 15.03 22.45 2.85
N VAL W 221 14.34 23.39 3.46
CA VAL W 221 13.66 23.22 4.77
C VAL W 221 12.72 22.01 4.66
N TYR W 222 11.79 22.16 3.73
CA TYR W 222 10.53 21.39 3.59
C TYR W 222 10.76 20.17 2.70
N ARG W 223 10.83 20.41 1.38
CA ARG W 223 10.80 19.33 0.38
C ARG W 223 12.16 18.57 0.27
N GLN W 224 13.20 18.78 1.07
CA GLN W 224 14.41 17.91 0.98
C GLN W 224 14.48 16.98 2.20
N GLY W 225 13.44 17.05 3.03
CA GLY W 225 13.44 16.60 4.44
C GLY W 225 14.85 16.60 5.03
N HIS W 226 15.54 17.72 4.98
CA HIS W 226 16.61 17.94 5.99
C HIS W 226 15.87 18.03 7.34
N THR W 227 16.52 17.81 8.48
CA THR W 227 15.97 18.21 9.82
C THR W 227 15.67 19.72 9.79
N VAL W 228 15.18 20.28 10.89
CA VAL W 228 15.07 21.76 11.04
C VAL W 228 16.51 22.28 11.11
N GLU W 229 17.31 21.80 12.07
CA GLU W 229 18.71 22.24 12.27
C GLU W 229 19.52 22.08 10.99
N GLU W 230 19.35 20.94 10.33
CA GLU W 230 20.14 20.56 9.13
C GLU W 230 19.96 21.66 8.11
N ALA W 231 18.72 22.11 7.94
CA ALA W 231 18.38 23.10 6.88
C ALA W 231 18.96 24.45 7.26
N LEU W 232 18.78 24.88 8.51
CA LEU W 232 19.30 26.19 8.99
C LEU W 232 20.78 26.32 8.61
N ALA W 233 21.47 25.19 8.71
CA ALA W 233 22.88 25.02 8.33
C ALA W 233 23.07 25.31 6.84
N GLU W 234 22.30 24.62 6.01
CA GLU W 234 22.36 24.74 4.53
C GLU W 234 22.21 26.22 4.16
N LEU W 235 21.15 26.83 4.68
CA LEU W 235 20.69 28.19 4.30
C LEU W 235 21.83 29.21 4.46
N ALA W 236 22.52 29.22 5.62
CA ALA W 236 23.79 29.95 5.90
C ALA W 236 24.38 30.67 4.68
N GLU W 237 24.91 29.93 3.68
CA GLU W 237 25.43 30.48 2.38
C GLU W 237 24.35 31.39 1.75
N SER W 238 23.25 30.77 1.29
CA SER W 238 22.01 31.40 0.71
C SER W 238 21.72 32.75 1.42
N ALA W 239 21.94 32.82 2.74
CA ALA W 239 21.42 33.87 3.62
C ALA W 239 22.41 35.04 3.74
N ALA W 240 23.70 34.74 3.60
CA ALA W 240 24.72 35.80 3.48
C ALA W 240 24.47 36.57 2.18
N GLN W 241 24.31 35.77 1.13
CA GLN W 241 24.12 36.21 -0.26
C GLN W 241 22.92 37.15 -0.35
N PHE W 242 21.80 36.87 0.34
CA PHE W 242 20.50 37.54 0.13
C PHE W 242 19.87 37.87 1.46
N PRO W 243 19.95 39.14 1.89
CA PRO W 243 19.13 39.62 3.00
C PRO W 243 17.71 39.07 3.01
N GLU W 244 17.09 38.87 1.84
CA GLU W 244 15.68 38.33 1.76
C GLU W 244 15.62 36.91 2.39
N VAL W 245 16.61 36.06 2.09
CA VAL W 245 16.69 34.67 2.60
C VAL W 245 16.97 34.74 4.09
N ALA W 246 17.90 35.63 4.45
CA ALA W 246 18.36 35.86 5.83
C ALA W 246 17.13 35.87 6.74
N VAL W 247 16.19 36.74 6.43
CA VAL W 247 14.85 36.88 7.07
C VAL W 247 14.16 35.53 7.30
N PHE W 248 14.13 34.72 6.24
CA PHE W 248 13.49 33.40 6.21
C PHE W 248 14.24 32.48 7.16
N ARG W 249 15.58 32.40 7.05
CA ARG W 249 16.38 31.61 8.03
C ARG W 249 16.06 32.13 9.44
N ASP W 250 16.20 33.44 9.66
CA ASP W 250 15.95 34.09 10.97
C ASP W 250 14.55 33.71 11.46
N SER W 251 13.50 33.70 10.64
CA SER W 251 12.16 33.29 11.14
C SER W 251 12.30 31.88 11.74
N ILE W 252 12.81 30.94 10.95
CA ILE W 252 12.88 29.50 11.32
C ILE W 252 13.75 29.33 12.56
N GLN W 253 14.86 30.05 12.60
CA GLN W 253 15.75 30.09 13.78
C GLN W 253 14.91 30.08 15.05
N SER W 254 14.44 31.26 15.44
CA SER W 254 13.92 31.54 16.79
C SER W 254 12.45 31.13 16.78
N ALA W 255 12.22 29.92 16.28
CA ALA W 255 11.01 29.13 16.51
C ALA W 255 11.39 27.83 17.23
N THR W 256 12.56 27.27 16.90
CA THR W 256 13.02 25.95 17.42
C THR W 256 14.28 26.22 18.26
N ARG W 257 14.25 26.14 19.59
CA ARG W 257 15.55 26.07 20.31
C ARG W 257 15.84 24.62 20.65
N GLY W 258 14.82 23.77 20.78
CA GLY W 258 14.98 22.33 21.14
C GLY W 258 15.67 22.12 22.50
N ILE W 259 15.91 20.87 22.83
CA ILE W 259 16.53 20.44 24.12
C ILE W 259 17.81 19.68 23.80
N THR W 260 18.68 19.48 24.79
CA THR W 260 19.82 18.54 24.70
C THR W 260 19.26 17.14 24.49
N ARG W 261 19.57 16.52 23.35
CA ARG W 261 19.33 15.06 23.13
C ARG W 261 20.53 14.33 23.72
N SER X 5 -45.40 57.59 14.15
CA SER X 5 -44.66 56.67 15.09
C SER X 5 -43.58 55.87 14.38
N LEU X 6 -43.71 55.48 13.09
CA LEU X 6 -43.04 54.35 12.37
C LEU X 6 -41.51 54.36 12.44
N ILE X 7 -40.95 55.49 12.02
CA ILE X 7 -39.50 55.78 12.00
C ILE X 7 -39.17 56.41 13.37
N ASP X 8 -38.46 55.66 14.21
CA ASP X 8 -38.03 56.10 15.56
C ASP X 8 -37.37 57.48 15.47
N PRO X 9 -37.61 58.37 16.43
CA PRO X 9 -36.96 59.68 16.40
C PRO X 9 -35.46 59.55 16.70
N ARG X 10 -34.99 58.52 17.41
CA ARG X 10 -33.53 58.47 17.77
C ARG X 10 -32.71 57.94 16.59
N ALA X 11 -33.37 57.56 15.50
CA ALA X 11 -32.73 57.05 14.26
C ALA X 11 -32.32 58.26 13.42
N ILE X 12 -31.30 58.09 12.58
CA ILE X 12 -30.83 59.17 11.65
C ILE X 12 -31.21 58.77 10.23
N ILE X 13 -31.90 59.66 9.54
CA ILE X 13 -32.24 59.46 8.11
C ILE X 13 -31.66 60.62 7.30
N ASP X 14 -30.81 60.33 6.33
CA ASP X 14 -30.28 61.32 5.40
C ASP X 14 -31.45 61.98 4.66
N PRO X 15 -31.39 63.31 4.39
CA PRO X 15 -32.41 63.93 3.53
C PRO X 15 -32.44 63.26 2.16
N SER X 16 -31.30 62.81 1.66
CA SER X 16 -31.18 62.22 0.30
C SER X 16 -31.81 60.81 0.28
N ALA X 17 -31.92 60.11 1.40
CA ALA X 17 -32.52 58.74 1.47
C ALA X 17 -34.01 58.83 1.12
N ARG X 18 -34.64 57.73 0.71
CA ARG X 18 -36.07 57.80 0.33
C ARG X 18 -36.73 56.43 0.60
N LEU X 19 -37.80 56.44 1.43
CA LEU X 19 -38.44 55.30 2.15
C LEU X 19 -39.96 55.26 1.87
N ALA X 20 -40.51 54.16 1.33
CA ALA X 20 -41.97 54.01 1.11
C ALA X 20 -42.73 54.22 2.42
N ALA X 21 -44.04 54.52 2.35
CA ALA X 21 -44.86 55.09 3.46
C ALA X 21 -44.66 54.30 4.78
N ASP X 22 -44.95 52.99 4.76
CA ASP X 22 -45.12 52.13 5.96
C ASP X 22 -43.81 51.39 6.30
N VAL X 23 -42.67 51.94 5.88
CA VAL X 23 -41.34 51.47 6.35
C VAL X 23 -41.22 51.88 7.81
N GLN X 24 -40.57 51.01 8.59
CA GLN X 24 -40.17 51.32 9.99
C GLN X 24 -38.66 51.29 10.13
N VAL X 25 -38.15 52.10 11.07
CA VAL X 25 -36.73 52.12 11.47
C VAL X 25 -36.66 52.19 12.99
N GLY X 26 -36.01 51.18 13.61
CA GLY X 26 -35.76 51.12 15.06
C GLY X 26 -34.83 52.25 15.46
N PRO X 27 -34.60 52.48 16.77
CA PRO X 27 -33.72 53.55 17.22
C PRO X 27 -32.24 53.34 16.89
N TRP X 28 -31.47 54.43 16.71
CA TRP X 28 -29.98 54.41 16.60
C TRP X 28 -29.54 53.74 15.30
N SER X 29 -30.50 53.52 14.41
CA SER X 29 -30.20 53.01 13.07
C SER X 29 -29.95 54.24 12.21
N ILE X 30 -29.04 54.09 11.25
CA ILE X 30 -28.64 55.18 10.30
C ILE X 30 -29.05 54.71 8.92
N VAL X 31 -29.77 55.58 8.20
CA VAL X 31 -30.11 55.34 6.77
C VAL X 31 -29.31 56.36 5.96
N GLY X 32 -28.03 56.03 5.65
CA GLY X 32 -27.05 56.87 4.92
C GLY X 32 -27.67 57.49 3.68
N ALA X 33 -26.98 58.42 3.03
CA ALA X 33 -27.50 59.06 1.80
C ALA X 33 -27.72 57.96 0.75
N GLU X 34 -28.59 58.22 -0.23
CA GLU X 34 -28.72 57.40 -1.47
C GLU X 34 -29.30 56.03 -1.13
N VAL X 35 -29.87 55.85 0.05
CA VAL X 35 -30.48 54.56 0.44
C VAL X 35 -31.98 54.64 0.16
N GLU X 36 -32.48 53.66 -0.57
CA GLU X 36 -33.89 53.54 -0.99
C GLU X 36 -34.45 52.32 -0.27
N ILE X 37 -35.58 52.44 0.43
CA ILE X 37 -36.18 51.29 1.16
C ILE X 37 -37.63 51.10 0.71
N GLY X 38 -37.95 49.92 0.17
CA GLY X 38 -39.25 49.60 -0.43
C GLY X 38 -40.33 49.40 0.62
N GLU X 39 -41.58 49.43 0.18
CA GLU X 39 -42.82 49.25 1.00
C GLU X 39 -42.68 48.13 2.04
N GLY X 40 -43.15 48.37 3.28
CA GLY X 40 -43.40 47.34 4.32
C GLY X 40 -42.13 46.72 4.90
N THR X 41 -40.96 47.24 4.54
CA THR X 41 -39.66 46.78 5.10
C THR X 41 -39.58 47.27 6.54
N VAL X 42 -38.80 46.55 7.35
CA VAL X 42 -38.54 46.88 8.78
C VAL X 42 -37.05 46.91 9.03
N ILE X 43 -36.53 48.04 9.52
CA ILE X 43 -35.12 48.14 9.94
C ILE X 43 -35.10 48.08 11.48
N GLY X 44 -34.40 47.10 12.05
CA GLY X 44 -34.29 46.96 13.51
C GLY X 44 -33.54 48.15 14.13
N PRO X 45 -33.29 48.14 15.45
CA PRO X 45 -32.37 49.09 16.07
C PRO X 45 -30.89 48.88 15.68
N HIS X 46 -30.01 49.80 16.09
CA HIS X 46 -28.56 49.84 15.74
C HIS X 46 -28.26 49.18 14.37
N VAL X 47 -28.91 49.62 13.30
CA VAL X 47 -28.51 49.20 11.93
C VAL X 47 -27.77 50.37 11.29
N VAL X 48 -26.96 50.04 10.29
CA VAL X 48 -26.19 51.02 9.46
C VAL X 48 -26.44 50.64 8.01
N LEU X 49 -27.18 51.48 7.30
CA LEU X 49 -27.32 51.41 5.82
C LEU X 49 -26.47 52.53 5.21
N LYS X 50 -25.77 52.20 4.13
CA LYS X 50 -25.01 53.19 3.32
C LYS X 50 -25.36 52.89 1.89
N GLY X 51 -25.25 53.89 1.01
CA GLY X 51 -25.70 53.82 -0.39
C GLY X 51 -24.52 53.98 -1.36
N PRO X 52 -24.75 54.08 -2.69
CA PRO X 52 -26.08 53.93 -3.28
C PRO X 52 -26.60 52.50 -3.13
N THR X 53 -27.72 52.33 -2.45
CA THR X 53 -28.27 51.01 -2.09
C THR X 53 -29.77 51.05 -2.29
N LYS X 54 -30.33 49.98 -2.83
CA LYS X 54 -31.76 49.87 -3.13
C LYS X 54 -32.27 48.62 -2.41
N ILE X 55 -33.15 48.79 -1.43
CA ILE X 55 -33.73 47.67 -0.66
C ILE X 55 -35.21 47.53 -1.01
N GLY X 56 -35.61 46.34 -1.48
CA GLY X 56 -36.98 46.06 -1.96
C GLY X 56 -38.00 46.10 -0.82
N LYS X 57 -39.08 45.31 -0.96
CA LYS X 57 -40.33 45.39 -0.16
C LYS X 57 -40.33 44.28 0.89
N HIS X 58 -41.02 44.48 2.01
CA HIS X 58 -41.23 43.47 3.06
C HIS X 58 -39.90 42.76 3.43
N ASN X 59 -38.81 43.48 3.67
CA ASN X 59 -37.56 42.89 4.21
C ASN X 59 -37.52 43.16 5.72
N ARG X 60 -36.86 42.29 6.48
CA ARG X 60 -36.69 42.39 7.96
C ARG X 60 -35.15 42.39 8.07
N ILE X 61 -34.53 43.50 8.48
CA ILE X 61 -33.04 43.61 8.75
C ILE X 61 -32.79 43.89 10.23
N TYR X 62 -31.90 43.12 10.88
CA TYR X 62 -31.70 43.16 12.35
C TYR X 62 -30.48 43.99 12.73
N GLN X 63 -30.31 44.16 14.05
CA GLN X 63 -29.27 44.99 14.74
C GLN X 63 -27.85 44.60 14.31
N PHE X 64 -26.88 45.54 14.35
CA PHE X 64 -25.41 45.31 14.23
C PHE X 64 -25.00 44.96 12.79
N SER X 65 -26.01 45.04 11.91
CA SER X 65 -25.89 44.80 10.45
C SER X 65 -25.38 46.08 9.81
N SER X 66 -24.37 45.93 8.95
CA SER X 66 -23.70 47.04 8.24
C SER X 66 -23.90 46.72 6.75
N VAL X 67 -25.05 47.15 6.22
CA VAL X 67 -25.55 46.83 4.85
C VAL X 67 -25.32 48.00 3.89
N GLY X 68 -24.45 47.79 2.93
CA GLY X 68 -24.11 48.75 1.87
C GLY X 68 -22.84 49.53 2.20
N GLU X 69 -21.91 48.97 2.99
CA GLU X 69 -20.58 49.60 3.24
C GLU X 69 -19.67 49.30 2.04
N ASP X 70 -18.55 50.03 1.85
CA ASP X 70 -17.60 49.86 0.69
C ASP X 70 -16.83 48.55 0.94
N THR X 71 -16.36 47.77 -0.04
CA THR X 71 -15.56 46.60 0.39
C THR X 71 -14.22 47.11 0.88
N PRO X 72 -13.57 46.51 1.91
CA PRO X 72 -12.31 47.02 2.42
C PRO X 72 -11.15 46.77 1.46
N ASP X 73 -11.26 45.68 0.65
CA ASP X 73 -10.36 45.20 -0.45
C ASP X 73 -9.78 46.43 -1.16
N LEU X 74 -8.46 46.48 -1.38
CA LEU X 74 -7.80 47.77 -1.74
C LEU X 74 -8.04 48.07 -3.22
N LYS X 75 -8.26 47.01 -3.99
CA LYS X 75 -8.84 46.96 -5.36
C LYS X 75 -9.78 48.18 -5.53
N TYR X 76 -10.83 48.25 -4.74
CA TYR X 76 -11.86 49.32 -4.78
C TYR X 76 -11.29 50.61 -4.25
N LYS X 77 -11.24 51.68 -5.04
CA LYS X 77 -10.78 53.00 -4.52
C LYS X 77 -11.97 53.97 -4.53
N GLY X 78 -13.13 53.58 -4.02
CA GLY X 78 -14.22 54.53 -3.69
C GLY X 78 -15.12 54.89 -4.86
N GLU X 79 -14.90 54.30 -6.05
CA GLU X 79 -15.76 54.54 -7.25
C GLU X 79 -17.21 54.32 -6.78
N PRO X 80 -18.26 54.88 -7.43
CA PRO X 80 -19.51 55.15 -6.72
C PRO X 80 -20.51 53.99 -6.97
N THR X 81 -20.17 52.75 -6.61
CA THR X 81 -20.87 51.48 -6.99
C THR X 81 -22.12 51.22 -6.15
N ARG X 82 -22.88 50.15 -6.46
CA ARG X 82 -24.25 49.93 -5.94
C ARG X 82 -24.37 48.58 -5.25
N LEU X 83 -25.34 48.50 -4.32
CA LEU X 83 -25.97 47.29 -3.73
C LEU X 83 -27.47 47.34 -4.04
N VAL X 84 -28.02 46.16 -4.35
CA VAL X 84 -29.46 45.96 -4.64
C VAL X 84 -29.95 44.71 -3.90
N ILE X 85 -31.04 44.86 -3.15
CA ILE X 85 -31.71 43.76 -2.41
C ILE X 85 -33.16 43.71 -2.85
N GLY X 86 -33.63 42.52 -3.25
CA GLY X 86 -35.02 42.29 -3.64
C GLY X 86 -35.97 42.36 -2.46
N ASP X 87 -37.01 41.51 -2.48
CA ASP X 87 -38.19 41.57 -1.59
C ASP X 87 -38.19 40.36 -0.65
N HIS X 88 -38.97 40.41 0.43
CA HIS X 88 -39.20 39.29 1.40
C HIS X 88 -37.87 38.66 1.82
N ASN X 89 -36.82 39.44 2.05
CA ASN X 89 -35.54 38.88 2.54
C ASN X 89 -35.45 39.10 4.03
N VAL X 90 -34.70 38.22 4.70
CA VAL X 90 -34.33 38.38 6.13
C VAL X 90 -32.82 38.42 6.29
N ILE X 91 -32.37 39.49 6.95
CA ILE X 91 -30.94 39.71 7.25
C ILE X 91 -30.83 39.78 8.75
N ARG X 92 -30.30 38.70 9.33
CA ARG X 92 -30.21 38.53 10.81
C ARG X 92 -29.11 39.41 11.40
N GLU X 93 -28.89 39.23 12.70
CA GLU X 93 -28.05 40.12 13.53
C GLU X 93 -26.60 40.08 13.01
N GLY X 94 -26.02 41.24 12.66
CA GLY X 94 -24.56 41.41 12.49
C GLY X 94 -24.07 41.13 11.09
N VAL X 95 -25.00 41.01 10.16
CA VAL X 95 -24.62 40.69 8.77
C VAL X 95 -23.95 41.92 8.16
N THR X 96 -22.95 41.65 7.31
CA THR X 96 -22.26 42.66 6.49
C THR X 96 -22.54 42.36 5.02
N ILE X 97 -22.94 43.38 4.29
CA ILE X 97 -23.12 43.30 2.82
C ILE X 97 -22.41 44.51 2.22
N HIS X 98 -21.47 44.26 1.30
CA HIS X 98 -20.59 45.30 0.72
C HIS X 98 -21.06 45.60 -0.72
N ARG X 99 -21.01 46.84 -1.15
CA ARG X 99 -21.36 47.18 -2.54
C ARG X 99 -20.16 46.82 -3.42
N GLY X 100 -20.52 46.51 -4.68
CA GLY X 100 -19.66 46.18 -5.81
C GLY X 100 -18.42 47.05 -5.93
N THR X 101 -17.63 46.72 -6.95
CA THR X 101 -16.37 47.35 -7.39
C THR X 101 -16.56 47.61 -8.88
N VAL X 102 -15.98 48.65 -9.47
CA VAL X 102 -16.15 48.87 -10.94
C VAL X 102 -15.45 47.72 -11.70
N GLN X 103 -14.39 47.14 -11.15
CA GLN X 103 -13.60 46.02 -11.73
C GLN X 103 -14.52 44.92 -12.27
N ASP X 104 -15.58 44.47 -11.57
CA ASP X 104 -16.51 43.39 -12.05
C ASP X 104 -17.79 44.10 -12.52
N ARG X 105 -18.99 43.85 -11.97
CA ARG X 105 -20.20 44.45 -12.63
C ARG X 105 -20.66 45.66 -11.83
N ALA X 106 -19.91 46.10 -10.85
CA ALA X 106 -20.16 47.40 -10.16
C ALA X 106 -21.41 47.28 -9.29
N GLU X 107 -21.86 46.06 -9.02
CA GLU X 107 -23.07 45.84 -8.18
C GLU X 107 -23.00 44.46 -7.54
N THR X 108 -23.25 44.51 -6.23
CA THR X 108 -23.62 43.39 -5.32
C THR X 108 -25.14 43.26 -5.34
N THR X 109 -25.69 42.06 -5.46
CA THR X 109 -27.12 41.84 -5.79
C THR X 109 -27.73 40.68 -5.02
N ILE X 110 -28.90 40.92 -4.42
CA ILE X 110 -29.64 39.87 -3.69
C ILE X 110 -31.08 39.86 -4.20
N GLY X 111 -31.59 38.66 -4.48
CA GLY X 111 -32.94 38.41 -5.03
C GLY X 111 -34.00 38.47 -3.95
N ASP X 112 -34.96 37.54 -3.97
CA ASP X 112 -36.16 37.54 -3.08
C ASP X 112 -36.11 36.33 -2.12
N HIS X 113 -36.84 36.37 -1.01
CA HIS X 113 -37.15 35.21 -0.11
C HIS X 113 -35.88 34.54 0.48
N ASN X 114 -34.76 35.26 0.51
CA ASN X 114 -33.50 34.73 1.08
C ASN X 114 -33.44 34.96 2.58
N LEU X 115 -32.84 33.99 3.27
CA LEU X 115 -32.56 34.03 4.71
C LEU X 115 -31.06 34.05 4.91
N ILE X 116 -30.55 35.17 5.40
CA ILE X 116 -29.10 35.36 5.66
C ILE X 116 -28.94 35.52 7.17
N MET X 117 -28.34 34.52 7.81
CA MET X 117 -28.35 34.48 9.29
C MET X 117 -27.14 35.20 9.84
N ALA X 118 -27.04 35.18 11.16
CA ALA X 118 -26.18 36.10 11.93
C ALA X 118 -24.71 36.08 11.48
N TYR X 119 -24.06 37.25 11.48
CA TYR X 119 -22.59 37.46 11.34
C TYR X 119 -22.15 36.95 9.94
N ALA X 120 -23.08 36.65 9.04
CA ALA X 120 -22.76 36.27 7.64
C ALA X 120 -22.13 37.46 6.94
N HIS X 121 -21.32 37.20 5.92
CA HIS X 121 -20.68 38.25 5.09
C HIS X 121 -20.99 37.97 3.62
N ILE X 122 -21.30 39.04 2.87
CA ILE X 122 -21.59 38.96 1.42
C ILE X 122 -20.74 40.01 0.69
N GLY X 123 -19.52 39.64 0.29
CA GLY X 123 -18.46 40.55 -0.19
C GLY X 123 -18.80 41.19 -1.52
N HIS X 124 -18.02 42.22 -1.88
CA HIS X 124 -18.20 43.00 -3.13
C HIS X 124 -18.63 42.11 -4.29
N ASP X 125 -19.70 42.46 -4.98
CA ASP X 125 -20.03 41.94 -6.34
C ASP X 125 -20.65 40.54 -6.27
N SER X 126 -20.83 39.99 -5.07
CA SER X 126 -21.51 38.68 -4.93
C SER X 126 -22.94 38.86 -5.44
N VAL X 127 -23.61 37.75 -5.77
CA VAL X 127 -24.96 37.78 -6.39
C VAL X 127 -25.78 36.60 -5.90
N ILE X 128 -26.88 36.89 -5.20
CA ILE X 128 -27.73 35.82 -4.63
C ILE X 128 -29.10 35.84 -5.29
N GLY X 129 -29.60 34.64 -5.60
CA GLY X 129 -30.88 34.37 -6.27
C GLY X 129 -32.01 34.46 -5.26
N ASN X 130 -32.82 33.40 -5.13
CA ASN X 130 -34.05 33.39 -4.29
C ASN X 130 -34.09 32.16 -3.39
N HIS X 131 -34.80 32.26 -2.25
CA HIS X 131 -35.06 31.13 -1.34
C HIS X 131 -33.72 30.47 -0.93
N CYS X 132 -32.64 31.25 -0.93
CA CYS X 132 -31.33 30.73 -0.45
C CYS X 132 -31.31 30.84 1.06
N ILE X 133 -30.55 29.97 1.71
CA ILE X 133 -30.21 30.14 3.14
C ILE X 133 -28.70 30.16 3.32
N LEU X 134 -28.19 31.27 3.82
CA LEU X 134 -26.80 31.40 4.29
C LEU X 134 -26.86 31.38 5.80
N VAL X 135 -26.36 30.30 6.40
CA VAL X 135 -26.40 30.12 7.87
C VAL X 135 -25.28 30.96 8.50
N ASN X 136 -25.33 31.10 9.83
CA ASN X 136 -24.41 31.92 10.66
C ASN X 136 -22.99 31.91 10.07
N ASN X 137 -22.40 33.10 9.85
CA ASN X 137 -20.95 33.33 9.59
C ASN X 137 -20.52 32.79 8.23
N THR X 138 -21.44 32.25 7.45
CA THR X 138 -21.20 32.04 6.01
C THR X 138 -20.58 33.32 5.46
N ALA X 139 -19.63 33.15 4.53
CA ALA X 139 -18.77 34.23 4.03
C ALA X 139 -18.49 34.01 2.53
N LEU X 140 -18.91 34.98 1.72
CA LEU X 140 -18.70 35.01 0.27
C LEU X 140 -17.61 36.06 -0.02
N ALA X 141 -16.39 35.62 -0.27
CA ALA X 141 -15.19 36.49 -0.29
C ALA X 141 -15.40 37.65 -1.24
N GLY X 142 -16.00 37.36 -2.40
CA GLY X 142 -16.29 38.34 -3.45
C GLY X 142 -16.65 37.68 -4.77
N HIS X 143 -17.48 38.37 -5.56
CA HIS X 143 -17.97 37.98 -6.92
C HIS X 143 -18.49 36.55 -6.90
N VAL X 144 -19.04 36.11 -5.77
CA VAL X 144 -19.63 34.75 -5.65
C VAL X 144 -21.07 34.81 -6.16
N HIS X 145 -21.45 33.91 -7.05
CA HIS X 145 -22.85 33.73 -7.50
C HIS X 145 -23.44 32.50 -6.80
N VAL X 146 -24.54 32.70 -6.06
CA VAL X 146 -25.32 31.65 -5.38
C VAL X 146 -26.67 31.57 -6.07
N ASP X 147 -26.88 30.51 -6.85
CA ASP X 147 -28.15 30.24 -7.56
C ASP X 147 -29.21 29.78 -6.55
N ASP X 148 -30.46 29.60 -6.96
CA ASP X 148 -31.65 29.57 -6.05
C ASP X 148 -31.66 28.32 -5.18
N TRP X 149 -32.27 28.43 -4.00
CA TRP X 149 -32.58 27.27 -3.10
C TRP X 149 -31.31 26.73 -2.43
N ALA X 150 -30.16 27.28 -2.78
CA ALA X 150 -28.89 26.81 -2.22
C ALA X 150 -28.96 27.03 -0.72
N ILE X 151 -28.29 26.14 0.00
CA ILE X 151 -28.14 26.21 1.46
C ILE X 151 -26.67 26.08 1.79
N LEU X 152 -26.14 27.10 2.43
CA LEU X 152 -24.76 27.08 2.97
C LEU X 152 -24.89 26.97 4.48
N SER X 153 -24.58 25.78 5.03
CA SER X 153 -24.50 25.52 6.48
C SER X 153 -23.57 26.53 7.12
N GLY X 154 -23.54 26.59 8.45
CA GLY X 154 -22.81 27.61 9.23
C GLY X 154 -21.33 27.65 8.89
N TYR X 155 -20.73 28.83 8.87
CA TYR X 155 -19.26 29.01 8.77
C TYR X 155 -18.77 28.35 7.49
N THR X 156 -19.58 28.42 6.43
CA THR X 156 -19.20 28.02 5.07
C THR X 156 -18.45 29.18 4.42
N LEU X 157 -17.28 28.90 3.85
CA LEU X 157 -16.37 29.92 3.28
C LEU X 157 -16.25 29.68 1.79
N VAL X 158 -16.36 30.74 0.98
CA VAL X 158 -16.49 30.58 -0.50
C VAL X 158 -15.52 31.54 -1.19
N HIS X 159 -14.50 31.02 -1.90
CA HIS X 159 -13.31 31.80 -2.36
C HIS X 159 -13.79 32.68 -3.53
N GLN X 160 -13.13 33.84 -3.72
CA GLN X 160 -13.39 34.85 -4.78
C GLN X 160 -13.98 34.04 -5.96
N TYR X 161 -15.10 34.46 -6.57
CA TYR X 161 -15.53 34.05 -7.95
C TYR X 161 -16.18 32.67 -8.07
N CYS X 162 -16.37 31.90 -6.98
CA CYS X 162 -16.99 30.56 -7.09
C CYS X 162 -18.48 30.68 -7.39
N ARG X 163 -19.04 29.70 -8.10
CA ARG X 163 -20.49 29.57 -8.36
C ARG X 163 -21.04 28.43 -7.52
N ILE X 164 -22.00 28.72 -6.65
CA ILE X 164 -22.78 27.71 -5.91
C ILE X 164 -24.05 27.47 -6.70
N GLY X 165 -24.10 26.38 -7.48
CA GLY X 165 -25.27 25.97 -8.28
C GLY X 165 -26.50 25.76 -7.39
N ALA X 166 -27.67 25.72 -8.03
CA ALA X 166 -28.98 25.71 -7.33
C ALA X 166 -29.26 24.41 -6.59
N HIS X 167 -29.93 24.51 -5.43
CA HIS X 167 -30.30 23.39 -4.52
C HIS X 167 -29.05 22.75 -3.94
N SER X 168 -27.87 23.27 -4.29
CA SER X 168 -26.61 22.75 -3.73
C SER X 168 -26.66 22.98 -2.23
N PHE X 169 -25.76 22.32 -1.53
CA PHE X 169 -25.71 22.29 -0.06
C PHE X 169 -24.26 22.13 0.39
N SER X 170 -23.76 23.11 1.15
CA SER X 170 -22.48 22.99 1.88
C SER X 170 -22.76 22.60 3.34
N GLY X 171 -21.98 21.69 3.89
CA GLY X 171 -22.02 21.35 5.33
C GLY X 171 -21.31 22.40 6.15
N MET X 172 -21.36 22.29 7.49
CA MET X 172 -20.78 23.37 8.35
C MET X 172 -19.27 23.32 8.21
N GLY X 173 -18.63 24.48 8.36
CA GLY X 173 -17.16 24.69 8.18
C GLY X 173 -16.65 24.25 6.83
N SER X 174 -17.49 24.14 5.80
CA SER X 174 -17.05 23.87 4.42
C SER X 174 -16.19 25.04 3.92
N ALA X 175 -15.13 24.71 3.17
CA ALA X 175 -14.16 25.67 2.63
C ALA X 175 -14.10 25.53 1.10
N ILE X 176 -15.02 26.21 0.43
CA ILE X 176 -15.33 25.96 -1.00
C ILE X 176 -14.37 26.79 -1.86
N GLY X 177 -13.41 26.13 -2.52
CA GLY X 177 -12.38 26.80 -3.34
C GLY X 177 -12.72 26.82 -4.81
N LYS X 178 -13.79 26.12 -5.22
CA LYS X 178 -14.17 25.92 -6.64
C LYS X 178 -15.66 25.66 -6.73
N ASP X 179 -16.22 25.77 -7.94
CA ASP X 179 -17.67 25.71 -8.15
C ASP X 179 -18.32 24.49 -7.50
N VAL X 180 -19.53 24.69 -6.97
CA VAL X 180 -20.41 23.59 -6.49
C VAL X 180 -21.56 23.43 -7.47
N PRO X 181 -21.63 22.28 -8.17
CA PRO X 181 -22.70 22.04 -9.13
C PRO X 181 -24.07 22.04 -8.48
N ALA X 182 -25.09 22.36 -9.25
CA ALA X 182 -26.50 22.25 -8.81
C ALA X 182 -26.70 20.93 -8.05
N TYR X 183 -27.43 20.97 -6.93
CA TYR X 183 -27.91 19.77 -6.18
C TYR X 183 -26.83 19.10 -5.35
N VAL X 184 -25.55 19.45 -5.52
CA VAL X 184 -24.44 18.66 -4.91
C VAL X 184 -24.31 19.02 -3.42
N THR X 185 -24.05 18.03 -2.57
CA THR X 185 -23.68 18.22 -1.16
C THR X 185 -22.15 18.22 -1.09
N VAL X 186 -21.55 19.24 -0.49
CA VAL X 186 -20.07 19.33 -0.29
C VAL X 186 -19.77 19.55 1.20
N PHE X 187 -18.64 19.04 1.67
CA PHE X 187 -18.30 19.02 3.11
C PHE X 187 -16.80 19.21 3.28
N GLY X 188 -16.42 20.03 4.27
CA GLY X 188 -15.08 20.01 4.87
C GLY X 188 -14.10 20.99 4.23
N ASN X 189 -12.85 20.92 4.71
CA ASN X 189 -11.77 21.87 4.36
C ASN X 189 -10.57 21.09 3.86
N PRO X 190 -10.39 21.02 2.53
CA PRO X 190 -11.18 21.81 1.60
C PRO X 190 -12.44 21.02 1.21
N ALA X 191 -13.53 21.72 0.87
CA ALA X 191 -14.80 21.14 0.41
C ALA X 191 -14.52 20.00 -0.57
N GLU X 192 -15.13 18.82 -0.36
CA GLU X 192 -15.26 17.75 -1.39
C GLU X 192 -16.74 17.50 -1.65
N ALA X 193 -17.07 16.90 -2.79
CA ALA X 193 -18.44 16.43 -3.14
C ALA X 193 -18.72 15.18 -2.31
N ARG X 194 -19.95 14.94 -1.88
CA ARG X 194 -20.34 13.67 -1.19
C ARG X 194 -21.50 13.02 -1.94
N SER X 195 -22.64 13.69 -1.98
CA SER X 195 -23.89 13.19 -2.58
C SER X 195 -24.54 14.31 -3.37
N MET X 196 -25.78 14.05 -3.80
CA MET X 196 -26.72 15.13 -4.16
C MET X 196 -27.68 15.29 -3.01
N ASN X 197 -28.36 16.41 -3.03
CA ASN X 197 -29.19 16.92 -1.92
C ASN X 197 -30.61 16.43 -2.15
N PHE X 198 -30.83 15.14 -1.93
CA PHE X 198 -32.11 14.48 -2.17
C PHE X 198 -33.13 15.19 -1.29
N GLU X 199 -32.68 15.55 -0.10
CA GLU X 199 -33.52 16.31 0.86
C GLU X 199 -34.30 17.37 0.07
N GLY X 200 -33.65 18.47 -0.29
CA GLY X 200 -34.28 19.66 -0.88
C GLY X 200 -34.83 19.40 -2.26
N MET X 201 -34.65 18.18 -2.78
CA MET X 201 -35.33 17.67 -4.00
C MET X 201 -36.72 17.19 -3.63
N ARG X 202 -36.85 16.40 -2.54
CA ARG X 202 -38.19 15.96 -2.06
C ARG X 202 -38.91 17.25 -1.71
N ARG X 203 -38.24 18.20 -1.03
CA ARG X 203 -38.84 19.51 -0.66
C ARG X 203 -39.41 20.19 -1.90
N ARG X 204 -38.74 20.20 -3.04
CA ARG X 204 -39.29 20.83 -4.27
C ARG X 204 -40.34 19.93 -4.95
N GLY X 205 -40.60 18.74 -4.41
CA GLY X 205 -41.56 17.76 -4.98
C GLY X 205 -41.13 17.22 -6.32
N PHE X 206 -39.83 17.13 -6.59
CA PHE X 206 -39.26 16.48 -7.80
C PHE X 206 -39.87 15.09 -7.98
N SER X 207 -40.06 14.65 -9.23
CA SER X 207 -40.56 13.29 -9.54
C SER X 207 -39.52 12.28 -9.09
N SER X 208 -39.89 11.04 -8.81
CA SER X 208 -38.88 10.02 -8.43
C SER X 208 -37.96 9.78 -9.60
N GLU X 209 -38.46 9.75 -10.87
CA GLU X 209 -37.59 9.50 -12.06
C GLU X 209 -36.48 10.55 -12.01
N ALA X 210 -36.85 11.80 -11.74
CA ALA X 210 -35.94 12.96 -11.78
C ALA X 210 -34.88 12.78 -10.70
N ILE X 211 -35.29 12.38 -9.50
CA ILE X 211 -34.32 12.12 -8.40
C ILE X 211 -33.35 11.03 -8.89
N HIS X 212 -33.84 9.81 -9.19
CA HIS X 212 -33.00 8.68 -9.67
C HIS X 212 -32.07 9.19 -10.78
N ALA X 213 -32.59 9.99 -11.73
CA ALA X 213 -31.83 10.47 -12.91
C ALA X 213 -30.65 11.36 -12.48
N LEU X 214 -30.89 12.12 -11.42
CA LEU X 214 -29.91 13.05 -10.80
C LEU X 214 -28.87 12.24 -10.03
N ARG X 215 -29.26 11.17 -9.34
CA ARG X 215 -28.28 10.22 -8.76
C ARG X 215 -27.44 9.69 -9.94
N ARG X 216 -28.05 9.13 -10.99
CA ARG X 216 -27.28 8.59 -12.16
C ARG X 216 -26.25 9.64 -12.54
N ALA X 217 -26.72 10.88 -12.69
CA ALA X 217 -25.91 12.01 -13.19
C ALA X 217 -24.70 12.26 -12.28
N TYR X 218 -24.92 12.28 -10.97
CA TYR X 218 -23.83 12.44 -9.97
C TYR X 218 -22.80 11.37 -10.26
N LYS X 219 -23.27 10.12 -10.22
CA LYS X 219 -22.43 8.90 -10.31
C LYS X 219 -21.49 9.11 -11.50
N VAL X 220 -22.01 9.65 -12.61
CA VAL X 220 -21.29 9.79 -13.90
C VAL X 220 -20.06 10.69 -13.73
N VAL X 221 -20.34 11.90 -13.27
CA VAL X 221 -19.35 12.99 -13.09
C VAL X 221 -18.22 12.46 -12.22
N TYR X 222 -18.63 12.08 -11.01
CA TYR X 222 -17.79 11.88 -9.81
C TYR X 222 -17.32 10.43 -9.74
N ARG X 223 -18.24 9.55 -9.33
CA ARG X 223 -17.91 8.15 -8.94
C ARG X 223 -17.68 7.25 -10.19
N GLN X 224 -17.63 7.68 -11.44
CA GLN X 224 -17.27 6.76 -12.57
C GLN X 224 -15.88 7.13 -13.09
N GLY X 225 -15.24 8.09 -12.41
CA GLY X 225 -14.10 8.87 -12.92
C GLY X 225 -14.11 8.93 -14.44
N HIS X 226 -15.19 9.36 -15.07
CA HIS X 226 -15.07 9.98 -16.41
C HIS X 226 -14.24 11.26 -16.16
N THR X 227 -13.57 11.84 -17.17
CA THR X 227 -13.06 13.25 -17.09
C THR X 227 -14.24 14.18 -16.77
N VAL X 228 -14.00 15.49 -16.66
CA VAL X 228 -15.11 16.48 -16.59
C VAL X 228 -15.80 16.47 -17.97
N GLU X 229 -15.05 16.71 -19.03
CA GLU X 229 -15.58 16.74 -20.44
C GLU X 229 -16.31 15.45 -20.77
N GLU X 230 -15.71 14.32 -20.40
CA GLU X 230 -16.22 12.98 -20.75
C GLU X 230 -17.64 12.87 -20.20
N ALA X 231 -17.83 13.34 -18.97
CA ALA X 231 -19.11 13.18 -18.26
C ALA X 231 -20.15 14.12 -18.90
N LEU X 232 -19.77 15.36 -19.15
CA LEU X 232 -20.70 16.34 -19.78
C LEU X 232 -21.33 15.73 -21.03
N ALA X 233 -20.50 14.96 -21.74
CA ALA X 233 -20.89 14.20 -22.93
C ALA X 233 -21.96 13.16 -22.57
N GLU X 234 -21.68 12.34 -21.58
CA GLU X 234 -22.59 11.27 -21.12
C GLU X 234 -23.96 11.87 -20.79
N LEU X 235 -23.95 12.92 -19.98
CA LEU X 235 -25.16 13.53 -19.39
C LEU X 235 -26.15 13.95 -20.50
N ALA X 236 -25.68 14.64 -21.54
CA ALA X 236 -26.39 14.95 -22.81
C ALA X 236 -27.78 14.27 -22.93
N GLU X 237 -27.82 12.93 -23.10
CA GLU X 237 -29.08 12.12 -23.12
C GLU X 237 -29.92 12.45 -21.87
N SER X 238 -29.42 12.03 -20.69
CA SER X 238 -29.99 12.29 -19.33
C SER X 238 -30.66 13.69 -19.27
N ALA X 239 -30.05 14.68 -19.92
CA ALA X 239 -30.33 16.12 -19.72
C ALA X 239 -31.42 16.60 -20.68
N ALA X 240 -31.54 15.97 -21.83
CA ALA X 240 -32.69 16.21 -22.73
C ALA X 240 -33.95 15.72 -22.03
N GLN X 241 -33.82 14.49 -21.54
CA GLN X 241 -34.90 13.73 -20.87
C GLN X 241 -35.45 14.54 -19.69
N PHE X 242 -34.61 15.20 -18.89
CA PHE X 242 -34.99 15.78 -17.59
C PHE X 242 -34.41 17.18 -17.45
N PRO X 243 -35.24 18.22 -17.65
CA PRO X 243 -34.87 19.56 -17.26
C PRO X 243 -34.10 19.66 -15.94
N GLU X 244 -34.43 18.81 -14.95
CA GLU X 244 -33.73 18.83 -13.63
C GLU X 244 -32.23 18.51 -13.82
N VAL X 245 -31.91 17.52 -14.65
CA VAL X 245 -30.51 17.08 -14.93
C VAL X 245 -29.83 18.19 -15.72
N ALA X 246 -30.58 18.72 -16.69
CA ALA X 246 -30.13 19.79 -17.60
C ALA X 246 -29.36 20.84 -16.79
N VAL X 247 -30.04 21.36 -15.76
CA VAL X 247 -29.52 22.31 -14.74
C VAL X 247 -28.14 21.89 -14.22
N PHE X 248 -28.05 20.63 -13.83
CA PHE X 248 -26.84 20.01 -13.24
C PHE X 248 -25.75 20.00 -14.31
N ARG X 249 -26.04 19.49 -15.51
CA ARG X 249 -25.06 19.56 -16.63
C ARG X 249 -24.65 21.03 -16.82
N ASP X 250 -25.62 21.92 -16.99
CA ASP X 250 -25.39 23.37 -17.23
C ASP X 250 -24.50 23.91 -16.10
N SER X 251 -24.71 23.58 -14.82
CA SER X 251 -23.80 24.10 -13.76
C SER X 251 -22.36 23.69 -14.13
N ILE X 252 -22.14 22.40 -14.34
CA ILE X 252 -20.79 21.82 -14.56
C ILE X 252 -20.18 22.41 -15.83
N GLN X 253 -20.98 22.55 -16.86
CA GLN X 253 -20.58 23.21 -18.12
C GLN X 253 -19.70 24.41 -17.81
N SER X 254 -20.33 25.53 -17.48
CA SER X 254 -19.70 26.87 -17.48
C SER X 254 -19.04 27.03 -16.12
N ALA X 255 -18.27 26.01 -15.76
CA ALA X 255 -17.24 26.04 -14.71
C ALA X 255 -15.89 25.67 -15.35
N THR X 256 -15.89 24.78 -16.35
CA THR X 256 -14.66 24.27 -17.03
C THR X 256 -14.73 24.76 -18.47
N ARG X 257 -13.95 25.76 -18.92
CA ARG X 257 -13.76 25.86 -20.39
C ARG X 257 -12.43 25.19 -20.75
N GLY X 258 -11.47 25.11 -19.81
CA GLY X 258 -10.11 24.58 -20.09
C GLY X 258 -9.36 25.32 -21.20
N ILE X 259 -8.20 24.80 -21.60
CA ILE X 259 -7.32 25.42 -22.63
C ILE X 259 -7.17 24.46 -23.80
N THR X 260 -6.69 24.92 -24.94
CA THR X 260 -6.24 24.05 -26.05
C THR X 260 -5.06 23.23 -25.55
N ARG X 261 -5.18 21.91 -25.45
CA ARG X 261 -3.98 21.01 -25.33
C ARG X 261 -3.49 20.74 -26.75
N MET Y 4 -93.58 -61.16 -28.27
CA MET Y 4 -94.47 -60.99 -29.43
C MET Y 4 -95.30 -59.66 -29.31
N SER Y 5 -94.59 -58.52 -29.20
CA SER Y 5 -94.79 -57.26 -30.04
C SER Y 5 -93.63 -56.24 -29.92
N LEU Y 6 -92.99 -55.89 -31.05
CA LEU Y 6 -91.57 -55.49 -31.27
C LEU Y 6 -91.07 -54.33 -30.39
N ILE Y 7 -91.79 -53.23 -30.50
CA ILE Y 7 -91.52 -51.96 -29.76
C ILE Y 7 -92.34 -52.06 -28.48
N ASP Y 8 -91.66 -52.23 -27.34
CA ASP Y 8 -92.28 -52.36 -26.00
C ASP Y 8 -93.26 -51.22 -25.78
N PRO Y 9 -94.42 -51.46 -25.15
CA PRO Y 9 -95.36 -50.37 -24.88
C PRO Y 9 -94.81 -49.43 -23.79
N ARG Y 10 -93.92 -49.85 -22.89
CA ARG Y 10 -93.46 -48.94 -21.81
C ARG Y 10 -92.37 -47.99 -22.31
N ALA Y 11 -91.96 -48.13 -23.57
CA ALA Y 11 -90.96 -47.27 -24.22
C ALA Y 11 -91.67 -46.03 -24.75
N ILE Y 12 -90.94 -44.92 -24.90
CA ILE Y 12 -91.47 -43.67 -25.50
C ILE Y 12 -90.84 -43.49 -26.88
N ILE Y 13 -91.69 -43.31 -27.89
CA ILE Y 13 -91.22 -42.96 -29.26
C ILE Y 13 -91.84 -41.63 -29.66
N ASP Y 14 -91.02 -40.65 -29.99
CA ASP Y 14 -91.49 -39.35 -30.54
C ASP Y 14 -92.28 -39.62 -31.81
N PRO Y 15 -93.37 -38.87 -32.07
CA PRO Y 15 -94.06 -38.98 -33.36
C PRO Y 15 -93.09 -38.67 -34.52
N SER Y 16 -92.16 -37.74 -34.30
CA SER Y 16 -91.23 -37.28 -35.36
C SER Y 16 -90.18 -38.37 -35.66
N ALA Y 17 -89.88 -39.30 -34.74
CA ALA Y 17 -88.88 -40.37 -34.94
C ALA Y 17 -89.38 -41.31 -36.03
N ARG Y 18 -88.50 -42.10 -36.66
CA ARG Y 18 -88.95 -42.99 -37.76
C ARG Y 18 -88.02 -44.21 -37.83
N LEU Y 19 -88.63 -45.43 -37.71
CA LEU Y 19 -88.02 -46.76 -37.40
C LEU Y 19 -88.42 -47.81 -38.45
N ALA Y 20 -87.49 -48.45 -39.15
CA ALA Y 20 -87.78 -49.54 -40.13
C ALA Y 20 -88.58 -50.66 -39.44
N ALA Y 21 -89.27 -51.50 -40.22
CA ALA Y 21 -90.36 -52.42 -39.78
C ALA Y 21 -89.97 -53.21 -38.52
N ASP Y 22 -88.89 -53.99 -38.61
CA ASP Y 22 -88.53 -55.07 -37.66
C ASP Y 22 -87.50 -54.55 -36.64
N VAL Y 23 -87.48 -53.24 -36.40
CA VAL Y 23 -86.73 -52.64 -35.26
C VAL Y 23 -87.46 -53.05 -33.99
N GLN Y 24 -86.67 -53.31 -32.95
CA GLN Y 24 -87.20 -53.50 -31.57
C GLN Y 24 -86.68 -52.42 -30.63
N VAL Y 25 -87.49 -52.12 -29.62
CA VAL Y 25 -87.12 -51.20 -28.52
C VAL Y 25 -87.58 -51.85 -27.20
N GLY Y 26 -86.63 -52.08 -26.28
CA GLY Y 26 -86.89 -52.60 -24.93
C GLY Y 26 -87.71 -51.58 -24.15
N PRO Y 27 -88.19 -51.92 -22.94
CA PRO Y 27 -88.97 -50.99 -22.14
C PRO Y 27 -88.18 -49.79 -21.59
N TRP Y 28 -88.84 -48.65 -21.38
CA TRP Y 28 -88.29 -47.47 -20.66
C TRP Y 28 -87.19 -46.80 -21.48
N SER Y 29 -87.07 -47.21 -22.73
CA SER Y 29 -86.13 -46.57 -23.68
C SER Y 29 -86.91 -45.42 -24.33
N ILE Y 30 -86.22 -44.34 -24.62
CA ILE Y 30 -86.79 -43.12 -25.26
C ILE Y 30 -86.14 -42.96 -26.61
N VAL Y 31 -86.93 -42.81 -27.65
CA VAL Y 31 -86.45 -42.48 -29.01
C VAL Y 31 -86.88 -41.04 -29.31
N GLY Y 32 -86.05 -40.06 -28.86
CA GLY Y 32 -86.24 -38.60 -28.98
C GLY Y 32 -86.69 -38.22 -30.39
N ALA Y 33 -87.09 -36.99 -30.62
CA ALA Y 33 -87.50 -36.53 -31.96
C ALA Y 33 -86.31 -36.69 -32.90
N GLU Y 34 -86.57 -36.77 -34.22
CA GLU Y 34 -85.55 -36.66 -35.29
C GLU Y 34 -84.61 -37.87 -35.26
N VAL Y 35 -84.99 -38.93 -34.56
CA VAL Y 35 -84.13 -40.16 -34.51
C VAL Y 35 -84.65 -41.15 -35.54
N GLU Y 36 -83.73 -41.62 -36.38
CA GLU Y 36 -84.01 -42.55 -37.49
C GLU Y 36 -83.30 -43.86 -37.15
N ILE Y 37 -83.99 -45.00 -37.18
CA ILE Y 37 -83.36 -46.31 -36.83
C ILE Y 37 -83.57 -47.30 -37.97
N GLY Y 38 -82.48 -47.80 -38.54
CA GLY Y 38 -82.48 -48.67 -39.73
C GLY Y 38 -82.96 -50.07 -39.42
N GLU Y 39 -83.29 -50.82 -40.48
CA GLU Y 39 -83.79 -52.24 -40.45
C GLU Y 39 -83.02 -53.10 -39.45
N GLY Y 40 -83.73 -53.94 -38.67
CA GLY Y 40 -83.17 -55.08 -37.88
C GLY Y 40 -82.34 -54.65 -36.68
N THR Y 41 -82.30 -53.35 -36.37
CA THR Y 41 -81.61 -52.81 -35.19
C THR Y 41 -82.42 -53.20 -33.96
N VAL Y 42 -81.73 -53.30 -32.82
CA VAL Y 42 -82.31 -53.64 -31.50
C VAL Y 42 -81.90 -52.59 -30.48
N ILE Y 43 -82.86 -51.93 -29.85
CA ILE Y 43 -82.59 -51.01 -28.73
C ILE Y 43 -82.95 -51.74 -27.43
N GLY Y 44 -81.99 -51.91 -26.53
CA GLY Y 44 -82.23 -52.58 -25.23
C GLY Y 44 -83.21 -51.76 -24.38
N PRO Y 45 -83.47 -52.18 -23.13
CA PRO Y 45 -84.19 -51.36 -22.15
C PRO Y 45 -83.39 -50.14 -21.67
N HIS Y 46 -84.01 -49.24 -20.89
CA HIS Y 46 -83.46 -47.95 -20.41
C HIS Y 46 -82.39 -47.38 -21.36
N VAL Y 47 -82.71 -47.17 -22.63
CA VAL Y 47 -81.84 -46.41 -23.55
C VAL Y 47 -82.45 -45.03 -23.73
N VAL Y 48 -81.60 -44.08 -24.11
CA VAL Y 48 -81.97 -42.68 -24.43
C VAL Y 48 -81.32 -42.34 -25.77
N LEU Y 49 -82.13 -42.21 -26.82
CA LEU Y 49 -81.73 -41.65 -28.12
C LEU Y 49 -82.26 -40.21 -28.22
N LYS Y 50 -81.42 -39.31 -28.73
CA LYS Y 50 -81.80 -37.92 -29.05
C LYS Y 50 -81.27 -37.65 -30.43
N GLY Y 51 -81.89 -36.71 -31.15
CA GLY Y 51 -81.59 -36.42 -32.57
C GLY Y 51 -81.06 -35.01 -32.76
N PRO Y 52 -80.86 -34.52 -34.00
CA PRO Y 52 -81.02 -35.32 -35.21
C PRO Y 52 -79.96 -36.42 -35.30
N THR Y 53 -80.39 -37.68 -35.32
CA THR Y 53 -79.50 -38.85 -35.25
C THR Y 53 -79.99 -39.89 -36.23
N LYS Y 54 -79.07 -40.54 -36.91
CA LYS Y 54 -79.39 -41.52 -37.96
C LYS Y 54 -78.65 -42.81 -37.60
N ILE Y 55 -79.37 -43.86 -37.25
CA ILE Y 55 -78.76 -45.18 -36.85
C ILE Y 55 -79.05 -46.21 -37.95
N GLY Y 56 -78.00 -46.82 -38.51
CA GLY Y 56 -78.10 -47.77 -39.63
C GLY Y 56 -78.80 -49.07 -39.23
N LYS Y 57 -78.42 -50.17 -39.89
CA LYS Y 57 -79.14 -51.46 -39.89
C LYS Y 57 -78.43 -52.45 -38.97
N HIS Y 58 -79.15 -53.42 -38.41
CA HIS Y 58 -78.61 -54.52 -37.58
C HIS Y 58 -77.61 -53.98 -36.53
N ASN Y 59 -77.97 -52.94 -35.76
CA ASN Y 59 -77.15 -52.50 -34.61
C ASN Y 59 -77.81 -53.07 -33.35
N ARG Y 60 -77.00 -53.32 -32.30
CA ARG Y 60 -77.43 -53.82 -30.97
C ARG Y 60 -76.93 -52.70 -30.05
N ILE Y 61 -77.82 -51.93 -29.40
CA ILE Y 61 -77.48 -50.86 -28.39
C ILE Y 61 -78.06 -51.23 -27.02
N TYR Y 62 -77.24 -51.19 -25.96
CA TYR Y 62 -77.63 -51.70 -24.61
C TYR Y 62 -78.05 -50.58 -23.68
N GLN Y 63 -78.51 -50.98 -22.49
CA GLN Y 63 -79.07 -50.15 -21.39
C GLN Y 63 -78.12 -49.03 -20.96
N PHE Y 64 -78.64 -47.89 -20.45
CA PHE Y 64 -77.89 -46.81 -19.74
C PHE Y 64 -77.03 -45.97 -20.73
N SER Y 65 -77.21 -46.30 -22.01
CA SER Y 65 -76.55 -45.64 -23.16
C SER Y 65 -77.36 -44.37 -23.48
N SER Y 66 -76.64 -43.27 -23.64
CA SER Y 66 -77.21 -41.94 -23.94
C SER Y 66 -76.59 -41.54 -25.28
N VAL Y 67 -77.22 -41.98 -26.36
CA VAL Y 67 -76.73 -41.87 -27.77
C VAL Y 67 -77.44 -40.72 -28.50
N GLY Y 68 -76.67 -39.70 -28.84
CA GLY Y 68 -77.12 -38.50 -29.58
C GLY Y 68 -77.46 -37.36 -28.66
N GLU Y 69 -76.86 -37.26 -27.46
CA GLU Y 69 -77.05 -36.09 -26.56
C GLU Y 69 -76.14 -34.96 -27.05
N ASP Y 70 -76.34 -33.69 -26.62
CA ASP Y 70 -75.53 -32.51 -27.06
C ASP Y 70 -74.16 -32.60 -26.38
N THR Y 71 -73.04 -32.12 -26.94
CA THR Y 71 -71.82 -32.22 -26.09
C THR Y 71 -71.96 -31.19 -24.97
N PRO Y 72 -71.49 -31.43 -23.73
CA PRO Y 72 -71.67 -30.47 -22.64
C PRO Y 72 -70.76 -29.25 -22.82
N ASP Y 73 -69.59 -29.43 -23.50
CA ASP Y 73 -68.56 -28.43 -23.91
C ASP Y 73 -69.25 -27.12 -24.23
N LEU Y 74 -68.79 -25.98 -23.72
CA LEU Y 74 -69.60 -24.72 -23.72
C LEU Y 74 -69.56 -24.08 -25.12
N LYS Y 75 -68.48 -24.37 -25.83
CA LYS Y 75 -68.25 -24.18 -27.29
C LYS Y 75 -69.62 -24.31 -28.00
N TYR Y 76 -70.27 -25.45 -27.90
CA TYR Y 76 -71.56 -25.76 -28.55
C TYR Y 76 -72.68 -25.00 -27.83
N LYS Y 77 -73.41 -24.12 -28.51
CA LYS Y 77 -74.58 -23.44 -27.90
C LYS Y 77 -75.86 -23.92 -28.59
N GLY Y 78 -76.04 -25.22 -28.79
CA GLY Y 78 -77.36 -25.79 -29.15
C GLY Y 78 -77.65 -25.76 -30.64
N GLU Y 79 -76.71 -25.30 -31.49
CA GLU Y 79 -76.87 -25.30 -32.98
C GLU Y 79 -77.31 -26.72 -33.36
N PRO Y 80 -77.99 -26.97 -34.51
CA PRO Y 80 -78.88 -28.13 -34.60
C PRO Y 80 -78.15 -29.28 -35.28
N THR Y 81 -77.01 -29.76 -34.74
CA THR Y 81 -76.01 -30.66 -35.38
C THR Y 81 -76.43 -32.14 -35.35
N ARG Y 82 -75.65 -33.03 -35.97
CA ARG Y 82 -76.08 -34.43 -36.27
C ARG Y 82 -75.09 -35.44 -35.68
N LEU Y 83 -75.62 -36.65 -35.41
CA LEU Y 83 -74.91 -37.94 -35.21
C LEU Y 83 -75.37 -38.93 -36.27
N VAL Y 84 -74.43 -39.72 -36.77
CA VAL Y 84 -74.66 -40.78 -37.80
C VAL Y 84 -73.92 -42.05 -37.38
N ILE Y 85 -74.65 -43.17 -37.35
CA ILE Y 85 -74.09 -44.52 -37.05
C ILE Y 85 -74.42 -45.44 -38.21
N GLY Y 86 -73.41 -46.14 -38.73
CA GLY Y 86 -73.57 -47.13 -39.81
C GLY Y 86 -74.28 -48.38 -39.33
N ASP Y 87 -73.88 -49.53 -39.87
CA ASP Y 87 -74.60 -50.83 -39.77
C ASP Y 87 -73.76 -51.81 -38.92
N HIS Y 88 -74.35 -52.91 -38.44
CA HIS Y 88 -73.70 -54.02 -37.69
C HIS Y 88 -72.78 -53.47 -36.60
N ASN Y 89 -73.19 -52.43 -35.87
CA ASN Y 89 -72.38 -51.92 -34.74
C ASN Y 89 -72.96 -52.47 -33.44
N VAL Y 90 -72.09 -52.60 -32.43
CA VAL Y 90 -72.52 -52.91 -31.04
C VAL Y 90 -72.09 -51.83 -30.08
N ILE Y 91 -73.06 -51.33 -29.35
CA ILE Y 91 -72.86 -50.26 -28.33
C ILE Y 91 -73.30 -50.85 -27.00
N ARG Y 92 -72.31 -51.19 -26.17
CA ARG Y 92 -72.54 -51.89 -24.88
C ARG Y 92 -73.11 -50.93 -23.83
N GLU Y 93 -73.23 -51.44 -22.62
CA GLU Y 93 -73.96 -50.79 -21.51
C GLU Y 93 -73.28 -49.46 -21.16
N GLY Y 94 -74.01 -48.34 -21.20
CA GLY Y 94 -73.62 -47.07 -20.55
C GLY Y 94 -72.82 -46.16 -21.45
N VAL Y 95 -72.76 -46.48 -22.72
CA VAL Y 95 -71.98 -45.68 -23.67
C VAL Y 95 -72.67 -44.34 -23.87
N THR Y 96 -71.86 -43.30 -24.02
CA THR Y 96 -72.30 -41.93 -24.40
C THR Y 96 -71.72 -41.60 -25.77
N ILE Y 97 -72.57 -41.11 -26.67
CA ILE Y 97 -72.15 -40.60 -27.99
C ILE Y 97 -72.82 -39.24 -28.17
N HIS Y 98 -72.03 -38.20 -28.42
CA HIS Y 98 -72.48 -36.80 -28.49
C HIS Y 98 -72.53 -36.35 -29.95
N ARG Y 99 -73.51 -35.55 -30.33
CA ARG Y 99 -73.54 -35.01 -31.71
C ARG Y 99 -72.56 -33.84 -31.79
N GLY Y 100 -72.06 -33.67 -33.01
CA GLY Y 100 -71.15 -32.61 -33.49
C GLY Y 100 -71.48 -31.23 -32.96
N THR Y 101 -70.63 -30.29 -33.38
CA THR Y 101 -70.62 -28.84 -33.09
C THR Y 101 -70.52 -28.17 -34.46
N VAL Y 102 -71.09 -26.99 -34.69
CA VAL Y 102 -70.93 -26.34 -36.04
C VAL Y 102 -69.46 -25.96 -36.24
N GLN Y 103 -68.72 -25.66 -35.17
CA GLN Y 103 -67.28 -25.25 -35.19
C GLN Y 103 -66.46 -26.20 -36.08
N ASP Y 104 -66.63 -27.54 -36.04
CA ASP Y 104 -65.84 -28.50 -36.87
C ASP Y 104 -66.79 -28.98 -37.99
N ARG Y 105 -67.12 -30.26 -38.16
CA ARG Y 105 -67.87 -30.67 -39.38
C ARG Y 105 -69.35 -30.83 -39.05
N ALA Y 106 -69.78 -30.49 -37.84
CA ALA Y 106 -71.21 -30.43 -37.49
C ALA Y 106 -71.79 -31.84 -37.41
N GLU Y 107 -70.93 -32.85 -37.35
CA GLU Y 107 -71.39 -34.26 -37.31
C GLU Y 107 -70.30 -35.12 -36.66
N THR Y 108 -70.79 -35.92 -35.70
CA THR Y 108 -70.16 -37.11 -35.09
C THR Y 108 -70.57 -38.32 -35.92
N THR Y 109 -69.64 -39.21 -36.26
CA THR Y 109 -69.86 -40.24 -37.30
C THR Y 109 -69.24 -41.58 -36.95
N ILE Y 110 -70.01 -42.65 -37.09
CA ILE Y 110 -69.52 -44.03 -36.82
C ILE Y 110 -69.88 -44.90 -38.02
N GLY Y 111 -68.89 -45.69 -38.48
CA GLY Y 111 -68.99 -46.57 -39.66
C GLY Y 111 -69.70 -47.86 -39.32
N ASP Y 112 -69.19 -49.00 -39.81
CA ASP Y 112 -69.86 -50.33 -39.71
C ASP Y 112 -69.01 -51.28 -38.83
N HIS Y 113 -69.60 -52.35 -38.30
CA HIS Y 113 -68.90 -53.51 -37.65
C HIS Y 113 -68.04 -53.11 -36.44
N ASN Y 114 -68.30 -51.94 -35.84
CA ASN Y 114 -67.55 -51.47 -34.66
C ASN Y 114 -68.15 -52.04 -33.37
N LEU Y 115 -67.28 -52.32 -32.42
CA LEU Y 115 -67.61 -52.77 -31.06
C LEU Y 115 -67.17 -51.71 -30.07
N ILE Y 116 -68.15 -51.08 -29.43
CA ILE Y 116 -67.88 -50.00 -28.44
C ILE Y 116 -68.38 -50.51 -27.10
N MET Y 117 -67.48 -50.82 -26.19
CA MET Y 117 -67.84 -51.54 -24.95
C MET Y 117 -68.23 -50.54 -23.86
N ALA Y 118 -68.53 -51.09 -22.70
CA ALA Y 118 -69.28 -50.39 -21.64
C ALA Y 118 -68.63 -49.05 -21.21
N TYR Y 119 -69.44 -48.05 -20.93
CA TYR Y 119 -69.07 -46.77 -20.26
C TYR Y 119 -68.09 -45.99 -21.15
N ALA Y 120 -67.89 -46.42 -22.41
CA ALA Y 120 -67.06 -45.67 -23.38
C ALA Y 120 -67.73 -44.33 -23.68
N HIS Y 121 -66.93 -43.35 -24.09
CA HIS Y 121 -67.42 -42.01 -24.50
C HIS Y 121 -66.88 -41.67 -25.89
N ILE Y 122 -67.72 -41.10 -26.73
CA ILE Y 122 -67.36 -40.66 -28.11
C ILE Y 122 -67.80 -39.22 -28.31
N GLY Y 123 -66.94 -38.25 -27.97
CA GLY Y 123 -67.26 -36.82 -27.84
C GLY Y 123 -67.59 -36.17 -29.18
N HIS Y 124 -68.12 -34.95 -29.11
CA HIS Y 124 -68.54 -34.16 -30.29
C HIS Y 124 -67.57 -34.33 -31.45
N ASP Y 125 -68.07 -34.67 -32.63
CA ASP Y 125 -67.34 -34.53 -33.92
C ASP Y 125 -66.32 -35.64 -34.12
N SER Y 126 -66.22 -36.59 -33.19
CA SER Y 126 -65.32 -37.75 -33.37
C SER Y 126 -65.83 -38.53 -34.59
N VAL Y 127 -64.99 -39.37 -35.17
CA VAL Y 127 -65.29 -40.09 -36.44
C VAL Y 127 -64.66 -41.47 -36.42
N ILE Y 128 -65.50 -42.51 -36.46
CA ILE Y 128 -64.99 -43.91 -36.38
C ILE Y 128 -65.28 -44.63 -37.70
N GLY Y 129 -64.28 -45.38 -38.16
CA GLY Y 129 -64.31 -46.18 -39.38
C GLY Y 129 -65.05 -47.48 -39.15
N ASN Y 130 -64.42 -48.63 -39.43
CA ASN Y 130 -65.07 -49.96 -39.40
C ASN Y 130 -64.22 -50.96 -38.59
N HIS Y 131 -64.86 -51.99 -38.04
CA HIS Y 131 -64.18 -53.12 -37.35
C HIS Y 131 -63.26 -52.58 -36.25
N CYS Y 132 -63.57 -51.41 -35.69
CA CYS Y 132 -62.80 -50.86 -34.56
C CYS Y 132 -63.31 -51.51 -33.28
N ILE Y 133 -62.45 -51.62 -32.28
CA ILE Y 133 -62.89 -51.95 -30.90
C ILE Y 133 -62.43 -50.87 -29.94
N LEU Y 134 -63.40 -50.22 -29.30
CA LEU Y 134 -63.17 -49.33 -28.15
C LEU Y 134 -63.57 -50.09 -26.91
N VAL Y 135 -62.60 -50.46 -26.09
CA VAL Y 135 -62.86 -51.27 -24.87
C VAL Y 135 -63.40 -50.35 -23.77
N ASN Y 136 -63.91 -50.95 -22.68
CA ASN Y 136 -64.55 -50.28 -21.53
C ASN Y 136 -63.89 -48.91 -21.25
N ASN Y 137 -64.70 -47.83 -21.19
CA ASN Y 137 -64.33 -46.50 -20.62
C ASN Y 137 -63.33 -45.76 -21.50
N THR Y 138 -62.95 -46.33 -22.64
CA THR Y 138 -62.29 -45.56 -23.70
C THR Y 138 -63.07 -44.26 -23.89
N ALA Y 139 -62.34 -43.19 -24.15
CA ALA Y 139 -62.88 -41.82 -24.16
C ALA Y 139 -62.17 -40.99 -25.23
N LEU Y 140 -62.96 -40.50 -26.19
CA LEU Y 140 -62.51 -39.64 -27.29
C LEU Y 140 -62.99 -38.22 -26.98
N ALA Y 141 -62.10 -37.34 -26.51
CA ALA Y 141 -62.46 -36.04 -25.92
C ALA Y 141 -63.30 -35.23 -26.90
N GLY Y 142 -62.91 -35.27 -28.18
CA GLY Y 142 -63.61 -34.59 -29.28
C GLY Y 142 -62.79 -34.54 -30.55
N HIS Y 143 -63.47 -34.51 -31.70
CA HIS Y 143 -62.91 -34.41 -33.07
C HIS Y 143 -61.82 -35.46 -33.27
N VAL Y 144 -61.93 -36.60 -32.60
CA VAL Y 144 -60.96 -37.70 -32.74
C VAL Y 144 -61.37 -38.54 -33.95
N HIS Y 145 -60.45 -38.81 -34.86
CA HIS Y 145 -60.64 -39.76 -35.99
C HIS Y 145 -59.94 -41.07 -35.65
N VAL Y 146 -60.70 -42.16 -35.66
CA VAL Y 146 -60.21 -43.55 -35.45
C VAL Y 146 -60.41 -44.28 -36.76
N ASP Y 147 -59.31 -44.54 -37.48
CA ASP Y 147 -59.32 -45.28 -38.76
C ASP Y 147 -59.53 -46.77 -38.46
N ASP Y 148 -59.69 -47.61 -39.49
CA ASP Y 148 -60.33 -48.95 -39.37
C ASP Y 148 -59.44 -49.94 -38.58
N TRP Y 149 -60.07 -50.91 -37.92
CA TRP Y 149 -59.40 -52.07 -37.29
C TRP Y 149 -58.65 -51.66 -36.01
N ALA Y 150 -58.65 -50.38 -35.69
CA ALA Y 150 -57.95 -49.88 -34.52
C ALA Y 150 -58.58 -50.55 -33.30
N ILE Y 151 -57.75 -50.76 -32.30
CA ILE Y 151 -58.18 -51.29 -30.99
C ILE Y 151 -57.65 -50.39 -29.92
N LEU Y 152 -58.56 -49.83 -29.13
CA LEU Y 152 -58.21 -49.03 -27.94
C LEU Y 152 -58.56 -49.89 -26.73
N SER Y 153 -57.55 -50.42 -26.05
CA SER Y 153 -57.69 -51.16 -24.78
C SER Y 153 -58.46 -50.30 -23.78
N GLY Y 154 -58.86 -50.89 -22.65
CA GLY Y 154 -59.73 -50.24 -21.66
C GLY Y 154 -59.16 -48.93 -21.14
N TYR Y 155 -60.03 -47.95 -20.87
CA TYR Y 155 -59.65 -46.71 -20.18
C TYR Y 155 -58.51 -46.01 -20.95
N THR Y 156 -58.59 -46.11 -22.27
CA THR Y 156 -57.73 -45.35 -23.21
C THR Y 156 -58.34 -43.96 -23.40
N LEU Y 157 -57.52 -42.92 -23.22
CA LEU Y 157 -57.97 -41.51 -23.25
C LEU Y 157 -57.29 -40.82 -24.43
N VAL Y 158 -58.06 -40.06 -25.22
CA VAL Y 158 -57.56 -39.53 -26.52
C VAL Y 158 -57.90 -38.04 -26.62
N HIS Y 159 -56.89 -37.15 -26.64
CA HIS Y 159 -57.05 -35.68 -26.42
C HIS Y 159 -57.69 -35.11 -27.70
N GLN Y 160 -58.45 -34.00 -27.56
CA GLN Y 160 -59.12 -33.24 -28.65
C GLN Y 160 -58.27 -33.52 -29.91
N TYR Y 161 -58.86 -33.90 -31.04
CA TYR Y 161 -58.27 -33.78 -32.42
C TYR Y 161 -57.22 -34.82 -32.80
N CYS Y 162 -56.91 -35.81 -31.96
CA CYS Y 162 -55.90 -36.85 -32.30
C CYS Y 162 -56.45 -37.79 -33.36
N ARG Y 163 -55.58 -38.32 -34.22
CA ARG Y 163 -55.88 -39.35 -35.23
C ARG Y 163 -55.26 -40.66 -34.77
N ILE Y 164 -56.10 -41.67 -34.58
CA ILE Y 164 -55.66 -43.07 -34.32
C ILE Y 164 -55.65 -43.77 -35.67
N GLY Y 165 -54.47 -43.90 -36.29
CA GLY Y 165 -54.30 -44.60 -37.58
C GLY Y 165 -54.76 -46.06 -37.50
N ALA Y 166 -54.97 -46.67 -38.67
CA ALA Y 166 -55.59 -48.00 -38.80
C ALA Y 166 -54.72 -49.14 -38.26
N HIS Y 167 -55.37 -50.16 -37.69
CA HIS Y 167 -54.73 -51.35 -37.05
C HIS Y 167 -53.88 -50.94 -35.85
N SER Y 168 -53.86 -49.67 -35.54
CA SER Y 168 -53.11 -49.19 -34.36
C SER Y 168 -53.75 -49.84 -33.13
N PHE Y 169 -53.03 -49.77 -32.02
CA PHE Y 169 -53.40 -50.42 -30.76
C PHE Y 169 -52.89 -49.60 -29.57
N SER Y 170 -53.80 -49.14 -28.73
CA SER Y 170 -53.45 -48.55 -27.40
C SER Y 170 -53.60 -49.61 -26.32
N GLY Y 171 -52.66 -49.68 -25.38
CA GLY Y 171 -52.75 -50.54 -24.18
C GLY Y 171 -53.68 -49.93 -23.15
N MET Y 172 -53.97 -50.62 -22.05
CA MET Y 172 -54.97 -50.13 -21.07
C MET Y 172 -54.37 -48.92 -20.35
N GLY Y 173 -55.23 -47.99 -19.94
CA GLY Y 173 -54.87 -46.71 -19.30
C GLY Y 173 -53.92 -45.86 -20.15
N SER Y 174 -53.84 -46.08 -21.45
CA SER Y 174 -53.07 -45.20 -22.36
C SER Y 174 -53.69 -43.80 -22.37
N ALA Y 175 -52.83 -42.78 -22.42
CA ALA Y 175 -53.21 -41.35 -22.40
C ALA Y 175 -52.65 -40.66 -23.64
N ILE Y 176 -53.40 -40.75 -24.73
CA ILE Y 176 -52.89 -40.41 -26.09
C ILE Y 176 -53.07 -38.91 -26.32
N GLY Y 177 -51.96 -38.15 -26.32
CA GLY Y 177 -51.97 -36.67 -26.46
C GLY Y 177 -51.71 -36.23 -27.90
N LYS Y 178 -51.33 -37.17 -28.78
CA LYS Y 178 -50.91 -36.90 -30.16
C LYS Y 178 -51.15 -38.10 -31.03
N ASP Y 179 -51.14 -37.93 -32.35
CA ASP Y 179 -51.52 -38.96 -33.32
C ASP Y 179 -50.81 -40.28 -33.07
N VAL Y 180 -51.54 -41.38 -33.29
CA VAL Y 180 -50.98 -42.76 -33.31
C VAL Y 180 -50.97 -43.26 -34.75
N PRO Y 181 -49.75 -43.48 -35.30
CA PRO Y 181 -49.63 -43.94 -36.70
C PRO Y 181 -50.29 -45.29 -36.90
N ALA Y 182 -50.71 -45.57 -38.12
CA ALA Y 182 -51.22 -46.91 -38.52
C ALA Y 182 -50.32 -47.99 -37.92
N TYR Y 183 -50.91 -49.06 -37.38
CA TYR Y 183 -50.22 -50.31 -36.97
C TYR Y 183 -49.46 -50.16 -35.65
N VAL Y 184 -49.30 -48.95 -35.11
CA VAL Y 184 -48.38 -48.75 -33.95
C VAL Y 184 -49.06 -49.18 -32.66
N THR Y 185 -48.31 -49.83 -31.77
CA THR Y 185 -48.75 -50.12 -30.37
C THR Y 185 -48.24 -48.99 -29.49
N VAL Y 186 -49.11 -48.38 -28.71
CA VAL Y 186 -48.74 -47.30 -27.74
C VAL Y 186 -49.23 -47.67 -26.34
N PHE Y 187 -48.51 -47.24 -25.32
CA PHE Y 187 -48.77 -47.66 -23.92
C PHE Y 187 -48.48 -46.49 -22.97
N GLY Y 188 -49.35 -46.30 -21.98
CA GLY Y 188 -49.04 -45.56 -20.75
C GLY Y 188 -49.41 -44.08 -20.79
N ASN Y 189 -49.07 -43.37 -19.72
CA ASN Y 189 -49.45 -41.96 -19.49
C ASN Y 189 -48.20 -41.14 -19.24
N PRO Y 190 -47.71 -40.41 -20.25
CA PRO Y 190 -48.43 -40.25 -21.50
C PRO Y 190 -48.05 -41.37 -22.47
N ALA Y 191 -48.96 -41.76 -23.36
CA ALA Y 191 -48.76 -42.78 -24.40
C ALA Y 191 -47.38 -42.61 -25.03
N GLU Y 192 -46.58 -43.68 -25.12
CA GLU Y 192 -45.38 -43.75 -26.01
C GLU Y 192 -45.57 -44.91 -26.98
N ALA Y 193 -44.82 -44.88 -28.10
CA ALA Y 193 -44.79 -45.98 -29.11
C ALA Y 193 -43.99 -47.12 -28.50
N ARG Y 194 -44.32 -48.38 -28.78
CA ARG Y 194 -43.49 -49.54 -28.38
C ARG Y 194 -43.12 -50.37 -29.61
N SER Y 195 -44.10 -50.93 -30.29
CA SER Y 195 -43.92 -51.82 -31.46
C SER Y 195 -44.94 -51.45 -32.52
N MET Y 196 -45.02 -52.30 -33.54
CA MET Y 196 -46.20 -52.38 -34.42
C MET Y 196 -46.99 -53.60 -33.98
N ASN Y 197 -48.24 -53.61 -34.42
CA ASN Y 197 -49.28 -54.55 -33.97
C ASN Y 197 -49.26 -55.74 -34.91
N PHE Y 198 -48.23 -56.57 -34.77
CA PHE Y 198 -48.01 -57.72 -35.66
C PHE Y 198 -49.23 -58.61 -35.49
N GLU Y 199 -49.74 -58.68 -34.27
CA GLU Y 199 -50.97 -59.44 -33.96
C GLU Y 199 -51.96 -59.23 -35.11
N GLY Y 200 -52.64 -58.08 -35.10
CA GLY Y 200 -53.78 -57.78 -35.98
C GLY Y 200 -53.35 -57.66 -37.43
N MET Y 201 -52.03 -57.79 -37.71
CA MET Y 201 -51.48 -57.95 -39.08
C MET Y 201 -51.61 -59.40 -39.50
N ARG Y 202 -51.24 -60.36 -38.62
CA ARG Y 202 -51.41 -61.81 -38.93
C ARG Y 202 -52.92 -61.97 -39.09
N ARG Y 203 -53.73 -61.38 -38.21
CA ARG Y 203 -55.22 -61.45 -38.28
C ARG Y 203 -55.70 -60.99 -39.66
N ARG Y 204 -55.18 -59.93 -40.24
CA ARG Y 204 -55.60 -59.50 -41.61
C ARG Y 204 -54.95 -60.38 -42.70
N GLY Y 205 -54.11 -61.35 -42.34
CA GLY Y 205 -53.42 -62.25 -43.28
C GLY Y 205 -52.41 -61.51 -44.15
N PHE Y 206 -51.81 -60.43 -43.67
CA PHE Y 206 -50.70 -59.70 -44.34
C PHE Y 206 -49.60 -60.68 -44.73
N SER Y 207 -48.93 -60.44 -45.86
CA SER Y 207 -47.79 -61.29 -46.33
C SER Y 207 -46.66 -61.12 -45.32
N SER Y 208 -45.75 -62.07 -45.23
CA SER Y 208 -44.59 -61.92 -44.31
C SER Y 208 -43.73 -60.76 -44.79
N GLU Y 209 -43.53 -60.57 -46.11
CA GLU Y 209 -42.69 -59.45 -46.63
C GLU Y 209 -43.26 -58.16 -46.06
N ALA Y 210 -44.59 -58.03 -46.08
CA ALA Y 210 -45.31 -56.80 -45.69
C ALA Y 210 -45.08 -56.58 -44.19
N ILE Y 211 -45.20 -57.62 -43.39
CA ILE Y 211 -44.92 -57.52 -41.93
C ILE Y 211 -43.48 -57.01 -41.75
N HIS Y 212 -42.47 -57.76 -42.22
CA HIS Y 212 -41.02 -57.39 -42.12
C HIS Y 212 -40.87 -55.94 -42.57
N ALA Y 213 -41.51 -55.54 -43.67
CA ALA Y 213 -41.36 -54.19 -44.28
C ALA Y 213 -41.88 -53.10 -43.33
N LEU Y 214 -42.93 -53.46 -42.59
CA LEU Y 214 -43.60 -52.60 -41.59
C LEU Y 214 -42.71 -52.51 -40.34
N ARG Y 215 -42.07 -53.61 -39.93
CA ARG Y 215 -41.04 -53.53 -38.87
C ARG Y 215 -39.96 -52.57 -39.37
N ARG Y 216 -39.38 -52.77 -40.57
CA ARG Y 216 -38.31 -51.87 -41.11
C ARG Y 216 -38.81 -50.43 -40.92
N ALA Y 217 -40.05 -50.19 -41.34
CA ALA Y 217 -40.65 -48.85 -41.38
C ALA Y 217 -40.71 -48.24 -39.97
N TYR Y 218 -41.16 -49.03 -38.99
CA TYR Y 218 -41.19 -48.60 -37.57
C TYR Y 218 -39.80 -48.11 -37.20
N LYS Y 219 -38.85 -49.04 -37.37
CA LYS Y 219 -37.43 -48.90 -36.93
C LYS Y 219 -36.98 -47.51 -37.43
N VAL Y 220 -37.34 -47.15 -38.66
CA VAL Y 220 -36.88 -45.92 -39.36
C VAL Y 220 -37.30 -44.67 -38.58
N VAL Y 221 -38.62 -44.58 -38.40
CA VAL Y 221 -39.31 -43.43 -37.76
C VAL Y 221 -38.68 -43.21 -36.39
N TYR Y 222 -38.81 -44.27 -35.59
CA TYR Y 222 -38.67 -44.29 -34.12
C TYR Y 222 -37.22 -44.60 -33.75
N ARG Y 223 -36.84 -45.87 -33.86
CA ARG Y 223 -35.59 -46.43 -33.30
C ARG Y 223 -34.36 -46.02 -34.18
N GLN Y 224 -34.40 -45.20 -35.22
CA GLN Y 224 -33.14 -44.78 -35.91
C GLN Y 224 -32.85 -43.31 -35.59
N GLY Y 225 -33.68 -42.73 -34.72
CA GLY Y 225 -33.87 -41.27 -34.56
C GLY Y 225 -33.52 -40.52 -35.84
N HIS Y 226 -34.11 -40.87 -36.97
CA HIS Y 226 -34.24 -39.88 -38.05
C HIS Y 226 -35.19 -38.80 -37.47
N THR Y 227 -35.19 -37.56 -37.97
CA THR Y 227 -36.30 -36.58 -37.69
C THR Y 227 -37.63 -37.20 -38.12
N VAL Y 228 -38.74 -36.49 -37.97
CA VAL Y 228 -40.04 -36.92 -38.57
C VAL Y 228 -39.87 -36.82 -40.09
N GLU Y 229 -39.53 -35.63 -40.60
CA GLU Y 229 -39.35 -35.40 -42.06
C GLU Y 229 -38.35 -36.38 -42.66
N GLU Y 230 -37.23 -36.59 -41.97
CA GLU Y 230 -36.11 -37.40 -42.47
C GLU Y 230 -36.67 -38.78 -42.76
N ALA Y 231 -37.49 -39.31 -41.87
CA ALA Y 231 -37.99 -40.70 -41.96
C ALA Y 231 -39.01 -40.78 -43.10
N LEU Y 232 -39.92 -39.83 -43.18
CA LEU Y 232 -40.95 -39.82 -44.26
C LEU Y 232 -40.26 -39.99 -45.62
N ALA Y 233 -39.10 -39.35 -45.73
CA ALA Y 233 -38.21 -39.42 -46.89
C ALA Y 233 -37.75 -40.87 -47.12
N GLU Y 234 -37.18 -41.48 -46.09
CA GLU Y 234 -36.66 -42.86 -46.14
C GLU Y 234 -37.76 -43.80 -46.64
N LEU Y 235 -38.93 -43.72 -46.00
CA LEU Y 235 -40.06 -44.65 -46.21
C LEU Y 235 -40.45 -44.71 -47.70
N ALA Y 236 -40.63 -43.56 -48.36
CA ALA Y 236 -40.78 -43.38 -49.83
C ALA Y 236 -40.60 -44.67 -50.65
N GLU Y 237 -39.37 -45.21 -50.74
CA GLU Y 237 -39.05 -46.51 -51.39
C GLU Y 237 -39.97 -47.61 -50.83
N SER Y 238 -39.77 -47.97 -49.55
CA SER Y 238 -40.57 -48.93 -48.74
C SER Y 238 -42.07 -48.86 -49.12
N ALA Y 239 -42.58 -47.66 -49.40
CA ALA Y 239 -44.01 -47.33 -49.45
C ALA Y 239 -44.55 -47.51 -50.87
N ALA Y 240 -43.70 -47.33 -51.88
CA ALA Y 240 -44.06 -47.68 -53.26
C ALA Y 240 -44.23 -49.20 -53.34
N GLN Y 241 -43.23 -49.87 -52.79
CA GLN Y 241 -43.10 -51.34 -52.76
C GLN Y 241 -44.34 -51.97 -52.12
N PHE Y 242 -44.87 -51.41 -51.04
CA PHE Y 242 -45.89 -52.06 -50.17
C PHE Y 242 -46.98 -51.07 -49.82
N PRO Y 243 -48.15 -51.16 -50.49
CA PRO Y 243 -49.34 -50.48 -50.03
C PRO Y 243 -49.52 -50.47 -48.51
N GLU Y 244 -49.15 -51.55 -47.83
CA GLU Y 244 -49.29 -51.63 -46.33
C GLU Y 244 -48.44 -50.54 -45.66
N VAL Y 245 -47.22 -50.33 -46.13
CA VAL Y 245 -46.27 -49.32 -45.58
C VAL Y 245 -46.82 -47.94 -45.93
N ALA Y 246 -47.27 -47.82 -47.17
CA ALA Y 246 -47.83 -46.58 -47.74
C ALA Y 246 -48.75 -45.93 -46.69
N VAL Y 247 -49.72 -46.70 -46.23
CA VAL Y 247 -50.67 -46.38 -45.14
C VAL Y 247 -49.97 -45.75 -43.92
N PHE Y 248 -48.92 -46.41 -43.49
CA PHE Y 248 -48.11 -46.03 -42.31
C PHE Y 248 -47.44 -44.69 -42.60
N ARG Y 249 -46.75 -44.57 -43.74
CA ARG Y 249 -46.17 -43.25 -44.14
C ARG Y 249 -47.30 -42.21 -44.15
N ASP Y 250 -48.39 -42.50 -44.87
CA ASP Y 250 -49.55 -41.59 -45.00
C ASP Y 250 -50.06 -41.20 -43.60
N SER Y 251 -50.16 -42.11 -42.63
CA SER Y 251 -50.61 -41.69 -41.27
C SER Y 251 -49.66 -40.58 -40.78
N ILE Y 252 -48.36 -40.87 -40.78
CA ILE Y 252 -47.32 -39.98 -40.20
C ILE Y 252 -47.32 -38.64 -40.96
N GLN Y 253 -47.44 -38.71 -42.28
CA GLN Y 253 -47.56 -37.52 -43.12
C GLN Y 253 -48.45 -36.48 -42.43
N SER Y 254 -49.75 -36.66 -42.57
CA SER Y 254 -50.76 -35.61 -42.29
C SER Y 254 -51.05 -35.67 -40.80
N ALA Y 255 -49.97 -35.70 -40.03
CA ALA Y 255 -49.95 -35.34 -38.61
C ALA Y 255 -49.03 -34.13 -38.41
N THR Y 256 -47.93 -34.05 -39.18
CA THR Y 256 -46.90 -32.98 -39.05
C THR Y 256 -46.92 -32.17 -40.34
N ARG Y 257 -47.42 -30.93 -40.36
CA ARG Y 257 -47.08 -30.06 -41.53
C ARG Y 257 -45.91 -29.16 -41.15
N GLY Y 258 -45.71 -28.87 -39.85
CA GLY Y 258 -44.65 -27.96 -39.37
C GLY Y 258 -44.76 -26.55 -39.93
N ILE Y 259 -43.80 -25.69 -39.56
CA ILE Y 259 -43.76 -24.26 -39.99
C ILE Y 259 -42.47 -24.02 -40.78
N THR Y 260 -42.39 -22.93 -41.51
CA THR Y 260 -41.13 -22.43 -42.10
C THR Y 260 -40.17 -22.14 -40.97
N ARG Y 261 -39.07 -22.88 -40.82
CA ARG Y 261 -37.87 -22.35 -40.11
C ARG Y 261 -37.03 -21.70 -41.20
N MET Z 4 -95.12 -50.88 0.04
CA MET Z 4 -95.88 -51.73 0.99
C MET Z 4 -96.25 -53.13 0.37
N SER Z 5 -95.37 -53.72 -0.50
CA SER Z 5 -95.34 -55.13 -1.04
C SER Z 5 -94.09 -55.41 -1.94
N LEU Z 6 -93.33 -56.47 -1.61
CA LEU Z 6 -91.85 -56.66 -1.73
C LEU Z 6 -91.25 -56.41 -3.10
N ILE Z 7 -91.79 -57.16 -4.08
CA ILE Z 7 -91.35 -57.09 -5.50
C ILE Z 7 -92.26 -56.06 -6.16
N ASP Z 8 -91.70 -54.89 -6.50
CA ASP Z 8 -92.42 -53.77 -7.13
C ASP Z 8 -93.22 -54.27 -8.33
N PRO Z 9 -94.44 -53.78 -8.56
CA PRO Z 9 -95.19 -54.22 -9.73
C PRO Z 9 -94.58 -53.66 -11.02
N ARG Z 10 -93.84 -52.54 -11.01
CA ARG Z 10 -93.32 -51.97 -12.28
C ARG Z 10 -92.04 -52.70 -12.72
N ALA Z 11 -91.58 -53.67 -11.93
CA ALA Z 11 -90.40 -54.51 -12.24
C ALA Z 11 -90.86 -55.67 -13.12
N ILE Z 12 -89.95 -56.22 -13.91
CA ILE Z 12 -90.24 -57.40 -14.77
C ILE Z 12 -89.50 -58.60 -14.20
N ILE Z 13 -90.23 -59.68 -13.94
CA ILE Z 13 -89.63 -60.96 -13.50
C ILE Z 13 -89.99 -62.05 -14.51
N ASP Z 14 -88.99 -62.69 -15.09
CA ASP Z 14 -89.20 -63.85 -15.97
C ASP Z 14 -89.94 -64.94 -15.20
N PRO Z 15 -90.88 -65.68 -15.83
CA PRO Z 15 -91.48 -66.84 -15.17
C PRO Z 15 -90.40 -67.86 -14.76
N SER Z 16 -89.35 -67.98 -15.57
CA SER Z 16 -88.27 -68.99 -15.35
C SER Z 16 -87.40 -68.57 -14.15
N ALA Z 17 -87.33 -67.29 -13.77
CA ALA Z 17 -86.50 -66.81 -12.63
C ALA Z 17 -87.06 -67.39 -11.33
N ARG Z 18 -86.28 -67.42 -10.25
CA ARG Z 18 -86.78 -67.97 -8.98
C ARG Z 18 -86.08 -67.30 -7.80
N LEU Z 19 -86.87 -66.71 -6.88
CA LEU Z 19 -86.54 -65.71 -5.83
C LEU Z 19 -87.04 -66.16 -4.45
N ALA Z 20 -86.18 -66.34 -3.43
CA ALA Z 20 -86.60 -66.71 -2.06
C ALA Z 20 -87.63 -65.70 -1.53
N ALA Z 21 -88.40 -66.06 -0.50
CA ALA Z 21 -89.65 -65.39 -0.07
C ALA Z 21 -89.47 -63.86 0.05
N ASP Z 22 -88.53 -63.43 0.90
CA ASP Z 22 -88.39 -62.03 1.39
C ASP Z 22 -87.36 -61.25 0.55
N VAL Z 23 -87.14 -61.68 -0.69
CA VAL Z 23 -86.38 -60.85 -1.69
C VAL Z 23 -87.25 -59.67 -2.05
N GLN Z 24 -86.59 -58.53 -2.26
CA GLN Z 24 -87.23 -57.32 -2.83
C GLN Z 24 -86.60 -56.96 -4.17
N VAL Z 25 -87.43 -56.34 -5.02
CA VAL Z 25 -86.99 -55.78 -6.33
C VAL Z 25 -87.63 -54.39 -6.48
N GLY Z 26 -86.80 -53.35 -6.63
CA GLY Z 26 -87.22 -51.97 -6.89
C GLY Z 26 -87.91 -51.90 -8.25
N PRO Z 27 -88.53 -50.76 -8.61
CA PRO Z 27 -89.20 -50.63 -9.89
C PRO Z 27 -88.25 -50.62 -11.11
N TRP Z 28 -88.74 -51.09 -12.27
CA TRP Z 28 -88.05 -50.95 -13.59
C TRP Z 28 -86.79 -51.83 -13.62
N SER Z 29 -86.66 -52.69 -12.64
CA SER Z 29 -85.58 -53.68 -12.62
C SER Z 29 -86.11 -54.90 -13.36
N ILE Z 30 -85.22 -55.59 -14.08
CA ILE Z 30 -85.54 -56.79 -14.87
C ILE Z 30 -84.77 -57.95 -14.25
N VAL Z 31 -85.48 -59.03 -13.96
CA VAL Z 31 -84.84 -60.30 -13.49
C VAL Z 31 -85.00 -61.32 -14.62
N GLY Z 32 -84.07 -61.28 -15.60
CA GLY Z 32 -84.02 -62.13 -16.81
C GLY Z 32 -84.30 -63.59 -16.48
N ALA Z 33 -84.49 -64.44 -17.49
CA ALA Z 33 -84.73 -65.87 -17.25
C ALA Z 33 -83.52 -66.45 -16.52
N GLU Z 34 -83.70 -67.58 -15.83
CA GLU Z 34 -82.59 -68.42 -15.29
C GLU Z 34 -81.87 -67.67 -14.16
N VAL Z 35 -82.45 -66.61 -13.63
CA VAL Z 35 -81.82 -65.85 -12.51
C VAL Z 35 -82.42 -66.34 -11.20
N GLU Z 36 -81.55 -66.71 -10.28
CA GLU Z 36 -81.90 -67.26 -8.96
C GLU Z 36 -81.43 -66.25 -7.92
N ILE Z 37 -82.29 -65.82 -6.99
CA ILE Z 37 -81.91 -64.80 -5.98
C ILE Z 37 -82.21 -65.34 -4.58
N GLY Z 38 -81.18 -65.44 -3.75
CA GLY Z 38 -81.24 -66.06 -2.41
C GLY Z 38 -81.98 -65.18 -1.41
N GLU Z 39 -82.36 -65.78 -0.27
CA GLU Z 39 -83.07 -65.14 0.87
C GLU Z 39 -82.53 -63.74 1.20
N GLY Z 40 -83.43 -62.77 1.45
CA GLY Z 40 -83.12 -61.47 2.09
C GLY Z 40 -82.31 -60.51 1.22
N THR Z 41 -82.08 -60.86 -0.05
CA THR Z 41 -81.38 -60.00 -1.03
C THR Z 41 -82.32 -58.84 -1.39
N VAL Z 42 -81.73 -57.73 -1.79
CA VAL Z 42 -82.45 -56.49 -2.23
C VAL Z 42 -81.94 -56.08 -3.59
N ILE Z 43 -82.82 -55.99 -4.58
CA ILE Z 43 -82.47 -55.42 -5.91
C ILE Z 43 -83.04 -54.01 -5.97
N GLY Z 44 -82.20 -53.00 -6.17
CA GLY Z 44 -82.63 -51.60 -6.26
C GLY Z 44 -83.51 -51.37 -7.49
N PRO Z 45 -83.92 -50.11 -7.77
CA PRO Z 45 -84.55 -49.78 -9.05
C PRO Z 45 -83.60 -49.84 -10.24
N HIS Z 46 -84.12 -49.68 -11.47
CA HIS Z 46 -83.39 -49.80 -12.77
C HIS Z 46 -82.18 -50.75 -12.67
N VAL Z 47 -82.38 -52.00 -12.25
CA VAL Z 47 -81.32 -53.03 -12.36
C VAL Z 47 -81.68 -53.94 -13.52
N VAL Z 48 -80.67 -54.61 -14.06
CA VAL Z 48 -80.80 -55.62 -15.14
C VAL Z 48 -80.00 -56.84 -14.69
N LEU Z 49 -80.70 -57.92 -14.37
CA LEU Z 49 -80.10 -59.27 -14.15
C LEU Z 49 -80.40 -60.12 -15.39
N LYS Z 50 -79.40 -60.87 -15.82
CA LYS Z 50 -79.53 -61.88 -16.90
C LYS Z 50 -78.85 -63.13 -16.37
N GLY Z 51 -79.27 -64.29 -16.88
CA GLY Z 51 -78.83 -65.61 -16.39
C GLY Z 51 -78.06 -66.39 -17.46
N PRO Z 52 -77.70 -67.67 -17.24
CA PRO Z 52 -77.91 -68.35 -15.96
C PRO Z 52 -77.04 -67.74 -14.86
N THR Z 53 -77.66 -67.23 -13.82
CA THR Z 53 -76.98 -66.47 -12.75
C THR Z 53 -77.58 -66.90 -11.42
N LYS Z 54 -76.74 -67.05 -10.42
CA LYS Z 54 -77.14 -67.51 -9.09
C LYS Z 54 -76.65 -66.45 -8.10
N ILE Z 55 -77.56 -65.75 -7.44
CA ILE Z 55 -77.22 -64.70 -6.43
C ILE Z 55 -77.59 -65.19 -5.04
N GLY Z 56 -76.61 -65.23 -4.12
CA GLY Z 56 -76.79 -65.76 -2.76
C GLY Z 56 -77.71 -64.89 -1.91
N LYS Z 57 -77.48 -64.88 -0.60
CA LYS Z 57 -78.41 -64.36 0.45
C LYS Z 57 -77.93 -62.98 0.91
N HIS Z 58 -78.86 -62.14 1.38
CA HIS Z 58 -78.55 -60.81 1.97
C HIS Z 58 -77.56 -60.02 1.10
N ASN Z 59 -77.78 -59.91 -0.22
CA ASN Z 59 -76.98 -59.01 -1.09
C ASN Z 59 -77.80 -57.73 -1.31
N ARG Z 60 -77.12 -56.62 -1.57
CA ARG Z 60 -77.73 -55.26 -1.78
C ARG Z 60 -77.12 -54.92 -3.16
N ILE Z 61 -77.90 -54.86 -4.25
CA ILE Z 61 -77.46 -54.46 -5.63
C ILE Z 61 -78.18 -53.17 -6.06
N TYR Z 62 -77.44 -52.16 -6.53
CA TYR Z 62 -77.99 -50.80 -6.80
C TYR Z 62 -78.28 -50.60 -8.28
N GLN Z 63 -78.88 -49.44 -8.59
CA GLN Z 63 -79.37 -48.98 -9.91
C GLN Z 63 -78.28 -49.01 -10.99
N PHE Z 64 -78.64 -49.19 -12.26
CA PHE Z 64 -77.77 -48.99 -13.48
C PHE Z 64 -76.73 -50.13 -13.61
N SER Z 65 -76.88 -51.10 -12.71
CA SER Z 65 -76.05 -52.33 -12.65
C SER Z 65 -76.58 -53.32 -13.66
N SER Z 66 -75.69 -53.89 -14.45
CA SER Z 66 -76.00 -54.87 -15.51
C SER Z 66 -75.23 -56.13 -15.12
N VAL Z 67 -75.85 -56.94 -14.26
CA VAL Z 67 -75.25 -58.14 -13.60
C VAL Z 67 -75.72 -59.43 -14.29
N GLY Z 68 -74.77 -60.11 -14.92
CA GLY Z 68 -74.98 -61.39 -15.62
C GLY Z 68 -75.20 -61.20 -17.11
N GLU Z 69 -74.66 -60.13 -17.72
CA GLU Z 69 -74.70 -59.93 -19.19
C GLU Z 69 -73.58 -60.78 -19.82
N ASP Z 70 -73.60 -61.05 -21.15
CA ASP Z 70 -72.58 -61.89 -21.85
C ASP Z 70 -71.29 -61.05 -21.97
N THR Z 71 -70.07 -61.62 -21.99
CA THR Z 71 -68.95 -60.67 -22.20
C THR Z 71 -69.00 -60.23 -23.66
N PRO Z 72 -68.65 -58.97 -24.01
CA PRO Z 72 -68.71 -58.51 -25.39
C PRO Z 72 -67.62 -59.13 -26.26
N ASP Z 73 -66.45 -59.49 -25.63
CA ASP Z 73 -65.24 -60.18 -26.18
C ASP Z 73 -65.69 -61.19 -27.23
N LEU Z 74 -65.08 -61.23 -28.40
CA LEU Z 74 -65.67 -61.97 -29.56
C LEU Z 74 -65.43 -63.47 -29.41
N LYS Z 75 -64.37 -63.80 -28.68
CA LYS Z 75 -64.03 -65.13 -28.10
C LYS Z 75 -65.35 -65.88 -27.80
N TYR Z 76 -66.18 -65.33 -26.93
CA TYR Z 76 -67.46 -65.92 -26.48
C TYR Z 76 -68.48 -65.82 -27.62
N LYS Z 77 -69.00 -66.94 -28.10
CA LYS Z 77 -70.07 -66.91 -29.13
C LYS Z 77 -71.37 -67.45 -28.52
N GLY Z 78 -71.76 -67.00 -27.32
CA GLY Z 78 -73.12 -67.22 -26.80
C GLY Z 78 -73.31 -68.56 -26.11
N GLU Z 79 -72.27 -69.39 -25.97
CA GLU Z 79 -72.34 -70.69 -25.24
C GLU Z 79 -72.98 -70.39 -23.88
N PRO Z 80 -73.63 -71.35 -23.18
CA PRO Z 80 -74.69 -70.97 -22.23
C PRO Z 80 -74.10 -70.92 -20.81
N THR Z 81 -73.10 -70.06 -20.56
CA THR Z 81 -72.22 -70.02 -19.34
C THR Z 81 -72.88 -69.35 -18.14
N ARG Z 82 -72.22 -69.35 -16.97
CA ARG Z 82 -72.84 -69.01 -15.67
C ARG Z 82 -72.07 -67.87 -15.00
N LEU Z 83 -72.80 -67.12 -14.14
CA LEU Z 83 -72.32 -66.22 -13.06
C LEU Z 83 -72.88 -66.73 -11.72
N VAL Z 84 -72.04 -66.65 -10.69
CA VAL Z 84 -72.38 -67.07 -9.29
C VAL Z 84 -71.89 -65.98 -8.33
N ILE Z 85 -72.78 -65.53 -7.46
CA ILE Z 85 -72.47 -64.52 -6.39
C ILE Z 85 -72.88 -65.13 -5.06
N GLY Z 86 -71.97 -65.11 -4.09
CA GLY Z 86 -72.22 -65.58 -2.72
C GLY Z 86 -73.16 -64.66 -1.96
N ASP Z 87 -72.92 -64.51 -0.65
CA ASP Z 87 -73.83 -63.91 0.34
C ASP Z 87 -73.24 -62.58 0.83
N HIS Z 88 -74.04 -61.72 1.46
CA HIS Z 88 -73.64 -60.45 2.13
C HIS Z 88 -72.72 -59.62 1.21
N ASN Z 89 -73.00 -59.56 -0.09
CA ASN Z 89 -72.20 -58.71 -1.00
C ASN Z 89 -72.94 -57.41 -1.24
N VAL Z 90 -72.18 -56.36 -1.54
CA VAL Z 90 -72.74 -55.06 -2.01
C VAL Z 90 -72.19 -54.70 -3.38
N ILE Z 91 -73.13 -54.45 -4.29
CA ILE Z 91 -72.81 -54.04 -5.68
C ILE Z 91 -73.43 -52.67 -5.89
N ARG Z 92 -72.58 -51.64 -5.90
CA ARG Z 92 -72.99 -50.22 -5.97
C ARG Z 92 -73.47 -49.87 -7.38
N GLU Z 93 -73.75 -48.59 -7.57
CA GLU Z 93 -74.45 -48.06 -8.76
C GLU Z 93 -73.57 -48.29 -10.01
N GLY Z 94 -74.11 -48.98 -11.02
CA GLY Z 94 -73.56 -48.98 -12.39
C GLY Z 94 -72.56 -50.09 -12.64
N VAL Z 95 -72.47 -51.02 -11.71
CA VAL Z 95 -71.50 -52.12 -11.84
C VAL Z 95 -71.95 -53.03 -12.97
N THR Z 96 -70.97 -53.56 -13.70
CA THR Z 96 -71.15 -54.60 -14.74
C THR Z 96 -70.43 -55.86 -14.27
N ILE Z 97 -71.13 -56.98 -14.34
CA ILE Z 97 -70.54 -58.32 -14.09
C ILE Z 97 -70.97 -59.22 -15.24
N HIS Z 98 -70.00 -59.82 -15.92
CA HIS Z 98 -70.20 -60.62 -17.15
C HIS Z 98 -70.07 -62.12 -16.80
N ARG Z 99 -70.88 -62.96 -17.40
CA ARG Z 99 -70.73 -64.42 -17.18
C ARG Z 99 -69.58 -64.92 -18.04
N GLY Z 100 -68.98 -66.00 -17.51
CA GLY Z 100 -67.88 -66.79 -18.08
C GLY Z 100 -68.01 -67.04 -19.57
N THR Z 101 -66.99 -67.74 -20.07
CA THR Z 101 -66.77 -68.21 -21.47
C THR Z 101 -66.47 -69.69 -21.33
N VAL Z 102 -66.82 -70.54 -22.29
CA VAL Z 102 -66.48 -72.00 -22.17
C VAL Z 102 -64.94 -72.15 -22.22
N GLN Z 103 -64.23 -71.28 -22.93
CA GLN Z 103 -62.76 -71.29 -23.10
C GLN Z 103 -62.06 -71.49 -21.74
N ASP Z 104 -62.44 -70.83 -20.63
CA ASP Z 104 -61.77 -70.99 -19.30
C ASP Z 104 -62.71 -71.86 -18.45
N ARG Z 105 -63.25 -71.43 -17.31
CA ARG Z 105 -63.97 -72.42 -16.44
C ARG Z 105 -65.48 -72.25 -16.64
N ALA Z 106 -65.91 -71.40 -17.57
CA ALA Z 106 -67.34 -71.31 -17.97
C ALA Z 106 -68.13 -70.64 -16.85
N GLU Z 107 -67.44 -69.99 -15.93
CA GLU Z 107 -68.13 -69.33 -14.79
C GLU Z 107 -67.25 -68.20 -14.26
N THR Z 108 -67.92 -67.05 -14.11
CA THR Z 108 -67.54 -65.86 -13.31
C THR Z 108 -68.07 -66.05 -11.90
N THR Z 109 -67.28 -65.78 -10.87
CA THR Z 109 -67.59 -66.22 -9.48
C THR Z 109 -67.23 -65.18 -8.43
N ILE Z 110 -68.16 -64.89 -7.54
CA ILE Z 110 -67.92 -63.93 -6.42
C ILE Z 110 -68.34 -64.60 -5.11
N GLY Z 111 -67.48 -64.47 -4.10
CA GLY Z 111 -67.64 -65.08 -2.76
C GLY Z 111 -68.57 -64.25 -1.90
N ASP Z 112 -68.24 -64.06 -0.63
CA ASP Z 112 -69.12 -63.42 0.40
C ASP Z 112 -68.50 -62.08 0.86
N HIS Z 113 -69.30 -61.18 1.44
CA HIS Z 113 -68.85 -59.97 2.20
C HIS Z 113 -68.03 -58.99 1.35
N ASN Z 114 -68.13 -59.07 0.03
CA ASN Z 114 -67.38 -58.17 -0.90
C ASN Z 114 -68.15 -56.87 -1.11
N LEU Z 115 -67.39 -55.79 -1.24
CA LEU Z 115 -67.89 -54.43 -1.56
C LEU Z 115 -67.35 -54.04 -2.92
N ILE Z 116 -68.24 -53.94 -3.90
CA ILE Z 116 -67.87 -53.55 -5.29
C ILE Z 116 -68.54 -52.22 -5.56
N MET Z 117 -67.75 -51.15 -5.67
CA MET Z 117 -68.31 -49.79 -5.72
C MET Z 117 -68.60 -49.40 -7.16
N ALA Z 118 -69.06 -48.17 -7.31
CA ALA Z 118 -69.75 -47.71 -8.53
C ALA Z 118 -68.92 -47.90 -9.81
N TYR Z 119 -69.58 -48.25 -10.91
CA TYR Z 119 -69.06 -48.24 -12.30
C TYR Z 119 -67.90 -49.26 -12.40
N ALA Z 120 -67.68 -50.11 -11.39
CA ALA Z 120 -66.67 -51.19 -11.45
C ALA Z 120 -67.08 -52.20 -12.52
N HIS Z 121 -66.12 -52.91 -13.07
CA HIS Z 121 -66.34 -53.96 -14.09
C HIS Z 121 -65.65 -55.25 -13.63
N ILE Z 122 -66.34 -56.37 -13.80
CA ILE Z 122 -65.82 -57.72 -13.45
C ILE Z 122 -66.01 -58.65 -14.65
N GLY Z 123 -65.02 -58.70 -15.55
CA GLY Z 123 -65.09 -59.32 -16.88
C GLY Z 123 -65.22 -60.83 -16.80
N HIS Z 124 -65.56 -61.45 -17.93
CA HIS Z 124 -65.78 -62.92 -18.08
C HIS Z 124 -64.77 -63.70 -17.23
N ASP Z 125 -65.25 -64.62 -16.40
CA ASP Z 125 -64.41 -65.70 -15.80
C ASP Z 125 -63.59 -65.19 -14.63
N SER Z 126 -63.70 -63.92 -14.27
CA SER Z 126 -63.00 -63.39 -13.08
C SER Z 126 -63.55 -64.13 -11.86
N VAL Z 127 -62.81 -64.10 -10.76
CA VAL Z 127 -63.14 -64.89 -9.55
C VAL Z 127 -62.76 -64.12 -8.29
N ILE Z 128 -63.73 -63.77 -7.47
CA ILE Z 128 -63.49 -62.94 -6.27
C ILE Z 128 -63.81 -63.75 -5.02
N GLY Z 129 -62.92 -63.63 -4.02
CA GLY Z 129 -62.99 -64.33 -2.72
C GLY Z 129 -63.96 -63.64 -1.80
N ASN Z 130 -63.51 -63.24 -0.60
CA ASN Z 130 -64.38 -62.64 0.46
C ASN Z 130 -63.76 -61.35 1.01
N HIS Z 131 -64.60 -60.46 1.54
CA HIS Z 131 -64.17 -59.22 2.24
C HIS Z 131 -63.23 -58.42 1.32
N CYS Z 132 -63.39 -58.55 0.00
CA CYS Z 132 -62.60 -57.73 -0.95
C CYS Z 132 -63.29 -56.38 -1.09
N ILE Z 133 -62.52 -55.35 -1.41
CA ILE Z 133 -63.10 -54.06 -1.86
C ILE Z 133 -62.55 -53.69 -3.23
N LEU Z 134 -63.45 -53.58 -4.20
CA LEU Z 134 -63.15 -52.99 -5.52
C LEU Z 134 -63.75 -51.60 -5.51
N VAL Z 135 -62.90 -50.58 -5.51
CA VAL Z 135 -63.36 -49.17 -5.46
C VAL Z 135 -63.82 -48.74 -6.86
N ASN Z 136 -64.48 -47.58 -6.94
CA ASN Z 136 -65.09 -47.02 -8.18
C ASN Z 136 -64.23 -47.34 -9.41
N ASN Z 137 -64.86 -47.91 -10.45
CA ASN Z 137 -64.33 -48.03 -11.84
C ASN Z 137 -63.15 -49.00 -11.93
N THR Z 138 -62.79 -49.65 -10.83
CA THR Z 138 -61.94 -50.85 -10.89
C THR Z 138 -62.47 -51.74 -11.99
N ALA Z 139 -61.56 -52.37 -12.71
CA ALA Z 139 -61.85 -53.13 -13.95
C ALA Z 139 -60.95 -54.36 -14.03
N LEU Z 140 -61.59 -55.54 -14.06
CA LEU Z 140 -60.91 -56.86 -14.19
C LEU Z 140 -61.17 -57.35 -15.61
N ALA Z 141 -60.19 -57.24 -16.50
CA ALA Z 141 -60.37 -57.42 -17.96
C ALA Z 141 -61.02 -58.76 -18.26
N GLY Z 142 -60.57 -59.79 -17.54
CA GLY Z 142 -61.07 -61.17 -17.65
C GLY Z 142 -60.16 -62.18 -16.97
N HIS Z 143 -60.75 -63.27 -16.50
CA HIS Z 143 -60.11 -64.44 -15.83
C HIS Z 143 -59.17 -63.94 -14.73
N VAL Z 144 -59.52 -62.83 -14.09
CA VAL Z 144 -58.72 -62.28 -12.95
C VAL Z 144 -59.19 -62.97 -11.69
N HIS Z 145 -58.26 -63.51 -10.89
CA HIS Z 145 -58.54 -64.07 -9.55
C HIS Z 145 -58.08 -63.06 -8.50
N VAL Z 146 -59.00 -62.62 -7.65
CA VAL Z 146 -58.76 -61.71 -6.50
C VAL Z 146 -59.00 -62.53 -5.23
N ASP Z 147 -57.93 -62.86 -4.52
CA ASP Z 147 -57.98 -63.60 -3.24
C ASP Z 147 -58.46 -62.64 -2.14
N ASP Z 148 -58.69 -63.14 -0.93
CA ASP Z 148 -59.54 -62.47 0.11
C ASP Z 148 -58.90 -61.19 0.64
N TRP Z 149 -59.72 -60.24 1.08
CA TRP Z 149 -59.29 -59.03 1.83
C TRP Z 149 -58.57 -58.02 0.91
N ALA Z 150 -58.38 -58.38 -0.35
CA ALA Z 150 -57.69 -57.50 -1.29
C ALA Z 150 -58.49 -56.22 -1.40
N ILE Z 151 -57.79 -55.14 -1.63
CA ILE Z 151 -58.38 -53.81 -1.86
C ILE Z 151 -57.77 -53.25 -3.14
N LEU Z 152 -58.64 -52.97 -4.11
CA LEU Z 152 -58.23 -52.27 -5.33
C LEU Z 152 -58.80 -50.85 -5.25
N SER Z 153 -57.93 -49.88 -5.01
CA SER Z 153 -58.27 -48.44 -5.01
C SER Z 153 -58.95 -48.08 -6.35
N GLY Z 154 -59.51 -46.88 -6.45
CA GLY Z 154 -60.33 -46.45 -7.60
C GLY Z 154 -59.60 -46.56 -8.91
N TYR Z 155 -60.29 -46.94 -9.99
CA TYR Z 155 -59.77 -46.89 -11.37
C TYR Z 155 -58.49 -47.74 -11.45
N THR Z 156 -58.47 -48.84 -10.71
CA THR Z 156 -57.44 -49.89 -10.80
C THR Z 156 -57.80 -50.81 -11.97
N LEU Z 157 -56.83 -51.05 -12.86
CA LEU Z 157 -57.04 -51.81 -14.11
C LEU Z 157 -56.17 -53.07 -14.04
N VAL Z 158 -56.75 -54.23 -14.38
CA VAL Z 158 -56.09 -55.54 -14.14
C VAL Z 158 -56.16 -56.39 -15.40
N HIS Z 159 -55.02 -56.68 -16.04
CA HIS Z 159 -54.94 -57.22 -17.44
C HIS Z 159 -55.38 -58.70 -17.35
N GLN Z 160 -55.96 -59.23 -18.45
CA GLN Z 160 -56.47 -60.61 -18.61
C GLN Z 160 -55.60 -61.46 -17.67
N TYR Z 161 -56.16 -62.34 -16.83
CA TYR Z 161 -55.46 -63.51 -16.20
C TYR Z 161 -54.57 -63.19 -14.99
N CYS Z 162 -54.47 -61.94 -14.53
CA CYS Z 162 -53.61 -61.62 -13.36
C CYS Z 162 -54.24 -62.16 -12.08
N ARG Z 163 -53.40 -62.53 -11.10
CA ARG Z 163 -53.82 -62.94 -9.75
C ARG Z 163 -53.46 -61.83 -8.77
N ILE Z 164 -54.47 -61.30 -8.09
CA ILE Z 164 -54.29 -60.34 -6.97
C ILE Z 164 -54.32 -61.16 -5.68
N GLY Z 165 -53.15 -61.48 -5.12
CA GLY Z 165 -53.02 -62.22 -3.85
C GLY Z 165 -53.72 -61.51 -2.69
N ALA Z 166 -53.95 -62.22 -1.61
CA ALA Z 166 -54.77 -61.79 -0.46
C ALA Z 166 -54.14 -60.65 0.34
N HIS Z 167 -54.99 -59.74 0.84
CA HIS Z 167 -54.60 -58.52 1.62
C HIS Z 167 -53.78 -57.57 0.76
N SER Z 168 -53.56 -57.92 -0.49
CA SER Z 168 -52.82 -57.04 -1.41
C SER Z 168 -53.63 -55.75 -1.54
N PHE Z 169 -52.99 -54.73 -2.09
CA PHE Z 169 -53.55 -53.37 -2.19
C PHE Z 169 -52.98 -52.68 -3.42
N SER Z 170 -53.85 -52.29 -4.35
CA SER Z 170 -53.50 -51.39 -5.47
C SER Z 170 -53.90 -49.96 -5.12
N GLY Z 171 -53.03 -48.98 -5.43
CA GLY Z 171 -53.35 -47.54 -5.30
C GLY Z 171 -54.25 -47.09 -6.44
N MET Z 172 -54.72 -45.83 -6.42
CA MET Z 172 -55.68 -45.36 -7.45
C MET Z 172 -54.92 -45.24 -8.77
N GLY Z 173 -55.65 -45.46 -9.88
CA GLY Z 173 -55.11 -45.48 -11.26
C GLY Z 173 -54.01 -46.48 -11.45
N SER Z 174 -53.87 -47.50 -10.60
CA SER Z 174 -52.89 -48.60 -10.82
C SER Z 174 -53.27 -49.37 -12.10
N ALA Z 175 -52.25 -49.77 -12.86
CA ALA Z 175 -52.38 -50.50 -14.13
C ALA Z 175 -51.62 -51.83 -14.04
N ILE Z 176 -52.30 -52.83 -13.50
CA ILE Z 176 -51.67 -54.09 -13.04
C ILE Z 176 -51.56 -55.05 -14.23
N GLY Z 177 -50.34 -55.25 -14.75
CA GLY Z 177 -50.11 -56.11 -15.94
C GLY Z 177 -49.67 -57.51 -15.56
N LYS Z 178 -49.40 -57.77 -14.28
CA LYS Z 178 -48.82 -59.04 -13.78
C LYS Z 178 -49.23 -59.26 -12.34
N ASP Z 179 -49.06 -60.47 -11.84
CA ASP Z 179 -49.58 -60.87 -10.50
C ASP Z 179 -49.14 -59.91 -9.41
N VAL Z 180 -50.02 -59.68 -8.45
CA VAL Z 180 -49.72 -58.96 -7.18
C VAL Z 180 -49.69 -59.97 -6.04
N PRO Z 181 -48.51 -60.18 -5.42
CA PRO Z 181 -48.38 -61.14 -4.32
C PRO Z 181 -49.24 -60.74 -3.13
N ALA Z 182 -49.63 -61.72 -2.32
CA ALA Z 182 -50.32 -61.48 -1.04
C ALA Z 182 -49.65 -60.31 -0.32
N TYR Z 183 -50.44 -59.40 0.26
CA TYR Z 183 -50.00 -58.34 1.20
C TYR Z 183 -49.32 -57.16 0.50
N VAL Z 184 -48.98 -57.27 -0.79
CA VAL Z 184 -48.11 -56.25 -1.44
C VAL Z 184 -48.94 -55.02 -1.81
N THR Z 185 -48.38 -53.82 -1.62
CA THR Z 185 -48.94 -52.54 -2.10
C THR Z 185 -48.30 -52.26 -3.47
N VAL Z 186 -49.12 -52.00 -4.49
CA VAL Z 186 -48.64 -51.64 -5.86
C VAL Z 186 -49.28 -50.33 -6.30
N PHE Z 187 -48.57 -49.54 -7.09
CA PHE Z 187 -48.98 -48.17 -7.45
C PHE Z 187 -48.56 -47.86 -8.88
N GLY Z 188 -49.45 -47.21 -9.64
CA GLY Z 188 -49.10 -46.46 -10.86
C GLY Z 188 -49.21 -47.26 -12.14
N ASN Z 189 -48.80 -46.64 -13.24
CA ASN Z 189 -48.96 -47.15 -14.61
C ASN Z 189 -47.60 -47.16 -15.31
N PRO Z 190 -46.95 -48.32 -15.37
CA PRO Z 190 -47.56 -49.58 -14.98
C PRO Z 190 -47.30 -49.82 -13.49
N ALA Z 191 -48.21 -50.54 -12.81
CA ALA Z 191 -48.11 -50.92 -11.39
C ALA Z 191 -46.67 -51.36 -11.08
N GLU Z 192 -46.07 -50.80 -10.02
CA GLU Z 192 -44.85 -51.37 -9.37
C GLU Z 192 -45.17 -51.71 -7.92
N ALA Z 193 -44.36 -52.58 -7.31
CA ALA Z 193 -44.44 -52.92 -5.87
C ALA Z 193 -43.89 -51.73 -5.09
N ARG Z 194 -44.39 -51.43 -3.90
CA ARG Z 194 -43.81 -50.38 -3.01
C ARG Z 194 -43.49 -50.99 -1.64
N SER Z 195 -44.52 -51.44 -0.93
CA SER Z 195 -44.41 -51.99 0.44
C SER Z 195 -45.29 -53.23 0.55
N MET Z 196 -45.45 -53.70 1.76
CA MET Z 196 -46.57 -54.58 2.14
C MET Z 196 -47.58 -53.71 2.87
N ASN Z 197 -48.79 -54.25 2.97
CA ASN Z 197 -50.00 -53.54 3.44
C ASN Z 197 -50.11 -53.77 4.93
N PHE Z 198 -49.25 -53.10 5.69
CA PHE Z 198 -49.16 -53.27 7.16
C PHE Z 198 -50.52 -52.88 7.70
N GLU Z 199 -51.11 -51.87 7.08
CA GLU Z 199 -52.45 -51.40 7.45
C GLU Z 199 -53.34 -52.63 7.73
N GLY Z 200 -53.81 -53.28 6.67
CA GLY Z 200 -54.81 -54.34 6.73
C GLY Z 200 -54.28 -55.59 7.39
N MET Z 201 -53.01 -55.58 7.80
CA MET Z 201 -52.40 -56.61 8.68
C MET Z 201 -52.74 -56.29 10.12
N ARG Z 202 -52.59 -55.02 10.54
CA ARG Z 202 -52.98 -54.61 11.92
C ARG Z 202 -54.48 -54.88 11.97
N ARG Z 203 -55.23 -54.51 10.93
CA ARG Z 203 -56.71 -54.74 10.86
C ARG Z 203 -57.02 -56.22 11.10
N ARG Z 204 -56.29 -57.16 10.54
CA ARG Z 204 -56.54 -58.60 10.80
C ARG Z 204 -55.98 -59.05 12.17
N GLY Z 205 -55.35 -58.15 12.92
CA GLY Z 205 -54.77 -58.42 14.24
C GLY Z 205 -53.61 -59.39 14.17
N PHE Z 206 -52.86 -59.43 13.06
CA PHE Z 206 -51.63 -60.23 12.90
C PHE Z 206 -50.69 -59.95 14.09
N SER Z 207 -49.92 -60.95 14.52
CA SER Z 207 -48.92 -60.77 15.61
C SER Z 207 -47.84 -59.84 15.10
N SER Z 208 -47.11 -59.17 15.98
CA SER Z 208 -46.01 -58.27 15.51
C SER Z 208 -44.94 -59.13 14.87
N GLU Z 209 -44.62 -60.33 15.38
CA GLU Z 209 -43.58 -61.21 14.79
C GLU Z 209 -43.96 -61.43 13.32
N ALA Z 210 -45.23 -61.70 13.07
CA ALA Z 210 -45.76 -62.05 11.74
C ALA Z 210 -45.59 -60.84 10.81
N ILE Z 211 -45.94 -59.65 11.30
CA ILE Z 211 -45.73 -58.42 10.51
C ILE Z 211 -44.24 -58.31 10.16
N HIS Z 212 -43.35 -58.20 11.16
CA HIS Z 212 -41.88 -58.10 10.96
C HIS Z 212 -41.44 -59.16 9.96
N ALA Z 213 -41.92 -60.40 10.09
CA ALA Z 213 -41.51 -61.55 9.25
C ALA Z 213 -41.88 -61.32 7.79
N LEU Z 214 -43.03 -60.66 7.60
CA LEU Z 214 -43.60 -60.30 6.28
C LEU Z 214 -42.80 -59.14 5.69
N ARG Z 215 -42.38 -58.17 6.50
CA ARG Z 215 -41.43 -57.14 6.04
C ARG Z 215 -40.16 -57.87 5.58
N ARG Z 216 -39.55 -58.73 6.42
CA ARG Z 216 -38.30 -59.47 6.05
C ARG Z 216 -38.56 -60.07 4.66
N ALA Z 217 -39.70 -60.74 4.51
CA ALA Z 217 -40.06 -61.52 3.32
C ALA Z 217 -40.10 -60.61 2.08
N TYR Z 218 -40.74 -59.44 2.21
CA TYR Z 218 -40.80 -58.44 1.11
C TYR Z 218 -39.36 -58.15 0.68
N LYS Z 219 -38.59 -57.72 1.67
CA LYS Z 219 -37.21 -57.20 1.49
C LYS Z 219 -36.48 -58.25 0.61
N VAL Z 220 -36.69 -59.53 0.89
CA VAL Z 220 -35.98 -60.67 0.25
C VAL Z 220 -36.23 -60.68 -1.26
N VAL Z 221 -37.51 -60.76 -1.59
CA VAL Z 221 -38.02 -60.87 -2.97
C VAL Z 221 -37.46 -59.71 -3.78
N TYR Z 222 -37.83 -58.51 -3.31
CA TYR Z 222 -37.77 -57.21 -4.03
C TYR Z 222 -36.43 -56.54 -3.79
N ARG Z 223 -36.28 -55.96 -2.58
CA ARG Z 223 -35.18 -55.04 -2.26
C ARG Z 223 -33.84 -55.80 -2.00
N GLN Z 224 -33.68 -57.11 -2.17
CA GLN Z 224 -32.31 -57.73 -2.03
C GLN Z 224 -31.79 -58.15 -3.41
N GLY Z 225 -32.57 -57.81 -4.45
CA GLY Z 225 -32.49 -58.41 -5.80
C GLY Z 225 -31.93 -59.83 -5.73
N HIS Z 226 -32.52 -60.71 -4.93
CA HIS Z 226 -32.41 -62.15 -5.24
C HIS Z 226 -33.18 -62.30 -6.58
N THR Z 227 -32.94 -63.36 -7.38
CA THR Z 227 -33.88 -63.77 -8.47
C THR Z 227 -35.28 -64.00 -7.86
N VAL Z 228 -36.27 -64.37 -8.67
CA VAL Z 228 -37.58 -64.83 -8.14
C VAL Z 228 -37.31 -66.17 -7.46
N GLU Z 229 -36.74 -67.15 -8.18
CA GLU Z 229 -36.43 -68.49 -7.62
C GLU Z 229 -35.59 -68.41 -6.36
N GLU Z 230 -34.57 -67.56 -6.40
CA GLU Z 230 -33.58 -67.44 -5.31
C GLU Z 230 -34.34 -67.09 -4.04
N ALA Z 231 -35.30 -66.16 -4.15
CA ALA Z 231 -36.03 -65.65 -2.97
C ALA Z 231 -36.98 -66.74 -2.46
N LEU Z 232 -37.71 -67.39 -3.35
CA LEU Z 232 -38.65 -68.47 -2.95
C LEU Z 232 -37.93 -69.48 -2.04
N ALA Z 233 -36.67 -69.72 -2.38
CA ALA Z 233 -35.74 -70.57 -1.62
C ALA Z 233 -35.54 -70.02 -0.22
N GLU Z 234 -35.15 -68.75 -0.14
CA GLU Z 234 -34.87 -68.05 1.15
C GLU Z 234 -36.09 -68.20 2.05
N LEU Z 235 -37.24 -67.84 1.52
CA LEU Z 235 -38.52 -67.70 2.28
C LEU Z 235 -38.84 -69.01 3.01
N ALA Z 236 -38.77 -70.16 2.34
CA ALA Z 236 -38.84 -71.55 2.90
C ALA Z 236 -38.84 -71.61 4.44
N GLU Z 237 -37.71 -71.26 5.09
CA GLU Z 237 -37.58 -71.14 6.58
C GLU Z 237 -38.70 -70.25 7.12
N SER Z 238 -38.63 -68.93 6.80
CA SER Z 238 -39.63 -67.86 7.12
C SER Z 238 -41.06 -68.43 7.08
N ALA Z 239 -41.34 -69.32 6.12
CA ALA Z 239 -42.70 -69.72 5.70
C ALA Z 239 -43.19 -70.93 6.51
N ALA Z 240 -42.26 -71.77 6.96
CA ALA Z 240 -42.60 -72.83 7.92
C ALA Z 240 -43.02 -72.17 9.24
N GLN Z 241 -42.17 -71.25 9.65
CA GLN Z 241 -42.29 -70.48 10.91
C GLN Z 241 -43.66 -69.78 10.98
N PHE Z 242 -44.16 -69.20 9.89
CA PHE Z 242 -45.31 -68.27 9.89
C PHE Z 242 -46.24 -68.60 8.74
N PRO Z 243 -47.36 -69.29 9.01
CA PRO Z 243 -48.43 -69.40 8.04
C PRO Z 243 -48.70 -68.12 7.25
N GLU Z 244 -48.55 -66.93 7.87
CA GLU Z 244 -48.79 -65.64 7.16
C GLU Z 244 -47.80 -65.48 5.99
N VAL Z 245 -46.53 -65.82 6.20
CA VAL Z 245 -45.45 -65.71 5.17
C VAL Z 245 -45.73 -66.76 4.10
N ALA Z 246 -46.11 -67.95 4.57
CA ALA Z 246 -46.42 -69.13 3.73
C ALA Z 246 -47.25 -68.67 2.52
N VAL Z 247 -48.36 -68.02 2.84
CA VAL Z 247 -49.31 -67.37 1.89
C VAL Z 247 -48.58 -66.53 0.83
N PHE Z 248 -47.67 -65.69 1.31
CA PHE Z 248 -46.89 -64.74 0.48
C PHE Z 248 -45.97 -65.55 -0.43
N ARG Z 249 -45.21 -66.51 0.12
CA ARG Z 249 -44.40 -67.42 -0.73
C ARG Z 249 -45.32 -68.09 -1.76
N ASP Z 250 -46.39 -68.72 -1.29
CA ASP Z 250 -47.36 -69.45 -2.15
C ASP Z 250 -47.88 -68.49 -3.24
N SER Z 251 -48.20 -67.22 -2.96
CA SER Z 251 -48.65 -66.32 -4.05
C SER Z 251 -47.55 -66.29 -5.12
N ILE Z 252 -46.32 -65.97 -4.72
CA ILE Z 252 -45.19 -65.76 -5.66
C ILE Z 252 -44.90 -67.05 -6.43
N GLN Z 253 -44.95 -68.18 -5.72
CA GLN Z 253 -44.81 -69.51 -6.34
C GLN Z 253 -45.54 -69.51 -7.69
N SER Z 254 -46.84 -69.74 -7.64
CA SER Z 254 -47.67 -70.14 -8.81
C SER Z 254 -48.05 -68.85 -9.53
N ALA Z 255 -47.05 -68.02 -9.75
CA ALA Z 255 -47.05 -66.93 -10.74
C ALA Z 255 -45.93 -67.16 -11.76
N THR Z 256 -44.81 -67.76 -11.33
CA THR Z 256 -43.61 -68.01 -12.17
C THR Z 256 -43.48 -69.53 -12.28
N ARG Z 257 -43.77 -70.20 -13.43
CA ARG Z 257 -43.16 -71.54 -13.60
C ARG Z 257 -41.89 -71.42 -14.44
N GLY Z 258 -41.77 -70.38 -15.26
CA GLY Z 258 -40.65 -70.18 -16.21
C GLY Z 258 -40.45 -71.35 -17.18
N ILE Z 259 -39.35 -71.31 -17.94
CA ILE Z 259 -39.02 -72.34 -18.97
C ILE Z 259 -37.68 -72.98 -18.59
N THR Z 260 -37.35 -74.12 -19.17
CA THR Z 260 -36.00 -74.72 -19.10
C THR Z 260 -35.04 -73.75 -19.76
N ARG Z 261 -34.11 -73.14 -19.02
CA ARG Z 261 -32.90 -72.57 -19.67
C ARG Z 261 -31.85 -73.67 -19.67
N SER AA 5 -97.63 -31.45 -18.78
CA SER AA 5 -97.69 -31.24 -17.26
C SER AA 5 -96.38 -31.69 -16.53
N LEU AA 6 -95.79 -30.80 -15.74
CA LEU AA 6 -94.36 -30.58 -15.38
C LEU AA 6 -93.62 -31.83 -14.89
N ILE AA 7 -94.17 -32.39 -13.81
CA ILE AA 7 -93.65 -33.60 -13.13
C ILE AA 7 -94.32 -34.80 -13.80
N ASP AA 8 -93.56 -35.56 -14.58
CA ASP AA 8 -94.03 -36.76 -15.31
C ASP AA 8 -94.81 -37.66 -14.36
N PRO AA 9 -95.93 -38.28 -14.80
CA PRO AA 9 -96.65 -39.18 -13.92
C PRO AA 9 -95.87 -40.49 -13.71
N ARG AA 10 -94.96 -40.91 -14.59
CA ARG AA 10 -94.27 -42.22 -14.40
C ARG AA 10 -93.10 -42.06 -13.42
N ALA AA 11 -92.86 -40.85 -12.94
CA ALA AA 11 -91.81 -40.55 -11.94
C ALA AA 11 -92.38 -40.80 -10.55
N ILE AA 12 -91.52 -41.10 -9.58
CA ILE AA 12 -91.91 -41.33 -8.17
C ILE AA 12 -91.43 -40.16 -7.34
N ILE AA 13 -92.35 -39.54 -6.61
CA ILE AA 13 -92.04 -38.43 -5.66
C ILE AA 13 -92.49 -38.83 -4.27
N ASP AA 14 -91.56 -38.86 -3.32
CA ASP AA 14 -91.89 -39.10 -1.90
C ASP AA 14 -92.85 -38.01 -1.44
N PRO AA 15 -93.85 -38.32 -0.58
CA PRO AA 15 -94.67 -37.28 0.04
C PRO AA 15 -93.79 -36.27 0.80
N SER AA 16 -92.71 -36.76 1.42
CA SER AA 16 -91.83 -35.93 2.27
C SER AA 16 -91.00 -34.97 1.39
N ALA AA 17 -90.74 -35.26 0.12
CA ALA AA 17 -89.95 -34.38 -0.79
C ALA AA 17 -90.69 -33.07 -1.00
N ARG AA 18 -90.01 -32.00 -1.42
CA ARG AA 18 -90.70 -30.70 -1.60
C ARG AA 18 -89.97 -29.89 -2.67
N LEU AA 19 -90.71 -29.49 -3.73
CA LEU AA 19 -90.27 -28.99 -5.07
C LEU AA 19 -90.92 -27.64 -5.42
N ALA AA 20 -90.16 -26.56 -5.66
CA ALA AA 20 -90.71 -25.24 -6.07
C ALA AA 20 -91.57 -25.39 -7.34
N ALA AA 21 -92.45 -24.43 -7.62
CA ALA AA 21 -93.61 -24.55 -8.55
C ALA AA 21 -93.21 -25.19 -9.89
N ASP AA 22 -92.29 -24.56 -10.61
CA ASP AA 22 -91.97 -24.81 -12.04
C ASP AA 22 -90.78 -25.79 -12.17
N VAL AA 23 -90.54 -26.60 -11.16
CA VAL AA 23 -89.61 -27.76 -11.27
C VAL AA 23 -90.26 -28.77 -12.20
N GLN AA 24 -89.42 -29.43 -13.00
CA GLN AA 24 -89.81 -30.59 -13.82
C GLN AA 24 -89.06 -31.84 -13.40
N VAL AA 25 -89.69 -32.99 -13.61
CA VAL AA 25 -89.08 -34.32 -13.41
C VAL AA 25 -89.48 -35.21 -14.59
N GLY AA 26 -88.48 -35.72 -15.33
CA GLY AA 26 -88.66 -36.67 -16.45
C GLY AA 26 -89.23 -37.98 -15.90
N PRO AA 27 -89.62 -38.92 -16.78
CA PRO AA 27 -90.17 -40.20 -16.33
C PRO AA 27 -89.16 -41.12 -15.63
N TRP AA 28 -89.62 -41.97 -14.71
CA TRP AA 28 -88.82 -43.08 -14.11
C TRP AA 28 -87.73 -42.53 -13.20
N SER AA 29 -87.81 -41.24 -12.92
CA SER AA 29 -86.91 -40.58 -11.96
C SER AA 29 -87.57 -40.72 -10.60
N ILE AA 30 -86.77 -40.87 -9.56
CA ILE AA 30 -87.22 -41.01 -8.14
C ILE AA 30 -86.69 -39.80 -7.39
N VAL AA 31 -87.58 -39.12 -6.69
CA VAL AA 31 -87.21 -38.02 -5.76
C VAL AA 31 -87.45 -38.53 -4.33
N GLY AA 32 -86.46 -39.26 -3.77
CA GLY AA 32 -86.48 -39.91 -2.45
C GLY AA 32 -87.00 -38.95 -1.38
N ALA AA 33 -87.24 -39.44 -0.17
CA ALA AA 33 -87.72 -38.58 0.92
C ALA AA 33 -86.68 -37.49 1.17
N GLU AA 34 -87.09 -36.38 1.79
CA GLU AA 34 -86.19 -35.35 2.36
C GLU AA 34 -85.44 -34.62 1.23
N VAL AA 35 -85.88 -34.76 -0.02
CA VAL AA 35 -85.21 -34.07 -1.15
C VAL AA 35 -85.96 -32.79 -1.45
N GLU AA 36 -85.22 -31.69 -1.48
CA GLU AA 36 -85.75 -30.33 -1.70
C GLU AA 36 -85.19 -29.85 -3.03
N ILE AA 37 -86.03 -29.37 -3.95
CA ILE AA 37 -85.57 -28.93 -5.30
C ILE AA 37 -86.04 -27.50 -5.56
N GLY AA 38 -85.10 -26.58 -5.77
CA GLY AA 38 -85.35 -25.13 -5.92
C GLY AA 38 -85.99 -24.81 -7.26
N GLU AA 39 -86.54 -23.60 -7.36
CA GLU AA 39 -87.22 -23.02 -8.55
C GLU AA 39 -86.48 -23.34 -9.86
N GLY AA 40 -87.22 -23.73 -10.92
CA GLY AA 40 -86.75 -23.77 -12.32
C GLY AA 40 -85.74 -24.86 -12.62
N THR AA 41 -85.49 -25.75 -11.66
CA THR AA 41 -84.59 -26.92 -11.83
C THR AA 41 -85.31 -27.92 -12.73
N VAL AA 42 -84.52 -28.72 -13.44
CA VAL AA 42 -85.02 -29.80 -14.36
C VAL AA 42 -84.34 -31.11 -13.98
N ILE AA 43 -85.14 -32.13 -13.67
CA ILE AA 43 -84.60 -33.50 -13.45
C ILE AA 43 -84.94 -34.31 -14.71
N GLY AA 44 -83.92 -34.85 -15.37
CA GLY AA 44 -84.13 -35.66 -16.60
C GLY AA 44 -84.86 -36.96 -16.27
N PRO AA 45 -85.04 -37.86 -17.24
CA PRO AA 45 -85.52 -39.21 -16.98
C PRO AA 45 -84.50 -40.09 -16.23
N HIS AA 46 -84.91 -41.30 -15.82
CA HIS AA 46 -84.12 -42.26 -14.99
C HIS AA 46 -83.09 -41.56 -14.09
N VAL AA 47 -83.52 -40.62 -13.25
CA VAL AA 47 -82.63 -40.07 -12.20
C VAL AA 47 -83.05 -40.69 -10.86
N VAL AA 48 -82.13 -40.70 -9.91
CA VAL AA 48 -82.33 -41.15 -8.52
C VAL AA 48 -81.79 -40.05 -7.62
N LEU AA 49 -82.68 -39.35 -6.91
CA LEU AA 49 -82.33 -38.43 -5.80
C LEU AA 49 -82.67 -39.13 -4.48
N LYS AA 50 -81.78 -39.00 -3.51
CA LYS AA 50 -82.01 -39.47 -2.12
C LYS AA 50 -81.58 -38.32 -1.24
N GLY AA 51 -82.15 -38.25 -0.02
CA GLY AA 51 -81.96 -37.12 0.91
C GLY AA 51 -81.27 -37.56 2.20
N PRO AA 52 -81.13 -36.70 3.23
CA PRO AA 52 -81.53 -35.30 3.16
C PRO AA 52 -80.64 -34.52 2.18
N THR AA 53 -81.25 -33.95 1.14
CA THR AA 53 -80.52 -33.30 0.03
C THR AA 53 -81.27 -32.03 -0.34
N LYS AA 54 -80.53 -30.97 -0.60
CA LYS AA 54 -81.11 -29.63 -0.87
C LYS AA 54 -80.52 -29.19 -2.21
N ILE AA 55 -81.34 -29.09 -3.25
CA ILE AA 55 -80.89 -28.71 -4.63
C ILE AA 55 -81.44 -27.31 -4.94
N GLY AA 56 -80.54 -26.36 -5.27
CA GLY AA 56 -80.90 -24.96 -5.51
C GLY AA 56 -81.71 -24.79 -6.79
N LYS AA 57 -81.58 -23.62 -7.43
CA LYS AA 57 -82.48 -23.12 -8.51
C LYS AA 57 -81.82 -23.32 -9.87
N HIS AA 58 -82.62 -23.45 -10.93
CA HIS AA 58 -82.15 -23.54 -12.34
C HIS AA 58 -80.99 -24.55 -12.48
N ASN AA 59 -81.09 -25.75 -11.93
CA ASN AA 59 -80.10 -26.84 -12.18
C ASN AA 59 -80.68 -27.76 -13.26
N ARG AA 60 -79.81 -28.43 -14.02
CA ARG AA 60 -80.19 -29.34 -15.14
C ARG AA 60 -79.42 -30.62 -14.70
N ILE AA 61 -80.12 -31.69 -14.28
CA ILE AA 61 -79.52 -33.02 -13.89
C ILE AA 61 -79.99 -34.11 -14.85
N TYR AA 62 -79.06 -34.91 -15.42
CA TYR AA 62 -79.37 -35.87 -16.50
C TYR AA 62 -79.52 -37.29 -15.98
N GLN AA 63 -79.91 -38.18 -16.90
CA GLN AA 63 -80.22 -39.62 -16.69
C GLN AA 63 -79.08 -40.39 -16.01
N PHE AA 64 -79.37 -41.47 -15.26
CA PHE AA 64 -78.41 -42.48 -14.74
C PHE AA 64 -77.56 -41.91 -13.58
N SER AA 65 -77.92 -40.68 -13.20
CA SER AA 65 -77.30 -39.92 -12.09
C SER AA 65 -77.93 -40.39 -10.79
N SER AA 66 -77.10 -40.67 -9.80
CA SER AA 66 -77.48 -41.16 -8.47
C SER AA 66 -76.97 -40.10 -7.48
N VAL AA 67 -77.76 -39.05 -7.28
CA VAL AA 67 -77.42 -37.82 -6.51
C VAL AA 67 -78.04 -37.86 -5.11
N GLY AA 68 -77.17 -37.95 -4.11
CA GLY AA 68 -77.53 -37.95 -2.68
C GLY AA 68 -77.61 -39.36 -2.12
N GLU AA 69 -76.88 -40.33 -2.67
CA GLU AA 69 -76.82 -41.72 -2.11
C GLU AA 69 -75.80 -41.69 -0.93
N ASP AA 70 -75.79 -42.70 -0.04
CA ASP AA 70 -74.86 -42.76 1.14
C ASP AA 70 -73.46 -43.08 0.63
N THR AA 71 -72.34 -42.66 1.25
CA THR AA 71 -71.07 -43.15 0.66
C THR AA 71 -70.95 -44.64 1.00
N PRO AA 72 -70.39 -45.50 0.13
CA PRO AA 72 -70.31 -46.92 0.42
C PRO AA 72 -69.27 -47.24 1.50
N ASP AA 73 -68.23 -46.38 1.62
CA ASP AA 73 -67.11 -46.34 2.61
C ASP AA 73 -67.63 -46.83 3.95
N LEU AA 74 -66.96 -47.75 4.64
CA LEU AA 74 -67.61 -48.45 5.80
C LEU AA 74 -67.62 -47.56 7.04
N LYS AA 75 -66.66 -46.64 7.07
CA LYS AA 75 -66.57 -45.43 7.93
C LYS AA 75 -68.00 -44.98 8.28
N TYR AA 76 -68.80 -44.62 7.29
CA TYR AA 76 -70.19 -44.12 7.45
C TYR AA 76 -71.09 -45.27 7.84
N LYS AA 77 -71.75 -45.24 8.98
CA LYS AA 77 -72.74 -46.28 9.35
C LYS AA 77 -74.16 -45.65 9.36
N GLY AA 78 -74.54 -44.88 8.35
CA GLY AA 78 -75.95 -44.51 8.12
C GLY AA 78 -76.41 -43.29 8.92
N GLU AA 79 -75.51 -42.63 9.67
CA GLU AA 79 -75.84 -41.38 10.42
C GLU AA 79 -76.51 -40.44 9.40
N PRO AA 80 -77.35 -39.44 9.81
CA PRO AA 80 -78.38 -38.96 8.90
C PRO AA 80 -77.89 -37.68 8.19
N THR AA 81 -76.78 -37.75 7.45
CA THR AA 81 -75.99 -36.60 6.91
C THR AA 81 -76.61 -35.98 5.65
N ARG AA 82 -76.03 -34.88 5.15
CA ARG AA 82 -76.67 -34.00 4.12
C ARG AA 82 -75.77 -33.87 2.90
N LEU AA 83 -76.42 -33.60 1.74
CA LEU AA 83 -75.87 -33.02 0.48
C LEU AA 83 -76.59 -31.71 0.20
N VAL AA 84 -75.84 -30.73 -0.30
CA VAL AA 84 -76.32 -29.37 -0.67
C VAL AA 84 -75.73 -29.00 -2.03
N ILE AA 85 -76.60 -28.58 -2.95
CA ILE AA 85 -76.21 -28.11 -4.30
C ILE AA 85 -76.79 -26.71 -4.49
N GLY AA 86 -75.95 -25.77 -4.90
CA GLY AA 86 -76.37 -24.39 -5.21
C GLY AA 86 -77.20 -24.30 -6.48
N ASP AA 87 -77.02 -23.22 -7.23
CA ASP AA 87 -77.89 -22.78 -8.35
C ASP AA 87 -77.12 -22.92 -9.68
N HIS AA 88 -77.82 -22.90 -10.82
CA HIS AA 88 -77.26 -22.90 -12.20
C HIS AA 88 -76.17 -23.96 -12.34
N ASN AA 89 -76.33 -25.15 -11.77
CA ASN AA 89 -75.34 -26.24 -11.96
C ASN AA 89 -75.85 -27.18 -13.04
N VAL AA 90 -74.92 -27.85 -13.72
CA VAL AA 90 -75.22 -28.94 -14.67
C VAL AA 90 -74.53 -30.22 -14.25
N ILE AA 91 -75.35 -31.26 -14.11
CA ILE AA 91 -74.87 -32.61 -13.74
C ILE AA 91 -75.24 -33.54 -14.87
N ARG AA 92 -74.24 -33.93 -15.65
CA ARG AA 92 -74.42 -34.73 -16.88
C ARG AA 92 -74.73 -36.19 -16.53
N GLU AA 93 -74.79 -37.01 -17.58
CA GLU AA 93 -75.30 -38.39 -17.54
C GLU AA 93 -74.40 -39.22 -16.60
N GLY AA 94 -74.96 -39.85 -15.57
CA GLY AA 94 -74.33 -40.96 -14.83
C GLY AA 94 -73.51 -40.50 -13.64
N VAL AA 95 -73.64 -39.24 -13.29
CA VAL AA 95 -72.85 -38.69 -12.18
C VAL AA 95 -73.37 -39.29 -10.88
N THR AA 96 -72.45 -39.52 -9.95
CA THR AA 96 -72.73 -39.95 -8.56
C THR AA 96 -72.25 -38.85 -7.62
N ILE AA 97 -73.11 -38.46 -6.70
CA ILE AA 97 -72.77 -37.51 -5.60
C ILE AA 97 -73.25 -38.13 -4.30
N HIS AA 98 -72.35 -38.28 -3.34
CA HIS AA 98 -72.62 -38.97 -2.06
C HIS AA 98 -72.75 -37.93 -0.93
N ARG AA 99 -73.65 -38.14 0.00
CA ARG AA 99 -73.75 -37.22 1.16
C ARG AA 99 -72.64 -37.57 2.14
N GLY AA 100 -72.27 -36.52 2.88
CA GLY AA 100 -71.27 -36.48 3.96
C GLY AA 100 -71.34 -37.66 4.91
N THR AA 101 -70.42 -37.62 5.87
CA THR AA 101 -70.19 -38.57 6.98
C THR AA 101 -70.13 -37.69 8.24
N VAL AA 102 -70.56 -38.17 9.41
CA VAL AA 102 -70.45 -37.31 10.63
C VAL AA 102 -68.97 -37.07 10.96
N GLN AA 103 -68.08 -38.02 10.63
CA GLN AA 103 -66.62 -37.96 10.89
C GLN AA 103 -66.04 -36.59 10.45
N ASP AA 104 -66.39 -36.01 9.30
CA ASP AA 104 -65.85 -34.68 8.84
C ASP AA 104 -66.97 -33.65 9.06
N ARG AA 105 -67.50 -32.94 8.07
CA ARG AA 105 -68.43 -31.83 8.41
C ARG AA 105 -69.87 -32.27 8.19
N ALA AA 106 -70.11 -33.54 7.88
CA ALA AA 106 -71.46 -34.13 7.85
C ALA AA 106 -72.22 -33.60 6.63
N GLU AA 107 -71.51 -33.01 5.68
CA GLU AA 107 -72.14 -32.43 4.47
C GLU AA 107 -71.12 -32.40 3.34
N THR AA 108 -71.61 -32.92 2.20
CA THR AA 108 -71.09 -32.76 0.81
C THR AA 108 -71.74 -31.53 0.22
N THR AA 109 -70.99 -30.65 -0.44
CA THR AA 109 -71.47 -29.29 -0.80
C THR AA 109 -71.01 -28.85 -2.19
N ILE AA 110 -71.94 -28.33 -2.98
CA ILE AA 110 -71.63 -27.80 -4.34
C ILE AA 110 -72.23 -26.40 -4.45
N GLY AA 111 -71.42 -25.47 -4.97
CA GLY AA 111 -71.76 -24.04 -5.13
C GLY AA 111 -72.61 -23.82 -6.37
N ASP AA 112 -72.33 -22.77 -7.14
CA ASP AA 112 -73.17 -22.31 -8.30
C ASP AA 112 -72.37 -22.47 -9.61
N HIS AA 113 -73.06 -22.51 -10.76
CA HIS AA 113 -72.48 -22.39 -12.13
C HIS AA 113 -71.43 -23.49 -12.46
N ASN AA 114 -71.47 -24.60 -11.73
CA ASN AA 114 -70.53 -25.73 -11.97
C ASN AA 114 -71.06 -26.66 -13.05
N LEU AA 115 -70.12 -27.18 -13.84
CA LEU AA 115 -70.36 -28.18 -14.91
C LEU AA 115 -69.68 -29.47 -14.52
N ILE AA 116 -70.48 -30.49 -14.22
CA ILE AA 116 -69.96 -31.82 -13.81
C ILE AA 116 -70.38 -32.80 -14.89
N MET AA 117 -69.43 -33.30 -15.66
CA MET AA 117 -69.75 -34.06 -16.89
C MET AA 117 -69.88 -35.55 -16.53
N ALA AA 118 -70.13 -36.34 -17.56
CA ALA AA 118 -70.64 -37.70 -17.43
C ALA AA 118 -69.77 -38.61 -16.54
N TYR AA 119 -70.40 -39.49 -15.76
CA TYR AA 119 -69.79 -40.63 -15.01
C TYR AA 119 -68.81 -40.05 -13.95
N ALA AA 120 -68.81 -38.74 -13.71
CA ALA AA 120 -68.00 -38.13 -12.63
C ALA AA 120 -68.49 -38.64 -11.28
N HIS AA 121 -67.61 -38.63 -10.29
CA HIS AA 121 -67.94 -39.03 -8.90
C HIS AA 121 -67.51 -37.92 -7.94
N ILE AA 122 -68.36 -37.60 -6.97
CA ILE AA 122 -68.10 -36.56 -5.93
C ILE AA 122 -68.34 -37.18 -4.55
N GLY AA 123 -67.31 -37.79 -3.96
CA GLY AA 123 -67.41 -38.66 -2.76
C GLY AA 123 -67.78 -37.89 -1.51
N HIS AA 124 -68.13 -38.62 -0.44
CA HIS AA 124 -68.57 -38.05 0.85
C HIS AA 124 -67.76 -36.81 1.21
N ASP AA 125 -68.44 -35.71 1.55
CA ASP AA 125 -67.83 -34.56 2.27
C ASP AA 125 -67.00 -33.68 1.34
N SER AA 126 -66.93 -34.00 0.05
CA SER AA 126 -66.24 -33.12 -0.91
C SER AA 126 -66.99 -31.79 -0.95
N VAL AA 127 -66.33 -30.74 -1.44
CA VAL AA 127 -66.88 -29.36 -1.42
C VAL AA 127 -66.44 -28.60 -2.66
N ILE AA 128 -67.41 -28.19 -3.49
CA ILE AA 128 -67.09 -27.51 -4.77
C ILE AA 128 -67.63 -26.08 -4.72
N GLY AA 129 -66.80 -25.16 -5.22
CA GLY AA 129 -67.08 -23.72 -5.30
C GLY AA 129 -67.98 -23.39 -6.45
N ASN AA 130 -67.55 -22.49 -7.35
CA ASN AA 130 -68.38 -21.98 -8.48
C ASN AA 130 -67.61 -22.04 -9.80
N HIS AA 131 -68.32 -22.13 -10.92
CA HIS AA 131 -67.74 -22.07 -12.28
C HIS AA 131 -66.63 -23.13 -12.42
N CYS AA 132 -66.71 -24.22 -11.66
CA CYS AA 132 -65.75 -25.32 -11.80
C CYS AA 132 -66.20 -26.20 -12.96
N ILE AA 133 -65.25 -26.86 -13.61
CA ILE AA 133 -65.58 -27.95 -14.57
C ILE AA 133 -64.88 -29.23 -14.14
N LEU AA 134 -65.69 -30.25 -13.85
CA LEU AA 134 -65.20 -31.64 -13.65
C LEU AA 134 -65.57 -32.40 -14.92
N VAL AA 135 -64.58 -32.76 -15.70
CA VAL AA 135 -64.81 -33.47 -16.99
C VAL AA 135 -65.10 -34.95 -16.71
N ASN AA 136 -65.56 -35.66 -17.73
CA ASN AA 136 -65.97 -37.09 -17.68
C ASN AA 136 -65.10 -37.89 -16.70
N ASN AA 137 -65.73 -38.60 -15.75
CA ASN AA 137 -65.13 -39.66 -14.90
C ASN AA 137 -64.12 -39.11 -13.90
N THR AA 138 -63.96 -37.79 -13.85
CA THR AA 138 -63.32 -37.14 -12.70
C THR AA 138 -63.92 -37.74 -11.43
N ALA AA 139 -63.07 -37.92 -10.43
CA ALA AA 139 -63.41 -38.67 -9.20
C ALA AA 139 -62.71 -38.03 -7.99
N LEU AA 140 -63.53 -37.58 -7.04
CA LEU AA 140 -63.08 -36.97 -5.77
C LEU AA 140 -63.31 -38.00 -4.66
N ALA AA 141 -62.26 -38.67 -4.21
CA ALA AA 141 -62.36 -39.88 -3.35
C ALA AA 141 -63.19 -39.57 -2.11
N GLY AA 142 -62.95 -38.39 -1.54
CA GLY AA 142 -63.67 -37.89 -0.35
C GLY AA 142 -62.98 -36.69 0.28
N HIS AA 143 -63.78 -35.83 0.92
CA HIS AA 143 -63.37 -34.60 1.66
C HIS AA 143 -62.46 -33.75 0.79
N VAL AA 144 -62.66 -33.79 -0.52
CA VAL AA 144 -61.87 -32.96 -1.48
C VAL AA 144 -62.53 -31.58 -1.56
N HIS AA 145 -61.75 -30.52 -1.41
CA HIS AA 145 -62.19 -29.13 -1.66
C HIS AA 145 -61.65 -28.66 -3.00
N VAL AA 146 -62.56 -28.27 -3.89
CA VAL AA 146 -62.26 -27.67 -5.22
C VAL AA 146 -62.70 -26.21 -5.18
N ASP AA 147 -61.73 -25.29 -5.12
CA ASP AA 147 -61.99 -23.83 -5.13
C ASP AA 147 -62.37 -23.41 -6.55
N ASP AA 148 -62.75 -22.15 -6.75
CA ASP AA 148 -63.56 -21.69 -7.92
C ASP AA 148 -62.75 -21.76 -9.22
N TRP AA 149 -63.44 -21.96 -10.35
CA TRP AA 149 -62.87 -21.84 -11.73
C TRP AA 149 -61.94 -23.02 -12.06
N ALA AA 150 -61.74 -23.91 -11.09
CA ALA AA 150 -60.83 -25.04 -11.29
C ALA AA 150 -61.42 -25.87 -12.42
N ILE AA 151 -60.53 -26.50 -13.16
CA ILE AA 151 -60.88 -27.43 -14.25
C ILE AA 151 -60.11 -28.71 -14.04
N LEU AA 152 -60.84 -29.80 -13.89
CA LEU AA 152 -60.24 -31.15 -13.84
C LEU AA 152 -60.60 -31.83 -15.17
N SER AA 153 -59.59 -31.97 -16.03
CA SER AA 153 -59.70 -32.73 -17.31
C SER AA 153 -60.22 -34.14 -17.01
N GLY AA 154 -60.58 -34.89 -18.05
CA GLY AA 154 -61.24 -36.21 -17.94
C GLY AA 154 -60.44 -37.20 -17.10
N TYR AA 155 -61.12 -38.04 -16.33
CA TYR AA 155 -60.49 -39.19 -15.63
C TYR AA 155 -59.37 -38.67 -14.72
N THR AA 156 -59.60 -37.49 -14.13
CA THR AA 156 -58.74 -36.93 -13.07
C THR AA 156 -59.15 -37.53 -11.75
N LEU AA 157 -58.19 -38.05 -10.99
CA LEU AA 157 -58.42 -38.76 -9.72
C LEU AA 157 -57.80 -37.98 -8.58
N VAL AA 158 -58.53 -37.78 -7.48
CA VAL AA 158 -58.11 -36.85 -6.40
C VAL AA 158 -58.24 -37.54 -5.04
N HIS AA 159 -57.12 -37.79 -4.35
CA HIS AA 159 -57.04 -38.71 -3.17
C HIS AA 159 -57.73 -38.00 -1.99
N GLN AA 160 -58.30 -38.78 -1.05
CA GLN AA 160 -58.99 -38.33 0.19
C GLN AA 160 -58.33 -36.97 0.53
N TYR AA 161 -59.09 -35.91 0.81
CA TYR AA 161 -58.64 -34.70 1.58
C TYR AA 161 -57.80 -33.68 0.77
N CYS AA 162 -57.54 -33.88 -0.51
CA CYS AA 162 -56.72 -32.91 -1.29
C CYS AA 162 -57.52 -31.63 -1.54
N ARG AA 163 -56.81 -30.50 -1.64
CA ARG AA 163 -57.37 -29.19 -2.02
C ARG AA 163 -56.90 -28.86 -3.43
N ILE AA 164 -57.84 -28.67 -4.34
CA ILE AA 164 -57.58 -28.12 -5.69
C ILE AA 164 -57.83 -26.62 -5.61
N GLY AA 165 -56.75 -25.82 -5.49
CA GLY AA 165 -56.82 -24.35 -5.47
C GLY AA 165 -57.47 -23.78 -6.73
N ALA AA 166 -57.89 -22.53 -6.67
CA ALA AA 166 -58.70 -21.87 -7.71
C ALA AA 166 -57.96 -21.63 -9.02
N HIS AA 167 -58.68 -21.76 -10.15
CA HIS AA 167 -58.16 -21.62 -11.54
C HIS AA 167 -57.13 -22.71 -11.85
N SER AA 168 -56.88 -23.59 -10.89
CA SER AA 168 -55.95 -24.70 -11.12
C SER AA 168 -56.54 -25.56 -12.25
N PHE AA 169 -55.71 -26.44 -12.79
CA PHE AA 169 -56.03 -27.26 -13.96
C PHE AA 169 -55.27 -28.58 -13.89
N SER AA 170 -56.00 -29.69 -13.87
CA SER AA 170 -55.45 -31.05 -14.04
C SER AA 170 -55.63 -31.49 -15.50
N GLY AA 171 -54.62 -32.11 -16.09
CA GLY AA 171 -54.71 -32.74 -17.42
C GLY AA 171 -55.42 -34.07 -17.35
N MET AA 172 -55.70 -34.72 -18.47
CA MET AA 172 -56.51 -35.98 -18.46
C MET AA 172 -55.65 -37.07 -17.82
N GLY AA 173 -56.32 -38.02 -17.16
CA GLY AA 173 -55.71 -39.14 -16.41
C GLY AA 173 -54.75 -38.67 -15.32
N SER AA 174 -54.84 -37.43 -14.85
CA SER AA 174 -54.06 -36.95 -13.70
C SER AA 174 -54.46 -37.72 -12.44
N ALA AA 175 -53.48 -38.04 -11.60
CA ALA AA 175 -53.64 -38.80 -10.34
C ALA AA 175 -53.13 -37.96 -9.16
N ILE AA 176 -53.98 -37.10 -8.66
CA ILE AA 176 -53.60 -36.02 -7.72
C ILE AA 176 -53.57 -36.56 -6.29
N GLY AA 177 -52.37 -36.74 -5.72
CA GLY AA 177 -52.21 -37.33 -4.37
C GLY AA 177 -52.03 -36.28 -3.28
N LYS AA 178 -51.90 -35.01 -3.67
CA LYS AA 178 -51.57 -33.89 -2.75
C LYS AA 178 -52.10 -32.59 -3.33
N ASP AA 179 -52.17 -31.54 -2.53
CA ASP AA 179 -52.83 -30.27 -2.92
C ASP AA 179 -52.29 -29.74 -4.25
N VAL AA 180 -53.19 -29.14 -5.04
CA VAL AA 180 -52.83 -28.36 -6.25
C VAL AA 180 -53.05 -26.88 -5.95
N PRO AA 181 -51.94 -26.10 -5.95
CA PRO AA 181 -52.04 -24.67 -5.68
C PRO AA 181 -52.90 -23.94 -6.71
N ALA AA 182 -53.49 -22.83 -6.29
CA ALA AA 182 -54.22 -21.93 -7.22
C ALA AA 182 -53.42 -21.77 -8.51
N TYR AA 183 -54.10 -21.80 -9.67
CA TYR AA 183 -53.55 -21.44 -11.00
C TYR AA 183 -52.64 -22.53 -11.58
N VAL AA 184 -52.24 -23.54 -10.83
CA VAL AA 184 -51.18 -24.47 -11.30
C VAL AA 184 -51.78 -25.50 -12.27
N THR AA 185 -51.05 -25.84 -13.32
CA THR AA 185 -51.37 -26.95 -14.24
C THR AA 185 -50.61 -28.19 -13.74
N VAL AA 186 -51.30 -29.31 -13.54
CA VAL AA 186 -50.66 -30.59 -13.12
C VAL AA 186 -51.07 -31.69 -14.10
N PHE AA 187 -50.19 -32.67 -14.31
CA PHE AA 187 -50.35 -33.70 -15.34
C PHE AA 187 -49.80 -35.04 -14.84
N GLY AA 188 -50.52 -36.12 -15.10
CA GLY AA 188 -50.00 -37.49 -15.11
C GLY AA 188 -50.14 -38.23 -13.79
N ASN AA 189 -49.58 -39.43 -13.75
CA ASN AA 189 -49.73 -40.39 -12.63
C ASN AA 189 -48.36 -40.81 -12.14
N PRO AA 190 -47.88 -40.21 -11.04
CA PRO AA 190 -48.71 -39.34 -10.21
C PRO AA 190 -48.59 -37.90 -10.72
N ALA AA 191 -49.64 -37.09 -10.53
CA ALA AA 191 -49.69 -35.66 -10.90
C ALA AA 191 -48.36 -34.99 -10.53
N GLU AA 192 -47.74 -34.26 -11.48
CA GLU AA 192 -46.66 -33.28 -11.19
C GLU AA 192 -47.14 -31.89 -11.66
N ALA AA 193 -46.52 -30.84 -11.14
CA ALA AA 193 -46.75 -29.43 -11.56
C ALA AA 193 -46.06 -29.26 -12.91
N ARG AA 194 -46.60 -28.46 -13.83
CA ARG AA 194 -45.91 -28.10 -15.09
C ARG AA 194 -45.78 -26.59 -15.21
N SER AA 195 -46.91 -25.89 -15.29
CA SER AA 195 -46.97 -24.43 -15.47
C SER AA 195 -48.04 -23.85 -14.58
N MET AA 196 -48.35 -22.59 -14.80
CA MET AA 196 -49.63 -21.99 -14.35
C MET AA 196 -50.51 -21.90 -15.56
N ASN AA 197 -51.80 -21.72 -15.29
CA ASN AA 197 -52.91 -21.83 -16.25
C ASN AA 197 -53.16 -20.46 -16.81
N PHE AA 198 -52.26 -20.00 -17.68
CA PHE AA 198 -52.30 -18.63 -18.24
C PHE AA 198 -53.63 -18.53 -18.99
N GLU AA 199 -54.01 -19.63 -19.62
CA GLU AA 199 -55.29 -19.73 -20.34
C GLU AA 199 -56.36 -19.03 -19.49
N GLY AA 200 -56.86 -19.69 -18.45
CA GLY AA 200 -58.02 -19.27 -17.67
C GLY AA 200 -57.73 -18.02 -16.86
N MET AA 201 -56.50 -17.49 -16.93
CA MET AA 201 -56.12 -16.15 -16.42
C MET AA 201 -56.51 -15.10 -17.45
N ARG AA 202 -56.19 -15.34 -18.74
CA ARG AA 202 -56.60 -14.39 -19.82
C ARG AA 202 -58.12 -14.41 -19.77
N ARG AA 203 -58.74 -15.59 -19.63
CA ARG AA 203 -60.22 -15.73 -19.56
C ARG AA 203 -60.77 -14.84 -18.44
N ARG AA 204 -60.16 -14.77 -17.27
CA ARG AA 204 -60.65 -13.89 -16.18
C ARG AA 204 -60.25 -12.41 -16.42
N GLY AA 205 -59.52 -12.12 -17.50
CA GLY AA 205 -59.06 -10.76 -17.83
C GLY AA 205 -58.05 -10.21 -16.85
N PHE AA 206 -57.26 -11.06 -16.22
CA PHE AA 206 -56.13 -10.66 -15.33
C PHE AA 206 -55.24 -9.64 -16.06
N SER AA 207 -54.66 -8.69 -15.33
CA SER AA 207 -53.71 -7.70 -15.90
C SER AA 207 -52.47 -8.47 -16.33
N SER AA 208 -51.69 -7.93 -17.27
CA SER AA 208 -50.43 -8.62 -17.70
C SER AA 208 -49.47 -8.63 -16.53
N GLU AA 209 -49.38 -7.55 -15.71
CA GLU AA 209 -48.44 -7.52 -14.54
C GLU AA 209 -48.76 -8.73 -13.69
N ALA AA 210 -50.06 -8.98 -13.46
CA ALA AA 210 -50.55 -10.03 -12.55
C ALA AA 210 -50.14 -11.39 -13.12
N ILE AA 211 -50.33 -11.58 -14.42
CA ILE AA 211 -49.90 -12.84 -15.07
C ILE AA 211 -48.38 -13.02 -14.84
N HIS AA 212 -47.54 -12.09 -15.33
CA HIS AA 212 -46.07 -12.14 -15.16
C HIS AA 212 -45.73 -12.43 -13.70
N ALA AA 213 -46.41 -11.77 -12.76
CA ALA AA 213 -46.14 -11.88 -11.31
C ALA AA 213 -46.39 -13.29 -10.80
N LEU AA 214 -47.41 -13.93 -11.40
CA LEU AA 214 -47.83 -15.31 -11.09
C LEU AA 214 -46.83 -16.28 -11.70
N ARG AA 215 -46.33 -16.02 -12.90
CA ARG AA 215 -45.20 -16.81 -13.45
C ARG AA 215 -44.04 -16.67 -12.44
N ARG AA 216 -43.61 -15.45 -12.08
CA ARG AA 216 -42.48 -15.24 -11.12
C ARG AA 216 -42.74 -16.17 -9.93
N ALA AA 217 -43.96 -16.11 -9.41
CA ALA AA 217 -44.36 -16.82 -8.17
C ALA AA 217 -44.20 -18.33 -8.35
N TYR AA 218 -44.64 -18.88 -9.48
CA TYR AA 218 -44.48 -20.31 -9.81
C TYR AA 218 -43.01 -20.65 -9.69
N LYS AA 219 -42.22 -19.90 -10.47
CA LYS AA 219 -40.76 -20.12 -10.66
C LYS AA 219 -40.16 -20.28 -9.27
N VAL AA 220 -40.60 -19.45 -8.31
CA VAL AA 220 -40.03 -19.37 -6.94
C VAL AA 220 -40.19 -20.71 -6.22
N VAL AA 221 -41.44 -21.11 -6.13
CA VAL AA 221 -41.89 -22.33 -5.41
C VAL AA 221 -41.10 -23.52 -5.96
N TYR AA 222 -41.30 -23.72 -7.26
CA TYR AA 222 -41.02 -24.96 -8.02
C TYR AA 222 -39.61 -24.90 -8.58
N ARG AA 223 -39.43 -24.12 -9.64
CA ARG AA 223 -38.21 -24.15 -10.49
C ARG AA 223 -37.04 -23.38 -9.82
N GLN AA 224 -37.06 -22.88 -8.58
CA GLN AA 224 -35.82 -22.29 -7.97
C GLN AA 224 -35.30 -23.23 -6.88
N GLY AA 225 -35.95 -24.40 -6.75
CA GLY AA 225 -35.90 -25.26 -5.55
C GLY AA 225 -35.55 -24.46 -4.31
N HIS AA 226 -36.31 -23.41 -3.99
CA HIS AA 226 -36.39 -22.98 -2.58
C HIS AA 226 -37.08 -24.16 -1.86
N THR AA 227 -36.96 -24.31 -0.53
CA THR AA 227 -37.86 -25.20 0.26
C THR AA 227 -39.31 -24.76 0.02
N VAL AA 228 -40.29 -25.43 0.65
CA VAL AA 228 -41.69 -24.95 0.66
C VAL AA 228 -41.70 -23.65 1.49
N GLU AA 229 -41.25 -23.72 2.72
CA GLU AA 229 -41.22 -22.56 3.67
C GLU AA 229 -40.45 -21.40 3.06
N GLU AA 230 -39.29 -21.69 2.45
CA GLU AA 230 -38.37 -20.67 1.92
C GLU AA 230 -39.16 -19.84 0.91
N ALA AA 231 -39.94 -20.51 0.06
CA ALA AA 231 -40.64 -19.83 -1.05
C ALA AA 231 -41.78 -18.99 -0.47
N LEU AA 232 -42.55 -19.53 0.45
CA LEU AA 232 -43.67 -18.79 1.07
C LEU AA 232 -43.19 -17.43 1.57
N ALA AA 233 -41.97 -17.45 2.09
CA ALA AA 233 -41.24 -16.26 2.56
C ALA AA 233 -41.02 -15.28 1.40
N GLU AA 234 -40.43 -15.77 0.32
CA GLU AA 234 -40.13 -14.97 -0.88
C GLU AA 234 -41.40 -14.26 -1.36
N LEU AA 235 -42.46 -15.05 -1.53
CA LEU AA 235 -43.73 -14.61 -2.16
C LEU AA 235 -44.30 -13.37 -1.44
N ALA AA 236 -44.37 -13.39 -0.10
CA ALA AA 236 -44.68 -12.24 0.79
C ALA AA 236 -44.77 -10.88 0.07
N GLU AA 237 -43.65 -10.34 -0.42
CA GLU AA 237 -43.58 -9.09 -1.25
C GLU AA 237 -44.57 -9.19 -2.41
N SER AA 238 -44.29 -10.09 -3.37
CA SER AA 238 -45.11 -10.45 -4.56
C SER AA 238 -46.61 -10.41 -4.21
N ALA AA 239 -46.98 -10.84 -3.00
CA ALA AA 239 -48.37 -11.18 -2.61
C ALA AA 239 -49.07 -9.96 -2.01
N ALA AA 240 -48.32 -9.05 -1.42
CA ALA AA 240 -48.87 -7.74 -1.01
C ALA AA 240 -49.26 -6.97 -2.27
N GLN AA 241 -48.30 -6.95 -3.18
CA GLN AA 241 -48.37 -6.24 -4.48
C GLN AA 241 -49.61 -6.69 -5.25
N PHE AA 242 -49.94 -7.97 -5.29
CA PHE AA 242 -50.93 -8.57 -6.21
C PHE AA 242 -51.83 -9.53 -5.47
N PRO AA 243 -53.06 -9.11 -5.12
CA PRO AA 243 -54.09 -10.02 -4.67
C PRO AA 243 -54.11 -11.35 -5.42
N GLU AA 244 -53.81 -11.36 -6.72
CA GLU AA 244 -53.82 -12.62 -7.52
C GLU AA 244 -52.75 -13.60 -6.97
N VAL AA 245 -51.57 -13.10 -6.64
CA VAL AA 245 -50.42 -13.91 -6.10
C VAL AA 245 -50.82 -14.36 -4.71
N ALA AA 246 -51.38 -13.43 -3.95
CA ALA AA 246 -51.83 -13.63 -2.55
C ALA AA 246 -52.51 -14.99 -2.45
N VAL AA 247 -53.54 -15.18 -3.28
CA VAL AA 247 -54.31 -16.43 -3.47
C VAL AA 247 -53.40 -17.67 -3.60
N PHE AA 248 -52.40 -17.54 -4.46
CA PHE AA 248 -51.44 -18.62 -4.78
C PHE AA 248 -50.60 -18.89 -3.53
N ARG AA 249 -50.03 -17.87 -2.90
CA ARG AA 249 -49.31 -18.06 -1.61
C ARG AA 249 -50.28 -18.74 -0.63
N ASP AA 250 -51.46 -18.16 -0.42
CA ASP AA 250 -52.48 -18.69 0.52
C ASP AA 250 -52.77 -20.16 0.19
N SER AA 251 -52.91 -20.56 -1.09
CA SER AA 251 -53.14 -22.00 -1.37
C SER AA 251 -51.99 -22.82 -0.73
N ILE AA 252 -50.76 -22.46 -1.09
CA ILE AA 252 -49.55 -23.24 -0.67
C ILE AA 252 -49.42 -23.23 0.84
N GLN AA 253 -49.69 -22.09 1.45
CA GLN AA 253 -49.72 -21.94 2.92
C GLN AA 253 -50.35 -23.19 3.53
N SER AA 254 -51.68 -23.21 3.57
CA SER AA 254 -52.47 -24.13 4.41
C SER AA 254 -52.61 -25.42 3.63
N ALA AA 255 -51.48 -25.89 3.13
CA ALA AA 255 -51.26 -27.28 2.69
C ALA AA 255 -50.14 -27.89 3.53
N THR AA 256 -49.14 -27.09 3.92
CA THR AA 256 -47.94 -27.56 4.67
C THR AA 256 -47.97 -26.88 6.03
N ARG AA 257 -48.27 -27.57 7.14
CA ARG AA 257 -47.96 -26.95 8.45
C ARG AA 257 -46.65 -27.53 8.97
N GLY AA 258 -46.27 -28.75 8.54
CA GLY AA 258 -45.07 -29.47 9.03
C GLY AA 258 -45.03 -29.67 10.54
N ILE AA 259 -43.92 -30.20 11.03
CA ILE AA 259 -43.72 -30.54 12.48
C ILE AA 259 -42.53 -29.74 13.00
N THR AA 260 -42.38 -29.64 14.31
CA THR AA 260 -41.15 -29.15 14.97
C THR AA 260 -40.02 -30.10 14.60
N ARG AA 261 -39.00 -29.64 13.87
CA ARG AA 261 -37.68 -30.34 13.76
C ARG AA 261 -36.87 -29.89 14.96
N SER BA 5 -58.12 -0.80 -94.93
CA SER BA 5 -57.99 -2.15 -94.27
C SER BA 5 -57.21 -2.11 -92.98
N LEU BA 6 -56.25 -1.19 -92.73
CA LEU BA 6 -55.16 -1.20 -91.74
C LEU BA 6 -55.58 -1.47 -90.28
N ILE BA 7 -56.49 -0.63 -89.81
CA ILE BA 7 -57.09 -0.66 -88.46
C ILE BA 7 -58.34 -1.52 -88.57
N ASP BA 8 -58.29 -2.73 -88.01
CA ASP BA 8 -59.40 -3.71 -88.04
C ASP BA 8 -60.68 -3.03 -87.59
N PRO BA 9 -61.85 -3.34 -88.21
CA PRO BA 9 -63.09 -2.73 -87.77
C PRO BA 9 -63.52 -3.31 -86.41
N ARG BA 10 -63.11 -4.51 -86.00
CA ARG BA 10 -63.59 -5.09 -84.72
C ARG BA 10 -62.80 -4.51 -83.54
N ALA BA 11 -61.81 -3.67 -83.81
CA ALA BA 11 -60.97 -3.01 -82.78
C ALA BA 11 -61.69 -1.74 -82.33
N ILE BA 12 -61.43 -1.29 -81.10
CA ILE BA 12 -62.01 -0.04 -80.56
C ILE BA 12 -60.92 1.01 -80.47
N ILE BA 13 -61.16 2.17 -81.05
CA ILE BA 13 -60.23 3.34 -80.94
C ILE BA 13 -60.98 4.51 -80.33
N ASP BA 14 -60.49 5.03 -79.21
CA ASP BA 14 -61.04 6.25 -78.58
C ASP BA 14 -60.96 7.39 -79.59
N PRO BA 15 -61.97 8.29 -79.65
CA PRO BA 15 -61.86 9.50 -80.46
C PRO BA 15 -60.62 10.32 -80.04
N SER BA 16 -60.31 10.33 -78.74
CA SER BA 16 -59.21 11.16 -78.20
C SER BA 16 -57.85 10.57 -78.61
N ALA BA 17 -57.73 9.26 -78.93
CA ALA BA 17 -56.46 8.62 -79.31
C ALA BA 17 -55.98 9.20 -80.63
N ARG BA 18 -54.70 9.09 -80.98
CA ARG BA 18 -54.19 9.68 -82.24
C ARG BA 18 -53.02 8.86 -82.77
N LEU BA 19 -53.15 8.36 -84.02
CA LEU BA 19 -52.38 7.25 -84.69
C LEU BA 19 -51.83 7.71 -86.05
N ALA BA 20 -50.52 7.69 -86.29
CA ALA BA 20 -49.91 8.04 -87.61
C ALA BA 20 -50.53 7.16 -88.72
N ALA BA 21 -50.44 7.59 -89.99
CA ALA BA 21 -51.25 7.08 -91.13
C ALA BA 21 -51.24 5.54 -91.19
N ASP BA 22 -50.05 4.93 -91.30
CA ASP BA 22 -49.84 3.51 -91.68
C ASP BA 22 -49.69 2.63 -90.42
N VAL BA 23 -50.25 3.07 -89.29
CA VAL BA 23 -50.40 2.20 -88.09
C VAL BA 23 -51.46 1.15 -88.42
N GLN BA 24 -51.24 -0.05 -87.90
CA GLN BA 24 -52.23 -1.14 -87.89
C GLN BA 24 -52.66 -1.52 -86.49
N VAL BA 25 -53.90 -1.98 -86.39
CA VAL BA 25 -54.47 -2.55 -85.14
C VAL BA 25 -55.25 -3.81 -85.50
N GLY BA 26 -54.86 -4.96 -84.92
CA GLY BA 26 -55.55 -6.25 -85.06
C GLY BA 26 -56.95 -6.15 -84.45
N PRO BA 27 -57.81 -7.18 -84.61
CA PRO BA 27 -59.16 -7.13 -84.05
C PRO BA 27 -59.20 -7.22 -82.52
N TRP BA 28 -60.24 -6.63 -81.90
CA TRP BA 28 -60.55 -6.80 -80.45
C TRP BA 28 -59.49 -6.12 -79.58
N SER BA 29 -58.64 -5.33 -80.21
CA SER BA 29 -57.66 -4.51 -79.50
C SER BA 29 -58.35 -3.18 -79.19
N ILE BA 30 -58.03 -2.61 -78.04
CA ILE BA 30 -58.58 -1.31 -77.58
C ILE BA 30 -57.43 -0.31 -77.51
N VAL BA 31 -57.62 0.84 -78.13
CA VAL BA 31 -56.66 1.98 -78.00
C VAL BA 31 -57.35 3.06 -77.17
N GLY BA 32 -57.26 2.93 -75.82
CA GLY BA 32 -57.87 3.82 -74.80
C GLY BA 32 -57.65 5.29 -75.14
N ALA BA 33 -58.31 6.20 -74.43
CA ALA BA 33 -58.13 7.65 -74.68
C ALA BA 33 -56.67 8.00 -74.46
N GLU BA 34 -56.21 9.10 -75.06
CA GLU BA 34 -54.89 9.73 -74.73
C GLU BA 34 -53.75 8.84 -75.19
N VAL BA 35 -54.01 7.85 -76.03
CA VAL BA 35 -52.95 6.94 -76.55
C VAL BA 35 -52.51 7.46 -77.91
N GLU BA 36 -51.21 7.66 -78.06
CA GLU BA 36 -50.56 8.20 -79.27
C GLU BA 36 -49.71 7.07 -79.84
N ILE BA 37 -49.85 6.74 -81.14
CA ILE BA 37 -49.08 5.61 -81.74
C ILE BA 37 -48.35 6.13 -82.98
N GLY BA 38 -47.02 6.03 -82.98
CA GLY BA 38 -46.14 6.59 -84.03
C GLY BA 38 -46.20 5.78 -85.31
N GLU BA 39 -45.71 6.38 -86.41
CA GLU BA 39 -45.62 5.81 -87.77
C GLU BA 39 -45.21 4.32 -87.77
N GLY BA 40 -45.88 3.48 -88.58
CA GLY BA 40 -45.43 2.13 -88.97
C GLY BA 40 -45.49 1.10 -87.83
N THR BA 41 -46.05 1.48 -86.69
CA THR BA 41 -46.25 0.57 -85.53
C THR BA 41 -47.36 -0.41 -85.89
N VAL BA 42 -47.33 -1.59 -85.29
CA VAL BA 42 -48.34 -2.67 -85.47
C VAL BA 42 -48.86 -3.11 -84.10
N ILE BA 43 -50.16 -3.03 -83.89
CA ILE BA 43 -50.79 -3.59 -82.67
C ILE BA 43 -51.47 -4.90 -83.06
N GLY BA 44 -51.09 -6.00 -82.42
CA GLY BA 44 -51.69 -7.33 -82.69
C GLY BA 44 -53.16 -7.35 -82.30
N PRO BA 45 -53.83 -8.51 -82.41
CA PRO BA 45 -55.18 -8.69 -81.83
C PRO BA 45 -55.20 -8.71 -80.30
N HIS BA 46 -56.39 -8.72 -79.69
CA HIS BA 46 -56.63 -8.64 -78.22
C HIS BA 46 -55.50 -7.89 -77.48
N VAL BA 47 -55.22 -6.65 -77.87
CA VAL BA 47 -54.33 -5.78 -77.07
C VAL BA 47 -55.21 -4.77 -76.34
N VAL BA 48 -54.68 -4.24 -75.24
CA VAL BA 48 -55.31 -3.16 -74.43
C VAL BA 48 -54.23 -2.10 -74.22
N LEU BA 49 -54.41 -0.94 -74.84
CA LEU BA 49 -53.63 0.29 -74.56
C LEU BA 49 -54.50 1.24 -73.74
N LYS BA 50 -53.90 1.85 -72.73
CA LYS BA 50 -54.55 2.91 -71.91
C LYS BA 50 -53.52 4.03 -71.83
N GLY BA 51 -53.97 5.26 -71.63
CA GLY BA 51 -53.14 6.48 -71.67
C GLY BA 51 -53.11 7.19 -70.31
N PRO BA 52 -52.51 8.39 -70.19
CA PRO BA 52 -51.77 9.02 -71.28
C PRO BA 52 -50.50 8.23 -71.62
N THR BA 53 -50.40 7.76 -72.85
CA THR BA 53 -49.32 6.87 -73.29
C THR BA 53 -48.88 7.29 -74.68
N LYS BA 54 -47.58 7.28 -74.92
CA LYS BA 54 -46.98 7.76 -76.17
C LYS BA 54 -46.12 6.64 -76.72
N ILE BA 55 -46.51 6.03 -77.83
CA ILE BA 55 -45.77 4.87 -78.44
C ILE BA 55 -45.11 5.35 -79.74
N GLY BA 56 -43.79 5.19 -79.85
CA GLY BA 56 -43.00 5.67 -80.99
C GLY BA 56 -43.30 4.90 -82.26
N LYS BA 57 -42.30 4.78 -83.14
CA LYS BA 57 -42.44 4.38 -84.57
C LYS BA 57 -41.97 2.91 -84.71
N HIS BA 58 -42.50 2.20 -85.71
CA HIS BA 58 -42.10 0.82 -86.04
C HIS BA 58 -42.00 -0.08 -84.79
N ASN BA 59 -43.01 -0.09 -83.90
CA ASN BA 59 -43.08 -1.05 -82.77
C ASN BA 59 -44.02 -2.18 -83.19
N ARG BA 60 -43.80 -3.39 -82.66
CA ARG BA 60 -44.62 -4.60 -82.90
C ARG BA 60 -45.06 -4.96 -81.46
N ILE BA 61 -46.35 -4.84 -81.11
CA ILE BA 61 -46.92 -5.26 -79.79
C ILE BA 61 -47.93 -6.39 -79.97
N TYR BA 62 -47.81 -7.48 -79.20
CA TYR BA 62 -48.59 -8.73 -79.41
C TYR BA 62 -49.78 -8.82 -78.46
N GLN BA 63 -50.59 -9.86 -78.67
CA GLN BA 63 -51.88 -10.19 -77.97
C GLN BA 63 -51.70 -10.26 -76.45
N PHE BA 64 -52.76 -9.97 -75.66
CA PHE BA 64 -52.88 -10.24 -74.20
C PHE BA 64 -52.00 -9.27 -73.37
N SER BA 65 -51.40 -8.32 -74.10
CA SER BA 65 -50.55 -7.24 -73.58
C SER BA 65 -51.47 -6.13 -73.08
N SER BA 66 -51.20 -5.65 -71.88
CA SER BA 66 -51.96 -4.59 -71.19
C SER BA 66 -50.94 -3.47 -70.95
N VAL BA 67 -50.78 -2.61 -71.96
CA VAL BA 67 -49.74 -1.55 -72.03
C VAL BA 67 -50.33 -0.18 -71.71
N GLY BA 68 -49.90 0.38 -70.58
CA GLY BA 68 -50.30 1.71 -70.09
C GLY BA 68 -51.43 1.63 -69.08
N GLU BA 69 -51.55 0.53 -68.34
CA GLU BA 69 -52.54 0.40 -67.23
C GLU BA 69 -51.96 1.11 -65.99
N ASP BA 70 -52.77 1.44 -64.97
CA ASP BA 70 -52.32 2.16 -63.72
C ASP BA 70 -51.53 1.15 -62.87
N THR BA 71 -50.53 1.52 -62.07
CA THR BA 71 -49.94 0.42 -61.25
C THR BA 71 -50.95 0.04 -60.18
N PRO BA 72 -51.09 -1.23 -59.76
CA PRO BA 72 -52.07 -1.61 -58.76
C PRO BA 72 -51.69 -1.12 -57.36
N ASP BA 73 -50.36 -0.98 -57.10
CA ASP BA 73 -49.68 -0.43 -55.88
C ASP BA 73 -50.53 0.68 -55.29
N LEU BA 74 -50.80 0.69 -53.99
CA LEU BA 74 -51.89 1.55 -53.43
C LEU BA 74 -51.39 2.99 -53.31
N LYS BA 75 -50.07 3.14 -53.18
CA LYS BA 75 -49.26 4.36 -53.36
C LYS BA 75 -49.96 5.27 -54.37
N TYR BA 76 -50.15 4.81 -55.60
CA TYR BA 76 -50.77 5.57 -56.72
C TYR BA 76 -52.27 5.68 -56.47
N LYS BA 77 -52.82 6.87 -56.36
CA LYS BA 77 -54.30 7.02 -56.23
C LYS BA 77 -54.83 7.74 -57.47
N GLY BA 78 -54.43 7.32 -58.68
CA GLY BA 78 -55.12 7.71 -59.93
C GLY BA 78 -54.63 9.05 -60.49
N GLU BA 79 -53.63 9.70 -59.89
CA GLU BA 79 -53.04 10.97 -60.42
C GLU BA 79 -52.71 10.69 -61.90
N PRO BA 80 -52.61 11.70 -62.80
CA PRO BA 80 -52.87 11.44 -64.22
C PRO BA 80 -51.55 11.21 -64.96
N THR BA 81 -50.75 10.21 -64.58
CA THR BA 81 -49.31 10.01 -64.97
C THR BA 81 -49.15 9.38 -66.36
N ARG BA 82 -47.91 9.22 -66.85
CA ARG BA 82 -47.62 8.90 -68.27
C ARG BA 82 -46.76 7.63 -68.39
N LEU BA 83 -46.89 6.97 -69.55
CA LEU BA 83 -45.98 5.96 -70.14
C LEU BA 83 -45.50 6.48 -71.50
N VAL BA 84 -44.22 6.23 -71.80
CA VAL BA 84 -43.54 6.62 -73.05
C VAL BA 84 -42.72 5.43 -73.56
N ILE BA 85 -42.92 5.07 -74.82
CA ILE BA 85 -42.16 3.99 -75.51
C ILE BA 85 -41.54 4.59 -76.78
N GLY BA 86 -40.23 4.38 -76.96
CA GLY BA 86 -39.50 4.81 -78.15
C GLY BA 86 -39.87 4.01 -79.40
N ASP BA 87 -38.89 3.76 -80.26
CA ASP BA 87 -39.06 3.25 -81.63
C ASP BA 87 -38.48 1.83 -81.72
N HIS BA 88 -38.83 1.07 -82.77
CA HIS BA 88 -38.30 -0.28 -83.09
C HIS BA 88 -38.28 -1.19 -81.85
N ASN BA 89 -39.32 -1.14 -81.01
CA ASN BA 89 -39.40 -2.05 -79.85
C ASN BA 89 -40.32 -3.21 -80.18
N VAL BA 90 -40.07 -4.35 -79.54
CA VAL BA 90 -40.96 -5.53 -79.60
C VAL BA 90 -41.46 -5.91 -78.22
N ILE BA 91 -42.78 -5.97 -78.11
CA ILE BA 91 -43.46 -6.35 -76.86
C ILE BA 91 -44.26 -7.60 -77.16
N ARG BA 92 -43.76 -8.74 -76.67
CA ARG BA 92 -44.33 -10.08 -76.96
C ARG BA 92 -45.63 -10.30 -76.18
N GLU BA 93 -46.16 -11.51 -76.29
CA GLU BA 93 -47.50 -11.88 -75.84
C GLU BA 93 -47.59 -11.71 -74.30
N GLY BA 94 -48.54 -10.91 -73.81
CA GLY BA 94 -48.98 -10.93 -72.39
C GLY BA 94 -48.21 -9.97 -71.50
N VAL BA 95 -47.44 -9.10 -72.13
CA VAL BA 95 -46.61 -8.16 -71.35
C VAL BA 95 -47.53 -7.13 -70.71
N THR BA 96 -47.17 -6.73 -69.51
CA THR BA 96 -47.81 -5.62 -68.76
C THR BA 96 -46.78 -4.51 -68.59
N ILE BA 97 -47.20 -3.29 -68.92
CA ILE BA 97 -46.40 -2.06 -68.67
C ILE BA 97 -47.31 -1.05 -67.99
N HIS BA 98 -46.90 -0.57 -66.82
CA HIS BA 98 -47.73 0.33 -65.96
C HIS BA 98 -47.19 1.76 -66.06
N ARG BA 99 -48.07 2.75 -66.05
CA ARG BA 99 -47.60 4.15 -66.05
C ARG BA 99 -47.19 4.51 -64.63
N GLY BA 100 -46.26 5.48 -64.60
CA GLY BA 100 -45.65 6.11 -63.42
C GLY BA 100 -46.65 6.46 -62.33
N THR BA 101 -46.09 7.02 -61.26
CA THR BA 101 -46.73 7.50 -60.02
C THR BA 101 -46.21 8.92 -59.83
N VAL BA 102 -46.96 9.85 -59.26
CA VAL BA 102 -46.40 11.24 -59.05
C VAL BA 102 -45.26 11.16 -58.04
N GLN BA 103 -45.30 10.23 -57.10
CA GLN BA 103 -44.27 10.02 -56.02
C GLN BA 103 -42.85 10.04 -56.62
N ASP BA 104 -42.54 9.40 -57.75
CA ASP BA 104 -41.16 9.39 -58.37
C ASP BA 104 -41.22 10.36 -59.55
N ARG BA 105 -40.98 9.96 -60.81
CA ARG BA 105 -40.85 11.02 -61.87
C ARG BA 105 -42.12 11.05 -62.70
N ALA BA 106 -43.15 10.34 -62.31
CA ALA BA 106 -44.51 10.48 -62.90
C ALA BA 106 -44.52 9.89 -64.31
N GLU BA 107 -43.50 9.10 -64.65
CA GLU BA 107 -43.40 8.49 -65.99
C GLU BA 107 -42.56 7.23 -65.92
N THR BA 108 -43.15 6.19 -66.52
CA THR BA 108 -42.53 4.91 -66.96
C THR BA 108 -42.04 5.11 -68.38
N THR BA 109 -40.81 4.68 -68.71
CA THR BA 109 -40.12 5.09 -69.96
C THR BA 109 -39.34 3.94 -70.60
N ILE BA 110 -39.52 3.75 -71.90
CA ILE BA 110 -38.78 2.72 -72.67
C ILE BA 110 -38.19 3.37 -73.91
N GLY BA 111 -36.90 3.09 -74.16
CA GLY BA 111 -36.10 3.65 -75.27
C GLY BA 111 -36.39 2.94 -76.57
N ASP BA 112 -35.36 2.63 -77.37
CA ASP BA 112 -35.48 2.08 -78.75
C ASP BA 112 -34.91 0.65 -78.80
N HIS BA 113 -35.29 -0.16 -79.81
CA HIS BA 113 -34.65 -1.45 -80.17
C HIS BA 113 -34.69 -2.51 -79.04
N ASN BA 114 -35.59 -2.33 -78.07
CA ASN BA 114 -35.72 -3.29 -76.94
C ASN BA 114 -36.64 -4.45 -77.32
N LEU BA 115 -36.29 -5.62 -76.79
CA LEU BA 115 -37.07 -6.87 -76.95
C LEU BA 115 -37.56 -7.27 -75.57
N ILE BA 116 -38.87 -7.20 -75.37
CA ILE BA 116 -39.51 -7.57 -74.08
C ILE BA 116 -40.39 -8.78 -74.36
N MET BA 117 -40.00 -9.95 -73.84
CA MET BA 117 -40.65 -11.21 -74.24
C MET BA 117 -41.83 -11.49 -73.32
N ALA BA 118 -42.46 -12.62 -73.56
CA ALA BA 118 -43.82 -12.92 -73.08
C ALA BA 118 -43.97 -12.79 -71.55
N TYR BA 119 -45.11 -12.30 -71.09
CA TYR BA 119 -45.59 -12.33 -69.68
C TYR BA 119 -44.62 -11.49 -68.81
N ALA BA 120 -43.71 -10.72 -69.43
CA ALA BA 120 -42.81 -9.80 -68.68
C ALA BA 120 -43.67 -8.70 -68.05
N HIS BA 121 -43.16 -8.12 -66.97
CA HIS BA 121 -43.83 -6.98 -66.27
C HIS BA 121 -42.83 -5.83 -66.13
N ILE BA 122 -43.29 -4.61 -66.37
CA ILE BA 122 -42.47 -3.37 -66.24
C ILE BA 122 -43.21 -2.36 -65.39
N GLY BA 123 -43.03 -2.42 -64.07
CA GLY BA 123 -43.85 -1.72 -63.04
C GLY BA 123 -43.67 -0.22 -63.10
N HIS BA 124 -44.56 0.49 -62.38
CA HIS BA 124 -44.59 1.98 -62.32
C HIS BA 124 -43.19 2.56 -62.31
N ASP BA 125 -42.90 3.51 -63.19
CA ASP BA 125 -41.73 4.43 -63.07
C ASP BA 125 -40.43 3.74 -63.48
N SER BA 126 -40.47 2.49 -63.91
CA SER BA 126 -39.27 1.81 -64.43
C SER BA 126 -38.82 2.58 -65.68
N VAL BA 127 -37.56 2.38 -66.08
CA VAL BA 127 -36.95 3.14 -67.19
C VAL BA 127 -35.97 2.26 -67.97
N ILE BA 128 -36.25 2.02 -69.24
CA ILE BA 128 -35.42 1.11 -70.06
C ILE BA 128 -34.77 1.90 -71.19
N GLY BA 129 -33.48 1.60 -71.42
CA GLY BA 129 -32.62 2.24 -72.43
C GLY BA 129 -32.88 1.65 -73.79
N ASN BA 130 -31.84 1.13 -74.46
CA ASN BA 130 -31.93 0.62 -75.86
C ASN BA 130 -31.30 -0.77 -75.97
N HIS BA 131 -31.74 -1.56 -76.97
CA HIS BA 131 -31.15 -2.87 -77.30
C HIS BA 131 -31.13 -3.76 -76.04
N CYS BA 132 -32.04 -3.54 -75.11
CA CYS BA 132 -32.16 -4.44 -73.93
C CYS BA 132 -32.98 -5.65 -74.33
N ILE BA 133 -32.73 -6.77 -73.66
CA ILE BA 133 -33.63 -7.95 -73.76
C ILE BA 133 -34.12 -8.34 -72.36
N LEU BA 134 -35.42 -8.27 -72.17
CA LEU BA 134 -36.10 -8.84 -70.99
C LEU BA 134 -36.77 -10.12 -71.44
N VAL BA 135 -36.27 -11.25 -70.97
CA VAL BA 135 -36.79 -12.57 -71.38
C VAL BA 135 -38.09 -12.85 -70.60
N ASN BA 136 -38.81 -13.90 -71.02
CA ASN BA 136 -40.13 -14.32 -70.48
C ASN BA 136 -40.21 -14.07 -68.96
N ASN BA 137 -41.26 -13.35 -68.51
CA ASN BA 137 -41.71 -13.25 -67.09
C ASN BA 137 -40.71 -12.48 -66.24
N THR BA 138 -39.66 -11.93 -66.83
CA THR BA 138 -38.87 -10.87 -66.19
C THR BA 138 -39.85 -9.84 -65.61
N ALA BA 139 -39.51 -9.32 -64.44
CA ALA BA 139 -40.42 -8.48 -63.63
C ALA BA 139 -39.61 -7.39 -62.92
N LEU BA 140 -39.94 -6.14 -63.23
CA LEU BA 140 -39.32 -4.93 -62.65
C LEU BA 140 -40.35 -4.33 -61.68
N ALA BA 141 -40.17 -4.55 -60.37
CA ALA BA 141 -41.20 -4.27 -59.34
C ALA BA 141 -41.69 -2.83 -59.45
N GLY BA 142 -40.74 -1.91 -59.67
CA GLY BA 142 -40.98 -0.47 -59.81
C GLY BA 142 -39.72 0.35 -59.71
N HIS BA 143 -39.71 1.51 -60.38
CA HIS BA 143 -38.62 2.52 -60.42
C HIS BA 143 -37.30 1.85 -60.73
N VAL BA 144 -37.33 0.76 -61.50
CA VAL BA 144 -36.10 0.06 -61.92
C VAL BA 144 -35.55 0.76 -63.16
N HIS BA 145 -34.27 1.10 -63.16
CA HIS BA 145 -33.55 1.61 -64.36
C HIS BA 145 -32.69 0.49 -64.94
N VAL BA 146 -32.93 0.17 -66.21
CA VAL BA 146 -32.15 -0.81 -67.02
C VAL BA 146 -31.42 -0.04 -68.10
N ASP BA 147 -30.11 0.10 -67.94
CA ASP BA 147 -29.22 0.79 -68.93
C ASP BA 147 -29.04 -0.14 -70.14
N ASP BA 148 -28.37 0.33 -71.20
CA ASP BA 148 -28.47 -0.25 -72.57
C ASP BA 148 -27.82 -1.63 -72.66
N TRP BA 149 -28.31 -2.48 -73.57
CA TRP BA 149 -27.69 -3.77 -73.94
C TRP BA 149 -27.86 -4.83 -72.84
N ALA BA 150 -28.46 -4.44 -71.73
CA ALA BA 150 -28.64 -5.37 -70.60
C ALA BA 150 -29.50 -6.51 -71.10
N ILE BA 151 -29.26 -7.68 -70.53
CA ILE BA 151 -30.05 -8.90 -70.80
C ILE BA 151 -30.47 -9.48 -69.46
N LEU BA 152 -31.77 -9.59 -69.26
CA LEU BA 152 -32.34 -10.28 -68.09
C LEU BA 152 -32.92 -11.59 -68.59
N SER BA 153 -32.25 -12.70 -68.28
CA SER BA 153 -32.72 -14.08 -68.56
C SER BA 153 -34.13 -14.25 -67.98
N GLY BA 154 -34.79 -15.36 -68.32
CA GLY BA 154 -36.21 -15.60 -67.97
C GLY BA 154 -36.46 -15.55 -66.48
N TYR BA 155 -37.61 -15.01 -66.07
CA TYR BA 155 -38.08 -15.07 -64.67
C TYR BA 155 -37.04 -14.42 -63.74
N THR BA 156 -36.41 -13.36 -64.26
CA THR BA 156 -35.53 -12.48 -63.47
C THR BA 156 -36.40 -11.47 -62.75
N LEU BA 157 -36.20 -11.33 -61.44
CA LEU BA 157 -37.03 -10.48 -60.55
C LEU BA 157 -36.14 -9.36 -60.00
N VAL BA 158 -36.64 -8.12 -60.04
CA VAL BA 158 -35.79 -6.94 -59.74
C VAL BA 158 -36.51 -6.02 -58.76
N HIS BA 159 -35.99 -5.86 -57.54
CA HIS BA 159 -36.74 -5.28 -56.37
C HIS BA 159 -36.80 -3.76 -56.63
N GLN BA 160 -37.87 -3.11 -56.10
CA GLN BA 160 -38.15 -1.64 -56.20
C GLN BA 160 -36.76 -0.99 -56.35
N TYR BA 161 -36.55 -0.07 -57.29
CA TYR BA 161 -35.45 0.95 -57.29
C TYR BA 161 -34.05 0.43 -57.71
N CYS BA 162 -33.87 -0.83 -58.08
CA CYS BA 162 -32.53 -1.34 -58.47
C CYS BA 162 -32.13 -0.78 -59.83
N ARG BA 163 -30.82 -0.60 -60.04
CA ARG BA 163 -30.22 -0.19 -61.33
C ARG BA 163 -29.51 -1.40 -61.91
N ILE BA 164 -29.92 -1.81 -63.11
CA ILE BA 164 -29.22 -2.83 -63.93
C ILE BA 164 -28.31 -2.07 -64.88
N GLY BA 165 -27.02 -1.95 -64.56
CA GLY BA 165 -26.01 -1.30 -65.42
C GLY BA 165 -25.91 -1.94 -66.80
N ALA BA 166 -25.31 -1.24 -67.74
CA ALA BA 166 -25.27 -1.61 -69.17
C ALA BA 166 -24.45 -2.86 -69.47
N HIS BA 167 -24.91 -3.67 -70.44
CA HIS BA 167 -24.31 -4.95 -70.87
C HIS BA 167 -24.35 -5.98 -69.75
N SER BA 168 -24.93 -5.61 -68.62
CA SER BA 168 -25.06 -6.55 -67.49
C SER BA 168 -25.95 -7.70 -67.97
N PHE BA 169 -25.93 -8.77 -67.20
CA PHE BA 169 -26.63 -10.02 -67.53
C PHE BA 169 -27.08 -10.73 -66.25
N SER BA 170 -28.37 -10.95 -66.10
CA SER BA 170 -28.94 -11.83 -65.07
C SER BA 170 -29.23 -13.21 -65.66
N GLY BA 171 -28.90 -14.27 -64.93
CA GLY BA 171 -29.28 -15.66 -65.31
C GLY BA 171 -30.74 -15.93 -65.01
N MET BA 172 -31.26 -17.10 -65.38
CA MET BA 172 -32.71 -17.38 -65.22
C MET BA 172 -32.99 -17.53 -63.73
N GLY BA 173 -34.21 -17.17 -63.31
CA GLY BA 173 -34.66 -17.15 -61.91
C GLY BA 173 -33.78 -16.31 -60.98
N SER BA 174 -33.01 -15.37 -61.50
CA SER BA 174 -32.24 -14.41 -60.67
C SER BA 174 -33.22 -13.53 -59.89
N ALA BA 175 -32.86 -13.25 -58.63
CA ALA BA 175 -33.66 -12.46 -57.68
C ALA BA 175 -32.84 -11.25 -57.21
N ILE BA 176 -32.88 -10.19 -58.00
CA ILE BA 176 -31.92 -9.06 -57.89
C ILE BA 176 -32.44 -8.07 -56.85
N GLY BA 177 -31.82 -8.01 -55.68
CA GLY BA 177 -32.26 -7.15 -54.56
C GLY BA 177 -31.49 -5.83 -54.49
N LYS BA 178 -30.44 -5.70 -55.30
CA LYS BA 178 -29.50 -4.56 -55.26
C LYS BA 178 -28.88 -4.36 -56.62
N ASP BA 179 -28.26 -3.19 -56.85
CA ASP BA 179 -27.76 -2.80 -58.18
C ASP BA 179 -26.86 -3.87 -58.81
N VAL BA 180 -26.97 -4.03 -60.12
CA VAL BA 180 -26.05 -4.84 -60.95
C VAL BA 180 -25.16 -3.90 -61.76
N PRO BA 181 -23.84 -3.91 -61.48
CA PRO BA 181 -22.91 -3.04 -62.19
C PRO BA 181 -22.89 -3.35 -63.69
N ALA BA 182 -22.54 -2.37 -64.49
CA ALA BA 182 -22.29 -2.56 -65.93
C ALA BA 182 -21.49 -3.85 -66.15
N TYR BA 183 -21.86 -4.65 -67.15
CA TYR BA 183 -21.07 -5.81 -67.67
C TYR BA 183 -21.17 -7.03 -66.76
N VAL BA 184 -21.70 -6.91 -65.54
CA VAL BA 184 -21.59 -8.03 -64.55
C VAL BA 184 -22.64 -9.10 -64.85
N THR BA 185 -22.25 -10.37 -64.70
CA THR BA 185 -23.17 -11.53 -64.75
C THR BA 185 -23.58 -11.84 -63.30
N VAL BA 186 -24.88 -11.92 -63.03
CA VAL BA 186 -25.42 -12.28 -61.69
C VAL BA 186 -26.38 -13.47 -61.82
N PHE BA 187 -26.44 -14.31 -60.81
CA PHE BA 187 -27.19 -15.59 -60.86
C PHE BA 187 -27.82 -15.88 -59.50
N GLY BA 188 -29.06 -16.34 -59.51
CA GLY BA 188 -29.68 -17.08 -58.40
C GLY BA 188 -30.45 -16.20 -57.43
N ASN BA 189 -30.94 -16.84 -56.35
CA ASN BA 189 -31.84 -16.23 -55.36
C ASN BA 189 -31.26 -16.40 -53.97
N PRO BA 190 -30.63 -15.34 -53.43
CA PRO BA 190 -30.66 -14.03 -54.05
C PRO BA 190 -29.48 -13.90 -55.03
N ALA BA 191 -29.64 -13.09 -56.07
CA ALA BA 191 -28.60 -12.79 -57.10
C ALA BA 191 -27.24 -12.60 -56.41
N GLU BA 192 -26.20 -13.28 -56.89
CA GLU BA 192 -24.78 -12.95 -56.60
C GLU BA 192 -24.05 -12.64 -57.91
N ALA BA 193 -22.93 -11.93 -57.84
CA ALA BA 193 -22.03 -11.65 -58.98
C ALA BA 193 -21.29 -12.93 -59.31
N ARG BA 194 -20.98 -13.23 -60.57
CA ARG BA 194 -20.13 -14.38 -60.96
C ARG BA 194 -18.94 -13.88 -61.78
N SER BA 195 -19.21 -13.33 -62.96
CA SER BA 195 -18.18 -12.86 -63.93
C SER BA 195 -18.62 -11.53 -64.50
N MET BA 196 -17.91 -11.10 -65.53
CA MET BA 196 -18.40 -10.08 -66.46
C MET BA 196 -18.84 -10.82 -67.71
N ASN BA 197 -19.62 -10.12 -68.52
CA ASN BA 197 -20.36 -10.66 -69.67
C ASN BA 197 -19.47 -10.46 -70.89
N PHE BA 198 -18.42 -11.27 -70.99
CA PHE BA 198 -17.42 -11.16 -72.06
C PHE BA 198 -18.16 -11.37 -73.36
N GLU BA 199 -19.14 -12.27 -73.32
CA GLU BA 199 -20.01 -12.54 -74.48
C GLU BA 199 -20.34 -11.20 -75.16
N GLY BA 200 -21.28 -10.45 -74.59
CA GLY BA 200 -21.86 -9.24 -75.19
C GLY BA 200 -20.85 -8.12 -75.31
N MET BA 201 -19.61 -8.33 -74.82
CA MET BA 201 -18.45 -7.45 -75.07
C MET BA 201 -17.85 -7.79 -76.42
N ARG BA 202 -17.67 -9.08 -76.73
CA ARG BA 202 -17.17 -9.50 -78.08
C ARG BA 202 -18.24 -9.00 -79.05
N ARG BA 203 -19.53 -9.20 -78.72
CA ARG BA 203 -20.66 -8.75 -79.58
C ARG BA 203 -20.53 -7.25 -79.88
N ARG BA 204 -20.17 -6.40 -78.93
CA ARG BA 204 -20.00 -4.96 -79.20
C ARG BA 204 -18.65 -4.67 -79.89
N GLY BA 205 -17.82 -5.69 -80.12
CA GLY BA 205 -16.50 -5.54 -80.77
C GLY BA 205 -15.52 -4.76 -79.92
N PHE BA 206 -15.63 -4.80 -78.60
CA PHE BA 206 -14.67 -4.20 -77.65
C PHE BA 206 -13.25 -4.67 -78.00
N SER BA 207 -12.25 -3.81 -77.79
CA SER BA 207 -10.82 -4.17 -78.01
C SER BA 207 -10.45 -5.24 -76.99
N SER BA 208 -9.43 -6.05 -77.24
CA SER BA 208 -9.01 -7.06 -76.25
C SER BA 208 -8.48 -6.35 -75.02
N GLU BA 209 -7.74 -5.23 -75.15
CA GLU BA 209 -7.20 -4.50 -73.96
C GLU BA 209 -8.38 -4.17 -73.07
N ALA BA 210 -9.48 -3.70 -73.67
CA ALA BA 210 -10.67 -3.22 -72.94
C ALA BA 210 -11.29 -4.40 -72.18
N ILE BA 211 -11.42 -5.54 -72.84
CA ILE BA 211 -11.95 -6.75 -72.19
C ILE BA 211 -11.04 -7.08 -70.99
N HIS BA 212 -9.75 -7.37 -71.20
CA HIS BA 212 -8.77 -7.68 -70.13
C HIS BA 212 -8.90 -6.65 -69.01
N ALA BA 213 -9.02 -5.36 -69.34
CA ALA BA 213 -9.07 -4.24 -68.38
C ALA BA 213 -10.30 -4.34 -67.49
N LEU BA 214 -11.39 -4.81 -68.10
CA LEU BA 214 -12.70 -5.03 -67.46
C LEU BA 214 -12.64 -6.26 -66.56
N ARG BA 215 -11.95 -7.31 -66.98
CA ARG BA 215 -11.66 -8.46 -66.07
C ARG BA 215 -10.88 -7.89 -64.88
N ARG BA 216 -9.76 -7.17 -65.10
CA ARG BA 216 -8.93 -6.60 -63.99
C ARG BA 216 -9.91 -5.90 -63.04
N ALA BA 217 -10.78 -5.07 -63.61
CA ALA BA 217 -11.70 -4.19 -62.86
C ALA BA 217 -12.64 -5.03 -61.99
N TYR BA 218 -13.22 -6.10 -62.55
CA TYR BA 218 -14.08 -7.04 -61.80
C TYR BA 218 -13.30 -7.49 -60.57
N LYS BA 219 -12.14 -8.09 -60.87
CA LYS BA 219 -11.28 -8.77 -59.89
C LYS BA 219 -11.11 -7.81 -58.71
N VAL BA 220 -10.93 -6.52 -58.99
CA VAL BA 220 -10.63 -5.46 -57.98
C VAL BA 220 -11.78 -5.35 -56.96
N VAL BA 221 -12.94 -5.09 -57.50
CA VAL BA 221 -14.20 -4.84 -56.75
C VAL BA 221 -14.43 -6.05 -55.83
N TYR BA 222 -14.58 -7.20 -56.50
CA TYR BA 222 -15.17 -8.46 -56.00
C TYR BA 222 -14.09 -9.34 -55.39
N ARG BA 223 -13.30 -9.98 -56.25
CA ARG BA 223 -12.36 -11.04 -55.85
C ARG BA 223 -11.08 -10.49 -55.17
N GLN BA 224 -10.88 -9.21 -54.86
CA GLN BA 224 -9.66 -8.79 -54.07
C GLN BA 224 -10.09 -8.40 -52.67
N GLY BA 225 -11.39 -8.58 -52.36
CA GLY BA 225 -12.11 -7.93 -51.25
C GLY BA 225 -11.44 -6.63 -50.85
N HIS BA 226 -11.25 -5.70 -51.78
CA HIS BA 226 -11.15 -4.27 -51.37
C HIS BA 226 -12.54 -3.94 -50.80
N THR BA 227 -12.72 -2.90 -49.98
CA THR BA 227 -14.07 -2.32 -49.67
C THR BA 227 -14.74 -1.92 -51.01
N VAL BA 228 -15.94 -1.37 -50.96
CA VAL BA 228 -16.56 -0.75 -52.17
C VAL BA 228 -15.73 0.51 -52.48
N GLU BA 229 -15.60 1.43 -51.52
CA GLU BA 229 -14.83 2.70 -51.68
C GLU BA 229 -13.40 2.42 -52.15
N GLU BA 230 -12.76 1.44 -51.52
CA GLU BA 230 -11.34 1.12 -51.74
C GLU BA 230 -11.18 0.84 -53.23
N ALA BA 231 -12.10 0.06 -53.80
CA ALA BA 231 -12.00 -0.40 -55.20
C ALA BA 231 -12.24 0.78 -56.13
N LEU BA 232 -13.28 1.58 -55.86
CA LEU BA 232 -13.58 2.76 -56.70
C LEU BA 232 -12.34 3.61 -56.91
N ALA BA 233 -11.55 3.68 -55.84
CA ALA BA 233 -10.25 4.36 -55.81
C ALA BA 233 -9.28 3.71 -56.80
N GLU BA 234 -9.11 2.39 -56.69
CA GLU BA 234 -8.18 1.60 -57.55
C GLU BA 234 -8.54 1.88 -59.03
N LEU BA 235 -9.82 1.73 -59.36
CA LEU BA 235 -10.33 1.74 -60.74
C LEU BA 235 -9.92 3.04 -61.45
N ALA BA 236 -10.14 4.21 -60.82
CA ALA BA 236 -9.64 5.55 -61.22
C ALA BA 236 -8.67 5.54 -62.41
N GLU BA 237 -7.44 5.02 -62.24
CA GLU BA 237 -6.41 4.81 -63.32
C GLU BA 237 -7.06 4.07 -64.50
N SER BA 238 -7.38 2.78 -64.29
CA SER BA 238 -8.09 1.85 -65.23
C SER BA 238 -9.15 2.62 -66.05
N ALA BA 239 -9.84 3.57 -65.44
CA ALA BA 239 -11.09 4.17 -65.93
C ALA BA 239 -10.80 5.42 -66.79
N ALA BA 240 -9.69 6.09 -66.51
CA ALA BA 240 -9.20 7.16 -67.40
C ALA BA 240 -8.79 6.52 -68.73
N GLN BA 241 -8.00 5.47 -68.58
CA GLN BA 241 -7.41 4.68 -69.68
C GLN BA 241 -8.49 4.18 -70.62
N PHE BA 242 -9.64 3.70 -70.12
CA PHE BA 242 -10.65 2.95 -70.90
C PHE BA 242 -12.04 3.45 -70.57
N PRO BA 243 -12.63 4.28 -71.44
CA PRO BA 243 -14.06 4.58 -71.37
C PRO BA 243 -14.93 3.38 -71.00
N GLU BA 244 -14.59 2.18 -71.44
CA GLU BA 244 -15.39 0.95 -71.14
C GLU BA 244 -15.39 0.70 -69.61
N VAL BA 245 -14.24 0.84 -68.95
CA VAL BA 245 -14.06 0.62 -67.49
C VAL BA 245 -14.81 1.75 -66.77
N ALA BA 246 -14.65 2.96 -67.30
CA ALA BA 246 -15.24 4.20 -66.77
C ALA BA 246 -16.69 3.92 -66.38
N VAL BA 247 -17.45 3.43 -67.36
CA VAL BA 247 -18.85 2.95 -67.25
C VAL BA 247 -19.07 2.08 -66.01
N PHE BA 248 -18.19 1.08 -65.87
CA PHE BA 248 -18.25 0.08 -64.79
C PHE BA 248 -17.99 0.80 -63.46
N ARG BA 249 -16.93 1.61 -63.35
CA ARG BA 249 -16.71 2.42 -62.13
C ARG BA 249 -17.98 3.27 -61.88
N ASP BA 250 -18.41 4.03 -62.87
CA ASP BA 250 -19.60 4.92 -62.78
C ASP BA 250 -20.80 4.10 -62.31
N SER BA 251 -21.06 2.87 -62.79
CA SER BA 251 -22.22 2.10 -62.28
C SER BA 251 -22.05 1.97 -60.76
N ILE BA 252 -20.90 1.45 -60.31
CA ILE BA 252 -20.66 1.13 -58.89
C ILE BA 252 -20.73 2.38 -58.04
N GLN BA 253 -20.17 3.47 -58.56
CA GLN BA 253 -20.27 4.79 -57.92
C GLN BA 253 -21.66 4.98 -57.33
N SER BA 254 -22.61 5.38 -58.17
CA SER BA 254 -23.90 5.96 -57.74
C SER BA 254 -24.83 4.77 -57.50
N ALA BA 255 -24.32 3.81 -56.76
CA ALA BA 255 -25.09 2.77 -56.05
C ALA BA 255 -24.85 2.90 -54.54
N THR BA 256 -23.63 3.29 -54.14
CA THR BA 256 -23.20 3.37 -52.71
C THR BA 256 -22.90 4.84 -52.44
N ARG BA 257 -23.70 5.61 -51.72
CA ARG BA 257 -23.15 6.88 -51.18
C ARG BA 257 -22.73 6.64 -49.73
N GLY BA 258 -23.33 5.68 -49.03
CA GLY BA 258 -23.08 5.40 -47.59
C GLY BA 258 -23.34 6.61 -46.69
N ILE BA 259 -23.00 6.46 -45.42
CA ILE BA 259 -23.22 7.48 -44.35
C ILE BA 259 -21.86 7.84 -43.76
N THR BA 260 -21.80 8.93 -43.00
CA THR BA 260 -20.64 9.27 -42.16
C THR BA 260 -20.46 8.17 -41.14
N ARG BA 261 -19.32 7.45 -41.20
CA ARG BA 261 -18.84 6.55 -40.09
C ARG BA 261 -18.07 7.52 -39.16
N MET CA 4 -76.32 -24.13 -81.30
CA MET CA 4 -75.81 -25.37 -81.87
C MET CA 4 -75.30 -24.99 -83.30
N SER CA 5 -74.02 -24.51 -83.41
CA SER CA 5 -73.13 -24.68 -84.62
C SER CA 5 -71.62 -24.44 -84.33
N LEU CA 6 -70.78 -25.43 -84.65
CA LEU CA 6 -69.50 -25.86 -84.00
C LEU CA 6 -68.44 -24.77 -83.88
N ILE CA 7 -68.12 -24.19 -85.03
CA ILE CA 7 -67.13 -23.10 -85.20
C ILE CA 7 -67.89 -21.79 -85.04
N ASP CA 8 -67.67 -21.09 -83.93
CA ASP CA 8 -68.30 -19.78 -83.61
C ASP CA 8 -68.19 -18.85 -84.80
N PRO CA 9 -69.20 -18.05 -85.12
CA PRO CA 9 -69.08 -17.10 -86.21
C PRO CA 9 -68.15 -15.93 -85.83
N ARG CA 10 -67.95 -15.61 -84.55
CA ARG CA 10 -67.09 -14.43 -84.19
C ARG CA 10 -65.61 -14.82 -84.24
N ALA CA 11 -65.30 -16.09 -84.52
CA ALA CA 11 -63.92 -16.60 -84.65
C ALA CA 11 -63.46 -16.34 -86.09
N ILE CA 12 -62.15 -16.22 -86.29
CA ILE CA 12 -61.55 -16.03 -87.63
C ILE CA 12 -60.83 -17.30 -88.02
N ILE CA 13 -61.17 -17.85 -89.18
CA ILE CA 13 -60.49 -19.03 -89.76
C ILE CA 13 -59.91 -18.66 -91.12
N ASP CA 14 -58.60 -18.80 -91.28
CA ASP CA 14 -57.94 -18.59 -92.58
C ASP CA 14 -58.55 -19.55 -93.59
N PRO CA 15 -58.74 -19.14 -94.87
CA PRO CA 15 -59.15 -20.09 -95.91
C PRO CA 15 -58.13 -21.23 -96.03
N SER CA 16 -56.85 -20.94 -95.82
CA SER CA 16 -55.76 -21.93 -95.99
C SER CA 16 -55.79 -22.95 -94.84
N ALA CA 17 -56.35 -22.64 -93.67
CA ALA CA 17 -56.41 -23.56 -92.50
C ALA CA 17 -57.29 -24.75 -92.86
N ARG CA 18 -57.17 -25.88 -92.16
CA ARG CA 18 -58.00 -27.06 -92.52
C ARG CA 18 -58.25 -27.91 -91.26
N LEU CA 19 -59.53 -28.14 -90.92
CA LEU CA 19 -60.13 -28.59 -89.63
C LEU CA 19 -61.05 -29.80 -89.84
N ALA CA 20 -60.80 -30.95 -89.21
CA ALA CA 20 -61.69 -32.15 -89.29
C ALA CA 20 -63.12 -31.77 -88.87
N ALA CA 21 -64.12 -32.58 -89.25
CA ALA CA 21 -65.57 -32.23 -89.25
C ALA CA 21 -66.00 -31.62 -87.89
N ASP CA 22 -65.81 -32.36 -86.80
CA ASP CA 22 -66.42 -32.10 -85.47
C ASP CA 22 -65.45 -31.31 -84.56
N VAL CA 23 -64.51 -30.58 -85.16
CA VAL CA 23 -63.71 -29.57 -84.43
C VAL CA 23 -64.63 -28.42 -84.05
N GLN CA 24 -64.40 -27.87 -82.87
CA GLN CA 24 -65.03 -26.60 -82.43
C GLN CA 24 -64.02 -25.50 -82.20
N VAL CA 25 -64.46 -24.27 -82.41
CA VAL CA 25 -63.66 -23.05 -82.11
C VAL CA 25 -64.58 -22.05 -81.41
N GLY CA 26 -64.20 -21.65 -80.17
CA GLY CA 26 -64.90 -20.62 -79.38
C GLY CA 26 -64.80 -19.27 -80.09
N PRO CA 27 -65.52 -18.24 -79.61
CA PRO CA 27 -65.46 -16.92 -80.23
C PRO CA 27 -64.11 -16.19 -80.09
N TRP CA 28 -63.75 -15.34 -81.06
CA TRP CA 28 -62.60 -14.40 -80.97
C TRP CA 28 -61.27 -15.17 -81.02
N SER CA 29 -61.37 -16.44 -81.36
CA SER CA 29 -60.17 -17.27 -81.57
C SER CA 29 -59.82 -17.12 -83.03
N ILE CA 30 -58.52 -17.14 -83.33
CA ILE CA 30 -57.97 -17.01 -84.70
C ILE CA 30 -57.27 -18.33 -85.03
N VAL CA 31 -57.61 -18.91 -86.17
CA VAL CA 31 -56.90 -20.09 -86.71
C VAL CA 31 -56.12 -19.63 -87.94
N GLY CA 32 -54.91 -19.08 -87.71
CA GLY CA 32 -53.99 -18.51 -88.73
C GLY CA 32 -53.86 -19.43 -89.94
N ALA CA 33 -53.23 -18.97 -91.02
CA ALA CA 33 -53.05 -19.81 -92.22
C ALA CA 33 -52.25 -21.05 -91.82
N GLU CA 34 -52.35 -22.13 -92.60
CA GLU CA 34 -51.44 -23.31 -92.52
C GLU CA 34 -51.66 -24.05 -91.20
N VAL CA 35 -52.76 -23.80 -90.50
CA VAL CA 35 -53.05 -24.50 -89.24
C VAL CA 35 -54.00 -25.65 -89.55
N GLU CA 36 -53.63 -26.84 -89.09
CA GLU CA 36 -54.35 -28.10 -89.34
C GLU CA 36 -54.84 -28.58 -87.98
N ILE CA 37 -56.13 -28.88 -87.82
CA ILE CA 37 -56.69 -29.31 -86.50
C ILE CA 37 -57.41 -30.64 -86.67
N GLY CA 38 -56.96 -31.67 -85.96
CA GLY CA 38 -57.45 -33.06 -86.08
C GLY CA 38 -58.83 -33.23 -85.46
N GLU CA 39 -59.49 -34.34 -85.79
CA GLU CA 39 -60.84 -34.75 -85.30
C GLU CA 39 -61.05 -34.47 -83.81
N GLY CA 40 -62.22 -33.93 -83.44
CA GLY CA 40 -62.74 -33.90 -82.05
C GLY CA 40 -62.00 -32.94 -81.12
N THR CA 41 -61.08 -32.15 -81.66
CA THR CA 41 -60.33 -31.11 -80.91
C THR CA 41 -61.30 -29.98 -80.60
N VAL CA 42 -61.03 -29.26 -79.51
CA VAL CA 42 -61.81 -28.07 -79.06
C VAL CA 42 -60.88 -26.90 -78.86
N ILE CA 43 -61.14 -25.80 -79.55
CA ILE CA 43 -60.39 -24.53 -79.31
C ILE CA 43 -61.32 -23.61 -78.49
N GLY CA 44 -60.88 -23.18 -77.31
CA GLY CA 44 -61.67 -22.29 -76.45
C GLY CA 44 -61.84 -20.92 -77.11
N PRO CA 45 -62.47 -19.95 -76.42
CA PRO CA 45 -62.47 -18.55 -76.85
C PRO CA 45 -61.09 -17.88 -76.75
N HIS CA 46 -60.95 -16.65 -77.27
CA HIS CA 46 -59.70 -15.86 -77.37
C HIS CA 46 -58.44 -16.75 -77.46
N VAL CA 47 -58.39 -17.65 -78.43
CA VAL CA 47 -57.13 -18.39 -78.72
C VAL CA 47 -56.53 -17.79 -79.99
N VAL CA 48 -55.22 -17.97 -80.14
CA VAL CA 48 -54.44 -17.57 -81.34
C VAL CA 48 -53.62 -18.78 -81.76
N LEU CA 49 -53.96 -19.37 -82.90
CA LEU CA 49 -53.13 -20.39 -83.59
C LEU CA 49 -52.47 -19.72 -84.79
N LYS CA 50 -51.19 -20.03 -84.99
CA LYS CA 50 -50.42 -19.57 -86.18
C LYS CA 50 -49.71 -20.85 -86.67
N GLY CA 51 -49.39 -20.89 -87.97
CA GLY CA 51 -48.84 -22.07 -88.64
C GLY CA 51 -47.43 -21.80 -89.17
N PRO CA 52 -46.79 -22.72 -89.95
CA PRO CA 52 -47.36 -24.03 -90.21
C PRO CA 52 -47.41 -24.89 -88.94
N THR CA 53 -48.60 -25.31 -88.54
CA THR CA 53 -48.83 -26.00 -87.26
C THR CA 53 -49.82 -27.13 -87.52
N LYS CA 54 -49.58 -28.29 -86.91
CA LYS CA 54 -50.40 -29.48 -87.07
C LYS CA 54 -50.85 -29.90 -85.68
N ILE CA 55 -52.15 -29.84 -85.41
CA ILE CA 55 -52.72 -30.24 -84.08
C ILE CA 55 -53.53 -31.52 -84.26
N GLY CA 56 -53.19 -32.57 -83.51
CA GLY CA 56 -53.83 -33.90 -83.62
C GLY CA 56 -55.27 -33.88 -83.15
N LYS CA 57 -55.73 -35.02 -82.62
CA LYS CA 57 -57.16 -35.34 -82.37
C LYS CA 57 -57.49 -35.17 -80.89
N HIS CA 58 -58.74 -34.87 -80.56
CA HIS CA 58 -59.25 -34.78 -79.17
C HIS CA 58 -58.30 -33.96 -78.28
N ASN CA 59 -57.87 -32.77 -78.70
CA ASN CA 59 -57.11 -31.84 -77.83
C ASN CA 59 -58.10 -30.79 -77.30
N ARG CA 60 -57.81 -30.21 -76.14
CA ARG CA 60 -58.68 -29.18 -75.45
C ARG CA 60 -57.61 -28.07 -75.26
N ILE CA 61 -57.73 -26.92 -75.97
CA ILE CA 61 -56.84 -25.72 -75.81
C ILE CA 61 -57.65 -24.52 -75.30
N TYR CA 62 -57.17 -23.85 -74.24
CA TYR CA 62 -57.94 -22.80 -73.53
C TYR CA 62 -57.53 -21.39 -73.97
N GLN CA 63 -58.25 -20.41 -73.45
CA GLN CA 63 -58.17 -18.95 -73.73
C GLN CA 63 -56.75 -18.40 -73.50
N PHE CA 64 -56.34 -17.33 -74.22
CA PHE CA 64 -55.13 -16.50 -73.97
C PHE CA 64 -53.83 -17.25 -74.35
N SER CA 65 -54.05 -18.44 -74.94
CA SER CA 65 -53.01 -19.34 -75.46
C SER CA 65 -52.61 -18.84 -76.84
N SER CA 66 -51.31 -18.75 -77.06
CA SER CA 66 -50.69 -18.27 -78.33
C SER CA 66 -49.84 -19.44 -78.82
N VAL CA 67 -50.48 -20.36 -79.53
CA VAL CA 67 -49.91 -21.67 -79.97
C VAL CA 67 -49.51 -21.62 -81.45
N GLY CA 68 -48.20 -21.71 -81.68
CA GLY CA 68 -47.57 -21.72 -83.02
C GLY CA 68 -47.09 -20.34 -83.42
N GLU CA 69 -46.73 -19.47 -82.47
CA GLU CA 69 -46.08 -18.18 -82.74
C GLU CA 69 -44.59 -18.40 -83.04
N ASP CA 70 -43.88 -17.44 -83.67
CA ASP CA 70 -42.43 -17.55 -84.02
C ASP CA 70 -41.62 -17.43 -82.72
N THR CA 71 -40.44 -18.03 -82.52
CA THR CA 71 -39.78 -17.70 -81.24
C THR CA 71 -39.25 -16.28 -81.35
N PRO CA 72 -39.24 -15.47 -80.26
CA PRO CA 72 -38.77 -14.09 -80.36
C PRO CA 72 -37.26 -13.99 -80.52
N ASP CA 73 -36.52 -15.01 -80.00
CA ASP CA 73 -35.04 -15.27 -80.07
C ASP CA 73 -34.53 -14.77 -81.42
N LEU CA 74 -33.45 -14.02 -81.48
CA LEU CA 74 -33.12 -13.25 -82.71
C LEU CA 74 -32.48 -14.18 -83.75
N LYS CA 75 -31.86 -15.24 -83.25
CA LYS CA 75 -31.43 -16.48 -83.95
C LYS CA 75 -32.38 -16.72 -85.13
N TYR CA 76 -33.66 -16.91 -84.88
CA TYR CA 76 -34.70 -17.19 -85.90
C TYR CA 76 -34.99 -15.93 -86.70
N LYS CA 77 -34.78 -15.92 -88.01
CA LYS CA 77 -35.17 -14.75 -88.84
C LYS CA 77 -36.32 -15.16 -89.77
N GLY CA 78 -37.36 -15.81 -89.27
CA GLY CA 78 -38.63 -15.97 -90.01
C GLY CA 78 -38.65 -17.15 -90.97
N GLU CA 79 -37.59 -17.96 -91.04
CA GLU CA 79 -37.55 -19.19 -91.90
C GLU CA 79 -38.82 -19.98 -91.59
N PRO CA 80 -39.34 -20.86 -92.47
CA PRO CA 80 -40.78 -21.15 -92.48
C PRO CA 80 -41.04 -22.45 -91.68
N THR CA 81 -40.67 -22.51 -90.39
CA THR CA 81 -40.56 -23.73 -89.55
C THR CA 81 -41.91 -24.20 -89.00
N ARG CA 82 -41.96 -25.34 -88.30
CA ARG CA 82 -43.22 -26.04 -87.96
C ARG CA 82 -43.33 -26.27 -86.45
N LEU CA 83 -44.58 -26.38 -86.00
CA LEU CA 83 -45.05 -26.98 -84.70
C LEU CA 83 -45.96 -28.16 -85.01
N VAL CA 84 -45.83 -29.21 -84.20
CA VAL CA 84 -46.64 -30.46 -84.30
C VAL CA 84 -47.09 -30.86 -82.88
N ILE CA 85 -48.38 -31.09 -82.73
CA ILE CA 85 -49.00 -31.55 -81.46
C ILE CA 85 -49.78 -32.83 -81.75
N GLY CA 86 -49.53 -33.88 -80.95
CA GLY CA 86 -50.23 -35.16 -81.05
C GLY CA 86 -51.68 -35.05 -80.58
N ASP CA 87 -52.17 -36.13 -79.94
CA ASP CA 87 -53.61 -36.36 -79.64
C ASP CA 87 -53.83 -36.27 -78.13
N HIS CA 88 -55.09 -36.14 -77.68
CA HIS CA 88 -55.52 -36.15 -76.25
C HIS CA 88 -54.62 -35.26 -75.39
N ASN CA 89 -54.22 -34.09 -75.87
CA ASN CA 89 -53.42 -33.15 -75.05
C ASN CA 89 -54.35 -32.10 -74.47
N VAL CA 90 -53.95 -31.54 -73.33
CA VAL CA 90 -54.62 -30.35 -72.73
C VAL CA 90 -53.64 -29.20 -72.56
N ILE CA 91 -54.03 -28.07 -73.12
CA ILE CA 91 -53.23 -26.82 -73.05
C ILE CA 91 -54.11 -25.79 -72.34
N ARG CA 92 -53.76 -25.52 -71.08
CA ARG CA 92 -54.55 -24.64 -70.19
C ARG CA 92 -54.36 -23.17 -70.58
N GLU CA 93 -54.95 -22.30 -69.75
CA GLU CA 93 -55.11 -20.86 -70.05
C GLU CA 93 -53.71 -20.21 -70.16
N GLY CA 94 -53.41 -19.56 -71.28
CA GLY CA 94 -52.30 -18.60 -71.41
C GLY CA 94 -51.00 -19.23 -71.84
N VAL CA 95 -51.06 -20.47 -72.26
CA VAL CA 95 -49.85 -21.20 -72.67
C VAL CA 95 -49.33 -20.60 -73.97
N THR CA 96 -48.01 -20.54 -74.09
CA THR CA 96 -47.30 -20.16 -75.32
C THR CA 96 -46.51 -21.36 -75.81
N ILE CA 97 -46.65 -21.67 -77.10
CA ILE CA 97 -45.85 -22.72 -77.77
C ILE CA 97 -45.30 -22.10 -79.06
N HIS CA 98 -43.99 -22.13 -79.23
CA HIS CA 98 -43.27 -21.46 -80.35
C HIS CA 98 -42.82 -22.53 -81.36
N ARG CA 99 -42.89 -22.23 -82.64
CA ARG CA 99 -42.38 -23.17 -83.66
C ARG CA 99 -40.86 -23.04 -83.70
N GLY CA 100 -40.26 -24.18 -84.10
CA GLY CA 100 -38.83 -24.41 -84.31
C GLY CA 100 -38.12 -23.28 -85.03
N THR CA 101 -36.81 -23.50 -85.19
CA THR CA 101 -35.80 -22.66 -85.86
C THR CA 101 -35.11 -23.58 -86.84
N VAL CA 102 -34.62 -23.11 -87.99
CA VAL CA 102 -33.90 -24.04 -88.93
C VAL CA 102 -32.59 -24.51 -88.27
N GLN CA 103 -31.98 -23.70 -87.42
CA GLN CA 103 -30.71 -23.99 -86.69
C GLN CA 103 -30.74 -25.40 -86.08
N ASP CA 104 -31.82 -25.87 -85.43
CA ASP CA 104 -31.90 -27.24 -84.81
C ASP CA 104 -32.75 -28.10 -85.75
N ARG CA 105 -33.89 -28.68 -85.37
CA ARG CA 105 -34.55 -29.65 -86.29
C ARG CA 105 -35.72 -28.97 -86.99
N ALA CA 106 -35.91 -27.67 -86.81
CA ALA CA 106 -36.89 -26.88 -87.59
C ALA CA 106 -38.30 -27.24 -87.15
N GLU CA 107 -38.43 -27.89 -85.99
CA GLU CA 107 -39.76 -28.30 -85.48
C GLU CA 107 -39.71 -28.43 -83.97
N THR CA 108 -40.72 -27.79 -83.36
CA THR CA 108 -41.22 -27.97 -81.98
C THR CA 108 -42.27 -29.06 -81.99
N THR CA 109 -42.23 -30.01 -81.06
CA THR CA 109 -43.01 -31.27 -81.15
C THR CA 109 -43.59 -31.71 -79.81
N ILE CA 110 -44.88 -32.04 -79.80
CA ILE CA 110 -45.56 -32.53 -78.59
C ILE CA 110 -46.30 -33.83 -78.94
N GLY CA 111 -46.15 -34.84 -78.08
CA GLY CA 111 -46.73 -36.19 -78.24
C GLY CA 111 -48.18 -36.22 -77.83
N ASP CA 112 -48.60 -37.27 -77.11
CA ASP CA 112 -50.02 -37.53 -76.75
C ASP CA 112 -50.22 -37.41 -75.23
N HIS CA 113 -51.46 -37.22 -74.75
CA HIS CA 113 -51.89 -37.36 -73.34
C HIS CA 113 -51.15 -36.42 -72.37
N ASN CA 114 -50.54 -35.34 -72.88
CA ASN CA 114 -49.81 -34.36 -72.05
C ASN CA 114 -50.77 -33.32 -71.49
N LEU CA 115 -50.46 -32.88 -70.27
CA LEU CA 115 -51.17 -31.80 -69.56
C LEU CA 115 -50.20 -30.65 -69.37
N ILE CA 116 -50.47 -29.54 -70.05
CA ILE CA 116 -49.63 -28.32 -69.96
C ILE CA 116 -50.49 -27.24 -69.33
N MET CA 117 -50.17 -26.85 -68.10
CA MET CA 117 -51.08 -25.98 -67.31
C MET CA 117 -50.73 -24.51 -67.58
N ALA CA 118 -51.45 -23.65 -66.90
CA ALA CA 118 -51.58 -22.23 -67.24
C ALA CA 118 -50.21 -21.51 -67.34
N TYR CA 119 -50.09 -20.59 -68.30
CA TYR CA 119 -48.99 -19.59 -68.43
C TYR CA 119 -47.66 -20.35 -68.66
N ALA CA 120 -47.70 -21.66 -68.92
CA ALA CA 120 -46.49 -22.45 -69.28
C ALA CA 120 -45.95 -21.94 -70.61
N HIS CA 121 -44.67 -22.14 -70.84
CA HIS CA 121 -43.98 -21.76 -72.10
C HIS CA 121 -43.23 -22.97 -72.63
N ILE CA 122 -43.30 -23.20 -73.94
CA ILE CA 122 -42.60 -24.32 -74.63
C ILE CA 122 -41.84 -23.76 -75.82
N GLY CA 123 -40.59 -23.32 -75.61
CA GLY CA 123 -39.78 -22.52 -76.55
C GLY CA 123 -39.39 -23.29 -77.80
N HIS CA 124 -38.88 -22.57 -78.79
CA HIS CA 124 -38.49 -23.11 -80.12
C HIS CA 124 -37.83 -24.48 -79.97
N ASP CA 125 -38.29 -25.49 -80.71
CA ASP CA 125 -37.54 -26.75 -80.96
C ASP CA 125 -37.61 -27.69 -79.76
N SER CA 126 -38.32 -27.33 -78.70
CA SER CA 126 -38.52 -28.25 -77.56
C SER CA 126 -39.31 -29.46 -78.08
N VAL CA 127 -39.27 -30.56 -77.34
CA VAL CA 127 -39.87 -31.85 -77.78
C VAL CA 127 -40.44 -32.60 -76.58
N ILE CA 128 -41.75 -32.81 -76.57
CA ILE CA 128 -42.41 -33.47 -75.41
C ILE CA 128 -43.01 -34.80 -75.85
N GLY CA 129 -42.83 -35.81 -74.99
CA GLY CA 129 -43.28 -37.20 -75.22
C GLY CA 129 -44.75 -37.32 -74.87
N ASN CA 130 -45.11 -38.23 -73.95
CA ASN CA 130 -46.53 -38.56 -73.63
C ASN CA 130 -46.75 -38.54 -72.10
N HIS CA 131 -47.99 -38.29 -71.68
CA HIS CA 131 -48.42 -38.37 -70.26
C HIS CA 131 -47.49 -37.48 -69.39
N CYS CA 132 -46.92 -36.44 -69.98
CA CYS CA 132 -46.12 -35.47 -69.20
C CYS CA 132 -47.06 -34.48 -68.54
N ILE CA 133 -46.65 -33.93 -67.40
CA ILE CA 133 -47.34 -32.77 -66.81
C ILE CA 133 -46.36 -31.62 -66.61
N LEU CA 134 -46.62 -30.51 -67.29
CA LEU CA 134 -45.95 -29.23 -67.06
C LEU CA 134 -46.92 -28.36 -66.28
N VAL CA 135 -46.59 -28.09 -65.03
CA VAL CA 135 -47.46 -27.31 -64.13
C VAL CA 135 -47.29 -25.82 -64.45
N ASN CA 136 -48.19 -24.98 -63.91
CA ASN CA 136 -48.27 -23.52 -64.14
C ASN CA 136 -46.86 -22.92 -64.31
N ASN CA 137 -46.65 -22.16 -65.41
CA ASN CA 137 -45.50 -21.24 -65.63
C ASN CA 137 -44.19 -22.00 -65.82
N THR CA 138 -44.22 -23.32 -65.82
CA THR CA 138 -43.10 -24.12 -66.34
C THR CA 138 -42.68 -23.50 -67.68
N ALA CA 139 -41.38 -23.49 -67.91
CA ALA CA 139 -40.76 -22.76 -69.04
C ALA CA 139 -39.57 -23.56 -69.58
N LEU CA 140 -39.67 -23.94 -70.85
CA LEU CA 140 -38.60 -24.67 -71.59
C LEU CA 140 -37.94 -23.68 -72.54
N ALA CA 141 -36.76 -23.18 -72.20
CA ALA CA 141 -36.13 -22.02 -72.88
C ALA CA 141 -36.02 -22.27 -74.37
N GLY CA 142 -35.66 -23.51 -74.73
CA GLY CA 142 -35.52 -23.95 -76.12
C GLY CA 142 -34.78 -25.26 -76.25
N HIS CA 143 -35.10 -26.03 -77.30
CA HIS CA 143 -34.51 -27.34 -77.69
C HIS CA 143 -34.49 -28.27 -76.48
N VAL CA 144 -35.45 -28.14 -75.58
CA VAL CA 144 -35.56 -29.03 -74.39
C VAL CA 144 -36.32 -30.28 -74.80
N HIS CA 145 -35.77 -31.46 -74.49
CA HIS CA 145 -36.47 -32.75 -74.68
C HIS CA 145 -36.96 -33.24 -73.31
N VAL CA 146 -38.27 -33.46 -73.21
CA VAL CA 146 -38.95 -34.02 -72.00
C VAL CA 146 -39.48 -35.39 -72.40
N ASP CA 147 -38.85 -36.44 -71.88
CA ASP CA 147 -39.26 -37.84 -72.10
C ASP CA 147 -40.52 -38.13 -71.26
N ASP CA 148 -41.12 -39.31 -71.42
CA ASP CA 148 -42.55 -39.58 -71.03
C ASP CA 148 -42.73 -39.57 -69.52
N TRP CA 149 -43.94 -39.21 -69.06
CA TRP CA 149 -44.37 -39.35 -67.64
C TRP CA 149 -43.70 -38.30 -66.75
N ALA CA 150 -42.81 -37.50 -67.31
CA ALA CA 150 -42.08 -36.49 -66.53
C ALA CA 150 -43.12 -35.54 -65.97
N ILE CA 151 -42.81 -35.01 -64.79
CA ILE CA 151 -43.63 -33.99 -64.11
C ILE CA 151 -42.73 -32.85 -63.72
N LEU CA 152 -43.03 -31.67 -64.25
CA LEU CA 152 -42.35 -30.43 -63.85
C LEU CA 152 -43.35 -29.64 -63.01
N SER CA 153 -43.10 -29.59 -61.69
CA SER CA 153 -43.87 -28.77 -60.73
C SER CA 153 -43.88 -27.31 -61.21
N GLY CA 154 -44.70 -26.47 -60.58
CA GLY CA 154 -44.94 -25.07 -61.02
C GLY CA 154 -43.67 -24.27 -61.11
N TYR CA 155 -43.57 -23.38 -62.09
CA TYR CA 155 -42.48 -22.37 -62.18
C TYR CA 155 -41.13 -23.09 -62.22
N THR CA 156 -41.11 -24.24 -62.87
CA THR CA 156 -39.87 -24.98 -63.20
C THR CA 156 -39.27 -24.38 -64.46
N LEU CA 157 -37.99 -24.04 -64.42
CA LEU CA 157 -37.27 -23.35 -65.52
C LEU CA 157 -36.19 -24.27 -66.04
N VAL CA 158 -36.08 -24.41 -67.36
CA VAL CA 158 -35.22 -25.46 -67.98
C VAL CA 158 -34.37 -24.84 -69.09
N HIS CA 159 -33.04 -24.79 -68.92
CA HIS CA 159 -32.11 -23.94 -69.73
C HIS CA 159 -31.99 -24.62 -71.11
N GLN CA 160 -31.73 -23.81 -72.16
CA GLN CA 160 -31.54 -24.22 -73.58
C GLN CA 160 -31.03 -25.68 -73.50
N TYR CA 161 -31.59 -26.63 -74.25
CA TYR CA 161 -30.94 -27.94 -74.62
C TYR CA 161 -30.95 -29.02 -73.53
N CYS CA 162 -31.52 -28.80 -72.35
CA CYS CA 162 -31.52 -29.84 -71.28
C CYS CA 162 -32.46 -30.98 -71.65
N ARG CA 163 -32.13 -32.19 -71.19
CA ARG CA 163 -32.97 -33.40 -71.34
C ARG CA 163 -33.55 -33.73 -69.97
N ILE CA 164 -34.89 -33.74 -69.88
CA ILE CA 164 -35.62 -34.23 -68.69
C ILE CA 164 -35.98 -35.68 -68.97
N GLY CA 165 -35.20 -36.63 -68.42
CA GLY CA 165 -35.44 -38.08 -68.55
C GLY CA 165 -36.81 -38.48 -68.02
N ALA CA 166 -37.28 -39.67 -68.40
CA ALA CA 166 -38.67 -40.12 -68.14
C ALA CA 166 -38.94 -40.41 -66.67
N HIS CA 167 -40.18 -40.12 -66.23
CA HIS CA 167 -40.68 -40.26 -64.84
C HIS CA 167 -39.93 -39.32 -63.90
N SER CA 168 -39.02 -38.54 -64.43
CA SER CA 168 -38.29 -37.55 -63.61
C SER CA 168 -39.32 -36.57 -63.06
N PHE CA 169 -38.90 -35.81 -62.08
CA PHE CA 169 -39.76 -34.88 -61.31
C PHE CA 169 -38.94 -33.69 -60.83
N SER CA 170 -39.33 -32.49 -61.26
CA SER CA 170 -38.81 -31.22 -60.70
C SER CA 170 -39.80 -30.69 -59.66
N GLY CA 171 -39.29 -30.19 -58.53
CA GLY CA 171 -40.10 -29.49 -57.52
C GLY CA 171 -40.42 -28.07 -57.95
N MET CA 172 -41.25 -27.33 -57.20
CA MET CA 172 -41.67 -25.98 -57.64
C MET CA 172 -40.46 -25.06 -57.55
N GLY CA 173 -40.42 -24.05 -58.44
CA GLY CA 173 -39.31 -23.08 -58.58
C GLY CA 173 -37.97 -23.74 -58.87
N SER CA 174 -37.92 -24.97 -59.35
CA SER CA 174 -36.68 -25.61 -59.80
C SER CA 174 -36.08 -24.85 -60.97
N ALA CA 175 -34.76 -24.72 -61.01
CA ALA CA 175 -33.98 -24.00 -62.03
C ALA CA 175 -32.97 -24.94 -62.67
N ILE CA 176 -33.43 -25.69 -63.66
CA ILE CA 176 -32.71 -26.87 -64.19
C ILE CA 176 -31.72 -26.42 -65.26
N GLY CA 177 -30.42 -26.43 -64.96
CA GLY CA 177 -29.35 -25.95 -65.86
C GLY CA 177 -28.69 -27.08 -66.64
N LYS CA 178 -29.02 -28.33 -66.30
CA LYS CA 178 -28.36 -29.54 -66.86
C LYS CA 178 -29.31 -30.72 -66.79
N ASP CA 179 -29.01 -31.79 -67.52
CA ASP CA 179 -29.94 -32.93 -67.69
C ASP CA 179 -30.45 -33.46 -66.36
N VAL CA 180 -31.70 -33.89 -66.35
CA VAL CA 180 -32.32 -34.64 -65.23
C VAL CA 180 -32.50 -36.10 -65.67
N PRO CA 181 -31.78 -37.03 -65.02
CA PRO CA 181 -31.87 -38.45 -65.37
C PRO CA 181 -33.28 -38.99 -65.16
N ALA CA 182 -33.64 -40.03 -65.90
CA ALA CA 182 -34.91 -40.76 -65.69
C ALA CA 182 -35.14 -40.97 -64.20
N TYR CA 183 -36.38 -40.77 -63.73
CA TYR CA 183 -36.85 -41.14 -62.37
C TYR CA 183 -36.37 -40.18 -61.29
N VAL CA 184 -35.44 -39.27 -61.58
CA VAL CA 184 -34.78 -38.48 -60.49
C VAL CA 184 -35.70 -37.33 -60.07
N THR CA 185 -35.76 -37.05 -58.76
CA THR CA 185 -36.42 -35.85 -58.19
C THR CA 185 -35.33 -34.77 -58.04
N VAL CA 186 -35.57 -33.57 -58.58
CA VAL CA 186 -34.63 -32.42 -58.45
C VAL CA 186 -35.39 -31.22 -57.88
N PHE CA 187 -34.70 -30.38 -57.11
CA PHE CA 187 -35.33 -29.27 -56.37
C PHE CA 187 -34.40 -28.07 -56.34
N GLY CA 188 -34.97 -26.87 -56.53
CA GLY CA 188 -34.38 -25.60 -56.14
C GLY CA 188 -33.55 -24.91 -57.20
N ASN CA 189 -32.92 -23.81 -56.83
CA ASN CA 189 -32.18 -22.89 -57.72
C ASN CA 189 -30.77 -22.71 -57.19
N PRO CA 190 -29.80 -23.43 -57.78
CA PRO CA 190 -30.03 -24.21 -59.00
C PRO CA 190 -30.47 -25.63 -58.61
N ALA CA 191 -31.27 -26.27 -59.46
CA ALA CA 191 -31.75 -27.66 -59.29
C ALA CA 191 -30.61 -28.54 -58.78
N GLU CA 192 -30.84 -29.31 -57.71
CA GLU CA 192 -29.98 -30.46 -57.29
C GLU CA 192 -30.83 -31.72 -57.29
N ALA CA 193 -30.18 -32.90 -57.35
CA ALA CA 193 -30.84 -34.23 -57.23
C ALA CA 193 -31.18 -34.41 -55.76
N ARG CA 194 -32.29 -35.08 -55.43
CA ARG CA 194 -32.62 -35.46 -54.02
C ARG CA 194 -32.82 -36.97 -53.93
N SER CA 195 -33.85 -37.49 -54.61
CA SER CA 195 -34.23 -38.91 -54.59
C SER CA 195 -34.56 -39.39 -56.00
N MET CA 196 -35.12 -40.56 -56.09
CA MET CA 196 -35.87 -41.01 -57.27
C MET CA 196 -37.35 -40.90 -56.90
N ASN CA 197 -38.17 -40.91 -57.93
CA ASN CA 197 -39.60 -40.59 -57.87
C ASN CA 197 -40.35 -41.90 -57.67
N PHE CA 198 -40.27 -42.44 -56.46
CA PHE CA 198 -40.85 -43.75 -56.14
C PHE CA 198 -42.35 -43.63 -56.39
N GLU CA 199 -42.87 -42.46 -56.07
CA GLU CA 199 -44.30 -42.13 -56.31
C GLU CA 199 -44.69 -42.71 -57.67
N GLY CA 200 -44.32 -42.02 -58.75
CA GLY CA 200 -44.77 -42.31 -60.12
C GLY CA 200 -44.24 -43.63 -60.63
N MET CA 201 -43.41 -44.33 -59.83
CA MET CA 201 -42.99 -45.74 -60.07
C MET CA 201 -44.08 -46.66 -59.55
N ARG CA 202 -44.62 -46.41 -58.35
CA ARG CA 202 -45.75 -47.23 -57.82
C ARG CA 202 -46.88 -46.99 -58.81
N ARG CA 203 -47.10 -45.73 -59.24
CA ARG CA 203 -48.17 -45.39 -60.22
C ARG CA 203 -48.01 -46.23 -61.49
N ARG CA 204 -46.82 -46.44 -62.01
CA ARG CA 204 -46.64 -47.30 -63.23
C ARG CA 204 -46.70 -48.80 -62.86
N GLY CA 205 -46.88 -49.16 -61.59
CA GLY CA 205 -46.94 -50.55 -61.11
C GLY CA 205 -45.63 -51.30 -61.29
N PHE CA 206 -44.50 -50.61 -61.23
CA PHE CA 206 -43.13 -51.22 -61.23
C PHE CA 206 -43.06 -52.32 -60.17
N SER CA 207 -42.30 -53.38 -60.42
CA SER CA 207 -42.07 -54.47 -59.44
C SER CA 207 -41.31 -53.88 -58.26
N SER CA 208 -41.38 -54.47 -57.07
CA SER CA 208 -40.60 -53.97 -55.92
C SER CA 208 -39.12 -54.15 -56.21
N GLU CA 209 -38.70 -55.26 -56.85
CA GLU CA 209 -37.25 -55.49 -57.16
C GLU CA 209 -36.77 -54.29 -57.96
N ALA CA 210 -37.57 -53.86 -58.93
CA ALA CA 210 -37.22 -52.80 -59.89
C ALA CA 210 -37.07 -51.49 -59.11
N ILE CA 211 -38.01 -51.21 -58.21
CA ILE CA 211 -37.91 -49.99 -57.36
C ILE CA 211 -36.58 -50.06 -56.58
N HIS CA 212 -36.40 -51.07 -55.71
CA HIS CA 212 -35.16 -51.26 -54.91
C HIS CA 212 -33.95 -51.10 -55.81
N ALA CA 213 -33.96 -51.69 -57.01
CA ALA CA 213 -32.81 -51.70 -57.95
C ALA CA 213 -32.48 -50.29 -58.43
N LEU CA 214 -33.53 -49.48 -58.57
CA LEU CA 214 -33.47 -48.06 -58.98
C LEU CA 214 -32.95 -47.22 -57.82
N ARG CA 215 -33.36 -47.51 -56.59
CA ARG CA 215 -32.73 -46.88 -55.41
C ARG CA 215 -31.23 -47.23 -55.45
N ARG CA 216 -30.85 -48.52 -55.55
CA ARG CA 216 -29.42 -48.94 -55.59
C ARG CA 216 -28.73 -48.04 -56.62
N ALA CA 217 -29.34 -47.93 -57.80
CA ALA CA 217 -28.77 -47.24 -58.97
C ALA CA 217 -28.53 -45.76 -58.64
N TYR CA 218 -29.51 -45.09 -58.03
CA TYR CA 218 -29.37 -43.69 -57.57
C TYR CA 218 -28.13 -43.58 -56.73
N LYS CA 219 -28.13 -44.41 -55.67
CA LYS CA 219 -27.12 -44.38 -54.59
C LYS CA 219 -25.76 -44.38 -55.29
N VAL CA 220 -25.61 -45.20 -56.34
CA VAL CA 220 -24.31 -45.43 -57.06
C VAL CA 220 -23.79 -44.11 -57.63
N VAL CA 221 -24.62 -43.52 -58.47
CA VAL CA 221 -24.32 -42.29 -59.25
C VAL CA 221 -23.89 -41.21 -58.26
N TYR CA 222 -24.84 -40.91 -57.38
CA TYR CA 222 -24.93 -39.70 -56.53
C TYR CA 222 -24.25 -39.93 -55.19
N ARG CA 223 -24.90 -40.68 -54.31
CA ARG CA 223 -24.48 -40.82 -52.90
C ARG CA 223 -23.27 -41.76 -52.72
N GLN CA 224 -22.59 -42.30 -53.72
CA GLN CA 224 -21.33 -43.11 -53.47
C GLN CA 224 -20.12 -42.31 -53.94
N GLY CA 225 -20.36 -41.07 -54.39
CA GLY CA 225 -19.45 -40.28 -55.24
C GLY CA 225 -18.51 -41.18 -56.02
N HIS CA 226 -19.03 -42.13 -56.79
CA HIS CA 226 -18.28 -42.62 -57.97
C HIS CA 226 -18.19 -41.40 -58.90
N THR CA 227 -17.23 -41.32 -59.85
CA THR CA 227 -17.30 -40.36 -60.99
C THR CA 227 -18.64 -40.57 -61.74
N VAL CA 228 -18.89 -39.80 -62.79
CA VAL CA 228 -20.02 -40.09 -63.71
C VAL CA 228 -19.68 -41.41 -64.43
N GLU CA 229 -18.54 -41.47 -65.11
CA GLU CA 229 -18.08 -42.66 -65.85
C GLU CA 229 -18.06 -43.90 -64.96
N GLU CA 230 -17.52 -43.73 -63.76
CA GLU CA 230 -17.30 -44.84 -62.80
C GLU CA 230 -18.64 -45.50 -62.55
N ALA CA 231 -19.68 -44.69 -62.36
CA ALA CA 231 -21.02 -45.18 -61.99
C ALA CA 231 -21.64 -45.89 -63.19
N LEU CA 232 -21.56 -45.29 -64.37
CA LEU CA 232 -22.13 -45.89 -65.60
C LEU CA 232 -21.64 -47.34 -65.74
N ALA CA 233 -20.38 -47.53 -65.36
CA ALA CA 233 -19.70 -48.83 -65.32
C ALA CA 233 -20.41 -49.77 -64.34
N GLU CA 234 -20.58 -49.30 -63.11
CA GLU CA 234 -21.23 -50.08 -62.01
C GLU CA 234 -22.61 -50.57 -62.50
N LEU CA 235 -23.40 -49.63 -63.00
CA LEU CA 235 -24.82 -49.85 -63.35
C LEU CA 235 -24.98 -51.02 -64.32
N ALA CA 236 -24.19 -51.06 -65.39
CA ALA CA 236 -24.02 -52.19 -66.35
C ALA CA 236 -24.75 -53.48 -65.94
N GLU CA 237 -24.29 -54.17 -64.86
CA GLU CA 237 -24.94 -55.37 -64.26
C GLU CA 237 -26.42 -55.05 -63.99
N SER CA 238 -26.69 -54.16 -63.01
CA SER CA 238 -28.01 -53.62 -62.59
C SER CA 238 -28.94 -53.46 -63.82
N ALA CA 239 -28.38 -53.04 -64.96
CA ALA CA 239 -29.13 -52.51 -66.11
C ALA CA 239 -29.49 -53.63 -67.10
N ALA CA 240 -28.66 -54.68 -67.14
CA ALA CA 240 -29.02 -55.90 -67.89
C ALA CA 240 -30.23 -56.55 -67.20
N GLN CA 241 -30.07 -56.66 -65.89
CA GLN CA 241 -31.05 -57.29 -64.98
C GLN CA 241 -32.42 -56.62 -65.12
N PHE CA 242 -32.50 -55.30 -65.23
CA PHE CA 242 -33.75 -54.52 -65.12
C PHE CA 242 -33.84 -53.47 -66.21
N PRO CA 243 -34.62 -53.72 -67.26
CA PRO CA 243 -34.98 -52.69 -68.22
C PRO CA 243 -35.26 -51.33 -67.57
N GLU CA 244 -35.87 -51.30 -66.38
CA GLU CA 244 -36.18 -50.00 -65.68
C GLU CA 244 -34.87 -49.23 -65.39
N VAL CA 245 -33.83 -49.93 -64.93
CA VAL CA 245 -32.52 -49.33 -64.57
C VAL CA 245 -31.85 -48.90 -65.87
N ALA CA 246 -31.95 -49.77 -66.88
CA ALA CA 246 -31.37 -49.58 -68.21
C ALA CA 246 -31.62 -48.14 -68.65
N VAL CA 247 -32.89 -47.76 -68.66
CA VAL CA 247 -33.42 -46.40 -68.92
C VAL CA 247 -32.62 -45.32 -68.19
N PHE CA 248 -32.42 -45.53 -66.90
CA PHE CA 248 -31.74 -44.59 -65.99
C PHE CA 248 -30.28 -44.51 -66.41
N ARG CA 249 -29.59 -45.66 -66.59
CA ARG CA 249 -28.20 -45.64 -67.13
C ARG CA 249 -28.22 -44.87 -68.46
N ASP CA 250 -29.06 -45.28 -69.40
CA ASP CA 250 -29.17 -44.66 -70.74
C ASP CA 250 -29.39 -43.14 -70.59
N SER CA 251 -30.23 -42.66 -69.68
CA SER CA 251 -30.39 -41.19 -69.53
C SER CA 251 -29.00 -40.59 -69.26
N ILE CA 252 -28.33 -41.10 -68.22
CA ILE CA 252 -27.04 -40.54 -67.73
C ILE CA 252 -25.98 -40.64 -68.83
N GLN CA 253 -25.96 -41.77 -69.52
CA GLN CA 253 -25.07 -41.97 -70.68
C GLN CA 253 -24.98 -40.68 -71.49
N SER CA 254 -25.98 -40.46 -72.36
CA SER CA 254 -25.90 -39.48 -73.46
C SER CA 254 -26.33 -38.14 -72.88
N ALA CA 255 -25.72 -37.82 -71.75
CA ALA CA 255 -25.63 -36.46 -71.20
C ALA CA 255 -24.15 -36.07 -71.10
N THR CA 256 -23.25 -37.02 -70.81
CA THR CA 256 -21.79 -36.80 -70.63
C THR CA 256 -21.08 -37.53 -71.76
N ARG CA 257 -20.54 -36.89 -72.80
CA ARG CA 257 -19.55 -37.62 -73.64
C ARG CA 257 -18.15 -37.22 -73.18
N GLY CA 258 -17.97 -36.04 -72.57
CA GLY CA 258 -16.65 -35.50 -72.18
C GLY CA 258 -15.67 -35.34 -73.35
N ILE CA 259 -14.42 -34.99 -73.03
CA ILE CA 259 -13.34 -34.75 -74.03
C ILE CA 259 -12.21 -35.73 -73.75
N THR CA 260 -11.29 -35.91 -74.68
CA THR CA 260 -10.00 -36.61 -74.43
C THR CA 260 -9.24 -35.79 -73.41
N ARG CA 261 -9.04 -36.29 -72.18
CA ARG CA 261 -7.94 -35.78 -71.32
C ARG CA 261 -6.76 -36.69 -71.63
N SER DA 5 -74.72 2.28 -72.22
CA SER DA 5 -75.41 1.09 -71.54
C SER DA 5 -74.42 0.05 -70.95
N LEU DA 6 -74.62 -0.28 -69.67
CA LEU DA 6 -73.71 -0.87 -68.63
C LEU DA 6 -72.94 -2.11 -69.07
N ILE DA 7 -73.72 -3.11 -69.48
CA ILE DA 7 -73.23 -4.43 -69.97
C ILE DA 7 -73.03 -4.28 -71.48
N ASP DA 8 -71.78 -4.25 -71.92
CA ASP DA 8 -71.39 -4.11 -73.35
C ASP DA 8 -72.18 -5.09 -74.19
N PRO DA 9 -72.64 -4.72 -75.40
CA PRO DA 9 -73.34 -5.66 -76.24
C PRO DA 9 -72.38 -6.72 -76.81
N ARG DA 10 -71.08 -6.48 -76.93
CA ARG DA 10 -70.17 -7.49 -77.55
C ARG DA 10 -69.79 -8.56 -76.52
N ALA DA 11 -70.25 -8.42 -75.28
CA ALA DA 11 -70.01 -9.39 -74.18
C ALA DA 11 -71.07 -10.49 -74.27
N ILE DA 12 -70.76 -11.68 -73.78
CA ILE DA 12 -71.72 -12.82 -73.74
C ILE DA 12 -72.13 -13.06 -72.29
N ILE DA 13 -73.42 -13.06 -72.04
CA ILE DA 13 -73.99 -13.39 -70.70
C ILE DA 13 -74.92 -14.59 -70.85
N ASP DA 14 -74.63 -15.66 -70.12
CA ASP DA 14 -75.54 -16.84 -70.05
C ASP DA 14 -76.91 -16.38 -69.54
N PRO DA 15 -78.02 -16.93 -70.05
CA PRO DA 15 -79.33 -16.67 -69.48
C PRO DA 15 -79.37 -17.06 -67.99
N SER DA 16 -78.66 -18.12 -67.62
CA SER DA 16 -78.65 -18.66 -66.25
C SER DA 16 -77.88 -17.72 -65.31
N ALA DA 17 -76.95 -16.90 -65.79
CA ALA DA 17 -76.13 -15.97 -64.95
C ALA DA 17 -77.06 -14.91 -64.36
N ARG DA 18 -76.67 -14.24 -63.28
CA ARG DA 18 -77.57 -13.23 -62.66
C ARG DA 18 -76.72 -12.17 -61.95
N LEU DA 19 -76.92 -10.89 -62.34
CA LEU DA 19 -76.07 -9.68 -62.13
C LEU DA 19 -76.88 -8.53 -61.51
N ALA DA 20 -76.53 -8.01 -60.33
CA ALA DA 20 -77.21 -6.84 -59.70
C ALA DA 20 -77.23 -5.65 -60.65
N ALA DA 21 -78.13 -4.68 -60.43
CA ALA DA 21 -78.55 -3.66 -61.42
C ALA DA 21 -77.36 -2.99 -62.12
N ASP DA 22 -76.48 -2.35 -61.33
CA ASP DA 22 -75.43 -1.39 -61.79
C ASP DA 22 -74.08 -2.11 -61.98
N VAL DA 23 -74.11 -3.42 -62.21
CA VAL DA 23 -72.90 -4.17 -62.67
C VAL DA 23 -72.61 -3.74 -64.09
N GLN DA 24 -71.33 -3.65 -64.40
CA GLN DA 24 -70.83 -3.46 -65.78
C GLN DA 24 -70.00 -4.64 -66.24
N VAL DA 25 -70.04 -4.87 -67.55
CA VAL DA 25 -69.19 -5.89 -68.23
C VAL DA 25 -68.63 -5.25 -69.51
N GLY DA 26 -67.29 -5.20 -69.61
CA GLY DA 26 -66.56 -4.72 -70.80
C GLY DA 26 -66.84 -5.65 -71.98
N PRO DA 27 -66.40 -5.29 -73.20
CA PRO DA 27 -66.63 -6.13 -74.36
C PRO DA 27 -65.86 -7.47 -74.36
N TRP DA 28 -66.40 -8.51 -75.00
CA TRP DA 28 -65.69 -9.79 -75.29
C TRP DA 28 -65.47 -10.56 -74.00
N SER DA 29 -66.10 -10.12 -72.93
CA SER DA 29 -66.07 -10.85 -71.65
C SER DA 29 -67.24 -11.82 -71.70
N ILE DA 30 -67.05 -12.99 -71.10
CA ILE DA 30 -68.06 -14.08 -71.03
C ILE DA 30 -68.42 -14.27 -69.57
N VAL DA 31 -69.72 -14.24 -69.27
CA VAL DA 31 -70.24 -14.57 -67.92
C VAL DA 31 -70.97 -15.91 -68.03
N GLY DA 32 -70.21 -17.02 -67.94
CA GLY DA 32 -70.66 -18.43 -68.03
C GLY DA 32 -71.93 -18.66 -67.23
N ALA DA 33 -72.57 -19.81 -67.37
CA ALA DA 33 -73.80 -20.13 -66.62
C ALA DA 33 -73.46 -20.09 -65.12
N GLU DA 34 -74.46 -19.89 -64.27
CA GLU DA 34 -74.35 -20.08 -62.79
C GLU DA 34 -73.43 -19.05 -62.17
N VAL DA 35 -73.12 -17.98 -62.89
CA VAL DA 35 -72.25 -16.91 -62.34
C VAL DA 35 -73.14 -15.80 -61.80
N GLU DA 36 -72.90 -15.42 -60.55
CA GLU DA 36 -73.68 -14.42 -59.81
C GLU DA 36 -72.74 -13.25 -59.54
N ILE DA 37 -73.12 -12.02 -59.88
CA ILE DA 37 -72.22 -10.84 -59.70
C ILE DA 37 -72.96 -9.77 -58.88
N GLY DA 38 -72.40 -9.41 -57.73
CA GLY DA 38 -73.02 -8.49 -56.75
C GLY DA 38 -72.99 -7.05 -57.22
N GLU DA 39 -73.80 -6.20 -56.58
CA GLU DA 39 -73.97 -4.74 -56.82
C GLU DA 39 -72.62 -4.04 -57.08
N GLY DA 40 -72.56 -3.15 -58.08
CA GLY DA 40 -71.47 -2.16 -58.28
C GLY DA 40 -70.13 -2.76 -58.71
N THR DA 41 -70.10 -4.06 -59.00
CA THR DA 41 -68.91 -4.77 -59.51
C THR DA 41 -68.69 -4.32 -60.95
N VAL DA 42 -67.44 -4.38 -61.40
CA VAL DA 42 -67.01 -4.04 -62.78
C VAL DA 42 -66.22 -5.19 -63.36
N ILE DA 43 -66.66 -5.73 -64.49
CA ILE DA 43 -65.88 -6.75 -65.24
C ILE DA 43 -65.25 -6.05 -66.44
N GLY DA 44 -63.92 -6.06 -66.54
CA GLY DA 44 -63.20 -5.42 -67.65
C GLY DA 44 -63.51 -6.12 -68.98
N PRO DA 45 -62.87 -5.72 -70.09
CA PRO DA 45 -62.92 -6.48 -71.34
C PRO DA 45 -62.19 -7.82 -71.29
N HIS DA 46 -62.31 -8.65 -72.33
CA HIS DA 46 -61.77 -10.03 -72.43
C HIS DA 46 -61.63 -10.71 -71.05
N VAL DA 47 -62.71 -10.81 -70.29
CA VAL DA 47 -62.72 -11.65 -69.07
C VAL DA 47 -63.50 -12.91 -69.39
N VAL DA 48 -63.23 -13.97 -68.63
CA VAL DA 48 -63.92 -15.28 -68.70
C VAL DA 48 -64.30 -15.64 -67.26
N LEU DA 49 -65.60 -15.61 -66.97
CA LEU DA 49 -66.19 -16.16 -65.73
C LEU DA 49 -66.87 -17.48 -66.06
N LYS DA 50 -66.69 -18.49 -65.21
CA LYS DA 50 -67.39 -19.79 -65.28
C LYS DA 50 -67.87 -20.04 -63.86
N GLY DA 51 -68.94 -20.83 -63.73
CA GLY DA 51 -69.65 -21.08 -62.45
C GLY DA 51 -69.57 -22.55 -62.04
N PRO DA 52 -70.27 -22.99 -60.98
CA PRO DA 52 -71.03 -22.11 -60.11
C PRO DA 52 -70.10 -21.18 -59.32
N THR DA 53 -70.26 -19.87 -59.49
CA THR DA 53 -69.35 -18.86 -58.93
C THR DA 53 -70.19 -17.70 -58.42
N LYS DA 54 -69.82 -17.15 -57.27
CA LYS DA 54 -70.61 -16.11 -56.59
C LYS DA 54 -69.65 -14.96 -56.31
N ILE DA 55 -69.81 -13.82 -56.98
CA ILE DA 55 -68.90 -12.64 -56.85
C ILE DA 55 -69.65 -11.53 -56.12
N GLY DA 56 -69.10 -11.04 -55.00
CA GLY DA 56 -69.74 -10.04 -54.14
C GLY DA 56 -69.82 -8.68 -54.81
N LYS DA 57 -69.80 -7.61 -54.00
CA LYS DA 57 -70.16 -6.22 -54.38
C LYS DA 57 -68.89 -5.40 -54.60
N HIS DA 58 -68.97 -4.36 -55.44
CA HIS DA 58 -67.86 -3.40 -55.68
C HIS DA 58 -66.51 -4.13 -55.91
N ASN DA 59 -66.46 -5.15 -56.77
CA ASN DA 59 -65.17 -5.76 -57.19
C ASN DA 59 -64.80 -5.17 -58.55
N ARG DA 60 -63.50 -5.14 -58.85
CA ARG DA 60 -62.93 -4.57 -60.12
C ARG DA 60 -62.11 -5.80 -60.60
N ILE DA 61 -62.51 -6.48 -61.68
CA ILE DA 61 -61.77 -7.63 -62.31
C ILE DA 61 -61.30 -7.26 -63.72
N TYR DA 62 -60.01 -7.48 -64.03
CA TYR DA 62 -59.39 -6.98 -65.28
C TYR DA 62 -59.30 -8.06 -66.34
N GLN DA 63 -58.84 -7.65 -67.52
CA GLN DA 63 -58.71 -8.45 -68.79
C GLN DA 63 -57.87 -9.71 -68.58
N PHE DA 64 -58.11 -10.78 -69.37
CA PHE DA 64 -57.25 -11.99 -69.51
C PHE DA 64 -57.33 -12.90 -68.26
N SER DA 65 -58.23 -12.49 -67.36
CA SER DA 65 -58.55 -13.19 -66.10
C SER DA 65 -59.54 -14.31 -66.42
N SER DA 66 -59.25 -15.50 -65.91
CA SER DA 66 -60.06 -16.72 -66.12
C SER DA 66 -60.49 -17.15 -64.72
N VAL DA 67 -61.60 -16.58 -64.25
CA VAL DA 67 -62.11 -16.69 -62.85
C VAL DA 67 -63.28 -17.67 -62.79
N GLY DA 68 -63.04 -18.78 -62.10
CA GLY DA 68 -64.03 -19.84 -61.86
C GLY DA 68 -63.89 -20.98 -62.85
N GLU DA 69 -62.71 -21.23 -63.38
CA GLU DA 69 -62.45 -22.38 -64.31
C GLU DA 69 -62.21 -23.62 -63.41
N ASP DA 70 -62.28 -24.86 -63.94
CA ASP DA 70 -62.11 -26.12 -63.15
C ASP DA 70 -60.62 -26.27 -62.81
N THR DA 71 -60.18 -26.88 -61.70
CA THR DA 71 -58.70 -27.02 -61.59
C THR DA 71 -58.27 -28.07 -62.59
N PRO DA 72 -57.09 -27.97 -63.24
CA PRO DA 72 -56.68 -28.94 -64.24
C PRO DA 72 -56.28 -30.27 -63.62
N ASP DA 73 -55.79 -30.23 -62.35
CA ASP DA 73 -55.39 -31.35 -61.42
C ASP DA 73 -56.31 -32.53 -61.68
N LEU DA 74 -55.79 -33.74 -61.84
CA LEU DA 74 -56.61 -34.86 -62.42
C LEU DA 74 -57.55 -35.43 -61.37
N LYS DA 75 -57.14 -35.29 -60.11
CA LYS DA 75 -57.92 -35.43 -58.85
C LYS DA 75 -59.38 -35.06 -59.15
N TYR DA 76 -59.65 -33.84 -59.58
CA TYR DA 76 -61.01 -33.32 -59.88
C TYR DA 76 -61.51 -33.92 -61.18
N LYS DA 77 -62.61 -34.66 -61.17
CA LYS DA 77 -63.23 -35.16 -62.43
C LYS DA 77 -64.57 -34.46 -62.64
N GLY DA 78 -64.65 -33.15 -62.52
CA GLY DA 78 -65.81 -32.37 -63.03
C GLY DA 78 -66.98 -32.29 -62.04
N GLU DA 79 -66.85 -32.85 -60.82
CA GLU DA 79 -67.90 -32.76 -59.76
C GLU DA 79 -68.26 -31.28 -59.65
N PRO DA 80 -69.46 -30.88 -59.14
CA PRO DA 80 -70.06 -29.62 -59.56
C PRO DA 80 -69.74 -28.52 -58.55
N THR DA 81 -68.46 -28.23 -58.27
CA THR DA 81 -67.97 -27.45 -57.08
C THR DA 81 -68.07 -25.93 -57.30
N ARG DA 82 -67.73 -25.13 -56.27
CA ARG DA 82 -68.04 -23.67 -56.24
C ARG DA 82 -66.77 -22.85 -56.02
N LEU DA 83 -66.82 -21.60 -56.49
CA LEU DA 83 -65.95 -20.44 -56.12
C LEU DA 83 -66.83 -19.33 -55.54
N VAL DA 84 -66.31 -18.67 -54.51
CA VAL DA 84 -66.98 -17.54 -53.81
C VAL DA 84 -65.97 -16.42 -53.60
N ILE DA 85 -66.33 -15.21 -54.01
CA ILE DA 85 -65.52 -13.97 -53.83
C ILE DA 85 -66.36 -12.95 -53.08
N GLY DA 86 -65.82 -12.38 -52.00
CA GLY DA 86 -66.47 -11.33 -51.20
C GLY DA 86 -66.53 -10.01 -51.95
N ASP DA 87 -66.40 -8.91 -51.22
CA ASP DA 87 -66.69 -7.52 -51.66
C ASP DA 87 -65.38 -6.74 -51.75
N HIS DA 88 -65.38 -5.59 -52.44
CA HIS DA 88 -64.25 -4.61 -52.55
C HIS DA 88 -62.93 -5.34 -52.86
N ASN DA 89 -62.95 -6.34 -53.73
CA ASN DA 89 -61.68 -7.01 -54.14
C ASN DA 89 -61.24 -6.44 -55.47
N VAL DA 90 -59.93 -6.49 -55.70
CA VAL DA 90 -59.33 -6.20 -57.03
C VAL DA 90 -58.55 -7.39 -57.57
N ILE DA 91 -58.92 -7.80 -58.78
CA ILE DA 91 -58.27 -8.92 -59.48
C ILE DA 91 -57.70 -8.35 -60.77
N ARG DA 92 -56.37 -8.19 -60.78
CA ARG DA 92 -55.63 -7.54 -61.88
C ARG DA 92 -55.56 -8.45 -63.11
N GLU DA 93 -54.80 -7.99 -64.10
CA GLU DA 93 -54.77 -8.57 -65.45
C GLU DA 93 -54.22 -10.01 -65.37
N GLY DA 94 -54.98 -11.00 -65.86
CA GLY DA 94 -54.46 -12.35 -66.20
C GLY DA 94 -54.53 -13.32 -65.04
N VAL DA 95 -55.25 -12.94 -64.00
CA VAL DA 95 -55.36 -13.81 -62.81
C VAL DA 95 -56.21 -15.02 -63.18
N THR DA 96 -55.83 -16.16 -62.60
CA THR DA 96 -56.60 -17.42 -62.67
C THR DA 96 -57.07 -17.78 -61.26
N ILE DA 97 -58.35 -18.08 -61.14
CA ILE DA 97 -58.93 -18.60 -59.87
C ILE DA 97 -59.75 -19.83 -60.22
N HIS DA 98 -59.46 -20.96 -59.59
CA HIS DA 98 -60.05 -22.28 -59.90
C HIS DA 98 -61.07 -22.64 -58.80
N ARG DA 99 -62.17 -23.26 -59.17
CA ARG DA 99 -63.14 -23.72 -58.16
C ARG DA 99 -62.62 -25.01 -57.54
N GLY DA 100 -63.03 -25.20 -56.28
CA GLY DA 100 -62.79 -26.35 -55.39
C GLY DA 100 -62.90 -27.69 -56.09
N THR DA 101 -62.65 -28.72 -55.29
CA THR DA 101 -62.69 -30.17 -55.59
C THR DA 101 -63.56 -30.78 -54.50
N VAL DA 102 -64.31 -31.85 -54.75
CA VAL DA 102 -65.14 -32.45 -53.65
C VAL DA 102 -64.20 -33.04 -52.58
N GLN DA 103 -63.01 -33.49 -52.96
CA GLN DA 103 -61.99 -34.11 -52.05
C GLN DA 103 -61.79 -33.23 -50.80
N ASP DA 104 -61.68 -31.90 -50.86
CA ASP DA 104 -61.48 -31.00 -49.68
C ASP DA 104 -62.85 -30.36 -49.36
N ARG DA 105 -63.03 -29.03 -49.37
CA ARG DA 105 -64.32 -28.48 -48.88
C ARG DA 105 -65.21 -28.11 -50.06
N ALA DA 106 -64.81 -28.42 -51.29
CA ALA DA 106 -65.67 -28.29 -52.48
C ALA DA 106 -65.85 -26.81 -52.81
N GLU DA 107 -65.01 -25.95 -52.24
CA GLU DA 107 -65.12 -24.49 -52.50
C GLU DA 107 -63.76 -23.83 -52.27
N THR DA 108 -63.40 -23.03 -53.28
CA THR DA 108 -62.37 -21.96 -53.30
C THR DA 108 -63.02 -20.67 -52.84
N THR DA 109 -62.39 -19.91 -51.95
CA THR DA 109 -63.06 -18.81 -51.22
C THR DA 109 -62.16 -17.58 -51.04
N ILE DA 110 -62.69 -16.40 -51.36
CA ILE DA 110 -61.95 -15.13 -51.16
C ILE DA 110 -62.85 -14.16 -50.41
N GLY DA 111 -62.27 -13.50 -49.40
CA GLY DA 111 -62.95 -12.56 -48.50
C GLY DA 111 -63.10 -11.19 -49.12
N ASP DA 112 -62.86 -10.12 -48.35
CA ASP DA 112 -63.11 -8.71 -48.77
C ASP DA 112 -61.77 -7.95 -48.88
N HIS DA 113 -61.73 -6.83 -49.61
CA HIS DA 113 -60.64 -5.81 -49.61
C HIS DA 113 -59.27 -6.38 -50.04
N ASN DA 114 -59.26 -7.52 -50.73
CA ASN DA 114 -58.01 -8.16 -51.20
C ASN DA 114 -57.58 -7.57 -52.54
N LEU DA 115 -56.27 -7.47 -52.71
CA LEU DA 115 -55.60 -7.04 -53.95
C LEU DA 115 -54.82 -8.22 -54.50
N ILE DA 116 -55.25 -8.75 -55.63
CA ILE DA 116 -54.59 -9.89 -56.29
C ILE DA 116 -54.05 -9.39 -57.63
N MET DA 117 -52.74 -9.28 -57.76
CA MET DA 117 -52.14 -8.58 -58.91
C MET DA 117 -51.90 -9.56 -60.04
N ALA DA 118 -51.32 -9.03 -61.11
CA ALA DA 118 -51.31 -9.67 -62.44
C ALA DA 118 -50.76 -11.11 -62.43
N TYR DA 119 -51.35 -11.99 -63.22
CA TYR DA 119 -50.84 -13.34 -63.59
C TYR DA 119 -50.76 -14.20 -62.30
N ALA DA 120 -51.33 -13.76 -61.18
CA ALA DA 120 -51.42 -14.57 -59.95
C ALA DA 120 -52.31 -15.77 -60.21
N HIS DA 121 -52.10 -16.84 -59.45
CA HIS DA 121 -52.92 -18.08 -59.52
C HIS DA 121 -53.43 -18.42 -58.12
N ILE DA 122 -54.69 -18.83 -58.03
CA ILE DA 122 -55.35 -19.24 -56.77
C ILE DA 122 -56.01 -20.59 -56.97
N GLY DA 123 -55.28 -21.68 -56.74
CA GLY DA 123 -55.64 -23.08 -57.12
C GLY DA 123 -56.81 -23.60 -56.32
N HIS DA 124 -57.38 -24.72 -56.77
CA HIS DA 124 -58.56 -25.38 -56.16
C HIS DA 124 -58.51 -25.29 -54.64
N ASP DA 125 -59.60 -24.82 -54.02
CA ASP DA 125 -59.86 -25.00 -52.57
C ASP DA 125 -59.04 -24.04 -51.71
N SER DA 126 -58.25 -23.17 -52.32
CA SER DA 126 -57.51 -22.15 -51.54
C SER DA 126 -58.55 -21.24 -50.88
N VAL DA 127 -58.14 -20.50 -49.86
CA VAL DA 127 -59.05 -19.67 -49.03
C VAL DA 127 -58.36 -18.39 -48.58
N ILE DA 128 -58.86 -17.24 -49.01
CA ILE DA 128 -58.22 -15.95 -48.68
C ILE DA 128 -59.15 -15.11 -47.82
N GLY DA 129 -58.55 -14.48 -46.79
CA GLY DA 129 -59.24 -13.64 -45.80
C GLY DA 129 -59.50 -12.26 -46.36
N ASN DA 130 -59.02 -11.20 -45.69
CA ASN DA 130 -59.31 -9.79 -46.05
C ASN DA 130 -58.01 -8.97 -46.08
N HIS DA 131 -58.00 -7.89 -46.86
CA HIS DA 131 -56.89 -6.90 -46.91
C HIS DA 131 -55.57 -7.63 -47.20
N CYS DA 132 -55.63 -8.77 -47.90
CA CYS DA 132 -54.41 -9.48 -48.32
C CYS DA 132 -53.90 -8.83 -49.59
N ILE DA 133 -52.59 -8.91 -49.82
CA ILE DA 133 -52.01 -8.58 -51.15
C ILE DA 133 -51.22 -9.79 -51.67
N LEU DA 134 -51.67 -10.30 -52.82
CA LEU DA 134 -50.90 -11.28 -53.60
C LEU DA 134 -50.32 -10.53 -54.78
N VAL DA 135 -49.01 -10.37 -54.79
CA VAL DA 135 -48.32 -9.60 -55.85
C VAL DA 135 -48.19 -10.47 -57.10
N ASN DA 136 -47.80 -9.86 -58.21
CA ASN DA 136 -47.67 -10.49 -59.55
C ASN DA 136 -47.19 -11.96 -59.44
N ASN DA 137 -47.91 -12.90 -60.05
CA ASN DA 137 -47.48 -14.30 -60.33
C ASN DA 137 -47.37 -15.12 -59.05
N THR DA 138 -47.71 -14.56 -57.91
CA THR DA 138 -48.00 -15.36 -56.71
C THR DA 138 -48.90 -16.52 -57.12
N ALA DA 139 -48.66 -17.68 -56.52
CA ALA DA 139 -49.27 -18.95 -56.93
C ALA DA 139 -49.52 -19.83 -55.71
N LEU DA 140 -50.80 -20.15 -55.49
CA LEU DA 140 -51.28 -21.02 -54.40
C LEU DA 140 -51.65 -22.37 -55.02
N ALA DA 141 -50.80 -23.38 -54.88
CA ALA DA 141 -50.90 -24.65 -55.64
C ALA DA 141 -52.27 -25.28 -55.43
N GLY DA 142 -52.77 -25.21 -54.19
CA GLY DA 142 -54.10 -25.73 -53.81
C GLY DA 142 -54.28 -25.84 -52.30
N HIS DA 143 -55.51 -25.72 -51.86
CA HIS DA 143 -55.97 -25.82 -50.44
C HIS DA 143 -55.11 -24.94 -49.54
N VAL DA 144 -54.61 -23.83 -50.07
CA VAL DA 144 -53.80 -22.88 -49.28
C VAL DA 144 -54.74 -21.93 -48.56
N HIS DA 145 -54.57 -21.75 -47.25
CA HIS DA 145 -55.30 -20.73 -46.45
C HIS DA 145 -54.35 -19.56 -46.20
N VAL DA 146 -54.76 -18.36 -46.62
CA VAL DA 146 -54.06 -17.07 -46.38
C VAL DA 146 -54.94 -16.25 -45.45
N ASP DA 147 -54.52 -16.11 -44.20
CA ASP DA 147 -55.22 -15.30 -43.17
C ASP DA 147 -54.96 -13.81 -43.47
N ASP DA 148 -55.60 -12.90 -42.72
CA ASP DA 148 -55.82 -11.49 -43.14
C ASP DA 148 -54.51 -10.70 -43.15
N TRP DA 149 -54.44 -9.67 -44.00
CA TRP DA 149 -53.35 -8.65 -44.00
C TRP DA 149 -52.04 -9.24 -44.54
N ALA DA 150 -52.03 -10.53 -44.87
CA ALA DA 150 -50.83 -11.20 -45.37
C ALA DA 150 -50.46 -10.51 -46.66
N ILE DA 151 -49.16 -10.48 -46.91
CA ILE DA 151 -48.58 -9.95 -48.16
C ILE DA 151 -47.64 -10.99 -48.71
N LEU DA 152 -47.92 -11.43 -49.92
CA LEU DA 152 -47.03 -12.34 -50.66
C LEU DA 152 -46.41 -11.50 -51.79
N SER DA 153 -45.13 -11.17 -51.64
CA SER DA 153 -44.33 -10.46 -52.68
C SER DA 153 -44.41 -11.25 -53.98
N GLY DA 154 -43.93 -10.68 -55.08
CA GLY DA 154 -44.06 -11.23 -56.44
C GLY DA 154 -43.50 -12.63 -56.55
N TYR DA 155 -44.13 -13.49 -57.35
CA TYR DA 155 -43.59 -14.81 -57.72
C TYR DA 155 -43.32 -15.62 -56.45
N THR DA 156 -44.19 -15.45 -55.46
CA THR DA 156 -44.22 -16.29 -54.24
C THR DA 156 -45.01 -17.55 -54.55
N LEU DA 157 -44.44 -18.71 -54.24
CA LEU DA 157 -45.01 -20.04 -54.58
C LEU DA 157 -45.33 -20.77 -53.29
N VAL DA 158 -46.51 -21.36 -53.20
CA VAL DA 158 -47.04 -21.91 -51.91
C VAL DA 158 -47.58 -23.31 -52.11
N HIS DA 159 -46.93 -24.33 -51.52
CA HIS DA 159 -47.14 -25.77 -51.88
C HIS DA 159 -48.50 -26.19 -51.29
N GLN DA 160 -49.16 -27.18 -51.95
CA GLN DA 160 -50.47 -27.77 -51.55
C GLN DA 160 -50.57 -27.56 -50.03
N TYR DA 161 -51.68 -27.03 -49.49
CA TYR DA 161 -52.11 -27.18 -48.07
C TYR DA 161 -51.39 -26.26 -47.05
N CYS DA 162 -50.49 -25.37 -47.47
CA CYS DA 162 -49.78 -24.49 -46.49
C CYS DA 162 -50.74 -23.43 -45.95
N ARG DA 163 -50.52 -22.99 -44.72
CA ARG DA 163 -51.24 -21.87 -44.07
C ARG DA 163 -50.28 -20.69 -43.97
N ILE DA 164 -50.65 -19.58 -44.59
CA ILE DA 164 -49.96 -18.27 -44.44
C ILE DA 164 -50.70 -17.52 -43.35
N GLY DA 165 -50.18 -17.52 -42.11
CA GLY DA 165 -50.75 -16.78 -40.97
C GLY DA 165 -50.84 -15.28 -41.23
N ALA DA 166 -51.63 -14.58 -40.44
CA ALA DA 166 -51.99 -13.16 -40.64
C ALA DA 166 -50.82 -12.20 -40.46
N HIS DA 167 -50.80 -11.13 -41.27
CA HIS DA 167 -49.74 -10.08 -41.29
C HIS DA 167 -48.40 -10.67 -41.70
N SER DA 168 -48.37 -11.96 -42.00
CA SER DA 168 -47.13 -12.60 -42.48
C SER DA 168 -46.75 -11.93 -43.80
N PHE DA 169 -45.52 -12.17 -44.22
CA PHE DA 169 -44.92 -11.53 -45.38
C PHE DA 169 -43.91 -12.48 -46.02
N SER DA 170 -44.13 -12.84 -47.28
CA SER DA 170 -43.13 -13.53 -48.12
C SER DA 170 -42.41 -12.51 -49.00
N GLY DA 171 -41.09 -12.64 -49.13
CA GLY DA 171 -40.28 -11.84 -50.07
C GLY DA 171 -40.44 -12.36 -51.49
N MET DA 172 -39.86 -11.68 -52.49
CA MET DA 172 -40.08 -12.07 -53.91
C MET DA 172 -39.34 -13.39 -54.14
N GLY DA 173 -39.89 -14.21 -55.05
CA GLY DA 173 -39.41 -15.56 -55.38
C GLY DA 173 -39.34 -16.50 -54.19
N SER DA 174 -40.07 -16.23 -53.12
CA SER DA 174 -40.19 -17.17 -51.97
C SER DA 174 -40.86 -18.46 -52.42
N ALA DA 175 -40.38 -19.59 -51.92
CA ALA DA 175 -40.86 -20.95 -52.25
C ALA DA 175 -41.31 -21.67 -50.98
N ILE DA 176 -42.55 -21.41 -50.60
CA ILE DA 176 -43.07 -21.75 -49.24
C ILE DA 176 -43.56 -23.19 -49.25
N GLY DA 177 -42.84 -24.10 -48.61
CA GLY DA 177 -43.17 -25.54 -48.57
C GLY DA 177 -43.91 -25.93 -47.30
N LYS DA 178 -44.04 -25.01 -46.33
CA LYS DA 178 -44.61 -25.28 -45.00
C LYS DA 178 -45.18 -24.00 -44.42
N ASP DA 179 -46.00 -24.12 -43.38
CA ASP DA 179 -46.77 -22.98 -42.82
C ASP DA 179 -45.87 -21.78 -42.51
N VAL DA 180 -46.41 -20.59 -42.75
CA VAL DA 180 -45.80 -19.31 -42.30
C VAL DA 180 -46.62 -18.76 -41.15
N PRO DA 181 -46.02 -18.68 -39.94
CA PRO DA 181 -46.72 -18.18 -38.76
C PRO DA 181 -47.15 -16.72 -38.94
N ALA DA 182 -48.20 -16.32 -38.24
CA ALA DA 182 -48.64 -14.91 -38.18
C ALA DA 182 -47.42 -14.01 -38.02
N TYR DA 183 -47.37 -12.89 -38.75
CA TYR DA 183 -46.39 -11.78 -38.57
C TYR DA 183 -45.00 -12.12 -39.13
N VAL DA 184 -44.72 -13.36 -39.50
CA VAL DA 184 -43.32 -13.76 -39.83
C VAL DA 184 -42.96 -13.30 -41.25
N THR DA 185 -41.74 -12.81 -41.44
CA THR DA 185 -41.16 -12.52 -42.78
C THR DA 185 -40.38 -13.77 -43.21
N VAL DA 186 -40.65 -14.29 -44.40
CA VAL DA 186 -39.91 -15.46 -44.97
C VAL DA 186 -39.37 -15.09 -46.35
N PHE DA 187 -38.23 -15.66 -46.73
CA PHE DA 187 -37.50 -15.28 -47.96
C PHE DA 187 -36.87 -16.53 -48.56
N GLY DA 188 -36.93 -16.65 -49.89
CA GLY DA 188 -36.02 -17.49 -50.69
C GLY DA 188 -36.55 -18.88 -50.98
N ASN DA 189 -35.72 -19.69 -51.62
CA ASN DA 189 -36.06 -21.04 -52.13
C ASN DA 189 -35.05 -22.03 -51.58
N PRO DA 190 -35.41 -22.78 -50.52
CA PRO DA 190 -36.78 -22.77 -50.01
C PRO DA 190 -36.94 -21.68 -48.97
N ALA DA 191 -38.14 -21.13 -48.83
CA ALA DA 191 -38.51 -20.09 -47.83
C ALA DA 191 -37.86 -20.43 -46.48
N GLU DA 192 -37.16 -19.49 -45.86
CA GLU DA 192 -36.76 -19.54 -44.43
C GLU DA 192 -37.37 -18.32 -43.72
N ALA DA 193 -37.48 -18.39 -42.40
CA ALA DA 193 -37.93 -17.28 -41.52
C ALA DA 193 -36.77 -16.30 -41.44
N ARG DA 194 -37.03 -14.99 -41.35
CA ARG DA 194 -35.97 -13.98 -41.09
C ARG DA 194 -36.33 -13.17 -39.83
N SER DA 195 -37.42 -12.43 -39.90
CA SER DA 195 -37.89 -11.52 -38.82
C SER DA 195 -39.40 -11.67 -38.65
N MET DA 196 -39.97 -10.77 -37.87
CA MET DA 196 -41.41 -10.48 -37.93
C MET DA 196 -41.56 -9.18 -38.70
N ASN DA 197 -42.79 -8.95 -39.14
CA ASN DA 197 -43.17 -7.89 -40.10
C ASN DA 197 -43.57 -6.68 -39.27
N PHE DA 198 -42.57 -6.01 -38.70
CA PHE DA 198 -42.79 -4.86 -37.81
C PHE DA 198 -43.50 -3.80 -38.63
N GLU DA 199 -43.10 -3.73 -39.90
CA GLU DA 199 -43.73 -2.81 -40.87
C GLU DA 199 -45.25 -2.81 -40.63
N GLY DA 200 -45.93 -3.85 -41.12
CA GLY DA 200 -47.39 -3.93 -41.17
C GLY DA 200 -47.99 -4.05 -39.78
N MET DA 201 -47.15 -4.10 -38.73
CA MET DA 201 -47.57 -3.96 -37.30
C MET DA 201 -47.73 -2.48 -36.99
N ARG DA 202 -46.76 -1.64 -37.39
CA ARG DA 202 -46.87 -0.17 -37.18
C ARG DA 202 -48.10 0.22 -37.98
N ARG DA 203 -48.25 -0.29 -39.21
CA ARG DA 203 -49.42 0.01 -40.08
C ARG DA 203 -50.73 -0.31 -39.35
N ARG DA 204 -50.84 -1.40 -38.62
CA ARG DA 204 -52.08 -1.70 -37.84
C ARG DA 204 -52.14 -0.88 -36.53
N GLY DA 205 -51.14 -0.06 -36.24
CA GLY DA 205 -51.06 0.77 -35.02
C GLY DA 205 -50.94 -0.05 -33.76
N PHE DA 206 -50.33 -1.23 -33.81
CA PHE DA 206 -50.02 -2.08 -32.64
C PHE DA 206 -49.31 -1.25 -31.57
N SER DA 207 -49.55 -1.55 -30.29
CA SER DA 207 -48.85 -0.88 -29.16
C SER DA 207 -47.38 -1.25 -29.24
N SER DA 208 -46.48 -0.45 -28.68
CA SER DA 208 -45.04 -0.80 -28.70
C SER DA 208 -44.84 -2.05 -27.85
N GLU DA 209 -45.54 -2.20 -26.70
CA GLU DA 209 -45.38 -3.42 -25.84
C GLU DA 209 -45.65 -4.64 -26.73
N ALA DA 210 -46.69 -4.56 -27.53
CA ALA DA 210 -47.17 -5.69 -28.37
C ALA DA 210 -46.09 -6.02 -29.40
N ILE DA 211 -45.53 -5.01 -30.03
CA ILE DA 211 -44.42 -5.21 -30.99
C ILE DA 211 -43.27 -5.93 -30.26
N HIS DA 212 -42.68 -5.31 -29.24
CA HIS DA 212 -41.57 -5.90 -28.43
C HIS DA 212 -41.93 -7.34 -28.06
N ALA DA 213 -43.17 -7.58 -27.62
CA ALA DA 213 -43.63 -8.91 -27.13
C ALA DA 213 -43.60 -9.95 -28.25
N LEU DA 214 -43.88 -9.49 -29.47
CA LEU DA 214 -43.89 -10.28 -30.71
C LEU DA 214 -42.44 -10.56 -31.13
N ARG DA 215 -41.54 -9.59 -30.99
CA ARG DA 215 -40.10 -9.86 -31.17
C ARG DA 215 -39.72 -10.95 -30.16
N ARG DA 216 -39.99 -10.78 -28.86
CA ARG DA 216 -39.64 -11.79 -27.82
C ARG DA 216 -40.11 -13.15 -28.36
N ALA DA 217 -41.36 -13.20 -28.81
CA ALA DA 217 -42.05 -14.44 -29.23
C ALA DA 217 -41.30 -15.09 -30.39
N TYR DA 218 -40.92 -14.31 -31.39
CA TYR DA 218 -40.12 -14.80 -32.54
C TYR DA 218 -38.88 -15.51 -31.99
N LYS DA 219 -38.13 -14.73 -31.21
CA LYS DA 219 -36.80 -15.11 -30.67
C LYS DA 219 -36.97 -16.52 -30.08
N VAL DA 220 -38.07 -16.75 -29.37
CA VAL DA 220 -38.34 -18.00 -28.59
C VAL DA 220 -38.38 -19.21 -29.54
N VAL DA 221 -39.28 -19.11 -30.50
CA VAL DA 221 -39.58 -20.16 -31.49
C VAL DA 221 -38.29 -20.56 -32.18
N TYR DA 222 -37.72 -19.54 -32.84
CA TYR DA 222 -36.68 -19.62 -33.88
C TYR DA 222 -35.31 -19.57 -33.26
N ARG DA 223 -34.89 -18.37 -32.85
CA ARG DA 223 -33.49 -18.06 -32.49
C ARG DA 223 -33.14 -18.58 -31.07
N GLN DA 224 -33.96 -19.32 -30.31
CA GLN DA 224 -33.49 -19.91 -29.02
C GLN DA 224 -33.31 -21.42 -29.17
N GLY DA 225 -33.50 -21.91 -30.40
CA GLY DA 225 -33.78 -23.33 -30.72
C GLY DA 225 -34.41 -24.05 -29.52
N HIS DA 226 -35.52 -23.55 -28.98
CA HIS DA 226 -36.44 -24.45 -28.27
C HIS DA 226 -36.97 -25.42 -29.36
N THR DA 227 -37.48 -26.61 -29.02
CA THR DA 227 -38.30 -27.42 -29.97
C THR DA 227 -39.49 -26.57 -30.45
N VAL DA 228 -40.35 -27.13 -31.30
CA VAL DA 228 -41.65 -26.48 -31.63
C VAL DA 228 -42.50 -26.50 -30.35
N GLU DA 229 -42.73 -27.68 -29.77
CA GLU DA 229 -43.55 -27.85 -28.55
C GLU DA 229 -43.02 -26.99 -27.42
N GLU DA 230 -41.69 -26.99 -27.25
CA GLU DA 230 -41.02 -26.32 -26.12
C GLU DA 230 -41.41 -24.86 -26.17
N ALA DA 231 -41.40 -24.27 -27.37
CA ALA DA 231 -41.64 -22.83 -27.54
C ALA DA 231 -43.12 -22.52 -27.28
N LEU DA 232 -44.02 -23.33 -27.84
CA LEU DA 232 -45.48 -23.13 -27.65
C LEU DA 232 -45.79 -22.99 -26.16
N ALA DA 233 -45.06 -23.77 -25.38
CA ALA DA 233 -45.11 -23.78 -23.91
C ALA DA 233 -44.68 -22.41 -23.37
N GLU DA 234 -43.51 -21.94 -23.79
CA GLU DA 234 -42.94 -20.65 -23.34
C GLU DA 234 -43.96 -19.53 -23.60
N LEU DA 235 -44.45 -19.48 -24.83
CA LEU DA 235 -45.30 -18.38 -25.33
C LEU DA 235 -46.53 -18.18 -24.42
N ALA DA 236 -47.25 -19.25 -24.08
CA ALA DA 236 -48.33 -19.33 -23.06
C ALA DA 236 -48.50 -18.04 -22.24
N GLU DA 237 -47.54 -17.69 -21.36
CA GLU DA 237 -47.52 -16.41 -20.57
C GLU DA 237 -47.71 -15.23 -21.54
N SER DA 238 -46.70 -14.96 -22.38
CA SER DA 238 -46.65 -13.94 -23.47
C SER DA 238 -48.04 -13.77 -24.11
N ALA DA 239 -48.78 -14.86 -24.29
CA ALA DA 239 -49.96 -14.97 -25.16
C ALA DA 239 -51.25 -14.64 -24.39
N ALA DA 240 -51.25 -14.89 -23.09
CA ALA DA 240 -52.35 -14.41 -22.22
C ALA DA 240 -52.30 -12.88 -22.19
N GLN DA 241 -51.09 -12.40 -21.95
CA GLN DA 241 -50.76 -10.97 -21.81
C GLN DA 241 -51.21 -10.20 -23.07
N PHE DA 242 -51.02 -10.72 -24.27
CA PHE DA 242 -51.15 -9.98 -25.54
C PHE DA 242 -51.91 -10.81 -26.56
N PRO DA 243 -53.21 -10.53 -26.76
CA PRO DA 243 -53.93 -11.06 -27.90
C PRO DA 243 -53.12 -11.11 -29.19
N GLU DA 244 -52.24 -10.14 -29.43
CA GLU DA 244 -51.40 -10.11 -30.67
C GLU DA 244 -50.48 -11.36 -30.72
N VAL DA 245 -49.87 -11.72 -29.60
CA VAL DA 245 -48.95 -12.89 -29.48
C VAL DA 245 -49.79 -14.14 -29.62
N ALA DA 246 -50.95 -14.14 -28.96
CA ALA DA 246 -51.92 -15.24 -28.93
C ALA DA 246 -52.05 -15.81 -30.36
N VAL DA 247 -52.39 -14.93 -31.29
CA VAL DA 247 -52.47 -15.15 -32.76
C VAL DA 247 -51.26 -15.94 -33.29
N PHE DA 248 -50.08 -15.47 -32.92
CA PHE DA 248 -48.78 -16.03 -33.35
C PHE DA 248 -48.65 -17.44 -32.77
N ARG DA 249 -48.86 -17.61 -31.46
CA ARG DA 249 -48.88 -18.97 -30.85
C ARG DA 249 -49.91 -19.82 -31.62
N ASP DA 250 -51.14 -19.35 -31.73
CA ASP DA 250 -52.25 -20.07 -32.40
C ASP DA 250 -51.81 -20.45 -33.82
N SER DA 251 -51.14 -19.58 -34.60
CA SER DA 251 -50.69 -20.01 -35.96
C SER DA 251 -49.81 -21.27 -35.80
N ILE DA 252 -48.77 -21.18 -34.97
CA ILE DA 252 -47.77 -22.26 -34.80
C ILE DA 252 -48.43 -23.52 -34.28
N GLN DA 253 -49.35 -23.36 -33.33
CA GLN DA 253 -50.16 -24.47 -32.81
C GLN DA 253 -50.54 -25.41 -33.96
N SER DA 254 -51.60 -25.04 -34.68
CA SER DA 254 -52.34 -25.94 -35.59
C SER DA 254 -51.61 -25.92 -36.92
N ALA DA 255 -50.30 -26.10 -36.82
CA ALA DA 255 -49.40 -26.51 -37.92
C ALA DA 255 -48.73 -27.83 -37.56
N THR DA 256 -48.44 -28.06 -36.27
CA THR DA 256 -47.77 -29.28 -35.76
C THR DA 256 -48.76 -30.00 -34.87
N ARG DA 257 -49.37 -31.11 -35.25
CA ARG DA 257 -50.04 -31.97 -34.21
C ARG DA 257 -49.08 -33.10 -33.83
N GLY DA 258 -48.13 -33.48 -34.69
CA GLY DA 258 -47.10 -34.50 -34.39
C GLY DA 258 -47.70 -35.88 -34.12
N ILE DA 259 -46.83 -36.85 -33.83
CA ILE DA 259 -47.21 -38.27 -33.57
C ILE DA 259 -46.77 -38.64 -32.16
N THR DA 260 -47.29 -39.72 -31.61
CA THR DA 260 -46.77 -40.35 -30.39
C THR DA 260 -45.33 -40.79 -30.65
N ARG DA 261 -44.36 -40.22 -29.95
CA ARG DA 261 -42.97 -40.72 -29.80
C ARG DA 261 -42.99 -41.83 -28.76
CL CL EA . -32.31 -51.78 18.84
CL CL FA . -60.22 -31.58 13.89
CL CL GA . -28.58 -42.52 16.85
CL CL HA . -53.71 -35.59 34.84
CL CL IA . -59.95 -41.40 32.25
CL CL JA . -57.34 -42.54 29.50
S SO4 KA . -37.25 -27.02 31.30
O1 SO4 KA . -37.18 -28.45 31.14
O2 SO4 KA . -35.98 -26.45 30.94
O3 SO4 KA . -37.57 -26.68 32.69
O4 SO4 KA . -38.26 -26.50 30.44
S SO4 LA . -70.79 -5.88 47.75
O1 SO4 LA . -69.97 -6.72 48.59
O2 SO4 LA . -71.41 -6.69 46.72
O3 SO4 LA . -71.81 -5.26 48.54
O4 SO4 LA . -69.98 -4.83 47.19
S SO4 MA . -39.37 -35.03 30.27
O1 SO4 MA . -38.85 -36.26 30.81
O2 SO4 MA . -39.42 -35.17 28.85
O3 SO4 MA . -40.70 -34.82 30.81
O4 SO4 MA . -38.50 -33.93 30.60
CL VFZ NA . -42.43 -21.29 34.75
C16 VFZ NA . -43.30 -22.35 35.80
C15 VFZ NA . -44.34 -21.85 36.57
C14 VFZ NA . -45.03 -22.71 37.41
C13 VFZ NA . -44.70 -24.04 37.47
C12 VFZ NA . -43.67 -24.53 36.70
C11 VFZ NA . -42.95 -23.68 35.85
S VFZ NA . -41.62 -24.06 34.75
C10 VFZ NA . -41.45 -25.84 34.96
C9 VFZ NA . -42.74 -26.53 34.59
O1 VFZ NA . -43.64 -25.94 34.02
N3 VFZ NA . -42.81 -27.85 34.85
C2 VFZ NA . -41.74 -28.52 35.54
C1 VFZ NA . -40.95 -29.38 34.60
N2 VFZ NA . -40.99 -30.65 34.50
N1 VFZ NA . -40.04 -31.01 33.51
O2 VFZ NA . -40.03 -28.81 33.77
C VFZ NA . -39.51 -29.88 33.12
N VFZ NA . -38.56 -29.67 32.22
C3 VFZ NA . -43.80 -28.79 34.38
C4 VFZ NA . -44.73 -29.46 35.36
C8 VFZ NA . -45.23 -30.80 35.12
C7 VFZ NA . -46.29 -31.29 35.83
C6 VFZ NA . -46.94 -30.48 36.85
O VFZ NA . -47.99 -30.79 37.50
N4 VFZ NA . -46.37 -29.25 37.07
C5 VFZ NA . -45.30 -28.76 36.36
CL CL OA . -5.58 -8.34 36.16
CL CL PA . -16.28 -10.85 32.30
S SO4 QA . -32.18 -7.38 29.36
O1 SO4 QA . -32.33 -8.60 28.62
O2 SO4 QA . -30.79 -7.04 29.42
O3 SO4 QA . -32.67 -7.57 30.70
O4 SO4 QA . -32.94 -6.32 28.72
S SO4 RA . -26.17 -5.50 34.96
O1 SO4 RA . -26.31 -6.88 34.55
O2 SO4 RA . -26.41 -4.67 33.81
O3 SO4 RA . -27.13 -5.17 36.02
O4 SO4 RA . -24.83 -5.27 35.46
CL VFZ SA . -40.55 -7.38 30.86
C16 VFZ SA . -40.49 -6.17 32.09
C15 VFZ SA . -41.66 -5.82 32.74
C14 VFZ SA . -41.67 -4.74 33.59
C13 VFZ SA . -40.51 -4.02 33.80
C12 VFZ SA . -39.33 -4.39 33.20
C11 VFZ SA . -39.30 -5.49 32.33
S VFZ SA . -37.85 -6.07 31.51
C10 VFZ SA . -36.58 -4.96 32.13
C9 VFZ SA . -36.38 -5.36 33.58
O1 VFZ SA . -36.79 -6.44 33.96
N3 VFZ SA . -35.61 -4.58 34.36
C2 VFZ SA . -35.12 -3.26 34.01
C1 VFZ SA . -33.76 -3.39 33.41
N2 VFZ SA . -32.70 -2.69 33.60
N1 VFZ SA . -31.66 -3.35 32.93
O2 VFZ SA . -33.53 -4.50 32.64
C VFZ SA . -32.19 -4.40 32.39
N VFZ SA . -31.63 -5.37 31.68
C3 VFZ SA . -35.00 -5.08 35.56
C4 VFZ SA . -35.30 -4.16 36.71
C8 VFZ SA . -34.31 -3.76 37.69
C7 VFZ SA . -34.66 -3.02 38.77
C6 VFZ SA . -36.03 -2.61 38.96
O VFZ SA . -36.47 -2.00 39.96
N4 VFZ SA . -36.90 -2.99 37.98
C5 VFZ SA . -36.56 -3.73 36.89
CL CL TA . -34.92 -5.36 -8.09
CL CL UA . -31.54 -11.00 -0.65
CL CL VA . -35.93 -9.47 2.83
S SO4 WA . -44.55 -15.94 15.45
O1 SO4 WA . -45.56 -16.94 15.73
O2 SO4 WA . -43.97 -16.15 14.14
O3 SO4 WA . -43.52 -16.00 16.44
O4 SO4 WA . -45.14 -14.63 15.48
S SO4 XA . -45.50 -10.82 9.09
O1 SO4 XA . -45.98 -12.15 8.83
O2 SO4 XA . -45.39 -10.10 7.83
O3 SO4 XA . -46.44 -10.12 9.95
O4 SO4 XA . -44.21 -10.90 9.72
CL VFZ YA . -48.86 -16.13 22.75
C16 VFZ YA . -50.28 -15.40 22.12
C15 VFZ YA . -51.28 -15.08 23.01
C14 VFZ YA . -52.52 -14.75 22.52
C13 VFZ YA . -52.74 -14.71 21.18
C12 VFZ YA . -51.71 -14.97 20.29
C11 VFZ YA . -50.44 -15.31 20.76
S VFZ YA . -49.03 -15.64 19.75
C10 VFZ YA . -49.57 -15.18 18.08
C9 VFZ YA . -49.90 -13.70 17.96
O1 VFZ YA . -49.52 -12.92 18.82
N3 VFZ YA . -50.44 -13.28 16.79
C2 VFZ YA . -51.02 -14.16 15.80
C1 VFZ YA . -50.05 -14.38 14.69
N2 VFZ YA . -49.98 -13.76 13.57
N1 VFZ YA . -48.74 -14.11 13.00
O2 VFZ YA . -48.96 -15.18 14.92
C VFZ YA . -48.19 -14.94 13.83
N VFZ YA . -47.02 -15.56 13.77
C3 VFZ YA . -50.37 -11.93 16.27
C4 VFZ YA . -51.72 -11.29 16.07
C8 VFZ YA . -52.30 -10.86 14.83
C7 VFZ YA . -53.50 -10.21 14.81
C6 VFZ YA . -54.23 -9.97 16.04
O VFZ YA . -55.35 -9.42 16.15
N4 VFZ YA . -53.62 -10.42 17.17
C5 VFZ YA . -52.43 -11.06 17.18
CL CL ZA . 67.32 -8.57 -39.56
S SO4 AB . 67.58 15.15 -26.17
O1 SO4 AB . 66.68 14.25 -25.49
O2 SO4 AB . 67.87 14.60 -27.46
O3 SO4 AB . 66.99 16.47 -26.30
O4 SO4 AB . 68.81 15.24 -25.43
S SO4 BB . 95.08 45.99 -14.60
O1 SO4 BB . 95.53 44.62 -14.54
O2 SO4 BB . 94.26 46.20 -15.79
O3 SO4 BB . 94.31 46.34 -13.42
O4 SO4 BB . 96.25 46.82 -14.68
S SO4 CB . 70.90 10.32 -31.90
O1 SO4 CB . 70.94 9.17 -31.03
O2 SO4 CB . 70.72 9.88 -33.25
O3 SO4 CB . 69.80 11.15 -31.49
O4 SO4 CB . 72.14 11.05 -31.80
CL VFZ DB . 70.94 21.96 -22.56
C16 VFZ DB . 71.86 22.46 -23.93
C15 VFZ DB . 72.63 23.59 -23.81
C14 VFZ DB . 73.38 23.99 -24.89
C13 VFZ DB . 73.32 23.30 -26.08
C12 VFZ DB . 72.54 22.16 -26.19
C11 VFZ DB . 71.81 21.73 -25.09
S VFZ DB . 70.87 20.25 -25.05
C10 VFZ DB . 70.95 19.72 -26.78
C9 VFZ DB . 72.32 19.13 -27.10
O1 VFZ DB . 73.10 18.86 -26.21
N3 VFZ DB . 72.56 18.82 -28.39
C2 VFZ DB . 71.63 19.19 -29.45
C1 VFZ DB . 70.84 18.02 -29.89
N2 VFZ DB . 70.97 17.36 -30.99
N1 VFZ DB . 70.38 16.11 -30.77
O2 VFZ DB . 70.14 17.34 -28.95
C VFZ DB . 69.93 16.13 -29.55
N VFZ DB . 69.42 15.15 -28.82
C3 VFZ DB . 73.64 17.93 -28.80
C4 VFZ DB . 74.77 18.49 -29.63
C8 VFZ DB . 75.39 17.74 -30.70
C7 VFZ DB . 76.45 18.26 -31.40
C6 VFZ DB . 76.98 19.57 -31.08
O VFZ DB . 77.95 20.14 -31.65
N4 VFZ DB . 76.34 20.22 -30.06
C5 VFZ DB . 75.28 19.70 -29.36
CL CL EB . 32.73 23.63 -16.15
CL CL FB . 58.72 40.83 -15.81
S SO4 GB . 59.38 23.39 -8.98
O1 SO4 GB . 60.27 22.73 -8.05
O2 SO4 GB . 58.46 22.45 -9.54
O3 SO4 GB . 58.65 24.38 -8.27
O4 SO4 GB . 60.13 24.04 -10.02
S SO4 HB . 52.49 27.86 -11.27
O1 SO4 HB . 51.20 28.32 -11.73
O2 SO4 HB . 52.73 26.52 -11.76
O3 SO4 HB . 52.50 27.86 -9.84
O4 SO4 HB . 53.51 28.76 -11.75
CL VFZ IB . 67.35 25.95 -9.17
C16 VFZ IB . 66.80 27.59 -8.89
C15 VFZ IB . 67.75 28.59 -8.93
C14 VFZ IB . 67.41 29.85 -8.47
C13 VFZ IB . 66.15 30.08 -7.96
C12 VFZ IB . 65.19 29.09 -8.00
C11 VFZ IB . 65.50 27.83 -8.50
S VFZ IB . 64.24 26.62 -8.78
C10 VFZ IB . 62.73 27.54 -8.50
C9 VFZ IB . 62.53 28.55 -9.61
O1 VFZ IB . 63.16 28.46 -10.64
N3 VFZ IB . 61.52 29.45 -9.47
C2 VFZ IB . 60.77 29.67 -8.26
C1 VFZ IB . 59.46 28.96 -8.34
N2 VFZ IB . 58.30 29.44 -8.61
N1 VFZ IB . 57.42 28.35 -8.72
O2 VFZ IB . 59.45 27.59 -8.22
C VFZ IB . 58.15 27.30 -8.48
N VFZ IB . 57.81 26.02 -8.51
C3 VFZ IB . 60.88 30.16 -10.55
C4 VFZ IB . 60.82 31.61 -10.20
C8 VFZ IB . 59.70 32.48 -10.46
C7 VFZ IB . 59.84 33.82 -10.41
C6 VFZ IB . 61.11 34.42 -10.06
O VFZ IB . 61.38 35.64 -10.07
N4 VFZ IB . 62.10 33.53 -9.74
C5 VFZ IB . 61.96 32.18 -9.79
S SO4 JB . 73.98 9.26 -7.53
O1 SO4 JB . 73.67 7.89 -7.28
O2 SO4 JB . 75.16 9.37 -8.38
O3 SO4 JB . 72.87 9.89 -8.20
O4 SO4 JB . 74.20 9.92 -6.28
S SO4 KB . 74.92 6.99 0.28
O1 SO4 KB . 73.68 7.03 -0.47
O2 SO4 KB . 75.89 6.20 -0.44
O3 SO4 KB . 74.67 6.38 1.58
O4 SO4 KB . 75.44 8.32 0.48
CL VFZ LB . 77.52 15.91 -11.03
C16 VFZ LB . 78.91 15.99 -10.00
C15 VFZ LB . 79.77 17.06 -10.15
C14 VFZ LB . 80.97 17.06 -9.47
C13 VFZ LB . 81.31 16.00 -8.67
C12 VFZ LB . 80.42 14.95 -8.49
C11 VFZ LB . 79.19 14.93 -9.15
S VFZ LB . 78.00 13.64 -8.96
C10 VFZ LB . 78.63 12.75 -7.53
C9 VFZ LB . 78.63 13.61 -6.27
O1 VFZ LB . 77.99 14.65 -6.24
N3 VFZ LB . 79.23 13.10 -5.18
C2 VFZ LB . 80.01 11.89 -5.21
C1 VFZ LB . 79.14 10.71 -4.91
N2 VFZ LB . 79.29 9.84 -3.99
N1 VFZ LB . 78.12 9.04 -4.00
O2 VFZ LB . 77.96 10.57 -5.58
C VFZ LB . 77.38 9.53 -4.94
N VFZ LB . 76.14 9.19 -5.30
C3 VFZ LB . 78.98 13.51 -3.82
C4 VFZ LB . 80.22 13.75 -3.00
C8 VFZ LB . 80.66 13.07 -1.79
C7 VFZ LB . 81.75 13.50 -1.12
C6 VFZ LB . 82.50 14.65 -1.58
O VFZ LB . 83.51 15.15 -1.03
N4 VFZ LB . 82.03 15.23 -2.72
C5 VFZ LB . 80.95 14.79 -3.42
CL CL MB . 12.69 -3.56 -66.23
S SO4 NB . 49.72 48.88 -80.55
O1 SO4 NB . 49.41 47.56 -81.05
O2 SO4 NB . 50.43 49.57 -81.58
O3 SO4 NB . 50.58 48.80 -79.38
O4 SO4 NB . 48.49 49.57 -80.22
S SO4 OB . 27.23 18.50 -60.74
O1 SO4 OB . 26.23 17.54 -61.11
O2 SO4 OB . 28.19 17.84 -59.89
O3 SO4 OB . 26.64 19.63 -60.04
O4 SO4 OB . 27.89 18.98 -61.92
CL VFZ PB . 32.18 25.20 -62.58
C16 VFZ PB . 31.26 25.79 -63.92
C15 VFZ PB . 31.69 26.94 -64.57
C14 VFZ PB . 30.91 27.49 -65.57
C13 VFZ PB . 29.73 26.91 -65.91
C12 VFZ PB . 29.31 25.74 -65.29
C11 VFZ PB . 30.08 25.15 -64.30
S VFZ PB . 29.64 23.65 -63.46
C10 VFZ PB . 27.96 23.41 -64.01
C9 VFZ PB . 28.10 22.86 -65.41
O1 VFZ PB . 29.20 22.50 -65.81
N3 VFZ PB . 26.98 22.66 -66.13
C2 VFZ PB . 25.66 23.10 -65.71
C1 VFZ PB . 24.96 21.98 -65.02
N2 VFZ PB . 24.00 21.29 -65.50
N1 VFZ PB . 24.07 20.04 -64.86
O2 VFZ PB . 25.64 21.35 -64.03
C VFZ PB . 25.05 20.13 -64.02
N VFZ PB . 25.61 19.18 -63.27
C3 VFZ PB . 27.00 21.82 -67.31
C4 VFZ PB . 26.61 22.58 -68.55
C8 VFZ PB . 26.31 21.86 -69.76
C7 VFZ PB . 26.00 22.50 -70.91
C6 VFZ PB . 25.96 23.94 -70.96
O VFZ PB . 25.68 24.64 -71.97
N4 VFZ PB . 26.23 24.58 -69.78
C5 VFZ PB . 26.55 23.93 -68.62
S SO4 QB . 41.20 24.43 -46.86
O1 SO4 QB . 42.55 24.27 -47.35
O2 SO4 QB . 40.37 23.36 -47.32
O3 SO4 QB . 41.17 24.45 -45.43
O4 SO4 QB . 40.68 25.69 -47.34
S SO4 RB . 37.31 28.68 -41.10
O1 SO4 RB . 35.94 28.83 -41.46
O2 SO4 RB . 37.80 27.42 -41.63
O3 SO4 RB . 37.43 28.69 -39.65
O4 SO4 RB . 38.05 29.79 -41.66
CL VFZ SB . 44.04 26.96 -54.40
C16 VFZ SB . 44.31 28.56 -53.81
C15 VFZ SB . 44.79 29.49 -54.70
C14 VFZ SB . 45.24 30.71 -54.22
C13 VFZ SB . 45.19 30.98 -52.88
C12 VFZ SB . 44.66 30.07 -52.00
C11 VFZ SB . 44.19 28.83 -52.45
S VFZ SB . 43.46 27.69 -51.34
C10 VFZ SB . 43.61 28.53 -49.76
C9 VFZ SB . 42.64 29.69 -49.78
O1 VFZ SB . 41.83 29.80 -50.69
N3 VFZ SB . 42.57 30.46 -48.66
C2 VFZ SB . 43.61 30.50 -47.66
C1 VFZ SB . 43.19 29.79 -46.41
N2 VFZ SB . 42.46 30.24 -45.47
N1 VFZ SB . 42.05 29.14 -44.72
O2 VFZ SB . 43.37 28.44 -46.36
C VFZ SB . 42.61 28.11 -45.29
N VFZ SB . 42.53 26.83 -44.96
C3 VFZ SB . 41.34 31.11 -48.25
C4 VFZ SB . 41.51 32.59 -48.12
C8 VFZ SB . 41.41 33.39 -46.91
C7 VFZ SB . 41.67 34.73 -46.93
C6 VFZ SB . 42.05 35.39 -48.17
O VFZ SB . 42.38 36.60 -48.30
N4 VFZ SB . 42.10 34.57 -49.27
C5 VFZ SB . 41.85 33.24 -49.24
CL CL TB . 61.60 -6.75 -47.66
S SO4 UB . 46.30 10.68 -61.79
O1 SO4 UB . 47.29 9.64 -61.79
O2 SO4 UB . 45.63 10.74 -63.08
O3 SO4 UB . 45.34 10.39 -60.76
O4 SO4 UB . 46.94 11.94 -61.50
S SO4 VB . 53.96 7.71 -60.49
O1 SO4 VB . 54.68 7.23 -59.34
O2 SO4 VB . 53.82 6.61 -61.42
O3 SO4 VB . 52.67 8.19 -60.07
O4 SO4 VB . 54.72 8.79 -61.12
CL VFZ WB . 44.62 18.04 -65.63
C16 VFZ WB . 46.03 18.14 -66.62
C15 VFZ WB . 46.21 19.28 -67.39
C14 VFZ WB . 47.20 19.29 -68.35
C13 VFZ WB . 48.00 18.19 -68.52
C12 VFZ WB . 47.86 17.08 -67.72
C11 VFZ WB . 46.86 17.04 -66.74
S VFZ WB . 46.57 15.71 -65.63
C10 VFZ WB . 47.89 14.55 -65.94
C9 VFZ WB . 49.22 15.11 -65.45
O1 VFZ WB . 49.27 16.12 -64.78
N3 VFZ WB . 50.31 14.41 -65.78
C2 VFZ WB . 50.25 13.22 -66.59
C1 VFZ WB . 50.27 12.00 -65.74
N2 VFZ WB . 51.29 11.29 -65.46
N1 VFZ WB . 50.91 10.47 -64.38
O2 VFZ WB . 49.18 11.71 -64.98
C VFZ WB . 49.67 10.74 -64.16
N VFZ WB . 48.85 10.23 -63.25
C3 VFZ WB . 51.59 14.74 -65.21
C4 VFZ WB . 52.71 15.07 -66.16
C8 VFZ WB . 53.81 14.15 -66.39
C7 VFZ WB . 54.88 14.52 -67.14
C6 VFZ WB . 54.95 15.83 -67.72
O VFZ WB . 55.85 16.24 -68.46
N4 VFZ WB . 53.88 16.63 -67.47
C5 VFZ WB . 52.80 16.28 -66.73
CL CL XB . 16.00 -55.62 40.54
CL CL YB . 23.31 -62.03 43.07
S SO4 ZB . 4.70 -47.23 56.71
O1 SO4 ZB . 3.67 -47.95 57.41
O2 SO4 ZB . 5.81 -48.12 56.46
O3 SO4 ZB . 5.12 -46.10 57.53
O4 SO4 ZB . 4.19 -46.76 55.46
CL VFZ AC . -1.08 -46.00 62.84
C16 VFZ AC . -0.15 -46.60 64.17
C15 VFZ AC . -0.71 -46.54 65.43
C14 VFZ AC . 0.07 -46.87 66.53
C13 VFZ AC . 1.38 -47.26 66.36
C12 VFZ AC . 1.92 -47.34 65.09
C11 VFZ AC . 1.16 -47.03 63.96
S VFZ AC . 1.77 -47.13 62.31
C10 VFZ AC . 3.51 -47.43 62.58
C9 VFZ AC . 3.55 -48.89 62.99
O1 VFZ AC . 2.55 -49.57 62.84
N3 VFZ AC . 4.72 -49.41 63.38
C2 VFZ AC . 5.92 -48.60 63.59
C1 VFZ AC . 6.68 -48.51 62.31
N2 VFZ AC . 7.70 -49.21 62.02
N1 VFZ AC . 7.69 -49.36 60.62
O2 VFZ AC . 5.99 -48.07 61.22
C VFZ AC . 6.66 -48.68 60.20
N VFZ AC . 6.15 -48.59 58.98
C3 VFZ AC . 4.93 -50.84 63.35
C4 VFZ AC . 5.32 -51.46 64.66
C8 VFZ AC . 6.13 -52.66 64.72
C7 VFZ AC . 6.54 -53.18 65.91
C6 VFZ AC . 6.18 -52.54 67.15
O VFZ AC . 6.57 -52.89 68.29
N4 VFZ AC . 5.39 -51.42 67.03
C5 VFZ AC . 4.98 -50.90 65.84
CL CL BC . 0.58 -22.70 40.40
S SO4 CC . -11.22 -35.11 52.75
O1 SO4 CC . -10.42 -35.93 51.88
O2 SO4 CC . -12.62 -35.49 52.64
O3 SO4 CC . -10.79 -35.28 54.11
O4 SO4 CC . -11.03 -33.74 52.38
S SO4 DC . -8.84 -27.27 53.29
O1 SO4 DC . -7.47 -26.91 53.55
O2 SO4 DC . -8.86 -28.54 52.58
O3 SO4 DC . -9.55 -27.36 54.55
O4 SO4 DC . -9.42 -26.23 52.49
S SO4 EC . -20.44 -51.15 91.03
O1 SO4 EC . -21.70 -50.79 90.41
O2 SO4 EC . -19.85 -52.28 90.36
O3 SO4 EC . -20.65 -51.53 92.38
O4 SO4 EC . -19.54 -50.02 91.02
CL VFZ FC . -13.78 -40.21 58.80
C16 VFZ FC . -14.37 -38.97 59.84
C15 VFZ FC . -14.70 -39.30 61.12
C14 VFZ FC . -15.31 -38.36 61.92
C13 VFZ FC . -15.60 -37.11 61.42
C12 VFZ FC . -15.23 -36.78 60.13
C11 VFZ FC . -14.58 -37.70 59.32
S VFZ FC . -13.88 -37.31 57.75
C10 VFZ FC . -14.00 -35.52 57.71
C9 VFZ FC . -13.19 -34.82 58.80
O1 VFZ FC . -12.36 -35.43 59.45
N3 VFZ FC . -13.37 -33.49 58.91
C2 VFZ FC . -14.42 -32.82 58.17
C1 VFZ FC . -13.89 -32.24 56.91
N2 VFZ FC . -13.56 -31.03 56.68
N1 VFZ FC . -12.85 -31.02 55.48
O2 VFZ FC . -13.50 -33.08 55.92
C VFZ FC . -12.83 -32.25 55.08
N VFZ FC . -12.24 -32.79 54.02
C3 VFZ FC . -12.45 -32.59 59.58
C4 VFZ FC . -13.01 -31.69 60.65
C8 VFZ FC . -12.94 -30.24 60.65
C7 VFZ FC . -13.46 -29.51 61.68
C6 VFZ FC . -14.09 -30.17 62.81
O VFZ FC . -14.56 -29.62 63.81
N4 VFZ FC . -14.13 -31.52 62.73
C5 VFZ FC . -13.60 -32.26 61.71
CL CL GC . -25.94 -56.04 25.47
S SO4 HC . -12.49 -55.30 49.45
O1 SO4 HC . -11.91 -56.39 50.21
O2 SO4 HC . -13.00 -55.77 48.21
O3 SO4 HC . -13.56 -54.72 50.20
O4 SO4 HC . -11.49 -54.29 49.20
CL VFZ IC . -11.85 -54.55 57.80
C16 VFZ IC . -13.09 -55.66 58.27
C15 VFZ IC . -13.32 -55.85 59.62
C14 VFZ IC . -14.27 -56.77 60.00
C13 VFZ IC . -14.98 -57.47 59.07
C12 VFZ IC . -14.75 -57.25 57.71
C11 VFZ IC . -13.78 -56.34 57.30
S VFZ IC . -13.28 -56.00 55.63
C10 VFZ IC . -14.26 -57.13 54.62
C9 VFZ IC . -15.70 -56.64 54.67
O1 VFZ IC . -15.99 -55.54 55.12
N3 VFZ IC . -16.63 -57.46 54.13
C2 VFZ IC . -16.34 -58.79 53.64
C1 VFZ IC . -16.33 -58.79 52.14
N2 VFZ IC . -17.28 -59.14 51.36
N1 VFZ IC . -16.92 -58.68 50.08
O2 VFZ IC . -15.32 -58.15 51.50
C VFZ IC . -15.76 -58.11 50.22
N VFZ IC . -14.99 -57.51 49.32
C3 VFZ IC . -17.98 -57.06 53.85
C4 VFZ IC . -19.11 -57.78 54.54
C8 VFZ IC . -20.14 -58.56 53.87
C7 VFZ IC . -21.20 -59.05 54.55
C6 VFZ IC . -21.33 -58.83 55.97
O VFZ IC . -22.24 -59.24 56.71
N4 VFZ IC . -20.30 -58.11 56.55
C5 VFZ IC . -19.24 -57.62 55.87
S SO4 JC . 45.97 -13.98 49.14
O1 SO4 JC . 47.22 -14.17 49.81
O2 SO4 JC . 45.58 -15.23 48.51
O3 SO4 JC . 44.99 -13.55 50.12
O4 SO4 JC . 46.09 -12.99 48.11
S SO4 KC . 51.64 -15.56 91.50
O1 SO4 KC . 50.37 -16.25 91.38
O2 SO4 KC . 52.65 -16.27 90.74
O3 SO4 KC . 52.04 -15.58 92.89
O4 SO4 KC . 51.54 -14.17 91.05
CL VFZ LC . 44.59 -14.43 57.30
C16 VFZ LC . 45.80 -13.27 57.79
C15 VFZ LC . 45.91 -12.95 59.12
C14 VFZ LC . 46.85 -12.03 59.53
C13 VFZ LC . 47.68 -11.44 58.61
C12 VFZ LC . 47.58 -11.77 57.27
C11 VFZ LC . 46.62 -12.68 56.84
S VFZ LC . 46.31 -13.01 55.15
C10 VFZ LC . 47.52 -11.97 54.32
C9 VFZ LC . 48.88 -12.63 54.44
O1 VFZ LC . 49.00 -13.77 54.90
N3 VFZ LC . 49.93 -11.93 53.99
C2 VFZ LC . 49.80 -10.60 53.46
C1 VFZ LC . 49.89 -10.65 51.97
N2 VFZ LC . 50.88 -10.34 51.22
N1 VFZ LC . 50.57 -10.82 49.94
O2 VFZ LC . 48.89 -11.29 51.29
C VFZ LC . 49.39 -11.37 50.04
N VFZ LC . 48.67 -12.01 49.12
C3 VFZ LC . 51.28 -12.41 53.84
C4 VFZ LC . 52.30 -11.57 54.56
C8 VFZ LC . 53.66 -11.41 54.08
C7 VFZ LC . 54.59 -10.73 54.81
C6 VFZ LC . 54.25 -10.16 56.09
O VFZ LC . 55.03 -9.56 56.86
N4 VFZ LC . 52.94 -10.32 56.48
C5 VFZ LC . 52.00 -10.99 55.75
S SO4 MC . 28.06 -21.58 56.28
O1 SO4 MC . 26.89 -22.24 55.77
O2 SO4 MC . 29.01 -21.46 55.21
O3 SO4 MC . 28.61 -22.36 57.36
O4 SO4 MC . 27.72 -20.26 56.78
S SO4 NC . 22.14 -15.74 56.01
O1 SO4 NC . 23.03 -16.63 55.30
O2 SO4 NC . 21.03 -16.48 56.54
O3 SO4 NC . 21.67 -14.72 55.10
O4 SO4 NC . 22.83 -15.11 57.13
CL VFZ OC . 33.57 -22.48 62.49
C16 VFZ OC . 32.58 -21.87 63.76
C15 VFZ OC . 33.09 -21.85 65.04
C14 VFZ OC . 32.31 -21.40 66.07
C13 VFZ OC . 31.02 -20.98 65.83
C12 VFZ OC . 30.52 -21.00 64.55
C11 VFZ OC . 31.30 -21.43 63.48
S VFZ OC . 30.81 -21.45 61.77
C10 VFZ OC . 29.04 -21.13 61.83
C9 VFZ OC . 28.93 -19.64 62.11
O1 VFZ OC . 29.92 -18.93 62.05
N3 VFZ OC . 27.71 -19.13 62.37
C2 VFZ OC . 26.51 -19.94 62.47
C1 VFZ OC . 25.69 -19.78 61.23
N2 VFZ OC . 25.36 -18.65 60.74
N1 VFZ OC . 25.07 -18.86 59.39
O2 VFZ OC . 25.58 -20.80 60.33
C VFZ OC . 25.20 -20.13 59.20
N VFZ OC . 25.08 -20.84 58.08
C3 VFZ OC . 27.57 -17.69 62.37
C4 VFZ OC . 27.19 -17.09 63.69
C8 VFZ OC . 26.47 -15.84 63.64
C7 VFZ OC . 26.10 -15.19 64.78
C6 VFZ OC . 26.43 -15.74 66.08
O VFZ OC . 26.04 -15.25 67.18
N4 VFZ OC . 27.14 -16.92 66.06
C5 VFZ OC . 27.49 -17.58 64.91
CL CL PC . 32.62 -55.64 43.04
S SO4 QC . 44.30 -33.91 53.68
O1 SO4 QC . 43.92 -34.67 54.83
O2 SO4 QC . 44.01 -34.69 52.48
O3 SO4 QC . 43.53 -32.71 53.65
O4 SO4 QC . 45.71 -33.58 53.76
CL VFZ RC . 46.42 -28.62 59.63
C16 VFZ RC . 47.09 -29.77 60.75
C15 VFZ RC . 47.55 -29.34 61.97
C14 VFZ RC . 48.15 -30.24 62.83
C13 VFZ RC . 48.27 -31.55 62.46
C12 VFZ RC . 47.79 -32.00 61.24
C11 VFZ RC . 47.17 -31.11 60.37
S VFZ RC . 46.44 -31.54 58.82
C10 VFZ RC . 46.81 -33.28 58.68
C9 VFZ RC . 45.82 -33.97 59.58
O1 VFZ RC . 44.85 -33.36 60.01
N3 VFZ RC . 46.00 -35.30 59.81
C2 VFZ RC . 47.17 -35.98 59.33
C1 VFZ RC . 46.88 -36.61 58.00
N2 VFZ RC . 46.81 -37.85 57.73
N1 VFZ RC . 46.19 -37.95 56.47
O2 VFZ RC . 46.38 -35.81 57.01
C VFZ RC . 45.97 -36.73 56.09
N VFZ RC . 45.41 -36.28 54.98
C3 VFZ RC . 45.02 -36.22 60.38
C4 VFZ RC . 45.41 -36.98 61.61
C8 VFZ RC . 45.19 -38.39 61.86
C7 VFZ RC . 45.58 -38.97 63.04
C6 VFZ RC . 46.23 -38.17 64.07
O VFZ RC . 46.70 -38.59 65.17
N4 VFZ RC . 46.37 -36.85 63.77
C5 VFZ RC . 46.00 -36.28 62.59
S SO4 SC . 28.89 27.07 19.85
O1 SO4 SC . 28.13 25.87 19.66
O2 SO4 SC . 30.23 26.73 20.24
O3 SO4 SC . 28.26 27.89 20.87
O4 SO4 SC . 28.98 27.78 18.61
S SO4 TC . 28.07 25.01 -7.79
O1 SO4 TC . 28.27 23.72 -8.41
O2 SO4 TC . 28.51 26.06 -8.67
O3 SO4 TC . 28.82 25.07 -6.56
O4 SO4 TC . 26.67 25.19 -7.48
S SO4 UC . 28.99 31.46 12.35
O1 SO4 UC . 29.16 30.21 13.06
O2 SO4 UC . 29.41 31.29 10.97
O3 SO4 UC . 29.78 32.47 12.98
O4 SO4 UC . 27.60 31.86 12.35
CL VFZ VC . 31.52 30.53 27.16
C16 VFZ VC . 31.28 32.20 26.74
C15 VFZ VC . 31.58 33.17 27.69
C14 VFZ VC . 31.13 34.46 27.49
C13 VFZ VC . 30.44 34.77 26.33
C12 VFZ VC . 30.20 33.82 25.36
C11 VFZ VC . 30.64 32.50 25.56
S VFZ VC . 30.43 31.12 24.47
C10 VFZ VC . 29.56 31.90 23.10
C9 VFZ VC . 30.46 32.91 22.41
O1 VFZ VC . 31.67 32.91 22.59
N3 VFZ VC . 29.88 33.69 21.47
C2 VFZ VC . 28.46 33.78 21.28
C1 VFZ VC . 28.01 32.84 20.22
N2 VFZ VC . 27.41 33.13 19.12
N1 VFZ VC . 27.51 31.99 18.31
O2 VFZ VC . 28.48 31.57 20.25
C VFZ VC . 28.15 31.10 19.01
N VFZ VC . 28.55 29.88 18.69
C3 VFZ VC . 30.67 34.27 20.39
C4 VFZ VC . 30.79 35.77 20.39
C8 VFZ VC . 31.14 36.48 19.19
C7 VFZ VC . 31.25 37.85 19.20
C6 VFZ VC . 31.03 38.60 20.42
O VFZ VC . 31.02 39.85 20.52
N4 VFZ VC . 30.72 37.84 21.52
C5 VFZ VC . 30.60 36.48 21.51
CL CL WC . 8.34 0.46 35.23
S SO4 XC . 31.68 14.83 35.99
O1 SO4 XC . 31.17 13.53 36.31
O2 SO4 XC . 31.81 14.92 34.56
O3 SO4 XC . 30.76 15.84 36.42
O4 SO4 XC . 32.98 15.05 36.61
CL VFZ YC . 36.41 21.42 37.51
C16 VFZ YC . 35.96 21.74 39.14
C15 VFZ YC . 36.54 22.81 39.78
C14 VFZ YC . 36.16 23.10 41.08
C13 VFZ YC . 35.21 22.33 41.71
C12 VFZ YC . 34.63 21.26 41.04
C11 VFZ YC . 35.01 20.94 39.74
S VFZ YC . 34.45 19.59 38.73
C10 VFZ YC . 33.39 18.66 39.83
C9 VFZ YC . 32.18 19.50 40.21
O1 VFZ YC . 31.86 20.48 39.58
N3 VFZ YC . 31.40 19.01 41.19
C2 VFZ YC . 31.80 17.90 42.04
C1 VFZ YC . 31.17 16.65 41.52
N2 VFZ YC . 30.02 16.24 41.90
N1 VFZ YC . 29.44 15.60 40.79
O2 VFZ YC . 31.48 16.26 40.25
C VFZ YC . 30.34 15.66 39.85
N VFZ YC . 30.24 15.31 38.58
C3 VFZ YC . 30.00 19.40 41.27
C4 VFZ YC . 29.68 20.06 42.58
C8 VFZ YC . 28.48 19.79 43.36
C7 VFZ YC . 28.22 20.49 44.49
C6 VFZ YC . 29.14 21.51 44.95
O VFZ YC . 28.97 22.27 45.94
N4 VFZ YC . 30.26 21.68 44.19
C5 VFZ YC . 30.52 20.98 43.05
S SO4 ZC . 47.51 18.89 23.56
O1 SO4 ZC . 48.68 18.47 24.29
O2 SO4 ZC . 47.04 17.80 22.74
O3 SO4 ZC . 46.48 19.23 24.51
O4 SO4 ZC . 47.78 20.06 22.74
S SO4 AD . 46.33 52.64 49.53
O1 SO4 AD . 46.62 51.39 50.22
O2 SO4 AD . 47.14 52.75 48.35
O3 SO4 AD . 44.95 52.71 49.15
O4 SO4 AD . 46.61 53.73 50.42
S SO4 BD . 53.81 13.90 25.52
O1 SO4 BD . 54.32 12.56 25.73
O2 SO4 BD . 53.92 14.22 24.13
O3 SO4 BD . 52.42 13.97 25.90
O4 SO4 BD . 54.60 14.85 26.30
CL VFZ CD . 45.52 26.25 27.15
C16 VFZ CD . 47.15 26.69 27.49
C15 VFZ CD . 47.38 27.89 28.10
C14 VFZ CD . 48.68 28.32 28.29
C13 VFZ CD . 49.73 27.51 27.89
C12 VFZ CD . 49.49 26.29 27.30
C11 VFZ CD . 48.19 25.87 27.08
S VFZ CD . 47.74 24.38 26.24
C10 VFZ CD . 49.38 23.68 25.85
C9 VFZ CD . 50.01 23.27 27.16
O1 VFZ CD . 49.34 23.27 28.19
N3 VFZ CD . 51.26 22.78 27.14
C2 VFZ CD . 52.13 22.85 25.98
C1 VFZ CD . 52.13 21.54 25.27
N2 VFZ CD . 52.53 20.43 25.77
N1 VFZ CD . 51.97 19.42 25.00
O2 VFZ CD . 51.34 21.38 24.18
C VFZ CD . 51.27 20.02 24.08
N VFZ CD . 50.54 19.51 23.09
C3 VFZ CD . 51.79 21.95 28.21
C4 VFZ CD . 52.97 22.56 28.93
C8 VFZ CD . 54.15 21.85 29.36
C7 VFZ CD . 55.19 22.51 29.93
C6 VFZ CD . 55.14 23.95 30.12
O VFZ CD . 56.06 24.67 30.54
N4 VFZ CD . 53.98 24.55 29.72
C5 VFZ CD . 52.94 23.89 29.14
CL CL DD . -21.27 2.65 -25.55
S SO4 ED . -18.00 22.97 -32.49
O1 SO4 ED . -17.11 22.15 -33.28
O2 SO4 ED . -19.24 23.14 -33.21
O3 SO4 ED . -18.26 22.31 -31.24
O4 SO4 ED . -17.38 24.25 -32.24
CL VFZ FD . -17.56 29.78 -37.23
C16 VFZ FD . -18.96 30.57 -36.64
C15 VFZ FD . -19.27 31.83 -37.10
C14 VFZ FD . -20.40 32.47 -36.64
C13 VFZ FD . -21.21 31.86 -35.73
C12 VFZ FD . -20.90 30.59 -35.26
C11 VFZ FD . -19.76 29.92 -35.70
S VFZ FD . -19.21 28.34 -35.15
C10 VFZ FD . -20.41 27.89 -33.90
C9 VFZ FD . -21.76 27.56 -34.51
O1 VFZ FD . -21.83 27.30 -35.70
N3 VFZ FD . -22.84 27.45 -33.70
C2 VFZ FD . -22.82 27.80 -32.28
C1 VFZ FD . -22.50 26.60 -31.47
N2 VFZ FD . -23.34 25.74 -31.03
N1 VFZ FD . -22.63 24.56 -30.78
O2 VFZ FD . -21.22 26.12 -31.46
C VFZ FD . -21.39 24.84 -31.06
N VFZ FD . -20.33 24.04 -31.07
C3 VFZ FD . -24.07 26.82 -34.14
C4 VFZ FD . -25.30 27.66 -33.98
C8 VFZ FD . -26.54 27.12 -33.45
C7 VFZ FD . -27.65 27.88 -33.35
C6 VFZ FD . -27.65 29.25 -33.78
O VFZ FD . -28.64 30.01 -33.80
N4 VFZ FD . -26.45 29.70 -34.26
C5 VFZ FD . -25.33 28.95 -34.35
CL CL GD . 17.17 25.43 -19.58
S SO4 HD . -0.21 27.69 -41.37
O1 SO4 HD . -1.00 26.49 -41.19
O2 SO4 HD . -0.18 28.06 -42.76
O3 SO4 HD . -0.78 28.78 -40.59
O4 SO4 HD . 1.12 27.44 -40.92
CL VFZ ID . -5.71 31.45 -45.95
C16 VFZ ID . -5.12 33.08 -45.94
C15 VFZ ID . -5.80 34.03 -46.68
C14 VFZ ID . -5.29 35.32 -46.72
C13 VFZ ID . -4.15 35.64 -46.06
C12 VFZ ID . -3.48 34.68 -45.31
C11 VFZ ID . -3.97 33.37 -45.25
S VFZ ID . -3.25 32.02 -44.38
C10 VFZ ID . -1.61 32.64 -44.01
C9 VFZ ID . -1.81 33.61 -42.86
O1 VFZ ID . -2.88 33.70 -42.29
N3 VFZ ID . -0.72 34.28 -42.43
C2 VFZ ID . 0.58 34.25 -43.11
C1 VFZ ID . 1.49 33.28 -42.46
N2 VFZ ID . 2.52 33.53 -41.74
N1 VFZ ID . 2.82 32.34 -41.04
O2 VFZ ID . 1.08 31.98 -42.37
C VFZ ID . 1.94 31.47 -41.44
N VFZ ID . 1.74 30.23 -41.03
C3 VFZ ID . -0.77 34.92 -41.15
C4 VFZ ID . -0.49 36.40 -41.24
C8 VFZ ID . 0.13 37.13 -40.16
C7 VFZ ID . 0.30 38.48 -40.23
C6 VFZ ID . -0.16 39.22 -41.38
O VFZ ID . -0.11 40.48 -41.52
N4 VFZ ID . -0.72 38.45 -42.38
C5 VFZ ID . -0.87 37.10 -42.31
S SO4 JD . -13.49 16.33 -51.58
O1 SO4 JD . -12.84 15.99 -50.35
O2 SO4 JD . -13.17 15.32 -52.55
O3 SO4 JD . -14.93 16.41 -51.38
O4 SO4 JD . -13.01 17.61 -52.02
S SO4 KD . -27.44 56.16 -57.37
O1 SO4 KD . -26.04 56.29 -57.81
O2 SO4 KD . -27.99 54.87 -57.78
O3 SO4 KD . -27.56 56.35 -55.92
O4 SO4 KD . -28.25 57.14 -58.04
S SO4 LD . 3.21 -1.96 -63.81
O1 SO4 LD . 3.86 -3.10 -63.23
O2 SO4 LD . 3.90 -1.59 -65.02
O3 SO4 LD . 1.85 -2.30 -64.13
O4 SO4 LD . 3.23 -0.86 -62.87
CL VFZ MD . -17.32 23.88 -50.54
C16 VFZ MD . -17.78 24.06 -52.21
C15 VFZ MD . -18.47 25.20 -52.58
C14 VFZ MD . -19.01 25.29 -53.85
C13 VFZ MD . -18.83 24.26 -54.74
C12 VFZ MD . -18.10 23.14 -54.39
C11 VFZ MD . -17.55 23.02 -53.10
S VFZ MD . -16.65 21.63 -52.52
C10 VFZ MD . -16.67 20.53 -53.93
C9 VFZ MD . -15.78 21.15 -54.99
O1 VFZ MD . -14.98 22.03 -54.68
N3 VFZ MD . -15.82 20.62 -56.23
C2 VFZ MD . -16.80 19.60 -56.57
C1 VFZ MD . -16.19 18.25 -56.42
N2 VFZ MD . -15.77 17.49 -57.35
N1 VFZ MD . -14.86 16.60 -56.76
O2 VFZ MD . -15.70 17.91 -55.19
C VFZ MD . -14.86 16.89 -55.50
N VFZ MD . -14.12 16.39 -54.52
C3 VFZ MD . -14.78 20.76 -57.23
C4 VFZ MD . -15.17 21.34 -58.56
C8 VFZ MD . -14.67 20.83 -59.83
C7 VFZ MD . -15.07 21.40 -61.02
C6 VFZ MD . -15.99 22.52 -61.03
O VFZ MD . -16.45 23.08 -62.05
N4 VFZ MD . -16.38 22.96 -59.78
C5 VFZ MD . -16.00 22.39 -58.61
S SO4 ND . -5.56 23.46 19.17
O1 SO4 ND . -4.82 22.73 20.16
O2 SO4 ND . -5.57 22.71 17.94
O3 SO4 ND . -6.92 23.61 19.64
O4 SO4 ND . -4.95 24.77 18.97
S SO4 OD . -29.76 59.09 22.16
O1 SO4 OD . -30.62 58.06 22.72
O2 SO4 OD . -29.75 59.00 20.73
O3 SO4 OD . -30.26 60.39 22.54
O4 SO4 OD . -28.42 58.96 22.69
CL VFZ PD . -9.49 31.13 17.78
C16 VFZ PD . -9.40 31.78 19.39
C15 VFZ PD . -9.91 33.05 19.63
C14 VFZ PD . -9.79 33.60 20.88
C13 VFZ PD . -9.16 32.90 21.89
C12 VFZ PD . -8.66 31.63 21.65
C11 VFZ PD . -8.77 31.04 20.40
S VFZ PD . -8.19 29.43 19.96
C10 VFZ PD . -7.23 28.99 21.41
C9 VFZ PD . -8.27 28.64 22.47
O1 VFZ PD . -9.45 28.47 22.16
N3 VFZ PD . -7.80 28.42 23.71
C2 VFZ PD . -6.41 28.60 24.12
C1 VFZ PD . -5.65 27.36 23.86
N2 VFZ PD . -5.03 26.61 24.69
N1 VFZ PD . -4.98 25.33 24.11
O2 VFZ PD . -5.97 26.70 22.69
C VFZ PD . -5.56 25.44 22.94
N VFZ PD . -5.87 24.50 22.06
C3 VFZ PD . -8.58 27.68 24.67
C4 VFZ PD . -9.06 28.52 25.83
C8 VFZ PD . -9.29 27.95 27.13
C7 VFZ PD . -9.65 28.72 28.18
C6 VFZ PD . -9.82 30.14 28.01
O VFZ PD . -10.07 30.97 28.93
N4 VFZ PD . -9.63 30.61 26.74
C5 VFZ PD . -9.26 29.84 25.68
S SO4 QD . -7.83 29.81 0.03
O1 SO4 QD . -8.10 28.49 0.54
O2 SO4 QD . -6.67 29.74 -0.81
O3 SO4 QD . -8.98 30.30 -0.71
O4 SO4 QD . -7.55 30.71 1.11
CL VFZ RD . -13.70 33.94 3.97
C16 VFZ RD . -13.37 35.54 3.45
C15 VFZ RD . -14.12 36.58 3.95
C14 VFZ RD . -13.91 37.86 3.48
C13 VFZ RD . -12.94 38.09 2.53
C12 VFZ RD . -12.18 37.05 2.04
C11 VFZ RD . -12.40 35.75 2.50
S VFZ RD . -11.64 34.26 1.94
C10 VFZ RD . -10.64 34.96 0.61
C9 VFZ RD . -9.66 35.92 1.25
O1 VFZ RD . -9.58 36.04 2.44
N3 VFZ RD . -8.75 36.49 0.42
C2 VFZ RD . -8.86 36.45 -1.02
C1 VFZ RD . -7.87 35.46 -1.55
N2 VFZ RD . -6.61 35.67 -1.69
N1 VFZ RD . -5.99 34.42 -1.64
O2 VFZ RD . -8.18 34.14 -1.47
C VFZ RD . -6.95 33.56 -1.50
N VFZ RD . -6.88 32.25 -1.31
C3 VFZ RD . -7.47 36.94 0.92
C4 VFZ RD . -7.33 38.41 0.71
C8 VFZ RD . -6.11 39.09 0.36
C7 VFZ RD . -6.06 40.45 0.30
C6 VFZ RD . -7.24 41.25 0.56
O VFZ RD . -7.31 42.49 0.56
N4 VFZ RD . -8.36 40.53 0.85
C5 VFZ RD . -8.41 39.18 0.92
CL CL SD . -21.06 3.71 -5.81
CL CL TD . -29.71 2.46 -11.93
S SO4 UD . -22.97 19.27 8.78
O1 SO4 UD . -22.67 18.54 9.99
O2 SO4 UD . -23.64 18.42 7.82
O3 SO4 UD . -23.82 20.40 9.11
O4 SO4 UD . -21.75 19.75 8.18
CL VFZ VD . -22.47 26.36 13.03
C16 VFZ VD . -24.12 26.79 12.91
C15 VFZ VD . -24.53 27.97 13.50
C14 VFZ VD . -25.88 28.21 13.66
C13 VFZ VD . -26.79 27.30 13.21
C12 VFZ VD . -26.39 26.16 12.55
C11 VFZ VD . -25.03 25.88 12.38
S VFZ VD . -24.36 24.45 11.60
C10 VFZ VD . -25.81 23.50 11.08
C9 VFZ VD . -26.48 24.16 9.89
O1 VFZ VD . -25.91 25.09 9.32
N3 VFZ VD . -27.64 23.64 9.41
C2 VFZ VD . -28.39 22.62 10.11
C1 VFZ VD . -28.12 21.27 9.53
N2 VFZ VD . -28.60 20.81 8.44
N1 VFZ VD . -27.83 19.69 8.11
O2 VFZ VD . -27.11 20.52 10.03
C VFZ VD . -26.97 19.56 9.07
N VFZ VD . -25.98 18.68 9.21
C3 VFZ VD . -28.21 23.92 8.10
C4 VFZ VD . -29.57 24.57 8.05
C8 VFZ VD . -30.66 24.24 7.13
C7 VFZ VD . -31.84 24.94 7.15
C6 VFZ VD . -32.04 26.02 8.10
O VFZ VD . -33.10 26.65 8.31
N4 VFZ VD . -30.97 26.29 8.91
C5 VFZ VD . -29.79 25.58 8.90
S SO4 WD . -52.12 -53.73 -21.70
O1 SO4 WD . -52.41 -54.81 -20.76
O2 SO4 WD . -51.47 -54.26 -22.87
O3 SO4 WD . -53.35 -53.10 -22.08
O4 SO4 WD . -51.26 -52.78 -21.07
S SO4 XD . -93.93 -47.65 -16.19
O1 SO4 XD . -93.30 -48.96 -16.17
O2 SO4 XD . -93.55 -46.95 -17.40
O3 SO4 XD . -95.35 -47.83 -16.18
O4 SO4 XD . -93.57 -46.86 -15.02
CL VFZ YD . -59.60 -52.38 -18.34
C16 VFZ YD . -60.47 -53.52 -19.30
C15 VFZ YD . -61.82 -53.74 -19.04
C14 VFZ YD . -62.49 -54.75 -19.73
C13 VFZ YD . -61.83 -55.49 -20.67
C12 VFZ YD . -60.49 -55.25 -20.95
C11 VFZ YD . -59.80 -54.26 -20.26
S VFZ YD . -58.08 -53.86 -20.39
C10 VFZ YD . -57.47 -55.24 -21.40
C9 VFZ YD . -58.00 -54.99 -22.80
O1 VFZ YD . -58.48 -53.92 -23.11
N3 VFZ YD . -57.76 -55.94 -23.73
C2 VFZ YD . -57.29 -57.27 -23.40
C1 VFZ YD . -55.87 -57.43 -23.84
N2 VFZ YD . -55.50 -57.82 -25.02
N1 VFZ YD . -54.23 -57.29 -25.22
O2 VFZ YD . -54.91 -56.74 -23.19
C VFZ YD . -53.92 -56.65 -24.12
N VFZ YD . -52.87 -55.91 -23.86
C3 VFZ YD . -57.73 -55.54 -25.11
C4 VFZ YD . -58.76 -56.13 -26.03
C8 VFZ YD . -58.55 -57.08 -27.11
C7 VFZ YD . -59.61 -57.69 -27.72
C6 VFZ YD . -60.97 -57.38 -27.31
O VFZ YD . -62.00 -58.05 -27.61
N4 VFZ YD . -61.09 -56.41 -26.37
C5 VFZ YD . -60.04 -55.82 -25.73
S SO4 ZD . -53.28 -43.69 -3.90
O1 SO4 ZD . -52.89 -44.64 -2.88
O2 SO4 ZD . -54.23 -44.32 -4.76
O3 SO4 ZD . -53.89 -42.53 -3.29
O4 SO4 ZD . -52.11 -43.31 -4.64
CL VFZ AE . -61.05 -42.64 -7.49
C16 VFZ AE . -61.96 -42.99 -6.07
C15 VFZ AE . -63.34 -43.00 -6.15
C14 VFZ AE . -64.07 -43.12 -4.98
C13 VFZ AE . -63.44 -43.23 -3.77
C12 VFZ AE . -62.05 -43.26 -3.71
C11 VFZ AE . -61.29 -43.15 -4.87
S VFZ AE . -59.55 -43.18 -5.05
C10 VFZ AE . -59.02 -43.61 -3.38
C9 VFZ AE . -59.34 -45.05 -3.01
O1 VFZ AE . -59.53 -45.89 -3.88
N3 VFZ AE . -59.24 -45.37 -1.69
C2 VFZ AE . -59.11 -44.35 -0.66
C1 VFZ AE . -57.72 -44.29 -0.14
N2 VFZ AE . -57.29 -44.25 1.07
N1 VFZ AE . -55.90 -44.42 1.00
O2 VFZ AE . -56.71 -44.44 -1.05
C VFZ AE . -55.62 -44.52 -0.25
N VFZ AE . -54.44 -44.71 -0.84
C3 VFZ AE . -59.10 -46.72 -1.18
C4 VFZ AE . -60.26 -47.08 -0.27
C8 VFZ AE . -60.29 -48.37 0.39
C7 VFZ AE . -61.41 -48.78 1.05
C6 VFZ AE . -62.61 -47.95 1.09
O VFZ AE . -63.75 -48.30 1.52
N4 VFZ AE . -62.46 -46.71 0.50
C5 VFZ AE . -61.35 -46.29 -0.16
S SO4 BE . -54.08 -33.10 -21.60
O1 SO4 BE . -53.40 -33.73 -20.51
O2 SO4 BE . -54.31 -34.04 -22.70
O3 SO4 BE . -55.33 -32.59 -21.12
O4 SO4 BE . -53.26 -32.01 -22.04
CL VFZ CE . -60.85 -38.18 -21.44
C16 VFZ CE . -61.95 -36.89 -21.76
C15 VFZ CE . -63.30 -37.19 -21.78
C14 VFZ CE . -64.20 -36.24 -22.24
C13 VFZ CE . -63.74 -35.02 -22.66
C12 VFZ CE . -62.40 -34.70 -22.59
C11 VFZ CE . -61.47 -35.63 -22.11
S VFZ CE . -59.76 -35.22 -21.94
C10 VFZ CE . -59.70 -33.54 -22.57
C9 VFZ CE . -60.41 -32.66 -21.55
O1 VFZ CE . -60.75 -33.12 -20.48
N3 VFZ CE . -60.51 -31.35 -21.83
C2 VFZ CE . -60.16 -30.74 -23.09
C1 VFZ CE . -58.80 -30.15 -23.02
N2 VFZ CE . -58.49 -28.94 -22.76
N1 VFZ CE . -57.13 -28.93 -22.43
O2 VFZ CE . -57.73 -30.99 -22.94
C VFZ CE . -56.73 -30.16 -22.54
N VFZ CE . -55.55 -30.70 -22.27
C3 VFZ CE . -60.75 -30.39 -20.76
C4 VFZ CE . -62.01 -29.60 -20.96
C8 VFZ CE . -62.12 -28.25 -20.45
C7 VFZ CE . -63.28 -27.56 -20.57
C6 VFZ CE . -64.45 -28.17 -21.18
O VFZ CE . -65.59 -27.65 -21.27
N4 VFZ CE . -64.26 -29.44 -21.66
C5 VFZ CE . -63.08 -30.13 -21.56
S SO4 DE . -28.99 -19.56 -66.74
O1 SO4 DE . -29.12 -20.86 -67.36
O2 SO4 DE . -27.80 -18.89 -67.22
O3 SO4 DE . -28.89 -19.71 -65.32
O4 SO4 DE . -30.14 -18.77 -67.07
CL VFZ EE . -37.17 -19.26 -68.39
C16 VFZ EE . -36.94 -18.83 -70.05
C15 VFZ EE . -38.05 -18.53 -70.80
C14 VFZ EE . -37.90 -18.27 -72.15
C13 VFZ EE . -36.66 -18.31 -72.73
C12 VFZ EE . -35.55 -18.61 -71.97
C11 VFZ EE . -35.67 -18.86 -70.60
S VFZ EE . -34.27 -19.14 -69.55
C10 VFZ EE . -32.86 -18.90 -70.65
C9 VFZ EE . -32.73 -17.45 -71.08
O1 VFZ EE . -33.30 -16.54 -70.48
N3 VFZ EE . -31.82 -17.21 -72.06
C2 VFZ EE . -31.19 -18.25 -72.86
C1 VFZ EE . -29.85 -18.60 -72.30
N2 VFZ EE . -28.76 -18.86 -72.92
N1 VFZ EE . -27.74 -18.82 -71.95
O2 VFZ EE . -29.68 -18.42 -70.96
C VFZ EE . -28.34 -18.55 -70.81
N VFZ EE . -27.82 -18.34 -69.61
C3 VFZ EE . -31.30 -15.87 -72.27
C4 VFZ EE . -31.64 -15.35 -73.63
C8 VFZ EE . -31.08 -14.08 -74.07
C7 VFZ EE . -31.43 -13.54 -75.26
C6 VFZ EE . -32.39 -14.20 -76.12
O VFZ EE . -32.88 -13.72 -77.18
N4 VFZ EE . -32.85 -15.41 -75.67
C5 VFZ EE . -32.49 -15.97 -74.48
S SO4 FE . -41.87 -28.54 -54.08
O1 SO4 FE . -41.82 -29.97 -54.05
O2 SO4 FE . -42.52 -28.14 -55.30
O3 SO4 FE . -42.62 -28.04 -52.94
O4 SO4 FE . -40.52 -28.03 -54.05
S SO4 GE . -67.21 -9.04 -82.27
O1 SO4 GE . -67.76 -9.76 -81.14
O2 SO4 GE . -66.26 -9.85 -83.00
O3 SO4 GE . -66.60 -7.80 -81.81
O4 SO4 GE . -68.29 -8.70 -83.16
CL VFZ HE . -46.50 -22.92 -57.86
C16 VFZ HE . -47.79 -23.93 -58.39
C15 VFZ HE . -48.76 -23.37 -59.17
C14 VFZ HE . -49.80 -24.16 -59.63
C13 VFZ HE . -49.84 -25.48 -59.29
C12 VFZ HE . -48.88 -26.04 -58.48
C11 VFZ HE . -47.81 -25.27 -58.02
S VFZ HE . -46.49 -25.97 -57.09
C10 VFZ HE . -47.08 -27.62 -56.68
C9 VFZ HE . -47.04 -28.48 -57.93
O1 VFZ HE . -46.58 -28.04 -58.98
N3 VFZ HE . -47.44 -29.76 -57.79
C2 VFZ HE . -48.06 -30.30 -56.59
C1 VFZ HE . -47.06 -31.05 -55.79
N2 VFZ HE . -46.55 -32.20 -56.09
N1 VFZ HE . -45.37 -32.31 -55.36
O2 VFZ HE . -46.35 -30.39 -54.82
C VFZ HE . -45.29 -31.22 -54.64
N VFZ HE . -44.31 -30.79 -53.85
C3 VFZ HE . -47.07 -30.75 -58.77
C4 VFZ HE . -48.22 -31.42 -59.47
C8 VFZ HE . -48.43 -32.86 -59.50
C7 VFZ HE . -49.49 -33.38 -60.17
C6 VFZ HE . -50.41 -32.52 -60.88
O VFZ HE . -51.46 -32.89 -61.51
N4 VFZ HE . -50.14 -31.18 -60.81
C5 VFZ HE . -49.09 -30.64 -60.13
S SO4 IE . -37.58 -9.23 -51.45
O1 SO4 IE . -37.14 -10.59 -51.49
O2 SO4 IE . -36.99 -8.48 -52.55
O3 SO4 IE . -37.19 -8.64 -50.20
O4 SO4 IE . -39.01 -9.20 -51.57
CL VFZ JE . -41.38 -9.54 -58.72
C16 VFZ JE . -42.48 -8.24 -58.48
C15 VFZ JE . -43.32 -7.91 -59.53
C14 VFZ JE . -44.07 -6.76 -59.44
C13 VFZ JE . -44.01 -5.97 -58.31
C12 VFZ JE . -43.22 -6.33 -57.24
C11 VFZ JE . -42.43 -7.48 -57.32
S VFZ JE . -41.32 -7.93 -56.01
C10 VFZ JE . -41.58 -6.58 -54.81
C9 VFZ JE . -42.91 -6.71 -54.10
O1 VFZ JE . -43.60 -7.69 -54.26
N3 VFZ JE . -43.24 -5.76 -53.19
C2 VFZ JE . -42.47 -4.55 -53.03
C1 VFZ JE . -41.48 -4.73 -51.92
N2 VFZ JE . -41.65 -4.36 -50.70
N1 VFZ JE . -40.79 -5.17 -49.92
O2 VFZ JE . -40.53 -5.69 -52.06
C VFZ JE . -40.17 -5.93 -50.77
N VFZ JE . -39.32 -6.93 -50.53
C3 VFZ JE . -44.21 -6.04 -52.14
C4 VFZ JE . -45.49 -5.23 -52.12
C8 VFZ JE . -46.05 -4.48 -51.01
C7 VFZ JE . -47.11 -3.64 -51.20
C6 VFZ JE . -47.72 -3.51 -52.52
O VFZ JE . -48.64 -2.71 -52.85
N4 VFZ JE . -47.17 -4.29 -53.49
C5 VFZ JE . -46.12 -5.13 -53.30
#